data_7NEP
#
_entry.id   7NEP
#
loop_
_entity.id
_entity.type
_entity.pdbx_description
1 polymer 'Actin, alpha skeletal muscle'
2 polymer 'Tropomyosin alpha-1 chain'
3 polymer Myosin-4
4 polymer 'Myosin light chain 1/3, skeletal muscle isoform'
5 polymer 'Myosin regulatory light chain 2, skeletal muscle isoform'
#
loop_
_entity_poly.entity_id
_entity_poly.type
_entity_poly.pdbx_seq_one_letter_code
_entity_poly.pdbx_strand_id
1 'polypeptide(L)'
;EDETTALVCDNGSGLVKAGFAGDDAPRAVFPSIVGRPRHQGVMVGMGQKDSYVGDEAQSKRGILTLKYPIEHGIITNWDD
MEKIWHHTFYNELRVAPEEHPTLLTEAPLNPKANREKMTQIMFETFNVPAMYVAIQAVLSLYASGRTTGIVLDSGDGVTH
NVPIYEGYALPHAIMRLDLAGRDLTDYLMKILTERGYSFVTTAEREIVRDIKEKLCYVALDFENEMATAASSSSLEKSYE
LPDGQVITIGNERFRCPETLFQPSFIGMESAGIHETTYNSIMKCDIDIRKDLYANNVMSGGTTMYPGIADRMQKEITALA
PSTMKIKIIAPPERKYSVWIGGSILASLSTFQQMWITKQEYDEAGPSIVHRKCF
;
A,B,C,D,E,F,G,H,I,J,K
2 'polypeptide(L)'
;LKLDKENALDRAEQAEADKKAAEDRSKQLEDELVSLQKKLKGTEDELDKYSEALKDAQEKLELAEKKATDAEADVASLNR
RIQLVEEELDRAQERLATALQKLEEAEKAADESERGMKVIESRAQKDEEKMEIQEIQLKEAKHIAEDADRKYEEVARKLV
IIESDLERAEERAELSEGKCAELEEELKTVTNNLKSLEAQAEKYSQKEDKYEEEIKVLSDKLKEAETRAEFAERSVTKLE
KSIDDLEDELY
;
P,Q,T,U
3 'polypeptide(L)'
;FDAKSSVFVVDAKESYVKATVQSREGGKVTAKTEGGATVTVKDDQVFSMNPPKYDKIEDMAMMTHLHEPAVLYNLKERYA
AWMIYTYSGLFCVTVNPYKWLPVYNPEVVAAYRGKKRQEAPPHIFSISDNAYQFMLTDRENQSILITGESGAGKTVNTKR
VIQYFATIAVTGDKKKEEATSGKMQGTLEDQIISANPLLEAFGNAKTVRNDNSSRFGKFIRIHFGATGKLASADIETYLL
EKSRVTFQLKAERSYHIFYQIMSNKKPELIEMLLITTNPYDFAYVSQGEITVPSIDDQEELMATDTAVDILGFSADEKVA
IYKLTGAVMHYGNMKFKQKQREEQAEPDGTEVADKAAYLTSLNSADLLKALCYPRVKVGNEYVTKGQTVQQVYNSVGALA
KSMYEKMFLWMVTRINQQLDTKQPRQYFIGVLDIAGFEIFDFNTLEQLCINFTNEKLQQFFNHHMFVLEQEEYKKEGIDW
EFIDFGMDLAACIELIEKPMGIFSILEEECMFPKATDTSFKNKLYEQHLGKSNNFQKPKPAKGKAEAHFSLVHYAGTVDY
NIIGWLDKNKDPLNETVVGLYQKSGLKTLAFLFSGGQAAEAEGGGGKKGGKKKGSSFQTVSALFRENLNKLMTNLKSTHP
HFVRCLIPNETKTPGAMEHELVLHQLRCNGVLEGIRICRKGFPSRILYADFKQRYKVLNASAIPEGQFIDSKKASEKLLG
SIDIDHTQYKFGHTKVFFKAGLLGTLEEMRDEKLAQLITRTQAVCRGYLMRVEFKKMMERRESIFCIQYNVRAFMNVKHW
PWMKLYFKIKPLL
;
L,M
4 'polypeptide(L)'
;EFSKEQQEDFKEAFLLFDRTGECKITLSQVGDVLRALGTNPTNAEVKKVLGNPSNEEMNAKKIEFEQFLPMMQAISNNKD
QGGYEDFVEGLRVFDKEGNGTVMGAELRHVLATLGEKMKEEEVEALLAGQEDSNGCINYEAFVKHIMS
;
N,O
5 'polypeptide(L)'
;MFDQTQIQEFKEAFTVIDQNRDGIIDKEDLRDTFAAMGRLNVKNEELDAMMKEASGPINFTVFLTMFGEKLKGADPEDVI
TGAFKVLDPEGKGTIKKQFLEELLTTQCDRFSQEEIKNMWAAFPPDVGGNVDYKNICYVITHGD
;
R,S
#
# COMPACT_ATOMS: atom_id res chain seq x y z
N GLU A 1 4.78 18.56 -21.11
CA GLU A 1 3.33 18.56 -20.75
C GLU A 1 3.12 17.97 -19.37
N ASP A 2 2.02 18.35 -18.71
CA ASP A 2 1.57 17.83 -17.44
C ASP A 2 1.28 16.32 -17.50
N GLU A 3 1.54 15.60 -16.39
CA GLU A 3 1.33 14.16 -16.21
C GLU A 3 2.23 13.23 -17.03
N THR A 4 2.74 13.69 -18.19
CA THR A 4 3.46 12.94 -19.24
C THR A 4 2.66 11.80 -19.84
N THR A 5 1.35 11.70 -19.53
CA THR A 5 0.54 10.50 -19.72
C THR A 5 1.20 9.22 -19.15
N ALA A 6 0.82 8.03 -19.65
CA ALA A 6 1.49 6.80 -19.30
C ALA A 6 1.08 5.80 -20.34
N LEU A 7 1.79 4.68 -20.43
CA LEU A 7 1.48 3.62 -21.36
C LEU A 7 0.99 2.43 -20.58
N VAL A 8 -0.07 1.78 -21.07
CA VAL A 8 -0.65 0.62 -20.43
C VAL A 8 -0.60 -0.52 -21.41
N CYS A 9 -0.03 -1.66 -21.02
CA CYS A 9 0.07 -2.83 -21.86
C CYS A 9 -0.38 -4.08 -21.10
N ASP A 10 -1.38 -4.77 -21.66
CA ASP A 10 -1.91 -6.03 -21.18
C ASP A 10 -1.39 -7.07 -22.15
N ASN A 11 -0.84 -8.18 -21.59
CA ASN A 11 -0.16 -9.20 -22.36
C ASN A 11 -0.34 -10.51 -21.61
N GLY A 12 -1.60 -10.87 -21.28
CA GLY A 12 -1.95 -12.27 -21.08
C GLY A 12 -1.82 -13.06 -22.37
N SER A 13 -1.66 -14.41 -22.33
CA SER A 13 -1.50 -15.17 -23.56
C SER A 13 -2.66 -15.05 -24.55
N GLY A 14 -2.31 -14.94 -25.84
CA GLY A 14 -3.26 -14.83 -26.93
C GLY A 14 -3.37 -13.46 -27.50
N LEU A 15 -3.45 -12.40 -26.67
CA LEU A 15 -3.71 -11.05 -27.15
C LEU A 15 -2.93 -9.99 -26.38
N VAL A 16 -2.25 -9.11 -27.13
CA VAL A 16 -1.69 -7.88 -26.62
C VAL A 16 -2.76 -6.82 -26.73
N LYS A 17 -2.99 -6.05 -25.66
CA LYS A 17 -3.87 -4.91 -25.68
C LYS A 17 -3.08 -3.74 -25.14
N ALA A 18 -2.96 -2.63 -25.89
CA ALA A 18 -2.05 -1.56 -25.52
C ALA A 18 -2.52 -0.18 -25.95
N GLY A 19 -2.14 0.86 -25.17
CA GLY A 19 -2.54 2.23 -25.47
C GLY A 19 -2.09 3.16 -24.39
N PHE A 20 -2.71 4.35 -24.30
CA PHE A 20 -2.32 5.37 -23.34
C PHE A 20 -3.19 5.31 -22.09
N ALA A 21 -2.62 5.68 -20.94
CA ALA A 21 -3.42 6.07 -19.79
C ALA A 21 -4.18 7.36 -20.03
N GLY A 22 -5.43 7.45 -19.54
CA GLY A 22 -6.32 8.59 -19.75
C GLY A 22 -7.34 8.34 -20.84
N ASP A 23 -7.12 7.32 -21.68
CA ASP A 23 -8.14 6.76 -22.53
C ASP A 23 -9.02 5.78 -21.76
N ASP A 24 -10.27 5.58 -22.22
CA ASP A 24 -11.14 4.54 -21.71
C ASP A 24 -11.00 3.25 -22.53
N ALA A 25 -10.35 3.31 -23.71
CA ALA A 25 -10.17 2.14 -24.55
C ALA A 25 -8.85 2.19 -25.34
N PRO A 26 -8.20 1.05 -25.66
CA PRO A 26 -6.83 1.02 -26.18
C PRO A 26 -6.67 1.51 -27.61
N ARG A 27 -5.41 1.67 -28.08
CA ARG A 27 -5.11 2.08 -29.43
C ARG A 27 -4.65 0.91 -30.29
N ALA A 28 -4.15 -0.17 -29.69
CA ALA A 28 -3.67 -1.33 -30.41
C ALA A 28 -4.13 -2.58 -29.71
N VAL A 29 -4.81 -3.49 -30.45
CA VAL A 29 -5.14 -4.82 -29.96
C VAL A 29 -4.74 -5.80 -31.05
N PHE A 30 -3.92 -6.82 -30.73
CA PHE A 30 -3.44 -7.73 -31.75
C PHE A 30 -2.99 -9.05 -31.09
N PRO A 31 -2.83 -10.17 -31.78
CA PRO A 31 -2.48 -11.42 -31.13
C PRO A 31 -1.00 -11.52 -30.73
N SER A 32 -0.71 -12.07 -29.53
CA SER A 32 0.64 -12.26 -29.01
C SER A 32 1.37 -13.41 -29.65
N ILE A 33 1.61 -13.33 -30.98
CA ILE A 33 2.27 -14.37 -31.75
C ILE A 33 3.53 -13.84 -32.41
N VAL A 34 4.54 -14.71 -32.50
CA VAL A 34 5.75 -14.48 -33.24
C VAL A 34 5.82 -15.59 -34.27
N GLY A 35 5.81 -15.23 -35.57
CA GLY A 35 5.69 -16.18 -36.67
C GLY A 35 6.91 -16.18 -37.53
N ARG A 36 7.67 -17.28 -37.49
CA ARG A 36 8.94 -17.40 -38.17
C ARG A 36 8.77 -18.21 -39.46
N PRO A 37 9.52 -18.02 -40.53
CA PRO A 37 9.22 -18.66 -41.80
C PRO A 37 9.88 -20.03 -41.84
N ARG A 38 9.05 -21.08 -41.67
CA ARG A 38 9.42 -22.48 -41.72
C ARG A 38 9.98 -22.93 -43.06
N HIS A 39 9.35 -22.47 -44.16
CA HIS A 39 9.76 -22.87 -45.50
C HIS A 39 10.74 -21.87 -46.06
N GLN A 40 11.92 -22.32 -46.52
CA GLN A 40 12.85 -21.46 -47.24
C GLN A 40 12.27 -20.90 -48.54
N GLY A 41 12.47 -19.58 -48.79
CA GLY A 41 11.92 -18.93 -49.96
C GLY A 41 12.94 -18.81 -51.05
N VAL A 42 12.55 -19.09 -52.31
CA VAL A 42 13.44 -19.01 -53.46
C VAL A 42 12.92 -17.96 -54.41
N MET A 43 13.32 -16.69 -54.17
CA MET A 43 13.02 -15.54 -55.00
C MET A 43 14.12 -14.55 -54.65
N VAL A 44 14.26 -13.44 -55.39
CA VAL A 44 15.19 -12.37 -55.06
C VAL A 44 14.34 -11.15 -54.78
N GLY A 45 14.70 -10.35 -53.75
CA GLY A 45 13.96 -9.13 -53.38
C GLY A 45 12.99 -9.29 -52.25
N MET A 46 12.88 -10.50 -51.67
CA MET A 46 12.06 -10.71 -50.50
C MET A 46 12.75 -10.27 -49.21
N GLY A 47 12.14 -9.31 -48.47
CA GLY A 47 12.37 -9.07 -47.05
C GLY A 47 13.81 -8.87 -46.58
N GLN A 48 14.48 -9.85 -45.94
CA GLN A 48 14.03 -11.20 -45.64
C GLN A 48 13.09 -11.27 -44.44
N LYS A 49 13.50 -10.63 -43.31
CA LYS A 49 12.82 -10.70 -42.01
C LYS A 49 13.02 -12.06 -41.31
N ASP A 50 13.57 -12.05 -40.07
CA ASP A 50 13.65 -13.21 -39.18
C ASP A 50 12.26 -13.75 -38.85
N SER A 51 11.31 -12.84 -38.60
CA SER A 51 10.04 -13.21 -38.05
C SER A 51 9.04 -12.13 -38.36
N TYR A 52 7.75 -12.48 -38.31
CA TYR A 52 6.64 -11.56 -38.43
C TYR A 52 5.93 -11.55 -37.08
N VAL A 53 5.51 -10.38 -36.61
CA VAL A 53 4.94 -10.21 -35.28
C VAL A 53 3.52 -9.71 -35.49
N GLY A 54 2.61 -9.97 -34.54
CA GLY A 54 1.22 -9.47 -34.60
C GLY A 54 0.41 -9.98 -35.74
N ASP A 55 -0.16 -9.07 -36.54
CA ASP A 55 -1.09 -9.42 -37.59
C ASP A 55 -0.41 -9.53 -38.96
N GLU A 56 0.89 -9.16 -39.11
CA GLU A 56 1.66 -9.62 -40.28
C GLU A 56 1.77 -11.15 -40.30
N ALA A 57 1.96 -11.76 -39.11
CA ALA A 57 1.87 -13.19 -38.90
C ALA A 57 0.47 -13.78 -39.13
N GLN A 58 -0.62 -13.08 -38.73
CA GLN A 58 -1.99 -13.48 -39.05
C GLN A 58 -2.28 -13.52 -40.53
N SER A 59 -1.81 -12.51 -41.28
CA SER A 59 -1.98 -12.36 -42.72
C SER A 59 -1.22 -13.40 -43.53
N LYS A 60 0.08 -13.62 -43.24
CA LYS A 60 0.95 -14.45 -44.05
C LYS A 60 1.09 -15.87 -43.48
N ARG A 61 0.00 -16.34 -42.85
CA ARG A 61 -0.04 -17.45 -41.90
C ARG A 61 0.47 -18.80 -42.37
N GLY A 62 0.14 -19.19 -43.63
CA GLY A 62 0.42 -20.53 -44.15
C GLY A 62 1.87 -20.88 -44.40
N ILE A 63 2.72 -19.88 -44.71
CA ILE A 63 4.16 -20.05 -44.90
C ILE A 63 4.86 -20.38 -43.59
N LEU A 64 4.41 -19.69 -42.54
CA LEU A 64 5.00 -19.62 -41.23
C LEU A 64 4.86 -20.87 -40.37
N THR A 65 5.61 -20.87 -39.26
CA THR A 65 5.23 -21.60 -38.06
C THR A 65 5.06 -20.54 -37.00
N LEU A 66 3.98 -20.63 -36.20
CA LEU A 66 3.60 -19.59 -35.27
C LEU A 66 3.90 -20.03 -33.86
N LYS A 67 4.58 -19.17 -33.08
CA LYS A 67 4.85 -19.42 -31.70
C LYS A 67 4.22 -18.35 -30.81
N TYR A 68 3.35 -18.76 -29.86
CA TYR A 68 3.04 -17.96 -28.69
C TYR A 68 4.27 -17.95 -27.77
N PRO A 69 4.73 -16.82 -27.22
CA PRO A 69 5.84 -16.87 -26.29
C PRO A 69 5.31 -17.07 -24.89
N ILE A 70 4.06 -16.67 -24.61
CA ILE A 70 3.49 -16.79 -23.28
C ILE A 70 2.63 -18.04 -23.23
N GLU A 71 2.97 -19.02 -22.39
CA GLU A 71 2.22 -20.25 -22.24
C GLU A 71 1.89 -20.41 -20.77
N HIS A 72 0.60 -20.58 -20.42
CA HIS A 72 0.09 -20.68 -19.06
C HIS A 72 0.50 -19.57 -18.10
N GLY A 73 0.58 -18.32 -18.61
CA GLY A 73 1.03 -17.15 -17.86
C GLY A 73 2.54 -17.01 -17.74
N ILE A 74 3.31 -17.94 -18.34
CA ILE A 74 4.76 -18.02 -18.20
C ILE A 74 5.39 -17.62 -19.53
N ILE A 75 6.40 -16.73 -19.53
CA ILE A 75 7.09 -16.39 -20.76
C ILE A 75 8.15 -17.45 -21.09
N THR A 76 7.92 -18.19 -22.20
CA THR A 76 8.71 -19.37 -22.58
C THR A 76 9.92 -19.03 -23.42
N ASN A 77 9.95 -17.84 -24.03
CA ASN A 77 11.12 -17.36 -24.71
C ASN A 77 11.04 -15.84 -24.67
N TRP A 78 12.19 -15.17 -24.54
CA TRP A 78 12.25 -13.77 -24.27
C TRP A 78 12.70 -12.92 -25.46
N ASP A 79 13.32 -13.47 -26.54
CA ASP A 79 13.50 -12.69 -27.77
C ASP A 79 12.17 -12.47 -28.48
N ASP A 80 11.32 -13.53 -28.55
CA ASP A 80 9.95 -13.45 -29.03
C ASP A 80 9.10 -12.42 -28.26
N MET A 81 9.16 -12.39 -26.91
CA MET A 81 8.49 -11.38 -26.11
C MET A 81 9.03 -9.96 -26.29
N GLU A 82 10.37 -9.78 -26.37
CA GLU A 82 10.99 -8.48 -26.62
C GLU A 82 10.52 -7.88 -27.93
N LYS A 83 10.48 -8.69 -29.00
CA LYS A 83 9.94 -8.30 -30.29
C LYS A 83 8.49 -7.84 -30.27
N ILE A 84 7.62 -8.48 -29.46
CA ILE A 84 6.25 -8.01 -29.26
C ILE A 84 6.17 -6.63 -28.62
N TRP A 85 6.97 -6.36 -27.56
CA TRP A 85 7.04 -5.02 -26.96
C TRP A 85 7.72 -3.99 -27.86
N HIS A 86 8.76 -4.37 -28.61
CA HIS A 86 9.38 -3.53 -29.63
C HIS A 86 8.38 -3.10 -30.70
N HIS A 87 7.59 -4.07 -31.19
CA HIS A 87 6.51 -3.86 -32.13
C HIS A 87 5.40 -2.94 -31.60
N THR A 88 4.88 -3.11 -30.35
CA THR A 88 3.85 -2.21 -29.79
C THR A 88 4.30 -0.76 -29.71
N PHE A 89 5.52 -0.51 -29.18
CA PHE A 89 6.05 0.82 -29.02
C PHE A 89 6.35 1.52 -30.33
N TYR A 90 6.93 0.82 -31.33
CA TYR A 90 7.44 1.50 -32.50
C TYR A 90 6.58 1.38 -33.75
N ASN A 91 5.61 0.45 -33.82
CA ASN A 91 4.78 0.31 -35.02
C ASN A 91 3.42 0.96 -34.86
N GLU A 92 2.57 0.52 -33.91
CA GLU A 92 1.25 1.11 -33.73
C GLU A 92 1.27 2.36 -32.87
N LEU A 93 1.87 2.32 -31.67
CA LEU A 93 1.83 3.45 -30.74
C LEU A 93 2.73 4.60 -31.14
N ARG A 94 3.95 4.30 -31.62
CA ARG A 94 4.92 5.24 -32.14
C ARG A 94 5.45 6.22 -31.11
N VAL A 95 5.90 5.68 -29.97
CA VAL A 95 6.31 6.41 -28.79
C VAL A 95 7.71 6.02 -28.43
N ALA A 96 8.45 6.89 -27.71
CA ALA A 96 9.71 6.49 -27.12
C ALA A 96 9.44 6.10 -25.67
N PRO A 97 9.73 4.90 -25.15
CA PRO A 97 9.53 4.57 -23.74
C PRO A 97 10.19 5.51 -22.76
N GLU A 98 11.24 6.22 -23.18
CA GLU A 98 11.92 7.30 -22.50
C GLU A 98 10.99 8.44 -22.07
N GLU A 99 9.92 8.69 -22.85
CA GLU A 99 8.91 9.69 -22.55
C GLU A 99 7.88 9.25 -21.51
N HIS A 100 7.64 7.93 -21.34
CA HIS A 100 6.40 7.44 -20.76
C HIS A 100 6.58 6.48 -19.59
N PRO A 101 6.00 6.65 -18.42
CA PRO A 101 5.76 5.57 -17.46
C PRO A 101 5.00 4.37 -18.03
N THR A 102 5.47 3.12 -17.86
CA THR A 102 4.83 1.95 -18.48
C THR A 102 4.23 1.01 -17.45
N LEU A 103 2.91 0.79 -17.52
CA LEU A 103 2.21 -0.18 -16.70
C LEU A 103 2.03 -1.50 -17.44
N LEU A 104 2.44 -2.61 -16.81
CA LEU A 104 2.26 -3.95 -17.33
C LEU A 104 1.35 -4.74 -16.41
N THR A 105 0.54 -5.65 -16.99
CA THR A 105 -0.33 -6.53 -16.22
C THR A 105 0.32 -7.89 -16.01
N GLU A 106 0.00 -8.59 -14.90
CA GLU A 106 0.65 -9.84 -14.55
C GLU A 106 -0.31 -10.74 -13.76
N ALA A 107 -0.06 -12.07 -13.75
CA ALA A 107 -1.05 -13.08 -13.40
C ALA A 107 -1.01 -13.56 -11.94
N PRO A 108 -2.13 -13.81 -11.27
CA PRO A 108 -2.17 -14.49 -9.96
C PRO A 108 -1.41 -15.80 -9.87
N LEU A 109 -0.56 -15.98 -8.85
CA LEU A 109 0.22 -17.20 -8.62
C LEU A 109 1.13 -17.54 -9.80
N ASN A 110 2.06 -16.62 -10.09
CA ASN A 110 2.99 -16.70 -11.19
C ASN A 110 4.41 -16.78 -10.59
N PRO A 111 5.32 -17.63 -11.06
CA PRO A 111 6.74 -17.58 -10.71
C PRO A 111 7.40 -16.21 -10.67
N LYS A 112 8.22 -15.94 -9.64
CA LYS A 112 8.82 -14.65 -9.36
C LYS A 112 9.64 -14.08 -10.50
N ALA A 113 10.34 -14.97 -11.22
CA ALA A 113 11.15 -14.70 -12.38
C ALA A 113 10.41 -14.00 -13.51
N ASN A 114 9.10 -14.26 -13.69
CA ASN A 114 8.30 -13.49 -14.64
C ASN A 114 8.23 -12.00 -14.29
N ARG A 115 7.98 -11.61 -13.01
CA ARG A 115 8.07 -10.21 -12.59
C ARG A 115 9.48 -9.65 -12.69
N GLU A 116 10.48 -10.37 -12.15
CA GLU A 116 11.86 -9.94 -12.02
C GLU A 116 12.58 -9.80 -13.37
N LYS A 117 12.36 -10.71 -14.33
CA LYS A 117 12.88 -10.56 -15.68
C LYS A 117 12.13 -9.50 -16.51
N MET A 118 10.79 -9.38 -16.33
CA MET A 118 9.96 -8.39 -16.99
C MET A 118 10.35 -6.95 -16.64
N THR A 119 10.63 -6.67 -15.36
CA THR A 119 11.18 -5.38 -14.94
C THR A 119 12.56 -5.11 -15.50
N GLN A 120 13.46 -6.13 -15.54
CA GLN A 120 14.74 -5.98 -16.20
C GLN A 120 14.64 -5.63 -17.68
N ILE A 121 13.78 -6.32 -18.48
CA ILE A 121 13.61 -6.00 -19.89
C ILE A 121 13.04 -4.60 -20.11
N MET A 122 12.03 -4.19 -19.34
CA MET A 122 11.56 -2.82 -19.40
C MET A 122 12.58 -1.78 -18.96
N PHE A 123 13.35 -1.98 -17.88
CA PHE A 123 14.39 -1.03 -17.53
C PHE A 123 15.63 -1.01 -18.43
N GLU A 124 16.12 -2.17 -18.92
CA GLU A 124 17.39 -2.25 -19.61
C GLU A 124 17.29 -2.40 -21.13
N THR A 125 16.16 -2.88 -21.70
CA THR A 125 16.01 -2.93 -23.16
C THR A 125 15.42 -1.66 -23.72
N PHE A 126 14.29 -1.18 -23.14
CA PHE A 126 13.65 0.03 -23.63
C PHE A 126 13.69 1.05 -22.51
N ASN A 127 14.62 2.02 -22.55
CA ASN A 127 14.88 2.87 -21.39
C ASN A 127 13.65 3.67 -20.95
N VAL A 128 13.25 3.57 -19.67
CA VAL A 128 11.93 4.00 -19.25
C VAL A 128 12.03 4.76 -17.92
N PRO A 129 11.33 5.87 -17.64
CA PRO A 129 11.50 6.60 -16.39
C PRO A 129 10.99 5.83 -15.19
N ALA A 130 9.88 5.10 -15.37
CA ALA A 130 9.24 4.38 -14.30
C ALA A 130 8.31 3.32 -14.87
N MET A 131 7.94 2.33 -14.06
CA MET A 131 7.06 1.27 -14.49
C MET A 131 6.35 0.64 -13.32
N TYR A 132 5.39 -0.26 -13.57
CA TYR A 132 4.73 -0.99 -12.52
C TYR A 132 4.25 -2.29 -13.12
N VAL A 133 4.15 -3.36 -12.31
CA VAL A 133 3.53 -4.61 -12.72
C VAL A 133 2.35 -4.79 -11.78
N ALA A 134 1.17 -5.14 -12.31
CA ALA A 134 -0.04 -5.15 -11.52
C ALA A 134 -0.88 -6.37 -11.80
N ILE A 135 -1.46 -6.96 -10.74
CA ILE A 135 -2.27 -8.15 -10.84
C ILE A 135 -3.56 -7.98 -11.65
N GLN A 136 -3.81 -8.86 -12.65
CA GLN A 136 -4.85 -8.70 -13.66
C GLN A 136 -6.28 -8.50 -13.14
N ALA A 137 -6.69 -9.34 -12.18
CA ALA A 137 -8.01 -9.34 -11.57
C ALA A 137 -8.38 -8.07 -10.81
N VAL A 138 -7.42 -7.44 -10.11
CA VAL A 138 -7.63 -6.15 -9.46
C VAL A 138 -7.89 -5.05 -10.46
N LEU A 139 -7.17 -5.03 -11.60
CA LEU A 139 -7.42 -4.11 -12.68
C LEU A 139 -8.83 -4.27 -13.27
N SER A 140 -9.29 -5.50 -13.55
CA SER A 140 -10.64 -5.71 -14.05
C SER A 140 -11.76 -5.33 -13.08
N LEU A 141 -11.53 -5.47 -11.76
CA LEU A 141 -12.39 -4.89 -10.72
C LEU A 141 -12.48 -3.36 -10.79
N TYR A 142 -11.35 -2.64 -10.96
CA TYR A 142 -11.32 -1.20 -11.15
C TYR A 142 -12.08 -0.73 -12.38
N ALA A 143 -11.96 -1.45 -13.51
CA ALA A 143 -12.71 -1.21 -14.74
C ALA A 143 -14.21 -1.33 -14.57
N SER A 144 -14.65 -2.26 -13.71
CA SER A 144 -16.07 -2.50 -13.43
C SER A 144 -16.58 -1.61 -12.31
N GLY A 145 -15.75 -0.69 -11.78
CA GLY A 145 -16.15 0.34 -10.83
C GLY A 145 -16.53 -0.10 -9.43
N ARG A 146 -15.98 -1.23 -8.95
CA ARG A 146 -16.41 -1.86 -7.72
C ARG A 146 -15.28 -1.88 -6.71
N THR A 147 -15.61 -1.80 -5.40
CA THR A 147 -14.62 -1.87 -4.33
C THR A 147 -14.51 -3.29 -3.76
N THR A 148 -15.51 -4.13 -4.06
CA THR A 148 -15.72 -5.43 -3.43
C THR A 148 -16.24 -6.36 -4.50
N GLY A 149 -15.80 -7.63 -4.48
CA GLY A 149 -16.25 -8.61 -5.44
C GLY A 149 -15.29 -9.74 -5.55
N ILE A 150 -15.71 -10.81 -6.25
CA ILE A 150 -14.84 -11.93 -6.54
C ILE A 150 -14.66 -11.95 -8.03
N VAL A 151 -13.39 -11.92 -8.48
CA VAL A 151 -13.08 -11.76 -9.89
C VAL A 151 -12.66 -13.09 -10.46
N LEU A 152 -13.37 -13.55 -11.51
CA LEU A 152 -13.02 -14.69 -12.31
C LEU A 152 -12.47 -14.16 -13.62
N ASP A 153 -11.14 -14.30 -13.80
CA ASP A 153 -10.42 -13.71 -14.89
C ASP A 153 -9.82 -14.85 -15.70
N SER A 154 -10.15 -14.95 -17.01
CA SER A 154 -9.58 -16.01 -17.81
C SER A 154 -9.35 -15.62 -19.26
N GLY A 155 -8.10 -15.79 -19.74
CA GLY A 155 -7.72 -15.50 -21.12
C GLY A 155 -7.53 -16.74 -21.95
N ASP A 156 -6.71 -16.64 -23.00
CA ASP A 156 -6.15 -17.79 -23.69
C ASP A 156 -4.81 -18.11 -22.97
N GLY A 157 -4.65 -17.60 -21.71
CA GLY A 157 -3.51 -17.76 -20.82
C GLY A 157 -3.70 -18.81 -19.78
N VAL A 158 -4.48 -18.53 -18.71
CA VAL A 158 -4.83 -19.46 -17.63
C VAL A 158 -6.09 -18.84 -17.01
N THR A 159 -6.81 -19.55 -16.11
CA THR A 159 -7.95 -19.04 -15.36
C THR A 159 -7.51 -18.72 -13.93
N HIS A 160 -7.77 -17.48 -13.48
CA HIS A 160 -7.40 -17.02 -12.16
C HIS A 160 -8.61 -16.49 -11.43
N ASN A 161 -8.66 -16.67 -10.10
CA ASN A 161 -9.77 -16.24 -9.29
C ASN A 161 -9.22 -15.46 -8.10
N VAL A 162 -9.65 -14.20 -7.91
CA VAL A 162 -9.20 -13.35 -6.82
C VAL A 162 -10.41 -12.78 -6.08
N PRO A 163 -10.67 -13.09 -4.81
CA PRO A 163 -11.63 -12.36 -4.00
C PRO A 163 -11.06 -11.08 -3.41
N ILE A 164 -11.87 -10.01 -3.38
CA ILE A 164 -11.48 -8.70 -2.89
C ILE A 164 -12.63 -8.15 -2.03
N TYR A 165 -12.32 -7.42 -0.93
CA TYR A 165 -13.35 -6.87 -0.07
C TYR A 165 -12.91 -5.49 0.39
N GLU A 166 -13.67 -4.45 -0.02
CA GLU A 166 -13.45 -3.03 0.23
C GLU A 166 -12.03 -2.56 0.01
N GLY A 167 -11.52 -2.82 -1.21
CA GLY A 167 -10.09 -2.87 -1.48
C GLY A 167 -9.48 -4.16 -0.98
N TYR A 168 -8.32 -4.06 -0.30
CA TYR A 168 -7.55 -5.18 0.22
C TYR A 168 -7.29 -6.31 -0.79
N ALA A 169 -7.30 -7.58 -0.31
CA ALA A 169 -7.03 -8.81 -1.03
C ALA A 169 -6.82 -9.87 0.01
N LEU A 170 -7.13 -11.14 -0.29
CA LEU A 170 -6.88 -12.24 0.63
C LEU A 170 -5.93 -13.23 -0.03
N PRO A 171 -4.62 -13.27 0.28
CA PRO A 171 -3.65 -14.08 -0.46
C PRO A 171 -3.88 -15.57 -0.40
N HIS A 172 -4.47 -16.07 0.71
CA HIS A 172 -4.75 -17.48 0.92
C HIS A 172 -5.99 -17.95 0.19
N ALA A 173 -6.83 -17.02 -0.29
CA ALA A 173 -8.07 -17.32 -0.97
C ALA A 173 -7.99 -17.02 -2.45
N ILE A 174 -6.81 -16.60 -2.95
CA ILE A 174 -6.53 -16.51 -4.37
C ILE A 174 -6.33 -17.90 -4.96
N MET A 175 -7.09 -18.24 -6.02
CA MET A 175 -7.00 -19.53 -6.65
C MET A 175 -6.56 -19.37 -8.09
N ARG A 176 -5.71 -20.31 -8.53
CA ARG A 176 -5.25 -20.42 -9.90
C ARG A 176 -5.74 -21.76 -10.40
N LEU A 177 -6.36 -21.77 -11.59
CA LEU A 177 -6.82 -22.97 -12.23
C LEU A 177 -6.24 -22.98 -13.63
N ASP A 178 -5.29 -23.88 -13.89
CA ASP A 178 -4.67 -24.02 -15.20
C ASP A 178 -5.57 -24.71 -16.23
N LEU A 179 -6.63 -23.98 -16.59
CA LEU A 179 -7.46 -24.15 -17.76
C LEU A 179 -7.50 -22.80 -18.43
N ALA A 180 -7.11 -22.72 -19.70
CA ALA A 180 -7.18 -21.51 -20.48
C ALA A 180 -8.09 -21.69 -21.66
N GLY A 181 -8.41 -20.58 -22.35
CA GLY A 181 -9.08 -20.64 -23.65
C GLY A 181 -8.24 -21.34 -24.69
N ARG A 182 -6.91 -21.31 -24.54
CA ARG A 182 -5.97 -22.01 -25.39
C ARG A 182 -6.09 -23.53 -25.30
N ASP A 183 -6.26 -24.09 -24.09
CA ASP A 183 -6.53 -25.50 -23.89
C ASP A 183 -7.87 -25.92 -24.49
N LEU A 184 -8.88 -25.03 -24.45
CA LEU A 184 -10.11 -25.16 -25.20
C LEU A 184 -9.89 -25.19 -26.72
N THR A 185 -8.94 -24.41 -27.27
CA THR A 185 -8.53 -24.48 -28.68
C THR A 185 -8.00 -25.85 -29.07
N ASP A 186 -7.09 -26.43 -28.24
CA ASP A 186 -6.57 -27.79 -28.40
C ASP A 186 -7.65 -28.87 -28.24
N TYR A 187 -8.57 -28.70 -27.26
CA TYR A 187 -9.75 -29.52 -27.10
C TYR A 187 -10.68 -29.47 -28.32
N LEU A 188 -10.91 -28.27 -28.90
CA LEU A 188 -11.71 -28.09 -30.09
C LEU A 188 -11.17 -28.80 -31.33
N MET A 189 -9.86 -28.68 -31.64
CA MET A 189 -9.26 -29.46 -32.73
C MET A 189 -9.27 -30.97 -32.46
N LYS A 190 -9.08 -31.40 -31.19
CA LYS A 190 -9.24 -32.79 -30.81
C LYS A 190 -10.65 -33.34 -30.97
N ILE A 191 -11.72 -32.57 -30.64
CA ILE A 191 -13.10 -33.01 -30.86
C ILE A 191 -13.49 -33.02 -32.34
N LEU A 192 -13.05 -32.04 -33.16
CA LEU A 192 -13.38 -31.92 -34.59
C LEU A 192 -13.04 -33.14 -35.44
N THR A 193 -12.03 -33.94 -35.03
CA THR A 193 -11.65 -35.17 -35.73
C THR A 193 -12.68 -36.26 -35.65
N GLU A 194 -13.64 -36.22 -34.70
CA GLU A 194 -14.78 -37.13 -34.64
C GLU A 194 -15.70 -37.00 -35.85
N ARG A 195 -15.79 -35.78 -36.43
CA ARG A 195 -16.56 -35.50 -37.62
C ARG A 195 -15.65 -35.51 -38.86
N GLY A 196 -14.39 -35.98 -38.72
CA GLY A 196 -13.44 -36.11 -39.82
C GLY A 196 -12.68 -34.87 -40.20
N TYR A 197 -12.82 -33.77 -39.44
CA TYR A 197 -12.14 -32.53 -39.76
C TYR A 197 -10.77 -32.46 -39.08
N SER A 198 -9.72 -32.95 -39.78
CA SER A 198 -8.37 -32.98 -39.24
C SER A 198 -7.61 -31.72 -39.50
N PHE A 199 -7.28 -30.98 -38.42
CA PHE A 199 -6.49 -29.77 -38.44
C PHE A 199 -5.28 -30.04 -37.57
N VAL A 200 -4.04 -29.70 -38.02
CA VAL A 200 -2.84 -30.28 -37.43
C VAL A 200 -1.70 -29.29 -37.21
N THR A 201 -1.64 -28.18 -37.96
CA THR A 201 -0.57 -27.17 -37.89
C THR A 201 -1.10 -25.95 -37.17
N THR A 202 -0.19 -25.07 -36.67
CA THR A 202 -0.55 -23.87 -35.94
C THR A 202 -1.43 -22.88 -36.69
N ALA A 203 -1.30 -22.80 -38.03
CA ALA A 203 -2.08 -21.90 -38.87
C ALA A 203 -3.58 -22.14 -38.85
N GLU A 204 -4.03 -23.41 -39.01
CA GLU A 204 -5.42 -23.78 -38.90
C GLU A 204 -5.84 -24.07 -37.46
N ARG A 205 -4.88 -24.24 -36.53
CA ARG A 205 -5.16 -24.15 -35.10
C ARG A 205 -5.72 -22.79 -34.69
N GLU A 206 -5.25 -21.69 -35.30
CA GLU A 206 -5.89 -20.41 -35.12
C GLU A 206 -7.18 -20.21 -35.90
N ILE A 207 -7.46 -21.02 -36.94
CA ILE A 207 -8.79 -21.09 -37.55
C ILE A 207 -9.81 -21.70 -36.58
N VAL A 208 -9.47 -22.78 -35.84
CA VAL A 208 -10.33 -23.24 -34.75
C VAL A 208 -10.44 -22.26 -33.59
N ARG A 209 -9.41 -21.44 -33.27
CA ARG A 209 -9.59 -20.29 -32.36
C ARG A 209 -10.59 -19.26 -32.88
N ASP A 210 -10.54 -18.93 -34.18
CA ASP A 210 -11.50 -18.07 -34.84
C ASP A 210 -12.94 -18.65 -34.86
N ILE A 211 -13.11 -19.99 -35.04
CA ILE A 211 -14.38 -20.70 -34.80
C ILE A 211 -14.86 -20.59 -33.36
N LYS A 212 -13.93 -20.78 -32.39
CA LYS A 212 -14.16 -20.73 -30.96
C LYS A 212 -14.70 -19.39 -30.47
N GLU A 213 -14.21 -18.26 -31.01
CA GLU A 213 -14.59 -16.93 -30.56
C GLU A 213 -15.86 -16.38 -31.23
N LYS A 214 -16.63 -17.20 -31.98
CA LYS A 214 -17.93 -16.73 -32.48
C LYS A 214 -18.96 -17.80 -32.80
N LEU A 215 -18.62 -19.11 -32.88
CA LEU A 215 -19.65 -20.14 -33.03
C LEU A 215 -19.97 -20.81 -31.72
N CYS A 216 -18.96 -21.04 -30.86
CA CYS A 216 -19.11 -21.68 -29.56
C CYS A 216 -19.94 -20.89 -28.55
N TYR A 217 -20.65 -21.63 -27.68
CA TYR A 217 -21.41 -21.07 -26.59
C TYR A 217 -21.45 -22.10 -25.49
N VAL A 218 -21.85 -21.71 -24.27
CA VAL A 218 -22.02 -22.63 -23.17
C VAL A 218 -23.45 -23.09 -23.11
N ALA A 219 -23.70 -24.42 -23.08
CA ALA A 219 -25.02 -24.97 -22.87
C ALA A 219 -25.62 -24.57 -21.53
N LEU A 220 -26.89 -24.11 -21.54
CA LEU A 220 -27.59 -23.62 -20.37
C LEU A 220 -28.01 -24.76 -19.48
N ASP A 221 -28.13 -25.98 -20.05
CA ASP A 221 -27.93 -27.20 -19.30
C ASP A 221 -27.43 -28.29 -20.26
N PHE A 222 -26.34 -29.00 -19.91
CA PHE A 222 -25.57 -29.80 -20.84
C PHE A 222 -26.30 -31.02 -21.41
N GLU A 223 -26.84 -31.87 -20.53
CA GLU A 223 -27.55 -33.10 -20.87
C GLU A 223 -28.79 -32.83 -21.70
N ASN A 224 -29.54 -31.77 -21.33
CA ASN A 224 -30.69 -31.30 -22.08
C ASN A 224 -30.35 -30.85 -23.51
N GLU A 225 -29.29 -30.04 -23.70
CA GLU A 225 -28.85 -29.65 -25.02
C GLU A 225 -28.22 -30.79 -25.84
N MET A 226 -27.44 -31.68 -25.21
CA MET A 226 -26.94 -32.88 -25.86
C MET A 226 -28.02 -33.88 -26.29
N ALA A 227 -29.11 -34.05 -25.51
CA ALA A 227 -30.26 -34.85 -25.90
C ALA A 227 -31.01 -34.34 -27.13
N THR A 228 -31.24 -33.02 -27.25
CA THR A 228 -31.93 -32.44 -28.40
C THR A 228 -31.04 -32.37 -29.64
N ALA A 229 -29.71 -32.57 -29.48
CA ALA A 229 -28.77 -32.73 -30.57
C ALA A 229 -28.94 -34.02 -31.40
N ALA A 230 -29.81 -34.95 -30.95
CA ALA A 230 -30.32 -36.03 -31.77
C ALA A 230 -31.09 -35.54 -33.00
N SER A 231 -31.88 -34.46 -32.86
CA SER A 231 -32.60 -33.82 -33.93
C SER A 231 -31.93 -32.54 -34.36
N SER A 232 -30.69 -32.63 -34.91
CA SER A 232 -29.94 -31.55 -35.54
C SER A 232 -30.72 -30.50 -36.32
N SER A 233 -30.49 -29.23 -35.96
CA SER A 233 -31.14 -28.08 -36.58
C SER A 233 -30.29 -26.87 -36.22
N SER A 234 -30.78 -25.91 -35.41
CA SER A 234 -30.08 -24.72 -34.91
C SER A 234 -28.76 -24.99 -34.21
N LEU A 235 -28.59 -26.22 -33.71
CA LEU A 235 -27.40 -26.75 -33.09
C LEU A 235 -26.27 -27.02 -34.06
N GLU A 236 -26.55 -27.18 -35.37
CA GLU A 236 -25.52 -27.25 -36.38
C GLU A 236 -25.38 -25.91 -37.07
N LYS A 237 -24.14 -25.52 -37.42
CA LYS A 237 -23.88 -24.28 -38.13
C LYS A 237 -22.82 -24.53 -39.17
N SER A 238 -23.06 -24.02 -40.39
CA SER A 238 -22.07 -23.88 -41.46
C SER A 238 -20.97 -22.90 -41.10
N TYR A 239 -19.75 -23.14 -41.60
CA TYR A 239 -18.61 -22.30 -41.41
C TYR A 239 -17.72 -22.38 -42.64
N GLU A 240 -17.09 -21.26 -43.01
CA GLU A 240 -16.31 -21.11 -44.23
C GLU A 240 -14.84 -20.99 -43.88
N LEU A 241 -13.96 -21.87 -44.39
CA LEU A 241 -12.53 -21.71 -44.24
C LEU A 241 -11.98 -20.74 -45.28
N PRO A 242 -10.82 -20.09 -45.11
CA PRO A 242 -10.24 -19.22 -46.14
C PRO A 242 -9.71 -20.01 -47.33
N ASP A 243 -9.70 -21.35 -47.21
CA ASP A 243 -9.57 -22.34 -48.26
C ASP A 243 -10.76 -22.36 -49.23
N GLY A 244 -12.00 -22.21 -48.71
CA GLY A 244 -13.25 -22.50 -49.42
C GLY A 244 -13.84 -23.83 -49.04
N GLN A 245 -13.17 -24.65 -48.20
CA GLN A 245 -13.82 -25.74 -47.51
C GLN A 245 -14.91 -25.29 -46.53
N VAL A 246 -16.13 -25.87 -46.69
CA VAL A 246 -17.24 -25.66 -45.77
C VAL A 246 -17.16 -26.69 -44.64
N ILE A 247 -17.32 -26.21 -43.39
CA ILE A 247 -17.23 -27.00 -42.18
C ILE A 247 -18.55 -26.88 -41.44
N THR A 248 -19.23 -27.99 -41.14
CA THR A 248 -20.50 -27.96 -40.38
C THR A 248 -20.28 -28.63 -39.05
N ILE A 249 -20.49 -27.91 -37.93
CA ILE A 249 -20.25 -28.39 -36.57
C ILE A 249 -21.51 -28.38 -35.70
N GLY A 250 -21.72 -29.44 -34.89
CA GLY A 250 -22.95 -29.69 -34.13
C GLY A 250 -22.84 -29.63 -32.62
N ASN A 251 -23.08 -30.77 -31.92
CA ASN A 251 -23.03 -30.90 -30.45
C ASN A 251 -21.66 -30.55 -29.87
N GLU A 252 -20.62 -30.99 -30.59
CA GLU A 252 -19.26 -30.51 -30.72
C GLU A 252 -19.02 -29.03 -30.38
N ARG A 253 -19.86 -28.12 -30.92
CA ARG A 253 -19.84 -26.68 -30.73
C ARG A 253 -20.04 -26.22 -29.28
N PHE A 254 -20.97 -26.82 -28.51
CA PHE A 254 -21.21 -26.41 -27.13
C PHE A 254 -20.49 -27.32 -26.13
N ARG A 255 -20.04 -28.52 -26.54
CA ARG A 255 -19.30 -29.37 -25.61
C ARG A 255 -17.83 -29.01 -25.51
N CYS A 256 -17.31 -28.12 -26.38
CA CYS A 256 -16.04 -27.46 -26.17
C CYS A 256 -16.02 -26.47 -24.99
N PRO A 257 -16.92 -25.50 -24.78
CA PRO A 257 -16.87 -24.67 -23.57
C PRO A 257 -17.27 -25.40 -22.30
N GLU A 258 -17.97 -26.54 -22.41
CA GLU A 258 -18.38 -27.39 -21.30
C GLU A 258 -17.19 -27.86 -20.46
N THR A 259 -16.02 -28.07 -21.10
CA THR A 259 -14.74 -28.41 -20.48
C THR A 259 -14.31 -27.50 -19.33
N LEU A 260 -14.71 -26.20 -19.33
CA LEU A 260 -14.53 -25.31 -18.19
C LEU A 260 -15.29 -25.73 -16.92
N PHE A 261 -16.47 -26.34 -17.10
CA PHE A 261 -17.37 -26.77 -16.04
C PHE A 261 -17.19 -28.25 -15.75
N GLN A 262 -16.59 -29.00 -16.71
CA GLN A 262 -16.28 -30.41 -16.61
C GLN A 262 -14.83 -30.71 -17.00
N PRO A 263 -13.80 -30.51 -16.17
CA PRO A 263 -12.40 -30.67 -16.59
C PRO A 263 -11.99 -32.13 -16.80
N SER A 264 -12.88 -33.07 -16.46
CA SER A 264 -12.78 -34.49 -16.82
C SER A 264 -12.64 -34.71 -18.31
N PHE A 265 -13.26 -33.85 -19.14
CA PHE A 265 -13.19 -33.87 -20.59
C PHE A 265 -11.79 -33.63 -21.16
N ILE A 266 -10.97 -32.78 -20.49
CA ILE A 266 -9.59 -32.54 -20.88
C ILE A 266 -8.65 -33.44 -20.09
N GLY A 267 -9.20 -34.28 -19.18
CA GLY A 267 -8.44 -35.29 -18.45
C GLY A 267 -7.79 -34.82 -17.19
N MET A 268 -8.29 -33.74 -16.55
CA MET A 268 -7.69 -33.21 -15.34
C MET A 268 -8.66 -33.26 -14.18
N GLU A 269 -8.16 -33.70 -13.01
CA GLU A 269 -8.89 -33.79 -11.76
C GLU A 269 -9.36 -32.46 -11.20
N SER A 270 -8.53 -31.41 -11.38
CA SER A 270 -8.80 -30.01 -11.06
C SER A 270 -10.22 -29.53 -11.29
N ALA A 271 -10.93 -29.12 -10.22
CA ALA A 271 -12.33 -28.72 -10.25
C ALA A 271 -12.71 -27.57 -11.20
N GLY A 272 -13.99 -27.54 -11.64
CA GLY A 272 -14.52 -26.55 -12.59
C GLY A 272 -14.49 -25.12 -12.11
N ILE A 273 -14.78 -24.16 -13.02
CA ILE A 273 -14.75 -22.73 -12.71
C ILE A 273 -15.74 -22.28 -11.64
N HIS A 274 -16.93 -22.90 -11.58
CA HIS A 274 -17.92 -22.74 -10.53
C HIS A 274 -17.43 -23.26 -9.18
N GLU A 275 -16.84 -24.47 -9.17
CA GLU A 275 -16.24 -25.10 -8.01
C GLU A 275 -14.99 -24.41 -7.46
N THR A 276 -14.07 -23.93 -8.32
CA THR A 276 -12.93 -23.12 -7.89
C THR A 276 -13.34 -21.79 -7.30
N THR A 277 -14.37 -21.14 -7.86
CA THR A 277 -14.99 -19.94 -7.28
C THR A 277 -15.55 -20.19 -5.89
N TYR A 278 -16.25 -21.32 -5.69
CA TYR A 278 -16.72 -21.78 -4.38
C TYR A 278 -15.58 -22.05 -3.40
N ASN A 279 -14.48 -22.69 -3.85
CA ASN A 279 -13.27 -22.95 -3.07
C ASN A 279 -12.63 -21.66 -2.55
N SER A 280 -12.53 -20.61 -3.40
CA SER A 280 -12.08 -19.29 -2.96
C SER A 280 -12.97 -18.67 -1.89
N ILE A 281 -14.31 -18.69 -2.07
CA ILE A 281 -15.29 -18.16 -1.14
C ILE A 281 -15.29 -18.89 0.20
N MET A 282 -15.11 -20.22 0.21
CA MET A 282 -14.91 -21.00 1.42
C MET A 282 -13.62 -20.69 2.19
N LYS A 283 -12.52 -20.36 1.49
CA LYS A 283 -11.30 -19.86 2.12
C LYS A 283 -11.45 -18.45 2.72
N CYS A 284 -12.23 -17.57 2.09
CA CYS A 284 -12.60 -16.28 2.65
C CYS A 284 -13.38 -16.35 3.96
N ASP A 285 -13.10 -15.42 4.89
CA ASP A 285 -13.85 -15.07 6.07
C ASP A 285 -15.39 -15.13 5.94
N ILE A 286 -16.09 -15.56 7.01
CA ILE A 286 -17.52 -15.89 6.96
C ILE A 286 -18.44 -14.75 6.54
N ASP A 287 -18.25 -13.53 7.08
CA ASP A 287 -19.08 -12.38 6.78
C ASP A 287 -19.05 -11.94 5.30
N ILE A 288 -17.86 -11.86 4.67
CA ILE A 288 -17.69 -11.24 3.37
C ILE A 288 -18.21 -12.11 2.24
N ARG A 289 -18.54 -13.38 2.52
CA ARG A 289 -19.14 -14.28 1.56
C ARG A 289 -20.45 -13.76 0.97
N LYS A 290 -21.27 -13.05 1.80
CA LYS A 290 -22.57 -12.50 1.42
C LYS A 290 -22.50 -11.56 0.22
N ASP A 291 -21.47 -10.69 0.16
CA ASP A 291 -21.29 -9.69 -0.86
C ASP A 291 -20.37 -10.17 -1.97
N LEU A 292 -19.45 -11.13 -1.70
CA LEU A 292 -18.71 -11.84 -2.74
C LEU A 292 -19.61 -12.66 -3.66
N TYR A 293 -20.60 -13.39 -3.11
CA TYR A 293 -21.61 -14.12 -3.89
C TYR A 293 -22.45 -13.22 -4.80
N ALA A 294 -22.75 -11.98 -4.37
CA ALA A 294 -23.58 -11.04 -5.09
C ALA A 294 -22.80 -10.02 -5.92
N ASN A 295 -21.45 -10.17 -6.02
CA ASN A 295 -20.60 -9.31 -6.81
C ASN A 295 -19.53 -10.16 -7.49
N ASN A 296 -19.92 -11.29 -8.10
CA ASN A 296 -19.04 -12.06 -8.96
C ASN A 296 -18.79 -11.31 -10.28
N VAL A 297 -17.52 -11.07 -10.64
CA VAL A 297 -17.10 -10.28 -11.78
C VAL A 297 -16.40 -11.21 -12.76
N MET A 298 -16.79 -11.16 -14.05
CA MET A 298 -16.14 -11.94 -15.09
C MET A 298 -15.33 -11.05 -16.01
N SER A 299 -14.08 -11.45 -16.28
CA SER A 299 -13.20 -10.74 -17.19
C SER A 299 -12.34 -11.67 -18.00
N GLY A 300 -11.62 -11.12 -18.98
CA GLY A 300 -10.72 -11.88 -19.83
C GLY A 300 -11.34 -12.32 -21.13
N GLY A 301 -10.57 -13.09 -21.92
CA GLY A 301 -10.92 -13.47 -23.28
C GLY A 301 -11.78 -14.69 -23.41
N THR A 302 -11.69 -15.67 -22.49
CA THR A 302 -12.45 -16.92 -22.62
C THR A 302 -13.67 -16.91 -21.71
N THR A 303 -14.00 -15.75 -21.11
CA THR A 303 -15.28 -15.52 -20.45
C THR A 303 -16.25 -14.86 -21.41
N MET A 304 -15.89 -14.73 -22.71
CA MET A 304 -16.70 -14.06 -23.71
C MET A 304 -17.85 -14.88 -24.30
N TYR A 305 -17.85 -16.23 -24.20
CA TYR A 305 -18.89 -17.05 -24.82
C TYR A 305 -20.31 -16.76 -24.29
N PRO A 306 -21.37 -16.75 -25.09
CA PRO A 306 -22.75 -16.77 -24.60
C PRO A 306 -23.06 -17.89 -23.60
N GLY A 307 -23.89 -17.63 -22.58
CA GLY A 307 -24.35 -18.63 -21.62
C GLY A 307 -23.46 -18.89 -20.43
N ILE A 308 -22.26 -18.26 -20.34
CA ILE A 308 -21.37 -18.45 -19.20
C ILE A 308 -21.92 -17.88 -17.90
N ALA A 309 -22.45 -16.64 -17.93
CA ALA A 309 -22.97 -15.98 -16.75
C ALA A 309 -24.20 -16.68 -16.20
N ASP A 310 -25.10 -17.04 -17.11
CA ASP A 310 -26.35 -17.74 -16.94
C ASP A 310 -26.13 -19.10 -16.29
N ARG A 311 -25.16 -19.86 -16.82
CA ARG A 311 -24.74 -21.13 -16.26
C ARG A 311 -24.03 -21.04 -14.92
N MET A 312 -23.07 -20.11 -14.76
CA MET A 312 -22.38 -19.91 -13.49
C MET A 312 -23.34 -19.52 -12.39
N GLN A 313 -24.35 -18.69 -12.71
CA GLN A 313 -25.43 -18.41 -11.80
C GLN A 313 -26.28 -19.62 -11.44
N LYS A 314 -26.66 -20.53 -12.38
CA LYS A 314 -27.34 -21.78 -11.99
C LYS A 314 -26.48 -22.66 -11.08
N GLU A 315 -25.19 -22.86 -11.41
CA GLU A 315 -24.31 -23.77 -10.70
C GLU A 315 -23.84 -23.26 -9.36
N ILE A 316 -23.49 -21.96 -9.23
CA ILE A 316 -23.25 -21.36 -7.91
C ILE A 316 -24.52 -21.30 -7.06
N THR A 317 -25.71 -20.96 -7.61
CA THR A 317 -26.98 -20.96 -6.85
C THR A 317 -27.35 -22.34 -6.34
N ALA A 318 -27.13 -23.39 -7.13
CA ALA A 318 -27.31 -24.77 -6.70
C ALA A 318 -26.36 -25.24 -5.59
N LEU A 319 -25.06 -24.89 -5.66
CA LEU A 319 -24.09 -25.24 -4.63
C LEU A 319 -24.16 -24.40 -3.36
N ALA A 320 -24.43 -23.08 -3.48
CA ALA A 320 -24.42 -22.16 -2.37
C ALA A 320 -25.72 -22.17 -1.56
N PRO A 321 -25.73 -21.66 -0.31
CA PRO A 321 -26.96 -21.34 0.40
C PRO A 321 -27.91 -20.40 -0.35
N SER A 322 -29.18 -20.80 -0.56
CA SER A 322 -30.17 -20.05 -1.32
C SER A 322 -30.93 -19.07 -0.44
N THR A 323 -30.38 -18.80 0.76
CA THR A 323 -30.82 -17.80 1.72
C THR A 323 -30.37 -16.42 1.31
N MET A 324 -29.44 -16.34 0.34
CA MET A 324 -28.92 -15.13 -0.22
C MET A 324 -28.94 -15.29 -1.73
N LYS A 325 -28.85 -14.17 -2.48
CA LYS A 325 -29.13 -14.18 -3.90
C LYS A 325 -27.85 -13.97 -4.69
N ILE A 326 -27.46 -15.01 -5.44
CA ILE A 326 -26.26 -15.00 -6.26
C ILE A 326 -26.45 -14.10 -7.47
N LYS A 327 -25.62 -13.05 -7.59
CA LYS A 327 -25.67 -12.13 -8.71
C LYS A 327 -24.29 -12.07 -9.33
N ILE A 328 -24.22 -12.31 -10.65
CA ILE A 328 -23.00 -12.26 -11.40
C ILE A 328 -23.07 -11.05 -12.30
N ILE A 329 -22.07 -10.16 -12.21
CA ILE A 329 -21.92 -9.03 -13.09
C ILE A 329 -20.85 -9.37 -14.12
N ALA A 330 -21.30 -9.82 -15.29
CA ALA A 330 -20.46 -10.20 -16.41
C ALA A 330 -20.65 -9.19 -17.55
N PRO A 331 -20.11 -7.97 -17.50
CA PRO A 331 -20.44 -6.92 -18.45
C PRO A 331 -20.05 -7.26 -19.89
N PRO A 332 -20.61 -6.69 -20.95
CA PRO A 332 -19.92 -6.60 -22.23
C PRO A 332 -18.59 -5.84 -22.11
N GLU A 333 -17.68 -5.99 -23.09
CA GLU A 333 -16.36 -5.36 -23.13
C GLU A 333 -15.32 -6.04 -22.23
N ARG A 334 -15.70 -7.19 -21.61
CA ARG A 334 -14.93 -7.86 -20.55
C ARG A 334 -13.57 -8.43 -20.97
N LYS A 335 -13.35 -8.61 -22.29
CA LYS A 335 -12.07 -8.94 -22.92
C LYS A 335 -11.01 -7.86 -22.68
N TYR A 336 -11.45 -6.59 -22.56
CA TYR A 336 -10.58 -5.43 -22.46
C TYR A 336 -10.49 -4.89 -21.04
N SER A 337 -11.27 -5.42 -20.07
CA SER A 337 -11.38 -4.87 -18.72
C SER A 337 -10.08 -4.74 -17.95
N VAL A 338 -9.16 -5.71 -18.08
CA VAL A 338 -7.83 -5.64 -17.49
C VAL A 338 -7.04 -4.42 -17.99
N TRP A 339 -7.09 -4.13 -19.31
CA TRP A 339 -6.49 -2.93 -19.87
C TRP A 339 -7.16 -1.63 -19.38
N ILE A 340 -8.51 -1.59 -19.34
CA ILE A 340 -9.30 -0.44 -18.88
C ILE A 340 -8.99 -0.13 -17.42
N GLY A 341 -8.83 -1.19 -16.61
CA GLY A 341 -8.37 -1.09 -15.23
C GLY A 341 -6.99 -0.52 -15.05
N GLY A 342 -6.10 -0.76 -16.03
CA GLY A 342 -4.78 -0.17 -16.05
C GLY A 342 -4.79 1.28 -16.47
N SER A 343 -5.63 1.65 -17.46
CA SER A 343 -5.77 3.04 -17.90
C SER A 343 -6.34 3.96 -16.83
N ILE A 344 -7.37 3.51 -16.08
CA ILE A 344 -7.84 4.22 -14.89
C ILE A 344 -6.80 4.26 -13.77
N LEU A 345 -6.10 3.14 -13.45
CA LEU A 345 -5.11 3.10 -12.39
C LEU A 345 -3.94 4.05 -12.61
N ALA A 346 -3.40 4.10 -13.84
CA ALA A 346 -2.34 5.00 -14.23
C ALA A 346 -2.79 6.46 -14.36
N SER A 347 -4.12 6.71 -14.31
CA SER A 347 -4.71 8.05 -14.31
C SER A 347 -5.03 8.53 -12.91
N LEU A 348 -4.76 7.74 -11.85
CA LEU A 348 -4.98 8.16 -10.48
C LEU A 348 -3.78 8.95 -9.98
N SER A 349 -4.02 10.17 -9.43
CA SER A 349 -3.00 11.08 -8.93
C SER A 349 -2.15 10.47 -7.84
N THR A 350 -2.81 9.78 -6.90
CA THR A 350 -2.18 9.01 -5.82
C THR A 350 -1.25 7.90 -6.33
N PHE A 351 -1.61 7.22 -7.44
CA PHE A 351 -0.84 6.12 -7.99
C PHE A 351 0.47 6.59 -8.65
N GLN A 352 0.58 7.89 -8.99
CA GLN A 352 1.80 8.42 -9.59
C GLN A 352 2.98 8.48 -8.62
N GLN A 353 2.74 8.31 -7.30
CA GLN A 353 3.82 8.14 -6.33
C GLN A 353 4.09 6.65 -6.04
N MET A 354 3.34 5.71 -6.65
CA MET A 354 3.47 4.29 -6.39
C MET A 354 4.25 3.55 -7.46
N TRP A 355 4.65 4.22 -8.56
CA TRP A 355 5.49 3.64 -9.60
C TRP A 355 6.83 3.09 -9.09
N ILE A 356 7.38 2.06 -9.75
CA ILE A 356 8.78 1.66 -9.59
C ILE A 356 9.59 2.58 -10.49
N THR A 357 10.46 3.43 -9.92
CA THR A 357 11.27 4.34 -10.72
C THR A 357 12.51 3.67 -11.29
N LYS A 358 13.09 4.26 -12.35
CA LYS A 358 14.39 3.86 -12.88
C LYS A 358 15.51 3.98 -11.86
N GLN A 359 15.51 5.07 -11.05
CA GLN A 359 16.49 5.27 -10.01
C GLN A 359 16.47 4.19 -8.93
N GLU A 360 15.28 3.79 -8.43
CA GLU A 360 15.13 2.69 -7.49
C GLU A 360 15.63 1.36 -8.03
N TYR A 361 15.37 1.06 -9.32
CA TYR A 361 15.96 -0.09 -9.99
C TYR A 361 17.48 -0.01 -10.07
N ASP A 362 18.04 1.13 -10.50
CA ASP A 362 19.47 1.33 -10.62
C ASP A 362 20.21 1.21 -9.28
N GLU A 363 19.65 1.81 -8.20
CA GLU A 363 20.13 1.66 -6.84
C GLU A 363 19.98 0.27 -6.22
N ALA A 364 18.82 -0.40 -6.39
CA ALA A 364 18.49 -1.58 -5.61
C ALA A 364 18.19 -2.88 -6.38
N GLY A 365 18.28 -2.87 -7.73
CA GLY A 365 18.24 -4.07 -8.57
C GLY A 365 16.90 -4.79 -8.77
N PRO A 366 16.88 -5.87 -9.56
CA PRO A 366 15.64 -6.51 -10.02
C PRO A 366 14.70 -7.06 -8.97
N SER A 367 15.16 -7.41 -7.77
CA SER A 367 14.36 -8.13 -6.77
C SER A 367 13.32 -7.26 -6.08
N ILE A 368 13.43 -5.92 -6.24
CA ILE A 368 12.60 -4.94 -5.56
C ILE A 368 11.15 -4.90 -5.98
N VAL A 369 10.75 -5.62 -7.05
CA VAL A 369 9.36 -5.72 -7.49
C VAL A 369 8.46 -6.27 -6.38
N HIS A 370 8.95 -7.31 -5.68
CA HIS A 370 8.21 -8.01 -4.64
C HIS A 370 8.41 -7.35 -3.29
N ARG A 371 9.02 -6.15 -3.29
CA ARG A 371 9.28 -5.32 -2.13
C ARG A 371 8.52 -4.00 -2.25
N LYS A 372 7.79 -3.78 -3.36
CA LYS A 372 6.96 -2.59 -3.53
C LYS A 372 5.56 -2.94 -4.05
N CYS A 373 5.39 -4.06 -4.79
CA CYS A 373 4.12 -4.33 -5.42
C CYS A 373 3.78 -5.82 -5.43
N PHE A 374 2.60 -6.12 -5.97
CA PHE A 374 1.98 -7.44 -6.01
C PHE A 374 2.09 -8.00 -7.45
N GLU B 1 32.69 -1.61 -70.25
CA GLU B 1 31.32 -1.05 -70.06
C GLU B 1 30.71 -1.57 -68.78
N ASP B 2 29.81 -0.82 -68.14
CA ASP B 2 29.15 -1.17 -66.90
C ASP B 2 28.32 -2.44 -67.00
N GLU B 3 28.39 -3.30 -65.95
CA GLU B 3 27.79 -4.63 -65.84
C GLU B 3 28.36 -5.71 -66.77
N THR B 4 29.05 -5.32 -67.88
CA THR B 4 29.36 -6.09 -69.10
C THR B 4 28.17 -6.52 -69.94
N THR B 5 27.01 -6.72 -69.28
CA THR B 5 25.74 -7.31 -69.72
C THR B 5 25.74 -8.76 -69.28
N ALA B 6 24.95 -9.62 -69.94
CA ALA B 6 24.96 -11.03 -69.64
C ALA B 6 24.29 -11.69 -70.81
N LEU B 7 24.39 -13.03 -70.90
CA LEU B 7 23.72 -13.81 -71.92
C LEU B 7 22.70 -14.70 -71.26
N VAL B 8 21.54 -14.87 -71.89
CA VAL B 8 20.46 -15.69 -71.39
C VAL B 8 20.14 -16.70 -72.47
N CYS B 9 20.07 -18.00 -72.14
CA CYS B 9 19.74 -19.04 -73.09
C CYS B 9 18.73 -20.00 -72.50
N ASP B 10 17.61 -20.19 -73.21
CA ASP B 10 16.56 -21.11 -72.92
C ASP B 10 16.71 -22.24 -73.91
N ASN B 11 16.74 -23.49 -73.40
CA ASN B 11 16.98 -24.66 -74.20
C ASN B 11 16.16 -25.79 -73.60
N GLY B 12 14.84 -25.57 -73.44
CA GLY B 12 13.89 -26.68 -73.42
C GLY B 12 13.84 -27.39 -74.77
N SER B 13 13.40 -28.66 -74.84
CA SER B 13 13.39 -29.35 -76.14
C SER B 13 12.53 -28.68 -77.20
N GLY B 14 13.03 -28.69 -78.44
CA GLY B 14 12.33 -28.13 -79.61
C GLY B 14 12.88 -26.81 -80.05
N LEU B 15 13.16 -25.86 -79.14
CA LEU B 15 13.55 -24.51 -79.52
C LEU B 15 14.61 -23.94 -78.61
N VAL B 16 15.67 -23.40 -79.21
CA VAL B 16 16.64 -22.55 -78.52
C VAL B 16 16.11 -21.13 -78.60
N LYS B 17 16.07 -20.44 -77.46
CA LYS B 17 15.78 -19.02 -77.44
C LYS B 17 16.95 -18.39 -76.69
N ALA B 18 17.67 -17.43 -77.29
CA ALA B 18 18.91 -16.97 -76.69
C ALA B 18 19.19 -15.51 -77.01
N GLY B 19 19.95 -14.81 -76.15
CA GLY B 19 20.28 -13.42 -76.42
C GLY B 19 20.92 -12.78 -75.23
N PHE B 20 21.02 -11.44 -75.22
CA PHE B 20 21.56 -10.71 -74.08
C PHE B 20 20.53 -10.49 -72.99
N ALA B 21 20.97 -10.39 -71.72
CA ALA B 21 20.17 -9.87 -70.65
C ALA B 21 19.79 -8.40 -70.81
N GLY B 22 18.55 -8.05 -70.44
CA GLY B 22 18.03 -6.69 -70.46
C GLY B 22 17.63 -6.18 -71.81
N ASP B 23 17.88 -6.96 -72.87
CA ASP B 23 17.07 -6.99 -74.07
C ASP B 23 15.79 -7.74 -73.74
N ASP B 24 14.62 -7.17 -74.07
CA ASP B 24 13.33 -7.71 -73.72
C ASP B 24 12.92 -8.86 -74.64
N ALA B 25 13.15 -8.71 -75.96
CA ALA B 25 13.12 -9.81 -76.91
C ALA B 25 14.52 -10.41 -77.11
N PRO B 26 14.67 -11.71 -77.46
CA PRO B 26 15.98 -12.37 -77.57
C PRO B 26 16.82 -11.86 -78.73
N ARG B 27 17.92 -12.55 -79.06
CA ARG B 27 18.70 -12.21 -80.24
C ARG B 27 18.94 -13.40 -81.14
N ALA B 28 18.47 -14.61 -80.77
CA ALA B 28 18.34 -15.73 -81.68
C ALA B 28 17.18 -16.59 -81.19
N VAL B 29 16.33 -17.08 -82.11
CA VAL B 29 15.35 -18.12 -81.83
C VAL B 29 15.40 -19.12 -82.97
N PHE B 30 15.60 -20.42 -82.69
CA PHE B 30 15.73 -21.40 -83.75
C PHE B 30 15.49 -22.80 -83.19
N PRO B 31 15.23 -23.84 -83.96
CA PRO B 31 14.94 -25.16 -83.41
C PRO B 31 16.17 -25.91 -82.90
N SER B 32 16.07 -26.58 -81.74
CA SER B 32 17.16 -27.34 -81.13
C SER B 32 17.41 -28.67 -81.83
N ILE B 33 17.81 -28.64 -83.11
CA ILE B 33 18.06 -29.81 -83.92
C ILE B 33 19.48 -29.84 -84.41
N VAL B 34 20.04 -31.05 -84.50
CA VAL B 34 21.32 -31.32 -85.12
C VAL B 34 21.03 -32.31 -86.23
N GLY B 35 21.32 -31.92 -87.48
CA GLY B 35 20.92 -32.66 -88.68
C GLY B 35 22.11 -33.15 -89.44
N ARG B 36 22.33 -34.47 -89.46
CA ARG B 36 23.49 -35.08 -90.04
C ARG B 36 23.15 -35.68 -91.41
N PRO B 37 24.05 -35.74 -92.39
CA PRO B 37 23.65 -36.15 -93.74
C PRO B 37 23.70 -37.66 -93.84
N ARG B 38 22.50 -38.27 -93.82
CA ARG B 38 22.26 -39.69 -93.95
C ARG B 38 22.71 -40.28 -95.28
N HIS B 39 22.44 -39.54 -96.39
CA HIS B 39 22.79 -40.01 -97.71
C HIS B 39 24.17 -39.49 -98.11
N GLN B 40 25.09 -40.39 -98.51
CA GLN B 40 26.37 -39.97 -99.06
C GLN B 40 26.22 -39.14 -100.35
N GLY B 41 26.96 -38.02 -100.44
CA GLY B 41 26.87 -37.14 -101.59
C GLY B 41 27.97 -37.42 -102.58
N VAL B 42 27.62 -37.42 -103.88
CA VAL B 42 28.59 -37.67 -104.95
C VAL B 42 28.65 -36.44 -105.84
N MET B 43 29.54 -35.50 -105.49
CA MET B 43 29.84 -34.28 -106.21
C MET B 43 31.22 -33.89 -105.70
N VAL B 44 31.89 -32.91 -106.32
CA VAL B 44 33.14 -32.35 -105.82
C VAL B 44 32.84 -30.90 -105.49
N GLY B 45 33.38 -30.37 -104.36
CA GLY B 45 33.18 -28.98 -103.96
C GLY B 45 32.09 -28.77 -102.92
N MET B 46 31.43 -29.85 -102.47
CA MET B 46 30.47 -29.74 -101.38
C MET B 46 31.13 -29.69 -100.02
N GLY B 47 30.89 -28.61 -99.24
CA GLY B 47 31.05 -28.56 -97.78
C GLY B 47 32.39 -28.99 -97.20
N GLN B 48 32.53 -30.21 -96.62
CA GLN B 48 31.53 -31.26 -96.48
C GLN B 48 30.51 -30.99 -95.38
N LYS B 49 31.00 -30.63 -94.16
CA LYS B 49 30.22 -30.46 -92.94
C LYS B 49 29.72 -31.79 -92.34
N ASP B 50 30.12 -32.12 -91.09
CA ASP B 50 29.62 -33.24 -90.28
C ASP B 50 28.11 -33.15 -90.08
N SER B 51 27.61 -31.93 -89.82
CA SER B 51 26.24 -31.76 -89.45
C SER B 51 25.82 -30.35 -89.72
N TYR B 52 24.50 -30.12 -89.80
CA TYR B 52 23.90 -28.81 -89.92
C TYR B 52 23.13 -28.58 -88.63
N VAL B 53 23.17 -27.35 -88.10
CA VAL B 53 22.58 -27.03 -86.81
C VAL B 53 21.53 -25.97 -87.08
N GLY B 54 20.47 -25.89 -86.24
CA GLY B 54 19.43 -24.86 -86.37
C GLY B 54 18.66 -24.86 -87.67
N ASP B 55 18.52 -23.69 -88.30
CA ASP B 55 17.73 -23.53 -89.50
C ASP B 55 18.42 -23.96 -90.79
N GLU B 56 19.77 -24.16 -90.81
CA GLU B 56 20.41 -24.83 -91.96
C GLU B 56 19.89 -26.26 -92.12
N ALA B 57 19.67 -26.96 -90.99
CA ALA B 57 18.98 -28.22 -90.91
C ALA B 57 17.50 -28.16 -91.30
N GLN B 58 16.75 -27.09 -90.92
CA GLN B 58 15.38 -26.86 -91.39
C GLN B 58 15.27 -26.70 -92.90
N SER B 59 16.20 -25.93 -93.50
CA SER B 59 16.27 -25.64 -94.92
C SER B 59 16.62 -26.86 -95.77
N LYS B 60 17.65 -27.63 -95.39
CA LYS B 60 18.18 -28.72 -96.20
C LYS B 60 17.65 -30.08 -95.76
N ARG B 61 16.41 -30.07 -95.26
CA ARG B 61 15.80 -31.10 -94.43
C ARG B 61 15.75 -32.51 -94.99
N GLY B 62 15.44 -32.67 -96.30
CA GLY B 62 15.18 -33.98 -96.90
C GLY B 62 16.37 -34.88 -97.08
N ILE B 63 17.60 -34.32 -97.22
CA ILE B 63 18.84 -35.10 -97.30
C ILE B 63 19.18 -35.75 -95.97
N LEU B 64 18.95 -34.99 -94.90
CA LEU B 64 19.36 -35.24 -93.55
C LEU B 64 18.62 -36.34 -92.83
N THR B 65 19.18 -36.73 -91.67
CA THR B 65 18.40 -37.28 -90.57
C THR B 65 18.57 -36.32 -89.42
N LEU B 66 17.46 -35.96 -88.74
CA LEU B 66 17.46 -34.92 -87.75
C LEU B 66 17.39 -35.52 -86.37
N LYS B 67 18.27 -35.06 -85.47
CA LYS B 67 18.26 -35.49 -84.09
C LYS B 67 18.05 -34.29 -83.18
N TYR B 68 16.97 -34.33 -82.37
CA TYR B 68 16.89 -33.53 -81.16
C TYR B 68 17.88 -34.08 -80.12
N PRO B 69 18.72 -33.29 -79.44
CA PRO B 69 19.60 -33.86 -78.44
C PRO B 69 18.88 -33.87 -77.12
N ILE B 70 17.90 -32.99 -76.89
CA ILE B 70 17.18 -32.94 -75.62
C ILE B 70 15.87 -33.68 -75.76
N GLU B 71 15.66 -34.75 -74.98
CA GLU B 71 14.44 -35.53 -74.99
C GLU B 71 13.93 -35.61 -73.57
N HIS B 72 12.66 -35.22 -73.33
CA HIS B 72 12.03 -35.18 -72.02
C HIS B 72 12.77 -34.39 -70.93
N GLY B 73 13.40 -33.26 -71.34
CA GLY B 73 14.22 -32.43 -70.46
C GLY B 73 15.62 -32.95 -70.19
N ILE B 74 15.99 -34.08 -70.81
CA ILE B 74 17.24 -34.77 -70.58
C ILE B 74 18.12 -34.64 -71.80
N ILE B 75 19.40 -34.26 -71.65
CA ILE B 75 20.30 -34.20 -72.80
C ILE B 75 20.83 -35.60 -73.13
N THR B 76 20.43 -36.13 -74.30
CA THR B 76 20.70 -37.50 -74.74
C THR B 76 22.04 -37.67 -75.43
N ASN B 77 22.62 -36.56 -75.93
CA ASN B 77 23.95 -36.58 -76.47
C ASN B 77 24.53 -35.19 -76.30
N TRP B 78 25.83 -35.11 -75.98
CA TRP B 78 26.44 -33.88 -75.56
C TRP B 78 27.32 -33.23 -76.62
N ASP B 79 27.79 -33.93 -77.71
CA ASP B 79 28.42 -33.21 -78.83
C ASP B 79 27.37 -32.42 -79.61
N ASP B 80 26.19 -33.02 -79.85
CA ASP B 80 25.05 -32.37 -80.46
C ASP B 80 24.61 -31.11 -79.69
N MET B 81 24.53 -31.18 -78.34
CA MET B 81 24.26 -30.00 -77.52
C MET B 81 25.36 -28.95 -77.53
N GLU B 82 26.65 -29.34 -77.47
CA GLU B 82 27.78 -28.41 -77.53
C GLU B 82 27.76 -27.60 -78.82
N LYS B 83 27.50 -28.27 -79.96
CA LYS B 83 27.34 -27.65 -81.26
C LYS B 83 26.22 -26.62 -81.33
N ILE B 84 25.08 -26.87 -80.66
CA ILE B 84 24.00 -25.89 -80.54
C ILE B 84 24.43 -24.63 -79.77
N TRP B 85 25.13 -24.77 -78.64
CA TRP B 85 25.69 -23.62 -77.92
C TRP B 85 26.83 -22.92 -78.67
N HIS B 86 27.70 -23.67 -79.36
CA HIS B 86 28.72 -23.13 -80.24
C HIS B 86 28.12 -22.28 -81.36
N HIS B 87 27.06 -22.80 -81.99
CA HIS B 87 26.29 -22.11 -83.00
C HIS B 87 25.62 -20.82 -82.49
N THR B 88 24.94 -20.81 -81.30
CA THR B 88 24.35 -19.57 -80.78
C THR B 88 25.35 -18.46 -80.55
N PHE B 89 26.48 -18.76 -79.86
CA PHE B 89 27.49 -17.78 -79.53
C PHE B 89 28.20 -17.20 -80.74
N TYR B 90 28.54 -18.02 -81.73
CA TYR B 90 29.42 -17.58 -82.80
C TYR B 90 28.73 -17.24 -84.11
N ASN B 91 27.50 -17.75 -84.38
CA ASN B 91 26.85 -17.46 -85.66
C ASN B 91 25.88 -16.29 -85.56
N GLU B 92 24.86 -16.34 -84.69
CA GLU B 92 23.91 -15.25 -84.56
C GLU B 92 24.36 -14.17 -83.61
N LEU B 93 24.75 -14.53 -82.36
CA LEU B 93 25.09 -13.54 -81.33
C LEU B 93 26.40 -12.83 -81.57
N ARG B 94 27.45 -13.57 -81.99
CA ARG B 94 28.76 -13.05 -82.38
C ARG B 94 29.52 -12.40 -81.25
N VAL B 95 29.59 -13.13 -80.12
CA VAL B 95 30.12 -12.70 -78.84
C VAL B 95 31.18 -13.70 -78.43
N ALA B 96 32.03 -13.34 -77.46
CA ALA B 96 32.91 -14.29 -76.82
C ALA B 96 32.32 -14.60 -75.45
N PRO B 97 32.05 -15.84 -75.03
CA PRO B 97 31.56 -16.14 -73.68
C PRO B 97 32.45 -15.61 -72.56
N GLU B 98 33.75 -15.39 -72.83
CA GLU B 98 34.71 -14.73 -71.98
C GLU B 98 34.30 -13.33 -71.55
N GLU B 99 33.52 -12.60 -72.37
CA GLU B 99 32.98 -11.29 -72.07
C GLU B 99 31.77 -11.33 -71.12
N HIS B 100 31.01 -12.44 -71.07
CA HIS B 100 29.62 -12.44 -70.63
C HIS B 100 29.28 -13.47 -69.55
N PRO B 101 28.72 -13.13 -68.40
CA PRO B 101 27.97 -14.07 -67.57
C PRO B 101 26.83 -14.79 -68.29
N THR B 102 26.71 -16.14 -68.21
CA THR B 102 25.70 -16.88 -68.99
C THR B 102 24.66 -17.52 -68.10
N LEU B 103 23.38 -17.13 -68.25
CA LEU B 103 22.25 -17.74 -67.58
C LEU B 103 21.63 -18.82 -68.46
N LEU B 104 21.45 -20.03 -67.92
CA LEU B 104 20.78 -21.12 -68.59
C LEU B 104 19.51 -21.49 -67.85
N THR B 105 18.47 -21.90 -68.57
CA THR B 105 17.23 -22.38 -67.97
C THR B 105 17.25 -23.90 -67.83
N GLU B 106 16.55 -24.46 -66.82
CA GLU B 106 16.55 -25.89 -66.56
C GLU B 106 15.23 -26.32 -65.92
N ALA B 107 14.87 -27.61 -66.04
CA ALA B 107 13.52 -28.10 -65.85
C ALA B 107 13.20 -28.63 -64.45
N PRO B 108 12.02 -28.41 -63.87
CA PRO B 108 11.57 -29.08 -62.65
C PRO B 108 11.70 -30.59 -62.63
N LEU B 109 12.28 -31.17 -61.55
CA LEU B 109 12.43 -32.61 -61.37
C LEU B 109 13.25 -33.26 -62.50
N ASN B 110 14.50 -32.81 -62.63
CA ASN B 110 15.43 -33.22 -63.64
C ASN B 110 16.61 -33.90 -62.94
N PRO B 111 17.11 -35.07 -63.36
CA PRO B 111 18.40 -35.63 -62.96
C PRO B 111 19.55 -34.66 -62.74
N LYS B 112 20.29 -34.81 -61.62
CA LYS B 112 21.33 -33.91 -61.17
C LYS B 112 22.44 -33.70 -62.18
N ALA B 113 22.77 -34.78 -62.92
CA ALA B 113 23.75 -34.82 -63.98
C ALA B 113 23.50 -33.82 -65.09
N ASN B 114 22.22 -33.47 -65.40
CA ASN B 114 21.94 -32.39 -66.34
C ASN B 114 22.45 -31.04 -65.85
N ARG B 115 22.24 -30.64 -64.57
CA ARG B 115 22.86 -29.45 -64.02
C ARG B 115 24.39 -29.53 -63.94
N GLU B 116 24.92 -30.64 -63.38
CA GLU B 116 26.33 -30.85 -63.13
C GLU B 116 27.19 -30.94 -64.39
N LYS B 117 26.71 -31.63 -65.44
CA LYS B 117 27.40 -31.63 -66.73
C LYS B 117 27.25 -30.33 -67.52
N MET B 118 26.08 -29.67 -67.43
CA MET B 118 25.82 -28.37 -68.06
C MET B 118 26.72 -27.26 -67.57
N THR B 119 26.95 -27.19 -66.24
CA THR B 119 27.94 -26.28 -65.67
C THR B 119 29.35 -26.60 -66.09
N GLN B 120 29.74 -27.89 -66.15
CA GLN B 120 31.04 -28.28 -66.69
C GLN B 120 31.26 -27.84 -68.14
N ILE B 121 30.29 -28.06 -69.05
CA ILE B 121 30.43 -27.62 -70.44
C ILE B 121 30.52 -26.11 -70.58
N MET B 122 29.70 -25.34 -69.85
CA MET B 122 29.86 -23.90 -69.83
C MET B 122 31.18 -23.43 -69.22
N PHE B 123 31.67 -23.98 -68.11
CA PHE B 123 32.97 -23.58 -67.60
C PHE B 123 34.19 -24.05 -68.38
N GLU B 124 34.19 -25.29 -68.92
CA GLU B 124 35.38 -25.88 -69.53
C GLU B 124 35.39 -25.90 -71.06
N THR B 125 34.23 -25.78 -71.75
CA THR B 125 34.23 -25.69 -73.22
C THR B 125 34.30 -24.26 -73.69
N PHE B 126 33.40 -23.38 -73.19
CA PHE B 126 33.37 -21.99 -73.62
C PHE B 126 33.73 -21.15 -72.42
N ASN B 127 34.97 -20.66 -72.29
CA ASN B 127 35.43 -20.07 -71.04
C ASN B 127 34.62 -18.84 -70.62
N VAL B 128 34.08 -18.83 -69.40
CA VAL B 128 33.01 -17.91 -69.04
C VAL B 128 33.27 -17.34 -67.64
N PRO B 129 33.07 -16.05 -67.33
CA PRO B 129 33.39 -15.52 -66.00
C PRO B 129 32.48 -16.05 -64.91
N ALA B 130 31.21 -16.27 -65.25
CA ALA B 130 30.21 -16.69 -64.30
C ALA B 130 29.01 -17.25 -65.03
N MET B 131 28.15 -18.01 -64.33
CA MET B 131 26.97 -18.57 -64.93
C MET B 131 25.92 -18.88 -63.88
N TYR B 132 24.72 -19.29 -64.30
CA TYR B 132 23.71 -19.74 -63.36
C TYR B 132 22.80 -20.68 -64.12
N VAL B 133 22.16 -21.64 -63.42
CA VAL B 133 21.13 -22.47 -63.98
C VAL B 133 19.88 -22.19 -63.18
N ALA B 134 18.74 -21.94 -63.84
CA ALA B 134 17.55 -21.49 -63.16
C ALA B 134 16.31 -22.23 -63.61
N ILE B 135 15.42 -22.56 -62.66
CA ILE B 135 14.20 -23.29 -62.93
C ILE B 135 13.20 -22.55 -63.83
N GLN B 136 12.73 -23.20 -64.93
CA GLN B 136 11.96 -22.57 -66.00
C GLN B 136 10.70 -21.83 -65.58
N ALA B 137 9.86 -22.47 -64.75
CA ALA B 137 8.61 -21.95 -64.26
C ALA B 137 8.71 -20.68 -63.41
N VAL B 138 9.76 -20.55 -62.58
CA VAL B 138 10.02 -19.33 -61.82
C VAL B 138 10.36 -18.17 -62.74
N LEU B 139 11.14 -18.41 -63.81
CA LEU B 139 11.44 -17.41 -64.82
C LEU B 139 10.19 -16.94 -65.56
N SER B 140 9.27 -17.83 -65.97
CA SER B 140 8.02 -17.39 -66.59
C SER B 140 7.11 -16.57 -65.68
N LEU B 141 7.05 -16.88 -64.37
CA LEU B 141 6.42 -16.03 -63.36
C LEU B 141 7.03 -14.63 -63.27
N TYR B 142 8.37 -14.50 -63.32
CA TYR B 142 9.09 -13.24 -63.37
C TYR B 142 8.74 -12.41 -64.59
N ALA B 143 8.58 -13.05 -65.77
CA ALA B 143 8.17 -12.40 -67.01
C ALA B 143 6.77 -11.78 -66.95
N SER B 144 5.80 -12.47 -66.32
CA SER B 144 4.44 -11.93 -66.14
C SER B 144 4.36 -11.08 -64.90
N GLY B 145 5.51 -10.79 -64.26
CA GLY B 145 5.64 -9.76 -63.23
C GLY B 145 5.04 -10.09 -61.90
N ARG B 146 4.77 -11.37 -61.61
CA ARG B 146 3.99 -11.78 -60.46
C ARG B 146 4.85 -12.22 -59.30
N THR B 147 4.32 -12.16 -58.06
CA THR B 147 5.00 -12.67 -56.88
C THR B 147 4.43 -14.02 -56.46
N THR B 148 3.20 -14.34 -56.94
CA THR B 148 2.40 -15.46 -56.47
C THR B 148 1.67 -16.03 -57.67
N GLY B 149 1.54 -17.37 -57.72
CA GLY B 149 0.84 -18.03 -58.80
C GLY B 149 1.24 -19.46 -58.93
N ILE B 150 0.47 -20.22 -59.72
CA ILE B 150 0.82 -21.59 -60.05
C ILE B 150 1.14 -21.61 -61.51
N VAL B 151 2.34 -22.08 -61.85
CA VAL B 151 2.85 -22.00 -63.20
C VAL B 151 2.73 -23.35 -63.85
N LEU B 152 1.99 -23.41 -64.98
CA LEU B 152 1.91 -24.55 -65.85
C LEU B 152 2.78 -24.27 -67.06
N ASP B 153 3.95 -24.94 -67.13
CA ASP B 153 4.97 -24.67 -68.11
C ASP B 153 5.13 -25.89 -68.97
N SER B 154 4.93 -25.78 -70.30
CA SER B 154 5.09 -26.94 -71.16
C SER B 154 5.65 -26.62 -72.52
N GLY B 155 6.77 -27.26 -72.89
CA GLY B 155 7.42 -27.09 -74.18
C GLY B 155 7.13 -28.22 -75.12
N ASP B 156 8.06 -28.44 -76.09
CA ASP B 156 8.13 -29.67 -76.85
C ASP B 156 9.10 -30.60 -76.07
N GLY B 157 9.34 -30.28 -74.78
CA GLY B 157 10.20 -30.97 -73.81
C GLY B 157 9.48 -31.88 -72.89
N VAL B 158 8.78 -31.35 -71.86
CA VAL B 158 7.95 -32.09 -70.91
C VAL B 158 7.00 -31.02 -70.33
N THR B 159 5.95 -31.41 -69.57
CA THR B 159 5.05 -30.50 -68.87
C THR B 159 5.41 -30.44 -67.40
N HIS B 160 5.65 -29.25 -66.86
CA HIS B 160 6.03 -29.05 -65.48
C HIS B 160 5.06 -28.10 -64.81
N ASN B 161 4.82 -28.31 -63.49
CA ASN B 161 3.92 -27.49 -62.74
C ASN B 161 4.60 -27.07 -61.43
N VAL B 162 4.72 -25.75 -61.18
CA VAL B 162 5.35 -25.23 -59.96
C VAL B 162 4.40 -24.24 -59.30
N PRO B 163 3.91 -24.47 -58.08
CA PRO B 163 3.24 -23.44 -57.29
C PRO B 163 4.21 -22.56 -56.54
N ILE B 164 3.93 -21.24 -56.48
CA ILE B 164 4.77 -20.24 -55.85
C ILE B 164 3.88 -19.30 -55.05
N TYR B 165 4.33 -18.83 -53.87
CA TYR B 165 3.54 -17.93 -53.04
C TYR B 165 4.45 -16.89 -52.43
N GLU B 166 4.25 -15.61 -52.80
CA GLU B 166 4.99 -14.43 -52.41
C GLU B 166 6.50 -14.61 -52.45
N GLY B 167 7.00 -15.00 -53.64
CA GLY B 167 8.29 -15.64 -53.79
C GLY B 167 8.25 -17.08 -53.36
N TYR B 168 9.26 -17.52 -52.58
CA TYR B 168 9.42 -18.88 -52.11
C TYR B 168 9.30 -19.98 -53.19
N ALA B 169 8.70 -21.12 -52.84
CA ALA B 169 8.52 -22.32 -53.65
C ALA B 169 8.16 -23.43 -52.70
N LEU B 170 7.38 -24.44 -53.14
CA LEU B 170 7.05 -25.58 -52.32
C LEU B 170 7.57 -26.84 -52.98
N PRO B 171 8.70 -27.45 -52.56
CA PRO B 171 9.32 -28.55 -53.31
C PRO B 171 8.48 -29.80 -53.39
N HIS B 172 7.62 -30.07 -52.39
CA HIS B 172 6.76 -31.23 -52.33
C HIS B 172 5.53 -31.09 -53.21
N ALA B 173 5.21 -29.87 -53.66
CA ALA B 173 4.04 -29.59 -54.45
C ALA B 173 4.41 -29.28 -55.90
N ILE B 174 5.70 -29.37 -56.25
CA ILE B 174 6.15 -29.33 -57.64
C ILE B 174 5.81 -30.65 -58.32
N MET B 175 5.11 -30.58 -59.46
CA MET B 175 4.71 -31.75 -60.20
C MET B 175 5.34 -31.74 -61.57
N ARG B 176 5.76 -32.94 -62.03
CA ARG B 176 6.29 -33.15 -63.35
C ARG B 176 5.35 -34.13 -64.04
N LEU B 177 4.93 -33.82 -65.26
CA LEU B 177 4.07 -34.68 -66.05
C LEU B 177 4.74 -34.87 -67.38
N ASP B 178 5.23 -36.09 -67.67
CA ASP B 178 5.89 -36.41 -68.91
C ASP B 178 4.91 -36.57 -70.09
N LEU B 179 4.30 -35.43 -70.47
CA LEU B 179 3.60 -35.16 -71.70
C LEU B 179 4.21 -33.89 -72.25
N ALA B 180 4.72 -33.92 -73.48
CA ALA B 180 5.26 -32.76 -74.13
C ALA B 180 4.52 -32.48 -75.41
N GLY B 181 4.78 -31.31 -76.02
CA GLY B 181 4.33 -31.03 -77.38
C GLY B 181 4.90 -31.99 -78.39
N ARG B 182 6.09 -32.56 -78.12
CA ARG B 182 6.73 -33.56 -78.94
C ARG B 182 5.97 -34.88 -79.00
N ASP B 183 5.45 -35.37 -77.86
CA ASP B 183 4.57 -36.52 -77.80
C ASP B 183 3.27 -36.29 -78.55
N LEU B 184 2.74 -35.05 -78.51
CA LEU B 184 1.64 -34.61 -79.37
C LEU B 184 1.99 -34.67 -80.87
N THR B 185 3.24 -34.35 -81.27
CA THR B 185 3.73 -34.52 -82.65
C THR B 185 3.67 -35.98 -83.09
N ASP B 186 4.16 -36.91 -82.26
CA ASP B 186 4.06 -38.35 -82.50
C ASP B 186 2.63 -38.88 -82.52
N TYR B 187 1.77 -38.39 -81.60
CA TYR B 187 0.33 -38.64 -81.62
C TYR B 187 -0.34 -38.14 -82.89
N LEU B 188 0.02 -36.93 -83.38
CA LEU B 188 -0.50 -36.36 -84.62
C LEU B 188 -0.16 -37.18 -85.87
N MET B 189 1.11 -37.60 -86.06
CA MET B 189 1.44 -38.50 -87.16
C MET B 189 0.77 -39.87 -87.05
N LYS B 190 0.63 -40.41 -85.82
CA LYS B 190 -0.14 -41.61 -85.59
C LYS B 190 -1.63 -41.51 -85.93
N ILE B 191 -2.31 -40.38 -85.60
CA ILE B 191 -3.70 -40.17 -85.97
C ILE B 191 -3.90 -39.93 -87.47
N LEU B 192 -3.00 -39.20 -88.15
CA LEU B 192 -3.08 -38.89 -89.58
C LEU B 192 -3.19 -40.11 -90.50
N THR B 193 -2.67 -41.28 -90.08
CA THR B 193 -2.73 -42.51 -90.86
C THR B 193 -4.14 -43.08 -90.99
N GLU B 194 -5.09 -42.69 -90.11
CA GLU B 194 -6.51 -43.04 -90.24
C GLU B 194 -7.13 -42.47 -91.51
N ARG B 195 -6.65 -41.30 -91.96
CA ARG B 195 -7.09 -40.65 -93.18
C ARG B 195 -6.15 -40.98 -94.34
N GLY B 196 -5.21 -41.93 -94.15
CA GLY B 196 -4.31 -42.41 -95.19
C GLY B 196 -3.06 -41.58 -95.39
N TYR B 197 -2.81 -40.57 -94.55
CA TYR B 197 -1.64 -39.72 -94.69
C TYR B 197 -0.46 -40.28 -93.89
N SER B 198 0.37 -41.10 -94.54
CA SER B 198 1.51 -41.75 -93.90
C SER B 198 2.77 -40.91 -93.97
N PHE B 199 3.24 -40.44 -92.80
CA PHE B 199 4.46 -39.68 -92.63
C PHE B 199 5.35 -40.48 -91.69
N VAL B 200 6.64 -40.68 -92.03
CA VAL B 200 7.43 -41.76 -91.42
C VAL B 200 8.85 -41.36 -91.02
N THR B 201 9.45 -40.35 -91.65
CA THR B 201 10.82 -39.90 -91.40
C THR B 201 10.78 -38.59 -90.62
N THR B 202 11.89 -38.21 -89.98
CA THR B 202 12.00 -37.01 -89.16
C THR B 202 11.71 -35.70 -89.89
N ALA B 203 12.00 -35.63 -91.20
CA ALA B 203 11.78 -34.45 -92.01
C ALA B 203 10.31 -34.01 -92.13
N GLU B 204 9.40 -34.96 -92.43
CA GLU B 204 7.97 -34.71 -92.47
C GLU B 204 7.31 -34.85 -91.10
N ARG B 205 8.01 -35.44 -90.12
CA ARG B 205 7.64 -35.33 -88.71
C ARG B 205 7.65 -33.88 -88.23
N GLU B 206 8.60 -33.05 -88.70
CA GLU B 206 8.54 -31.62 -88.45
C GLU B 206 7.53 -30.87 -89.32
N ILE B 207 7.06 -31.43 -90.45
CA ILE B 207 5.91 -30.90 -91.16
C ILE B 207 4.62 -31.05 -90.35
N VAL B 208 4.39 -32.21 -89.68
CA VAL B 208 3.30 -32.31 -88.71
C VAL B 208 3.47 -31.44 -87.48
N ARG B 209 4.71 -31.16 -87.00
CA ARG B 209 4.93 -30.09 -86.01
C ARG B 209 4.49 -28.71 -86.52
N ASP B 210 4.83 -28.36 -87.77
CA ASP B 210 4.38 -27.14 -88.42
C ASP B 210 2.84 -27.07 -88.62
N ILE B 211 2.16 -28.20 -88.93
CA ILE B 211 0.69 -28.32 -88.89
C ILE B 211 0.15 -28.09 -87.47
N LYS B 212 0.79 -28.70 -86.46
CA LYS B 212 0.44 -28.63 -85.05
C LYS B 212 0.44 -27.22 -84.49
N GLU B 213 1.42 -26.37 -84.88
CA GLU B 213 1.59 -25.03 -84.32
C GLU B 213 0.76 -23.96 -85.04
N LYS B 214 -0.19 -24.34 -85.93
CA LYS B 214 -1.11 -23.34 -86.47
C LYS B 214 -2.47 -23.85 -86.95
N LEU B 215 -2.68 -25.16 -87.15
CA LEU B 215 -4.01 -25.65 -87.47
C LEU B 215 -4.73 -26.18 -86.25
N CYS B 216 -4.01 -26.88 -85.34
CA CYS B 216 -4.56 -27.44 -84.12
C CYS B 216 -5.09 -26.43 -83.10
N TYR B 217 -6.14 -26.83 -82.36
CA TYR B 217 -6.71 -26.03 -81.30
C TYR B 217 -7.32 -27.00 -80.30
N VAL B 218 -7.65 -26.53 -79.09
CA VAL B 218 -8.30 -27.36 -78.09
C VAL B 218 -9.79 -27.16 -78.17
N ALA B 219 -10.55 -28.27 -78.29
CA ALA B 219 -12.00 -28.23 -78.23
C ALA B 219 -12.53 -27.66 -76.92
N LEU B 220 -13.50 -26.73 -77.00
CA LEU B 220 -14.06 -26.04 -75.85
C LEU B 220 -15.02 -26.93 -75.11
N ASP B 221 -15.56 -27.98 -75.79
CA ASP B 221 -15.97 -29.20 -75.14
C ASP B 221 -15.86 -30.35 -76.16
N PHE B 222 -15.19 -31.47 -75.78
CA PHE B 222 -14.72 -32.46 -76.73
C PHE B 222 -15.82 -33.23 -77.47
N GLU B 223 -16.77 -33.80 -76.73
CA GLU B 223 -17.87 -34.59 -77.24
C GLU B 223 -18.79 -33.79 -78.13
N ASN B 224 -19.07 -32.53 -77.75
CA ASN B 224 -19.83 -31.59 -78.54
C ASN B 224 -19.19 -31.28 -79.89
N GLU B 225 -17.87 -30.97 -79.91
CA GLU B 225 -17.14 -30.75 -81.15
C GLU B 225 -16.97 -32.00 -82.01
N MET B 226 -16.72 -33.17 -81.40
CA MET B 226 -16.69 -34.44 -82.11
C MET B 226 -18.03 -34.84 -82.72
N ALA B 227 -19.16 -34.57 -82.05
CA ALA B 227 -20.49 -34.79 -82.59
C ALA B 227 -20.82 -33.96 -83.83
N THR B 228 -20.46 -32.66 -83.84
CA THR B 228 -20.71 -31.77 -84.99
C THR B 228 -19.74 -32.04 -86.15
N ALA B 229 -18.65 -32.80 -85.90
CA ALA B 229 -17.76 -33.30 -86.93
C ALA B 229 -18.36 -34.34 -87.87
N ALA B 230 -19.60 -34.83 -87.58
CA ALA B 230 -20.42 -35.55 -88.53
C ALA B 230 -20.76 -34.73 -89.78
N SER B 231 -21.01 -33.42 -89.59
CA SER B 231 -21.28 -32.48 -90.67
C SER B 231 -20.08 -31.58 -90.92
N SER B 232 -18.96 -32.18 -91.39
CA SER B 232 -17.75 -31.47 -91.83
C SER B 232 -17.93 -30.16 -92.59
N SER B 233 -17.28 -29.10 -92.07
CA SER B 233 -17.31 -27.76 -92.65
C SER B 233 -16.07 -27.06 -92.11
N SER B 234 -16.21 -26.03 -91.24
CA SER B 234 -15.12 -25.27 -90.59
C SER B 234 -14.11 -26.11 -89.82
N LEU B 235 -14.52 -27.33 -89.43
CA LEU B 235 -13.73 -28.34 -88.77
C LEU B 235 -12.72 -29.00 -89.70
N GLU B 236 -12.92 -28.96 -91.03
CA GLU B 236 -11.90 -29.40 -91.98
C GLU B 236 -11.13 -28.21 -92.51
N LYS B 237 -9.81 -28.37 -92.70
CA LYS B 237 -8.97 -27.33 -93.26
C LYS B 237 -8.00 -27.96 -94.23
N SER B 238 -7.86 -27.34 -95.41
CA SER B 238 -6.79 -27.60 -96.37
C SER B 238 -5.42 -27.18 -95.84
N TYR B 239 -4.37 -27.91 -96.24
CA TYR B 239 -3.01 -27.64 -95.87
C TYR B 239 -2.11 -28.03 -97.04
N GLU B 240 -1.04 -27.25 -97.27
CA GLU B 240 -0.15 -27.40 -98.41
C GLU B 240 1.19 -27.93 -97.92
N LEU B 241 1.67 -29.07 -98.44
CA LEU B 241 3.01 -29.55 -98.16
C LEU B 241 4.04 -28.86 -99.06
N PRO B 242 5.34 -28.77 -98.72
CA PRO B 242 6.35 -28.19 -99.61
C PRO B 242 6.61 -29.06 -100.84
N ASP B 243 6.05 -30.28 -100.84
CA ASP B 243 5.87 -31.18 -101.96
C ASP B 243 4.90 -30.63 -103.02
N GLY B 244 3.79 -29.99 -102.58
CA GLY B 244 2.63 -29.69 -103.41
C GLY B 244 1.48 -30.66 -103.21
N GLN B 245 1.66 -31.73 -102.40
CA GLN B 245 0.53 -32.47 -101.88
C GLN B 245 -0.38 -31.65 -100.95
N VAL B 246 -1.69 -31.66 -101.25
CA VAL B 246 -2.70 -31.06 -100.41
C VAL B 246 -3.19 -32.07 -99.38
N ILE B 247 -3.28 -31.64 -98.11
CA ILE B 247 -3.68 -32.45 -96.97
C ILE B 247 -4.91 -31.81 -96.34
N THR B 248 -6.02 -32.54 -96.18
CA THR B 248 -7.23 -32.01 -95.54
C THR B 248 -7.48 -32.76 -94.26
N ILE B 249 -7.49 -32.05 -93.10
CA ILE B 249 -7.63 -32.67 -91.77
C ILE B 249 -8.86 -32.16 -91.01
N GLY B 250 -9.58 -33.08 -90.33
CA GLY B 250 -10.88 -32.80 -89.69
C GLY B 250 -10.91 -32.90 -88.18
N ASN B 251 -11.67 -33.85 -87.60
CA ASN B 251 -11.84 -34.07 -86.16
C ASN B 251 -10.52 -34.35 -85.43
N GLU B 252 -9.69 -35.15 -86.12
CA GLU B 252 -8.24 -35.30 -86.07
C GLU B 252 -7.45 -34.08 -85.58
N ARG B 253 -7.77 -32.88 -86.11
CA ARG B 253 -7.17 -31.60 -85.79
C ARG B 253 -7.31 -31.16 -84.33
N PHE B 254 -8.49 -31.35 -83.69
CA PHE B 254 -8.67 -30.94 -82.30
C PHE B 254 -8.52 -32.11 -81.33
N ARG B 255 -8.57 -33.38 -81.80
CA ARG B 255 -8.36 -34.50 -80.91
C ARG B 255 -6.90 -34.80 -80.66
N CYS B 256 -5.97 -34.18 -81.40
CA CYS B 256 -4.56 -34.14 -81.03
C CYS B 256 -4.28 -33.31 -79.76
N PRO B 257 -4.70 -32.05 -79.54
CA PRO B 257 -4.44 -31.38 -78.26
C PRO B 257 -5.24 -31.93 -77.10
N GLU B 258 -6.36 -32.65 -77.37
CA GLU B 258 -7.19 -33.30 -76.37
C GLU B 258 -6.42 -34.28 -75.49
N THR B 259 -5.39 -34.94 -76.05
CA THR B 259 -4.44 -35.82 -75.37
C THR B 259 -3.80 -35.24 -74.11
N LEU B 260 -3.62 -33.90 -74.02
CA LEU B 260 -3.20 -33.22 -72.78
C LEU B 260 -4.19 -33.34 -71.63
N PHE B 261 -5.50 -33.40 -71.97
CA PHE B 261 -6.60 -33.45 -71.02
C PHE B 261 -7.09 -34.89 -70.87
N GLN B 262 -6.74 -35.77 -71.83
CA GLN B 262 -7.08 -37.19 -71.83
C GLN B 262 -5.85 -38.05 -72.13
N PRO B 263 -4.93 -38.35 -71.19
CA PRO B 263 -3.70 -39.07 -71.52
C PRO B 263 -3.91 -40.54 -71.84
N SER B 264 -5.14 -41.04 -71.65
CA SER B 264 -5.61 -42.34 -72.13
C SER B 264 -5.42 -42.52 -73.62
N PHE B 265 -5.53 -41.44 -74.40
CA PHE B 265 -5.31 -41.41 -75.85
C PHE B 265 -3.88 -41.76 -76.27
N ILE B 266 -2.86 -41.37 -75.48
CA ILE B 266 -1.46 -41.72 -75.73
C ILE B 266 -1.08 -42.98 -74.95
N GLY B 267 -2.02 -43.53 -74.16
CA GLY B 267 -1.85 -44.81 -73.46
C GLY B 267 -1.19 -44.72 -72.12
N MET B 268 -1.26 -43.56 -71.44
CA MET B 268 -0.63 -43.40 -70.14
C MET B 268 -1.66 -43.10 -69.06
N GLU B 269 -1.53 -43.76 -67.90
CA GLU B 269 -2.36 -43.59 -66.72
C GLU B 269 -2.29 -42.21 -66.10
N SER B 270 -1.09 -41.60 -66.10
CA SER B 270 -0.79 -40.24 -65.67
C SER B 270 -1.85 -39.19 -66.00
N ALA B 271 -2.44 -38.58 -64.96
CA ALA B 271 -3.54 -37.63 -65.07
C ALA B 271 -3.30 -36.38 -65.94
N GLY B 272 -4.40 -35.79 -66.47
CA GLY B 272 -4.36 -34.62 -67.35
C GLY B 272 -3.79 -33.35 -66.75
N ILE B 273 -3.54 -32.32 -67.58
CA ILE B 273 -2.94 -31.07 -67.14
C ILE B 273 -3.76 -30.28 -66.11
N HIS B 274 -5.10 -30.34 -66.21
CA HIS B 274 -6.04 -29.82 -65.23
C HIS B 274 -5.97 -30.57 -63.90
N GLU B 275 -5.94 -31.92 -63.95
CA GLU B 275 -5.79 -32.81 -62.80
C GLU B 275 -4.44 -32.72 -62.11
N THR B 276 -3.32 -32.65 -62.84
CA THR B 276 -2.00 -32.42 -62.25
C THR B 276 -1.86 -31.07 -61.58
N THR B 277 -2.46 -30.01 -62.16
CA THR B 277 -2.59 -28.70 -61.52
C THR B 277 -3.35 -28.76 -60.20
N TYR B 278 -4.49 -29.51 -60.16
CA TYR B 278 -5.23 -29.79 -58.94
C TYR B 278 -4.42 -30.57 -57.90
N ASN B 279 -3.65 -31.58 -58.33
CA ASN B 279 -2.75 -32.37 -57.48
C ASN B 279 -1.69 -31.50 -56.80
N SER B 280 -1.07 -30.55 -57.54
CA SER B 280 -0.17 -29.56 -56.95
C SER B 280 -0.82 -28.67 -55.90
N ILE B 281 -2.03 -28.12 -56.20
CA ILE B 281 -2.79 -27.26 -55.30
C ILE B 281 -3.24 -27.99 -54.03
N MET B 282 -3.64 -29.26 -54.12
CA MET B 282 -3.92 -30.10 -52.97
C MET B 282 -2.72 -30.40 -52.08
N LYS B 283 -1.50 -30.56 -52.65
CA LYS B 283 -0.27 -30.64 -51.90
C LYS B 283 0.12 -29.35 -51.18
N CYS B 284 -0.15 -28.18 -51.78
CA CYS B 284 -0.02 -26.89 -51.12
C CYS B 284 -0.90 -26.70 -49.90
N ASP B 285 -0.37 -26.04 -48.87
CA ASP B 285 -1.05 -25.45 -47.72
C ASP B 285 -2.43 -24.84 -47.99
N ILE B 286 -3.37 -24.98 -47.03
CA ILE B 286 -4.79 -24.67 -47.23
C ILE B 286 -5.08 -23.21 -47.59
N ASP B 287 -4.44 -22.23 -46.91
CA ASP B 287 -4.67 -20.82 -47.17
C ASP B 287 -4.29 -20.38 -48.59
N ILE B 288 -3.12 -20.78 -49.11
CA ILE B 288 -2.57 -20.22 -50.32
C ILE B 288 -3.27 -20.71 -51.58
N ARG B 289 -4.14 -21.73 -51.44
CA ARG B 289 -4.94 -22.23 -52.54
C ARG B 289 -5.85 -21.17 -53.17
N LYS B 290 -6.38 -20.23 -52.35
CA LYS B 290 -7.29 -19.18 -52.80
C LYS B 290 -6.71 -18.30 -53.91
N ASP B 291 -5.45 -17.87 -53.76
CA ASP B 291 -4.72 -17.08 -54.70
C ASP B 291 -4.11 -17.93 -55.81
N LEU B 292 -3.60 -19.16 -55.53
CA LEU B 292 -3.11 -20.06 -56.57
C LEU B 292 -4.17 -20.41 -57.63
N TYR B 293 -5.43 -20.69 -57.23
CA TYR B 293 -6.55 -20.87 -58.15
C TYR B 293 -6.84 -19.66 -59.04
N ALA B 294 -6.62 -18.44 -58.52
CA ALA B 294 -6.89 -17.19 -59.22
C ALA B 294 -5.65 -16.57 -59.84
N ASN B 295 -4.51 -17.31 -59.89
CA ASN B 295 -3.25 -16.83 -60.41
C ASN B 295 -2.56 -17.97 -61.16
N ASN B 296 -3.32 -18.79 -61.91
CA ASN B 296 -2.74 -19.81 -62.77
C ASN B 296 -2.08 -19.17 -64.00
N VAL B 297 -0.78 -19.46 -64.23
CA VAL B 297 0.03 -18.88 -65.28
C VAL B 297 0.39 -19.95 -66.28
N MET B 298 0.19 -19.68 -67.58
CA MET B 298 0.57 -20.62 -68.63
C MET B 298 1.77 -20.12 -69.41
N SER B 299 2.77 -21.00 -69.58
CA SER B 299 3.97 -20.68 -70.32
C SER B 299 4.43 -21.84 -71.17
N GLY B 300 5.43 -21.59 -72.04
CA GLY B 300 6.02 -22.62 -72.87
C GLY B 300 5.43 -22.69 -74.25
N GLY B 301 5.88 -23.68 -75.04
CA GLY B 301 5.56 -23.78 -76.46
C GLY B 301 4.29 -24.52 -76.78
N THR B 302 3.87 -25.49 -75.94
CA THR B 302 2.68 -26.30 -76.24
C THR B 302 1.48 -25.82 -75.45
N THR B 303 1.60 -24.66 -74.78
CA THR B 303 0.46 -23.93 -74.22
C THR B 303 -0.03 -22.88 -75.19
N MET B 304 0.49 -22.85 -76.44
CA MET B 304 0.14 -21.87 -77.44
C MET B 304 -1.16 -22.11 -78.20
N TYR B 305 -1.74 -23.33 -78.21
CA TYR B 305 -2.95 -23.61 -78.98
C TYR B 305 -4.16 -22.76 -78.55
N PRO B 306 -5.02 -22.26 -79.43
CA PRO B 306 -6.33 -21.70 -79.07
C PRO B 306 -7.19 -22.61 -78.19
N GLY B 307 -7.93 -22.04 -77.21
CA GLY B 307 -8.88 -22.78 -76.38
C GLY B 307 -8.32 -23.47 -75.16
N ILE B 308 -6.99 -23.44 -74.92
CA ILE B 308 -6.39 -24.06 -73.74
C ILE B 308 -6.80 -23.38 -72.44
N ALA B 309 -6.75 -22.03 -72.39
CA ALA B 309 -7.06 -21.26 -71.21
C ALA B 309 -8.52 -21.39 -70.81
N ASP B 310 -9.40 -21.30 -71.81
CA ASP B 310 -10.84 -21.41 -71.78
C ASP B 310 -11.27 -22.77 -71.26
N ARG B 311 -10.65 -23.84 -71.81
CA ARG B 311 -10.87 -25.19 -71.34
C ARG B 311 -10.35 -25.48 -69.94
N MET B 312 -9.12 -25.05 -69.62
CA MET B 312 -8.56 -25.21 -68.28
C MET B 312 -9.39 -24.50 -67.24
N GLN B 313 -9.93 -23.31 -67.58
CA GLN B 313 -10.89 -22.62 -66.75
C GLN B 313 -12.19 -23.39 -66.53
N LYS B 314 -12.80 -24.03 -67.57
CA LYS B 314 -13.97 -24.89 -67.34
C LYS B 314 -13.67 -26.09 -66.44
N GLU B 315 -12.55 -26.81 -66.69
CA GLU B 315 -12.22 -28.03 -65.98
C GLU B 315 -11.75 -27.81 -64.57
N ILE B 316 -10.90 -26.79 -64.29
CA ILE B 316 -10.58 -26.41 -62.93
C ILE B 316 -11.78 -25.86 -62.17
N THR B 317 -12.65 -25.03 -62.79
CA THR B 317 -13.89 -24.54 -62.15
C THR B 317 -14.85 -25.65 -61.79
N ALA B 318 -15.00 -26.67 -62.67
CA ALA B 318 -15.79 -27.85 -62.39
C ALA B 318 -15.26 -28.74 -61.25
N LEU B 319 -13.93 -28.97 -61.18
CA LEU B 319 -13.32 -29.76 -60.11
C LEU B 319 -13.16 -29.04 -58.78
N ALA B 320 -12.86 -27.73 -58.80
CA ALA B 320 -12.58 -26.96 -57.60
C ALA B 320 -13.85 -26.45 -56.90
N PRO B 321 -13.79 -26.05 -55.63
CA PRO B 321 -14.84 -25.27 -54.99
C PRO B 321 -15.21 -24.00 -55.74
N SER B 322 -16.50 -23.81 -56.09
CA SER B 322 -16.99 -22.67 -56.85
C SER B 322 -17.36 -21.50 -55.94
N THR B 323 -16.89 -21.56 -54.69
CA THR B 323 -16.97 -20.50 -53.68
C THR B 323 -15.94 -19.42 -53.93
N MET B 324 -14.96 -19.70 -54.79
CA MET B 324 -13.92 -18.79 -55.19
C MET B 324 -13.84 -18.81 -56.71
N LYS B 325 -13.32 -17.73 -57.32
CA LYS B 325 -13.38 -17.57 -58.75
C LYS B 325 -12.06 -17.91 -59.40
N ILE B 326 -12.03 -19.05 -60.13
CA ILE B 326 -10.88 -19.52 -60.87
C ILE B 326 -10.53 -18.56 -62.00
N LYS B 327 -9.28 -18.07 -62.02
CA LYS B 327 -8.82 -17.13 -63.02
C LYS B 327 -7.48 -17.60 -63.52
N ILE B 328 -7.37 -17.73 -64.86
CA ILE B 328 -6.16 -18.15 -65.50
C ILE B 328 -5.63 -16.96 -66.27
N ILE B 329 -4.34 -16.66 -66.11
CA ILE B 329 -3.65 -15.63 -66.85
C ILE B 329 -2.68 -16.33 -67.80
N ALA B 330 -3.10 -16.42 -69.07
CA ALA B 330 -2.37 -17.07 -70.13
C ALA B 330 -2.01 -16.04 -71.18
N PRO B 331 -1.01 -15.18 -70.99
CA PRO B 331 -0.78 -14.04 -71.87
C PRO B 331 -0.43 -14.47 -73.30
N PRO B 332 -0.59 -13.67 -74.36
CA PRO B 332 0.21 -13.83 -75.57
C PRO B 332 1.70 -13.71 -75.28
N GLU B 333 2.58 -14.17 -76.20
CA GLU B 333 4.04 -14.12 -76.06
C GLU B 333 4.58 -15.22 -75.12
N ARG B 334 3.70 -16.13 -74.63
CA ARG B 334 3.99 -17.11 -73.58
C ARG B 334 5.03 -18.19 -73.93
N LYS B 335 5.30 -18.39 -75.24
CA LYS B 335 6.37 -19.21 -75.78
C LYS B 335 7.76 -18.70 -75.35
N TYR B 336 7.88 -17.37 -75.14
CA TYR B 336 9.13 -16.69 -74.86
C TYR B 336 9.26 -16.30 -73.40
N SER B 337 8.24 -16.52 -72.54
CA SER B 337 8.21 -16.04 -71.16
C SER B 337 9.35 -16.53 -70.29
N VAL B 338 9.79 -17.79 -70.45
CA VAL B 338 10.97 -18.31 -69.75
C VAL B 338 12.25 -17.53 -70.10
N TRP B 339 12.47 -17.19 -71.38
CA TRP B 339 13.57 -16.34 -71.79
C TRP B 339 13.47 -14.90 -71.25
N ILE B 340 12.27 -14.27 -71.32
CA ILE B 340 12.01 -12.93 -70.81
C ILE B 340 12.26 -12.87 -69.31
N GLY B 341 11.85 -13.93 -68.59
CA GLY B 341 12.13 -14.12 -67.18
C GLY B 341 13.58 -14.22 -66.83
N GLY B 342 14.40 -14.78 -67.72
CA GLY B 342 15.83 -14.82 -67.56
C GLY B 342 16.48 -13.50 -67.86
N SER B 343 16.00 -12.79 -68.90
CA SER B 343 16.51 -11.47 -69.27
C SER B 343 16.26 -10.40 -68.23
N ILE B 344 15.07 -10.38 -67.58
CA ILE B 344 14.85 -9.59 -66.37
C ILE B 344 15.69 -10.06 -65.19
N LEU B 345 15.81 -11.38 -64.89
CA LEU B 345 16.55 -11.88 -63.74
C LEU B 345 18.03 -11.53 -63.75
N ALA B 346 18.68 -11.65 -64.92
CA ALA B 346 20.07 -11.29 -65.11
C ALA B 346 20.29 -9.76 -65.12
N SER B 347 19.21 -8.96 -65.16
CA SER B 347 19.27 -7.50 -65.08
C SER B 347 19.07 -7.00 -63.67
N LEU B 348 18.90 -7.90 -62.68
CA LEU B 348 18.82 -7.52 -61.27
C LEU B 348 20.23 -7.49 -60.68
N SER B 349 20.69 -6.33 -60.18
CA SER B 349 22.01 -6.16 -59.54
C SER B 349 22.24 -7.03 -58.32
N THR B 350 21.22 -7.25 -57.46
CA THR B 350 21.31 -8.25 -56.38
C THR B 350 21.60 -9.66 -56.90
N PHE B 351 21.02 -10.05 -58.05
CA PHE B 351 21.27 -11.33 -58.68
C PHE B 351 22.68 -11.44 -59.25
N GLN B 352 23.37 -10.29 -59.49
CA GLN B 352 24.75 -10.30 -59.94
C GLN B 352 25.72 -10.73 -58.84
N GLN B 353 25.28 -10.79 -57.57
CA GLN B 353 26.05 -11.43 -56.51
C GLN B 353 25.63 -12.89 -56.30
N MET B 354 24.60 -13.38 -57.04
CA MET B 354 24.08 -14.73 -56.90
C MET B 354 24.59 -15.67 -57.99
N TRP B 355 25.35 -15.16 -58.98
CA TRP B 355 25.98 -16.00 -60.00
C TRP B 355 26.90 -17.09 -59.42
N ILE B 356 27.06 -18.22 -60.14
CA ILE B 356 28.13 -19.17 -59.90
C ILE B 356 29.34 -18.63 -60.63
N THR B 357 30.42 -18.25 -59.93
CA THR B 357 31.61 -17.73 -60.57
C THR B 357 32.52 -18.82 -61.09
N LYS B 358 33.40 -18.48 -62.06
CA LYS B 358 34.45 -19.37 -62.52
C LYS B 358 35.41 -19.78 -61.41
N GLN B 359 35.78 -18.84 -60.52
CA GLN B 359 36.63 -19.13 -59.38
C GLN B 359 36.04 -20.14 -58.41
N GLU B 360 34.75 -20.01 -58.04
CA GLU B 360 34.06 -20.99 -57.21
C GLU B 360 34.01 -22.38 -57.82
N TYR B 361 33.80 -22.48 -59.15
CA TYR B 361 33.91 -23.73 -59.87
C TYR B 361 35.32 -24.32 -59.84
N ASP B 362 36.36 -23.50 -60.11
CA ASP B 362 37.73 -23.94 -60.10
C ASP B 362 38.21 -24.41 -58.72
N GLU B 363 37.82 -23.69 -57.65
CA GLU B 363 38.04 -24.09 -56.27
C GLU B 363 37.25 -25.32 -55.79
N ALA B 364 35.94 -25.43 -56.12
CA ALA B 364 35.07 -26.40 -55.47
C ALA B 364 34.35 -27.40 -56.38
N GLY B 365 34.59 -27.37 -57.71
CA GLY B 365 34.13 -28.38 -58.66
C GLY B 365 32.65 -28.45 -59.04
N PRO B 366 32.27 -29.38 -59.92
CA PRO B 366 30.95 -29.41 -60.54
C PRO B 366 29.74 -29.57 -59.64
N SER B 367 29.89 -30.15 -58.43
CA SER B 367 28.77 -30.51 -57.56
C SER B 367 28.12 -29.32 -56.88
N ILE B 368 28.78 -28.15 -56.91
CA ILE B 368 28.37 -26.95 -56.21
C ILE B 368 27.11 -26.28 -56.74
N VAL B 369 26.57 -26.71 -57.89
CA VAL B 369 25.32 -26.18 -58.44
C VAL B 369 24.15 -26.35 -57.48
N HIS B 370 24.06 -27.52 -56.83
CA HIS B 370 22.97 -27.87 -55.93
C HIS B 370 23.29 -27.42 -54.51
N ARG B 371 24.36 -26.62 -54.35
CA ARG B 371 24.81 -26.05 -53.10
C ARG B 371 24.68 -24.52 -53.15
N LYS B 372 24.26 -23.94 -54.29
CA LYS B 372 24.05 -22.52 -54.43
C LYS B 372 22.71 -22.21 -55.09
N CYS B 373 22.16 -23.12 -55.93
CA CYS B 373 20.97 -22.81 -56.68
C CYS B 373 20.05 -24.01 -56.84
N PHE B 374 18.91 -23.76 -57.50
CA PHE B 374 17.80 -24.67 -57.68
C PHE B 374 17.80 -25.18 -59.16
N GLU C 1 -19.94 -76.94 -32.10
CA GLU C 1 -18.61 -76.75 -31.43
C GLU C 1 -18.72 -75.80 -30.26
N ASP C 2 -17.74 -75.81 -29.34
CA ASP C 2 -17.71 -74.93 -28.18
C ASP C 2 -17.01 -73.67 -28.57
N GLU C 3 -17.47 -72.52 -28.02
CA GLU C 3 -16.92 -71.18 -28.20
C GLU C 3 -17.02 -70.57 -29.59
N THR C 4 -17.29 -71.40 -30.63
CA THR C 4 -17.59 -71.03 -32.02
C THR C 4 -16.39 -70.55 -32.82
N THR C 5 -15.17 -70.61 -32.24
CA THR C 5 -13.99 -69.78 -32.59
C THR C 5 -14.32 -68.29 -32.59
N ALA C 6 -13.53 -67.45 -33.26
CA ALA C 6 -13.95 -66.10 -33.54
C ALA C 6 -13.06 -65.68 -34.69
N LEU C 7 -13.38 -64.58 -35.37
CA LEU C 7 -12.61 -64.06 -36.47
C LEU C 7 -12.03 -62.72 -36.11
N VAL C 8 -10.82 -62.45 -36.60
CA VAL C 8 -10.10 -61.23 -36.30
C VAL C 8 -9.58 -60.68 -37.59
N CYS C 9 -9.80 -59.38 -37.84
CA CYS C 9 -9.25 -58.67 -38.98
C CYS C 9 -8.62 -57.36 -38.52
N ASP C 10 -7.35 -57.14 -38.87
CA ASP C 10 -6.68 -55.86 -38.82
C ASP C 10 -6.74 -55.25 -40.22
N ASN C 11 -7.40 -54.08 -40.32
CA ASN C 11 -7.34 -53.14 -41.42
C ASN C 11 -6.95 -51.78 -40.93
N GLY C 12 -5.68 -51.57 -40.52
CA GLY C 12 -4.98 -50.37 -40.98
C GLY C 12 -4.82 -50.34 -42.50
N SER C 13 -4.48 -49.20 -43.14
CA SER C 13 -4.17 -49.17 -44.58
C SER C 13 -3.06 -50.11 -45.00
N GLY C 14 -3.12 -50.60 -46.26
CA GLY C 14 -1.99 -51.32 -46.83
C GLY C 14 -2.12 -52.81 -46.77
N LEU C 15 -2.47 -53.42 -45.63
CA LEU C 15 -2.55 -54.86 -45.46
C LEU C 15 -3.78 -55.24 -44.67
N VAL C 16 -4.51 -56.26 -45.15
CA VAL C 16 -5.48 -56.98 -44.36
C VAL C 16 -4.70 -58.05 -43.66
N LYS C 17 -4.77 -58.12 -42.33
CA LYS C 17 -4.30 -59.27 -41.61
C LYS C 17 -5.49 -59.94 -41.00
N ALA C 18 -5.76 -61.19 -41.36
CA ALA C 18 -6.97 -61.88 -40.95
C ALA C 18 -6.76 -63.35 -40.67
N GLY C 19 -7.57 -63.90 -39.77
CA GLY C 19 -7.47 -65.29 -39.41
C GLY C 19 -8.41 -65.59 -38.32
N PHE C 20 -8.28 -66.77 -37.72
CA PHE C 20 -9.05 -67.18 -36.57
C PHE C 20 -8.44 -66.60 -35.32
N ALA C 21 -9.30 -66.11 -34.40
CA ALA C 21 -8.99 -65.91 -33.02
C ALA C 21 -8.66 -67.23 -32.34
N GLY C 22 -7.65 -67.26 -31.45
CA GLY C 22 -7.22 -68.49 -30.82
C GLY C 22 -6.03 -69.13 -31.45
N ASP C 23 -5.41 -68.47 -32.45
CA ASP C 23 -4.19 -68.90 -33.10
C ASP C 23 -3.14 -67.80 -32.92
N ASP C 24 -1.84 -68.15 -32.95
CA ASP C 24 -0.71 -67.27 -32.77
C ASP C 24 -0.39 -66.45 -34.02
N ALA C 25 -0.77 -66.93 -35.21
CA ALA C 25 -0.56 -66.18 -36.43
C ALA C 25 -1.78 -66.15 -37.35
N PRO C 26 -2.00 -65.08 -38.13
CA PRO C 26 -3.10 -64.99 -39.07
C PRO C 26 -2.88 -65.95 -40.22
N ARG C 27 -3.96 -66.57 -40.74
CA ARG C 27 -3.88 -67.39 -41.93
C ARG C 27 -3.60 -66.57 -43.18
N ALA C 28 -4.27 -65.41 -43.33
CA ALA C 28 -4.24 -64.63 -44.54
C ALA C 28 -3.73 -63.25 -44.25
N VAL C 29 -2.69 -62.84 -44.97
CA VAL C 29 -2.19 -61.49 -44.94
C VAL C 29 -2.00 -61.11 -46.38
N PHE C 30 -2.62 -60.01 -46.84
CA PHE C 30 -2.49 -59.63 -48.22
C PHE C 30 -2.65 -58.12 -48.33
N PRO C 31 -2.20 -57.48 -49.40
CA PRO C 31 -2.36 -56.03 -49.59
C PRO C 31 -3.78 -55.59 -49.83
N SER C 32 -4.22 -54.55 -49.11
CA SER C 32 -5.54 -53.97 -49.22
C SER C 32 -5.68 -53.08 -50.44
N ILE C 33 -5.78 -53.68 -51.64
CA ILE C 33 -5.78 -52.94 -52.87
C ILE C 33 -6.85 -53.46 -53.74
N VAL C 34 -7.50 -52.54 -54.45
CA VAL C 34 -8.51 -52.81 -55.43
C VAL C 34 -7.92 -52.27 -56.69
N GLY C 35 -7.56 -53.16 -57.62
CA GLY C 35 -6.95 -52.78 -58.86
C GLY C 35 -7.84 -52.99 -60.04
N ARG C 36 -8.08 -51.94 -60.81
CA ARG C 36 -9.07 -51.94 -61.87
C ARG C 36 -8.38 -51.97 -63.21
N PRO C 37 -8.76 -52.81 -64.20
CA PRO C 37 -8.34 -52.68 -65.58
C PRO C 37 -8.60 -51.31 -66.18
N ARG C 38 -7.56 -50.45 -66.21
CA ARG C 38 -7.57 -49.15 -66.83
C ARG C 38 -7.56 -49.25 -68.36
N HIS C 39 -6.78 -50.20 -68.92
CA HIS C 39 -6.68 -50.39 -70.35
C HIS C 39 -7.79 -51.31 -70.80
N GLN C 40 -8.58 -50.91 -71.82
CA GLN C 40 -9.58 -51.77 -72.41
C GLN C 40 -8.96 -53.00 -73.06
N GLY C 41 -9.44 -54.19 -72.68
CA GLY C 41 -8.89 -55.44 -73.17
C GLY C 41 -9.49 -55.82 -74.50
N VAL C 42 -8.68 -56.40 -75.40
CA VAL C 42 -9.17 -56.84 -76.71
C VAL C 42 -8.70 -58.25 -76.94
N MET C 43 -9.54 -59.21 -76.58
CA MET C 43 -9.44 -60.62 -76.86
C MET C 43 -10.87 -61.06 -76.72
N VAL C 44 -11.15 -62.37 -76.70
CA VAL C 44 -12.44 -62.92 -76.34
C VAL C 44 -12.11 -64.00 -75.33
N GLY C 45 -12.95 -64.22 -74.29
CA GLY C 45 -12.67 -65.21 -73.26
C GLY C 45 -11.67 -64.77 -72.22
N MET C 46 -11.59 -63.45 -72.00
CA MET C 46 -10.94 -62.89 -70.84
C MET C 46 -11.99 -62.69 -69.80
N GLY C 47 -11.60 -62.93 -68.53
CA GLY C 47 -12.27 -62.43 -67.33
C GLY C 47 -13.80 -62.42 -67.29
N GLN C 48 -14.48 -61.28 -67.52
CA GLN C 48 -13.92 -59.94 -67.67
C GLN C 48 -13.29 -59.48 -66.37
N LYS C 49 -14.03 -59.68 -65.25
CA LYS C 49 -13.65 -59.29 -63.91
C LYS C 49 -13.43 -57.78 -63.78
N ASP C 50 -14.43 -57.02 -63.27
CA ASP C 50 -14.43 -55.57 -63.13
C ASP C 50 -13.21 -55.05 -62.36
N SER C 51 -12.73 -55.83 -61.39
CA SER C 51 -11.62 -55.42 -60.57
C SER C 51 -11.05 -56.64 -59.91
N TYR C 52 -9.78 -56.53 -59.47
CA TYR C 52 -9.01 -57.56 -58.79
C TYR C 52 -8.68 -57.05 -57.41
N VAL C 53 -8.66 -57.94 -56.43
CA VAL C 53 -8.51 -57.60 -55.03
C VAL C 53 -7.40 -58.46 -54.45
N GLY C 54 -6.62 -57.93 -53.49
CA GLY C 54 -5.61 -58.70 -52.80
C GLY C 54 -4.33 -58.86 -53.58
N ASP C 55 -3.52 -59.90 -53.32
CA ASP C 55 -2.28 -60.18 -54.00
C ASP C 55 -2.46 -60.66 -55.46
N GLU C 56 -3.70 -60.98 -55.90
CA GLU C 56 -4.08 -61.09 -57.31
C GLU C 56 -3.74 -59.82 -58.11
N ALA C 57 -4.03 -58.62 -57.52
CA ALA C 57 -3.68 -57.30 -58.05
C ALA C 57 -2.17 -57.06 -58.10
N GLN C 58 -1.41 -57.57 -57.10
CA GLN C 58 0.05 -57.56 -57.11
C GLN C 58 0.65 -58.34 -58.26
N SER C 59 0.09 -59.54 -58.55
CA SER C 59 0.50 -60.39 -59.68
C SER C 59 0.20 -59.74 -61.02
N LYS C 60 -1.02 -59.20 -61.20
CA LYS C 60 -1.42 -58.53 -62.42
C LYS C 60 -1.34 -57.03 -62.25
N ARG C 61 -0.15 -56.49 -62.01
CA ARG C 61 -0.02 -55.11 -61.61
C ARG C 61 -0.07 -54.07 -62.72
N GLY C 62 0.57 -54.40 -63.87
CA GLY C 62 0.87 -53.43 -64.93
C GLY C 62 -0.31 -52.90 -65.70
N ILE C 63 -1.36 -53.74 -65.84
CA ILE C 63 -2.63 -53.41 -66.45
C ILE C 63 -3.43 -52.46 -65.58
N LEU C 64 -3.43 -52.76 -64.27
CA LEU C 64 -4.30 -52.19 -63.29
C LEU C 64 -3.85 -50.80 -62.88
N THR C 65 -4.83 -49.97 -62.55
CA THR C 65 -4.57 -48.86 -61.66
C THR C 65 -5.00 -49.38 -60.31
N LEU C 66 -4.19 -49.15 -59.26
CA LEU C 66 -4.45 -49.64 -57.92
C LEU C 66 -4.94 -48.51 -57.07
N LYS C 67 -6.00 -48.78 -56.31
CA LYS C 67 -6.53 -47.82 -55.40
C LYS C 67 -6.50 -48.44 -54.03
N TYR C 68 -5.74 -47.82 -53.09
CA TYR C 68 -5.86 -48.10 -51.68
C TYR C 68 -7.21 -47.55 -51.21
N PRO C 69 -8.09 -48.29 -50.55
CA PRO C 69 -9.40 -47.79 -50.18
C PRO C 69 -9.34 -47.13 -48.85
N ILE C 70 -8.26 -47.35 -48.07
CA ILE C 70 -8.09 -46.74 -46.77
C ILE C 70 -6.94 -45.77 -46.87
N GLU C 71 -7.15 -44.49 -46.53
CA GLU C 71 -6.09 -43.51 -46.43
C GLU C 71 -6.16 -42.86 -45.08
N HIS C 72 -5.04 -42.84 -44.36
CA HIS C 72 -4.88 -42.22 -43.05
C HIS C 72 -5.75 -42.80 -41.96
N GLY C 73 -6.04 -44.12 -42.06
CA GLY C 73 -7.00 -44.83 -41.21
C GLY C 73 -8.44 -44.60 -41.61
N ILE C 74 -8.69 -43.79 -42.66
CA ILE C 74 -10.03 -43.43 -43.11
C ILE C 74 -10.35 -44.25 -44.33
N ILE C 75 -11.51 -44.93 -44.36
CA ILE C 75 -11.94 -45.54 -45.60
C ILE C 75 -12.45 -44.48 -46.54
N THR C 76 -11.77 -44.30 -47.69
CA THR C 76 -12.15 -43.39 -48.76
C THR C 76 -13.32 -43.92 -49.55
N ASN C 77 -13.28 -45.23 -49.86
CA ASN C 77 -14.27 -45.88 -50.67
C ASN C 77 -14.78 -47.17 -50.01
N TRP C 78 -16.09 -47.21 -49.71
CA TRP C 78 -16.74 -48.26 -48.94
C TRP C 78 -16.97 -49.56 -49.67
N ASP C 79 -17.36 -49.49 -50.97
CA ASP C 79 -17.57 -50.65 -51.82
C ASP C 79 -16.27 -51.42 -51.99
N ASP C 80 -15.16 -50.71 -52.23
CA ASP C 80 -13.81 -51.25 -52.28
C ASP C 80 -13.40 -51.95 -50.96
N MET C 81 -13.71 -51.39 -49.77
CA MET C 81 -13.53 -52.09 -48.49
C MET C 81 -14.37 -53.34 -48.31
N GLU C 82 -15.66 -53.27 -48.71
CA GLU C 82 -16.55 -54.41 -48.71
C GLU C 82 -16.01 -55.53 -49.59
N LYS C 83 -15.53 -55.21 -50.81
CA LYS C 83 -14.85 -56.14 -51.71
C LYS C 83 -13.61 -56.80 -51.11
N ILE C 84 -12.79 -56.03 -50.37
CA ILE C 84 -11.66 -56.57 -49.64
C ILE C 84 -12.06 -57.55 -48.56
N TRP C 85 -13.05 -57.22 -47.73
CA TRP C 85 -13.60 -58.15 -46.77
C TRP C 85 -14.29 -59.34 -47.40
N HIS C 86 -14.99 -59.17 -48.53
CA HIS C 86 -15.55 -60.28 -49.28
C HIS C 86 -14.49 -61.28 -49.73
N HIS C 87 -13.35 -60.76 -50.23
CA HIS C 87 -12.15 -61.50 -50.56
C HIS C 87 -11.58 -62.23 -49.33
N THR C 88 -11.43 -61.59 -48.13
CA THR C 88 -10.90 -62.28 -46.92
C THR C 88 -11.68 -63.51 -46.52
N PHE C 89 -13.01 -63.36 -46.46
CA PHE C 89 -13.88 -64.39 -45.94
C PHE C 89 -14.08 -65.52 -46.92
N TYR C 90 -14.38 -65.20 -48.19
CA TYR C 90 -14.68 -66.24 -49.15
C TYR C 90 -13.45 -66.77 -49.87
N ASN C 91 -12.51 -65.91 -50.32
CA ASN C 91 -11.35 -66.34 -51.07
C ASN C 91 -10.31 -67.05 -50.19
N GLU C 92 -9.96 -66.49 -49.01
CA GLU C 92 -8.95 -67.10 -48.15
C GLU C 92 -9.52 -67.98 -47.08
N LEU C 93 -10.32 -67.43 -46.15
CA LEU C 93 -10.63 -68.17 -44.94
C LEU C 93 -11.69 -69.22 -45.11
N ARG C 94 -12.58 -69.03 -46.10
CA ARG C 94 -13.65 -69.91 -46.51
C ARG C 94 -14.66 -70.15 -45.40
N VAL C 95 -15.11 -69.05 -44.80
CA VAL C 95 -15.97 -69.06 -43.64
C VAL C 95 -17.27 -68.42 -44.06
N ALA C 96 -18.38 -68.80 -43.40
CA ALA C 96 -19.59 -68.02 -43.44
C ALA C 96 -19.51 -67.07 -42.23
N PRO C 97 -19.48 -65.74 -42.34
CA PRO C 97 -19.45 -64.85 -41.18
C PRO C 97 -20.64 -65.04 -40.23
N GLU C 98 -21.80 -65.60 -40.66
CA GLU C 98 -22.92 -65.99 -39.82
C GLU C 98 -22.52 -66.97 -38.72
N GLU C 99 -21.45 -67.75 -38.93
CA GLU C 99 -20.99 -68.77 -38.02
C GLU C 99 -19.90 -68.25 -37.11
N HIS C 100 -19.47 -66.96 -37.19
CA HIS C 100 -18.36 -66.51 -36.38
C HIS C 100 -18.55 -65.10 -35.84
N PRO C 101 -18.33 -64.74 -34.59
CA PRO C 101 -18.14 -63.33 -34.22
C PRO C 101 -16.87 -62.71 -34.81
N THR C 102 -16.90 -61.45 -35.28
CA THR C 102 -15.77 -60.83 -36.00
C THR C 102 -15.23 -59.62 -35.28
N LEU C 103 -13.95 -59.61 -34.93
CA LEU C 103 -13.25 -58.48 -34.38
C LEU C 103 -12.62 -57.68 -35.49
N LEU C 104 -12.83 -56.35 -35.50
CA LEU C 104 -12.11 -55.44 -36.35
C LEU C 104 -11.25 -54.57 -35.50
N THR C 105 -10.04 -54.29 -35.99
CA THR C 105 -9.23 -53.22 -35.43
C THR C 105 -9.59 -51.92 -36.07
N GLU C 106 -9.24 -50.80 -35.42
CA GLU C 106 -9.44 -49.48 -35.95
C GLU C 106 -8.51 -48.52 -35.24
N ALA C 107 -8.15 -47.39 -35.88
CA ALA C 107 -7.13 -46.49 -35.39
C ALA C 107 -7.62 -45.43 -34.38
N PRO C 108 -6.88 -44.98 -33.38
CA PRO C 108 -7.28 -43.84 -32.56
C PRO C 108 -7.60 -42.52 -33.22
N LEU C 109 -8.48 -41.74 -32.55
CA LEU C 109 -8.86 -40.37 -32.89
C LEU C 109 -9.45 -40.34 -34.27
N ASN C 110 -10.10 -41.44 -34.65
CA ASN C 110 -10.57 -41.67 -35.98
C ASN C 110 -11.99 -41.19 -36.04
N PRO C 111 -12.44 -40.48 -37.09
CA PRO C 111 -13.84 -40.19 -37.35
C PRO C 111 -14.84 -41.24 -36.94
N LYS C 112 -15.93 -40.81 -36.29
CA LYS C 112 -16.99 -41.65 -35.80
C LYS C 112 -17.67 -42.45 -36.88
N ALA C 113 -17.80 -41.83 -38.06
CA ALA C 113 -18.38 -42.37 -39.27
C ALA C 113 -17.72 -43.64 -39.74
N ASN C 114 -16.37 -43.78 -39.61
CA ASN C 114 -15.72 -45.03 -39.92
C ASN C 114 -16.15 -46.15 -39.00
N ARG C 115 -16.16 -45.97 -37.67
CA ARG C 115 -16.63 -47.00 -36.75
C ARG C 115 -18.09 -47.39 -36.94
N GLU C 116 -18.98 -46.39 -37.06
CA GLU C 116 -20.41 -46.54 -37.28
C GLU C 116 -20.79 -47.12 -38.63
N LYS C 117 -20.13 -46.71 -39.73
CA LYS C 117 -20.33 -47.32 -41.01
C LYS C 117 -19.71 -48.71 -41.13
N MET C 118 -18.57 -48.98 -40.46
CA MET C 118 -17.92 -50.26 -40.38
C MET C 118 -18.80 -51.34 -39.75
N THR C 119 -19.48 -50.97 -38.62
CA THR C 119 -20.51 -51.81 -37.99
C THR C 119 -21.73 -52.01 -38.82
N GLN C 120 -22.23 -50.95 -39.48
CA GLN C 120 -23.35 -51.02 -40.38
C GLN C 120 -23.14 -52.03 -41.51
N ILE C 121 -21.94 -52.01 -42.15
CA ILE C 121 -21.54 -53.04 -43.11
C ILE C 121 -21.41 -54.41 -42.50
N MET C 122 -20.77 -54.55 -41.32
CA MET C 122 -20.65 -55.88 -40.74
C MET C 122 -21.98 -56.52 -40.43
N PHE C 123 -22.98 -55.80 -39.92
CA PHE C 123 -24.28 -56.40 -39.75
C PHE C 123 -25.13 -56.56 -41.01
N GLU C 124 -25.13 -55.56 -41.93
CA GLU C 124 -26.07 -55.51 -43.04
C GLU C 124 -25.46 -55.84 -44.40
N THR C 125 -24.24 -56.41 -44.40
CA THR C 125 -23.60 -56.93 -45.60
C THR C 125 -23.28 -58.38 -45.37
N PHE C 126 -22.32 -58.71 -44.47
CA PHE C 126 -22.04 -60.09 -44.14
C PHE C 126 -22.80 -60.42 -42.90
N ASN C 127 -23.98 -61.10 -42.95
CA ASN C 127 -24.77 -61.29 -41.75
C ASN C 127 -23.93 -61.99 -40.66
N VAL C 128 -23.84 -61.45 -39.43
CA VAL C 128 -22.83 -61.91 -38.47
C VAL C 128 -23.49 -61.90 -37.10
N PRO C 129 -23.25 -62.83 -36.16
CA PRO C 129 -23.93 -62.83 -34.86
C PRO C 129 -23.48 -61.69 -33.98
N ALA C 130 -22.20 -61.29 -34.10
CA ALA C 130 -21.66 -60.29 -33.23
C ALA C 130 -20.37 -59.76 -33.76
N MET C 131 -19.94 -58.59 -33.26
CA MET C 131 -18.72 -57.99 -33.70
C MET C 131 -18.17 -57.09 -32.64
N TYR C 132 -16.95 -56.60 -32.84
CA TYR C 132 -16.39 -55.60 -31.98
C TYR C 132 -15.45 -54.78 -32.85
N VAL C 133 -15.25 -53.50 -32.53
CA VAL C 133 -14.25 -52.64 -33.12
C VAL C 133 -13.38 -52.25 -31.96
N ALA C 134 -12.06 -52.36 -32.14
CA ALA C 134 -11.12 -52.16 -31.07
C ALA C 134 -9.98 -51.30 -31.51
N ILE C 135 -9.34 -50.63 -30.53
CA ILE C 135 -8.26 -49.72 -30.84
C ILE C 135 -6.96 -50.45 -31.15
N GLN C 136 -6.21 -50.10 -32.22
CA GLN C 136 -5.01 -50.82 -32.63
C GLN C 136 -3.90 -50.98 -31.58
N ALA C 137 -3.60 -49.89 -30.86
CA ALA C 137 -2.51 -49.82 -29.90
C ALA C 137 -2.65 -50.71 -28.67
N VAL C 138 -3.87 -50.79 -28.10
CA VAL C 138 -4.18 -51.68 -26.99
C VAL C 138 -4.00 -53.14 -27.36
N LEU C 139 -4.41 -53.55 -28.58
CA LEU C 139 -4.20 -54.91 -29.06
C LEU C 139 -2.71 -55.28 -29.14
N SER C 140 -1.84 -54.39 -29.66
CA SER C 140 -0.41 -54.65 -29.66
C SER C 140 0.20 -54.80 -28.27
N LEU C 141 -0.28 -53.98 -27.31
CA LEU C 141 0.09 -54.09 -25.91
C LEU C 141 -0.23 -55.46 -25.30
N TYR C 142 -1.46 -55.98 -25.56
CA TYR C 142 -1.86 -57.34 -25.18
C TYR C 142 -0.97 -58.40 -25.78
N ALA C 143 -0.63 -58.26 -27.09
CA ALA C 143 0.26 -59.16 -27.80
C ALA C 143 1.65 -59.22 -27.22
N SER C 144 2.17 -58.06 -26.75
CA SER C 144 3.45 -57.97 -26.07
C SER C 144 3.40 -58.50 -24.64
N GLY C 145 2.21 -58.76 -24.07
CA GLY C 145 2.04 -59.41 -22.77
C GLY C 145 2.31 -58.52 -21.60
N ARG C 146 2.19 -57.20 -21.80
CA ARG C 146 2.53 -56.21 -20.79
C ARG C 146 1.26 -55.48 -20.42
N THR C 147 1.16 -55.00 -19.17
CA THR C 147 -0.05 -54.33 -18.71
C THR C 147 0.04 -52.83 -18.86
N THR C 148 1.26 -52.34 -19.13
CA THR C 148 1.66 -50.94 -19.08
C THR C 148 2.65 -50.71 -20.17
N GLY C 149 2.54 -49.54 -20.81
CA GLY C 149 3.45 -49.09 -21.80
C GLY C 149 2.88 -47.97 -22.58
N ILE C 150 3.73 -47.33 -23.37
CA ILE C 150 3.26 -46.36 -24.32
C ILE C 150 3.44 -47.00 -25.65
N VAL C 151 2.34 -47.20 -26.37
CA VAL C 151 2.38 -47.91 -27.61
C VAL C 151 2.50 -46.92 -28.74
N LEU C 152 3.62 -47.01 -29.47
CA LEU C 152 3.86 -46.29 -30.68
C LEU C 152 3.41 -47.19 -31.80
N ASP C 153 2.27 -46.86 -32.42
CA ASP C 153 1.64 -47.62 -33.46
C ASP C 153 1.91 -46.79 -34.69
N SER C 154 2.61 -47.39 -35.67
CA SER C 154 2.68 -46.78 -36.97
C SER C 154 2.50 -47.83 -38.05
N GLY C 155 1.36 -47.74 -38.77
CA GLY C 155 1.11 -48.59 -39.92
C GLY C 155 1.44 -47.91 -41.23
N ASP C 156 0.82 -48.39 -42.32
CA ASP C 156 0.83 -47.70 -43.60
C ASP C 156 -0.26 -46.63 -43.65
N GLY C 157 -1.23 -46.69 -42.71
CA GLY C 157 -2.32 -45.74 -42.59
C GLY C 157 -1.89 -44.46 -41.95
N VAL C 158 -1.78 -44.40 -40.62
CA VAL C 158 -1.31 -43.21 -39.93
C VAL C 158 -0.54 -43.77 -38.74
N THR C 159 0.28 -42.92 -38.08
CA THR C 159 0.96 -43.08 -36.80
C THR C 159 0.08 -42.61 -35.65
N HIS C 160 0.02 -43.40 -34.58
CA HIS C 160 -0.75 -43.20 -33.39
C HIS C 160 0.10 -43.51 -32.18
N ASN C 161 -0.28 -43.00 -31.01
CA ASN C 161 0.49 -43.16 -29.82
C ASN C 161 -0.54 -43.20 -28.71
N VAL C 162 -0.60 -44.28 -27.92
CA VAL C 162 -1.55 -44.43 -26.84
C VAL C 162 -0.75 -44.82 -25.59
N PRO C 163 -0.63 -43.98 -24.55
CA PRO C 163 -0.10 -44.39 -23.26
C PRO C 163 -1.16 -45.14 -22.48
N ILE C 164 -0.74 -46.20 -21.81
CA ILE C 164 -1.58 -47.02 -21.00
C ILE C 164 -0.85 -47.21 -19.70
N TYR C 165 -1.57 -47.30 -18.57
CA TYR C 165 -1.00 -47.60 -17.27
C TYR C 165 -1.91 -48.57 -16.53
N GLU C 166 -1.44 -49.81 -16.30
CA GLU C 166 -2.09 -50.83 -15.51
C GLU C 166 -3.46 -51.21 -16.07
N GLY C 167 -3.51 -51.51 -17.37
CA GLY C 167 -4.74 -51.27 -18.12
C GLY C 167 -4.98 -49.77 -18.21
N TYR C 168 -6.18 -49.29 -17.82
CA TYR C 168 -6.65 -47.92 -18.00
C TYR C 168 -6.35 -47.39 -19.41
N ALA C 169 -6.05 -46.08 -19.57
CA ALA C 169 -5.87 -45.41 -20.84
C ALA C 169 -6.03 -43.94 -20.55
N LEU C 170 -5.35 -43.07 -21.31
CA LEU C 170 -5.43 -41.65 -21.08
C LEU C 170 -5.90 -40.92 -22.35
N PRO C 171 -7.17 -40.52 -22.49
CA PRO C 171 -7.70 -39.96 -23.73
C PRO C 171 -7.04 -38.68 -24.19
N HIS C 172 -6.70 -37.77 -23.26
CA HIS C 172 -6.02 -36.50 -23.52
C HIS C 172 -4.58 -36.68 -23.97
N ALA C 173 -3.92 -37.75 -23.46
CA ALA C 173 -2.55 -38.06 -23.77
C ALA C 173 -2.38 -38.89 -25.03
N ILE C 174 -3.47 -39.46 -25.61
CA ILE C 174 -3.42 -40.08 -26.94
C ILE C 174 -3.06 -39.07 -28.01
N MET C 175 -2.05 -39.40 -28.82
CA MET C 175 -1.59 -38.55 -29.90
C MET C 175 -1.67 -39.31 -31.21
N ARG C 176 -2.06 -38.61 -32.27
CA ARG C 176 -2.13 -39.12 -33.61
C ARG C 176 -1.32 -38.17 -34.46
N LEU C 177 -0.41 -38.74 -35.26
CA LEU C 177 0.53 -38.00 -36.05
C LEU C 177 0.40 -38.45 -37.49
N ASP C 178 0.13 -37.52 -38.42
CA ASP C 178 -0.05 -37.83 -39.82
C ASP C 178 1.31 -38.02 -40.49
N LEU C 179 1.87 -39.21 -40.30
CA LEU C 179 3.00 -39.77 -41.01
C LEU C 179 2.67 -41.21 -41.16
N ALA C 180 3.24 -41.88 -42.17
CA ALA C 180 2.98 -43.26 -42.36
C ALA C 180 4.04 -43.89 -43.22
N GLY C 181 3.97 -45.23 -43.37
CA GLY C 181 4.61 -45.93 -44.47
C GLY C 181 4.32 -45.34 -45.83
N ARG C 182 3.06 -45.04 -46.16
CA ARG C 182 2.68 -44.49 -47.44
C ARG C 182 3.30 -43.13 -47.76
N ASP C 183 3.36 -42.19 -46.78
CA ASP C 183 4.01 -40.90 -46.91
C ASP C 183 5.54 -41.02 -47.09
N LEU C 184 6.18 -42.01 -46.42
CA LEU C 184 7.57 -42.38 -46.69
C LEU C 184 7.79 -42.93 -48.08
N THR C 185 6.84 -43.72 -48.62
CA THR C 185 6.88 -44.15 -50.02
C THR C 185 6.80 -42.99 -51.00
N ASP C 186 5.88 -42.02 -50.82
CA ASP C 186 5.75 -40.81 -51.63
C ASP C 186 7.00 -39.92 -51.55
N TYR C 187 7.60 -39.76 -50.34
CA TYR C 187 8.90 -39.14 -50.16
C TYR C 187 10.02 -39.88 -50.90
N LEU C 188 10.02 -41.23 -50.81
CA LEU C 188 11.04 -42.05 -51.42
C LEU C 188 11.06 -41.99 -52.92
N MET C 189 9.91 -42.12 -53.61
CA MET C 189 9.88 -41.98 -55.05
C MET C 189 10.24 -40.57 -55.51
N LYS C 190 9.94 -39.53 -54.69
CA LYS C 190 10.47 -38.18 -54.87
C LYS C 190 11.98 -38.05 -54.72
N ILE C 191 12.62 -38.75 -53.76
CA ILE C 191 14.06 -38.67 -53.59
C ILE C 191 14.83 -39.60 -54.54
N LEU C 192 14.18 -40.58 -55.21
CA LEU C 192 14.84 -41.32 -56.29
C LEU C 192 15.04 -40.51 -57.55
N THR C 193 14.20 -39.48 -57.80
CA THR C 193 14.20 -38.69 -59.04
C THR C 193 15.47 -37.91 -59.27
N GLU C 194 16.14 -37.46 -58.19
CA GLU C 194 17.41 -36.74 -58.25
C GLU C 194 18.53 -37.67 -58.74
N ARG C 195 18.33 -39.01 -58.65
CA ARG C 195 19.28 -39.98 -59.14
C ARG C 195 19.01 -40.38 -60.59
N GLY C 196 17.85 -39.96 -61.16
CA GLY C 196 17.44 -40.21 -62.53
C GLY C 196 16.38 -41.28 -62.67
N TYR C 197 16.07 -42.01 -61.59
CA TYR C 197 15.04 -43.04 -61.64
C TYR C 197 13.68 -42.45 -61.35
N SER C 198 12.74 -42.58 -62.29
CA SER C 198 11.48 -41.88 -62.21
C SER C 198 10.38 -42.88 -62.20
N PHE C 199 9.64 -42.94 -61.09
CA PHE C 199 8.58 -43.89 -60.91
C PHE C 199 7.33 -43.07 -60.75
N VAL C 200 6.44 -43.11 -61.74
CA VAL C 200 5.42 -42.10 -61.92
C VAL C 200 4.04 -42.66 -61.67
N THR C 201 3.89 -43.99 -61.55
CA THR C 201 2.58 -44.64 -61.64
C THR C 201 2.41 -45.57 -60.45
N THR C 202 1.17 -45.96 -60.12
CA THR C 202 0.81 -46.78 -58.97
C THR C 202 1.47 -48.15 -58.88
N ALA C 203 1.64 -48.83 -60.04
CA ALA C 203 2.29 -50.10 -60.18
C ALA C 203 3.75 -50.12 -59.68
N GLU C 204 4.61 -49.15 -60.09
CA GLU C 204 5.97 -49.08 -59.60
C GLU C 204 6.11 -48.28 -58.31
N ARG C 205 5.05 -47.59 -57.86
CA ARG C 205 4.93 -47.07 -56.51
C ARG C 205 4.95 -48.18 -55.46
N GLU C 206 4.34 -49.34 -55.78
CA GLU C 206 4.49 -50.53 -55.00
C GLU C 206 5.83 -51.25 -55.15
N ILE C 207 6.53 -51.05 -56.28
CA ILE C 207 7.95 -51.43 -56.39
C ILE C 207 8.87 -50.63 -55.44
N VAL C 208 8.72 -49.30 -55.29
CA VAL C 208 9.46 -48.56 -54.25
C VAL C 208 9.00 -48.87 -52.85
N ARG C 209 7.74 -49.29 -52.65
CA ARG C 209 7.31 -49.84 -51.38
C ARG C 209 8.10 -51.09 -51.01
N ASP C 210 8.27 -52.07 -51.94
CA ASP C 210 9.11 -53.27 -51.79
C ASP C 210 10.59 -52.94 -51.52
N ILE C 211 11.15 -51.92 -52.22
CA ILE C 211 12.53 -51.45 -51.98
C ILE C 211 12.71 -51.01 -50.56
N LYS C 212 11.79 -50.15 -50.10
CA LYS C 212 11.78 -49.56 -48.79
C LYS C 212 11.56 -50.55 -47.66
N GLU C 213 10.75 -51.61 -47.89
CA GLU C 213 10.53 -52.77 -47.03
C GLU C 213 11.79 -53.60 -46.76
N LYS C 214 12.85 -53.52 -47.61
CA LYS C 214 14.12 -54.16 -47.26
C LYS C 214 15.32 -53.26 -47.28
N LEU C 215 15.56 -52.42 -48.32
CA LEU C 215 16.79 -51.69 -48.43
C LEU C 215 16.95 -50.62 -47.38
N CYS C 216 15.89 -49.83 -47.14
CA CYS C 216 15.89 -48.72 -46.21
C CYS C 216 16.27 -49.08 -44.77
N TYR C 217 17.02 -48.21 -44.09
CA TYR C 217 17.31 -48.41 -42.70
C TYR C 217 17.36 -47.04 -42.05
N VAL C 218 17.36 -46.97 -40.71
CA VAL C 218 17.47 -45.72 -39.98
C VAL C 218 18.86 -45.52 -39.43
N ALA C 219 19.47 -44.35 -39.70
CA ALA C 219 20.74 -43.96 -39.17
C ALA C 219 20.80 -43.79 -37.64
N LEU C 220 21.85 -44.31 -36.99
CA LEU C 220 22.09 -44.13 -35.57
C LEU C 220 22.69 -42.79 -35.30
N ASP C 221 23.22 -42.13 -36.35
CA ASP C 221 23.22 -40.70 -36.39
C ASP C 221 23.11 -40.33 -37.87
N PHE C 222 22.18 -39.43 -38.25
CA PHE C 222 21.86 -39.07 -39.61
C PHE C 222 23.03 -38.35 -40.28
N GLU C 223 23.59 -37.30 -39.65
CA GLU C 223 24.66 -36.51 -40.18
C GLU C 223 25.93 -37.29 -40.38
N ASN C 224 26.28 -38.16 -39.41
CA ASN C 224 27.43 -39.04 -39.51
C ASN C 224 27.33 -40.00 -40.69
N GLU C 225 26.16 -40.65 -40.88
CA GLU C 225 25.94 -41.51 -42.03
C GLU C 225 25.87 -40.78 -43.37
N MET C 226 25.28 -39.57 -43.40
CA MET C 226 25.35 -38.68 -44.54
C MET C 226 26.73 -38.15 -44.90
N ALA C 227 27.59 -37.88 -43.90
CA ALA C 227 29.00 -37.59 -44.11
C ALA C 227 29.80 -38.76 -44.72
N THR C 228 29.60 -40.01 -44.21
CA THR C 228 30.29 -41.19 -44.75
C THR C 228 29.72 -41.63 -46.10
N ALA C 229 28.55 -41.11 -46.54
CA ALA C 229 28.09 -41.21 -47.92
C ALA C 229 28.99 -40.53 -48.97
N ALA C 230 29.98 -39.69 -48.57
CA ALA C 230 31.00 -39.21 -49.48
C ALA C 230 31.89 -40.34 -50.06
N SER C 231 32.30 -41.31 -49.22
CA SER C 231 33.03 -42.48 -49.65
C SER C 231 32.06 -43.64 -49.80
N SER C 232 31.37 -43.72 -50.96
CA SER C 232 30.34 -44.74 -51.14
C SER C 232 30.91 -46.13 -51.32
N SER C 233 30.54 -47.02 -50.39
CA SER C 233 30.96 -48.41 -50.42
C SER C 233 29.79 -49.28 -49.98
N SER C 234 29.48 -49.33 -48.67
CA SER C 234 28.41 -50.19 -48.15
C SER C 234 27.02 -49.58 -48.21
N LEU C 235 26.95 -48.25 -48.41
CA LEU C 235 25.71 -47.51 -48.36
C LEU C 235 24.95 -47.61 -49.66
N GLU C 236 25.65 -47.91 -50.77
CA GLU C 236 25.04 -48.25 -52.02
C GLU C 236 24.58 -49.69 -51.98
N LYS C 237 23.39 -49.96 -52.53
CA LYS C 237 22.96 -51.32 -52.78
C LYS C 237 22.34 -51.32 -54.12
N SER C 238 22.74 -52.31 -54.92
CA SER C 238 22.09 -52.76 -56.14
C SER C 238 20.74 -53.38 -55.80
N TYR C 239 19.69 -52.96 -56.51
CA TYR C 239 18.35 -53.50 -56.46
C TYR C 239 17.95 -53.87 -57.86
N GLU C 240 17.29 -55.03 -58.03
CA GLU C 240 16.79 -55.55 -59.28
C GLU C 240 15.32 -55.19 -59.41
N LEU C 241 14.90 -54.51 -60.48
CA LEU C 241 13.49 -54.29 -60.79
C LEU C 241 12.89 -55.51 -61.48
N PRO C 242 11.58 -55.75 -61.46
CA PRO C 242 10.96 -56.80 -62.27
C PRO C 242 11.12 -56.60 -63.78
N ASP C 243 11.39 -55.38 -64.26
CA ASP C 243 11.76 -55.05 -65.63
C ASP C 243 13.11 -55.72 -66.01
N GLY C 244 14.05 -55.87 -65.05
CA GLY C 244 15.43 -56.31 -65.30
C GLY C 244 16.38 -55.14 -65.29
N GLN C 245 15.83 -53.93 -65.08
CA GLN C 245 16.61 -52.76 -64.75
C GLN C 245 17.19 -52.78 -63.34
N VAL C 246 18.40 -52.25 -63.17
CA VAL C 246 19.11 -52.28 -61.93
C VAL C 246 19.14 -50.86 -61.41
N ILE C 247 18.90 -50.70 -60.10
CA ILE C 247 18.84 -49.45 -59.37
C ILE C 247 19.93 -49.51 -58.34
N THR C 248 20.65 -48.41 -58.14
CA THR C 248 21.77 -48.33 -57.21
C THR C 248 21.53 -47.17 -56.30
N ILE C 249 21.22 -47.39 -55.01
CA ILE C 249 20.77 -46.35 -54.08
C ILE C 249 21.71 -46.17 -52.92
N GLY C 250 22.26 -44.94 -52.74
CA GLY C 250 23.28 -44.64 -51.73
C GLY C 250 22.70 -44.03 -50.48
N ASN C 251 22.97 -42.74 -50.23
CA ASN C 251 22.52 -42.02 -49.04
C ASN C 251 21.02 -41.79 -48.96
N GLU C 252 20.39 -41.77 -50.13
CA GLU C 252 18.99 -41.73 -50.43
C GLU C 252 18.22 -42.81 -49.71
N ARG C 253 18.82 -44.01 -49.55
CA ARG C 253 18.30 -45.10 -48.78
C ARG C 253 17.94 -44.77 -47.32
N PHE C 254 18.87 -44.21 -46.50
CA PHE C 254 18.60 -44.07 -45.07
C PHE C 254 17.94 -42.76 -44.72
N ARG C 255 17.99 -41.75 -45.61
CA ARG C 255 17.28 -40.52 -45.36
C ARG C 255 15.79 -40.59 -45.65
N CYS C 256 15.29 -41.66 -46.31
CA CYS C 256 13.86 -41.89 -46.34
C CYS C 256 13.27 -42.22 -44.96
N PRO C 257 13.71 -43.16 -44.11
CA PRO C 257 13.13 -43.31 -42.78
C PRO C 257 13.44 -42.16 -41.84
N GLU C 258 14.48 -41.34 -42.12
CA GLU C 258 14.87 -40.16 -41.35
C GLU C 258 13.73 -39.16 -41.24
N THR C 259 12.85 -39.09 -42.27
CA THR C 259 11.62 -38.29 -42.30
C THR C 259 10.72 -38.46 -41.06
N LEU C 260 10.67 -39.67 -40.43
CA LEU C 260 9.95 -39.88 -39.18
C LEU C 260 10.43 -39.02 -38.03
N PHE C 261 11.73 -38.70 -38.02
CA PHE C 261 12.42 -37.95 -36.99
C PHE C 261 12.67 -36.51 -37.43
N GLN C 262 12.41 -36.19 -38.73
CA GLN C 262 12.56 -34.87 -39.31
C GLN C 262 11.42 -34.60 -40.31
N PRO C 263 10.18 -34.34 -39.91
CA PRO C 263 9.07 -34.06 -40.85
C PRO C 263 9.21 -32.73 -41.53
N SER C 264 10.23 -31.92 -41.28
CA SER C 264 10.61 -30.80 -42.11
C SER C 264 11.02 -31.20 -43.53
N PHE C 265 11.52 -32.46 -43.73
CA PHE C 265 11.82 -33.05 -45.04
C PHE C 265 10.59 -33.29 -45.89
N ILE C 266 9.47 -33.73 -45.26
CA ILE C 266 8.20 -33.85 -45.93
C ILE C 266 7.50 -32.49 -46.08
N GLY C 267 7.87 -31.49 -45.23
CA GLY C 267 7.34 -30.12 -45.25
C GLY C 267 6.25 -29.89 -44.24
N MET C 268 6.02 -30.85 -43.34
CA MET C 268 5.07 -30.72 -42.27
C MET C 268 5.75 -30.23 -41.01
N GLU C 269 5.10 -29.33 -40.26
CA GLU C 269 5.61 -28.84 -38.99
C GLU C 269 5.55 -29.85 -37.88
N SER C 270 4.52 -30.71 -37.92
CA SER C 270 4.22 -31.76 -36.96
C SER C 270 5.43 -32.50 -36.50
N ALA C 271 5.69 -32.55 -35.19
CA ALA C 271 6.95 -33.00 -34.65
C ALA C 271 7.32 -34.44 -35.00
N GLY C 272 8.64 -34.75 -35.03
CA GLY C 272 9.11 -36.12 -35.20
C GLY C 272 8.53 -37.08 -34.19
N ILE C 273 8.59 -38.39 -34.49
CA ILE C 273 7.94 -39.41 -33.71
C ILE C 273 8.43 -39.55 -32.25
N HIS C 274 9.69 -39.21 -31.95
CA HIS C 274 10.24 -39.19 -30.62
C HIS C 274 9.71 -38.01 -29.80
N GLU C 275 9.61 -36.78 -30.38
CA GLU C 275 8.94 -35.66 -29.73
C GLU C 275 7.44 -35.88 -29.55
N THR C 276 6.73 -36.56 -30.48
CA THR C 276 5.33 -36.94 -30.27
C THR C 276 5.16 -37.86 -29.09
N THR C 277 6.07 -38.85 -28.89
CA THR C 277 6.12 -39.70 -27.70
C THR C 277 6.36 -38.90 -26.42
N TYR C 278 7.26 -37.89 -26.43
CA TYR C 278 7.41 -36.94 -25.33
C TYR C 278 6.14 -36.15 -25.08
N ASN C 279 5.47 -35.66 -26.14
CA ASN C 279 4.21 -34.94 -26.08
C ASN C 279 3.09 -35.76 -25.42
N SER C 280 2.98 -37.07 -25.75
CA SER C 280 2.09 -37.99 -25.07
C SER C 280 2.45 -38.24 -23.60
N ILE C 281 3.72 -38.55 -23.27
CA ILE C 281 4.21 -38.78 -21.91
C ILE C 281 4.11 -37.56 -21.00
N MET C 282 4.40 -36.35 -21.51
CA MET C 282 4.21 -35.09 -20.83
C MET C 282 2.78 -34.76 -20.50
N LYS C 283 1.82 -35.19 -21.33
CA LYS C 283 0.42 -35.01 -21.01
C LYS C 283 -0.08 -35.95 -19.93
N CYS C 284 0.68 -37.03 -19.62
CA CYS C 284 0.34 -37.97 -18.57
C CYS C 284 0.70 -37.43 -17.20
N ASP C 285 0.07 -38.00 -16.16
CA ASP C 285 0.36 -37.69 -14.77
C ASP C 285 1.82 -37.97 -14.40
N ILE C 286 2.39 -37.15 -13.49
CA ILE C 286 3.80 -37.20 -13.11
C ILE C 286 4.24 -38.58 -12.62
N ASP C 287 3.42 -39.24 -11.79
CA ASP C 287 3.68 -40.49 -11.11
C ASP C 287 4.01 -41.64 -12.06
N ILE C 288 3.19 -41.81 -13.12
CA ILE C 288 3.32 -42.99 -13.96
C ILE C 288 4.45 -42.89 -14.95
N ARG C 289 4.95 -41.67 -15.25
CA ARG C 289 5.88 -41.47 -16.36
C ARG C 289 7.12 -42.36 -16.35
N LYS C 290 7.60 -42.73 -15.14
CA LYS C 290 8.76 -43.60 -14.94
C LYS C 290 8.72 -44.91 -15.71
N ASP C 291 7.55 -45.60 -15.75
CA ASP C 291 7.44 -46.87 -16.42
C ASP C 291 7.11 -46.66 -17.90
N LEU C 292 6.41 -45.59 -18.28
CA LEU C 292 6.15 -45.25 -19.68
C LEU C 292 7.39 -44.95 -20.49
N TYR C 293 8.35 -44.26 -19.88
CA TYR C 293 9.70 -44.15 -20.39
C TYR C 293 10.37 -45.51 -20.58
N ALA C 294 10.23 -46.44 -19.62
CA ALA C 294 10.89 -47.73 -19.65
C ALA C 294 10.10 -48.86 -20.37
N ASN C 295 8.88 -48.60 -20.89
CA ASN C 295 7.99 -49.64 -21.42
C ASN C 295 7.38 -49.15 -22.72
N ASN C 296 8.11 -48.34 -23.52
CA ASN C 296 7.71 -48.00 -24.88
C ASN C 296 7.64 -49.23 -25.79
N VAL C 297 6.47 -49.47 -26.40
CA VAL C 297 6.21 -50.60 -27.28
C VAL C 297 6.07 -50.05 -28.68
N MET C 298 6.86 -50.54 -29.63
CA MET C 298 6.66 -50.26 -31.04
C MET C 298 5.78 -51.30 -31.67
N SER C 299 4.82 -50.88 -32.52
CA SER C 299 3.97 -51.77 -33.26
C SER C 299 3.85 -51.27 -34.68
N GLY C 300 3.28 -52.13 -35.54
CA GLY C 300 2.90 -51.77 -36.90
C GLY C 300 3.94 -52.08 -37.93
N GLY C 301 3.60 -51.86 -39.20
CA GLY C 301 4.52 -52.21 -40.28
C GLY C 301 5.65 -51.26 -40.52
N THR C 302 5.52 -49.95 -40.20
CA THR C 302 6.57 -48.97 -40.52
C THR C 302 7.46 -48.71 -39.29
N THR C 303 7.38 -49.57 -38.25
CA THR C 303 8.42 -49.71 -37.22
C THR C 303 9.32 -50.88 -37.54
N MET C 304 9.18 -51.53 -38.71
CA MET C 304 10.05 -52.64 -39.04
C MET C 304 11.46 -52.30 -39.46
N TYR C 305 11.76 -51.04 -39.90
CA TYR C 305 13.08 -50.68 -40.42
C TYR C 305 14.21 -50.99 -39.42
N PRO C 306 15.32 -51.59 -39.82
CA PRO C 306 16.48 -51.78 -38.95
C PRO C 306 17.01 -50.49 -38.32
N GLY C 307 17.24 -50.48 -37.00
CA GLY C 307 17.83 -49.36 -36.28
C GLY C 307 16.86 -48.31 -35.78
N ILE C 308 15.51 -48.45 -36.01
CA ILE C 308 14.53 -47.50 -35.45
C ILE C 308 14.56 -47.46 -33.93
N ALA C 309 14.60 -48.65 -33.27
CA ALA C 309 14.60 -48.79 -31.83
C ALA C 309 15.77 -48.10 -31.15
N ASP C 310 16.98 -48.25 -31.70
CA ASP C 310 18.19 -47.61 -31.26
C ASP C 310 18.15 -46.09 -31.42
N ARG C 311 17.65 -45.58 -32.57
CA ARG C 311 17.49 -44.16 -32.79
C ARG C 311 16.48 -43.51 -31.83
N MET C 312 15.30 -44.13 -31.62
CA MET C 312 14.33 -43.69 -30.64
C MET C 312 14.87 -43.69 -29.22
N GLN C 313 15.66 -44.74 -28.86
CA GLN C 313 16.31 -44.81 -27.57
C GLN C 313 17.30 -43.70 -27.35
N LYS C 314 18.18 -43.41 -28.32
CA LYS C 314 19.13 -42.33 -28.20
C LYS C 314 18.48 -40.95 -28.08
N GLU C 315 17.40 -40.67 -28.89
CA GLU C 315 16.71 -39.39 -28.86
C GLU C 315 15.86 -39.18 -27.64
N ILE C 316 15.07 -40.18 -27.22
CA ILE C 316 14.27 -40.08 -26.01
C ILE C 316 15.14 -39.98 -24.76
N THR C 317 16.23 -40.78 -24.67
CA THR C 317 17.24 -40.65 -23.60
C THR C 317 17.92 -39.29 -23.58
N ALA C 318 18.26 -38.71 -24.76
CA ALA C 318 18.82 -37.38 -24.86
C ALA C 318 17.90 -36.25 -24.39
N LEU C 319 16.59 -36.32 -24.73
CA LEU C 319 15.59 -35.35 -24.31
C LEU C 319 15.14 -35.50 -22.86
N ALA C 320 14.96 -36.74 -22.38
CA ALA C 320 14.39 -37.03 -21.09
C ALA C 320 15.38 -36.80 -19.94
N PRO C 321 14.95 -36.77 -18.69
CA PRO C 321 15.84 -37.00 -17.56
C PRO C 321 16.65 -38.29 -17.65
N SER C 322 17.99 -38.24 -17.58
CA SER C 322 18.87 -39.41 -17.56
C SER C 322 18.93 -40.03 -16.15
N THR C 323 18.09 -39.49 -15.24
CA THR C 323 17.77 -39.97 -13.90
C THR C 323 17.14 -41.35 -13.94
N MET C 324 16.35 -41.64 -14.99
CA MET C 324 15.70 -42.91 -15.17
C MET C 324 16.07 -43.54 -16.49
N LYS C 325 16.09 -44.88 -16.52
CA LYS C 325 16.51 -45.59 -17.70
C LYS C 325 15.38 -45.87 -18.67
N ILE C 326 15.65 -45.54 -19.95
CA ILE C 326 14.66 -45.59 -21.00
C ILE C 326 14.84 -46.89 -21.75
N LYS C 327 14.10 -47.93 -21.37
CA LYS C 327 14.04 -49.14 -22.14
C LYS C 327 12.95 -49.03 -23.19
N ILE C 328 13.25 -49.44 -24.43
CA ILE C 328 12.28 -49.54 -25.49
C ILE C 328 12.18 -51.01 -25.75
N ILE C 329 10.96 -51.54 -25.78
CA ILE C 329 10.70 -52.91 -26.08
C ILE C 329 10.03 -52.97 -27.43
N ALA C 330 10.80 -53.34 -28.46
CA ALA C 330 10.31 -53.45 -29.80
C ALA C 330 10.53 -54.88 -30.25
N PRO C 331 9.54 -55.78 -30.24
CA PRO C 331 9.78 -57.17 -30.56
C PRO C 331 10.02 -57.30 -32.07
N PRO C 332 10.84 -58.18 -32.65
CA PRO C 332 10.51 -58.75 -33.95
C PRO C 332 9.14 -59.44 -33.89
N GLU C 333 8.43 -59.55 -35.03
CA GLU C 333 7.03 -59.97 -35.09
C GLU C 333 6.08 -58.78 -34.83
N ARG C 334 6.66 -57.58 -34.55
CA ARG C 334 5.91 -56.36 -34.22
C ARG C 334 4.93 -55.89 -35.29
N LYS C 335 5.15 -56.33 -36.56
CA LYS C 335 4.27 -56.10 -37.67
C LYS C 335 2.87 -56.67 -37.43
N TYR C 336 2.80 -57.89 -36.83
CA TYR C 336 1.55 -58.60 -36.72
C TYR C 336 0.97 -58.41 -35.34
N SER C 337 1.57 -57.55 -34.48
CA SER C 337 1.19 -57.39 -33.07
C SER C 337 -0.24 -57.01 -32.81
N VAL C 338 -0.83 -56.14 -33.66
CA VAL C 338 -2.25 -55.81 -33.61
C VAL C 338 -3.16 -57.01 -33.85
N TRP C 339 -2.88 -57.85 -34.87
CA TRP C 339 -3.66 -59.05 -35.14
C TRP C 339 -3.56 -60.07 -34.01
N ILE C 340 -2.34 -60.29 -33.47
CA ILE C 340 -2.11 -61.17 -32.32
C ILE C 340 -2.85 -60.66 -31.10
N GLY C 341 -2.87 -59.34 -30.88
CA GLY C 341 -3.67 -58.74 -29.83
C GLY C 341 -5.15 -58.90 -29.97
N GLY C 342 -5.63 -58.97 -31.22
CA GLY C 342 -7.00 -59.31 -31.53
C GLY C 342 -7.32 -60.77 -31.36
N SER C 343 -6.36 -61.68 -31.65
CA SER C 343 -6.47 -63.12 -31.42
C SER C 343 -6.63 -63.44 -29.96
N ILE C 344 -5.75 -62.86 -29.10
CA ILE C 344 -5.81 -63.03 -27.66
C ILE C 344 -7.09 -62.47 -27.06
N LEU C 345 -7.56 -61.27 -27.51
CA LEU C 345 -8.78 -60.68 -27.01
C LEU C 345 -10.05 -61.47 -27.23
N ALA C 346 -10.24 -62.00 -28.45
CA ALA C 346 -11.41 -62.80 -28.76
C ALA C 346 -11.34 -64.20 -28.15
N SER C 347 -10.13 -64.71 -27.83
CA SER C 347 -9.93 -65.91 -27.03
C SER C 347 -10.21 -65.75 -25.55
N LEU C 348 -10.18 -64.51 -25.01
CA LEU C 348 -10.56 -64.23 -23.63
C LEU C 348 -12.02 -64.51 -23.30
N SER C 349 -12.28 -65.32 -22.25
CA SER C 349 -13.61 -65.76 -21.88
C SER C 349 -14.57 -64.64 -21.48
N THR C 350 -14.09 -63.68 -20.66
CA THR C 350 -14.86 -62.49 -20.25
C THR C 350 -15.27 -61.60 -21.40
N PHE C 351 -14.38 -61.44 -22.40
CA PHE C 351 -14.59 -60.65 -23.59
C PHE C 351 -15.81 -61.14 -24.40
N GLN C 352 -16.11 -62.47 -24.32
CA GLN C 352 -17.29 -63.04 -24.93
C GLN C 352 -18.65 -62.53 -24.46
N GLN C 353 -18.71 -61.67 -23.42
CA GLN C 353 -19.92 -60.95 -23.05
C GLN C 353 -19.90 -59.49 -23.51
N MET C 354 -18.75 -58.95 -23.95
CA MET C 354 -18.60 -57.54 -24.28
C MET C 354 -18.74 -57.32 -25.78
N TRP C 355 -19.01 -58.39 -26.55
CA TRP C 355 -19.31 -58.28 -27.96
C TRP C 355 -20.51 -57.39 -28.22
N ILE C 356 -20.48 -56.63 -29.32
CA ILE C 356 -21.69 -55.98 -29.79
C ILE C 356 -22.52 -57.06 -30.44
N THR C 357 -23.67 -57.43 -29.88
CA THR C 357 -24.49 -58.48 -30.48
C THR C 357 -25.21 -57.93 -31.69
N LYS C 358 -25.58 -58.81 -32.63
CA LYS C 358 -26.47 -58.46 -33.72
C LYS C 358 -27.81 -57.96 -33.24
N GLN C 359 -28.37 -58.62 -32.20
CA GLN C 359 -29.63 -58.23 -31.59
C GLN C 359 -29.62 -56.80 -31.05
N GLU C 360 -28.57 -56.44 -30.26
CA GLU C 360 -28.40 -55.12 -29.66
C GLU C 360 -28.26 -54.01 -30.70
N TYR C 361 -27.55 -54.28 -31.82
CA TYR C 361 -27.55 -53.44 -33.00
C TYR C 361 -28.93 -53.29 -33.64
N ASP C 362 -29.70 -54.39 -33.84
CA ASP C 362 -30.99 -54.36 -34.50
C ASP C 362 -31.99 -53.47 -33.71
N GLU C 363 -32.03 -53.57 -32.35
CA GLU C 363 -32.78 -52.66 -31.49
C GLU C 363 -32.27 -51.22 -31.45
N ALA C 364 -30.97 -51.00 -31.24
CA ALA C 364 -30.50 -49.70 -30.82
C ALA C 364 -29.71 -48.96 -31.89
N GLY C 365 -29.51 -49.56 -33.09
CA GLY C 365 -28.91 -48.94 -34.26
C GLY C 365 -27.40 -48.86 -34.32
N PRO C 366 -26.84 -48.30 -35.40
CA PRO C 366 -25.40 -48.27 -35.62
C PRO C 366 -24.67 -47.33 -34.69
N SER C 367 -25.36 -46.40 -34.01
CA SER C 367 -24.72 -45.37 -33.21
C SER C 367 -24.13 -45.89 -31.90
N ILE C 368 -24.56 -47.11 -31.49
CA ILE C 368 -24.18 -47.77 -30.25
C ILE C 368 -22.74 -48.18 -30.14
N VAL C 369 -21.94 -48.08 -31.23
CA VAL C 369 -20.53 -48.41 -31.21
C VAL C 369 -19.80 -47.68 -30.09
N HIS C 370 -19.90 -46.33 -30.12
CA HIS C 370 -19.24 -45.44 -29.18
C HIS C 370 -19.75 -45.56 -27.75
N ARG C 371 -21.05 -45.85 -27.61
CA ARG C 371 -21.72 -46.08 -26.34
C ARG C 371 -21.22 -47.30 -25.55
N LYS C 372 -20.95 -48.43 -26.24
CA LYS C 372 -20.50 -49.63 -25.59
C LYS C 372 -18.98 -49.74 -25.52
N CYS C 373 -18.29 -49.50 -26.66
CA CYS C 373 -16.87 -49.71 -26.81
C CYS C 373 -16.12 -48.39 -26.83
N PHE C 374 -14.81 -48.46 -26.55
CA PHE C 374 -13.88 -47.38 -26.70
C PHE C 374 -13.45 -47.17 -28.21
N GLU D 1 5.58 -50.16 79.52
CA GLU D 1 6.31 -48.90 79.85
C GLU D 1 5.62 -48.15 80.97
N ASP D 2 6.33 -47.22 81.64
CA ASP D 2 5.80 -46.42 82.71
C ASP D 2 5.17 -45.18 82.11
N GLU D 3 4.07 -44.72 82.71
CA GLU D 3 3.32 -43.51 82.35
C GLU D 3 2.61 -43.51 81.01
N THR D 4 2.98 -44.44 80.09
CA THR D 4 2.35 -44.75 78.79
C THR D 4 2.60 -43.70 77.71
N THR D 5 3.46 -42.69 77.98
CA THR D 5 3.48 -41.36 77.33
C THR D 5 2.11 -40.70 77.35
N ALA D 6 1.84 -39.72 76.48
CA ALA D 6 0.49 -39.27 76.24
C ALA D 6 0.57 -38.57 74.91
N LEU D 7 -0.58 -38.30 74.27
CA LEU D 7 -0.64 -37.61 73.00
C LEU D 7 -1.32 -36.28 73.15
N VAL D 8 -0.85 -35.30 72.37
CA VAL D 8 -1.34 -33.95 72.45
C VAL D 8 -1.60 -33.49 71.05
N CYS D 9 -2.79 -32.91 70.80
CA CYS D 9 -3.15 -32.29 69.55
C CYS D 9 -3.76 -30.91 69.78
N ASP D 10 -3.19 -29.88 69.13
CA ASP D 10 -3.79 -28.58 68.97
C ASP D 10 -4.46 -28.55 67.60
N ASN D 11 -5.80 -28.36 67.61
CA ASN D 11 -6.63 -27.97 66.49
C ASN D 11 -7.42 -26.72 66.82
N GLY D 12 -6.76 -25.56 66.90
CA GLY D 12 -7.35 -24.38 66.25
C GLY D 12 -7.45 -24.56 64.73
N SER D 13 -8.22 -23.74 63.98
CA SER D 13 -8.21 -23.79 62.51
C SER D 13 -6.85 -23.62 61.87
N GLY D 14 -6.64 -24.22 60.69
CA GLY D 14 -5.46 -23.94 59.89
C GLY D 14 -4.35 -24.94 60.04
N LEU D 15 -3.95 -25.33 61.27
CA LEU D 15 -2.84 -26.24 61.51
C LEU D 15 -3.19 -27.24 62.59
N VAL D 16 -2.88 -28.52 62.33
CA VAL D 16 -2.82 -29.53 63.35
C VAL D 16 -1.43 -29.45 63.89
N LYS D 17 -1.26 -29.27 65.20
CA LYS D 17 0.02 -29.45 65.84
C LYS D 17 -0.11 -30.65 66.75
N ALA D 18 0.67 -31.71 66.51
CA ALA D 18 0.54 -32.94 67.22
C ALA D 18 1.85 -33.63 67.51
N GLY D 19 1.90 -34.40 68.60
CA GLY D 19 3.10 -35.09 68.97
C GLY D 19 2.88 -35.76 70.28
N PHE D 20 3.96 -36.27 70.87
CA PHE D 20 3.96 -36.85 72.19
C PHE D 20 4.01 -35.77 73.24
N ALA D 21 3.20 -35.93 74.30
CA ALA D 21 3.40 -35.27 75.57
C ALA D 21 4.71 -35.69 76.20
N GLY D 22 5.43 -34.75 76.83
CA GLY D 22 6.76 -35.04 77.39
C GLY D 22 7.91 -34.66 76.52
N ASP D 23 7.65 -34.01 75.38
CA ASP D 23 8.65 -33.48 74.48
C ASP D 23 8.43 -31.97 74.35
N ASP D 24 9.49 -31.20 74.03
CA ASP D 24 9.51 -29.75 73.91
C ASP D 24 8.91 -29.27 72.59
N ALA D 25 8.91 -30.12 71.53
CA ALA D 25 8.31 -29.75 70.26
C ALA D 25 7.45 -30.87 69.66
N PRO D 26 6.37 -30.53 68.92
CA PRO D 26 5.53 -31.51 68.26
C PRO D 26 6.30 -32.18 67.14
N ARG D 27 6.07 -33.49 66.90
CA ARG D 27 6.63 -34.18 65.77
C ARG D 27 6.01 -33.74 64.45
N ALA D 28 4.68 -33.56 64.42
CA ALA D 28 3.94 -33.32 63.20
C ALA D 28 3.19 -32.03 63.31
N VAL D 29 3.43 -31.14 62.35
CA VAL D 29 2.67 -29.93 62.20
C VAL D 29 2.31 -29.85 60.74
N PHE D 30 1.02 -29.75 60.40
CA PHE D 30 0.63 -29.71 59.01
C PHE D 30 -0.67 -28.93 58.87
N PRO D 31 -1.03 -28.42 57.70
CA PRO D 31 -2.28 -27.70 57.50
C PRO D 31 -3.51 -28.55 57.58
N SER D 32 -4.51 -28.10 58.34
CA SER D 32 -5.79 -28.76 58.52
C SER D 32 -6.71 -28.58 57.34
N ILE D 33 -6.44 -29.29 56.23
CA ILE D 33 -7.16 -29.09 55.00
C ILE D 33 -7.50 -30.42 54.43
N VAL D 34 -8.70 -30.50 53.86
CA VAL D 34 -9.21 -31.64 53.16
C VAL D 34 -9.41 -31.12 51.78
N GLY D 35 -8.60 -31.60 50.83
CA GLY D 35 -8.68 -31.16 49.46
C GLY D 35 -9.17 -32.22 48.53
N ARG D 36 -10.25 -31.91 47.79
CA ARG D 36 -10.96 -32.89 47.01
C ARG D 36 -10.68 -32.68 45.54
N PRO D 37 -10.36 -33.69 44.71
CA PRO D 37 -10.36 -33.58 43.26
C PRO D 37 -11.67 -33.07 42.68
N ARG D 38 -11.73 -31.76 42.37
CA ARG D 38 -12.83 -31.09 41.73
C ARG D 38 -12.92 -31.48 40.24
N HIS D 39 -11.76 -31.59 39.55
CA HIS D 39 -11.71 -31.94 38.14
C HIS D 39 -11.71 -33.43 38.02
N GLN D 40 -12.62 -34.00 37.19
CA GLN D 40 -12.60 -35.42 36.90
C GLN D 40 -11.33 -35.84 36.16
N GLY D 41 -10.65 -36.85 36.69
CA GLY D 41 -9.38 -37.31 36.14
C GLY D 41 -9.59 -38.28 35.02
N VAL D 42 -8.76 -38.22 33.97
CA VAL D 42 -8.85 -39.13 32.84
C VAL D 42 -7.48 -39.68 32.55
N MET D 43 -7.20 -40.85 33.15
CA MET D 43 -6.05 -41.68 32.91
C MET D 43 -6.56 -43.01 33.41
N VAL D 44 -5.68 -44.03 33.54
CA VAL D 44 -5.99 -45.27 34.23
C VAL D 44 -4.83 -45.47 35.16
N GLY D 45 -5.04 -46.02 36.39
CA GLY D 45 -3.97 -46.20 37.37
C GLY D 45 -3.59 -44.95 38.11
N MET D 46 -4.57 -44.03 38.26
CA MET D 46 -4.48 -42.94 39.20
C MET D 46 -5.17 -43.40 40.46
N GLY D 47 -4.59 -42.99 41.61
CA GLY D 47 -5.24 -42.93 42.90
C GLY D 47 -6.17 -44.08 43.30
N GLN D 48 -7.51 -43.94 43.20
CA GLN D 48 -8.24 -42.73 42.87
C GLN D 48 -8.08 -41.69 43.95
N LYS D 49 -8.25 -42.13 45.22
CA LYS D 49 -8.16 -41.31 46.42
C LYS D 49 -9.21 -40.20 46.43
N ASP D 50 -10.36 -40.39 47.14
CA ASP D 50 -11.49 -39.47 47.21
C ASP D 50 -11.08 -38.05 47.64
N SER D 51 -10.06 -37.96 48.50
CA SER D 51 -9.61 -36.69 49.02
C SER D 51 -8.23 -36.86 49.57
N TYR D 52 -7.50 -35.75 49.69
CA TYR D 52 -6.15 -35.64 50.21
C TYR D 52 -6.19 -34.79 51.45
N VAL D 53 -5.36 -35.10 52.45
CA VAL D 53 -5.37 -34.48 53.76
C VAL D 53 -3.96 -34.05 54.08
N GLY D 54 -3.80 -32.92 54.80
CA GLY D 54 -2.50 -32.48 55.26
C GLY D 54 -1.69 -31.77 54.22
N ASP D 55 -0.36 -31.73 54.33
CA ASP D 55 0.53 -31.11 53.37
C ASP D 55 0.64 -31.85 52.03
N GLU D 56 0.09 -33.09 51.90
CA GLU D 56 -0.22 -33.74 50.63
C GLU D 56 -1.11 -32.87 49.72
N ALA D 57 -2.16 -32.24 50.30
CA ALA D 57 -3.04 -31.28 49.66
C ALA D 57 -2.32 -29.99 49.24
N GLN D 58 -1.35 -29.51 50.04
CA GLN D 58 -0.48 -28.39 49.68
C GLN D 58 0.36 -28.67 48.47
N SER D 59 0.95 -29.89 48.37
CA SER D 59 1.73 -30.34 47.21
C SER D 59 0.89 -30.44 45.95
N LYS D 60 -0.30 -31.09 46.04
CA LYS D 60 -1.20 -31.23 44.92
C LYS D 60 -2.32 -30.22 45.02
N ARG D 61 -2.01 -28.92 44.93
CA ARG D 61 -2.97 -27.90 45.24
C ARG D 61 -3.94 -27.54 44.13
N GLY D 62 -3.43 -27.50 42.88
CA GLY D 62 -4.13 -26.91 41.73
C GLY D 62 -5.34 -27.64 41.25
N ILE D 63 -5.33 -28.97 41.40
CA ILE D 63 -6.44 -29.88 41.09
C ILE D 63 -7.57 -29.71 42.09
N LEU D 64 -7.19 -29.61 43.37
CA LEU D 64 -8.04 -29.72 44.51
C LEU D 64 -8.82 -28.45 44.74
N THR D 65 -10.04 -28.60 45.26
CA THR D 65 -10.64 -27.55 46.02
C THR D 65 -10.34 -27.90 47.45
N LEU D 66 -9.92 -26.92 48.27
CA LEU D 66 -9.53 -27.13 49.64
C LEU D 66 -10.63 -26.63 50.53
N LYS D 67 -10.97 -27.43 51.55
CA LYS D 67 -11.95 -27.06 52.51
C LYS D 67 -11.27 -27.12 53.86
N TYR D 68 -11.20 -25.97 54.56
CA TYR D 68 -10.89 -25.93 55.97
C TYR D 68 -12.08 -26.51 56.73
N PRO D 69 -11.95 -27.51 57.61
CA PRO D 69 -13.10 -28.12 58.25
C PRO D 69 -13.43 -27.37 59.50
N ILE D 70 -12.52 -26.53 60.01
CA ILE D 70 -12.75 -25.74 61.21
C ILE D 70 -12.83 -24.29 60.79
N GLU D 71 -13.92 -23.61 61.12
CA GLU D 71 -14.05 -22.18 60.93
C GLU D 71 -14.45 -21.55 62.23
N HIS D 72 -13.70 -20.52 62.66
CA HIS D 72 -13.94 -19.74 63.86
C HIS D 72 -13.89 -20.53 65.15
N GLY D 73 -13.04 -21.58 65.19
CA GLY D 73 -12.95 -22.56 66.27
C GLY D 73 -14.05 -23.60 66.21
N ILE D 74 -14.96 -23.53 65.22
CA ILE D 74 -16.11 -24.41 65.08
C ILE D 74 -15.80 -25.42 64.01
N ILE D 75 -15.96 -26.73 64.28
CA ILE D 75 -15.89 -27.69 63.21
C ILE D 75 -17.14 -27.63 62.37
N THR D 76 -17.00 -27.25 61.09
CA THR D 76 -18.07 -27.20 60.10
C THR D 76 -18.45 -28.58 59.64
N ASN D 77 -17.43 -29.42 59.38
CA ASN D 77 -17.59 -30.75 58.86
C ASN D 77 -16.82 -31.79 59.67
N TRP D 78 -17.55 -32.75 60.28
CA TRP D 78 -17.03 -33.72 61.22
C TRP D 78 -16.22 -34.85 60.62
N ASP D 79 -16.66 -35.38 59.45
CA ASP D 79 -15.97 -36.44 58.72
C ASP D 79 -14.60 -35.94 58.28
N ASP D 80 -14.51 -34.73 57.76
CA ASP D 80 -13.28 -34.04 57.40
C ASP D 80 -12.32 -33.87 58.62
N MET D 81 -12.81 -33.51 59.83
CA MET D 81 -12.01 -33.53 61.06
C MET D 81 -11.52 -34.90 61.48
N GLU D 82 -12.39 -35.92 61.39
CA GLU D 82 -12.02 -37.31 61.65
C GLU D 82 -10.92 -37.77 60.72
N LYS D 83 -11.02 -37.46 59.41
CA LYS D 83 -9.98 -37.71 58.42
C LYS D 83 -8.65 -37.05 58.74
N ILE D 84 -8.68 -35.79 59.21
CA ILE D 84 -7.47 -35.10 59.69
C ILE D 84 -6.82 -35.78 60.87
N TRP D 85 -7.59 -36.15 61.90
CA TRP D 85 -7.07 -36.93 63.00
C TRP D 85 -6.63 -38.33 62.60
N HIS D 86 -7.33 -39.00 61.66
CA HIS D 86 -6.86 -40.26 61.12
C HIS D 86 -5.49 -40.18 60.47
N HIS D 87 -5.27 -39.09 59.67
CA HIS D 87 -3.99 -38.71 59.11
C HIS D 87 -2.93 -38.45 60.20
N THR D 88 -3.21 -37.69 61.31
CA THR D 88 -2.21 -37.45 62.39
C THR D 88 -1.66 -38.72 63.01
N PHE D 89 -2.58 -39.62 63.38
CA PHE D 89 -2.25 -40.81 64.13
C PHE D 89 -1.58 -41.86 63.28
N TYR D 90 -2.15 -42.16 62.09
CA TYR D 90 -1.62 -43.23 61.28
C TYR D 90 -0.54 -42.77 60.31
N ASN D 91 -0.72 -41.63 59.62
CA ASN D 91 0.26 -41.17 58.62
C ASN D 91 1.53 -40.63 59.27
N GLU D 92 1.44 -39.77 60.31
CA GLU D 92 2.63 -39.19 60.92
C GLU D 92 3.10 -39.95 62.14
N LEU D 93 2.29 -40.01 63.21
CA LEU D 93 2.82 -40.44 64.48
C LEU D 93 2.99 -41.93 64.61
N ARG D 94 2.19 -42.70 63.86
CA ARG D 94 2.19 -44.14 63.75
C ARG D 94 1.90 -44.82 65.07
N VAL D 95 0.84 -44.35 65.73
CA VAL D 95 0.45 -44.78 67.05
C VAL D 95 -0.88 -45.46 66.93
N ALA D 96 -1.18 -46.39 67.84
CA ALA D 96 -2.53 -46.84 68.07
C ALA D 96 -3.09 -45.94 69.18
N PRO D 97 -4.14 -45.13 69.01
CA PRO D 97 -4.70 -44.32 70.09
C PRO D 97 -5.15 -45.13 71.30
N GLU D 98 -5.46 -46.45 71.19
CA GLU D 98 -5.73 -47.36 72.29
C GLU D 98 -4.60 -47.43 73.30
N GLU D 99 -3.36 -47.13 72.87
CA GLU D 99 -2.18 -47.22 73.69
C GLU D 99 -1.81 -45.87 74.30
N HIS D 100 -2.58 -44.78 74.05
CA HIS D 100 -2.17 -43.48 74.56
C HIS D 100 -3.34 -42.65 75.06
N PRO D 101 -3.36 -41.99 76.22
CA PRO D 101 -4.30 -40.91 76.48
C PRO D 101 -4.10 -39.68 75.58
N THR D 102 -5.16 -39.03 75.07
CA THR D 102 -5.05 -37.94 74.08
C THR D 102 -5.60 -36.64 74.59
N LEU D 103 -4.78 -35.58 74.63
CA LEU D 103 -5.18 -34.24 74.95
C LEU D 103 -5.58 -33.51 73.68
N LEU D 104 -6.74 -32.85 73.68
CA LEU D 104 -7.13 -31.93 72.65
C LEU D 104 -7.19 -30.56 73.23
N THR D 105 -6.74 -29.57 72.45
CA THR D 105 -7.02 -28.18 72.75
C THR D 105 -8.36 -27.79 72.17
N GLU D 106 -8.95 -26.70 72.67
CA GLU D 106 -10.17 -26.16 72.14
C GLU D 106 -10.27 -24.70 72.57
N ALA D 107 -11.02 -23.88 71.82
CA ALA D 107 -11.06 -22.45 72.02
C ALA D 107 -12.08 -21.96 73.06
N PRO D 108 -11.88 -20.89 73.84
CA PRO D 108 -12.92 -20.32 74.69
C PRO D 108 -14.23 -19.91 74.07
N LEU D 109 -15.31 -19.95 74.91
CA LEU D 109 -16.66 -19.48 74.60
C LEU D 109 -17.19 -20.21 73.39
N ASN D 110 -16.75 -21.44 73.22
CA ASN D 110 -17.00 -22.23 72.06
C ASN D 110 -18.26 -23.03 72.32
N PRO D 111 -19.21 -23.16 71.38
CA PRO D 111 -20.30 -24.10 71.43
C PRO D 111 -20.04 -25.41 72.13
N LYS D 112 -20.97 -25.84 73.00
CA LYS D 112 -20.89 -27.06 73.77
C LYS D 112 -20.78 -28.31 72.91
N ALA D 113 -21.49 -28.27 71.76
CA ALA D 113 -21.56 -29.30 70.76
C ALA D 113 -20.21 -29.67 70.19
N ASN D 114 -19.27 -28.71 69.99
CA ASN D 114 -17.93 -29.04 69.60
C ASN D 114 -17.19 -29.87 70.63
N ARG D 115 -17.19 -29.47 71.93
CA ARG D 115 -16.56 -30.26 72.99
C ARG D 115 -17.15 -31.66 73.16
N GLU D 116 -18.50 -31.74 73.21
CA GLU D 116 -19.27 -32.98 73.34
C GLU D 116 -19.19 -33.92 72.14
N LYS D 117 -19.25 -33.39 70.91
CA LYS D 117 -19.03 -34.19 69.72
C LYS D 117 -17.57 -34.60 69.54
N MET D 118 -16.60 -33.75 69.91
CA MET D 118 -15.18 -34.02 69.89
C MET D 118 -14.79 -35.22 70.76
N THR D 119 -15.36 -35.27 72.00
CA THR D 119 -15.25 -36.43 72.90
C THR D 119 -15.93 -37.66 72.40
N GLN D 120 -17.13 -37.54 71.82
CA GLN D 120 -17.86 -38.62 71.22
C GLN D 120 -17.07 -39.33 70.11
N ILE D 121 -16.42 -38.53 69.21
CA ILE D 121 -15.49 -39.07 68.22
C ILE D 121 -14.26 -39.68 68.85
N MET D 122 -13.63 -39.02 69.84
CA MET D 122 -12.45 -39.63 70.43
C MET D 122 -12.71 -40.96 71.08
N PHE D 123 -13.81 -41.17 71.78
CA PHE D 123 -14.11 -42.50 72.27
C PHE D 123 -14.64 -43.51 71.26
N GLU D 124 -15.54 -43.09 70.32
CA GLU D 124 -16.27 -44.01 69.46
C GLU D 124 -15.79 -44.03 68.02
N THR D 125 -14.61 -43.46 67.75
CA THR D 125 -13.95 -43.55 66.46
C THR D 125 -12.58 -44.15 66.67
N PHE D 126 -11.65 -43.43 67.32
CA PHE D 126 -10.35 -43.99 67.63
C PHE D 126 -10.40 -44.51 69.03
N ASN D 127 -10.59 -45.83 69.29
CA ASN D 127 -10.79 -46.30 70.65
C ASN D 127 -9.60 -45.85 71.54
N VAL D 128 -9.83 -45.19 72.69
CA VAL D 128 -8.75 -44.51 73.39
C VAL D 128 -9.00 -44.71 74.89
N PRO D 129 -8.02 -44.90 75.79
CA PRO D 129 -8.26 -45.13 77.20
C PRO D 129 -8.80 -43.90 77.90
N ALA D 130 -8.36 -42.72 77.47
CA ALA D 130 -8.72 -41.51 78.14
C ALA D 130 -8.41 -40.31 77.29
N MET D 131 -9.02 -39.16 77.62
CA MET D 131 -8.81 -37.96 76.90
C MET D 131 -9.07 -36.76 77.75
N TYR D 132 -8.74 -35.57 77.24
CA TYR D 132 -9.09 -34.35 77.90
C TYR D 132 -9.26 -33.33 76.79
N VAL D 133 -10.12 -32.31 77.02
CA VAL D 133 -10.27 -31.15 76.17
C VAL D 133 -9.91 -30.00 77.07
N ALA D 134 -9.04 -29.11 76.59
CA ALA D 134 -8.51 -28.04 77.39
C ALA D 134 -8.56 -26.73 76.66
N ILE D 135 -8.59 -25.63 77.42
CA ILE D 135 -8.68 -24.32 76.83
C ILE D 135 -7.35 -23.84 76.26
N GLN D 136 -7.30 -23.29 75.03
CA GLN D 136 -6.05 -22.90 74.37
C GLN D 136 -5.14 -21.94 75.14
N ALA D 137 -5.73 -20.88 75.72
CA ALA D 137 -5.02 -19.81 76.39
C ALA D 137 -4.27 -20.21 77.65
N VAL D 138 -4.87 -21.05 78.50
CA VAL D 138 -4.24 -21.60 79.68
C VAL D 138 -3.02 -22.44 79.35
N LEU D 139 -3.07 -23.26 78.28
CA LEU D 139 -1.93 -24.04 77.81
C LEU D 139 -0.75 -23.15 77.39
N SER D 140 -0.99 -22.05 76.65
CA SER D 140 0.09 -21.12 76.31
C SER D 140 0.73 -20.46 77.52
N LEU D 141 -0.09 -20.12 78.54
CA LEU D 141 0.38 -19.61 79.81
C LEU D 141 1.32 -20.55 80.54
N TYR D 142 0.98 -21.87 80.61
CA TYR D 142 1.83 -22.93 81.12
C TYR D 142 3.15 -23.03 80.37
N ALA D 143 3.09 -22.96 79.02
CA ALA D 143 4.26 -22.99 78.15
C ALA D 143 5.21 -21.83 78.39
N SER D 144 4.66 -20.64 78.67
CA SER D 144 5.45 -19.46 79.02
C SER D 144 6.00 -19.52 80.44
N GLY D 145 5.54 -20.47 81.29
CA GLY D 145 6.11 -20.72 82.62
C GLY D 145 5.70 -19.73 83.66
N ARG D 146 4.56 -19.04 83.44
CA ARG D 146 4.11 -17.96 84.29
C ARG D 146 2.81 -18.40 84.93
N THR D 147 2.51 -17.92 86.14
CA THR D 147 1.31 -18.33 86.84
C THR D 147 0.15 -17.37 86.61
N THR D 148 0.47 -16.20 86.04
CA THR D 148 -0.38 -15.03 85.94
C THR D 148 -0.10 -14.36 84.64
N GLY D 149 -1.15 -13.87 84.00
CA GLY D 149 -1.07 -13.11 82.79
C GLY D 149 -2.39 -13.02 82.13
N ILE D 150 -2.47 -12.15 81.14
CA ILE D 150 -3.63 -12.11 80.27
C ILE D 150 -3.16 -12.65 78.97
N VAL D 151 -3.76 -13.76 78.56
CA VAL D 151 -3.32 -14.43 77.36
C VAL D 151 -4.14 -13.98 76.20
N LEU D 152 -3.48 -13.33 75.23
CA LEU D 152 -4.04 -12.96 73.97
C LEU D 152 -3.73 -14.11 73.02
N ASP D 153 -4.76 -14.89 72.68
CA ASP D 153 -4.66 -16.06 71.85
C ASP D 153 -5.28 -15.61 70.56
N SER D 154 -4.50 -15.65 69.47
CA SER D 154 -5.09 -15.50 68.16
C SER D 154 -4.49 -16.51 67.20
N GLY D 155 -5.34 -17.47 66.77
CA GLY D 155 -4.94 -18.42 65.75
C GLY D 155 -5.43 -18.03 64.38
N ASP D 156 -5.55 -19.04 63.48
CA ASP D 156 -6.23 -18.88 62.21
C ASP D 156 -7.74 -19.06 62.37
N GLY D 157 -8.17 -19.64 63.52
CA GLY D 157 -9.58 -19.86 63.84
C GLY D 157 -10.25 -18.61 64.32
N VAL D 158 -10.09 -18.21 65.58
CA VAL D 158 -10.65 -16.98 66.09
C VAL D 158 -9.61 -16.48 67.09
N THR D 159 -9.71 -15.19 67.50
CA THR D 159 -9.03 -14.51 68.58
C THR D 159 -9.79 -14.63 69.89
N HIS D 160 -9.09 -14.94 70.98
CA HIS D 160 -9.58 -15.15 72.30
C HIS D 160 -8.67 -14.44 73.29
N ASN D 161 -9.18 -14.16 74.49
CA ASN D 161 -8.45 -13.42 75.47
C ASN D 161 -8.92 -14.00 76.80
N VAL D 162 -8.00 -14.54 77.62
CA VAL D 162 -8.34 -15.12 78.91
C VAL D 162 -7.42 -14.48 79.94
N PRO D 163 -7.87 -13.65 80.89
CA PRO D 163 -7.09 -13.23 82.04
C PRO D 163 -7.05 -14.33 83.07
N ILE D 164 -5.87 -14.52 83.66
CA ILE D 164 -5.65 -15.50 84.68
C ILE D 164 -4.91 -14.77 85.79
N TYR D 165 -5.14 -15.14 87.06
CA TYR D 165 -4.41 -14.61 88.18
C TYR D 165 -4.11 -15.74 89.16
N GLU D 166 -2.82 -16.10 89.32
CA GLU D 166 -2.32 -17.06 90.29
C GLU D 166 -2.91 -18.44 90.10
N GLY D 167 -2.86 -18.95 88.85
CA GLY D 167 -3.88 -19.89 88.41
C GLY D 167 -5.21 -19.18 88.31
N TYR D 168 -6.28 -19.71 88.95
CA TYR D 168 -7.66 -19.26 88.83
C TYR D 168 -8.06 -19.01 87.37
N ALA D 169 -8.93 -18.01 87.10
CA ALA D 169 -9.49 -17.73 85.79
C ALA D 169 -10.71 -16.90 86.04
N LEU D 170 -11.07 -16.00 85.11
CA LEU D 170 -12.23 -15.14 85.29
C LEU D 170 -13.22 -15.32 84.15
N PRO D 171 -14.32 -16.08 84.30
CA PRO D 171 -15.23 -16.40 83.20
C PRO D 171 -15.89 -15.20 82.54
N HIS D 172 -16.30 -14.18 83.33
CA HIS D 172 -16.91 -12.95 82.86
C HIS D 172 -15.96 -12.06 82.08
N ALA D 173 -14.67 -12.10 82.46
CA ALA D 173 -13.62 -11.32 81.86
C ALA D 173 -13.00 -11.97 80.63
N ILE D 174 -13.28 -13.27 80.34
CA ILE D 174 -12.91 -13.90 79.07
C ILE D 174 -13.61 -13.23 77.91
N MET D 175 -12.84 -12.83 76.88
CA MET D 175 -13.34 -12.20 75.69
C MET D 175 -12.95 -13.00 74.48
N ARG D 176 -13.86 -13.08 73.50
CA ARG D 176 -13.65 -13.73 72.25
C ARG D 176 -14.00 -12.73 71.19
N LEU D 177 -13.10 -12.54 70.22
CA LEU D 177 -13.20 -11.54 69.19
C LEU D 177 -13.09 -12.22 67.86
N ASP D 178 -14.10 -12.07 66.97
CA ASP D 178 -14.11 -12.69 65.68
C ASP D 178 -13.23 -11.92 64.70
N LEU D 179 -11.92 -12.18 64.81
CA LEU D 179 -10.88 -11.81 63.88
C LEU D 179 -9.97 -12.99 63.87
N ALA D 180 -9.21 -13.17 62.79
CA ALA D 180 -8.30 -14.26 62.71
C ALA D 180 -7.26 -14.03 61.66
N GLY D 181 -6.26 -14.92 61.58
CA GLY D 181 -5.45 -15.10 60.39
C GLY D 181 -6.24 -15.26 59.12
N ARG D 182 -7.28 -16.10 59.09
CA ARG D 182 -8.09 -16.31 57.91
C ARG D 182 -8.82 -15.08 57.39
N ASP D 183 -9.41 -14.25 58.29
CA ASP D 183 -10.05 -12.99 57.95
C ASP D 183 -9.06 -11.95 57.42
N LEU D 184 -7.81 -11.91 57.96
CA LEU D 184 -6.71 -11.15 57.39
C LEU D 184 -6.30 -11.61 56.01
N THR D 185 -6.31 -12.93 55.74
CA THR D 185 -6.11 -13.47 54.40
C THR D 185 -7.19 -13.03 53.41
N ASP D 186 -8.49 -13.09 53.77
CA ASP D 186 -9.61 -12.63 52.96
C ASP D 186 -9.55 -11.11 52.71
N TYR D 187 -9.17 -10.29 53.73
CA TYR D 187 -8.86 -8.89 53.55
C TYR D 187 -7.68 -8.64 52.61
N LEU D 188 -6.61 -9.45 52.75
CA LEU D 188 -5.41 -9.32 51.96
C LEU D 188 -5.62 -9.58 50.49
N MET D 189 -6.29 -10.67 50.10
CA MET D 189 -6.58 -10.92 48.71
C MET D 189 -7.53 -9.88 48.12
N LYS D 190 -8.44 -9.30 48.93
CA LYS D 190 -9.20 -8.10 48.57
C LYS D 190 -8.38 -6.84 48.37
N ILE D 191 -7.33 -6.58 49.17
CA ILE D 191 -6.50 -5.40 49.00
C ILE D 191 -5.42 -5.60 47.93
N LEU D 192 -5.11 -6.82 47.47
CA LEU D 192 -4.25 -7.01 46.30
C LEU D 192 -4.91 -6.63 44.99
N THR D 193 -6.26 -6.69 44.91
CA THR D 193 -7.02 -6.48 43.67
C THR D 193 -6.91 -5.08 43.11
N GLU D 194 -6.73 -4.05 43.98
CA GLU D 194 -6.53 -2.67 43.59
C GLU D 194 -5.18 -2.49 42.89
N ARG D 195 -4.23 -3.43 43.08
CA ARG D 195 -2.95 -3.42 42.42
C ARG D 195 -2.96 -4.18 41.09
N GLY D 196 -4.06 -4.92 40.80
CA GLY D 196 -4.27 -5.68 39.58
C GLY D 196 -4.08 -7.16 39.73
N TYR D 197 -3.57 -7.63 40.89
CA TYR D 197 -3.38 -9.05 41.13
C TYR D 197 -4.63 -9.66 41.71
N SER D 198 -5.21 -10.65 41.02
CA SER D 198 -6.53 -11.17 41.37
C SER D 198 -6.39 -12.62 41.68
N PHE D 199 -6.66 -12.98 42.93
CA PHE D 199 -6.54 -14.33 43.41
C PHE D 199 -7.91 -14.73 43.82
N VAL D 200 -8.54 -15.66 43.08
CA VAL D 200 -9.97 -15.85 43.10
C VAL D 200 -10.34 -17.19 43.70
N THR D 201 -9.37 -18.10 43.90
CA THR D 201 -9.65 -19.51 44.16
C THR D 201 -8.88 -19.95 45.38
N THR D 202 -9.29 -21.07 46.02
CA THR D 202 -8.72 -21.60 47.26
C THR D 202 -7.24 -21.91 47.24
N ALA D 203 -6.74 -22.45 46.11
CA ALA D 203 -5.35 -22.77 45.88
C ALA D 203 -4.40 -21.56 46.01
N GLU D 204 -4.69 -20.40 45.37
CA GLU D 204 -3.87 -19.22 45.52
C GLU D 204 -4.27 -18.35 46.70
N ARG D 205 -5.40 -18.64 47.36
CA ARG D 205 -5.72 -18.12 48.68
C ARG D 205 -4.73 -18.56 49.74
N GLU D 206 -4.22 -19.80 49.62
CA GLU D 206 -3.08 -20.26 50.40
C GLU D 206 -1.74 -19.71 49.95
N ILE D 207 -1.59 -19.29 48.68
CA ILE D 207 -0.45 -18.47 48.25
C ILE D 207 -0.42 -17.08 48.92
N VAL D 208 -1.55 -16.35 49.06
CA VAL D 208 -1.55 -15.12 49.86
C VAL D 208 -1.43 -15.34 51.34
N ARG D 209 -1.84 -16.53 51.84
CA ARG D 209 -1.52 -16.92 53.20
C ARG D 209 -0.01 -17.01 53.43
N ASP D 210 0.76 -17.67 52.53
CA ASP D 210 2.22 -17.74 52.53
C ASP D 210 2.89 -16.36 52.42
N ILE D 211 2.35 -15.46 51.57
CA ILE D 211 2.83 -14.07 51.46
C ILE D 211 2.75 -13.35 52.77
N LYS D 212 1.57 -13.44 53.40
CA LYS D 212 1.26 -12.79 54.65
C LYS D 212 2.03 -13.34 55.84
N GLU D 213 2.35 -14.65 55.84
CA GLU D 213 3.23 -15.34 56.78
C GLU D 213 4.68 -14.84 56.78
N LYS D 214 5.16 -14.16 55.70
CA LYS D 214 6.47 -13.52 55.77
C LYS D 214 6.49 -12.05 55.42
N LEU D 215 5.84 -11.59 54.32
CA LEU D 215 6.01 -10.21 53.89
C LEU D 215 5.38 -9.22 54.83
N CYS D 216 4.14 -9.49 55.29
CA CYS D 216 3.37 -8.61 56.14
C CYS D 216 4.05 -8.24 57.45
N TYR D 217 3.89 -6.98 57.89
CA TYR D 217 4.38 -6.60 59.20
C TYR D 217 3.41 -5.58 59.76
N VAL D 218 3.50 -5.25 61.06
CA VAL D 218 2.66 -4.23 61.68
C VAL D 218 3.41 -2.94 61.87
N ALA D 219 2.84 -1.82 61.42
CA ALA D 219 3.35 -0.50 61.62
C ALA D 219 3.43 -0.03 63.08
N LEU D 220 4.56 0.59 63.48
CA LEU D 220 4.72 1.18 64.79
C LEU D 220 4.04 2.52 64.86
N ASP D 221 3.73 3.11 63.69
CA ASP D 221 2.59 3.98 63.58
C ASP D 221 2.07 3.81 62.17
N PHE D 222 0.75 3.56 61.98
CA PHE D 222 0.12 3.26 60.71
C PHE D 222 0.19 4.45 59.76
N GLU D 223 -0.23 5.65 60.20
CA GLU D 223 -0.28 6.84 59.39
C GLU D 223 1.09 7.29 58.93
N ASN D 224 2.10 7.22 59.82
CA ASN D 224 3.48 7.53 59.49
C ASN D 224 4.04 6.62 58.42
N GLU D 225 3.82 5.29 58.53
CA GLU D 225 4.23 4.36 57.51
C GLU D 225 3.47 4.46 56.19
N MET D 226 2.15 4.75 56.25
CA MET D 226 1.36 5.10 55.09
C MET D 226 1.73 6.40 54.39
N ALA D 227 2.16 7.43 55.15
CA ALA D 227 2.76 8.64 54.60
C ALA D 227 4.10 8.40 53.87
N THR D 228 5.01 7.58 54.45
CA THR D 228 6.31 7.27 53.81
C THR D 228 6.15 6.28 52.66
N ALA D 229 4.98 5.62 52.50
CA ALA D 229 4.63 4.92 51.27
C ALA D 229 4.51 5.79 50.00
N ALA D 230 4.50 7.15 50.11
CA ALA D 230 4.64 8.03 48.97
C ALA D 230 5.99 7.88 48.25
N SER D 231 7.10 7.78 49.01
CA SER D 231 8.42 7.52 48.47
C SER D 231 8.73 6.04 48.59
N SER D 232 8.24 5.22 47.65
CA SER D 232 8.40 3.78 47.74
C SER D 232 9.81 3.32 47.50
N SER D 233 10.41 2.68 48.53
CA SER D 233 11.76 2.14 48.46
C SER D 233 11.78 0.82 49.20
N SER D 234 11.78 0.83 50.55
CA SER D 234 11.87 -0.40 51.34
C SER D 234 10.55 -1.10 51.59
N LEU D 235 9.44 -0.38 51.36
CA LEU D 235 8.10 -0.86 51.66
C LEU D 235 7.58 -1.78 50.58
N GLU D 236 8.12 -1.66 49.36
CA GLU D 236 7.87 -2.60 48.30
C GLU D 236 8.73 -3.83 48.52
N LYS D 237 8.16 -5.01 48.28
CA LYS D 237 8.94 -6.22 48.19
C LYS D 237 8.41 -6.99 47.04
N SER D 238 9.35 -7.46 46.20
CA SER D 238 9.17 -8.48 45.21
C SER D 238 8.88 -9.82 45.87
N TYR D 239 7.83 -10.52 45.41
CA TYR D 239 7.46 -11.85 45.80
C TYR D 239 7.34 -12.68 44.55
N GLU D 240 7.84 -13.93 44.59
CA GLU D 240 7.81 -14.89 43.53
C GLU D 240 6.62 -15.82 43.73
N LEU D 241 5.70 -15.94 42.75
CA LEU D 241 4.64 -16.95 42.79
C LEU D 241 5.17 -18.30 42.32
N PRO D 242 4.57 -19.44 42.65
CA PRO D 242 4.92 -20.73 42.06
C PRO D 242 4.70 -20.80 40.55
N ASP D 243 3.84 -19.95 39.96
CA ASP D 243 3.65 -19.76 38.54
C ASP D 243 4.94 -19.22 37.86
N GLY D 244 5.74 -18.39 38.58
CA GLY D 244 6.89 -17.67 38.04
C GLY D 244 6.55 -16.23 37.77
N GLN D 245 5.30 -15.86 38.06
CA GLN D 245 4.88 -14.49 38.14
C GLN D 245 5.41 -13.76 39.37
N VAL D 246 5.74 -12.48 39.23
CA VAL D 246 6.33 -11.67 40.27
C VAL D 246 5.29 -10.68 40.71
N ILE D 247 5.16 -10.49 42.02
CA ILE D 247 4.24 -9.61 42.70
C ILE D 247 5.05 -8.60 43.44
N THR D 248 4.64 -7.33 43.42
CA THR D 248 5.37 -6.23 44.05
C THR D 248 4.40 -5.51 44.94
N ILE D 249 4.54 -5.60 46.27
CA ILE D 249 3.56 -5.12 47.23
C ILE D 249 4.11 -4.04 48.14
N GLY D 250 3.50 -2.84 48.13
CA GLY D 250 4.00 -1.66 48.86
C GLY D 250 3.31 -1.46 50.18
N ASN D 251 2.47 -0.41 50.30
CA ASN D 251 1.78 -0.06 51.53
C ASN D 251 0.69 -1.04 51.96
N GLU D 252 0.17 -1.76 50.97
CA GLU D 252 -0.75 -2.86 51.01
C GLU D 252 -0.29 -3.97 51.94
N ARG D 253 1.04 -4.19 52.00
CA ARG D 253 1.68 -5.10 52.91
C ARG D 253 1.36 -4.86 54.40
N PHE D 254 1.59 -3.63 54.96
CA PHE D 254 1.48 -3.45 56.41
C PHE D 254 0.07 -3.07 56.84
N ARG D 255 -0.78 -2.60 55.92
CA ARG D 255 -2.15 -2.34 56.29
C ARG D 255 -3.03 -3.57 56.38
N CYS D 256 -2.57 -4.76 55.90
CA CYS D 256 -3.26 -5.99 56.22
C CYS D 256 -3.19 -6.34 57.70
N PRO D 257 -2.08 -6.40 58.46
CA PRO D 257 -2.18 -6.66 59.89
C PRO D 257 -2.78 -5.52 60.69
N GLU D 258 -2.84 -4.28 60.13
CA GLU D 258 -3.44 -3.10 60.74
C GLU D 258 -4.91 -3.33 61.07
N THR D 259 -5.61 -4.18 60.29
CA THR D 259 -6.98 -4.62 60.53
C THR D 259 -7.26 -5.15 61.93
N LEU D 260 -6.26 -5.79 62.61
CA LEU D 260 -6.38 -6.21 64.00
C LEU D 260 -6.64 -5.07 64.97
N PHE D 261 -6.11 -3.88 64.65
CA PHE D 261 -6.16 -2.69 65.46
C PHE D 261 -7.20 -1.70 64.91
N GLN D 262 -7.75 -1.98 63.70
CA GLN D 262 -8.77 -1.17 63.04
C GLN D 262 -9.79 -2.09 62.33
N PRO D 263 -10.70 -2.80 63.01
CA PRO D 263 -11.69 -3.66 62.35
C PRO D 263 -12.74 -2.88 61.59
N SER D 264 -12.73 -1.56 61.57
CA SER D 264 -13.48 -0.75 60.63
C SER D 264 -13.07 -0.99 59.17
N PHE D 265 -11.81 -1.43 58.90
CA PHE D 265 -11.31 -1.83 57.59
C PHE D 265 -11.97 -3.11 57.06
N ILE D 266 -12.22 -4.09 57.96
CA ILE D 266 -12.96 -5.28 57.61
C ILE D 266 -14.48 -5.00 57.58
N GLY D 267 -14.95 -3.94 58.28
CA GLY D 267 -16.35 -3.50 58.33
C GLY D 267 -17.08 -3.96 59.55
N MET D 268 -16.35 -4.54 60.52
CA MET D 268 -16.91 -4.96 61.79
C MET D 268 -16.75 -3.87 62.82
N GLU D 269 -17.76 -3.66 63.67
CA GLU D 269 -17.70 -2.70 64.76
C GLU D 269 -16.80 -3.11 65.89
N SER D 270 -16.76 -4.45 66.13
CA SER D 270 -16.00 -5.11 67.19
C SER D 270 -14.63 -4.54 67.37
N ALA D 271 -14.29 -4.10 68.59
CA ALA D 271 -13.11 -3.30 68.83
C ALA D 271 -11.79 -3.98 68.46
N GLY D 272 -10.75 -3.19 68.13
CA GLY D 272 -9.41 -3.69 67.90
C GLY D 272 -8.88 -4.50 69.07
N ILE D 273 -7.85 -5.32 68.81
CA ILE D 273 -7.35 -6.28 69.78
C ILE D 273 -6.77 -5.70 71.08
N HIS D 274 -6.25 -4.45 71.05
CA HIS D 274 -5.78 -3.75 72.21
C HIS D 274 -6.93 -3.24 73.09
N GLU D 275 -8.04 -2.69 72.50
CA GLU D 275 -9.25 -2.37 73.23
C GLU D 275 -9.97 -3.61 73.78
N THR D 276 -9.96 -4.76 73.07
CA THR D 276 -10.48 -6.02 73.63
C THR D 276 -9.71 -6.46 74.85
N THR D 277 -8.37 -6.32 74.87
CA THR D 277 -7.54 -6.56 76.05
C THR D 277 -7.88 -5.63 77.21
N TYR D 278 -8.13 -4.33 76.93
CA TYR D 278 -8.66 -3.39 77.92
C TYR D 278 -10.03 -3.82 78.43
N ASN D 279 -10.94 -4.25 77.55
CA ASN D 279 -12.27 -4.75 77.87
C ASN D 279 -12.21 -5.97 78.81
N SER D 280 -11.28 -6.92 78.58
CA SER D 280 -11.01 -8.03 79.49
C SER D 280 -10.44 -7.60 80.83
N ILE D 281 -9.39 -6.74 80.86
CA ILE D 281 -8.74 -6.23 82.08
C ILE D 281 -9.67 -5.36 82.94
N MET D 282 -10.50 -4.51 82.32
CA MET D 282 -11.54 -3.73 82.98
C MET D 282 -12.63 -4.55 83.63
N LYS D 283 -12.95 -5.72 83.07
CA LYS D 283 -13.91 -6.60 83.70
C LYS D 283 -13.34 -7.34 84.91
N CYS D 284 -12.01 -7.35 85.07
CA CYS D 284 -11.35 -7.96 86.21
C CYS D 284 -11.40 -7.07 87.43
N ASP D 285 -11.22 -7.67 88.62
CA ASP D 285 -11.12 -6.97 89.88
C ASP D 285 -9.98 -5.95 89.90
N ILE D 286 -10.17 -4.83 90.62
CA ILE D 286 -9.24 -3.70 90.65
C ILE D 286 -7.83 -4.11 91.07
N ASP D 287 -7.71 -4.96 92.11
CA ASP D 287 -6.49 -5.37 92.76
C ASP D 287 -5.49 -6.05 91.80
N ILE D 288 -5.97 -7.00 90.98
CA ILE D 288 -5.06 -7.80 90.18
C ILE D 288 -4.57 -7.09 88.95
N ARG D 289 -5.26 -6.02 88.49
CA ARG D 289 -4.98 -5.43 87.20
C ARG D 289 -3.54 -5.02 86.94
N LYS D 290 -2.81 -4.63 88.00
CA LYS D 290 -1.40 -4.24 87.96
C LYS D 290 -0.49 -5.25 87.29
N ASP D 291 -0.66 -6.56 87.55
CA ASP D 291 0.21 -7.57 86.98
C ASP D 291 -0.32 -8.01 85.62
N LEU D 292 -1.64 -7.97 85.36
CA LEU D 292 -2.22 -8.24 84.06
C LEU D 292 -1.81 -7.30 82.96
N TYR D 293 -1.69 -6.01 83.29
CA TYR D 293 -1.02 -5.02 82.47
C TYR D 293 0.43 -5.38 82.19
N ALA D 294 1.18 -5.86 83.20
CA ALA D 294 2.59 -6.15 83.05
C ALA D 294 2.93 -7.61 82.60
N ASN D 295 1.94 -8.49 82.37
CA ASN D 295 2.15 -9.90 82.11
C ASN D 295 1.25 -10.35 80.97
N ASN D 296 0.96 -9.47 79.99
CA ASN D 296 0.30 -9.84 78.75
C ASN D 296 1.12 -10.85 77.94
N VAL D 297 0.53 -12.03 77.63
CA VAL D 297 1.16 -13.10 76.89
C VAL D 297 0.47 -13.16 75.54
N MET D 298 1.24 -13.07 74.45
CA MET D 298 0.74 -13.35 73.12
C MET D 298 0.96 -14.79 72.75
N SER D 299 -0.05 -15.43 72.14
CA SER D 299 0.06 -16.78 71.65
C SER D 299 -0.59 -16.89 70.30
N GLY D 300 -0.35 -18.02 69.62
CA GLY D 300 -1.02 -18.38 68.39
C GLY D 300 -0.26 -18.01 67.17
N GLY D 301 -0.78 -18.39 65.99
CA GLY D 301 -0.07 -18.15 64.74
C GLY D 301 -0.17 -16.74 64.20
N THR D 302 -1.24 -15.97 64.49
CA THR D 302 -1.42 -14.64 63.90
C THR D 302 -0.94 -13.54 64.85
N THR D 303 -0.20 -13.91 65.93
CA THR D 303 0.66 -12.99 66.68
C THR D 303 2.10 -13.08 66.20
N MET D 304 2.38 -13.84 65.13
CA MET D 304 3.75 -13.93 64.65
C MET D 304 4.29 -12.74 63.89
N TYR D 305 3.42 -11.83 63.33
CA TYR D 305 3.88 -10.71 62.51
C TYR D 305 4.91 -9.83 63.21
N PRO D 306 6.02 -9.44 62.59
CA PRO D 306 6.96 -8.49 63.16
C PRO D 306 6.34 -7.17 63.59
N GLY D 307 6.63 -6.71 64.83
CA GLY D 307 6.18 -5.42 65.34
C GLY D 307 4.82 -5.41 66.00
N ILE D 308 4.10 -6.56 66.11
CA ILE D 308 2.82 -6.61 66.86
C ILE D 308 2.98 -6.23 68.32
N ALA D 309 4.01 -6.80 68.99
CA ALA D 309 4.29 -6.58 70.41
C ALA D 309 4.52 -5.12 70.75
N ASP D 310 5.31 -4.41 69.95
CA ASP D 310 5.59 -3.00 70.05
C ASP D 310 4.35 -2.13 69.85
N ARG D 311 3.52 -2.45 68.83
CA ARG D 311 2.27 -1.74 68.59
C ARG D 311 1.27 -1.90 69.74
N MET D 312 1.07 -3.14 70.25
CA MET D 312 0.24 -3.40 71.41
C MET D 312 0.73 -2.69 72.65
N GLN D 313 2.07 -2.65 72.86
CA GLN D 313 2.68 -1.93 73.95
C GLN D 313 2.42 -0.44 73.90
N LYS D 314 2.61 0.19 72.72
CA LYS D 314 2.35 1.60 72.58
C LYS D 314 0.87 1.99 72.79
N GLU D 315 -0.08 1.17 72.26
CA GLU D 315 -1.51 1.42 72.39
C GLU D 315 -2.05 1.17 73.77
N ILE D 316 -1.70 0.03 74.40
CA ILE D 316 -2.12 -0.23 75.76
C ILE D 316 -1.52 0.74 76.76
N THR D 317 -0.22 1.10 76.63
CA THR D 317 0.40 2.17 77.42
C THR D 317 -0.25 3.53 77.23
N ALA D 318 -0.64 3.90 75.98
CA ALA D 318 -1.36 5.12 75.69
C ALA D 318 -2.75 5.20 76.32
N LEU D 319 -3.54 4.10 76.29
CA LEU D 319 -4.85 4.03 76.91
C LEU D 319 -4.84 3.90 78.42
N ALA D 320 -3.92 3.11 78.98
CA ALA D 320 -3.89 2.77 80.38
C ALA D 320 -3.34 3.91 81.26
N PRO D 321 -3.48 3.86 82.57
CA PRO D 321 -2.63 4.64 83.47
C PRO D 321 -1.13 4.44 83.24
N SER D 322 -0.35 5.51 82.99
CA SER D 322 1.10 5.46 82.85
C SER D 322 1.78 5.43 84.22
N THR D 323 0.96 5.31 85.29
CA THR D 323 1.30 5.06 86.68
C THR D 323 2.00 3.73 86.85
N MET D 324 1.63 2.72 86.04
CA MET D 324 2.22 1.41 86.07
C MET D 324 2.78 1.03 84.73
N LYS D 325 3.85 0.21 84.75
CA LYS D 325 4.55 -0.16 83.53
C LYS D 325 3.96 -1.39 82.86
N ILE D 326 3.71 -1.26 81.55
CA ILE D 326 3.04 -2.26 80.76
C ILE D 326 4.08 -3.07 80.05
N LYS D 327 4.50 -4.20 80.63
CA LYS D 327 5.33 -5.15 79.96
C LYS D 327 4.47 -6.15 79.19
N ILE D 328 4.82 -6.42 77.93
CA ILE D 328 4.20 -7.45 77.14
C ILE D 328 5.27 -8.49 76.97
N ILE D 329 4.95 -9.74 77.26
CA ILE D 329 5.84 -10.84 77.08
C ILE D 329 5.32 -11.67 75.92
N ALA D 330 5.96 -11.54 74.77
CA ALA D 330 5.60 -12.26 73.58
C ALA D 330 6.81 -13.07 73.15
N PRO D 331 6.92 -14.37 73.44
CA PRO D 331 8.12 -15.12 73.13
C PRO D 331 8.21 -15.33 71.61
N PRO D 332 9.33 -15.37 70.90
CA PRO D 332 9.44 -16.25 69.73
C PRO D 332 9.15 -17.69 70.15
N GLU D 333 8.67 -18.55 69.22
CA GLU D 333 8.16 -19.89 69.49
C GLU D 333 6.68 -19.82 69.93
N ARG D 334 6.10 -18.59 70.01
CA ARG D 334 4.74 -18.34 70.47
C ARG D 334 3.65 -19.02 69.64
N LYS D 335 3.97 -19.39 68.38
CA LYS D 335 3.14 -20.16 67.50
C LYS D 335 2.78 -21.53 68.08
N TYR D 336 3.75 -22.20 68.73
CA TYR D 336 3.58 -23.56 69.17
C TYR D 336 3.23 -23.59 70.64
N SER D 337 3.02 -22.42 71.29
CA SER D 337 2.82 -22.31 72.74
C SER D 337 1.68 -23.12 73.32
N VAL D 338 0.55 -23.21 72.60
CA VAL D 338 -0.57 -24.07 72.96
C VAL D 338 -0.20 -25.56 73.00
N TRP D 339 0.52 -26.07 71.98
CA TRP D 339 0.96 -27.46 71.96
C TRP D 339 1.95 -27.77 73.07
N ILE D 340 2.93 -26.86 73.32
CA ILE D 340 3.90 -26.99 74.42
C ILE D 340 3.18 -26.97 75.75
N GLY D 341 2.16 -26.13 75.91
CA GLY D 341 1.32 -26.15 77.09
C GLY D 341 0.53 -27.40 77.32
N GLY D 342 0.17 -28.08 76.23
CA GLY D 342 -0.44 -29.39 76.27
C GLY D 342 0.54 -30.50 76.57
N SER D 343 1.80 -30.39 76.09
CA SER D 343 2.90 -31.31 76.41
C SER D 343 3.22 -31.31 77.88
N ILE D 344 3.40 -30.09 78.48
CA ILE D 344 3.67 -29.94 79.90
C ILE D 344 2.51 -30.45 80.75
N LEU D 345 1.23 -30.15 80.39
CA LEU D 345 0.08 -30.63 81.14
C LEU D 345 -0.07 -32.13 81.25
N ALA D 346 0.08 -32.85 80.13
CA ALA D 346 -0.04 -34.30 80.14
C ALA D 346 1.19 -34.98 80.78
N SER D 347 2.35 -34.29 80.82
CA SER D 347 3.51 -34.72 81.60
C SER D 347 3.38 -34.52 83.10
N LEU D 348 2.49 -33.61 83.57
CA LEU D 348 2.20 -33.43 84.98
C LEU D 348 1.57 -34.65 85.66
N SER D 349 2.17 -35.12 86.77
CA SER D 349 1.76 -36.33 87.47
C SER D 349 0.35 -36.29 88.04
N THR D 350 -0.03 -35.15 88.68
CA THR D 350 -1.39 -34.92 89.21
C THR D 350 -2.47 -34.93 88.15
N PHE D 351 -2.17 -34.37 86.96
CA PHE D 351 -3.06 -34.31 85.83
C PHE D 351 -3.50 -35.70 85.35
N GLN D 352 -2.63 -36.72 85.56
CA GLN D 352 -2.96 -38.11 85.26
C GLN D 352 -4.14 -38.73 86.03
N GLN D 353 -4.73 -38.02 87.01
CA GLN D 353 -5.98 -38.42 87.63
C GLN D 353 -7.18 -37.61 87.13
N MET D 354 -6.96 -36.49 86.40
CA MET D 354 -8.02 -35.58 85.98
C MET D 354 -8.45 -35.87 84.55
N TRP D 355 -7.85 -36.90 83.91
CA TRP D 355 -8.29 -37.36 82.61
C TRP D 355 -9.73 -37.78 82.61
N ILE D 356 -10.45 -37.53 81.49
CA ILE D 356 -11.73 -38.15 81.32
C ILE D 356 -11.45 -39.58 80.92
N THR D 357 -11.81 -40.56 81.75
CA THR D 357 -11.54 -41.95 81.41
C THR D 357 -12.54 -42.43 80.38
N LYS D 358 -12.18 -43.45 79.58
CA LYS D 358 -13.12 -44.14 78.73
C LYS D 358 -14.28 -44.76 79.49
N GLN D 359 -13.98 -45.37 80.67
CA GLN D 359 -14.97 -45.95 81.54
C GLN D 359 -16.02 -44.94 82.00
N GLU D 360 -15.59 -43.76 82.50
CA GLU D 360 -16.45 -42.69 82.99
C GLU D 360 -17.37 -42.13 81.91
N TYR D 361 -16.85 -41.99 80.67
CA TYR D 361 -17.65 -41.72 79.48
C TYR D 361 -18.67 -42.82 79.18
N ASP D 362 -18.30 -44.11 79.21
CA ASP D 362 -19.18 -45.22 78.88
C ASP D 362 -20.39 -45.28 79.84
N GLU D 363 -20.18 -45.08 81.18
CA GLU D 363 -21.26 -44.91 82.15
C GLU D 363 -22.09 -43.63 82.02
N ALA D 364 -21.44 -42.45 81.90
CA ALA D 364 -22.14 -41.21 82.14
C ALA D 364 -22.37 -40.39 80.87
N GLY D 365 -21.90 -40.86 79.69
CA GLY D 365 -22.17 -40.27 78.39
C GLY D 365 -21.32 -39.09 77.97
N PRO D 366 -21.55 -38.54 76.77
CA PRO D 366 -20.73 -37.47 76.21
C PRO D 366 -20.93 -36.16 76.90
N SER D 367 -21.99 -35.96 77.68
CA SER D 367 -22.33 -34.67 78.26
C SER D 367 -21.40 -34.27 79.42
N ILE D 368 -20.65 -35.25 79.97
CA ILE D 368 -19.77 -35.10 81.11
C ILE D 368 -18.56 -34.24 80.89
N VAL D 369 -18.29 -33.79 79.64
CA VAL D 369 -17.17 -32.91 79.34
C VAL D 369 -17.18 -31.69 80.22
N HIS D 370 -18.30 -30.95 80.17
CA HIS D 370 -18.49 -29.69 80.87
C HIS D 370 -18.55 -29.85 82.38
N ARG D 371 -19.09 -30.99 82.85
CA ARG D 371 -19.16 -31.36 84.25
C ARG D 371 -17.82 -31.56 84.95
N LYS D 372 -16.84 -32.20 84.26
CA LYS D 372 -15.55 -32.45 84.84
C LYS D 372 -14.53 -31.36 84.54
N CYS D 373 -14.44 -30.93 83.26
CA CYS D 373 -13.44 -30.01 82.79
C CYS D 373 -14.02 -28.63 82.54
N PHE D 374 -13.14 -27.62 82.51
CA PHE D 374 -13.46 -26.27 82.09
C PHE D 374 -13.53 -26.14 80.52
N GLU E 1 -25.53 29.04 28.22
CA GLU E 1 -26.64 28.19 28.73
C GLU E 1 -26.50 27.93 30.21
N ASP E 2 -27.59 27.52 30.89
CA ASP E 2 -27.58 27.22 32.31
C ASP E 2 -27.21 25.76 32.47
N GLU E 3 -26.47 25.45 33.55
CA GLU E 3 -26.03 24.12 33.95
C GLU E 3 -25.05 23.40 33.03
N THR E 4 -24.90 23.86 31.77
CA THR E 4 -23.92 23.45 30.76
C THR E 4 -24.19 22.08 30.13
N THR E 5 -25.35 21.45 30.46
CA THR E 5 -25.58 19.98 30.40
C THR E 5 -24.50 19.20 31.14
N ALA E 6 -24.32 17.90 30.85
CA ALA E 6 -23.15 17.20 31.28
C ALA E 6 -23.10 16.00 30.37
N LEU E 7 -21.96 15.29 30.33
CA LEU E 7 -21.78 14.11 29.52
C LEU E 7 -21.58 12.90 30.39
N VAL E 8 -22.12 11.76 29.93
CA VAL E 8 -22.06 10.53 30.68
C VAL E 8 -21.61 9.45 29.74
N CYS E 9 -20.61 8.64 30.15
CA CYS E 9 -20.15 7.48 29.44
C CYS E 9 -20.05 6.29 30.37
N ASP E 10 -20.71 5.17 30.00
CA ASP E 10 -20.49 3.86 30.57
C ASP E 10 -19.54 3.12 29.63
N ASN E 11 -18.36 2.74 30.18
CA ASN E 11 -17.43 1.77 29.64
C ASN E 11 -17.14 0.70 30.68
N GLY E 12 -18.10 -0.20 30.96
CA GLY E 12 -17.74 -1.61 31.04
C GLY E 12 -17.23 -2.14 29.70
N SER E 13 -16.56 -3.33 29.64
CA SER E 13 -16.20 -3.95 28.36
C SER E 13 -17.35 -4.17 27.41
N GLY E 14 -17.08 -4.14 26.09
CA GLY E 14 -18.07 -4.58 25.10
C GLY E 14 -18.84 -3.45 24.46
N LEU E 15 -19.39 -2.49 25.24
CA LEU E 15 -20.22 -1.41 24.72
C LEU E 15 -19.87 -0.11 25.39
N VAL E 16 -19.73 0.96 24.57
CA VAL E 16 -19.75 2.31 25.05
C VAL E 16 -21.19 2.70 25.06
N LYS E 17 -21.72 3.16 26.20
CA LYS E 17 -23.00 3.81 26.23
C LYS E 17 -22.77 5.24 26.61
N ALA E 18 -23.12 6.19 25.73
CA ALA E 18 -22.81 7.58 25.92
C ALA E 18 -23.91 8.52 25.45
N GLY E 19 -23.99 9.68 26.09
CA GLY E 19 -24.99 10.65 25.72
C GLY E 19 -24.91 11.80 26.68
N PHE E 20 -25.93 12.67 26.62
CA PHE E 20 -26.06 13.79 27.52
C PHE E 20 -26.68 13.31 28.82
N ALA E 21 -26.15 13.80 29.95
CA ALA E 21 -26.83 13.83 31.22
C ALA E 21 -28.08 14.68 31.15
N GLY E 22 -29.18 14.25 31.80
CA GLY E 22 -30.45 14.96 31.71
C GLY E 22 -31.42 14.41 30.72
N ASP E 23 -31.08 13.28 30.08
CA ASP E 23 -31.94 12.57 29.15
C ASP E 23 -32.15 11.15 29.69
N ASP E 24 -33.26 10.49 29.34
CA ASP E 24 -33.67 9.18 29.78
C ASP E 24 -32.93 8.07 29.03
N ALA E 25 -32.44 8.33 27.80
CA ALA E 25 -31.68 7.35 27.06
C ALA E 25 -30.41 7.92 26.42
N PRO E 26 -29.33 7.12 26.28
CA PRO E 26 -28.11 7.56 25.63
C PRO E 26 -28.34 7.76 24.15
N ARG E 27 -27.70 8.77 23.53
CA ARG E 27 -27.74 8.96 22.10
C ARG E 27 -26.98 7.87 21.35
N ALA E 28 -25.79 7.51 21.86
CA ALA E 28 -24.88 6.63 21.16
C ALA E 28 -24.58 5.42 22.00
N VAL E 29 -24.81 4.24 21.42
CA VAL E 29 -24.43 3.00 22.01
C VAL E 29 -23.76 2.21 20.91
N PHE E 30 -22.52 1.77 21.11
CA PHE E 30 -21.82 1.05 20.07
C PHE E 30 -20.82 0.09 20.69
N PRO E 31 -20.35 -0.94 19.99
CA PRO E 31 -19.35 -1.85 20.53
C PRO E 31 -17.98 -1.25 20.71
N SER E 32 -17.37 -1.46 21.87
CA SER E 32 -16.04 -1.00 22.22
C SER E 32 -14.95 -1.82 21.58
N ILE E 33 -14.73 -1.67 20.26
CA ILE E 33 -13.82 -2.51 19.54
C ILE E 33 -12.98 -1.64 18.66
N VAL E 34 -11.71 -2.02 18.55
CA VAL E 34 -10.74 -1.41 17.69
C VAL E 34 -10.36 -2.52 16.77
N GLY E 35 -10.74 -2.41 15.50
CA GLY E 35 -10.46 -3.42 14.51
C GLY E 35 -9.47 -2.98 13.49
N ARG E 36 -8.38 -3.74 13.33
CA ARG E 36 -7.24 -3.35 12.54
C ARG E 36 -7.22 -4.16 11.26
N PRO E 37 -7.02 -3.59 10.05
CA PRO E 37 -6.70 -4.34 8.85
C PRO E 37 -5.49 -5.26 9.00
N ARG E 38 -5.74 -6.55 9.25
CA ARG E 38 -4.75 -7.60 9.33
C ARG E 38 -4.20 -7.95 7.94
N HIS E 39 -5.06 -7.98 6.91
CA HIS E 39 -4.67 -8.30 5.54
C HIS E 39 -4.20 -7.04 4.87
N GLN E 40 -3.00 -7.06 4.25
CA GLN E 40 -2.54 -5.93 3.46
C GLN E 40 -3.41 -5.70 2.23
N GLY E 41 -3.88 -4.46 2.07
CA GLY E 41 -4.78 -4.12 0.99
C GLY E 41 -4.04 -3.80 -0.28
N VAL E 42 -4.57 -4.20 -1.44
CA VAL E 42 -3.95 -3.92 -2.72
C VAL E 42 -4.98 -3.35 -3.66
N MET E 43 -5.06 -2.01 -3.67
CA MET E 43 -5.82 -1.21 -4.59
C MET E 43 -5.08 0.11 -4.51
N VAL E 44 -5.64 1.19 -5.07
CA VAL E 44 -5.16 2.55 -4.84
C VAL E 44 -6.41 3.33 -4.51
N GLY E 45 -6.35 4.33 -3.60
CA GLY E 45 -7.54 5.09 -3.20
C GLY E 45 -8.42 4.39 -2.21
N MET E 46 -7.82 3.49 -1.41
CA MET E 46 -8.44 2.98 -0.21
C MET E 46 -8.00 3.83 0.92
N GLY E 47 -8.92 4.08 1.87
CA GLY E 47 -8.65 4.52 3.24
C GLY E 47 -7.55 5.56 3.46
N GLN E 48 -6.32 5.18 3.88
CA GLN E 48 -5.91 3.86 4.31
C GLN E 48 -6.63 3.45 5.59
N LYS E 49 -6.66 4.39 6.56
CA LYS E 49 -7.26 4.23 7.87
C LYS E 49 -6.62 3.08 8.67
N ASP E 50 -5.68 3.40 9.59
CA ASP E 50 -4.92 2.44 10.40
C ASP E 50 -5.81 1.45 11.16
N SER E 51 -7.00 1.92 11.59
CA SER E 51 -7.89 1.11 12.36
C SER E 51 -9.27 1.72 12.30
N TYR E 52 -10.29 0.91 12.56
CA TYR E 52 -11.70 1.26 12.59
C TYR E 52 -12.20 1.06 13.99
N VAL E 53 -13.12 1.91 14.44
CA VAL E 53 -13.61 1.95 15.81
C VAL E 53 -15.12 1.93 15.76
N GLY E 54 -15.76 1.29 16.75
CA GLY E 54 -17.21 1.32 16.87
C GLY E 54 -17.92 0.35 15.96
N ASP E 55 -19.18 0.57 15.60
CA ASP E 55 -19.96 -0.26 14.72
C ASP E 55 -19.52 -0.21 13.25
N GLU E 56 -18.62 0.74 12.86
CA GLU E 56 -17.83 0.69 11.63
C GLU E 56 -17.04 -0.63 11.48
N ALA E 57 -16.39 -1.08 12.59
CA ALA E 57 -15.69 -2.34 12.70
C ALA E 57 -16.62 -3.56 12.58
N GLN E 58 -17.87 -3.47 13.12
CA GLN E 58 -18.90 -4.48 12.94
C GLN E 58 -19.32 -4.66 11.49
N SER E 59 -19.47 -3.55 10.74
CA SER E 59 -19.78 -3.53 9.32
C SER E 59 -18.66 -4.13 8.48
N LYS E 60 -17.40 -3.72 8.72
CA LYS E 60 -16.25 -4.24 8.01
C LYS E 60 -15.53 -5.25 8.87
N ARG E 61 -16.18 -6.39 9.17
CA ARG E 61 -15.65 -7.30 10.16
C ARG E 61 -14.58 -8.27 9.68
N GLY E 62 -14.76 -8.78 8.44
CA GLY E 62 -14.02 -9.93 7.93
C GLY E 62 -12.55 -9.70 7.65
N ILE E 63 -12.22 -8.45 7.27
CA ILE E 63 -10.86 -7.97 7.05
C ILE E 63 -10.11 -7.84 8.35
N LEU E 64 -10.81 -7.29 9.36
CA LEU E 64 -10.26 -6.81 10.59
C LEU E 64 -9.96 -7.95 11.54
N THR E 65 -8.92 -7.76 12.33
CA THR E 65 -8.83 -8.45 13.61
C THR E 65 -9.37 -7.45 14.60
N LEU E 66 -10.24 -7.88 15.53
CA LEU E 66 -10.87 -7.00 16.49
C LEU E 66 -10.23 -7.21 17.83
N LYS E 67 -9.93 -6.11 18.50
CA LYS E 67 -9.36 -6.15 19.81
C LYS E 67 -10.30 -5.38 20.72
N TYR E 68 -10.88 -6.07 21.73
CA TYR E 68 -11.51 -5.42 22.86
C TYR E 68 -10.43 -4.76 23.69
N PRO E 69 -10.48 -3.47 24.03
CA PRO E 69 -9.39 -2.81 24.74
C PRO E 69 -9.61 -2.95 26.22
N ILE E 70 -10.81 -3.34 26.66
CA ILE E 70 -11.12 -3.52 28.06
C ILE E 70 -11.36 -4.99 28.28
N GLU E 71 -10.63 -5.61 29.20
CA GLU E 71 -10.87 -6.98 29.62
C GLU E 71 -11.01 -7.01 31.12
N HIS E 72 -12.09 -7.60 31.62
CA HIS E 72 -12.39 -7.79 33.03
C HIS E 72 -12.53 -6.49 33.82
N GLY E 73 -13.02 -5.43 33.16
CA GLY E 73 -13.08 -4.08 33.68
C GLY E 73 -11.74 -3.34 33.61
N ILE E 74 -10.68 -4.00 33.11
CA ILE E 74 -9.33 -3.47 33.05
C ILE E 74 -9.07 -3.01 31.64
N ILE E 75 -8.61 -1.76 31.43
CA ILE E 75 -8.14 -1.39 30.12
C ILE E 75 -6.79 -2.01 29.85
N THR E 76 -6.71 -2.91 28.85
CA THR E 76 -5.50 -3.55 28.39
C THR E 76 -4.64 -2.61 27.60
N ASN E 77 -5.29 -1.83 26.71
CA ASN E 77 -4.61 -0.92 25.81
C ASN E 77 -5.23 0.48 25.85
N TRP E 78 -4.42 1.48 26.27
CA TRP E 78 -4.86 2.84 26.52
C TRP E 78 -5.13 3.69 25.30
N ASP E 79 -4.30 3.56 24.24
CA ASP E 79 -4.46 4.27 22.98
C ASP E 79 -5.76 3.85 22.32
N ASP E 80 -6.06 2.55 22.29
CA ASP E 80 -7.31 1.98 21.83
C ASP E 80 -8.53 2.53 22.61
N MET E 81 -8.48 2.68 23.95
CA MET E 81 -9.52 3.37 24.73
C MET E 81 -9.68 4.84 24.40
N GLU E 82 -8.57 5.58 24.24
CA GLU E 82 -8.57 6.96 23.81
C GLU E 82 -9.23 7.12 22.45
N LYS E 83 -8.90 6.25 21.48
CA LYS E 83 -9.56 6.18 20.17
C LYS E 83 -11.06 5.94 20.23
N ILE E 84 -11.51 5.05 21.13
CA ILE E 84 -12.93 4.85 21.39
C ILE E 84 -13.63 6.07 21.92
N TRP E 85 -13.06 6.75 22.93
CA TRP E 85 -13.59 8.01 23.41
C TRP E 85 -13.50 9.12 22.37
N HIS E 86 -12.44 9.18 21.55
CA HIS E 86 -12.37 10.12 20.45
C HIS E 86 -13.50 9.96 19.45
N HIS E 87 -13.83 8.70 19.11
CA HIS E 87 -14.98 8.29 18.33
C HIS E 87 -16.30 8.73 18.99
N THR E 88 -16.54 8.51 20.33
CA THR E 88 -17.79 8.94 21.00
C THR E 88 -18.09 10.42 20.87
N PHE E 89 -17.06 11.24 21.16
CA PHE E 89 -17.22 12.68 21.24
C PHE E 89 -17.32 13.31 19.88
N TYR E 90 -16.42 12.96 18.94
CA TYR E 90 -16.40 13.62 17.65
C TYR E 90 -17.29 12.94 16.63
N ASN E 91 -17.29 11.60 16.53
CA ASN E 91 -18.09 10.90 15.52
C ASN E 91 -19.59 10.90 15.83
N GLU E 92 -20.00 10.60 17.08
CA GLU E 92 -21.41 10.56 17.43
C GLU E 92 -21.93 11.84 18.02
N LEU E 93 -21.42 12.26 19.19
CA LEU E 93 -22.10 13.29 19.94
C LEU E 93 -21.86 14.69 19.43
N ARG E 94 -20.71 14.89 18.76
CA ARG E 94 -20.28 16.12 18.12
C ARG E 94 -20.13 17.26 19.10
N VAL E 95 -19.43 16.99 20.21
CA VAL E 95 -19.28 17.89 21.32
C VAL E 95 -17.83 18.23 21.41
N ALA E 96 -17.49 19.42 21.95
CA ALA E 96 -16.17 19.70 22.43
C ALA E 96 -16.19 19.32 23.92
N PRO E 97 -15.41 18.37 24.44
CA PRO E 97 -15.39 18.06 25.87
C PRO E 97 -15.02 19.26 26.76
N GLU E 98 -14.34 20.31 26.27
CA GLU E 98 -14.09 21.57 26.96
C GLU E 98 -15.38 22.26 27.41
N GLU E 99 -16.50 21.99 26.74
CA GLU E 99 -17.76 22.62 26.99
C GLU E 99 -18.64 21.77 27.90
N HIS E 100 -18.18 20.58 28.37
CA HIS E 100 -19.06 19.72 29.17
C HIS E 100 -18.34 19.04 30.31
N PRO E 101 -18.80 18.99 31.56
CA PRO E 101 -18.30 17.99 32.52
C PRO E 101 -18.63 16.55 32.13
N THR E 102 -17.70 15.58 32.30
CA THR E 102 -17.88 14.20 31.84
C THR E 102 -17.87 13.20 32.97
N LEU E 103 -18.93 12.42 33.12
CA LEU E 103 -19.02 11.31 34.03
C LEU E 103 -18.57 10.04 33.36
N LEU E 104 -17.68 9.28 34.00
CA LEU E 104 -17.33 7.94 33.60
C LEU E 104 -17.81 6.98 34.64
N THR E 105 -18.32 5.84 34.19
CA THR E 105 -18.53 4.72 35.07
C THR E 105 -17.28 3.89 35.18
N GLU E 106 -17.16 3.08 36.23
CA GLU E 106 -16.06 2.16 36.40
C GLU E 106 -16.49 1.07 37.36
N ALA E 107 -15.84 -0.11 37.29
CA ALA E 107 -16.27 -1.28 38.01
C ALA E 107 -15.73 -1.40 39.45
N PRO E 108 -16.41 -1.96 40.45
CA PRO E 108 -15.81 -2.24 41.75
C PRO E 108 -14.56 -3.09 41.84
N LEU E 109 -13.76 -2.84 42.89
CA LEU E 109 -12.57 -3.60 43.28
C LEU E 109 -11.58 -3.58 42.16
N ASN E 110 -11.58 -2.51 41.39
CA ASN E 110 -10.84 -2.38 40.18
C ASN E 110 -9.51 -1.75 40.54
N PRO E 111 -8.36 -2.21 40.00
CA PRO E 111 -7.09 -1.53 40.07
C PRO E 111 -7.13 -0.01 40.07
N LYS E 112 -6.36 0.60 40.97
CA LYS E 112 -6.26 2.03 41.15
C LYS E 112 -5.80 2.76 39.90
N ALA E 113 -4.87 2.10 39.18
CA ALA E 113 -4.26 2.54 37.94
C ALA E 113 -5.27 2.83 36.86
N ASN E 114 -6.36 2.03 36.74
CA ASN E 114 -7.43 2.36 35.80
C ASN E 114 -8.11 3.66 36.12
N ARG E 115 -8.55 3.90 37.39
CA ARG E 115 -9.16 5.17 37.77
C ARG E 115 -8.24 6.38 37.59
N GLU E 116 -6.99 6.28 38.08
CA GLU E 116 -5.97 7.30 37.98
C GLU E 116 -5.46 7.60 36.57
N LYS E 117 -5.27 6.57 35.73
CA LYS E 117 -4.95 6.78 34.34
C LYS E 117 -6.13 7.27 33.51
N MET E 118 -7.37 6.85 33.83
CA MET E 118 -8.61 7.29 33.21
C MET E 118 -8.83 8.80 33.38
N THR E 119 -8.59 9.32 34.62
CA THR E 119 -8.58 10.75 34.91
C THR E 119 -7.46 11.51 34.24
N GLN E 120 -6.25 10.95 34.21
CA GLN E 120 -5.11 11.52 33.53
C GLN E 120 -5.38 11.76 32.04
N ILE E 121 -5.98 10.76 31.35
CA ILE E 121 -6.44 10.93 29.97
C ILE E 121 -7.56 11.95 29.85
N MET E 122 -8.58 11.91 30.73
CA MET E 122 -9.66 12.89 30.61
C MET E 122 -9.18 14.32 30.75
N PHE E 123 -8.27 14.64 31.65
CA PHE E 123 -7.73 15.99 31.68
C PHE E 123 -6.70 16.34 30.60
N GLU E 124 -5.76 15.41 30.27
CA GLU E 124 -4.60 15.72 29.43
C GLU E 124 -4.69 15.16 28.02
N THR E 125 -5.88 14.72 27.61
CA THR E 125 -6.15 14.31 26.23
C THR E 125 -7.30 15.15 25.71
N PHE E 126 -8.53 14.96 26.23
CA PHE E 126 -9.65 15.80 25.83
C PHE E 126 -9.79 16.87 26.86
N ASN E 127 -9.30 18.11 26.64
CA ASN E 127 -9.32 19.11 27.70
C ASN E 127 -10.76 19.30 28.22
N VAL E 128 -11.03 19.21 29.54
CA VAL E 128 -12.39 19.09 30.03
C VAL E 128 -12.47 19.89 31.33
N PRO E 129 -13.53 20.63 31.68
CA PRO E 129 -13.59 21.43 32.90
C PRO E 129 -13.62 20.59 34.15
N ALA E 130 -14.27 19.42 34.07
CA ALA E 130 -14.45 18.60 35.23
C ALA E 130 -14.86 17.20 34.86
N MET E 131 -14.71 16.26 35.79
CA MET E 131 -15.09 14.90 35.54
C MET E 131 -15.39 14.18 36.82
N TYR E 132 -15.91 12.97 36.73
CA TYR E 132 -16.10 12.13 37.87
C TYR E 132 -15.97 10.71 37.37
N VAL E 133 -15.52 9.79 38.24
CA VAL E 133 -15.51 8.36 38.00
C VAL E 133 -16.40 7.81 39.09
N ALA E 134 -17.34 6.94 38.72
CA ALA E 134 -18.33 6.45 39.63
C ALA E 134 -18.49 4.96 39.51
N ILE E 135 -18.96 4.33 40.59
CA ILE E 135 -19.11 2.90 40.62
C ILE E 135 -20.34 2.43 39.85
N GLN E 136 -20.25 1.40 38.98
CA GLN E 136 -21.35 0.95 38.13
C GLN E 136 -22.66 0.58 38.85
N ALA E 137 -22.55 -0.17 39.95
CA ALA E 137 -23.69 -0.71 40.69
C ALA E 137 -24.58 0.33 41.36
N VAL E 138 -23.98 1.37 41.98
CA VAL E 138 -24.71 2.48 42.57
C VAL E 138 -25.51 3.25 41.53
N LEU E 139 -24.96 3.49 40.33
CA LEU E 139 -25.68 4.13 39.24
C LEU E 139 -26.92 3.35 38.81
N SER E 140 -26.84 2.01 38.68
CA SER E 140 -28.03 1.20 38.37
C SER E 140 -29.10 1.27 39.44
N LEU E 141 -28.69 1.31 40.73
CA LEU E 141 -29.58 1.50 41.85
C LEU E 141 -30.37 2.81 41.79
N TYR E 142 -29.68 3.94 41.47
CA TYR E 142 -30.29 5.23 41.20
C TYR E 142 -31.29 5.19 40.08
N ALA E 143 -30.94 4.51 38.96
CA ALA E 143 -31.80 4.33 37.81
C ALA E 143 -33.07 3.57 38.11
N SER E 144 -32.97 2.55 39.00
CA SER E 144 -34.12 1.80 39.48
C SER E 144 -34.97 2.57 40.48
N GLY E 145 -34.48 3.72 41.01
CA GLY E 145 -35.26 4.63 41.86
C GLY E 145 -35.41 4.15 43.27
N ARG E 146 -34.51 3.28 43.73
CA ARG E 146 -34.60 2.65 45.03
C ARG E 146 -33.44 3.11 45.87
N THR E 147 -33.59 3.19 47.19
CA THR E 147 -32.52 3.69 48.05
C THR E 147 -31.68 2.56 48.61
N THR E 148 -32.17 1.32 48.45
CA THR E 148 -31.70 0.12 49.10
C THR E 148 -31.83 -1.01 48.14
N GLY E 149 -30.84 -1.89 48.14
CA GLY E 149 -30.85 -3.11 47.37
C GLY E 149 -29.49 -3.68 47.29
N ILE E 150 -29.42 -4.90 46.79
CA ILE E 150 -28.15 -5.51 46.46
C ILE E 150 -28.10 -5.55 44.99
N VAL E 151 -27.13 -4.84 44.40
CA VAL E 151 -27.06 -4.72 42.98
C VAL E 151 -26.13 -5.78 42.43
N LEU E 152 -26.70 -6.68 41.62
CA LEU E 152 -25.98 -7.66 40.87
C LEU E 152 -25.71 -7.03 39.52
N ASP E 153 -24.45 -6.65 39.27
CA ASP E 153 -24.00 -5.98 38.08
C ASP E 153 -23.24 -7.06 37.36
N SER E 154 -23.69 -7.39 36.13
CA SER E 154 -22.85 -8.20 35.28
C SER E 154 -22.88 -7.66 33.87
N GLY E 155 -21.73 -7.14 33.42
CA GLY E 155 -21.57 -6.70 32.05
C GLY E 155 -20.89 -7.73 31.18
N ASP E 156 -20.27 -7.28 30.08
CA ASP E 156 -19.37 -8.10 29.28
C ASP E 156 -17.96 -8.10 29.88
N GLY E 157 -17.68 -7.13 30.79
CA GLY E 157 -16.40 -7.02 31.46
C GLY E 157 -16.25 -8.00 32.57
N VAL E 158 -16.83 -7.76 33.76
CA VAL E 158 -16.78 -8.70 34.85
C VAL E 158 -18.13 -8.53 35.54
N THR E 159 -18.50 -9.49 36.41
CA THR E 159 -19.60 -9.50 37.37
C THR E 159 -19.17 -8.92 38.71
N HIS E 160 -20.00 -8.05 39.29
CA HIS E 160 -19.81 -7.34 40.52
C HIS E 160 -21.10 -7.38 41.32
N ASN E 161 -21.01 -7.17 42.63
CA ASN E 161 -22.12 -7.26 43.50
C ASN E 161 -21.86 -6.23 44.59
N VAL E 162 -22.74 -5.24 44.77
CA VAL E 162 -22.57 -4.21 45.77
C VAL E 162 -23.87 -4.15 46.58
N PRO E 163 -23.92 -4.54 47.86
CA PRO E 163 -25.05 -4.26 48.74
C PRO E 163 -25.02 -2.82 49.20
N ILE E 164 -26.19 -2.21 49.23
CA ILE E 164 -26.38 -0.86 49.66
C ILE E 164 -27.53 -0.88 50.62
N TYR E 165 -27.53 -0.02 51.66
CA TYR E 165 -28.63 0.14 52.58
C TYR E 165 -28.81 1.62 52.90
N GLU E 166 -29.95 2.20 52.45
CA GLU E 166 -30.37 3.56 52.74
C GLU E 166 -29.37 4.61 52.25
N GLY E 167 -28.98 4.49 50.97
CA GLY E 167 -27.66 4.95 50.58
C GLY E 167 -26.60 4.08 51.23
N TYR E 168 -25.62 4.67 51.95
CA TYR E 168 -24.43 4.01 52.49
C TYR E 168 -23.78 3.07 51.48
N ALA E 169 -23.21 1.93 51.91
CA ALA E 169 -22.45 1.01 51.09
C ALA E 169 -21.61 0.21 52.05
N LEU E 170 -21.31 -1.06 51.71
CA LEU E 170 -20.53 -1.92 52.58
C LEU E 170 -19.28 -2.43 51.88
N PRO E 171 -18.08 -1.86 52.10
CA PRO E 171 -16.89 -2.22 51.35
C PRO E 171 -16.46 -3.67 51.46
N HIS E 172 -16.56 -4.27 52.66
CA HIS E 172 -16.23 -5.66 52.94
C HIS E 172 -17.19 -6.65 52.29
N ALA E 173 -18.46 -6.23 52.14
CA ALA E 173 -19.51 -7.03 51.56
C ALA E 173 -19.59 -6.93 50.05
N ILE E 174 -18.90 -5.95 49.40
CA ILE E 174 -18.73 -5.92 47.95
C ILE E 174 -18.00 -7.14 47.44
N MET E 175 -18.58 -7.83 46.45
CA MET E 175 -18.00 -9.00 45.84
C MET E 175 -17.84 -8.77 44.36
N ARG E 176 -16.74 -9.28 43.81
CA ARG E 176 -16.43 -9.24 42.40
C ARG E 176 -16.14 -10.66 42.01
N LEU E 177 -16.79 -11.11 40.93
CA LEU E 177 -16.73 -12.47 40.46
C LEU E 177 -16.31 -12.46 39.01
N ASP E 178 -15.21 -13.14 38.66
CA ASP E 178 -14.70 -13.19 37.31
C ASP E 178 -15.51 -14.18 36.48
N LEU E 179 -16.67 -13.70 36.01
CA LEU E 179 -17.51 -14.28 34.99
C LEU E 179 -18.03 -13.10 34.23
N ALA E 180 -18.40 -13.32 32.96
CA ALA E 180 -18.92 -12.25 32.18
C ALA E 180 -19.69 -12.77 31.00
N GLY E 181 -20.34 -11.86 30.25
CA GLY E 181 -20.75 -12.12 28.87
C GLY E 181 -19.65 -12.67 28.00
N ARG E 182 -18.44 -12.11 28.02
CA ARG E 182 -17.34 -12.57 27.20
C ARG E 182 -16.89 -14.00 27.48
N ASP E 183 -16.81 -14.42 28.76
CA ASP E 183 -16.50 -15.77 29.16
C ASP E 183 -17.59 -16.78 28.77
N LEU E 184 -18.88 -16.37 28.82
CA LEU E 184 -19.98 -17.14 28.24
C LEU E 184 -19.89 -17.29 26.73
N THR E 185 -19.44 -16.25 26.01
CA THR E 185 -19.14 -16.35 24.57
C THR E 185 -18.03 -17.35 24.26
N ASP E 186 -16.89 -17.33 25.01
CA ASP E 186 -15.79 -18.29 24.87
C ASP E 186 -16.23 -19.72 25.21
N TYR E 187 -17.05 -19.92 26.26
CA TYR E 187 -17.71 -21.18 26.54
C TYR E 187 -18.64 -21.64 25.42
N LEU E 188 -19.44 -20.70 24.86
CA LEU E 188 -20.38 -21.00 23.82
C LEU E 188 -19.76 -21.45 22.52
N MET E 189 -18.73 -20.78 22.02
CA MET E 189 -18.05 -21.22 20.82
C MET E 189 -17.32 -22.55 21.04
N LYS E 190 -16.84 -22.84 22.28
CA LYS E 190 -16.40 -24.16 22.68
C LYS E 190 -17.47 -25.25 22.70
N ILE E 191 -18.72 -24.95 23.13
CA ILE E 191 -19.78 -25.94 23.14
C ILE E 191 -20.47 -26.09 21.78
N LEU E 192 -20.30 -25.15 20.81
CA LEU E 192 -20.75 -25.38 19.43
C LEU E 192 -19.92 -26.42 18.67
N THR E 193 -18.63 -26.61 19.05
CA THR E 193 -17.69 -27.47 18.34
C THR E 193 -18.07 -28.94 18.34
N GLU E 194 -18.75 -29.42 19.42
CA GLU E 194 -19.23 -30.78 19.54
C GLU E 194 -20.36 -31.05 18.54
N ARG E 195 -21.00 -29.97 18.02
CA ARG E 195 -22.04 -30.09 17.02
C ARG E 195 -21.49 -30.02 15.59
N GLY E 196 -20.19 -29.67 15.44
CA GLY E 196 -19.47 -29.59 14.17
C GLY E 196 -19.26 -28.18 13.68
N TYR E 197 -19.88 -27.17 14.32
CA TYR E 197 -19.71 -25.79 13.92
C TYR E 197 -18.51 -25.19 14.61
N SER E 198 -17.52 -24.72 13.85
CA SER E 198 -16.24 -24.31 14.42
C SER E 198 -16.02 -22.88 14.08
N PHE E 199 -15.96 -22.03 15.11
CA PHE E 199 -15.82 -20.60 14.97
C PHE E 199 -14.53 -20.27 15.64
N VAL E 200 -13.49 -19.90 14.86
CA VAL E 200 -12.12 -19.94 15.31
C VAL E 200 -11.54 -18.55 15.44
N THR E 201 -12.23 -17.51 14.94
CA THR E 201 -11.62 -16.20 14.71
C THR E 201 -12.50 -15.14 15.33
N THR E 202 -11.96 -13.93 15.60
CA THR E 202 -12.63 -12.82 16.27
C THR E 202 -13.91 -12.32 15.62
N ALA E 203 -13.94 -12.28 14.27
CA ALA E 203 -15.09 -11.90 13.47
C ALA E 203 -16.34 -12.76 13.71
N GLU E 204 -16.25 -14.10 13.70
CA GLU E 204 -17.39 -14.94 14.00
C GLU E 204 -17.56 -15.24 15.49
N ARG E 205 -16.59 -14.86 16.34
CA ARG E 205 -16.75 -14.77 17.77
C ARG E 205 -17.81 -13.74 18.18
N GLU E 206 -17.90 -12.64 17.42
CA GLU E 206 -19.01 -11.71 17.53
C GLU E 206 -20.31 -12.18 16.90
N ILE E 207 -20.25 -13.10 15.91
CA ILE E 207 -21.44 -13.85 15.46
C ILE E 207 -22.03 -14.75 16.55
N VAL E 208 -21.23 -15.51 17.33
CA VAL E 208 -21.78 -16.25 18.48
C VAL E 208 -22.19 -15.35 19.63
N ARG E 209 -21.59 -14.15 19.76
CA ARG E 209 -22.10 -13.15 20.67
C ARG E 209 -23.53 -12.73 20.31
N ASP E 210 -23.83 -12.44 19.02
CA ASP E 210 -25.17 -12.14 18.48
C ASP E 210 -26.16 -13.31 18.69
N ILE E 211 -25.71 -14.57 18.48
CA ILE E 211 -26.53 -15.76 18.74
C ILE E 211 -26.98 -15.81 20.18
N LYS E 212 -26.02 -15.63 21.10
CA LYS E 212 -26.21 -15.70 22.51
C LYS E 212 -27.06 -14.55 23.07
N GLU E 213 -26.99 -13.35 22.46
CA GLU E 213 -27.83 -12.18 22.70
C GLU E 213 -29.32 -12.40 22.39
N LYS E 214 -29.70 -13.40 21.56
CA LYS E 214 -31.10 -13.74 21.40
C LYS E 214 -31.46 -15.19 21.65
N LEU E 215 -30.73 -16.19 21.11
CA LEU E 215 -31.18 -17.57 21.20
C LEU E 215 -31.10 -18.11 22.60
N CYS E 216 -29.98 -17.86 23.32
CA CYS E 216 -29.74 -18.37 24.66
C CYS E 216 -30.80 -18.00 25.69
N TYR E 217 -31.12 -18.93 26.61
CA TYR E 217 -32.01 -18.61 27.70
C TYR E 217 -31.54 -19.41 28.89
N VAL E 218 -32.04 -19.10 30.10
CA VAL E 218 -31.70 -19.83 31.31
C VAL E 218 -32.82 -20.76 31.71
N ALA E 219 -32.50 -22.05 31.94
CA ALA E 219 -33.41 -23.04 32.45
C ALA E 219 -33.97 -22.78 33.84
N LEU E 220 -35.28 -22.97 34.04
CA LEU E 220 -35.92 -22.87 35.34
C LEU E 220 -35.70 -24.14 36.13
N ASP E 221 -35.29 -25.22 35.46
CA ASP E 221 -34.47 -26.21 36.09
C ASP E 221 -33.59 -26.77 34.98
N PHE E 222 -32.26 -26.85 35.19
CA PHE E 222 -31.27 -27.25 34.20
C PHE E 222 -31.44 -28.72 33.80
N GLU E 223 -31.51 -29.63 34.79
CA GLU E 223 -31.61 -31.05 34.55
C GLU E 223 -32.90 -31.44 33.86
N ASN E 224 -34.03 -30.82 34.26
CA ASN E 224 -35.31 -31.04 33.62
C ASN E 224 -35.31 -30.63 32.15
N GLU E 225 -34.75 -29.44 31.82
CA GLU E 225 -34.61 -29.01 30.45
C GLU E 225 -33.61 -29.83 29.62
N MET E 226 -32.49 -30.25 30.23
CA MET E 226 -31.58 -31.21 29.64
C MET E 226 -32.13 -32.61 29.41
N ALA E 227 -33.00 -33.11 30.30
CA ALA E 227 -33.77 -34.32 30.08
C ALA E 227 -34.75 -34.24 28.90
N THR E 228 -35.51 -33.12 28.78
CA THR E 228 -36.47 -32.94 27.67
C THR E 228 -35.76 -32.60 26.35
N ALA E 229 -34.45 -32.27 26.36
CA ALA E 229 -33.61 -32.26 25.17
C ALA E 229 -33.45 -33.62 24.46
N ALA E 230 -33.85 -34.76 25.07
CA ALA E 230 -33.96 -36.03 24.37
C ALA E 230 -34.98 -36.02 23.23
N SER E 231 -36.18 -35.42 23.46
CA SER E 231 -37.19 -35.23 22.44
C SER E 231 -37.09 -33.82 21.88
N SER E 232 -36.17 -33.60 20.92
CA SER E 232 -35.92 -32.26 20.41
C SER E 232 -37.04 -31.75 19.54
N SER E 233 -37.66 -30.65 19.97
CA SER E 233 -38.73 -29.98 19.25
C SER E 233 -38.55 -28.47 19.37
N SER E 234 -38.89 -27.89 20.54
CA SER E 234 -38.81 -26.44 20.71
C SER E 234 -37.44 -25.92 21.12
N LEU E 235 -36.56 -26.82 21.58
CA LEU E 235 -35.26 -26.47 22.11
C LEU E 235 -34.25 -26.24 21.03
N GLU E 236 -34.48 -26.80 19.83
CA GLU E 236 -33.73 -26.49 18.65
C GLU E 236 -34.23 -25.18 18.07
N LYS E 237 -33.31 -24.34 17.61
CA LYS E 237 -33.65 -23.19 16.81
C LYS E 237 -32.66 -23.12 15.71
N SER E 238 -33.19 -22.94 14.50
CA SER E 238 -32.48 -22.51 13.31
C SER E 238 -31.99 -21.08 13.48
N TYR E 239 -30.70 -20.83 13.18
CA TYR E 239 -30.08 -19.54 13.14
C TYR E 239 -29.42 -19.40 11.79
N GLU E 240 -29.53 -18.20 11.18
CA GLU E 240 -28.96 -17.85 9.91
C GLU E 240 -27.65 -17.11 10.14
N LEU E 241 -26.52 -17.58 9.57
CA LEU E 241 -25.27 -16.85 9.59
C LEU E 241 -25.25 -15.79 8.49
N PRO E 242 -24.44 -14.74 8.56
CA PRO E 242 -24.25 -13.81 7.43
C PRO E 242 -23.66 -14.46 6.19
N ASP E 243 -22.95 -15.61 6.30
CA ASP E 243 -22.50 -16.45 5.20
C ASP E 243 -23.68 -17.03 4.40
N GLY E 244 -24.84 -17.30 5.05
CA GLY E 244 -25.97 -18.01 4.46
C GLY E 244 -26.01 -19.45 4.90
N GLN E 245 -25.02 -19.84 5.71
CA GLN E 245 -25.06 -21.08 6.45
C GLN E 245 -26.05 -21.08 7.60
N VAL E 246 -26.70 -22.23 7.85
CA VAL E 246 -27.73 -22.37 8.84
C VAL E 246 -27.15 -23.20 9.96
N ILE E 247 -27.42 -22.80 11.21
CA ILE E 247 -26.97 -23.41 12.43
C ILE E 247 -28.20 -23.83 13.18
N THR E 248 -28.18 -25.03 13.77
CA THR E 248 -29.32 -25.60 14.49
C THR E 248 -28.86 -25.99 15.86
N ILE E 249 -29.28 -25.27 16.92
CA ILE E 249 -28.74 -25.42 18.27
C ILE E 249 -29.80 -25.87 19.26
N GLY E 250 -29.57 -27.04 19.93
CA GLY E 250 -30.55 -27.66 20.82
C GLY E 250 -30.30 -27.34 22.27
N ASN E 251 -29.85 -28.34 23.06
CA ASN E 251 -29.60 -28.21 24.49
C ASN E 251 -28.43 -27.32 24.86
N GLU E 252 -27.50 -27.22 23.92
CA GLU E 252 -26.33 -26.37 23.85
C GLU E 252 -26.68 -24.91 24.07
N ARG E 253 -27.85 -24.48 23.57
CA ARG E 253 -28.40 -23.18 23.80
C ARG E 253 -28.54 -22.76 25.28
N PHE E 254 -29.23 -23.55 26.14
CA PHE E 254 -29.54 -23.08 27.49
C PHE E 254 -28.46 -23.43 28.50
N ARG E 255 -27.57 -24.39 28.17
CA ARG E 255 -26.47 -24.67 29.06
C ARG E 255 -25.32 -23.68 28.96
N CYS E 256 -25.30 -22.79 27.95
CA CYS E 256 -24.38 -21.67 27.99
C CYS E 256 -24.69 -20.67 29.11
N PRO E 257 -25.90 -20.12 29.36
CA PRO E 257 -26.08 -19.26 30.52
C PRO E 257 -26.04 -19.99 31.85
N GLU E 258 -26.22 -21.34 31.86
CA GLU E 258 -26.15 -22.19 33.04
C GLU E 258 -24.81 -22.07 33.75
N THR E 259 -23.72 -21.79 32.99
CA THR E 259 -22.37 -21.50 33.50
C THR E 259 -22.31 -20.45 34.60
N LEU E 260 -23.21 -19.43 34.60
CA LEU E 260 -23.32 -18.45 35.67
C LEU E 260 -23.65 -19.06 37.03
N PHE E 261 -24.40 -20.17 37.03
CA PHE E 261 -24.90 -20.86 38.19
C PHE E 261 -24.09 -22.13 38.44
N GLN E 262 -23.19 -22.51 37.50
CA GLN E 262 -22.33 -23.68 37.59
C GLN E 262 -20.95 -23.35 36.98
N PRO E 263 -20.06 -22.57 37.60
CA PRO E 263 -18.74 -22.25 37.05
C PRO E 263 -17.81 -23.44 37.05
N SER E 264 -18.18 -24.62 37.53
CA SER E 264 -17.50 -25.87 37.29
C SER E 264 -17.46 -26.25 35.81
N PHE E 265 -18.43 -25.80 34.98
CA PHE E 265 -18.45 -25.94 33.52
C PHE E 265 -17.36 -25.17 32.81
N ILE E 266 -17.06 -23.94 33.30
CA ILE E 266 -15.93 -23.16 32.81
C ILE E 266 -14.60 -23.67 33.40
N GLY E 267 -14.65 -24.36 34.57
CA GLY E 267 -13.48 -24.94 35.26
C GLY E 267 -12.98 -24.08 36.38
N MET E 268 -13.71 -23.03 36.75
CA MET E 268 -13.40 -22.18 37.88
C MET E 268 -14.12 -22.65 39.12
N GLU E 269 -13.44 -22.61 40.29
CA GLU E 269 -14.04 -22.95 41.55
C GLU E 269 -15.02 -21.94 42.06
N SER E 270 -14.74 -20.64 41.75
CA SER E 270 -15.51 -19.47 42.14
C SER E 270 -16.99 -19.67 42.04
N ALA E 271 -17.72 -19.46 43.14
CA ALA E 271 -19.11 -19.87 43.24
C ALA E 271 -20.05 -19.25 42.21
N GLY E 272 -21.15 -19.93 41.87
CA GLY E 272 -22.19 -19.38 41.02
C GLY E 272 -22.73 -18.06 41.53
N ILE E 273 -23.39 -17.29 40.65
CA ILE E 273 -23.82 -15.93 40.93
C ILE E 273 -24.83 -15.78 42.07
N HIS E 274 -25.67 -16.81 42.34
CA HIS E 274 -26.59 -16.82 43.46
C HIS E 274 -25.88 -17.06 44.79
N GLU E 275 -24.88 -17.97 44.87
CA GLU E 275 -24.03 -18.11 46.05
C GLU E 275 -23.14 -16.89 46.29
N THR E 276 -22.64 -16.19 45.25
CA THR E 276 -21.93 -14.91 45.42
C THR E 276 -22.81 -13.86 46.04
N THR E 277 -24.10 -13.76 45.64
CA THR E 277 -25.09 -12.90 46.29
C THR E 277 -25.33 -13.24 47.75
N TYR E 278 -25.41 -14.56 48.10
CA TYR E 278 -25.42 -15.01 49.48
C TYR E 278 -24.16 -14.62 50.23
N ASN E 279 -22.97 -14.78 49.62
CA ASN E 279 -21.69 -14.39 50.16
C ASN E 279 -21.61 -12.90 50.50
N SER E 280 -22.14 -12.02 49.61
CA SER E 280 -22.29 -10.60 49.88
C SER E 280 -23.27 -10.28 51.00
N ILE E 281 -24.50 -10.85 50.99
CA ILE E 281 -25.54 -10.65 52.01
C ILE E 281 -25.15 -11.18 53.39
N MET E 282 -24.47 -12.33 53.46
CA MET E 282 -23.90 -12.89 54.69
C MET E 282 -22.81 -12.04 55.31
N LYS E 283 -22.03 -11.32 54.50
CA LYS E 283 -21.06 -10.40 55.04
C LYS E 283 -21.66 -9.12 55.60
N CYS E 284 -22.93 -8.83 55.27
CA CYS E 284 -23.64 -7.68 55.79
C CYS E 284 -24.15 -7.92 57.20
N ASP E 285 -24.44 -6.83 57.93
CA ASP E 285 -25.04 -6.87 59.24
C ASP E 285 -26.39 -7.57 59.25
N ILE E 286 -26.71 -8.26 60.36
CA ILE E 286 -27.90 -9.10 60.50
C ILE E 286 -29.20 -8.33 60.22
N ASP E 287 -29.32 -7.10 60.75
CA ASP E 287 -30.48 -6.25 60.72
C ASP E 287 -30.99 -5.93 59.31
N ILE E 288 -30.06 -5.54 58.40
CA ILE E 288 -30.47 -5.06 57.10
C ILE E 288 -30.83 -6.16 56.14
N ARG E 289 -30.38 -7.42 56.39
CA ARG E 289 -30.50 -8.48 55.40
C ARG E 289 -31.90 -8.72 54.85
N LYS E 290 -32.95 -8.47 55.65
CA LYS E 290 -34.34 -8.62 55.29
C LYS E 290 -34.75 -7.89 54.01
N ASP E 291 -34.27 -6.64 53.78
CA ASP E 291 -34.64 -5.88 52.63
C ASP E 291 -33.70 -6.19 51.48
N LEU E 292 -32.42 -6.56 51.73
CA LEU E 292 -31.48 -6.99 50.70
C LEU E 292 -31.87 -8.24 49.97
N TYR E 293 -32.44 -9.21 50.70
CA TYR E 293 -33.13 -10.34 50.14
C TYR E 293 -34.31 -9.93 49.25
N ALA E 294 -35.12 -8.94 49.68
CA ALA E 294 -36.30 -8.52 48.97
C ALA E 294 -36.09 -7.41 47.92
N ASN E 295 -34.85 -6.88 47.73
CA ASN E 295 -34.58 -5.72 46.89
C ASN E 295 -33.34 -5.99 46.05
N ASN E 296 -33.09 -7.24 45.64
CA ASN E 296 -32.06 -7.57 44.66
C ASN E 296 -32.33 -6.93 43.30
N VAL E 297 -31.38 -6.13 42.79
CA VAL E 297 -31.47 -5.42 41.52
C VAL E 297 -30.49 -6.08 40.59
N MET E 298 -30.96 -6.53 39.43
CA MET E 298 -30.09 -6.95 38.35
C MET E 298 -29.78 -5.82 37.41
N SER E 299 -28.52 -5.69 36.99
CA SER E 299 -28.11 -4.71 36.02
C SER E 299 -27.15 -5.33 35.04
N GLY E 300 -26.88 -4.59 33.95
CA GLY E 300 -25.86 -4.94 32.99
C GLY E 300 -26.37 -5.70 31.80
N GLY E 301 -25.48 -5.98 30.83
CA GLY E 301 -25.90 -6.65 29.61
C GLY E 301 -26.09 -8.14 29.71
N THR E 302 -25.39 -8.85 30.62
CA THR E 302 -25.46 -10.32 30.68
C THR E 302 -26.45 -10.78 31.75
N THR E 303 -27.30 -9.85 32.27
CA THR E 303 -28.54 -10.20 32.98
C THR E 303 -29.72 -10.11 32.04
N MET E 304 -29.52 -9.88 30.72
CA MET E 304 -30.64 -9.80 29.81
C MET E 304 -31.29 -11.11 29.43
N TYR E 305 -30.62 -12.29 29.59
CA TYR E 305 -31.17 -13.58 29.16
C TYR E 305 -32.55 -13.87 29.74
N PRO E 306 -33.53 -14.32 28.97
CA PRO E 306 -34.82 -14.75 29.49
C PRO E 306 -34.73 -15.82 30.58
N GLY E 307 -35.43 -15.62 31.71
CA GLY E 307 -35.52 -16.59 32.80
C GLY E 307 -34.41 -16.52 33.84
N ILE E 308 -33.44 -15.56 33.75
CA ILE E 308 -32.43 -15.38 34.81
C ILE E 308 -33.04 -15.04 36.16
N ALA E 309 -34.00 -14.08 36.17
CA ALA E 309 -34.66 -13.59 37.36
C ALA E 309 -35.39 -14.68 38.13
N ASP E 310 -36.13 -15.55 37.43
CA ASP E 310 -36.82 -16.70 37.97
C ASP E 310 -35.86 -17.75 38.55
N ARG E 311 -34.75 -18.05 37.84
CA ARG E 311 -33.75 -18.97 38.33
C ARG E 311 -33.05 -18.47 39.60
N MET E 312 -32.63 -17.19 39.64
CA MET E 312 -32.07 -16.56 40.82
C MET E 312 -33.04 -16.55 41.99
N GLN E 313 -34.34 -16.28 41.72
CA GLN E 313 -35.37 -16.34 42.73
C GLN E 313 -35.55 -17.70 43.32
N LYS E 314 -35.63 -18.76 42.50
CA LYS E 314 -35.75 -20.10 43.00
C LYS E 314 -34.55 -20.58 43.84
N GLU E 315 -33.30 -20.24 43.39
CA GLU E 315 -32.08 -20.63 44.09
C GLU E 315 -31.85 -19.87 45.37
N ILE E 316 -32.00 -18.53 45.36
CA ILE E 316 -31.86 -17.74 46.58
C ILE E 316 -32.94 -18.06 47.60
N THR E 317 -34.22 -18.24 47.17
CA THR E 317 -35.30 -18.73 48.04
C THR E 317 -35.04 -20.11 48.61
N ALA E 318 -34.47 -21.05 47.81
CA ALA E 318 -34.09 -22.37 48.27
C ALA E 318 -32.98 -22.38 49.33
N LEU E 319 -31.93 -21.54 49.16
CA LEU E 319 -30.85 -21.40 50.12
C LEU E 319 -31.18 -20.60 51.37
N ALA E 320 -31.95 -19.51 51.22
CA ALA E 320 -32.22 -18.58 52.29
C ALA E 320 -33.27 -19.11 53.28
N PRO E 321 -33.45 -18.50 54.44
CA PRO E 321 -34.67 -18.64 55.21
C PRO E 321 -35.95 -18.33 54.43
N SER E 322 -36.92 -19.27 54.35
CA SER E 322 -38.21 -19.06 53.71
C SER E 322 -39.17 -18.31 54.63
N THR E 323 -38.63 -17.85 55.79
CA THR E 323 -39.22 -16.95 56.78
C THR E 323 -39.52 -15.60 56.18
N MET E 324 -38.69 -15.15 55.23
CA MET E 324 -38.86 -13.89 54.56
C MET E 324 -38.95 -14.06 53.06
N LYS E 325 -39.71 -13.17 52.40
CA LYS E 325 -39.94 -13.29 50.98
C LYS E 325 -38.89 -12.60 50.14
N ILE E 326 -38.37 -13.33 49.14
CA ILE E 326 -37.27 -12.92 48.32
C ILE E 326 -37.83 -12.36 47.04
N LYS E 327 -38.03 -11.04 46.97
CA LYS E 327 -38.37 -10.38 45.74
C LYS E 327 -37.10 -9.99 45.00
N ILE E 328 -37.03 -10.25 43.70
CA ILE E 328 -35.97 -9.80 42.84
C ILE E 328 -36.62 -8.80 41.93
N ILE E 329 -36.03 -7.62 41.82
CA ILE E 329 -36.50 -6.59 40.94
C ILE E 329 -35.49 -6.46 39.81
N ALA E 330 -35.85 -7.00 38.65
CA ALA E 330 -35.01 -6.95 37.48
C ALA E 330 -35.80 -6.25 36.39
N PRO E 331 -35.59 -4.96 36.11
CA PRO E 331 -36.42 -4.26 35.14
C PRO E 331 -36.06 -4.75 33.73
N PRO E 332 -36.91 -4.85 32.71
CA PRO E 332 -36.47 -4.59 31.34
C PRO E 332 -35.90 -3.18 31.25
N GLU E 333 -34.98 -2.92 30.28
CA GLU E 333 -34.18 -1.70 30.20
C GLU E 333 -32.94 -1.79 31.10
N ARG E 334 -32.79 -2.93 31.84
CA ARG E 334 -31.70 -3.16 32.79
C ARG E 334 -30.30 -3.09 32.20
N LYS E 335 -30.19 -3.29 30.86
CA LYS E 335 -28.97 -3.14 30.10
C LYS E 335 -28.39 -1.74 30.21
N TYR E 336 -29.26 -0.70 30.18
CA TYR E 336 -28.81 0.68 30.10
C TYR E 336 -28.84 1.31 31.48
N SER E 337 -29.15 0.55 32.55
CA SER E 337 -29.35 1.08 33.90
C SER E 337 -28.19 1.86 34.49
N VAL E 338 -26.94 1.45 34.23
CA VAL E 338 -25.75 2.20 34.60
C VAL E 338 -25.68 3.57 33.94
N TRP E 339 -25.93 3.69 32.62
CA TRP E 339 -25.94 4.95 31.92
C TRP E 339 -27.05 5.88 32.42
N ILE E 340 -28.27 5.35 32.63
CA ILE E 340 -29.40 6.10 33.20
C ILE E 340 -29.07 6.59 34.60
N GLY E 341 -28.39 5.75 35.41
CA GLY E 341 -27.91 6.17 36.71
C GLY E 341 -26.87 7.25 36.70
N GLY E 342 -26.07 7.30 35.62
CA GLY E 342 -25.15 8.38 35.37
C GLY E 342 -25.80 9.64 34.88
N SER E 343 -26.89 9.52 34.07
CA SER E 343 -27.72 10.64 33.62
C SER E 343 -28.37 11.36 34.76
N ILE E 344 -29.03 10.59 35.68
CA ILE E 344 -29.67 11.14 36.87
C ILE E 344 -28.66 11.78 37.80
N LEU E 345 -27.48 11.17 38.04
CA LEU E 345 -26.45 11.74 38.90
C LEU E 345 -25.90 13.09 38.49
N ALA E 346 -25.56 13.24 37.20
CA ALA E 346 -25.05 14.50 36.70
C ALA E 346 -26.13 15.57 36.57
N SER E 347 -27.42 15.17 36.46
CA SER E 347 -28.57 16.08 36.57
C SER E 347 -28.87 16.55 37.98
N LEU E 348 -28.42 15.83 39.03
CA LEU E 348 -28.55 16.27 40.42
C LEU E 348 -27.77 17.55 40.74
N SER E 349 -28.46 18.55 41.32
CA SER E 349 -27.92 19.87 41.61
C SER E 349 -26.76 19.87 42.60
N THR E 350 -26.89 19.11 43.71
CA THR E 350 -25.83 18.92 44.72
C THR E 350 -24.56 18.29 44.18
N PHE E 351 -24.71 17.30 43.26
CA PHE E 351 -23.63 16.59 42.62
C PHE E 351 -22.71 17.54 41.84
N GLN E 352 -23.26 18.67 41.32
CA GLN E 352 -22.49 19.70 40.67
C GLN E 352 -21.41 20.41 41.49
N GLN E 353 -21.30 20.15 42.81
CA GLN E 353 -20.17 20.58 43.61
C GLN E 353 -19.18 19.45 43.90
N MET E 354 -19.52 18.17 43.63
CA MET E 354 -18.70 17.03 43.97
C MET E 354 -17.89 16.57 42.78
N TRP E 355 -17.98 17.27 41.64
CA TRP E 355 -17.13 17.02 40.49
C TRP E 355 -15.66 17.17 40.83
N ILE E 356 -14.80 16.34 40.22
CA ILE E 356 -13.39 16.60 40.27
C ILE E 356 -13.14 17.72 39.29
N THR E 357 -12.73 18.92 39.76
CA THR E 357 -12.50 20.02 38.84
C THR E 357 -11.18 19.83 38.13
N LYS E 358 -11.03 20.41 36.94
CA LYS E 358 -9.76 20.49 36.26
C LYS E 358 -8.69 21.20 37.08
N GLN E 359 -9.07 22.31 37.76
CA GLN E 359 -8.21 23.07 38.63
C GLN E 359 -7.63 22.23 39.77
N GLU E 360 -8.50 21.47 40.50
CA GLU E 360 -8.12 20.62 41.62
C GLU E 360 -7.17 19.50 41.22
N TYR E 361 -7.38 18.90 40.02
CA TYR E 361 -6.43 18.00 39.38
C TYR E 361 -5.10 18.68 39.06
N ASP E 362 -5.08 19.89 38.46
CA ASP E 362 -3.86 20.58 38.06
C ASP E 362 -2.96 20.88 39.29
N GLU E 363 -3.54 21.33 40.44
CA GLU E 363 -2.83 21.45 41.70
C GLU E 363 -2.40 20.14 42.36
N ALA E 364 -3.30 19.15 42.49
CA ALA E 364 -3.08 18.06 43.40
C ALA E 364 -2.80 16.72 42.71
N GLY E 365 -2.80 16.69 41.36
CA GLY E 365 -2.40 15.54 40.56
C GLY E 365 -3.43 14.44 40.35
N PRO E 366 -3.08 13.38 39.60
CA PRO E 366 -4.01 12.32 39.23
C PRO E 366 -4.37 11.44 40.41
N SER E 367 -3.63 11.46 41.51
CA SER E 367 -3.84 10.53 42.62
C SER E 367 -5.09 10.84 43.45
N ILE E 368 -5.64 12.06 43.29
CA ILE E 368 -6.78 12.58 44.02
C ILE E 368 -8.10 11.92 43.74
N VAL E 369 -8.16 11.00 42.74
CA VAL E 369 -9.39 10.27 42.44
C VAL E 369 -9.95 9.59 43.66
N HIS E 370 -9.11 8.73 44.29
CA HIS E 370 -9.46 7.93 45.43
C HIS E 370 -9.73 8.73 46.69
N ARG E 371 -9.02 9.86 46.84
CA ARG E 371 -9.18 10.81 47.92
C ARG E 371 -10.54 11.50 47.99
N LYS E 372 -11.09 11.90 46.82
CA LYS E 372 -12.36 12.60 46.77
C LYS E 372 -13.54 11.65 46.59
N CYS E 373 -13.43 10.72 45.62
CA CYS E 373 -14.52 9.85 45.21
C CYS E 373 -14.32 8.43 45.72
N PHE E 374 -15.41 7.66 45.77
CA PHE E 374 -15.42 6.24 46.04
C PHE E 374 -15.00 5.41 44.76
N GLU F 1 -6.91 -68.52 24.87
CA GLU F 1 -5.76 -67.72 25.36
C GLU F 1 -6.16 -66.80 26.48
N ASP F 2 -5.21 -66.31 27.29
CA ASP F 2 -5.47 -65.40 28.39
C ASP F 2 -5.43 -63.99 27.85
N GLU F 3 -6.29 -63.12 28.42
CA GLU F 3 -6.40 -61.70 28.11
C GLU F 3 -6.89 -61.32 26.71
N THR F 4 -6.86 -62.28 25.75
CA THR F 4 -7.40 -62.21 24.38
C THR F 4 -6.61 -61.33 23.42
N THR F 5 -5.43 -60.80 23.87
CA THR F 5 -4.77 -59.59 23.34
C THR F 5 -5.72 -58.39 23.31
N ALA F 6 -5.44 -57.35 22.51
CA ALA F 6 -6.43 -56.36 22.22
C ALA F 6 -5.92 -55.70 20.96
N LEU F 7 -6.76 -54.91 20.27
CA LEU F 7 -6.38 -54.21 19.06
C LEU F 7 -6.42 -52.73 19.28
N VAL F 8 -5.50 -52.00 18.65
CA VAL F 8 -5.37 -50.59 18.81
C VAL F 8 -5.25 -49.98 17.43
N CYS F 9 -6.05 -48.94 17.15
CA CYS F 9 -5.96 -48.16 15.93
C CYS F 9 -5.94 -46.68 16.25
N ASP F 10 -4.92 -45.96 15.73
CA ASP F 10 -4.88 -44.52 15.65
C ASP F 10 -5.32 -44.13 14.24
N ASN F 11 -6.44 -43.37 14.17
CA ASN F 11 -6.88 -42.62 13.02
C ASN F 11 -7.10 -41.17 13.40
N GLY F 12 -6.01 -40.40 13.65
CA GLY F 12 -5.97 -39.06 13.06
C GLY F 12 -5.96 -39.11 11.53
N SER F 13 -6.21 -37.99 10.80
CA SER F 13 -6.06 -37.97 9.33
C SER F 13 -4.70 -38.38 8.82
N GLY F 14 -4.64 -38.96 7.61
CA GLY F 14 -3.37 -39.16 6.94
C GLY F 14 -2.83 -40.56 7.08
N LEU F 15 -2.77 -41.14 8.30
CA LEU F 15 -2.20 -42.46 8.53
C LEU F 15 -3.06 -43.25 9.48
N VAL F 16 -3.30 -44.54 9.14
CA VAL F 16 -3.78 -45.52 10.07
C VAL F 16 -2.56 -46.08 10.72
N LYS F 17 -2.49 -46.06 12.05
CA LYS F 17 -1.49 -46.82 12.77
C LYS F 17 -2.21 -47.87 13.55
N ALA F 18 -1.95 -49.15 13.27
CA ALA F 18 -2.68 -50.25 13.86
C ALA F 18 -1.82 -51.44 14.17
N GLY F 19 -2.23 -52.21 15.20
CA GLY F 19 -1.50 -53.38 15.59
C GLY F 19 -2.12 -53.94 16.81
N PHE F 20 -1.43 -54.90 17.44
CA PHE F 20 -1.84 -55.49 18.69
C PHE F 20 -1.45 -54.59 19.84
N ALA F 21 -2.35 -54.44 20.81
CA ALA F 21 -2.04 -53.99 22.15
C ALA F 21 -1.11 -54.97 22.84
N GLY F 22 -0.13 -54.48 23.61
CA GLY F 22 0.87 -55.34 24.25
C GLY F 22 2.16 -55.45 23.51
N ASP F 23 2.34 -54.69 22.42
CA ASP F 23 3.56 -54.61 21.64
C ASP F 23 4.02 -53.15 21.64
N ASP F 24 5.34 -52.91 21.48
CA ASP F 24 5.99 -51.61 21.49
C ASP F 24 5.80 -50.86 20.18
N ALA F 25 5.57 -51.57 19.05
CA ALA F 25 5.33 -50.91 17.78
C ALA F 25 4.14 -51.51 17.01
N PRO F 26 3.40 -50.70 16.22
CA PRO F 26 2.30 -51.19 15.41
C PRO F 26 2.83 -52.06 14.29
N ARG F 27 2.09 -53.13 13.92
CA ARG F 27 2.42 -53.95 12.77
C ARG F 27 2.20 -53.21 11.46
N ALA F 28 1.08 -52.46 11.34
CA ALA F 28 0.67 -51.87 10.10
C ALA F 28 0.53 -50.38 10.27
N VAL F 29 1.23 -49.64 9.41
CA VAL F 29 1.08 -48.21 9.32
C VAL F 29 0.96 -47.92 7.84
N PHE F 30 -0.11 -47.24 7.42
CA PHE F 30 -0.28 -46.97 6.01
C PHE F 30 -1.10 -45.70 5.85
N PRO F 31 -1.07 -45.02 4.70
CA PRO F 31 -1.85 -43.82 4.46
C PRO F 31 -3.34 -44.05 4.38
N SER F 32 -4.13 -43.24 5.09
CA SER F 32 -5.58 -43.29 5.11
C SER F 32 -6.20 -42.69 3.89
N ILE F 33 -6.13 -43.37 2.73
CA ILE F 33 -6.56 -42.81 1.48
C ILE F 33 -7.36 -43.84 0.76
N VAL F 34 -8.42 -43.35 0.09
CA VAL F 34 -9.28 -44.13 -0.76
C VAL F 34 -9.09 -43.51 -2.10
N GLY F 35 -8.46 -44.23 -3.02
CA GLY F 35 -8.19 -43.75 -4.35
C GLY F 35 -8.98 -44.43 -5.39
N ARG F 36 -9.73 -43.65 -6.19
CA ARG F 36 -10.71 -44.19 -7.12
C ARG F 36 -10.19 -44.04 -8.53
N PRO F 37 -10.25 -45.06 -9.42
CA PRO F 37 -10.04 -44.88 -10.85
C PRO F 37 -10.93 -43.81 -11.48
N ARG F 38 -10.38 -42.60 -11.66
CA ARG F 38 -11.02 -41.49 -12.34
C ARG F 38 -11.09 -41.73 -13.85
N HIS F 39 -10.02 -42.29 -14.46
CA HIS F 39 -9.97 -42.56 -15.89
C HIS F 39 -10.60 -43.90 -16.15
N GLN F 40 -11.56 -43.97 -17.09
CA GLN F 40 -12.12 -45.24 -17.52
C GLN F 40 -11.10 -46.13 -18.18
N GLY F 41 -10.97 -47.38 -17.69
CA GLY F 41 -9.97 -48.30 -18.18
C GLY F 41 -10.45 -49.04 -19.40
N VAL F 42 -9.55 -49.28 -20.38
CA VAL F 42 -9.91 -50.01 -21.59
C VAL F 42 -8.89 -51.10 -21.82
N MET F 43 -9.19 -52.29 -21.31
CA MET F 43 -8.50 -53.52 -21.53
C MET F 43 -9.58 -54.53 -21.21
N VAL F 44 -9.25 -55.83 -21.10
CA VAL F 44 -10.14 -56.84 -20.56
C VAL F 44 -9.28 -57.58 -19.55
N GLY F 45 -9.85 -58.04 -18.41
CA GLY F 45 -9.06 -58.71 -17.37
C GLY F 45 -8.28 -57.79 -16.48
N MET F 46 -8.77 -56.56 -16.34
CA MET F 46 -8.34 -55.66 -15.28
C MET F 46 -9.28 -55.83 -14.14
N GLY F 47 -8.71 -55.77 -12.92
CA GLY F 47 -9.42 -55.50 -11.67
C GLY F 47 -10.79 -56.14 -11.45
N GLN F 48 -11.93 -55.43 -11.65
CA GLN F 48 -12.02 -54.00 -11.92
C GLN F 48 -11.56 -53.19 -10.73
N LYS F 49 -12.03 -53.58 -9.53
CA LYS F 49 -11.75 -52.94 -8.26
C LYS F 49 -12.21 -51.49 -8.23
N ASP F 50 -13.39 -51.19 -7.64
CA ASP F 50 -14.02 -49.87 -7.57
C ASP F 50 -13.09 -48.81 -6.98
N SER F 51 -12.23 -49.21 -6.03
CA SER F 51 -11.35 -48.29 -5.37
C SER F 51 -10.24 -49.07 -4.72
N TYR F 52 -9.12 -48.39 -4.44
CA TYR F 52 -7.93 -48.92 -3.81
C TYR F 52 -7.73 -48.19 -2.51
N VAL F 53 -7.24 -48.88 -1.48
CA VAL F 53 -7.13 -48.38 -0.12
C VAL F 53 -5.72 -48.62 0.35
N GLY F 54 -5.18 -47.72 1.18
CA GLY F 54 -3.87 -47.92 1.78
C GLY F 54 -2.71 -47.57 0.88
N ASP F 55 -1.52 -48.12 1.09
CA ASP F 55 -0.35 -47.91 0.28
C ASP F 55 -0.42 -48.56 -1.12
N GLU F 56 -1.42 -49.43 -1.40
CA GLU F 56 -1.84 -49.81 -2.75
C GLU F 56 -2.16 -48.60 -3.65
N ALA F 57 -2.89 -47.60 -3.08
CA ALA F 57 -3.21 -46.33 -3.71
C ALA F 57 -1.97 -45.45 -3.95
N GLN F 58 -0.98 -45.49 -3.02
CA GLN F 58 0.32 -44.84 -3.21
C GLN F 58 1.10 -45.40 -4.38
N SER F 59 1.11 -46.75 -4.55
CA SER F 59 1.75 -47.44 -5.67
C SER F 59 1.08 -47.10 -7.00
N LYS F 60 -0.26 -47.16 -7.07
CA LYS F 60 -1.01 -46.84 -8.26
C LYS F 60 -1.58 -45.46 -8.16
N ARG F 61 -0.75 -44.43 -8.10
CA ARG F 61 -1.21 -43.09 -7.77
C ARG F 61 -1.80 -42.29 -8.92
N GLY F 62 -1.18 -42.42 -10.12
CA GLY F 62 -1.42 -41.52 -11.25
C GLY F 62 -2.77 -41.62 -11.90
N ILE F 63 -3.36 -42.85 -11.88
CA ILE F 63 -4.69 -43.15 -12.35
C ILE F 63 -5.75 -42.56 -11.44
N LEU F 64 -5.50 -42.70 -10.12
CA LEU F 64 -6.45 -42.49 -9.07
C LEU F 64 -6.62 -41.01 -8.79
N THR F 65 -7.84 -40.65 -8.38
CA THR F 65 -8.02 -39.46 -7.58
C THR F 65 -8.05 -39.99 -6.16
N LEU F 66 -7.34 -39.34 -5.23
CA LEU F 66 -7.25 -39.77 -3.85
C LEU F 66 -8.11 -38.88 -3.01
N LYS F 67 -8.87 -39.50 -2.11
CA LYS F 67 -9.70 -38.78 -1.20
C LYS F 67 -9.27 -39.21 0.20
N TYR F 68 -8.79 -38.24 1.00
CA TYR F 68 -8.65 -38.40 2.44
C TYR F 68 -10.06 -38.44 3.03
N PRO F 69 -10.46 -39.44 3.83
CA PRO F 69 -11.83 -39.52 4.32
C PRO F 69 -11.95 -38.77 5.62
N ILE F 70 -10.83 -38.42 6.27
CA ILE F 70 -10.82 -37.68 7.50
C ILE F 70 -10.23 -36.32 7.21
N GLU F 71 -10.96 -35.25 7.52
CA GLU F 71 -10.43 -33.90 7.45
C GLU F 71 -10.67 -33.22 8.78
N HIS F 72 -9.60 -32.64 9.35
CA HIS F 72 -9.62 -31.90 10.60
C HIS F 72 -10.05 -32.70 11.82
N GLY F 73 -9.74 -34.01 11.81
CA GLY F 73 -10.21 -34.98 12.81
C GLY F 73 -11.63 -35.44 12.57
N ILE F 74 -12.31 -34.92 11.52
CA ILE F 74 -13.69 -35.21 11.21
C ILE F 74 -13.74 -36.20 10.07
N ILE F 75 -14.47 -37.31 10.21
CA ILE F 75 -14.70 -38.16 9.06
C ILE F 75 -15.71 -37.52 8.13
N THR F 76 -15.27 -37.17 6.91
CA THR F 76 -16.10 -36.63 5.84
C THR F 76 -16.98 -37.67 5.23
N ASN F 77 -16.39 -38.86 4.97
CA ASN F 77 -17.06 -39.95 4.32
C ASN F 77 -16.90 -41.27 5.09
N TRP F 78 -18.03 -41.84 5.55
CA TRP F 78 -18.08 -42.98 6.44
C TRP F 78 -17.78 -44.32 5.81
N ASP F 79 -18.27 -44.55 4.56
CA ASP F 79 -18.02 -45.77 3.80
C ASP F 79 -16.53 -45.90 3.50
N ASP F 80 -15.87 -44.81 3.10
CA ASP F 80 -14.44 -44.71 2.92
C ASP F 80 -13.64 -45.05 4.21
N MET F 81 -14.06 -44.56 5.40
CA MET F 81 -13.49 -44.99 6.68
C MET F 81 -13.68 -46.46 7.02
N GLU F 82 -14.89 -47.00 6.77
CA GLU F 82 -15.19 -48.40 6.93
C GLU F 82 -14.29 -49.27 6.04
N LYS F 83 -14.10 -48.88 4.76
CA LYS F 83 -13.16 -49.50 3.85
C LYS F 83 -11.72 -49.51 4.32
N ILE F 84 -11.26 -48.39 4.92
CA ILE F 84 -9.94 -48.32 5.53
C ILE F 84 -9.77 -49.27 6.70
N TRP F 85 -10.75 -49.32 7.63
CA TRP F 85 -10.74 -50.30 8.70
C TRP F 85 -10.89 -51.73 8.19
N HIS F 86 -11.69 -51.97 7.14
CA HIS F 86 -11.77 -53.29 6.53
C HIS F 86 -10.42 -53.78 6.00
N HIS F 87 -9.67 -52.87 5.34
CA HIS F 87 -8.30 -53.05 4.91
C HIS F 87 -7.36 -53.33 6.10
N THR F 88 -7.41 -52.57 7.25
CA THR F 88 -6.54 -52.86 8.41
C THR F 88 -6.65 -54.25 8.96
N PHE F 89 -7.91 -54.69 9.17
CA PHE F 89 -8.19 -55.95 9.84
C PHE F 89 -7.96 -57.13 8.95
N TYR F 90 -8.46 -57.10 7.69
CA TYR F 90 -8.36 -58.26 6.83
C TYR F 90 -7.09 -58.26 6.00
N ASN F 91 -6.67 -57.12 5.40
CA ASN F 91 -5.50 -57.09 4.54
C ASN F 91 -4.18 -57.19 5.32
N GLU F 92 -4.02 -56.43 6.43
CA GLU F 92 -2.78 -56.45 7.19
C GLU F 92 -2.80 -57.40 8.36
N LEU F 93 -3.68 -57.16 9.35
CA LEU F 93 -3.54 -57.83 10.62
C LEU F 93 -4.04 -59.26 10.63
N ARG F 94 -5.01 -59.56 9.74
CA ARG F 94 -5.61 -60.86 9.50
C ARG F 94 -6.30 -61.40 10.72
N VAL F 95 -7.14 -60.55 11.33
CA VAL F 95 -7.80 -60.83 12.57
C VAL F 95 -9.28 -60.85 12.28
N ALA F 96 -10.06 -61.61 13.08
CA ALA F 96 -11.48 -61.44 13.15
C ALA F 96 -11.72 -60.44 14.29
N PRO F 97 -12.29 -59.24 14.13
CA PRO F 97 -12.56 -58.32 15.24
C PRO F 97 -13.46 -58.92 16.32
N GLU F 98 -14.28 -59.96 16.06
CA GLU F 98 -15.04 -60.72 17.05
C GLU F 98 -14.16 -61.32 18.14
N GLU F 99 -12.88 -61.57 17.83
CA GLU F 99 -11.95 -62.20 18.73
C GLU F 99 -11.11 -61.18 19.49
N HIS F 100 -11.31 -59.85 19.29
CA HIS F 100 -10.44 -58.89 19.95
C HIS F 100 -11.19 -57.66 20.44
N PRO F 101 -11.04 -57.12 21.64
CA PRO F 101 -11.46 -55.74 21.92
C PRO F 101 -10.64 -54.69 21.15
N THR F 102 -11.26 -53.62 20.62
CA THR F 102 -10.59 -52.64 19.75
C THR F 102 -10.57 -51.25 20.34
N LEU F 103 -9.40 -50.66 20.54
CA LEU F 103 -9.22 -49.29 20.95
C LEU F 103 -9.12 -48.40 19.72
N LEU F 104 -9.88 -47.30 19.69
CA LEU F 104 -9.72 -46.25 18.72
C LEU F 104 -9.25 -45.01 19.42
N THR F 105 -8.34 -44.30 18.77
CA THR F 105 -8.03 -42.94 19.19
C THR F 105 -8.99 -41.97 18.53
N GLU F 106 -9.11 -40.76 19.08
CA GLU F 106 -9.91 -39.72 18.52
C GLU F 106 -9.43 -38.39 19.08
N ALA F 107 -9.67 -37.29 18.34
CA ALA F 107 -9.10 -36.00 18.67
C ALA F 107 -9.93 -35.15 19.68
N PRO F 108 -9.38 -34.33 20.56
CA PRO F 108 -10.16 -33.40 21.37
C PRO F 108 -11.09 -32.43 20.69
N LEU F 109 -12.16 -32.04 21.43
CA LEU F 109 -13.14 -31.01 21.06
C LEU F 109 -13.79 -31.38 19.76
N ASN F 110 -13.92 -32.67 19.51
CA ASN F 110 -14.35 -33.21 18.26
C ASN F 110 -15.85 -33.39 18.35
N PRO F 111 -16.65 -33.04 17.32
CA PRO F 111 -18.03 -33.41 17.21
C PRO F 111 -18.44 -34.75 17.79
N LYS F 112 -19.55 -34.76 18.54
CA LYS F 112 -20.09 -35.93 19.19
C LYS F 112 -20.43 -37.06 18.24
N ALA F 113 -20.92 -36.66 17.05
CA ALA F 113 -21.32 -37.51 15.95
C ALA F 113 -20.20 -38.41 15.46
N ASN F 114 -18.92 -37.93 15.44
CA ASN F 114 -17.82 -38.80 15.12
C ASN F 114 -17.63 -39.92 16.12
N ARG F 115 -17.60 -39.63 17.45
CA ARG F 115 -17.49 -40.66 18.46
C ARG F 115 -18.64 -41.67 18.46
N GLU F 116 -19.90 -41.17 18.40
CA GLU F 116 -21.13 -41.94 18.36
C GLU F 116 -21.34 -42.76 17.09
N LYS F 117 -21.01 -42.20 15.90
CA LYS F 117 -21.03 -42.96 14.68
C LYS F 117 -19.87 -43.95 14.56
N MET F 118 -18.68 -43.62 15.09
CA MET F 118 -17.52 -44.49 15.16
C MET F 118 -17.79 -45.77 15.95
N THR F 119 -18.46 -45.64 17.13
CA THR F 119 -18.96 -46.77 17.91
C THR F 119 -20.04 -47.56 17.24
N GLN F 120 -21.00 -46.89 16.59
CA GLN F 120 -22.05 -47.52 15.83
C GLN F 120 -21.52 -48.44 14.73
N ILE F 121 -20.50 -47.96 13.96
CA ILE F 121 -19.79 -48.81 13.01
C ILE F 121 -19.01 -49.92 13.67
N MET F 122 -18.27 -49.66 14.76
CA MET F 122 -17.53 -50.74 15.39
C MET F 122 -18.41 -51.86 15.88
N PHE F 123 -19.58 -51.61 16.48
CA PHE F 123 -20.47 -52.69 16.82
C PHE F 123 -21.26 -53.31 15.68
N GLU F 124 -21.78 -52.50 14.71
CA GLU F 124 -22.74 -52.97 13.72
C GLU F 124 -22.16 -53.13 12.32
N THR F 125 -20.82 -53.12 12.21
CA THR F 125 -20.13 -53.42 10.96
C THR F 125 -19.19 -54.56 11.22
N PHE F 126 -18.11 -54.36 12.02
CA PHE F 126 -17.22 -55.44 12.37
C PHE F 126 -17.65 -55.95 13.71
N ASN F 127 -18.41 -57.07 13.83
CA ASN F 127 -18.93 -57.47 15.13
C ASN F 127 -17.78 -57.64 16.14
N VAL F 128 -17.84 -57.01 17.32
CA VAL F 128 -16.64 -56.89 18.17
C VAL F 128 -17.13 -57.03 19.62
N PRO F 129 -16.43 -57.68 20.57
CA PRO F 129 -16.91 -57.85 21.94
C PRO F 129 -16.94 -56.55 22.69
N ALA F 130 -15.98 -55.65 22.41
CA ALA F 130 -15.86 -54.44 23.16
C ALA F 130 -14.98 -53.45 22.45
N MET F 131 -15.08 -52.18 22.85
CA MET F 131 -14.28 -51.15 22.25
C MET F 131 -14.09 -50.00 23.20
N TYR F 132 -13.24 -49.05 22.82
CA TYR F 132 -13.10 -47.83 23.56
C TYR F 132 -12.69 -46.78 22.55
N VAL F 133 -13.05 -45.51 22.79
CA VAL F 133 -12.59 -44.36 22.05
C VAL F 133 -11.88 -43.53 23.07
N ALA F 134 -10.66 -43.08 22.75
CA ALA F 134 -9.82 -42.39 23.69
C ALA F 134 -9.21 -41.17 23.07
N ILE F 135 -8.85 -40.20 23.93
CA ILE F 135 -8.32 -38.95 23.46
C ILE F 135 -6.85 -39.08 23.04
N GLN F 136 -6.43 -38.54 21.88
CA GLN F 136 -5.07 -38.70 21.36
C GLN F 136 -3.93 -38.26 22.29
N ALA F 137 -4.08 -37.08 22.91
CA ALA F 137 -3.05 -36.47 23.73
C ALA F 137 -2.68 -37.22 25.01
N VAL F 138 -3.69 -37.75 25.72
CA VAL F 138 -3.48 -38.58 26.89
C VAL F 138 -2.71 -39.85 26.58
N LEU F 139 -2.99 -40.52 25.44
CA LEU F 139 -2.25 -41.68 24.99
C LEU F 139 -0.76 -41.39 24.76
N SER F 140 -0.42 -40.25 24.10
CA SER F 140 0.98 -39.87 23.94
C SER F 140 1.71 -39.61 25.26
N LEU F 141 1.00 -39.01 26.23
CA LEU F 141 1.50 -38.80 27.57
C LEU F 141 1.86 -40.11 28.29
N TYR F 142 0.97 -41.14 28.20
CA TYR F 142 1.23 -42.49 28.68
C TYR F 142 2.46 -43.11 28.03
N ALA F 143 2.59 -42.97 26.70
CA ALA F 143 3.71 -43.46 25.93
C ALA F 143 5.03 -42.85 26.34
N SER F 144 5.02 -41.55 26.68
CA SER F 144 6.19 -40.85 27.21
C SER F 144 6.51 -41.22 28.65
N GLY F 145 5.59 -41.91 29.37
CA GLY F 145 5.84 -42.45 30.71
C GLY F 145 5.78 -41.42 31.80
N ARG F 146 5.08 -40.30 31.56
CA ARG F 146 5.04 -39.18 32.47
C ARG F 146 3.62 -39.03 32.95
N THR F 147 3.43 -38.53 34.18
CA THR F 147 2.09 -38.42 34.74
C THR F 147 1.50 -37.04 34.51
N THR F 148 2.35 -36.09 34.08
CA THR F 148 2.10 -34.67 34.03
C THR F 148 2.79 -34.13 32.81
N GLY F 149 2.12 -33.19 32.14
CA GLY F 149 2.66 -32.48 31.02
C GLY F 149 1.59 -31.80 30.28
N ILE F 150 1.99 -30.94 29.35
CA ILE F 150 1.08 -30.35 28.42
C ILE F 150 1.40 -30.97 27.11
N VAL F 151 0.44 -31.70 26.54
CA VAL F 151 0.68 -32.43 25.34
C VAL F 151 0.26 -31.60 24.15
N LEU F 152 1.24 -31.26 23.31
CA LEU F 152 1.04 -30.62 22.05
C LEU F 152 0.93 -31.73 21.02
N ASP F 153 -0.28 -31.99 20.53
CA ASP F 153 -0.61 -33.03 19.60
C ASP F 153 -0.84 -32.29 18.31
N SER F 154 -0.02 -32.62 17.29
CA SER F 154 -0.35 -32.16 15.96
C SER F 154 -0.14 -33.27 14.96
N GLY F 155 -1.25 -33.76 14.38
CA GLY F 155 -1.20 -34.73 13.30
C GLY F 155 -1.31 -34.11 11.94
N ASP F 156 -1.75 -34.90 10.94
CA ASP F 156 -2.15 -34.41 9.65
C ASP F 156 -3.60 -33.91 9.68
N GLY F 157 -4.37 -34.31 10.73
CA GLY F 157 -5.75 -33.91 10.92
C GLY F 157 -5.87 -32.52 11.44
N VAL F 158 -5.70 -32.29 12.76
CA VAL F 158 -5.72 -30.96 13.33
C VAL F 158 -4.69 -31.01 14.45
N THR F 159 -4.28 -29.85 14.96
CA THR F 159 -3.49 -29.58 16.16
C THR F 159 -4.38 -29.42 17.38
N HIS F 160 -4.00 -30.06 18.49
CA HIS F 160 -4.68 -30.10 19.75
C HIS F 160 -3.67 -29.90 20.86
N ASN F 161 -4.13 -29.48 22.04
CA ASN F 161 -3.29 -29.18 23.15
C ASN F 161 -4.09 -29.56 24.37
N VAL F 162 -3.60 -30.49 25.21
CA VAL F 162 -4.30 -30.93 26.40
C VAL F 162 -3.31 -30.82 27.57
N PRO F 163 -3.47 -29.91 28.54
CA PRO F 163 -2.71 -29.94 29.78
C PRO F 163 -3.26 -30.99 30.71
N ILE F 164 -2.36 -31.71 31.37
CA ILE F 164 -2.69 -32.73 32.32
C ILE F 164 -1.83 -32.46 33.54
N TYR F 165 -2.34 -32.74 34.75
CA TYR F 165 -1.59 -32.65 35.97
C TYR F 165 -1.92 -33.84 36.87
N GLU F 166 -0.93 -34.73 37.10
CA GLU F 166 -1.00 -35.85 38.00
C GLU F 166 -2.11 -36.83 37.63
N GLY F 167 -2.13 -37.25 36.34
CA GLY F 167 -3.40 -37.63 35.74
C GLY F 167 -4.28 -36.40 35.61
N TYR F 168 -5.54 -36.45 36.12
CA TYR F 168 -6.57 -35.44 35.93
C TYR F 168 -6.66 -34.96 34.47
N ALA F 169 -6.97 -33.68 34.22
CA ALA F 169 -7.21 -33.12 32.91
C ALA F 169 -7.98 -31.85 33.14
N LEU F 170 -7.82 -30.84 32.27
CA LEU F 170 -8.50 -29.57 32.43
C LEU F 170 -9.34 -29.24 31.21
N PRO F 171 -10.67 -29.45 31.20
CA PRO F 171 -11.50 -29.29 30.00
C PRO F 171 -11.50 -27.90 29.41
N HIS F 172 -11.52 -26.84 30.25
CA HIS F 172 -11.49 -25.44 29.85
C HIS F 172 -10.17 -25.02 29.24
N ALA F 173 -9.06 -25.64 29.71
CA ALA F 173 -7.72 -25.36 29.27
C ALA F 173 -7.31 -26.16 28.03
N ILE F 174 -8.08 -27.18 27.61
CA ILE F 174 -7.88 -27.85 26.31
C ILE F 174 -8.10 -26.89 25.16
N MET F 175 -7.11 -26.82 24.25
CA MET F 175 -7.17 -25.97 23.09
C MET F 175 -7.02 -26.80 21.84
N ARG F 176 -7.77 -26.43 20.79
CA ARG F 176 -7.72 -27.04 19.50
C ARG F 176 -7.48 -25.93 18.52
N LEU F 177 -6.49 -26.12 17.64
CA LEU F 177 -6.04 -25.12 16.72
C LEU F 177 -6.08 -25.71 15.33
N ASP F 178 -6.82 -25.09 14.39
CA ASP F 178 -6.96 -25.59 13.04
C ASP F 178 -5.72 -25.22 12.22
N LEU F 179 -4.66 -26.03 12.40
CA LEU F 179 -3.48 -26.11 11.59
C LEU F 179 -3.15 -27.56 11.56
N ALA F 180 -2.44 -28.00 10.51
CA ALA F 180 -2.08 -29.38 10.42
C ALA F 180 -0.92 -29.57 9.47
N GLY F 181 -0.41 -30.80 9.39
CA GLY F 181 0.37 -31.27 8.25
C GLY F 181 -0.26 -31.00 6.91
N ARG F 182 -1.55 -31.29 6.72
CA ARG F 182 -2.24 -31.08 5.47
C ARG F 182 -2.31 -29.62 5.02
N ASP F 183 -2.58 -28.67 5.93
CA ASP F 183 -2.57 -27.24 5.67
C ASP F 183 -1.17 -26.71 5.32
N LEU F 184 -0.11 -27.24 5.96
CA LEU F 184 1.27 -27.01 5.54
C LEU F 184 1.59 -27.53 4.17
N THR F 185 1.05 -28.70 3.77
CA THR F 185 1.15 -29.21 2.40
C THR F 185 0.49 -28.30 1.37
N ASP F 186 -0.75 -27.80 1.64
CA ASP F 186 -1.47 -26.85 0.78
C ASP F 186 -0.73 -25.50 0.68
N TYR F 187 -0.16 -24.99 1.79
CA TYR F 187 0.75 -23.85 1.78
C TYR F 187 2.01 -24.10 0.96
N LEU F 188 2.61 -25.30 1.11
CA LEU F 188 3.83 -25.66 0.42
C LEU F 188 3.69 -25.74 -1.07
N MET F 189 2.67 -26.41 -1.61
CA MET F 189 2.45 -26.44 -3.04
C MET F 189 2.11 -25.06 -3.60
N LYS F 190 1.45 -24.18 -2.82
CA LYS F 190 1.34 -22.75 -3.12
C LYS F 190 2.63 -21.97 -3.15
N ILE F 191 3.59 -22.24 -2.23
CA ILE F 191 4.86 -21.51 -2.23
C ILE F 191 5.87 -22.11 -3.23
N LEU F 192 5.67 -23.34 -3.76
CA LEU F 192 6.48 -23.82 -4.89
C LEU F 192 6.20 -23.13 -6.20
N THR F 193 4.98 -22.59 -6.39
CA THR F 193 4.53 -21.99 -7.66
C THR F 193 5.30 -20.76 -8.08
N GLU F 194 5.80 -19.97 -7.10
CA GLU F 194 6.61 -18.79 -7.34
C GLU F 194 7.98 -19.18 -7.92
N ARG F 195 8.40 -20.46 -7.74
CA ARG F 195 9.63 -20.97 -8.29
C ARG F 195 9.44 -21.58 -9.69
N GLY F 196 8.17 -21.74 -10.12
CA GLY F 196 7.79 -22.28 -11.43
C GLY F 196 7.31 -23.71 -11.40
N TYR F 197 7.44 -24.40 -10.25
CA TYR F 197 6.97 -25.77 -10.14
C TYR F 197 5.52 -25.80 -9.72
N SER F 198 4.65 -26.41 -10.54
CA SER F 198 3.22 -26.32 -10.34
C SER F 198 2.68 -27.69 -10.16
N PHE F 199 2.13 -27.97 -8.97
CA PHE F 199 1.63 -29.26 -8.61
C PHE F 199 0.17 -29.04 -8.35
N VAL F 200 -0.70 -29.56 -9.22
CA VAL F 200 -2.08 -29.11 -9.33
C VAL F 200 -3.05 -30.18 -8.89
N THR F 201 -2.58 -31.44 -8.70
CA THR F 201 -3.47 -32.59 -8.61
C THR F 201 -3.11 -33.38 -7.36
N THR F 202 -4.02 -34.24 -6.86
CA THR F 202 -3.89 -35.02 -5.64
C THR F 202 -2.68 -35.95 -5.57
N ALA F 203 -2.34 -36.60 -6.70
CA ALA F 203 -1.20 -37.47 -6.86
C ALA F 203 0.16 -36.81 -6.54
N GLU F 204 0.46 -35.61 -7.09
CA GLU F 204 1.68 -34.92 -6.77
C GLU F 204 1.56 -34.02 -5.53
N ARG F 205 0.35 -33.82 -4.99
CA ARG F 205 0.13 -33.28 -3.67
C ARG F 205 0.72 -34.17 -2.57
N GLU F 206 0.66 -35.49 -2.77
CA GLU F 206 1.40 -36.43 -1.95
C GLU F 206 2.89 -36.51 -2.24
N ILE F 207 3.34 -36.13 -3.45
CA ILE F 207 4.76 -35.87 -3.71
C ILE F 207 5.32 -34.67 -2.91
N VAL F 208 4.59 -33.53 -2.80
CA VAL F 208 5.04 -32.45 -1.89
C VAL F 208 4.89 -32.79 -0.43
N ARG F 209 3.95 -33.69 -0.07
CA ARG F 209 3.91 -34.24 1.27
C ARG F 209 5.21 -35.00 1.60
N ASP F 210 5.72 -35.88 0.70
CA ASP F 210 6.99 -36.59 0.81
C ASP F 210 8.20 -35.64 0.89
N ILE F 211 8.19 -34.54 0.07
CA ILE F 211 9.23 -33.50 0.13
C ILE F 211 9.32 -32.89 1.51
N LYS F 212 8.16 -32.49 2.03
CA LYS F 212 8.01 -31.83 3.30
C LYS F 212 8.34 -32.72 4.49
N GLU F 213 8.07 -34.04 4.41
CA GLU F 213 8.45 -35.08 5.33
C GLU F 213 9.97 -35.27 5.50
N LYS F 214 10.81 -34.82 4.53
CA LYS F 214 12.25 -34.81 4.75
C LYS F 214 12.93 -33.48 4.55
N LEU F 215 12.68 -32.73 3.45
CA LEU F 215 13.47 -31.55 3.16
C LEU F 215 13.21 -30.42 4.13
N CYS F 216 11.94 -30.15 4.46
CA CYS F 216 11.54 -29.06 5.34
C CYS F 216 12.16 -29.09 6.73
N TYR F 217 12.51 -27.91 7.28
CA TYR F 217 12.96 -27.84 8.64
C TYR F 217 12.48 -26.53 9.21
N VAL F 218 12.55 -26.34 10.54
CA VAL F 218 12.16 -25.10 11.19
C VAL F 218 13.37 -24.28 11.56
N ALA F 219 13.38 -22.99 11.16
CA ALA F 219 14.39 -22.04 11.54
C ALA F 219 14.50 -21.72 13.03
N LEU F 220 15.73 -21.68 13.57
CA LEU F 220 15.97 -21.28 14.94
C LEU F 220 15.94 -19.78 15.08
N ASP F 221 16.03 -19.07 13.95
CA ASP F 221 15.41 -17.78 13.83
C ASP F 221 15.03 -17.64 12.37
N PHE F 222 13.76 -17.27 12.06
CA PHE F 222 13.20 -17.21 10.73
C PHE F 222 13.88 -16.12 9.89
N GLU F 223 13.97 -14.89 10.41
CA GLU F 223 14.53 -13.75 9.71
C GLU F 223 16.00 -13.93 9.41
N ASN F 224 16.77 -14.47 10.36
CA ASN F 224 18.18 -14.78 10.18
C ASN F 224 18.41 -15.79 9.06
N GLU F 225 17.64 -16.90 9.04
CA GLU F 225 17.72 -17.86 7.97
C GLU F 225 17.22 -17.37 6.61
N MET F 226 16.16 -16.54 6.59
CA MET F 226 15.74 -15.83 5.40
C MET F 226 16.70 -14.77 4.87
N ALA F 227 17.44 -14.07 5.75
CA ALA F 227 18.56 -13.23 5.36
C ALA F 227 19.73 -13.98 4.73
N THR F 228 20.14 -15.14 5.29
CA THR F 228 21.24 -15.96 4.74
C THR F 228 20.81 -16.72 3.49
N ALA F 229 19.49 -16.80 3.16
CA ALA F 229 19.01 -17.21 1.85
C ALA F 229 19.42 -16.32 0.67
N ALA F 230 19.97 -15.10 0.92
CA ALA F 230 20.61 -14.32 -0.13
C ALA F 230 21.83 -15.00 -0.76
N SER F 231 22.71 -15.61 0.07
CA SER F 231 23.83 -16.39 -0.38
C SER F 231 23.47 -17.86 -0.37
N SER F 232 22.78 -18.34 -1.43
CA SER F 232 22.29 -19.71 -1.45
C SER F 232 23.39 -20.73 -1.62
N SER F 233 23.55 -21.61 -0.61
CA SER F 233 24.53 -22.68 -0.62
C SER F 233 23.89 -23.92 -0.01
N SER F 234 23.75 -23.97 1.33
CA SER F 234 23.22 -25.16 2.01
C SER F 234 21.70 -25.22 2.08
N LEU F 235 21.04 -24.08 1.84
CA LEU F 235 19.60 -23.94 1.98
C LEU F 235 18.86 -24.49 0.79
N GLU F 236 19.53 -24.55 -0.37
CA GLU F 236 19.02 -25.24 -1.53
C GLU F 236 19.24 -26.72 -1.36
N LYS F 237 18.26 -27.53 -1.75
CA LYS F 237 18.45 -28.95 -1.88
C LYS F 237 17.77 -29.35 -3.15
N SER F 238 18.50 -30.15 -3.94
CA SER F 238 18.01 -30.94 -5.04
C SER F 238 17.11 -32.04 -4.53
N TYR F 239 15.92 -32.19 -5.13
CA TYR F 239 14.97 -33.25 -4.89
C TYR F 239 14.65 -33.88 -6.23
N GLU F 240 14.55 -35.22 -6.26
CA GLU F 240 14.23 -36.02 -7.42
C GLU F 240 12.74 -36.35 -7.39
N LEU F 241 11.98 -36.02 -8.44
CA LEU F 241 10.60 -36.46 -8.58
C LEU F 241 10.54 -37.87 -9.14
N PRO F 242 9.47 -38.65 -8.96
CA PRO F 242 9.30 -39.93 -9.64
C PRO F 242 9.24 -39.83 -11.16
N ASP F 243 8.90 -38.66 -11.73
CA ASP F 243 8.98 -38.35 -13.15
C ASP F 243 10.43 -38.39 -13.66
N GLY F 244 11.42 -38.03 -12.81
CA GLY F 244 12.82 -37.85 -13.20
C GLY F 244 13.17 -36.40 -13.35
N GLN F 245 12.18 -35.52 -13.13
CA GLN F 245 12.38 -34.10 -12.95
C GLN F 245 13.02 -33.75 -11.62
N VAL F 246 13.89 -32.73 -11.62
CA VAL F 246 14.65 -32.32 -10.46
C VAL F 246 14.09 -31.00 -10.01
N ILE F 247 13.92 -30.84 -8.70
CA ILE F 247 13.38 -29.68 -8.03
C ILE F 247 14.47 -29.17 -7.13
N THR F 248 14.64 -27.84 -7.07
CA THR F 248 15.70 -27.21 -6.29
C THR F 248 15.05 -26.17 -5.41
N ILE F 249 14.98 -26.39 -4.08
CA ILE F 249 14.19 -25.57 -3.16
C ILE F 249 15.06 -24.89 -2.12
N GLY F 250 15.03 -23.54 -2.06
CA GLY F 250 15.89 -22.73 -1.19
C GLY F 250 15.21 -22.32 0.09
N ASN F 251 14.91 -21.03 0.23
CA ASN F 251 14.29 -20.46 1.43
C ASN F 251 12.85 -20.88 1.69
N GLU F 252 12.19 -21.25 0.59
CA GLU F 252 10.88 -21.85 0.45
C GLU F 252 10.72 -23.10 1.31
N ARG F 253 11.82 -23.88 1.45
CA ARG F 253 11.88 -25.02 2.33
C ARG F 253 11.54 -24.74 3.81
N PHE F 254 12.19 -23.76 4.49
CA PHE F 254 12.02 -23.61 5.93
C PHE F 254 10.88 -22.69 6.30
N ARG F 255 10.41 -21.85 5.35
CA ARG F 255 9.25 -21.03 5.63
C ARG F 255 7.94 -21.76 5.53
N CYS F 256 7.90 -23.00 4.98
CA CYS F 256 6.71 -23.83 5.13
C CYS F 256 6.45 -24.24 6.58
N PRO F 257 7.33 -24.81 7.41
CA PRO F 257 6.98 -25.07 8.80
C PRO F 257 6.83 -23.83 9.66
N GLU F 258 7.38 -22.66 9.21
CA GLU F 258 7.28 -21.37 9.88
C GLU F 258 5.83 -20.95 10.08
N THR F 259 4.92 -21.37 9.16
CA THR F 259 3.47 -21.19 9.24
C THR F 259 2.85 -21.61 10.57
N LEU F 260 3.39 -22.65 11.26
CA LEU F 260 2.94 -23.04 12.59
C LEU F 260 3.10 -21.95 13.64
N PHE F 261 4.12 -21.10 13.48
CA PHE F 261 4.50 -20.04 14.38
C PHE F 261 4.04 -18.68 13.85
N GLN F 262 3.57 -18.63 12.58
CA GLN F 262 3.07 -17.42 11.93
C GLN F 262 1.85 -17.77 11.04
N PRO F 263 0.64 -18.04 11.58
CA PRO F 263 -0.54 -18.36 10.77
C PRO F 263 -1.05 -17.16 10.01
N SER F 264 -0.48 -15.98 10.11
CA SER F 264 -0.69 -14.88 9.18
C SER F 264 -0.27 -15.19 7.76
N PHE F 265 0.70 -16.13 7.55
CA PHE F 265 1.12 -16.65 6.24
C PHE F 265 0.04 -17.48 5.55
N ILE F 266 -0.70 -18.29 6.33
CA ILE F 266 -1.85 -19.02 5.82
C ILE F 266 -3.08 -18.11 5.69
N GLY F 267 -3.12 -16.98 6.45
CA GLY F 267 -4.19 -15.97 6.42
C GLY F 267 -5.18 -16.14 7.54
N MET F 268 -4.89 -17.02 8.50
CA MET F 268 -5.71 -17.21 9.67
C MET F 268 -5.20 -16.37 10.82
N GLU F 269 -6.12 -15.77 11.60
CA GLU F 269 -5.78 -14.99 12.77
C GLU F 269 -5.29 -15.81 13.94
N SER F 270 -5.83 -17.04 14.05
CA SER F 270 -5.56 -18.02 15.09
C SER F 270 -4.11 -18.12 15.43
N ALA F 271 -3.75 -17.92 16.72
CA ALA F 271 -2.38 -17.74 17.12
C ALA F 271 -1.45 -18.90 16.79
N GLY F 272 -0.13 -18.62 16.63
CA GLY F 272 0.87 -19.66 16.46
C GLY F 272 0.87 -20.67 17.58
N ILE F 273 1.48 -21.84 17.34
CA ILE F 273 1.41 -22.97 18.24
C ILE F 273 2.03 -22.76 19.63
N HIS F 274 3.03 -21.87 19.76
CA HIS F 274 3.62 -21.50 21.02
C HIS F 274 2.71 -20.59 21.84
N GLU F 275 2.03 -19.59 21.23
CA GLU F 275 0.99 -18.80 21.89
C GLU F 275 -0.24 -19.62 22.25
N THR F 276 -0.65 -20.63 21.45
CA THR F 276 -1.72 -21.56 21.84
C THR F 276 -1.36 -22.35 23.07
N THR F 277 -0.10 -22.81 23.21
CA THR F 277 0.42 -23.45 24.43
C THR F 277 0.39 -22.53 25.64
N TYR F 278 0.75 -21.23 25.46
CA TYR F 278 0.56 -20.20 26.49
C TYR F 278 -0.90 -20.02 26.86
N ASN F 279 -1.82 -19.97 25.86
CA ASN F 279 -3.25 -19.86 26.04
C ASN F 279 -3.83 -21.02 26.86
N SER F 280 -3.38 -22.27 26.60
CA SER F 280 -3.71 -23.43 27.43
C SER F 280 -3.16 -23.35 28.85
N ILE F 281 -1.86 -23.04 29.04
CA ILE F 281 -1.19 -22.92 30.34
C ILE F 281 -1.75 -21.78 31.21
N MET F 282 -2.06 -20.62 30.60
CA MET F 282 -2.73 -19.51 31.25
C MET F 282 -4.13 -19.79 31.73
N LYS F 283 -4.86 -20.68 31.04
CA LYS F 283 -6.17 -21.09 31.52
C LYS F 283 -6.11 -22.04 32.69
N CYS F 284 -4.93 -22.65 32.96
CA CYS F 284 -4.73 -23.54 34.08
C CYS F 284 -4.53 -22.79 35.37
N ASP F 285 -4.75 -23.47 36.51
CA ASP F 285 -4.51 -22.93 37.83
C ASP F 285 -3.06 -22.51 38.03
N ILE F 286 -2.82 -21.46 38.84
CA ILE F 286 -1.51 -20.86 39.05
C ILE F 286 -0.46 -21.85 39.55
N ASP F 287 -0.85 -22.73 40.50
CA ASP F 287 0.00 -23.67 41.20
C ASP F 287 0.72 -24.66 40.27
N ILE F 288 -0.03 -25.26 39.32
CA ILE F 288 0.53 -26.34 38.53
C ILE F 288 1.41 -25.85 37.41
N ARG F 289 1.30 -24.57 37.00
CA ARG F 289 1.95 -24.10 35.79
C ARG F 289 3.44 -24.35 35.69
N LYS F 290 4.15 -24.37 36.84
CA LYS F 290 5.58 -24.62 36.95
C LYS F 290 6.05 -25.90 36.26
N ASP F 291 5.30 -27.02 36.38
CA ASP F 291 5.70 -28.28 35.79
C ASP F 291 5.20 -28.37 34.36
N LEU F 292 4.06 -27.73 34.01
CA LEU F 292 3.56 -27.67 32.63
C LEU F 292 4.47 -26.95 31.67
N TYR F 293 5.09 -25.86 32.13
CA TYR F 293 6.19 -25.23 31.45
C TYR F 293 7.38 -26.17 31.26
N ALA F 294 7.74 -26.98 32.28
CA ALA F 294 8.89 -27.86 32.22
C ALA F 294 8.62 -29.27 31.66
N ASN F 295 7.38 -29.63 31.27
CA ASN F 295 6.99 -30.98 30.90
C ASN F 295 6.12 -30.93 29.65
N ASN F 296 6.35 -29.97 28.74
CA ASN F 296 5.73 -29.95 27.43
C ASN F 296 6.13 -31.18 26.59
N VAL F 297 5.13 -31.95 26.13
CA VAL F 297 5.32 -33.16 25.33
C VAL F 297 4.82 -32.85 23.94
N MET F 298 5.68 -33.05 22.93
CA MET F 298 5.25 -33.01 21.55
C MET F 298 4.87 -34.39 21.06
N SER F 299 3.76 -34.50 20.33
CA SER F 299 3.33 -35.73 19.71
C SER F 299 2.87 -35.47 18.31
N GLY F 300 2.66 -36.57 17.55
CA GLY F 300 2.04 -36.53 16.24
C GLY F 300 3.03 -36.47 15.12
N GLY F 301 2.53 -36.53 13.88
CA GLY F 301 3.41 -36.55 12.71
C GLY F 301 3.97 -35.22 12.30
N THR F 302 3.32 -34.07 12.58
CA THR F 302 3.79 -32.77 12.10
C THR F 302 4.58 -32.05 13.18
N THR F 303 4.98 -32.76 14.28
CA THR F 303 6.05 -32.33 15.17
C THR F 303 7.35 -33.02 14.81
N MET F 304 7.41 -33.78 13.70
CA MET F 304 8.65 -34.43 13.32
C MET F 304 9.72 -33.55 12.72
N TYR F 305 9.40 -32.34 12.18
CA TYR F 305 10.38 -31.49 11.51
C TYR F 305 11.61 -31.19 12.37
N PRO F 306 12.84 -31.28 11.87
CA PRO F 306 14.03 -30.88 12.60
C PRO F 306 13.98 -29.43 13.10
N GLY F 307 14.30 -29.21 14.40
CA GLY F 307 14.40 -27.87 14.99
C GLY F 307 13.11 -27.31 15.54
N ILE F 308 11.96 -28.03 15.49
CA ILE F 308 10.70 -27.56 16.12
C ILE F 308 10.84 -27.36 17.62
N ALA F 309 11.46 -28.34 18.32
CA ALA F 309 11.64 -28.34 19.77
C ALA F 309 12.44 -27.15 20.26
N ASP F 310 13.55 -26.82 19.58
CA ASP F 310 14.39 -25.67 19.84
C ASP F 310 13.67 -24.35 19.62
N ARG F 311 12.89 -24.22 18.52
CA ARG F 311 12.11 -23.03 18.25
C ARG F 311 11.01 -22.79 19.29
N MET F 312 10.25 -23.84 19.66
CA MET F 312 9.26 -23.77 20.73
C MET F 312 9.87 -23.40 22.08
N GLN F 313 11.06 -23.97 22.38
CA GLN F 313 11.79 -23.64 23.58
C GLN F 313 12.20 -22.19 23.65
N LYS F 314 12.78 -21.65 22.55
CA LYS F 314 13.16 -20.25 22.53
C LYS F 314 11.98 -19.28 22.65
N GLU F 315 10.84 -19.57 21.97
CA GLU F 315 9.66 -18.72 22.01
C GLU F 315 8.91 -18.79 23.32
N ILE F 316 8.67 -19.99 23.87
CA ILE F 316 8.02 -20.12 25.16
C ILE F 316 8.86 -19.55 26.29
N THR F 317 10.20 -19.79 26.29
CA THR F 317 11.13 -19.13 27.23
C THR F 317 11.15 -17.62 27.10
N ALA F 318 11.10 -17.06 25.87
CA ALA F 318 11.00 -15.63 25.64
C ALA F 318 9.72 -14.98 26.17
N LEU F 319 8.54 -15.62 25.97
CA LEU F 319 7.27 -15.16 26.47
C LEU F 319 7.05 -15.35 27.96
N ALA F 320 7.48 -16.49 28.52
CA ALA F 320 7.21 -16.87 29.88
C ALA F 320 8.09 -16.13 30.89
N PRO F 321 7.79 -16.17 32.19
CA PRO F 321 8.78 -15.89 33.22
C PRO F 321 10.07 -16.71 33.09
N SER F 322 11.26 -16.08 33.00
CA SER F 322 12.56 -16.75 32.97
C SER F 322 13.00 -17.15 34.38
N THR F 323 12.09 -16.95 35.36
CA THR F 323 12.14 -17.39 36.76
C THR F 323 12.17 -18.89 36.85
N MET F 324 11.50 -19.59 35.93
CA MET F 324 11.46 -21.03 35.88
C MET F 324 11.95 -21.56 34.56
N LYS F 325 12.56 -22.76 34.59
CA LYS F 325 13.15 -23.33 33.40
C LYS F 325 12.18 -24.15 32.58
N ILE F 326 12.16 -23.87 31.27
CA ILE F 326 11.21 -24.43 30.34
C ILE F 326 11.89 -25.59 29.63
N LYS F 327 11.71 -26.81 30.14
CA LYS F 327 12.12 -27.99 29.45
C LYS F 327 11.01 -28.47 28.53
N ILE F 328 11.35 -28.81 27.29
CA ILE F 328 10.44 -29.42 26.35
C ILE F 328 10.97 -30.81 26.18
N ILE F 329 10.10 -31.81 26.32
CA ILE F 329 10.45 -33.18 26.10
C ILE F 329 9.77 -33.65 24.85
N ALA F 330 10.54 -33.75 23.76
CA ALA F 330 10.03 -34.18 22.49
C ALA F 330 10.81 -35.42 22.08
N PRO F 331 10.32 -36.63 22.25
CA PRO F 331 11.11 -37.83 21.98
C PRO F 331 11.26 -37.97 20.46
N PRO F 332 12.33 -38.46 19.83
CA PRO F 332 12.19 -39.25 18.59
C PRO F 332 11.27 -40.44 18.86
N GLU F 333 10.58 -40.95 17.82
CA GLU F 333 9.50 -41.94 17.92
C GLU F 333 8.16 -41.26 18.25
N ARG F 334 8.17 -39.91 18.41
CA ARG F 334 7.00 -39.11 18.76
C ARG F 334 5.82 -39.21 17.79
N LYS F 335 6.10 -39.62 16.53
CA LYS F 335 5.10 -39.90 15.52
C LYS F 335 4.14 -40.99 15.95
N TYR F 336 4.65 -42.07 16.60
CA TYR F 336 3.86 -43.23 16.89
C TYR F 336 3.38 -43.18 18.33
N SER F 337 3.61 -42.07 19.06
CA SER F 337 3.33 -41.96 20.50
C SER F 337 1.88 -42.21 20.91
N VAL F 338 0.91 -41.77 20.09
CA VAL F 338 -0.50 -42.08 20.29
C VAL F 338 -0.81 -43.56 20.22
N TRP F 339 -0.28 -44.30 19.21
CA TRP F 339 -0.47 -45.73 19.09
C TRP F 339 0.17 -46.49 20.25
N ILE F 340 1.41 -46.12 20.66
CA ILE F 340 2.10 -46.71 21.81
C ILE F 340 1.31 -46.45 23.09
N GLY F 341 0.73 -45.25 23.24
CA GLY F 341 -0.16 -44.97 24.34
C GLY F 341 -1.43 -45.76 24.39
N GLY F 342 -1.92 -46.15 23.21
CA GLY F 342 -3.03 -47.07 23.08
C GLY F 342 -2.66 -48.51 23.36
N SER F 343 -1.43 -48.94 23.00
CA SER F 343 -0.87 -50.26 23.30
C SER F 343 -0.75 -50.46 24.80
N ILE F 344 -0.15 -49.48 25.52
CA ILE F 344 0.00 -49.54 26.96
C ILE F 344 -1.34 -49.53 27.67
N LEU F 345 -2.33 -48.69 27.23
CA LEU F 345 -3.64 -48.64 27.84
C LEU F 345 -4.44 -49.94 27.81
N ALA F 346 -4.49 -50.60 26.63
CA ALA F 346 -5.21 -51.85 26.50
C ALA F 346 -4.48 -53.02 27.17
N SER F 347 -3.15 -52.92 27.38
CA SER F 347 -2.37 -53.84 28.19
C SER F 347 -2.57 -53.67 29.70
N LEU F 348 -3.04 -52.50 30.17
CA LEU F 348 -3.38 -52.29 31.57
C LEU F 348 -4.54 -53.13 32.07
N SER F 349 -4.33 -53.87 33.18
CA SER F 349 -5.29 -54.82 33.74
C SER F 349 -6.60 -54.20 34.19
N THR F 350 -6.53 -53.04 34.90
CA THR F 350 -7.70 -52.27 35.34
C THR F 350 -8.56 -51.75 34.21
N PHE F 351 -7.92 -51.32 33.10
CA PHE F 351 -8.56 -50.81 31.90
C PHE F 351 -9.49 -51.86 31.28
N GLN F 352 -9.18 -53.16 31.45
CA GLN F 352 -10.04 -54.25 31.00
C GLN F 352 -11.45 -54.32 31.62
N GLN F 353 -11.78 -53.49 32.61
CA GLN F 353 -13.15 -53.33 33.08
C GLN F 353 -13.81 -52.04 32.56
N MET F 354 -13.06 -51.10 31.97
CA MET F 354 -13.58 -49.82 31.54
C MET F 354 -13.92 -49.81 30.07
N TRP F 355 -13.76 -50.96 29.39
CA TRP F 355 -14.19 -51.12 28.01
C TRP F 355 -15.67 -50.87 27.86
N ILE F 356 -16.08 -50.28 26.73
CA ILE F 356 -17.48 -50.26 26.38
C ILE F 356 -17.80 -51.65 25.88
N THR F 357 -18.64 -52.43 26.59
CA THR F 357 -18.95 -53.77 26.13
C THR F 357 -19.94 -53.72 25.00
N LYS F 358 -19.97 -54.75 24.15
CA LYS F 358 -21.00 -54.92 23.15
C LYS F 358 -22.39 -55.01 23.77
N GLN F 359 -22.51 -55.73 24.89
CA GLN F 359 -23.76 -55.87 25.63
C GLN F 359 -24.32 -54.53 26.10
N GLU F 360 -23.47 -53.68 26.74
CA GLU F 360 -23.85 -52.38 27.26
C GLU F 360 -24.30 -51.41 26.16
N TYR F 361 -23.65 -51.45 24.98
CA TYR F 361 -24.11 -50.81 23.76
C TYR F 361 -25.47 -51.33 23.28
N ASP F 362 -25.69 -52.66 23.23
CA ASP F 362 -26.92 -53.25 22.72
C ASP F 362 -28.13 -52.83 23.58
N GLU F 363 -28.00 -52.80 24.93
CA GLU F 363 -29.01 -52.23 25.83
C GLU F 363 -29.19 -50.72 25.76
N ALA F 364 -28.09 -49.93 25.80
CA ALA F 364 -28.21 -48.53 26.09
C ALA F 364 -27.92 -47.61 24.90
N GLY F 365 -27.58 -48.18 23.72
CA GLY F 365 -27.42 -47.48 22.46
C GLY F 365 -26.10 -46.76 22.23
N PRO F 366 -25.94 -46.12 21.06
CA PRO F 366 -24.68 -45.49 20.66
C PRO F 366 -24.37 -44.25 21.46
N SER F 367 -25.34 -43.65 22.17
CA SER F 367 -25.14 -42.38 22.84
C SER F 367 -24.27 -42.46 24.10
N ILE F 368 -24.08 -43.71 24.61
CA ILE F 368 -23.36 -44.01 25.83
C ILE F 368 -21.88 -43.76 25.79
N VAL F 369 -21.30 -43.41 24.61
CA VAL F 369 -19.89 -43.10 24.49
C VAL F 369 -19.47 -42.03 25.47
N HIS F 370 -20.15 -40.87 25.39
CA HIS F 370 -19.86 -39.69 26.20
C HIS F 370 -20.15 -39.88 27.68
N ARG F 371 -21.17 -40.69 27.99
CA ARG F 371 -21.55 -41.07 29.34
C ARG F 371 -20.51 -41.87 30.12
N LYS F 372 -19.85 -42.84 29.45
CA LYS F 372 -18.85 -43.66 30.11
C LYS F 372 -17.44 -43.10 30.00
N CYS F 373 -17.03 -42.69 28.78
CA CYS F 373 -15.67 -42.28 28.47
C CYS F 373 -15.58 -40.77 28.30
N PHE F 374 -14.35 -40.25 28.43
CA PHE F 374 -14.01 -38.88 28.12
C PHE F 374 -13.85 -38.65 26.57
N GLU G 1 -28.05 -76.93 -91.74
CA GLU G 1 -26.86 -77.36 -90.95
C GLU G 1 -26.70 -76.51 -89.71
N ASP G 2 -25.92 -76.98 -88.72
CA ASP G 2 -25.66 -76.26 -87.50
C ASP G 2 -24.44 -75.39 -87.72
N GLU G 3 -24.45 -74.19 -87.09
CA GLU G 3 -23.37 -73.20 -87.11
C GLU G 3 -23.06 -72.54 -88.44
N THR G 4 -23.53 -73.12 -89.57
CA THR G 4 -23.49 -72.59 -90.95
C THR G 4 -22.11 -72.62 -91.60
N THR G 5 -21.10 -73.23 -90.92
CA THR G 5 -19.66 -72.97 -91.10
C THR G 5 -19.34 -71.48 -91.00
N ALA G 6 -18.20 -71.02 -91.52
CA ALA G 6 -17.98 -69.61 -91.72
C ALA G 6 -16.87 -69.55 -92.73
N LEU G 7 -16.63 -68.38 -93.34
CA LEU G 7 -15.58 -68.19 -94.32
C LEU G 7 -14.55 -67.24 -93.80
N VAL G 8 -13.28 -67.48 -94.16
CA VAL G 8 -12.17 -66.70 -93.69
C VAL G 8 -11.33 -66.36 -94.88
N CYS G 9 -10.95 -65.08 -95.03
CA CYS G 9 -10.03 -64.61 -96.04
C CYS G 9 -8.96 -63.72 -95.42
N ASP G 10 -7.69 -64.05 -95.65
CA ASP G 10 -6.56 -63.18 -95.42
C ASP G 10 -6.20 -62.54 -96.76
N ASN G 11 -6.30 -61.18 -96.81
CA ASN G 11 -5.73 -60.32 -97.81
C ASN G 11 -4.87 -59.26 -97.17
N GLY G 12 -3.68 -59.64 -96.64
CA GLY G 12 -2.50 -58.82 -96.92
C GLY G 12 -2.18 -58.79 -98.42
N SER G 13 -1.32 -57.87 -98.93
CA SER G 13 -0.86 -57.90 -100.32
C SER G 13 -0.21 -59.21 -100.74
N GLY G 14 -0.32 -59.57 -102.04
CA GLY G 14 0.46 -60.67 -102.59
C GLY G 14 -0.28 -61.97 -102.68
N LEU G 15 -0.98 -62.42 -101.62
CA LEU G 15 -1.67 -63.71 -101.59
C LEU G 15 -3.03 -63.56 -100.93
N VAL G 16 -4.06 -64.15 -101.57
CA VAL G 16 -5.32 -64.43 -100.93
C VAL G 16 -5.15 -65.76 -100.27
N LYS G 17 -5.39 -65.85 -98.97
CA LYS G 17 -5.53 -67.14 -98.31
C LYS G 17 -6.95 -67.26 -97.86
N ALA G 18 -7.68 -68.26 -98.36
CA ALA G 18 -9.09 -68.40 -98.11
C ALA G 18 -9.55 -69.83 -97.95
N GLY G 19 -10.61 -70.02 -97.16
CA GLY G 19 -11.13 -71.34 -96.93
C GLY G 19 -12.23 -71.25 -95.95
N PHE G 20 -12.69 -72.41 -95.46
CA PHE G 20 -13.67 -72.51 -94.41
C PHE G 20 -13.02 -72.31 -93.07
N ALA G 21 -13.69 -71.54 -92.19
CA ALA G 21 -13.48 -71.57 -90.77
C ALA G 21 -13.81 -72.93 -90.20
N GLY G 22 -13.02 -73.42 -89.23
CA GLY G 22 -13.21 -74.76 -88.68
C GLY G 22 -12.33 -75.81 -89.26
N ASP G 23 -11.39 -75.43 -90.14
CA ASP G 23 -10.39 -76.30 -90.74
C ASP G 23 -9.01 -75.76 -90.38
N ASP G 24 -7.98 -76.62 -90.34
CA ASP G 24 -6.61 -76.32 -89.97
C ASP G 24 -5.85 -75.66 -91.11
N ALA G 25 -6.26 -75.87 -92.38
CA ALA G 25 -5.61 -75.21 -93.50
C ALA G 25 -6.60 -74.64 -94.52
N PRO G 26 -6.26 -73.52 -95.20
CA PRO G 26 -7.12 -72.92 -96.21
C PRO G 26 -7.19 -73.84 -97.43
N ARG G 27 -8.36 -73.92 -98.09
CA ARG G 27 -8.50 -74.64 -99.34
C ARG G 27 -7.76 -73.95 -100.49
N ALA G 28 -7.87 -72.61 -100.57
CA ALA G 28 -7.37 -71.87 -101.70
C ALA G 28 -6.38 -70.84 -101.24
N VAL G 29 -5.19 -70.89 -101.85
CA VAL G 29 -4.18 -69.88 -101.66
C VAL G 29 -3.68 -69.54 -103.03
N PHE G 30 -3.73 -68.26 -103.43
CA PHE G 30 -3.30 -67.90 -104.76
C PHE G 30 -2.80 -66.46 -104.75
N PRO G 31 -2.01 -66.02 -105.72
CA PRO G 31 -1.53 -64.64 -105.78
C PRO G 31 -2.60 -63.62 -106.10
N SER G 32 -2.64 -62.54 -105.33
CA SER G 32 -3.58 -61.44 -105.48
C SER G 32 -3.20 -60.52 -106.62
N ILE G 33 -3.40 -60.96 -107.87
CA ILE G 33 -2.96 -60.23 -109.03
C ILE G 33 -4.05 -60.20 -110.03
N VAL G 34 -4.18 -59.06 -110.70
CA VAL G 34 -5.08 -58.84 -111.78
C VAL G 34 -4.19 -58.54 -112.93
N GLY G 35 -4.14 -59.45 -113.91
CA GLY G 35 -3.28 -59.30 -115.07
C GLY G 35 -4.04 -59.06 -116.32
N ARG G 36 -3.72 -57.96 -117.01
CA ARG G 36 -4.50 -57.49 -118.13
C ARG G 36 -3.75 -57.75 -119.42
N PRO G 37 -4.34 -58.30 -120.50
CA PRO G 37 -3.74 -58.30 -121.83
C PRO G 37 -3.33 -56.92 -122.32
N ARG G 38 -2.04 -56.58 -122.19
CA ARG G 38 -1.43 -55.36 -122.68
C ARG G 38 -1.30 -55.39 -124.21
N HIS G 39 -0.93 -56.55 -124.79
CA HIS G 39 -0.76 -56.70 -126.23
C HIS G 39 -2.09 -57.03 -126.84
N GLN G 40 -2.51 -56.29 -127.88
CA GLN G 40 -3.71 -56.62 -128.62
C GLN G 40 -3.59 -57.96 -129.33
N GLY G 41 -4.57 -58.84 -129.11
CA GLY G 41 -4.54 -60.19 -129.66
C GLY G 41 -5.09 -60.22 -131.06
N VAL G 42 -4.50 -61.03 -131.94
CA VAL G 42 -4.98 -61.16 -133.32
C VAL G 42 -5.12 -62.63 -133.65
N MET G 43 -6.33 -63.15 -133.43
CA MET G 43 -6.78 -64.46 -133.84
C MET G 43 -8.27 -64.25 -133.86
N VAL G 44 -9.07 -65.32 -133.99
CA VAL G 44 -10.51 -65.28 -133.77
C VAL G 44 -10.77 -66.45 -132.85
N GLY G 45 -11.74 -66.35 -131.90
CA GLY G 45 -12.02 -67.42 -130.94
C GLY G 45 -11.05 -67.50 -129.80
N MET G 46 -10.45 -66.34 -129.45
CA MET G 46 -9.76 -66.17 -128.20
C MET G 46 -10.74 -65.59 -127.23
N GLY G 47 -10.64 -66.03 -125.96
CA GLY G 47 -11.16 -65.36 -124.78
C GLY G 47 -12.54 -64.71 -124.86
N GLN G 48 -12.65 -63.36 -125.04
CA GLN G 48 -11.57 -62.39 -125.01
C GLN G 48 -10.96 -62.30 -123.64
N LYS G 49 -11.83 -62.22 -122.60
CA LYS G 49 -11.47 -62.09 -121.21
C LYS G 49 -10.66 -60.83 -120.92
N ASP G 50 -11.31 -59.74 -120.42
CA ASP G 50 -10.72 -58.44 -120.15
C ASP G 50 -9.48 -58.52 -119.24
N SER G 51 -9.48 -59.48 -118.32
CA SER G 51 -8.40 -59.62 -117.37
C SER G 51 -8.47 -61.00 -116.77
N TYR G 52 -7.33 -61.47 -116.24
CA TYR G 52 -7.14 -62.75 -115.59
C TYR G 52 -6.79 -62.50 -114.15
N VAL G 53 -7.25 -63.37 -113.24
CA VAL G 53 -7.12 -63.18 -111.81
C VAL G 53 -6.55 -64.46 -111.24
N GLY G 54 -5.73 -64.35 -110.18
CA GLY G 54 -5.22 -65.51 -109.48
C GLY G 54 -4.04 -66.17 -110.16
N ASP G 55 -3.78 -67.46 -109.92
CA ASP G 55 -2.70 -68.21 -110.53
C ASP G 55 -2.90 -68.50 -112.03
N GLU G 56 -4.10 -68.24 -112.60
CA GLU G 56 -4.33 -68.10 -114.04
C GLU G 56 -3.40 -67.06 -114.70
N ALA G 57 -3.23 -65.88 -114.03
CA ALA G 57 -2.32 -64.81 -114.40
C ALA G 57 -0.84 -65.24 -114.30
N GLN G 58 -0.48 -66.07 -113.30
CA GLN G 58 0.84 -66.67 -113.19
C GLN G 58 1.19 -67.58 -114.35
N SER G 59 0.23 -68.42 -114.81
CA SER G 59 0.35 -69.30 -115.96
C SER G 59 0.51 -68.52 -117.26
N LYS G 60 -0.35 -67.50 -117.48
CA LYS G 60 -0.29 -66.67 -118.67
C LYS G 60 0.38 -65.36 -118.35
N ARG G 61 1.67 -65.38 -117.98
CA ARG G 61 2.31 -64.21 -117.44
C ARG G 61 2.82 -63.19 -118.45
N GLY G 62 3.39 -63.71 -119.58
CA GLY G 62 4.18 -62.92 -120.51
C GLY G 62 3.42 -61.90 -121.32
N ILE G 63 2.15 -62.21 -121.62
CA ILE G 63 1.20 -61.34 -122.30
C ILE G 63 0.78 -60.19 -121.41
N LEU G 64 0.51 -60.51 -120.14
CA LEU G 64 -0.15 -59.68 -119.17
C LEU G 64 0.78 -58.64 -118.62
N THR G 65 0.22 -57.48 -118.29
CA THR G 65 0.81 -56.64 -117.29
C THR G 65 0.07 -56.99 -116.02
N LEU G 66 0.77 -57.17 -114.90
CA LEU G 66 0.18 -57.57 -113.64
C LEU G 66 0.11 -56.38 -112.73
N LYS G 67 -1.04 -56.20 -112.08
CA LYS G 67 -1.22 -55.16 -111.14
C LYS G 67 -1.60 -55.80 -109.83
N TYR G 68 -0.76 -55.61 -108.78
CA TYR G 68 -1.14 -55.88 -107.41
C TYR G 68 -2.18 -54.84 -107.00
N PRO G 69 -3.37 -55.17 -106.49
CA PRO G 69 -4.38 -54.17 -106.20
C PRO G 69 -4.19 -53.66 -104.80
N ILE G 70 -3.39 -54.35 -103.96
CA ILE G 70 -3.13 -53.95 -102.60
C ILE G 70 -1.68 -53.55 -102.52
N GLU G 71 -1.38 -52.33 -102.08
CA GLU G 71 -0.03 -51.89 -101.80
C GLU G 71 0.02 -51.34 -100.41
N HIS G 72 0.98 -51.82 -99.60
CA HIS G 72 1.23 -51.40 -98.23
C HIS G 72 0.08 -51.61 -97.27
N GLY G 73 -0.73 -52.67 -97.52
CA GLY G 73 -1.97 -52.95 -96.82
C GLY G 73 -3.13 -52.12 -97.31
N ILE G 74 -2.91 -51.22 -98.30
CA ILE G 74 -3.91 -50.31 -98.82
C ILE G 74 -4.41 -50.85 -100.14
N ILE G 75 -5.74 -50.98 -100.32
CA ILE G 75 -6.24 -51.28 -101.64
C ILE G 75 -6.16 -50.05 -102.52
N THR G 76 -5.34 -50.13 -103.58
CA THR G 76 -5.18 -49.10 -104.59
C THR G 76 -6.37 -49.04 -105.52
N ASN G 77 -6.84 -50.23 -105.94
CA ASN G 77 -7.91 -50.36 -106.89
C ASN G 77 -8.99 -51.34 -106.39
N TRP G 78 -10.22 -50.83 -106.20
CA TRP G 78 -11.33 -51.54 -105.59
C TRP G 78 -12.01 -52.58 -106.45
N ASP G 79 -12.18 -52.30 -107.77
CA ASP G 79 -12.76 -53.21 -108.73
C ASP G 79 -11.88 -54.44 -108.87
N ASP G 80 -10.56 -54.28 -108.95
CA ASP G 80 -9.56 -55.32 -108.94
C ASP G 80 -9.63 -56.20 -107.67
N MET G 81 -9.80 -55.62 -106.45
CA MET G 81 -10.08 -56.38 -105.23
C MET G 81 -11.39 -57.16 -105.24
N GLU G 82 -12.48 -56.55 -105.73
CA GLU G 82 -13.75 -57.20 -105.91
C GLU G 82 -13.64 -58.40 -106.84
N LYS G 83 -12.93 -58.26 -107.98
CA LYS G 83 -12.61 -59.34 -108.90
C LYS G 83 -11.84 -60.49 -108.26
N ILE G 84 -10.85 -60.17 -107.40
CA ILE G 84 -10.13 -61.18 -106.63
C ILE G 84 -11.03 -61.95 -105.68
N TRP G 85 -11.88 -61.26 -104.90
CA TRP G 85 -12.87 -61.92 -104.08
C TRP G 85 -13.92 -62.67 -104.87
N HIS G 86 -14.35 -62.16 -106.04
CA HIS G 86 -15.24 -62.90 -106.92
C HIS G 86 -14.65 -64.23 -107.38
N HIS G 87 -13.35 -64.23 -107.75
CA HIS G 87 -12.54 -65.39 -108.05
C HIS G 87 -12.47 -66.35 -106.84
N THR G 88 -12.19 -65.89 -105.57
CA THR G 88 -12.14 -66.79 -104.39
C THR G 88 -13.40 -67.60 -104.17
N PHE G 89 -14.55 -66.89 -104.20
CA PHE G 89 -15.82 -67.48 -103.85
C PHE G 89 -16.36 -68.37 -104.94
N TYR G 90 -16.35 -67.90 -106.21
CA TYR G 90 -16.95 -68.67 -107.27
C TYR G 90 -15.98 -69.63 -107.93
N ASN G 91 -14.72 -69.22 -108.23
CA ASN G 91 -13.77 -70.08 -108.91
C ASN G 91 -13.23 -71.20 -108.03
N GLU G 92 -12.82 -70.90 -106.77
CA GLU G 92 -12.25 -71.92 -105.89
C GLU G 92 -13.27 -72.53 -104.96
N LEU G 93 -13.85 -71.74 -104.05
CA LEU G 93 -14.58 -72.32 -102.94
C LEU G 93 -15.96 -72.82 -103.29
N ARG G 94 -16.56 -72.23 -104.33
CA ARG G 94 -17.85 -72.55 -104.90
C ARG G 94 -18.98 -72.39 -103.91
N VAL G 95 -18.99 -71.23 -103.24
CA VAL G 95 -19.91 -70.94 -102.17
C VAL G 95 -20.77 -69.79 -102.62
N ALA G 96 -22.00 -69.68 -102.11
CA ALA G 96 -22.76 -68.46 -102.16
C ALA G 96 -22.42 -67.70 -100.87
N PRO G 97 -21.83 -66.51 -100.85
CA PRO G 97 -21.58 -65.77 -99.62
C PRO G 97 -22.83 -65.49 -98.79
N GLU G 98 -24.05 -65.48 -99.36
CA GLU G 98 -25.32 -65.40 -98.65
C GLU G 98 -25.50 -66.51 -97.61
N GLU G 99 -24.82 -67.65 -97.81
CA GLU G 99 -24.94 -68.81 -96.96
C GLU G 99 -23.84 -68.85 -95.92
N HIS G 100 -22.91 -67.87 -95.85
CA HIS G 100 -21.81 -67.97 -94.91
C HIS G 100 -21.46 -66.64 -94.27
N PRO G 101 -21.24 -66.46 -92.97
CA PRO G 101 -20.53 -65.29 -92.46
C PRO G 101 -19.06 -65.24 -92.88
N THR G 102 -18.50 -64.07 -93.25
CA THR G 102 -17.15 -63.94 -93.81
C THR G 102 -16.24 -63.11 -92.95
N LEU G 103 -15.11 -63.67 -92.49
CA LEU G 103 -14.07 -62.97 -91.79
C LEU G 103 -13.05 -62.45 -92.78
N LEU G 104 -12.68 -61.17 -92.67
CA LEU G 104 -11.56 -60.61 -93.37
C LEU G 104 -10.51 -60.23 -92.38
N THR G 105 -9.25 -60.46 -92.75
CA THR G 105 -8.14 -59.87 -92.03
C THR G 105 -7.85 -58.50 -92.58
N GLU G 106 -7.14 -57.68 -91.80
CA GLU G 106 -6.70 -56.37 -92.22
C GLU G 106 -5.54 -55.95 -91.35
N ALA G 107 -4.69 -55.03 -91.86
CA ALA G 107 -3.45 -54.69 -91.20
C ALA G 107 -3.56 -53.57 -90.15
N PRO G 108 -2.80 -53.51 -89.05
CA PRO G 108 -2.78 -52.35 -88.16
C PRO G 108 -2.45 -50.99 -88.72
N LEU G 109 -2.99 -49.94 -88.05
CA LEU G 109 -2.73 -48.53 -88.30
C LEU G 109 -3.10 -48.19 -89.72
N ASN G 110 -4.09 -48.89 -90.25
CA ASN G 110 -4.47 -48.84 -91.63
C ASN G 110 -5.54 -47.78 -91.75
N PRO G 111 -5.53 -46.90 -92.77
CA PRO G 111 -6.64 -46.04 -93.12
C PRO G 111 -8.03 -46.58 -92.88
N LYS G 112 -8.90 -45.76 -92.28
CA LYS G 112 -10.27 -46.10 -91.96
C LYS G 112 -11.09 -46.49 -93.16
N ALA G 113 -10.81 -45.80 -94.30
CA ALA G 113 -11.43 -45.99 -95.59
C ALA G 113 -11.31 -47.40 -96.12
N ASN G 114 -10.17 -48.09 -95.90
CA ASN G 114 -10.07 -49.49 -96.25
C ASN G 114 -11.03 -50.37 -95.49
N ARG G 115 -11.11 -50.27 -94.13
CA ARG G 115 -12.07 -51.04 -93.36
C ARG G 115 -13.53 -50.77 -93.70
N GLU G 116 -13.90 -49.48 -93.80
CA GLU G 116 -15.23 -49.00 -94.15
C GLU G 116 -15.67 -49.30 -95.58
N LYS G 117 -14.77 -49.14 -96.58
CA LYS G 117 -15.06 -49.56 -97.93
C LYS G 117 -15.07 -51.07 -98.11
N MET G 118 -14.22 -51.82 -97.38
CA MET G 118 -14.18 -53.27 -97.38
C MET G 118 -15.50 -53.90 -96.91
N THR G 119 -16.08 -53.33 -95.81
CA THR G 119 -17.43 -53.68 -95.34
C THR G 119 -18.52 -53.31 -96.28
N GLN G 120 -18.46 -52.11 -96.89
CA GLN G 120 -19.40 -51.64 -97.89
C GLN G 120 -19.51 -52.59 -99.08
N ILE G 121 -18.35 -53.06 -99.61
CA ILE G 121 -18.31 -54.11 -100.63
C ILE G 121 -18.83 -55.43 -100.13
N MET G 122 -18.44 -55.89 -98.92
CA MET G 122 -18.96 -57.17 -98.46
C MET G 122 -20.45 -57.20 -98.32
N PHE G 123 -21.11 -56.16 -97.82
CA PHE G 123 -22.55 -56.15 -97.81
C PHE G 123 -23.25 -55.87 -99.16
N GLU G 124 -22.73 -54.93 -99.98
CA GLU G 124 -23.43 -54.42 -101.15
C GLU G 124 -22.87 -54.92 -102.48
N THR G 125 -22.00 -55.94 -102.44
CA THR G 125 -21.51 -56.63 -103.63
C THR G 125 -21.85 -58.09 -103.49
N PHE G 126 -21.22 -58.83 -102.56
CA PHE G 126 -21.58 -60.23 -102.34
C PHE G 126 -22.55 -60.27 -101.19
N ASN G 127 -23.89 -60.37 -101.39
CA ASN G 127 -24.82 -60.26 -100.29
C ASN G 127 -24.47 -61.31 -99.21
N VAL G 128 -24.31 -60.92 -97.92
CA VAL G 128 -23.69 -61.80 -96.94
C VAL G 128 -24.44 -61.58 -95.63
N PRO G 129 -24.72 -62.56 -94.76
CA PRO G 129 -25.46 -62.36 -93.53
C PRO G 129 -24.68 -61.55 -92.51
N ALA G 130 -23.35 -61.73 -92.49
CA ALA G 130 -22.55 -61.10 -91.49
C ALA G 130 -21.09 -61.14 -91.87
N MET G 131 -20.28 -60.28 -91.23
CA MET G 131 -18.88 -60.25 -91.50
C MET G 131 -18.12 -59.71 -90.33
N TYR G 132 -16.80 -59.77 -90.39
CA TYR G 132 -15.97 -59.15 -89.40
C TYR G 132 -14.69 -58.77 -90.12
N VAL G 133 -14.01 -57.71 -89.65
CA VAL G 133 -12.68 -57.33 -90.09
C VAL G 133 -11.86 -57.40 -88.83
N ALA G 134 -10.70 -58.06 -88.91
CA ALA G 134 -9.89 -58.32 -87.75
C ALA G 134 -8.45 -58.01 -88.01
N ILE G 135 -7.70 -57.72 -86.94
CA ILE G 135 -6.32 -57.33 -87.07
C ILE G 135 -5.41 -58.54 -87.34
N GLN G 136 -4.48 -58.49 -88.31
CA GLN G 136 -3.64 -59.64 -88.69
C GLN G 136 -2.83 -60.29 -87.56
N ALA G 137 -2.17 -59.47 -86.73
CA ALA G 137 -1.28 -59.91 -85.68
C ALA G 137 -1.91 -60.72 -84.56
N VAL G 138 -3.10 -60.31 -84.09
CA VAL G 138 -3.88 -61.03 -83.10
C VAL G 138 -4.29 -62.40 -83.59
N LEU G 139 -4.69 -62.55 -84.86
CA LEU G 139 -5.02 -63.83 -85.45
C LEU G 139 -3.82 -64.80 -85.45
N SER G 140 -2.60 -64.34 -85.80
CA SER G 140 -1.41 -65.18 -85.72
C SER G 140 -1.08 -65.64 -84.30
N LEU G 141 -1.29 -64.75 -83.31
CA LEU G 141 -1.16 -65.08 -81.91
C LEU G 141 -2.09 -66.21 -81.45
N TYR G 142 -3.39 -66.14 -81.84
CA TYR G 142 -4.36 -67.21 -81.64
C TYR G 142 -3.92 -68.53 -82.25
N ALA G 143 -3.42 -68.49 -83.51
CA ALA G 143 -2.92 -69.64 -84.23
C ALA G 143 -1.74 -70.31 -83.54
N SER G 144 -0.84 -69.51 -82.93
CA SER G 144 0.27 -69.99 -82.14
C SER G 144 -0.15 -70.54 -80.78
N GLY G 145 -1.40 -70.28 -80.33
CA GLY G 145 -1.97 -70.88 -79.12
C GLY G 145 -1.50 -70.23 -77.84
N ARG G 146 -1.02 -68.98 -77.94
CA ARG G 146 -0.41 -68.28 -76.83
C ARG G 146 -1.29 -67.10 -76.48
N THR G 147 -1.33 -66.68 -75.21
CA THR G 147 -2.20 -65.59 -74.79
C THR G 147 -1.46 -64.26 -74.80
N THR G 148 -0.13 -64.31 -74.92
CA THR G 148 0.80 -63.23 -74.70
C THR G 148 1.92 -63.38 -75.70
N GLY G 149 2.37 -62.25 -76.23
CA GLY G 149 3.50 -62.18 -77.10
C GLY G 149 3.54 -60.89 -77.81
N ILE G 150 4.66 -60.63 -78.47
CA ILE G 150 4.76 -59.51 -79.37
C ILE G 150 4.79 -60.10 -80.72
N VAL G 151 3.79 -59.78 -81.54
CA VAL G 151 3.68 -60.37 -82.84
C VAL G 151 4.32 -59.48 -83.87
N LEU G 152 5.37 -59.99 -84.50
CA LEU G 152 6.03 -59.39 -85.62
C LEU G 152 5.37 -59.96 -86.86
N ASP G 153 4.55 -59.14 -87.53
CA ASP G 153 3.78 -59.51 -88.68
C ASP G 153 4.51 -58.82 -89.81
N SER G 154 5.01 -59.61 -90.78
CA SER G 154 5.46 -59.02 -92.01
C SER G 154 4.98 -59.84 -93.19
N GLY G 155 4.08 -59.25 -93.99
CA GLY G 155 3.62 -59.86 -95.22
C GLY G 155 4.35 -59.32 -96.44
N ASP G 156 3.72 -59.43 -97.61
CA ASP G 156 4.16 -58.75 -98.82
C ASP G 156 3.62 -57.32 -98.86
N GLY G 157 2.62 -57.01 -98.01
CA GLY G 157 2.02 -55.69 -97.90
C GLY G 157 2.86 -54.75 -97.11
N VAL G 158 2.84 -54.80 -95.77
CA VAL G 158 3.69 -53.97 -94.93
C VAL G 158 4.01 -54.85 -93.75
N THR G 159 5.03 -54.46 -92.96
CA THR G 159 5.43 -54.96 -91.64
C THR G 159 4.71 -54.22 -90.52
N HIS G 160 4.21 -54.96 -89.53
CA HIS G 160 3.46 -54.50 -88.40
C HIS G 160 3.97 -55.22 -87.16
N ASN G 161 3.72 -54.64 -85.98
CA ASN G 161 4.20 -55.16 -84.76
C ASN G 161 3.13 -54.81 -83.74
N VAL G 162 2.53 -55.82 -83.06
CA VAL G 162 1.49 -55.60 -82.07
C VAL G 162 1.91 -56.35 -80.80
N PRO G 163 2.27 -55.70 -79.69
CA PRO G 163 2.42 -56.35 -78.40
C PRO G 163 1.07 -56.61 -77.78
N ILE G 164 0.93 -57.78 -77.18
CA ILE G 164 -0.27 -58.22 -76.52
C ILE G 164 0.17 -58.76 -75.18
N TYR G 165 -0.64 -58.59 -74.12
CA TYR G 165 -0.39 -59.17 -72.83
C TYR G 165 -1.70 -59.69 -72.25
N GLU G 166 -1.83 -61.02 -72.09
CA GLU G 166 -2.93 -61.71 -71.46
C GLU G 166 -4.26 -61.45 -72.15
N GLY G 167 -4.28 -61.63 -73.49
CA GLY G 167 -5.20 -60.85 -74.30
C GLY G 167 -4.79 -59.40 -74.28
N TYR G 168 -5.71 -58.46 -73.95
CA TYR G 168 -5.54 -57.02 -74.03
C TYR G 168 -4.90 -56.59 -75.36
N ALA G 169 -4.06 -55.54 -75.37
CA ALA G 169 -3.48 -54.94 -76.56
C ALA G 169 -3.05 -53.56 -76.15
N LEU G 170 -1.98 -53.02 -76.78
CA LEU G 170 -1.48 -51.72 -76.43
C LEU G 170 -1.46 -50.80 -77.65
N PRO G 171 -2.43 -49.89 -77.85
CA PRO G 171 -2.54 -49.10 -79.08
C PRO G 171 -1.35 -48.19 -79.36
N HIS G 172 -0.77 -47.55 -78.33
CA HIS G 172 0.40 -46.70 -78.42
C HIS G 172 1.68 -47.45 -78.76
N ALA G 173 1.77 -48.72 -78.31
CA ALA G 173 2.91 -49.57 -78.53
C ALA G 173 2.86 -50.33 -79.85
N ILE G 174 1.71 -50.35 -80.57
CA ILE G 174 1.63 -50.87 -81.94
C ILE G 174 2.50 -50.05 -82.87
N MET G 175 3.37 -50.74 -83.63
CA MET G 175 4.25 -50.12 -84.59
C MET G 175 4.00 -50.71 -85.95
N ARG G 176 4.08 -49.85 -86.97
CA ARG G 176 3.95 -50.22 -88.35
C ARG G 176 5.17 -49.67 -89.05
N LEU G 177 5.85 -50.52 -89.82
CA LEU G 177 7.09 -50.22 -90.47
C LEU G 177 6.94 -50.50 -91.94
N ASP G 178 7.18 -49.49 -92.81
CA ASP G 178 7.05 -49.65 -94.24
C ASP G 178 8.28 -50.35 -94.81
N LEU G 179 8.27 -51.68 -94.68
CA LEU G 179 9.13 -52.63 -95.34
C LEU G 179 8.24 -53.79 -95.65
N ALA G 180 8.60 -54.57 -96.67
CA ALA G 180 7.81 -55.71 -97.01
C ALA G 180 8.59 -56.69 -97.83
N GLY G 181 8.00 -57.86 -98.11
CA GLY G 181 8.40 -58.72 -99.22
C GLY G 181 8.53 -57.99 -100.53
N ARG G 182 7.56 -57.16 -100.93
CA ARG G 182 7.59 -56.44 -102.19
C ARG G 182 8.76 -55.46 -102.33
N ASP G 183 9.08 -54.69 -101.27
CA ASP G 183 10.23 -53.80 -101.23
C ASP G 183 11.58 -54.54 -101.29
N LEU G 184 11.67 -55.73 -100.66
CA LEU G 184 12.79 -56.66 -100.85
C LEU G 184 12.93 -57.18 -102.27
N THR G 185 11.80 -57.47 -102.95
CA THR G 185 11.80 -57.80 -104.38
C THR G 185 12.32 -56.67 -105.26
N ASP G 186 11.88 -55.40 -105.05
CA ASP G 186 12.35 -54.22 -105.77
C ASP G 186 13.85 -53.95 -105.50
N TYR G 187 14.33 -54.12 -104.23
CA TYR G 187 15.74 -54.11 -103.91
C TYR G 187 16.52 -55.23 -104.61
N LEU G 188 15.95 -56.45 -104.64
CA LEU G 188 16.59 -57.60 -105.24
C LEU G 188 16.80 -57.48 -106.73
N MET G 189 15.80 -57.08 -107.50
CA MET G 189 15.98 -56.87 -108.93
C MET G 189 16.95 -55.72 -109.23
N LYS G 190 17.01 -54.68 -108.35
CA LYS G 190 18.08 -53.69 -108.37
C LYS G 190 19.48 -54.21 -108.07
N ILE G 191 19.65 -55.17 -107.13
CA ILE G 191 20.97 -55.71 -106.83
C ILE G 191 21.37 -56.83 -107.81
N LEU G 192 20.46 -57.41 -108.61
CA LEU G 192 20.87 -58.31 -109.69
C LEU G 192 21.53 -57.60 -110.87
N THR G 193 21.21 -56.30 -111.09
CA THR G 193 21.69 -55.53 -112.25
C THR G 193 23.18 -55.35 -112.30
N GLU G 194 23.86 -55.28 -111.12
CA GLU G 194 25.32 -55.17 -111.02
C GLU G 194 25.99 -56.45 -111.50
N ARG G 195 25.24 -57.59 -111.54
CA ARG G 195 25.74 -58.85 -112.05
C ARG G 195 25.50 -59.02 -113.55
N GLY G 196 24.70 -58.13 -114.15
CA GLY G 196 24.37 -58.11 -115.58
C GLY G 196 22.99 -58.62 -115.91
N TYR G 197 22.28 -59.20 -114.92
CA TYR G 197 20.93 -59.70 -115.15
C TYR G 197 19.91 -58.60 -114.92
N SER G 198 19.12 -58.26 -115.94
CA SER G 198 18.26 -57.09 -115.90
C SER G 198 16.86 -57.54 -116.07
N PHE G 199 16.04 -57.33 -115.04
CA PHE G 199 14.66 -57.76 -115.01
C PHE G 199 13.87 -56.50 -114.89
N VAL G 200 13.15 -56.11 -115.95
CA VAL G 200 12.68 -54.74 -116.12
C VAL G 200 11.17 -54.67 -116.03
N THR G 201 10.46 -55.83 -116.05
CA THR G 201 9.02 -55.85 -116.31
C THR G 201 8.35 -56.68 -115.23
N THR G 202 7.03 -56.52 -115.02
CA THR G 202 6.23 -57.17 -113.98
C THR G 202 6.26 -58.69 -113.98
N ALA G 203 6.24 -59.31 -115.17
CA ALA G 203 6.33 -60.74 -115.36
C ALA G 203 7.57 -61.40 -114.76
N GLU G 204 8.79 -60.87 -115.02
CA GLU G 204 10.00 -61.40 -114.41
C GLU G 204 10.31 -60.80 -113.04
N ARG G 205 9.60 -59.75 -112.62
CA ARG G 205 9.55 -59.30 -111.24
C ARG G 205 8.98 -60.35 -110.29
N GLU G 206 7.99 -61.13 -110.78
CA GLU G 206 7.55 -62.31 -110.09
C GLU G 206 8.47 -63.52 -110.20
N ILE G 207 9.32 -63.59 -111.25
CA ILE G 207 10.45 -64.53 -111.27
C ILE G 207 11.51 -64.24 -110.20
N VAL G 208 11.91 -62.97 -109.93
CA VAL G 208 12.76 -62.68 -108.77
C VAL G 208 12.08 -62.83 -107.44
N ARG G 209 10.73 -62.68 -107.39
CA ARG G 209 9.98 -63.05 -106.21
C ARG G 209 10.12 -64.54 -105.89
N ASP G 210 9.98 -65.45 -106.89
CA ASP G 210 10.21 -66.90 -106.78
C ASP G 210 11.65 -67.25 -106.37
N ILE G 211 12.67 -66.53 -106.93
CA ILE G 211 14.06 -66.70 -106.53
C ILE G 211 14.26 -66.44 -105.07
N LYS G 212 13.73 -65.30 -104.61
CA LYS G 212 13.84 -64.83 -103.25
C LYS G 212 13.08 -65.68 -102.24
N GLU G 213 11.95 -66.29 -102.64
CA GLU G 213 11.17 -67.29 -101.90
C GLU G 213 11.92 -68.58 -101.61
N LYS G 214 13.01 -68.92 -102.35
CA LYS G 214 13.85 -70.06 -101.97
C LYS G 214 15.32 -69.75 -101.82
N LEU G 215 15.99 -69.04 -102.75
CA LEU G 215 17.43 -68.90 -102.70
C LEU G 215 17.89 -68.05 -101.54
N CYS G 216 17.23 -66.89 -101.32
CA CYS G 216 17.61 -65.94 -100.29
C CYS G 216 17.63 -66.50 -98.86
N TYR G 217 18.60 -66.06 -98.05
CA TYR G 217 18.61 -66.42 -96.65
C TYR G 217 19.17 -65.24 -95.88
N VAL G 218 19.04 -65.25 -94.54
CA VAL G 218 19.58 -64.19 -93.71
C VAL G 218 20.86 -64.63 -93.02
N ALA G 219 21.93 -63.83 -93.15
CA ALA G 219 23.18 -64.03 -92.47
C ALA G 219 23.12 -63.98 -90.93
N LEU G 220 23.79 -64.93 -90.26
CA LEU G 220 23.92 -64.94 -88.81
C LEU G 220 24.99 -63.99 -88.37
N ASP G 221 25.87 -63.56 -89.31
CA ASP G 221 26.47 -62.27 -89.22
C ASP G 221 26.69 -61.83 -90.66
N PHE G 222 26.26 -60.60 -91.02
CA PHE G 222 26.28 -60.07 -92.38
C PHE G 222 27.70 -59.88 -92.88
N GLU G 223 28.57 -59.20 -92.10
CA GLU G 223 29.93 -58.90 -92.48
C GLU G 223 30.78 -60.15 -92.64
N ASN G 224 30.62 -61.13 -91.74
CA ASN G 224 31.30 -62.41 -91.82
C ASN G 224 30.94 -63.18 -93.09
N GLU G 225 29.64 -63.26 -93.43
CA GLU G 225 29.21 -63.88 -94.67
C GLU G 225 29.60 -63.14 -95.93
N MET G 226 29.58 -61.78 -95.90
CA MET G 226 30.13 -60.96 -96.96
C MET G 226 31.65 -61.04 -97.15
N ALA G 227 32.42 -61.21 -96.06
CA ALA G 227 33.83 -61.54 -96.12
C ALA G 227 34.14 -62.91 -96.77
N THR G 228 33.37 -63.97 -96.40
CA THR G 228 33.57 -65.31 -96.99
C THR G 228 33.02 -65.40 -98.41
N ALA G 229 32.23 -64.41 -98.89
CA ALA G 229 31.94 -64.24 -100.31
C ALA G 229 33.14 -63.96 -101.22
N ALA G 230 34.34 -63.64 -100.67
CA ALA G 230 35.56 -63.60 -101.45
C ALA G 230 35.95 -64.95 -102.05
N SER G 231 35.83 -66.05 -101.28
CA SER G 231 36.04 -67.41 -101.75
C SER G 231 34.70 -68.03 -102.08
N SER G 232 34.17 -67.75 -103.29
CA SER G 232 32.85 -68.23 -103.66
C SER G 232 32.80 -69.72 -103.91
N SER G 233 31.99 -70.42 -103.09
CA SER G 233 31.79 -71.85 -103.21
C SER G 233 30.32 -72.15 -102.96
N SER G 234 29.87 -72.13 -101.68
CA SER G 234 28.50 -72.49 -101.34
C SER G 234 27.50 -71.35 -101.45
N LEU G 235 28.02 -70.10 -101.52
CA LEU G 235 27.20 -68.90 -101.52
C LEU G 235 26.62 -68.61 -102.88
N GLU G 236 27.25 -69.13 -103.95
CA GLU G 236 26.69 -69.12 -105.28
C GLU G 236 25.67 -70.22 -105.39
N LYS G 237 24.56 -69.94 -106.06
CA LYS G 237 23.63 -70.97 -106.47
C LYS G 237 23.21 -70.64 -107.86
N SER G 238 23.25 -71.68 -108.71
CA SER G 238 22.61 -71.74 -110.01
C SER G 238 21.10 -71.73 -109.83
N TYR G 239 20.41 -70.88 -110.59
CA TYR G 239 18.97 -70.81 -110.69
C TYR G 239 18.61 -70.90 -112.16
N GLU G 240 17.55 -71.65 -112.48
CA GLU G 240 17.03 -71.86 -113.81
C GLU G 240 15.86 -70.90 -114.03
N LEU G 241 15.89 -70.05 -115.07
CA LEU G 241 14.74 -69.24 -115.46
C LEU G 241 13.77 -70.06 -116.30
N PRO G 242 12.48 -69.73 -116.42
CA PRO G 242 11.58 -70.36 -117.36
C PRO G 242 11.97 -70.19 -118.83
N ASP G 243 12.79 -69.17 -119.17
CA ASP G 243 13.40 -68.97 -120.47
C ASP G 243 14.39 -70.12 -120.81
N GLY G 244 15.07 -70.71 -119.79
CA GLY G 244 16.16 -71.67 -119.96
C GLY G 244 17.50 -71.02 -119.77
N GLN G 245 17.49 -69.71 -119.49
CA GLN G 245 18.63 -68.99 -118.99
C GLN G 245 18.99 -69.33 -117.56
N VAL G 246 20.29 -69.38 -117.24
CA VAL G 246 20.78 -69.76 -115.95
C VAL G 246 21.33 -68.51 -115.31
N ILE G 247 21.04 -68.33 -114.01
CA ILE G 247 21.43 -67.22 -113.18
C ILE G 247 22.27 -67.78 -112.06
N THR G 248 23.36 -67.09 -111.71
CA THR G 248 24.30 -67.55 -110.69
C THR G 248 24.47 -66.43 -109.70
N ILE G 249 23.95 -66.58 -108.47
CA ILE G 249 23.87 -65.49 -107.49
C ILE G 249 24.68 -65.78 -106.24
N GLY G 250 25.65 -64.91 -105.90
CA GLY G 250 26.58 -65.12 -104.79
C GLY G 250 26.17 -64.39 -103.54
N ASN G 251 26.93 -63.35 -103.16
CA ASN G 251 26.69 -62.56 -101.95
C ASN G 251 25.42 -61.72 -101.96
N GLU G 252 25.00 -61.38 -103.18
CA GLU G 252 23.78 -60.73 -103.59
C GLU G 252 22.55 -61.41 -103.03
N ARG G 253 22.59 -62.76 -102.94
CA ARG G 253 21.58 -63.56 -102.32
C ARG G 253 21.22 -63.17 -100.87
N PHE G 254 22.20 -63.11 -99.92
CA PHE G 254 21.86 -62.94 -98.51
C PHE G 254 21.77 -61.49 -98.10
N ARG G 255 22.35 -60.56 -98.89
CA ARG G 255 22.18 -59.16 -98.59
C ARG G 255 20.84 -58.57 -98.99
N CYS G 256 20.02 -59.30 -99.79
CA CYS G 256 18.63 -58.89 -99.95
C CYS G 256 17.81 -59.01 -98.66
N PRO G 257 17.73 -60.09 -97.87
CA PRO G 257 16.99 -60.03 -96.62
C PRO G 257 17.63 -59.17 -95.55
N GLU G 258 18.95 -58.87 -95.67
CA GLU G 258 19.70 -58.00 -94.76
C GLU G 258 19.08 -56.62 -94.65
N THR G 259 18.43 -56.14 -95.74
CA THR G 259 17.66 -54.89 -95.79
C THR G 259 16.65 -54.72 -94.66
N LEU G 260 16.03 -55.81 -94.15
CA LEU G 260 15.14 -55.77 -92.98
C LEU G 260 15.81 -55.25 -91.72
N PHE G 261 17.12 -55.50 -91.58
CA PHE G 261 17.94 -55.18 -90.44
C PHE G 261 18.81 -53.95 -90.72
N GLN G 262 18.85 -53.50 -91.99
CA GLN G 262 19.61 -52.33 -92.45
C GLN G 262 18.81 -51.56 -93.50
N PRO G 263 17.74 -50.82 -93.19
CA PRO G 263 16.96 -50.05 -94.18
C PRO G 263 17.72 -48.88 -94.72
N SER G 264 18.95 -48.59 -94.31
CA SER G 264 19.86 -47.70 -95.00
C SER G 264 20.23 -48.17 -96.42
N PHE G 265 20.17 -49.50 -96.69
CA PHE G 265 20.34 -50.10 -98.03
C PHE G 265 19.21 -49.75 -99.00
N ILE G 266 17.97 -49.70 -98.49
CA ILE G 266 16.84 -49.25 -99.28
C ILE G 266 16.80 -47.70 -99.35
N GLY G 267 17.44 -47.01 -98.38
CA GLY G 267 17.54 -45.54 -98.33
C GLY G 267 16.55 -44.91 -97.39
N MET G 268 15.83 -45.73 -96.61
CA MET G 268 14.91 -45.26 -95.60
C MET G 268 15.59 -45.17 -94.25
N GLU G 269 15.29 -44.11 -93.47
CA GLU G 269 15.81 -43.95 -92.14
C GLU G 269 15.23 -44.89 -91.13
N SER G 270 13.92 -45.24 -91.34
CA SER G 270 13.11 -46.10 -90.50
C SER G 270 13.86 -47.31 -90.01
N ALA G 271 13.92 -47.52 -88.69
CA ALA G 271 14.81 -48.48 -88.10
C ALA G 271 14.58 -49.93 -88.55
N GLY G 272 15.63 -50.77 -88.50
CA GLY G 272 15.51 -52.20 -88.76
C GLY G 272 14.48 -52.88 -87.88
N ILE G 273 14.03 -54.07 -88.30
CA ILE G 273 12.92 -54.75 -87.66
C ILE G 273 13.14 -55.16 -86.20
N HIS G 274 14.39 -55.40 -85.77
CA HIS G 274 14.73 -55.67 -84.40
C HIS G 274 14.67 -54.42 -83.51
N GLU G 275 15.15 -53.25 -83.99
CA GLU G 275 14.94 -51.98 -83.29
C GLU G 275 13.49 -51.54 -83.26
N THR G 276 12.66 -51.82 -84.30
CA THR G 276 11.21 -51.58 -84.24
C THR G 276 10.54 -52.41 -83.16
N THR G 277 10.93 -53.69 -82.99
CA THR G 277 10.50 -54.53 -81.88
C THR G 277 10.88 -53.97 -80.51
N TYR G 278 12.12 -53.44 -80.37
CA TYR G 278 12.53 -52.70 -79.17
C TYR G 278 11.69 -51.45 -78.95
N ASN G 279 11.40 -50.68 -80.02
CA ASN G 279 10.57 -49.49 -80.00
C ASN G 279 9.15 -49.80 -79.49
N SER G 280 8.54 -50.92 -79.95
CA SER G 280 7.26 -51.42 -79.43
C SER G 280 7.32 -51.85 -77.98
N ILE G 281 8.31 -52.69 -77.58
CA ILE G 281 8.49 -53.19 -76.20
C ILE G 281 8.81 -52.08 -75.20
N MET G 282 9.64 -51.08 -75.58
CA MET G 282 9.92 -49.89 -74.79
C MET G 282 8.73 -49.00 -74.55
N LYS G 283 7.78 -48.95 -75.49
CA LYS G 283 6.55 -48.21 -75.27
C LYS G 283 5.58 -48.90 -74.33
N CYS G 284 5.79 -50.20 -74.06
CA CYS G 284 4.98 -50.96 -73.13
C CYS G 284 5.37 -50.69 -71.70
N ASP G 285 4.45 -50.98 -70.75
CA ASP G 285 4.69 -50.90 -69.33
C ASP G 285 5.84 -51.79 -68.88
N ILE G 286 6.59 -51.35 -67.84
CA ILE G 286 7.81 -52.00 -67.36
C ILE G 286 7.57 -53.46 -66.96
N ASP G 287 6.46 -53.74 -66.27
CA ASP G 287 6.10 -55.02 -65.68
C ASP G 287 6.03 -56.16 -66.71
N ILE G 288 5.33 -55.92 -67.84
CA ILE G 288 5.05 -56.99 -68.77
C ILE G 288 6.22 -57.33 -69.65
N ARG G 289 7.22 -56.42 -69.79
CA ARG G 289 8.26 -56.58 -70.80
C ARG G 289 9.00 -57.91 -70.77
N LYS G 290 9.15 -58.53 -69.57
CA LYS G 290 9.82 -59.80 -69.36
C LYS G 290 9.31 -60.94 -70.24
N ASP G 291 7.97 -61.06 -70.44
CA ASP G 291 7.42 -62.13 -71.23
C ASP G 291 7.37 -61.73 -72.70
N LEU G 292 7.23 -60.44 -73.05
CA LEU G 292 7.30 -59.95 -74.42
C LEU G 292 8.62 -60.18 -75.10
N TYR G 293 9.72 -59.99 -74.35
CA TYR G 293 11.04 -60.43 -74.75
C TYR G 293 11.10 -61.94 -75.00
N ALA G 294 10.47 -62.76 -74.14
CA ALA G 294 10.54 -64.20 -74.24
C ALA G 294 9.43 -64.86 -75.11
N ASN G 295 8.50 -64.09 -75.70
CA ASN G 295 7.33 -64.62 -76.40
C ASN G 295 7.12 -63.86 -77.70
N ASN G 296 8.20 -63.40 -78.36
CA ASN G 296 8.15 -62.85 -79.71
C ASN G 296 7.67 -63.89 -80.73
N VAL G 297 6.58 -63.59 -81.45
CA VAL G 297 5.97 -64.45 -82.46
C VAL G 297 6.23 -63.82 -83.80
N MET G 298 6.84 -64.55 -84.72
CA MET G 298 6.94 -64.15 -86.11
C MET G 298 5.77 -64.69 -86.91
N SER G 299 5.19 -63.86 -87.79
CA SER G 299 4.14 -64.27 -88.68
C SER G 299 4.39 -63.70 -90.04
N GLY G 300 3.61 -64.18 -91.03
CA GLY G 300 3.57 -63.62 -92.37
C GLY G 300 4.49 -64.31 -93.33
N GLY G 301 4.43 -63.90 -94.61
CA GLY G 301 5.22 -64.55 -95.64
C GLY G 301 6.67 -64.16 -95.69
N THR G 302 7.07 -62.94 -95.27
CA THR G 302 8.45 -62.48 -95.41
C THR G 302 9.23 -62.68 -94.10
N THR G 303 8.67 -63.48 -93.14
CA THR G 303 9.45 -64.09 -92.06
C THR G 303 9.81 -65.53 -92.41
N MET G 304 9.54 -65.99 -93.64
CA MET G 304 9.89 -67.35 -93.99
C MET G 304 11.36 -67.62 -94.27
N TYR G 305 12.21 -66.59 -94.57
CA TYR G 305 13.61 -66.80 -94.94
C TYR G 305 14.38 -67.60 -93.89
N PRO G 306 15.18 -68.60 -94.25
CA PRO G 306 16.05 -69.30 -93.32
C PRO G 306 16.99 -68.39 -92.54
N GLY G 307 17.05 -68.56 -91.19
CA GLY G 307 17.98 -67.83 -90.33
C GLY G 307 17.48 -66.48 -89.82
N ILE G 308 16.23 -66.03 -90.16
CA ILE G 308 15.67 -64.79 -89.60
C ILE G 308 15.56 -64.83 -88.09
N ALA G 309 15.03 -65.95 -87.54
CA ALA G 309 14.80 -66.15 -86.11
C ALA G 309 16.07 -66.05 -85.29
N ASP G 310 17.16 -66.69 -85.76
CA ASP G 310 18.48 -66.63 -85.16
C ASP G 310 19.09 -65.24 -85.18
N ARG G 311 18.97 -64.52 -86.31
CA ARG G 311 19.45 -63.15 -86.42
C ARG G 311 18.70 -62.19 -85.49
N MET G 312 17.35 -62.25 -85.43
CA MET G 312 16.55 -61.48 -84.49
C MET G 312 16.89 -61.79 -83.05
N GLN G 313 17.12 -63.09 -82.72
CA GLN G 313 17.53 -63.49 -81.40
C GLN G 313 18.85 -62.91 -81.00
N LYS G 314 19.88 -62.98 -81.87
CA LYS G 314 21.17 -62.41 -81.56
C LYS G 314 21.16 -60.88 -81.37
N GLU G 315 20.39 -60.15 -82.22
CA GLU G 315 20.30 -58.70 -82.14
C GLU G 315 19.48 -58.21 -80.98
N ILE G 316 18.29 -58.80 -80.73
CA ILE G 316 17.49 -58.41 -79.57
C ILE G 316 18.18 -58.76 -78.26
N THR G 317 18.81 -59.95 -78.15
CA THR G 317 19.65 -60.31 -77.00
C THR G 317 20.83 -59.37 -76.80
N ALA G 318 21.51 -58.94 -77.89
CA ALA G 318 22.60 -57.96 -77.82
C ALA G 318 22.17 -56.58 -77.32
N LEU G 319 21.01 -56.06 -77.79
CA LEU G 319 20.46 -54.79 -77.35
C LEU G 319 19.83 -54.81 -75.96
N ALA G 320 19.10 -55.87 -75.61
CA ALA G 320 18.32 -55.94 -74.40
C ALA G 320 19.18 -56.22 -73.16
N PRO G 321 18.66 -56.07 -71.95
CA PRO G 321 19.25 -56.71 -70.78
C PRO G 321 19.44 -58.22 -70.93
N SER G 322 20.67 -58.75 -70.74
CA SER G 322 20.97 -60.18 -70.76
C SER G 322 20.60 -60.83 -69.42
N THR G 323 19.96 -60.03 -68.52
CA THR G 323 19.33 -60.40 -67.27
C THR G 323 18.20 -61.37 -67.48
N MET G 324 17.48 -61.24 -68.61
CA MET G 324 16.38 -62.10 -68.97
C MET G 324 16.60 -62.77 -70.30
N LYS G 325 16.06 -63.99 -70.45
CA LYS G 325 16.28 -64.76 -71.65
C LYS G 325 15.26 -64.49 -72.73
N ILE G 326 15.77 -64.23 -73.95
CA ILE G 326 14.98 -63.80 -75.08
C ILE G 326 14.70 -65.02 -75.92
N LYS G 327 13.55 -65.67 -75.70
CA LYS G 327 13.06 -66.71 -76.58
C LYS G 327 12.25 -66.10 -77.70
N ILE G 328 12.49 -66.52 -78.95
CA ILE G 328 11.69 -66.15 -80.09
C ILE G 328 11.01 -67.43 -80.49
N ILE G 329 9.70 -67.39 -80.66
CA ILE G 329 8.93 -68.50 -81.11
C ILE G 329 8.44 -68.20 -82.51
N ALA G 330 9.09 -68.82 -83.49
CA ALA G 330 8.76 -68.64 -84.88
C ALA G 330 8.41 -70.01 -85.44
N PRO G 331 7.15 -70.40 -85.59
CA PRO G 331 6.82 -71.74 -86.02
C PRO G 331 7.14 -71.89 -87.51
N PRO G 332 7.58 -73.01 -88.09
CA PRO G 332 7.20 -73.32 -89.46
C PRO G 332 5.67 -73.37 -89.58
N GLU G 333 5.10 -73.11 -90.77
CA GLU G 333 3.67 -72.89 -91.00
C GLU G 333 3.29 -71.43 -90.71
N ARG G 334 4.28 -70.59 -90.27
CA ARG G 334 4.08 -69.20 -89.89
C ARG G 334 3.51 -68.31 -90.99
N LYS G 335 3.66 -68.73 -92.26
CA LYS G 335 3.08 -68.09 -93.42
C LYS G 335 1.56 -68.03 -93.35
N TYR G 336 0.92 -69.13 -92.87
CA TYR G 336 -0.51 -69.25 -92.93
C TYR G 336 -1.11 -68.90 -91.58
N SER G 337 -0.31 -68.42 -90.60
CA SER G 337 -0.74 -68.19 -89.23
C SER G 337 -1.91 -67.24 -89.06
N VAL G 338 -1.98 -66.16 -89.85
CA VAL G 338 -3.12 -65.26 -89.89
C VAL G 338 -4.42 -65.95 -90.32
N TRP G 339 -4.41 -66.78 -91.38
CA TRP G 339 -5.57 -67.51 -91.82
C TRP G 339 -6.04 -68.54 -90.78
N ILE G 340 -5.08 -69.28 -90.16
CA ILE G 340 -5.38 -70.23 -89.09
C ILE G 340 -5.98 -69.52 -87.89
N GLY G 341 -5.47 -68.32 -87.55
CA GLY G 341 -6.05 -67.49 -86.52
C GLY G 341 -7.44 -67.00 -86.80
N GLY G 342 -7.76 -66.81 -88.09
CA GLY G 342 -9.10 -66.51 -88.53
C GLY G 342 -10.02 -67.71 -88.51
N SER G 343 -9.50 -68.92 -88.82
CA SER G 343 -10.22 -70.20 -88.72
C SER G 343 -10.67 -70.47 -87.31
N ILE G 344 -9.72 -70.36 -86.34
CA ILE G 344 -10.01 -70.58 -84.92
C ILE G 344 -11.00 -69.55 -84.40
N LEU G 345 -10.87 -68.25 -84.76
CA LEU G 345 -11.79 -67.21 -84.31
C LEU G 345 -13.24 -67.39 -84.71
N ALA G 346 -13.49 -67.72 -85.99
CA ALA G 346 -14.84 -67.93 -86.46
C ALA G 346 -15.44 -69.25 -85.97
N SER G 347 -14.59 -70.25 -85.60
CA SER G 347 -15.00 -71.46 -84.91
C SER G 347 -15.35 -71.27 -83.44
N LEU G 348 -14.86 -70.18 -82.79
CA LEU G 348 -15.25 -69.84 -81.42
C LEU G 348 -16.72 -69.48 -81.24
N SER G 349 -17.41 -70.16 -80.30
CA SER G 349 -18.84 -70.01 -80.07
C SER G 349 -19.28 -68.62 -79.65
N THR G 350 -18.53 -67.99 -78.71
CA THR G 350 -18.78 -66.60 -78.26
C THR G 350 -18.65 -65.56 -79.36
N PHE G 351 -17.67 -65.76 -80.27
CA PHE G 351 -17.39 -64.89 -81.39
C PHE G 351 -18.61 -64.78 -82.33
N GLN G 352 -19.45 -65.85 -82.39
CA GLN G 352 -20.67 -65.84 -83.16
C GLN G 352 -21.74 -64.81 -82.75
N GLN G 353 -21.56 -64.06 -81.64
CA GLN G 353 -22.38 -62.92 -81.31
C GLN G 353 -21.71 -61.58 -81.62
N MET G 354 -20.40 -61.56 -81.92
CA MET G 354 -19.63 -60.34 -82.12
C MET G 354 -19.50 -60.01 -83.59
N TRP G 355 -20.11 -60.82 -84.48
CA TRP G 355 -20.17 -60.53 -85.89
C TRP G 355 -20.86 -59.21 -86.17
N ILE G 356 -20.39 -58.48 -87.19
CA ILE G 356 -21.15 -57.36 -87.68
C ILE G 356 -22.28 -57.96 -88.49
N THR G 357 -23.55 -57.82 -88.06
CA THR G 357 -24.64 -58.38 -88.82
C THR G 357 -24.94 -57.54 -90.03
N LYS G 358 -25.52 -58.12 -91.08
CA LYS G 358 -26.06 -57.38 -92.20
C LYS G 358 -27.12 -56.38 -91.78
N GLN G 359 -28.02 -56.78 -90.86
CA GLN G 359 -29.06 -55.93 -90.31
C GLN G 359 -28.50 -54.66 -89.64
N GLU G 360 -27.50 -54.83 -88.74
CA GLU G 360 -26.86 -53.74 -88.01
C GLU G 360 -26.16 -52.73 -88.93
N TYR G 361 -25.51 -53.23 -90.02
CA TYR G 361 -25.02 -52.42 -91.11
C TYR G 361 -26.13 -51.66 -91.85
N ASP G 362 -27.26 -52.31 -92.20
CA ASP G 362 -28.34 -51.71 -92.97
C ASP G 362 -28.97 -50.53 -92.18
N GLU G 363 -29.18 -50.67 -90.84
CA GLU G 363 -29.59 -49.56 -89.97
C GLU G 363 -28.54 -48.48 -89.75
N ALA G 364 -27.28 -48.84 -89.42
CA ALA G 364 -26.37 -47.88 -88.85
C ALA G 364 -25.22 -47.49 -89.79
N GLY G 365 -25.17 -48.07 -91.01
CA GLY G 365 -24.23 -47.70 -92.06
C GLY G 365 -22.83 -48.28 -91.98
N PRO G 366 -21.97 -47.95 -92.96
CA PRO G 366 -20.62 -48.52 -93.07
C PRO G 366 -19.69 -48.02 -92.01
N SER G 367 -20.00 -46.93 -91.30
CA SER G 367 -19.08 -46.31 -90.36
C SER G 367 -18.91 -47.10 -89.05
N ILE G 368 -19.85 -48.04 -88.80
CA ILE G 368 -19.92 -48.85 -87.59
C ILE G 368 -18.81 -49.85 -87.40
N VAL G 369 -17.91 -50.03 -88.41
CA VAL G 369 -16.79 -50.93 -88.31
C VAL G 369 -15.96 -50.63 -87.07
N HIS G 370 -15.49 -49.37 -86.98
CA HIS G 370 -14.62 -48.90 -85.92
C HIS G 370 -15.28 -48.85 -84.56
N ARG G 371 -16.60 -48.58 -84.55
CA ARG G 371 -17.43 -48.57 -83.36
C ARG G 371 -17.58 -49.91 -82.65
N LYS G 372 -17.73 -51.01 -83.41
CA LYS G 372 -17.90 -52.33 -82.84
C LYS G 372 -16.59 -53.07 -82.66
N CYS G 373 -15.74 -53.08 -83.72
CA CYS G 373 -14.53 -53.87 -83.77
C CYS G 373 -13.30 -53.00 -83.61
N PHE G 374 -12.18 -53.64 -83.23
CA PHE G 374 -10.86 -53.04 -83.20
C PHE G 374 -10.23 -52.96 -84.64
N GLU H 1 57.45 -32.55 -119.19
CA GLU H 1 56.38 -31.51 -119.07
C GLU H 1 55.68 -31.62 -117.74
N ASP H 2 54.96 -30.55 -117.33
CA ASP H 2 54.22 -30.52 -116.08
C ASP H 2 52.84 -31.05 -116.34
N GLU H 3 52.27 -31.77 -115.35
CA GLU H 3 50.93 -32.34 -115.35
C GLU H 3 50.64 -33.45 -116.34
N THR H 4 51.50 -33.61 -117.38
CA THR H 4 51.53 -34.70 -118.38
C THR H 4 50.42 -34.62 -119.42
N THR H 5 49.59 -33.54 -119.41
CA THR H 5 48.22 -33.48 -119.95
C THR H 5 47.34 -34.61 -119.40
N ALA H 6 46.23 -34.95 -120.05
CA ALA H 6 45.54 -36.18 -119.76
C ALA H 6 44.70 -36.43 -121.00
N LEU H 7 44.17 -37.64 -121.14
CA LEU H 7 43.32 -38.01 -122.26
C LEU H 7 41.94 -38.30 -121.81
N VAL H 8 40.95 -37.95 -122.63
CA VAL H 8 39.55 -38.10 -122.30
C VAL H 8 38.88 -38.74 -123.49
N CYS H 9 38.09 -39.80 -123.25
CA CYS H 9 37.27 -40.44 -124.26
C CYS H 9 35.86 -40.64 -123.74
N ASP H 10 34.86 -40.14 -124.49
CA ASP H 10 33.46 -40.49 -124.34
C ASP H 10 33.15 -41.57 -125.37
N ASN H 11 32.74 -42.76 -124.86
CA ASN H 11 32.08 -43.81 -125.59
C ASN H 11 30.78 -44.19 -124.91
N GLY H 12 29.75 -43.32 -125.01
CA GLY H 12 28.42 -43.85 -125.34
C GLY H 12 28.40 -44.50 -126.73
N SER H 13 27.37 -45.31 -127.09
CA SER H 13 27.23 -45.81 -128.46
C SER H 13 27.21 -44.75 -129.54
N GLY H 14 27.68 -45.08 -130.76
CA GLY H 14 27.50 -44.21 -131.90
C GLY H 14 28.67 -43.34 -132.23
N LEU H 15 29.28 -42.64 -131.26
CA LEU H 15 30.38 -41.72 -131.49
C LEU H 15 31.44 -41.87 -130.42
N VAL H 16 32.71 -41.92 -130.84
CA VAL H 16 33.84 -41.71 -129.98
C VAL H 16 34.05 -40.23 -129.97
N LYS H 17 34.08 -39.59 -128.81
CA LYS H 17 34.55 -38.24 -128.69
C LYS H 17 35.80 -38.28 -127.86
N ALA H 18 36.94 -37.86 -128.42
CA ALA H 18 38.23 -37.98 -127.78
C ALA H 18 39.15 -36.81 -128.04
N GLY H 19 40.03 -36.55 -127.09
CA GLY H 19 40.96 -35.46 -127.21
C GLY H 19 41.74 -35.35 -125.96
N PHE H 20 42.49 -34.25 -125.83
CA PHE H 20 43.24 -33.92 -124.64
C PHE H 20 42.32 -33.30 -123.61
N ALA H 21 42.47 -33.70 -122.35
CA ALA H 21 42.03 -32.95 -121.19
C ALA H 21 42.73 -31.61 -121.11
N GLY H 22 42.01 -30.55 -120.73
CA GLY H 22 42.58 -29.19 -120.70
C GLY H 22 42.29 -28.36 -121.91
N ASP H 23 41.45 -28.87 -122.83
CA ASP H 23 41.00 -28.16 -124.00
C ASP H 23 39.46 -28.09 -123.96
N ASP H 24 38.85 -27.08 -124.59
CA ASP H 24 37.42 -26.82 -124.62
C ASP H 24 36.69 -27.73 -125.61
N ALA H 25 37.38 -28.25 -126.65
CA ALA H 25 36.76 -29.16 -127.59
C ALA H 25 37.63 -30.38 -127.90
N PRO H 26 37.03 -31.56 -128.19
CA PRO H 26 37.78 -32.76 -128.54
C PRO H 26 38.41 -32.57 -129.91
N ARG H 27 39.62 -33.12 -130.13
CA ARG H 27 40.25 -33.14 -131.42
C ARG H 27 39.55 -34.07 -132.39
N ALA H 28 39.16 -35.27 -131.93
CA ALA H 28 38.65 -36.31 -132.78
C ALA H 28 37.27 -36.71 -132.34
N VAL H 29 36.32 -36.65 -133.27
CA VAL H 29 34.99 -37.15 -133.06
C VAL H 29 34.67 -37.97 -134.28
N PHE H 30 34.31 -39.25 -134.12
CA PHE H 30 34.03 -40.08 -135.28
C PHE H 30 33.03 -41.16 -134.89
N PRO H 31 32.33 -41.79 -135.82
CA PRO H 31 31.39 -42.86 -135.51
C PRO H 31 32.04 -44.14 -135.04
N SER H 32 31.52 -44.70 -133.94
CA SER H 32 31.99 -45.94 -133.35
C SER H 32 31.51 -47.16 -134.10
N ILE H 33 32.10 -47.43 -135.27
CA ILE H 33 31.63 -48.48 -136.15
C ILE H 33 32.81 -49.25 -136.63
N VAL H 34 32.62 -50.56 -136.74
CA VAL H 34 33.56 -51.50 -137.27
C VAL H 34 32.84 -52.07 -138.46
N GLY H 35 33.32 -51.74 -139.66
CA GLY H 35 32.71 -52.19 -140.88
C GLY H 35 33.55 -53.18 -141.62
N ARG H 36 32.97 -54.36 -141.91
CA ARG H 36 33.71 -55.48 -142.44
C ARG H 36 33.37 -55.68 -143.89
N PRO H 37 34.31 -55.87 -144.84
CA PRO H 37 34.01 -56.34 -146.18
C PRO H 37 33.22 -57.65 -146.22
N ARG H 38 31.89 -57.54 -146.41
CA ARG H 38 30.98 -58.64 -146.58
C ARG H 38 31.16 -59.31 -147.95
N HIS H 39 31.36 -58.51 -149.02
CA HIS H 39 31.54 -59.02 -150.37
C HIS H 39 32.98 -59.36 -150.57
N GLN H 40 33.28 -60.58 -151.04
CA GLN H 40 34.63 -60.95 -151.41
C GLN H 40 35.16 -60.14 -152.57
N GLY H 41 36.34 -59.52 -152.39
CA GLY H 41 36.91 -58.64 -153.38
C GLY H 41 37.69 -59.42 -154.42
N VAL H 42 37.63 -58.99 -155.69
CA VAL H 42 38.37 -59.65 -156.76
C VAL H 42 39.10 -58.61 -157.55
N MET H 43 40.36 -58.36 -157.17
CA MET H 43 41.33 -57.56 -157.86
C MET H 43 42.62 -58.12 -157.30
N VAL H 44 43.77 -57.48 -157.55
CA VAL H 44 45.02 -57.77 -156.86
C VAL H 44 45.53 -56.42 -156.42
N GLY H 45 46.19 -56.31 -155.24
CA GLY H 45 46.67 -55.02 -154.73
C GLY H 45 45.60 -54.18 -154.10
N MET H 46 44.56 -54.83 -153.56
CA MET H 46 43.63 -54.22 -152.64
C MET H 46 44.11 -54.49 -151.26
N GLY H 47 43.96 -53.50 -150.38
CA GLY H 47 43.95 -53.64 -148.93
C GLY H 47 44.98 -54.58 -148.29
N GLN H 48 44.61 -55.82 -147.89
CA GLN H 48 43.26 -56.36 -147.86
C GLN H 48 42.41 -55.63 -146.85
N LYS H 49 42.98 -55.44 -145.63
CA LYS H 49 42.34 -54.79 -144.50
C LYS H 49 41.07 -55.52 -144.05
N ASP H 50 41.16 -56.37 -143.00
CA ASP H 50 40.08 -57.19 -142.46
C ASP H 50 38.82 -56.38 -142.12
N SER H 51 39.01 -55.13 -141.68
CA SER H 51 37.92 -54.30 -141.28
C SER H 51 38.37 -52.87 -141.28
N TYR H 52 37.42 -51.93 -141.36
CA TYR H 52 37.60 -50.50 -141.36
C TYR H 52 36.92 -49.94 -140.14
N VAL H 53 37.50 -48.90 -139.54
CA VAL H 53 37.04 -48.35 -138.28
C VAL H 53 36.90 -46.85 -138.46
N GLY H 54 35.92 -46.24 -137.78
CA GLY H 54 35.76 -44.80 -137.80
C GLY H 54 35.05 -44.27 -139.02
N ASP H 55 35.26 -43.00 -139.40
CA ASP H 55 34.67 -42.38 -140.57
C ASP H 55 35.25 -42.89 -141.91
N GLU H 56 36.35 -43.68 -141.90
CA GLU H 56 36.77 -44.54 -143.01
C GLU H 56 35.66 -45.49 -143.48
N ALA H 57 34.94 -46.13 -142.52
CA ALA H 57 33.78 -46.98 -142.74
C ALA H 57 32.58 -46.21 -143.31
N GLN H 58 32.38 -44.94 -142.89
CA GLN H 58 31.38 -44.04 -143.46
C GLN H 58 31.64 -43.74 -144.93
N SER H 59 32.90 -43.48 -145.30
CA SER H 59 33.34 -43.24 -146.69
C SER H 59 33.15 -44.48 -147.56
N LYS H 60 33.58 -45.66 -147.09
CA LYS H 60 33.43 -46.91 -147.81
C LYS H 60 32.28 -47.69 -147.26
N ARG H 61 31.05 -47.19 -147.37
CA ARG H 61 29.93 -47.76 -146.67
C ARG H 61 29.27 -48.96 -147.34
N GLY H 62 29.16 -48.91 -148.69
CA GLY H 62 28.31 -49.82 -149.46
C GLY H 62 28.77 -51.25 -149.52
N ILE H 63 30.10 -51.45 -149.47
CA ILE H 63 30.76 -52.75 -149.40
C ILE H 63 30.54 -53.41 -148.05
N LEU H 64 30.67 -52.60 -147.00
CA LEU H 64 30.78 -53.02 -145.62
C LEU H 64 29.44 -53.40 -145.06
N THR H 65 29.46 -54.38 -144.15
CA THR H 65 28.41 -54.46 -143.16
C THR H 65 28.99 -53.76 -141.95
N LEU H 66 28.20 -52.90 -141.28
CA LEU H 66 28.65 -52.11 -140.16
C LEU H 66 28.10 -52.70 -138.91
N LYS H 67 28.95 -52.83 -137.90
CA LYS H 67 28.55 -53.32 -136.62
C LYS H 67 28.89 -52.25 -135.61
N TYR H 68 27.86 -51.71 -134.92
CA TYR H 68 28.05 -50.93 -133.71
C TYR H 68 28.53 -51.89 -132.61
N PRO H 69 29.62 -51.66 -131.90
CA PRO H 69 30.12 -52.63 -130.93
C PRO H 69 29.49 -52.35 -129.58
N ILE H 70 28.88 -51.17 -129.39
CA ILE H 70 28.23 -50.80 -128.16
C ILE H 70 26.75 -50.74 -128.43
N GLU H 71 25.93 -51.49 -127.68
CA GLU H 71 24.50 -51.38 -127.73
C GLU H 71 23.97 -51.19 -126.33
N HIS H 72 23.14 -50.15 -126.15
CA HIS H 72 22.49 -49.80 -124.89
C HIS H 72 23.44 -49.46 -123.76
N GLY H 73 24.61 -48.88 -124.10
CA GLY H 73 25.72 -48.63 -123.19
C GLY H 73 26.56 -49.86 -122.90
N ILE H 74 26.20 -51.02 -123.49
CA ILE H 74 26.87 -52.30 -123.25
C ILE H 74 27.76 -52.58 -124.43
N ILE H 75 29.05 -52.90 -124.20
CA ILE H 75 29.87 -53.39 -125.27
C ILE H 75 29.50 -54.82 -125.60
N THR H 76 28.98 -55.05 -126.82
CA THR H 76 28.65 -56.36 -127.35
C THR H 76 29.88 -57.14 -127.72
N ASN H 77 30.83 -56.46 -128.38
CA ASN H 77 32.03 -57.06 -128.89
C ASN H 77 33.28 -56.28 -128.47
N TRP H 78 34.17 -56.93 -127.70
CA TRP H 78 35.33 -56.32 -127.07
C TRP H 78 36.50 -56.01 -127.98
N ASP H 79 36.78 -56.92 -128.96
CA ASP H 79 37.84 -56.75 -129.93
C ASP H 79 37.53 -55.54 -130.82
N ASP H 80 36.29 -55.40 -131.27
CA ASP H 80 35.78 -54.26 -131.99
C ASP H 80 35.92 -52.93 -131.20
N MET H 81 35.64 -52.89 -129.88
CA MET H 81 35.94 -51.74 -129.02
C MET H 81 37.42 -51.41 -128.89
N GLU H 82 38.27 -52.44 -128.72
CA GLU H 82 39.71 -52.29 -128.69
C GLU H 82 40.24 -51.69 -129.99
N LYS H 83 39.75 -52.17 -131.15
CA LYS H 83 40.04 -51.61 -132.46
C LYS H 83 39.65 -50.14 -132.61
N ILE H 84 38.47 -49.76 -132.07
CA ILE H 84 38.06 -48.36 -132.03
C ILE H 84 38.98 -47.49 -131.21
N TRP H 85 39.35 -47.91 -129.99
CA TRP H 85 40.34 -47.22 -129.20
C TRP H 85 41.72 -47.22 -129.83
N HIS H 86 42.14 -48.31 -130.49
CA HIS H 86 43.39 -48.33 -131.23
C HIS H 86 43.45 -47.27 -132.33
N HIS H 87 42.33 -47.13 -133.08
CA HIS H 87 42.08 -46.08 -134.05
C HIS H 87 42.15 -44.67 -133.40
N THR H 88 41.50 -44.40 -132.23
CA THR H 88 41.57 -43.07 -131.57
C THR H 88 42.97 -42.60 -131.27
N PHE H 89 43.75 -43.50 -130.63
CA PHE H 89 45.06 -43.17 -130.13
C PHE H 89 46.09 -43.06 -131.23
N TYR H 90 46.14 -44.04 -132.14
CA TYR H 90 47.18 -44.06 -133.16
C TYR H 90 46.78 -43.31 -134.41
N ASN H 91 45.54 -43.48 -134.93
CA ASN H 91 45.14 -42.84 -136.17
C ASN H 91 44.89 -41.33 -136.02
N GLU H 92 44.17 -40.89 -134.96
CA GLU H 92 43.88 -39.47 -134.78
C GLU H 92 44.85 -38.76 -133.87
N LEU H 93 44.91 -39.16 -132.59
CA LEU H 93 45.59 -38.32 -131.61
C LEU H 93 47.09 -38.42 -131.64
N ARG H 94 47.61 -39.57 -132.10
CA ARG H 94 49.01 -39.88 -132.29
C ARG H 94 49.78 -39.83 -130.99
N VAL H 95 49.24 -40.49 -129.97
CA VAL H 95 49.76 -40.47 -128.63
C VAL H 95 50.19 -41.87 -128.30
N ALA H 96 51.17 -42.03 -127.39
CA ALA H 96 51.41 -43.28 -126.72
C ALA H 96 50.58 -43.23 -125.43
N PRO H 97 49.60 -44.08 -125.16
CA PRO H 97 48.84 -44.07 -123.91
C PRO H 97 49.73 -44.23 -122.66
N GLU H 98 50.94 -44.81 -122.74
CA GLU H 98 51.93 -44.86 -121.67
C GLU H 98 52.31 -43.48 -121.15
N GLU H 99 52.17 -42.44 -121.97
CA GLU H 99 52.55 -41.09 -121.65
C GLU H 99 51.37 -40.28 -121.13
N HIS H 100 50.15 -40.85 -121.01
CA HIS H 100 49.00 -40.04 -120.61
C HIS H 100 48.07 -40.78 -119.67
N PRO H 101 47.56 -40.26 -118.55
CA PRO H 101 46.38 -40.83 -117.90
C PRO H 101 45.11 -40.70 -118.75
N THR H 102 44.23 -41.72 -118.79
CA THR H 102 43.06 -41.75 -119.69
C THR H 102 41.75 -41.81 -118.93
N LEU H 103 40.87 -40.84 -119.12
CA LEU H 103 39.52 -40.84 -118.61
C LEU H 103 38.58 -41.49 -119.60
N LEU H 104 37.75 -42.42 -119.16
CA LEU H 104 36.65 -42.95 -119.92
C LEU H 104 35.37 -42.54 -119.27
N THR H 105 34.39 -42.20 -120.09
CA THR H 105 33.01 -42.08 -119.63
C THR H 105 32.34 -43.41 -119.67
N GLU H 106 31.24 -43.58 -118.92
CA GLU H 106 30.44 -44.77 -118.94
C GLU H 106 29.06 -44.42 -118.41
N ALA H 107 28.04 -45.21 -118.79
CA ALA H 107 26.65 -44.89 -118.51
C ALA H 107 26.14 -45.37 -117.14
N PRO H 108 25.23 -44.70 -116.43
CA PRO H 108 24.60 -45.25 -115.22
C PRO H 108 23.91 -46.59 -115.30
N LEU H 109 23.87 -47.29 -114.15
CA LEU H 109 23.15 -48.54 -113.91
C LEU H 109 23.62 -49.59 -114.88
N ASN H 110 24.89 -49.51 -115.27
CA ASN H 110 25.46 -50.28 -116.32
C ASN H 110 26.07 -51.51 -115.66
N PRO H 111 25.92 -52.73 -116.20
CA PRO H 111 26.66 -53.90 -115.80
C PRO H 111 28.09 -53.68 -115.34
N LYS H 112 28.46 -54.32 -114.23
CA LYS H 112 29.76 -54.23 -113.61
C LYS H 112 30.88 -54.67 -114.52
N ALA H 113 30.59 -55.71 -115.33
CA ALA H 113 31.46 -56.32 -116.30
C ALA H 113 31.98 -55.35 -117.34
N ASN H 114 31.17 -54.37 -117.80
CA ASN H 114 31.66 -53.33 -118.67
C ASN H 114 32.72 -52.47 -118.02
N ARG H 115 32.50 -51.95 -116.79
CA ARG H 115 33.52 -51.15 -116.09
C ARG H 115 34.80 -51.93 -115.80
N GLU H 116 34.68 -53.15 -115.26
CA GLU H 116 35.77 -54.05 -114.94
C GLU H 116 36.55 -54.59 -116.14
N LYS H 117 35.87 -54.95 -117.23
CA LYS H 117 36.54 -55.32 -118.47
C LYS H 117 37.15 -54.13 -119.19
N MET H 118 36.53 -52.94 -119.14
CA MET H 118 37.03 -51.70 -119.70
C MET H 118 38.37 -51.28 -119.09
N THR H 119 38.48 -51.40 -117.73
CA THR H 119 39.75 -51.21 -117.01
C THR H 119 40.78 -52.26 -117.31
N GLN H 120 40.38 -53.53 -117.40
CA GLN H 120 41.25 -54.63 -117.77
C GLN H 120 41.93 -54.42 -119.12
N ILE H 121 41.14 -53.99 -120.15
CA ILE H 121 41.70 -53.57 -121.44
C ILE H 121 42.58 -52.35 -121.33
N MET H 122 42.17 -51.30 -120.60
CA MET H 122 43.02 -50.13 -120.52
C MET H 122 44.36 -50.41 -119.90
N PHE H 123 44.48 -51.23 -118.85
CA PHE H 123 45.79 -51.59 -118.37
C PHE H 123 46.56 -52.63 -119.18
N GLU H 124 45.89 -53.68 -119.70
CA GLU H 124 46.56 -54.84 -120.29
C GLU H 124 46.49 -54.90 -121.80
N THR H 125 46.08 -53.80 -122.44
CA THR H 125 46.11 -53.66 -123.90
C THR H 125 46.94 -52.45 -124.23
N PHE H 126 46.48 -51.22 -123.91
CA PHE H 126 47.29 -50.03 -124.13
C PHE H 126 47.97 -49.71 -122.83
N ASN H 127 49.25 -50.05 -122.61
CA ASN H 127 49.85 -49.85 -121.30
C ASN H 127 49.73 -48.36 -120.88
N VAL H 128 49.19 -48.05 -119.69
CA VAL H 128 48.78 -46.69 -119.38
C VAL H 128 49.13 -46.44 -117.91
N PRO H 129 49.60 -45.27 -117.44
CA PRO H 129 49.97 -45.06 -116.05
C PRO H 129 48.76 -45.06 -115.13
N ALA H 130 47.61 -44.57 -115.63
CA ALA H 130 46.46 -44.42 -114.80
C ALA H 130 45.22 -44.20 -115.62
N MET H 131 44.06 -44.42 -115.02
CA MET H 131 42.81 -44.23 -115.71
C MET H 131 41.70 -43.94 -114.75
N TYR H 132 40.53 -43.58 -115.27
CA TYR H 132 39.36 -43.42 -114.46
C TYR H 132 38.19 -43.76 -115.36
N VAL H 133 37.09 -44.26 -114.79
CA VAL H 133 35.82 -44.46 -115.46
C VAL H 133 34.87 -43.60 -114.68
N ALA H 134 34.08 -42.79 -115.38
CA ALA H 134 33.23 -41.82 -114.76
C ALA H 134 31.84 -41.85 -115.36
N ILE H 135 30.86 -41.39 -114.57
CA ILE H 135 29.48 -41.43 -114.99
C ILE H 135 29.17 -40.31 -116.00
N GLN H 136 28.47 -40.57 -117.12
CA GLN H 136 28.23 -39.57 -118.16
C GLN H 136 27.52 -38.28 -117.72
N ALA H 137 26.46 -38.42 -116.90
CA ALA H 137 25.62 -37.32 -116.47
C ALA H 137 26.28 -36.27 -115.59
N VAL H 138 27.13 -36.70 -114.64
CA VAL H 138 27.91 -35.82 -113.80
C VAL H 138 28.90 -34.99 -114.60
N LEU H 139 29.56 -35.57 -115.62
CA LEU H 139 30.44 -34.84 -116.51
C LEU H 139 29.72 -33.72 -117.28
N SER H 140 28.51 -33.98 -117.82
CA SER H 140 27.72 -32.91 -118.46
C SER H 140 27.34 -31.78 -117.53
N LEU H 141 27.01 -32.11 -116.27
CA LEU H 141 26.74 -31.14 -115.22
C LEU H 141 27.92 -30.22 -114.94
N TYR H 142 29.15 -30.78 -114.83
CA TYR H 142 30.40 -30.03 -114.73
C TYR H 142 30.62 -29.10 -115.91
N ALA H 143 30.38 -29.59 -117.15
CA ALA H 143 30.49 -28.83 -118.37
C ALA H 143 29.54 -27.64 -118.42
N SER H 144 28.31 -27.81 -117.90
CA SER H 144 27.34 -26.74 -117.78
C SER H 144 27.66 -25.75 -116.67
N GLY H 145 28.63 -26.07 -115.76
CA GLY H 145 29.13 -25.14 -114.75
C GLY H 145 28.22 -24.97 -113.57
N ARG H 146 27.34 -25.94 -113.33
CA ARG H 146 26.32 -25.86 -112.31
C ARG H 146 26.60 -26.91 -111.27
N THR H 147 26.25 -26.68 -110.01
CA THR H 147 26.55 -27.63 -108.94
C THR H 147 25.38 -28.57 -108.69
N THR H 148 24.21 -28.24 -109.26
CA THR H 148 22.91 -28.82 -108.97
C THR H 148 22.14 -28.88 -110.25
N GLY H 149 21.42 -29.97 -110.44
CA GLY H 149 20.52 -30.15 -111.54
C GLY H 149 20.13 -31.57 -111.68
N ILE H 150 19.15 -31.82 -112.52
CA ILE H 150 18.81 -33.16 -112.90
C ILE H 150 19.25 -33.30 -114.30
N VAL H 151 20.19 -34.21 -114.55
CA VAL H 151 20.76 -34.35 -115.85
C VAL H 151 20.04 -35.42 -116.62
N LEU H 152 19.39 -35.02 -117.71
CA LEU H 152 18.78 -35.89 -118.67
C LEU H 152 19.82 -36.16 -119.73
N ASP H 153 20.39 -37.37 -119.72
CA ASP H 153 21.44 -37.80 -120.60
C ASP H 153 20.73 -38.73 -121.55
N SER H 154 20.76 -38.39 -122.86
CA SER H 154 20.36 -39.36 -123.84
C SER H 154 21.31 -39.33 -125.01
N GLY H 155 22.06 -40.45 -125.17
CA GLY H 155 22.93 -40.62 -126.32
C GLY H 155 22.30 -41.46 -127.40
N ASP H 156 23.14 -42.09 -128.24
CA ASP H 156 22.72 -43.12 -129.17
C ASP H 156 22.66 -44.49 -128.48
N GLY H 157 23.30 -44.59 -127.29
CA GLY H 157 23.33 -45.82 -126.50
C GLY H 157 22.05 -46.03 -125.74
N VAL H 158 21.85 -45.36 -124.60
CA VAL H 158 20.62 -45.46 -123.85
C VAL H 158 20.42 -44.06 -123.27
N THR H 159 19.21 -43.76 -122.78
CA THR H 159 18.79 -42.63 -121.97
C THR H 159 18.95 -42.91 -120.49
N HIS H 160 19.50 -41.94 -119.75
CA HIS H 160 19.79 -41.98 -118.34
C HIS H 160 19.37 -40.66 -117.71
N ASN H 161 19.17 -40.66 -116.40
CA ASN H 161 18.69 -39.51 -115.70
C ASN H 161 19.34 -39.60 -114.33
N VAL H 162 20.13 -38.58 -113.93
CA VAL H 162 20.80 -38.57 -112.65
C VAL H 162 20.46 -37.24 -111.98
N PRO H 163 19.70 -37.16 -110.89
CA PRO H 163 19.56 -35.97 -110.08
C PRO H 163 20.77 -35.79 -109.19
N ILE H 164 21.23 -34.55 -109.07
CA ILE H 164 22.35 -34.18 -108.27
C ILE H 164 21.90 -32.98 -107.47
N TYR H 165 22.38 -32.84 -106.22
CA TYR H 165 22.13 -31.66 -105.40
C TYR H 165 23.40 -31.28 -104.66
N GLU H 166 23.99 -30.12 -105.00
CA GLU H 166 25.13 -29.52 -104.34
C GLU H 166 26.37 -30.40 -104.39
N GLY H 167 26.71 -30.88 -105.61
CA GLY H 167 27.41 -32.16 -105.70
C GLY H 167 26.47 -33.27 -105.27
N TYR H 168 26.90 -34.13 -104.32
CA TYR H 168 26.22 -35.36 -103.91
C TYR H 168 25.73 -36.18 -105.10
N ALA H 169 24.57 -36.86 -104.99
CA ALA H 169 24.04 -37.78 -105.98
C ALA H 169 23.06 -38.65 -105.26
N LEU H 170 22.00 -39.12 -105.94
CA LEU H 170 20.99 -39.94 -105.31
C LEU H 170 20.86 -41.28 -106.02
N PRO H 171 21.43 -42.39 -105.53
CA PRO H 171 21.46 -43.67 -106.24
C PRO H 171 20.10 -44.26 -106.55
N HIS H 172 19.13 -44.16 -105.60
CA HIS H 172 17.77 -44.64 -105.74
C HIS H 172 16.95 -43.85 -106.75
N ALA H 173 17.27 -42.55 -106.87
CA ALA H 173 16.59 -41.64 -107.77
C ALA H 173 17.17 -41.63 -109.18
N ILE H 174 18.36 -42.23 -109.42
CA ILE H 174 18.87 -42.46 -110.78
C ILE H 174 17.96 -43.38 -111.57
N MET H 175 17.57 -42.93 -112.77
CA MET H 175 16.71 -43.69 -113.65
C MET H 175 17.42 -43.90 -114.98
N ARG H 176 17.22 -45.08 -115.55
CA ARG H 176 17.74 -45.45 -116.84
C ARG H 176 16.55 -45.94 -117.64
N LEU H 177 16.40 -45.41 -118.86
CA LEU H 177 15.28 -45.66 -119.71
C LEU H 177 15.79 -46.16 -121.04
N ASP H 178 15.36 -47.34 -121.48
CA ASP H 178 15.80 -47.93 -122.72
C ASP H 178 15.06 -47.29 -123.91
N LEU H 179 15.55 -46.11 -124.30
CA LEU H 179 15.24 -45.41 -125.52
C LEU H 179 16.55 -44.79 -125.92
N ALA H 180 16.71 -44.52 -127.22
CA ALA H 180 17.91 -43.92 -127.68
C ALA H 180 17.72 -43.28 -129.02
N GLY H 181 18.76 -42.58 -129.51
CA GLY H 181 18.92 -42.27 -130.92
C GLY H 181 18.77 -43.47 -131.83
N ARG H 182 19.43 -44.60 -131.53
CA ARG H 182 19.35 -45.79 -132.35
C ARG H 182 17.96 -46.40 -132.49
N ASP H 183 17.17 -46.47 -131.39
CA ASP H 183 15.79 -46.91 -131.40
C ASP H 183 14.86 -45.98 -132.20
N LEU H 184 15.10 -44.64 -132.13
CA LEU H 184 14.46 -43.67 -133.02
C LEU H 184 14.81 -43.87 -134.49
N THR H 185 16.06 -44.23 -134.81
CA THR H 185 16.45 -44.62 -136.16
C THR H 185 15.72 -45.85 -136.67
N ASP H 186 15.61 -46.95 -135.85
CA ASP H 186 14.87 -48.16 -136.18
C ASP H 186 13.36 -47.88 -136.34
N TYR H 187 12.75 -47.03 -135.49
CA TYR H 187 11.40 -46.51 -135.68
C TYR H 187 11.25 -45.71 -136.97
N LEU H 188 12.23 -44.84 -137.27
CA LEU H 188 12.20 -43.99 -138.44
C LEU H 188 12.24 -44.73 -139.75
N MET H 189 13.14 -45.70 -139.93
CA MET H 189 13.16 -46.50 -141.14
C MET H 189 11.91 -47.37 -141.28
N LYS H 190 11.30 -47.81 -140.15
CA LYS H 190 9.96 -48.39 -140.14
C LYS H 190 8.83 -47.45 -140.56
N ILE H 191 8.86 -46.16 -140.16
CA ILE H 191 7.81 -45.23 -140.57
C ILE H 191 8.04 -44.64 -141.97
N LEU H 192 9.24 -44.75 -142.57
CA LEU H 192 9.41 -44.41 -143.98
C LEU H 192 8.77 -45.40 -144.95
N THR H 193 8.61 -46.67 -144.53
CA THR H 193 8.10 -47.75 -145.40
C THR H 193 6.68 -47.56 -145.88
N GLU H 194 5.83 -46.88 -145.06
CA GLU H 194 4.45 -46.57 -145.42
C GLU H 194 4.41 -45.53 -146.55
N ARG H 195 5.52 -44.78 -146.77
CA ARG H 195 5.63 -43.83 -147.84
C ARG H 195 6.19 -44.45 -149.13
N GLY H 196 6.69 -45.70 -149.04
CA GLY H 196 7.26 -46.47 -150.15
C GLY H 196 8.77 -46.54 -150.17
N TYR H 197 9.45 -45.76 -149.30
CA TYR H 197 10.90 -45.79 -149.24
C TYR H 197 11.36 -46.87 -148.27
N SER H 198 12.16 -47.83 -148.76
CA SER H 198 12.48 -49.01 -148.00
C SER H 198 13.95 -49.08 -147.84
N PHE H 199 14.43 -48.97 -146.60
CA PHE H 199 15.83 -48.95 -146.28
C PHE H 199 16.06 -50.15 -145.43
N VAL H 200 16.76 -51.17 -145.95
CA VAL H 200 16.71 -52.51 -145.41
C VAL H 200 18.04 -52.91 -144.80
N THR H 201 19.12 -52.13 -145.02
CA THR H 201 20.48 -52.59 -144.77
C THR H 201 21.20 -51.54 -143.93
N THR H 202 22.30 -51.93 -143.26
CA THR H 202 23.08 -51.08 -142.34
C THR H 202 23.62 -49.79 -142.92
N ALA H 203 24.09 -49.83 -144.19
CA ALA H 203 24.59 -48.70 -144.92
C ALA H 203 23.58 -47.54 -145.07
N GLU H 204 22.32 -47.79 -145.50
CA GLU H 204 21.32 -46.76 -145.58
C GLU H 204 20.56 -46.54 -144.28
N ARG H 205 20.73 -47.41 -143.27
CA ARG H 205 20.34 -47.16 -141.90
C ARG H 205 21.07 -45.96 -141.29
N GLU H 206 22.36 -45.78 -141.67
CA GLU H 206 23.09 -44.56 -141.38
C GLU H 206 22.71 -43.37 -142.25
N ILE H 207 22.16 -43.59 -143.46
CA ILE H 207 21.49 -42.53 -144.22
C ILE H 207 20.24 -42.00 -143.53
N VAL H 208 19.34 -42.84 -142.95
CA VAL H 208 18.23 -42.32 -142.13
C VAL H 208 18.68 -41.74 -140.81
N ARG H 209 19.82 -42.19 -140.26
CA ARG H 209 20.43 -41.51 -139.13
C ARG H 209 20.79 -40.05 -139.47
N ASP H 210 21.45 -39.80 -140.63
CA ASP H 210 21.77 -38.47 -141.17
C ASP H 210 20.51 -37.61 -141.43
N ILE H 211 19.42 -38.23 -141.97
CA ILE H 211 18.15 -37.55 -142.16
C ILE H 211 17.59 -37.02 -140.87
N LYS H 212 17.56 -37.90 -139.86
CA LYS H 212 17.03 -37.64 -138.55
C LYS H 212 17.84 -36.63 -137.75
N GLU H 213 19.18 -36.59 -137.94
CA GLU H 213 20.12 -35.60 -137.43
C GLU H 213 19.88 -34.17 -137.92
N LYS H 214 19.16 -33.96 -139.06
CA LYS H 214 18.75 -32.61 -139.44
C LYS H 214 17.27 -32.43 -139.68
N LEU H 215 16.57 -33.30 -140.45
CA LEU H 215 15.21 -33.02 -140.83
C LEU H 215 14.25 -33.09 -139.66
N CYS H 216 14.36 -34.12 -138.80
CA CYS H 216 13.48 -34.35 -137.68
C CYS H 216 13.39 -33.20 -136.68
N TYR H 217 12.19 -32.94 -136.13
CA TYR H 217 12.06 -31.97 -135.07
C TYR H 217 10.98 -32.46 -134.15
N VAL H 218 10.84 -31.86 -132.96
CA VAL H 218 9.79 -32.22 -132.01
C VAL H 218 8.68 -31.21 -132.02
N ALA H 219 7.42 -31.67 -132.17
CA ALA H 219 6.23 -30.86 -132.08
C ALA H 219 5.97 -30.20 -130.73
N LEU H 220 5.61 -28.90 -130.73
CA LEU H 220 5.22 -28.19 -129.53
C LEU H 220 3.80 -28.52 -129.15
N ASP H 221 3.03 -29.10 -130.08
CA ASP H 221 1.99 -29.99 -129.72
C ASP H 221 1.88 -31.00 -130.86
N PHE H 222 1.87 -32.31 -130.56
CA PHE H 222 1.92 -33.40 -131.54
C PHE H 222 0.64 -33.43 -132.39
N GLU H 223 -0.55 -33.42 -131.75
CA GLU H 223 -1.82 -33.50 -132.42
C GLU H 223 -2.08 -32.32 -133.30
N ASN H 224 -1.74 -31.10 -132.85
CA ASN H 224 -1.86 -29.88 -133.64
C ASN H 224 -1.02 -29.92 -134.90
N GLU H 225 0.27 -30.34 -134.79
CA GLU H 225 1.11 -30.51 -135.94
C GLU H 225 0.71 -31.64 -136.89
N MET H 226 0.23 -32.78 -136.34
CA MET H 226 -0.39 -33.83 -137.12
C MET H 226 -1.69 -33.47 -137.82
N ALA H 227 -2.54 -32.61 -137.21
CA ALA H 227 -3.68 -32.00 -137.86
C ALA H 227 -3.32 -31.08 -139.04
N THR H 228 -2.30 -30.20 -138.88
CA THR H 228 -1.87 -29.29 -139.96
C THR H 228 -1.07 -30.02 -141.04
N ALA H 229 -0.64 -31.29 -140.80
CA ALA H 229 -0.16 -32.18 -141.86
C ALA H 229 -1.20 -32.54 -142.94
N ALA H 230 -2.51 -32.24 -142.74
CA ALA H 230 -3.48 -32.34 -143.81
C ALA H 230 -3.21 -31.38 -144.98
N SER H 231 -2.84 -30.12 -144.69
CA SER H 231 -2.43 -29.15 -145.69
C SER H 231 -0.92 -29.11 -145.77
N SER H 232 -0.32 -30.05 -146.52
CA SER H 232 1.13 -30.16 -146.57
C SER H 232 1.79 -29.03 -147.33
N SER H 233 2.63 -28.26 -146.64
CA SER H 233 3.37 -27.15 -147.21
C SER H 233 4.76 -27.15 -146.62
N SER H 234 4.93 -26.68 -145.36
CA SER H 234 6.24 -26.56 -144.73
C SER H 234 6.74 -27.83 -144.07
N LEU H 235 5.83 -28.79 -143.83
CA LEU H 235 6.11 -30.00 -143.10
C LEU H 235 6.79 -31.03 -143.96
N GLU H 236 6.60 -30.94 -145.29
CA GLU H 236 7.35 -31.72 -146.23
C GLU H 236 8.72 -31.09 -146.41
N LYS H 237 9.75 -31.93 -146.51
CA LYS H 237 11.05 -31.49 -146.94
C LYS H 237 11.57 -32.53 -147.87
N SER H 238 12.08 -32.04 -149.02
CA SER H 238 12.93 -32.76 -149.94
C SER H 238 14.27 -33.06 -149.29
N TYR H 239 14.72 -34.32 -149.38
CA TYR H 239 16.02 -34.79 -148.96
C TYR H 239 16.65 -35.51 -150.13
N GLU H 240 17.95 -35.28 -150.35
CA GLU H 240 18.76 -35.87 -151.40
C GLU H 240 19.50 -37.06 -150.82
N LEU H 241 19.35 -38.26 -151.41
CA LEU H 241 20.16 -39.42 -151.05
C LEU H 241 21.50 -39.38 -151.77
N PRO H 242 22.56 -40.04 -151.30
CA PRO H 242 23.81 -40.18 -152.06
C PRO H 242 23.66 -40.91 -153.39
N ASP H 243 22.60 -41.74 -153.57
CA ASP H 243 22.21 -42.35 -154.83
C ASP H 243 21.82 -41.30 -155.88
N GLY H 244 21.22 -40.16 -155.45
CA GLY H 244 20.63 -39.15 -156.34
C GLY H 244 19.13 -39.26 -156.37
N GLN H 245 18.60 -40.25 -155.63
CA GLN H 245 17.19 -40.32 -155.31
C GLN H 245 16.73 -39.27 -154.32
N VAL H 246 15.51 -38.76 -154.50
CA VAL H 246 14.95 -37.70 -153.70
C VAL H 246 13.87 -38.31 -152.85
N ILE H 247 13.83 -37.93 -151.58
CA ILE H 247 12.90 -38.38 -150.56
C ILE H 247 12.15 -37.17 -150.09
N THR H 248 10.82 -37.30 -149.90
CA THR H 248 9.96 -36.20 -149.50
C THR H 248 9.19 -36.63 -148.29
N ILE H 249 9.49 -36.06 -147.10
CA ILE H 249 8.98 -36.55 -145.82
C ILE H 249 8.12 -35.51 -145.12
N GLY H 250 6.84 -35.83 -144.82
CA GLY H 250 5.87 -34.89 -144.26
C GLY H 250 5.73 -35.02 -142.78
N ASN H 251 4.57 -35.54 -142.29
CA ASN H 251 4.27 -35.70 -140.88
C ASN H 251 5.10 -36.73 -140.14
N GLU H 252 5.60 -37.70 -140.92
CA GLU H 252 6.53 -38.76 -140.62
C GLU H 252 7.80 -38.22 -139.99
N ARG H 253 8.25 -37.03 -140.43
CA ARG H 253 9.36 -36.31 -139.85
C ARG H 253 9.26 -36.04 -138.34
N PHE H 254 8.17 -35.41 -137.83
CA PHE H 254 8.16 -34.97 -136.44
C PHE H 254 7.61 -36.02 -135.50
N ARG H 255 6.90 -37.04 -136.02
CA ARG H 255 6.46 -38.12 -135.17
C ARG H 255 7.54 -39.14 -134.84
N CYS H 256 8.70 -39.11 -135.53
CA CYS H 256 9.84 -39.89 -135.06
C CYS H 256 10.38 -39.39 -133.71
N PRO H 257 10.72 -38.12 -133.42
CA PRO H 257 11.13 -37.77 -132.07
C PRO H 257 10.02 -37.82 -131.03
N GLU H 258 8.73 -37.81 -131.46
CA GLU H 258 7.56 -37.92 -130.60
C GLU H 258 7.58 -39.20 -129.78
N THR H 259 8.19 -40.28 -130.31
CA THR H 259 8.44 -41.55 -129.62
C THR H 259 9.08 -41.42 -128.24
N LEU H 260 9.96 -40.41 -128.02
CA LEU H 260 10.53 -40.12 -126.69
C LEU H 260 9.49 -39.80 -125.63
N PHE H 261 8.37 -39.19 -126.05
CA PHE H 261 7.29 -38.72 -125.21
C PHE H 261 6.10 -39.66 -125.28
N GLN H 262 6.12 -40.64 -126.22
CA GLN H 262 5.08 -41.64 -126.42
C GLN H 262 5.72 -43.00 -126.77
N PRO H 263 6.35 -43.75 -125.86
CA PRO H 263 6.95 -45.06 -126.16
C PRO H 263 5.92 -46.12 -126.44
N SER H 264 4.62 -45.86 -126.38
CA SER H 264 3.58 -46.70 -126.94
C SER H 264 3.70 -46.88 -128.46
N PHE H 265 4.30 -45.89 -129.19
CA PHE H 265 4.63 -45.98 -130.62
C PHE H 265 5.69 -47.01 -130.95
N ILE H 266 6.72 -47.13 -130.08
CA ILE H 266 7.72 -48.18 -130.20
C ILE H 266 7.19 -49.52 -129.67
N GLY H 267 6.16 -49.50 -128.79
CA GLY H 267 5.51 -50.68 -128.21
C GLY H 267 5.99 -51.02 -126.84
N MET H 268 6.79 -50.14 -126.23
CA MET H 268 7.28 -50.29 -124.88
C MET H 268 6.38 -49.56 -123.91
N GLU H 269 6.11 -50.17 -122.73
CA GLU H 269 5.32 -49.54 -121.70
C GLU H 269 6.01 -48.42 -120.98
N SER H 270 7.37 -48.55 -120.86
CA SER H 270 8.27 -47.63 -120.19
C SER H 270 7.97 -46.19 -120.48
N ALA H 271 7.74 -45.38 -119.44
CA ALA H 271 7.19 -44.06 -119.60
C ALA H 271 8.01 -43.11 -120.46
N GLY H 272 7.36 -42.11 -121.09
CA GLY H 272 8.06 -41.06 -121.82
C GLY H 272 9.08 -40.33 -120.98
N ILE H 273 10.02 -39.63 -121.64
CA ILE H 273 11.17 -39.03 -120.98
C ILE H 273 10.85 -37.95 -119.94
N HIS H 274 9.72 -37.23 -120.08
CA HIS H 274 9.26 -36.26 -119.13
C HIS H 274 8.68 -36.92 -117.86
N GLU H 275 7.89 -38.01 -117.98
CA GLU H 275 7.46 -38.80 -116.84
C GLU H 275 8.62 -39.52 -116.15
N THR H 276 9.67 -39.99 -116.88
CA THR H 276 10.89 -40.54 -116.25
C THR H 276 11.59 -39.50 -115.41
N THR H 277 11.69 -38.23 -115.87
CA THR H 277 12.20 -37.10 -115.10
C THR H 277 11.38 -36.84 -113.83
N TYR H 278 10.03 -36.90 -113.92
CA TYR H 278 9.16 -36.86 -112.75
C TYR H 278 9.41 -38.03 -111.80
N ASN H 279 9.58 -39.26 -112.32
CA ASN H 279 9.89 -40.45 -111.57
C ASN H 279 11.20 -40.32 -110.79
N SER H 280 12.25 -39.75 -111.40
CA SER H 280 13.50 -39.40 -110.72
C SER H 280 13.34 -38.33 -109.64
N ILE H 281 12.68 -37.19 -109.95
CA ILE H 281 12.45 -36.08 -109.01
C ILE H 281 11.55 -36.46 -107.84
N MET H 282 10.50 -37.27 -108.07
CA MET H 282 9.65 -37.83 -107.03
C MET H 282 10.36 -38.77 -106.08
N LYS H 283 11.38 -39.51 -106.55
CA LYS H 283 12.16 -40.33 -105.67
C LYS H 283 13.12 -39.55 -104.79
N CYS H 284 13.37 -38.27 -105.12
CA CYS H 284 14.23 -37.39 -104.34
C CYS H 284 13.50 -36.85 -103.13
N ASP H 285 14.27 -36.38 -102.13
CA ASP H 285 13.76 -35.73 -100.95
C ASP H 285 12.95 -34.46 -101.28
N ILE H 286 11.91 -34.17 -100.47
CA ILE H 286 10.97 -33.08 -100.72
C ILE H 286 11.65 -31.72 -100.85
N ASP H 287 12.63 -31.43 -99.98
CA ASP H 287 13.33 -30.16 -99.85
C ASP H 287 14.03 -29.71 -101.14
N ILE H 288 14.77 -30.62 -101.79
CA ILE H 288 15.61 -30.22 -102.91
C ILE H 288 14.84 -30.06 -104.18
N ARG H 289 13.62 -30.63 -104.30
CA ARG H 289 12.93 -30.71 -105.58
C ARG H 289 12.74 -29.39 -106.31
N LYS H 290 12.61 -28.27 -105.55
CA LYS H 290 12.45 -26.93 -106.08
C LYS H 290 13.50 -26.51 -107.10
N ASP H 291 14.80 -26.84 -106.88
CA ASP H 291 15.85 -26.44 -107.78
C ASP H 291 16.02 -27.48 -108.88
N LEU H 292 15.73 -28.77 -108.64
CA LEU H 292 15.74 -29.82 -109.66
C LEU H 292 14.74 -29.62 -110.77
N TYR H 293 13.54 -29.14 -110.43
CA TYR H 293 12.59 -28.62 -111.37
C TYR H 293 13.14 -27.45 -112.19
N ALA H 294 13.86 -26.50 -111.55
CA ALA H 294 14.37 -25.32 -112.21
C ALA H 294 15.78 -25.46 -112.84
N ASN H 295 16.45 -26.62 -112.74
CA ASN H 295 17.84 -26.80 -113.14
C ASN H 295 17.98 -28.11 -113.91
N ASN H 296 16.95 -28.53 -114.66
CA ASN H 296 17.05 -29.64 -115.60
C ASN H 296 18.07 -29.37 -116.72
N VAL H 297 19.08 -30.24 -116.86
CA VAL H 297 20.13 -30.14 -117.85
C VAL H 297 19.91 -31.24 -118.85
N MET H 298 19.81 -30.90 -120.13
CA MET H 298 19.83 -31.87 -121.20
C MET H 298 21.24 -32.09 -121.72
N SER H 299 21.62 -33.34 -121.95
CA SER H 299 22.90 -33.68 -122.53
C SER H 299 22.71 -34.76 -123.57
N GLY H 300 23.78 -35.00 -124.34
CA GLY H 300 23.86 -36.11 -125.27
C GLY H 300 23.46 -35.75 -126.67
N GLY H 301 23.61 -36.72 -127.59
CA GLY H 301 23.33 -36.46 -129.00
C GLY H 301 21.88 -36.45 -129.39
N THR H 302 20.98 -37.17 -128.68
CA THR H 302 19.57 -37.29 -129.09
C THR H 302 18.70 -36.30 -128.31
N THR H 303 19.32 -35.32 -127.60
CA THR H 303 18.65 -34.10 -127.16
C THR H 303 18.92 -32.95 -128.12
N MET H 304 19.58 -33.21 -129.27
CA MET H 304 19.84 -32.14 -130.22
C MET H 304 18.65 -31.67 -131.05
N TYR H 305 17.56 -32.47 -131.20
CA TYR H 305 16.42 -32.11 -132.06
C TYR H 305 15.82 -30.74 -131.72
N PRO H 306 15.55 -29.87 -132.68
CA PRO H 306 14.85 -28.62 -132.44
C PRO H 306 13.51 -28.78 -131.73
N GLY H 307 13.26 -27.99 -130.66
CA GLY H 307 11.98 -27.97 -129.95
C GLY H 307 11.83 -28.99 -128.83
N ILE H 308 12.86 -29.84 -128.53
CA ILE H 308 12.79 -30.78 -127.38
C ILE H 308 12.63 -30.04 -126.06
N ALA H 309 13.44 -28.98 -125.84
CA ALA H 309 13.45 -28.20 -124.61
C ALA H 309 12.10 -27.57 -124.28
N ASP H 310 11.44 -26.97 -125.29
CA ASP H 310 10.12 -26.41 -125.20
C ASP H 310 9.04 -27.45 -124.89
N ARG H 311 9.08 -28.63 -125.56
CA ARG H 311 8.15 -29.71 -125.28
C ARG H 311 8.29 -30.27 -123.87
N MET H 312 9.53 -30.53 -123.40
CA MET H 312 9.80 -30.93 -122.03
C MET H 312 9.35 -29.91 -121.00
N GLN H 313 9.56 -28.60 -121.30
CA GLN H 313 9.09 -27.54 -120.45
C GLN H 313 7.59 -27.50 -120.33
N LYS H 314 6.85 -27.60 -121.44
CA LYS H 314 5.41 -27.60 -121.40
C LYS H 314 4.81 -28.81 -120.65
N GLU H 315 5.39 -30.03 -120.84
CA GLU H 315 4.92 -31.24 -120.20
C GLU H 315 5.26 -31.31 -118.73
N ILE H 316 6.51 -30.99 -118.34
CA ILE H 316 6.88 -30.97 -116.93
C ILE H 316 6.14 -29.90 -116.16
N THR H 317 5.98 -28.67 -116.74
CA THR H 317 5.14 -27.61 -116.16
C THR H 317 3.68 -28.00 -116.03
N ALA H 318 3.11 -28.72 -117.03
CA ALA H 318 1.75 -29.24 -116.96
C ALA H 318 1.51 -30.28 -115.86
N LEU H 319 2.46 -31.24 -115.67
CA LEU H 319 2.41 -32.24 -114.62
C LEU H 319 2.71 -31.74 -113.23
N ALA H 320 3.72 -30.86 -113.09
CA ALA H 320 4.23 -30.41 -111.81
C ALA H 320 3.31 -29.38 -111.14
N PRO H 321 3.50 -29.06 -109.86
CA PRO H 321 2.99 -27.83 -109.30
C PRO H 321 3.41 -26.57 -110.06
N SER H 322 2.46 -25.72 -110.51
CA SER H 322 2.73 -24.44 -111.17
C SER H 322 3.05 -23.36 -110.14
N THR H 323 3.16 -23.78 -108.86
CA THR H 323 3.64 -23.03 -107.70
C THR H 323 5.08 -22.60 -107.87
N MET H 324 5.89 -23.42 -108.56
CA MET H 324 7.27 -23.13 -108.82
C MET H 324 7.59 -23.14 -110.30
N LYS H 325 8.56 -22.33 -110.71
CA LYS H 325 8.88 -22.18 -112.11
C LYS H 325 9.90 -23.18 -112.60
N ILE H 326 9.57 -23.84 -113.73
CA ILE H 326 10.33 -24.93 -114.27
C ILE H 326 11.21 -24.38 -115.37
N LYS H 327 12.46 -24.02 -115.03
CA LYS H 327 13.44 -23.67 -116.02
C LYS H 327 14.16 -24.93 -116.48
N ILE H 328 14.34 -25.09 -117.80
CA ILE H 328 15.14 -26.14 -118.37
C ILE H 328 16.32 -25.42 -118.97
N ILE H 329 17.53 -25.87 -118.66
CA ILE H 329 18.73 -25.33 -119.22
C ILE H 329 19.31 -26.37 -120.16
N ALA H 330 19.13 -26.15 -121.46
CA ALA H 330 19.63 -27.03 -122.47
C ALA H 330 20.57 -26.24 -123.35
N PRO H 331 21.89 -26.29 -123.21
CA PRO H 331 22.78 -25.44 -123.98
C PRO H 331 22.80 -25.93 -125.43
N PRO H 332 22.95 -25.15 -126.50
CA PRO H 332 23.68 -25.64 -127.68
C PRO H 332 25.09 -26.03 -127.27
N GLU H 333 25.73 -26.97 -128.02
CA GLU H 333 26.99 -27.62 -127.65
C GLU H 333 26.74 -28.80 -126.71
N ARG H 334 25.45 -29.05 -126.35
CA ARG H 334 25.03 -30.11 -125.43
C ARG H 334 25.43 -31.52 -125.84
N LYS H 335 25.68 -31.73 -127.16
CA LYS H 335 26.18 -32.96 -127.72
C LYS H 335 27.53 -33.36 -127.13
N TYR H 336 28.43 -32.37 -126.91
CA TYR H 336 29.78 -32.65 -126.52
C TYR H 336 29.96 -32.47 -125.03
N SER H 337 28.86 -32.21 -124.28
CA SER H 337 28.90 -31.87 -122.86
C SER H 337 29.57 -32.88 -121.95
N VAL H 338 29.38 -34.19 -122.22
CA VAL H 338 30.09 -35.25 -121.52
C VAL H 338 31.60 -35.20 -121.70
N TRP H 339 32.10 -34.99 -122.94
CA TRP H 339 33.53 -34.87 -123.21
C TRP H 339 34.13 -33.64 -122.55
N ILE H 340 33.43 -32.47 -122.63
CA ILE H 340 33.86 -31.24 -121.96
C ILE H 340 33.90 -31.43 -120.45
N GLY H 341 32.92 -32.16 -119.89
CA GLY H 341 32.96 -32.52 -118.48
C GLY H 341 34.08 -33.40 -118.07
N GLY H 342 34.54 -34.26 -118.99
CA GLY H 342 35.74 -35.06 -118.81
C GLY H 342 37.01 -34.28 -118.95
N SER H 343 37.05 -33.26 -119.85
CA SER H 343 38.16 -32.33 -120.00
C SER H 343 38.41 -31.54 -118.75
N ILE H 344 37.33 -30.92 -118.19
CA ILE H 344 37.41 -30.15 -116.95
C ILE H 344 37.83 -31.03 -115.77
N LEU H 345 37.28 -32.26 -115.63
CA LEU H 345 37.65 -33.16 -114.54
C LEU H 345 39.10 -33.56 -114.46
N ALA H 346 39.70 -33.95 -115.61
CA ALA H 346 41.09 -34.34 -115.65
C ALA H 346 42.03 -33.13 -115.54
N SER H 347 41.56 -31.91 -115.87
CA SER H 347 42.27 -30.66 -115.60
C SER H 347 42.24 -30.22 -114.13
N LEU H 348 41.27 -30.71 -113.33
CA LEU H 348 41.23 -30.45 -111.89
C LEU H 348 42.40 -31.04 -111.11
N SER H 349 43.09 -30.19 -110.32
CA SER H 349 44.30 -30.57 -109.59
C SER H 349 44.10 -31.66 -108.55
N THR H 350 43.01 -31.57 -107.75
CA THR H 350 42.62 -32.58 -106.76
C THR H 350 42.32 -33.94 -107.34
N PHE H 351 41.67 -33.97 -108.53
CA PHE H 351 41.31 -35.16 -109.26
C PHE H 351 42.55 -36.00 -109.63
N GLN H 352 43.72 -35.34 -109.81
CA GLN H 352 44.98 -36.01 -110.05
C GLN H 352 45.49 -36.96 -108.94
N GLN H 353 44.82 -37.02 -107.77
CA GLN H 353 45.09 -38.04 -106.78
C GLN H 353 44.03 -39.16 -106.76
N MET H 354 42.88 -38.98 -107.45
CA MET H 354 41.77 -39.91 -107.41
C MET H 354 41.81 -40.85 -108.59
N TRP H 355 42.82 -40.73 -109.46
CA TRP H 355 43.03 -41.67 -110.55
C TRP H 355 43.21 -43.08 -110.05
N ILE H 356 42.71 -44.07 -110.82
CA ILE H 356 43.08 -45.44 -110.56
C ILE H 356 44.47 -45.60 -111.11
N THR H 357 45.49 -45.84 -110.26
CA THR H 357 46.84 -45.99 -110.76
C THR H 357 47.02 -47.35 -111.38
N LYS H 358 47.97 -47.50 -112.31
CA LYS H 358 48.38 -48.79 -112.81
C LYS H 358 48.89 -49.71 -111.72
N GLN H 359 49.68 -49.16 -110.78
CA GLN H 359 50.21 -49.88 -109.63
C GLN H 359 49.10 -50.49 -108.76
N GLU H 360 48.07 -49.68 -108.39
CA GLU H 360 46.96 -50.10 -107.56
C GLU H 360 46.12 -51.20 -108.19
N TYR H 361 45.92 -51.12 -109.54
CA TYR H 361 45.37 -52.21 -110.34
C TYR H 361 46.23 -53.46 -110.31
N ASP H 362 47.56 -53.37 -110.49
CA ASP H 362 48.46 -54.52 -110.55
C ASP H 362 48.44 -55.31 -109.21
N GLU H 363 48.44 -54.61 -108.05
CA GLU H 363 48.22 -55.23 -106.74
C GLU H 363 46.82 -55.78 -106.49
N ALA H 364 45.77 -55.00 -106.76
CA ALA H 364 44.46 -55.31 -106.21
C ALA H 364 43.45 -55.79 -107.26
N GLY H 365 43.85 -55.86 -108.54
CA GLY H 365 43.07 -56.44 -109.62
C GLY H 365 41.99 -55.57 -110.25
N PRO H 366 41.28 -56.08 -111.26
CA PRO H 366 40.28 -55.32 -112.02
C PRO H 366 39.06 -54.99 -111.22
N SER H 367 38.79 -55.67 -110.10
CA SER H 367 37.54 -55.51 -109.35
C SER H 367 37.44 -54.19 -108.58
N ILE H 368 38.60 -53.51 -108.41
CA ILE H 368 38.75 -52.28 -107.66
C ILE H 368 38.07 -51.07 -108.25
N VAL H 369 37.52 -51.16 -109.48
CA VAL H 369 36.81 -50.06 -110.11
C VAL H 369 35.71 -49.53 -109.21
N HIS H 370 34.80 -50.43 -108.82
CA HIS H 370 33.63 -50.10 -108.02
C HIS H 370 33.96 -49.67 -106.60
N ARG H 371 35.05 -50.23 -106.03
CA ARG H 371 35.59 -49.90 -104.74
C ARG H 371 36.09 -48.46 -104.58
N LYS H 372 36.78 -47.93 -105.61
CA LYS H 372 37.33 -46.59 -105.55
C LYS H 372 36.38 -45.55 -106.13
N CYS H 373 35.82 -45.82 -107.33
CA CYS H 373 35.01 -44.87 -108.07
C CYS H 373 33.55 -45.22 -108.02
N PHE H 374 32.69 -44.22 -108.31
CA PHE H 374 31.27 -44.39 -108.50
C PHE H 374 30.94 -44.97 -109.93
N GLU I 1 -53.22 31.50 83.88
CA GLU I 1 -53.86 30.31 84.53
C GLU I 1 -53.52 30.24 85.99
N ASP I 2 -54.29 29.48 86.79
CA ASP I 2 -54.05 29.30 88.22
C ASP I 2 -53.12 28.14 88.39
N GLU I 3 -52.24 28.23 89.41
CA GLU I 3 -51.28 27.21 89.81
C GLU I 3 -50.15 26.88 88.83
N THR I 4 -50.30 27.27 87.54
CA THR I 4 -49.31 27.20 86.46
C THR I 4 -49.05 25.81 85.92
N THR I 5 -49.83 24.79 86.38
CA THR I 5 -49.46 23.36 86.39
C THR I 5 -48.10 23.11 87.06
N ALA I 6 -47.44 21.98 86.80
CA ALA I 6 -46.06 21.83 87.14
C ALA I 6 -45.59 20.69 86.28
N LEU I 7 -44.28 20.49 86.15
CA LEU I 7 -43.70 19.42 85.37
C LEU I 7 -42.96 18.45 86.25
N VAL I 8 -43.02 17.17 85.90
CA VAL I 8 -42.42 16.12 86.69
C VAL I 8 -41.64 15.25 85.75
N CYS I 9 -40.38 14.94 86.09
CA CYS I 9 -39.55 14.01 85.37
C CYS I 9 -38.89 13.02 86.34
N ASP I 10 -39.07 11.72 86.08
CA ASP I 10 -38.31 10.65 86.67
C ASP I 10 -37.22 10.27 85.68
N ASN I 11 -35.95 10.44 86.12
CA ASN I 11 -34.75 9.88 85.53
C ASN I 11 -33.96 9.09 86.57
N GLY I 12 -34.47 7.92 86.98
CA GLY I 12 -33.56 6.77 87.08
C GLY I 12 -32.98 6.38 85.72
N SER I 13 -31.91 5.55 85.64
CA SER I 13 -31.42 5.04 84.35
C SER I 13 -32.45 4.31 83.52
N GLY I 14 -32.31 4.35 82.19
CA GLY I 14 -33.11 3.49 81.33
C GLY I 14 -34.31 4.15 80.72
N LEU I 15 -35.15 4.87 81.51
CA LEU I 15 -36.38 5.49 81.03
C LEU I 15 -36.53 6.88 81.60
N VAL I 16 -36.88 7.85 80.75
CA VAL I 16 -37.42 9.11 81.16
C VAL I 16 -38.89 8.89 81.31
N LYS I 17 -39.47 9.19 82.47
CA LYS I 17 -40.91 9.28 82.61
C LYS I 17 -41.24 10.70 82.90
N ALA I 18 -42.01 11.37 82.03
CA ALA I 18 -42.27 12.78 82.14
C ALA I 18 -43.69 13.16 81.74
N GLY I 19 -44.19 14.24 82.34
CA GLY I 19 -45.52 14.70 82.05
C GLY I 19 -45.83 15.85 82.94
N PHE I 20 -47.11 16.25 82.95
CA PHE I 20 -47.62 17.27 83.82
C PHE I 20 -47.90 16.69 85.18
N ALA I 21 -47.53 17.44 86.23
CA ALA I 21 -48.06 17.29 87.56
C ALA I 21 -49.55 17.56 87.59
N GLY I 22 -50.33 16.78 88.35
CA GLY I 22 -51.78 16.92 88.37
C GLY I 22 -52.52 15.97 87.49
N ASP I 23 -51.80 15.01 86.86
CA ASP I 23 -52.37 13.95 86.05
C ASP I 23 -51.94 12.61 86.67
N ASP I 24 -52.74 11.54 86.46
CA ASP I 24 -52.54 10.20 86.98
C ASP I 24 -51.47 9.43 86.20
N ALA I 25 -51.21 9.77 84.92
CA ALA I 25 -50.18 9.11 84.15
C ALA I 25 -49.30 10.10 83.37
N PRO I 26 -48.01 9.79 83.14
CA PRO I 26 -47.11 10.63 82.37
C PRO I 26 -47.52 10.61 80.91
N ARG I 27 -47.40 11.74 80.20
CA ARG I 27 -47.61 11.79 78.76
C ARG I 27 -46.53 11.06 77.99
N ALA I 28 -45.26 11.23 78.38
CA ALA I 28 -44.13 10.73 77.64
C ALA I 28 -43.31 9.81 78.48
N VAL I 29 -43.09 8.60 77.99
CA VAL I 29 -42.19 7.65 78.59
C VAL I 29 -41.35 7.11 77.45
N PHE I 30 -40.02 7.23 77.54
CA PHE I 30 -39.18 6.76 76.46
C PHE I 30 -37.83 6.34 77.02
N PRO I 31 -37.04 5.53 76.33
CA PRO I 31 -35.72 5.13 76.79
C PRO I 31 -34.70 6.24 76.81
N SER I 32 -33.97 6.37 77.91
CA SER I 32 -32.92 7.35 78.11
C SER I 32 -31.64 6.99 77.41
N ILE I 33 -31.59 7.11 76.08
CA ILE I 33 -30.48 6.66 75.29
C ILE I 33 -30.12 7.71 74.31
N VAL I 34 -28.83 7.87 74.08
CA VAL I 34 -28.25 8.75 73.11
C VAL I 34 -27.52 7.81 72.20
N GLY I 35 -28.01 7.68 70.96
CA GLY I 35 -27.43 6.79 69.99
C GLY I 35 -26.77 7.51 68.87
N ARG I 36 -25.49 7.22 68.64
CA ARG I 36 -24.67 7.98 67.72
C ARG I 36 -24.40 7.16 66.47
N PRO I 37 -24.55 7.68 65.24
CA PRO I 37 -24.05 7.03 64.03
C PRO I 37 -22.56 6.67 64.11
N ARG I 38 -22.25 5.41 64.42
CA ARG I 38 -20.91 4.85 64.44
C ARG I 38 -20.38 4.65 63.01
N HIS I 39 -21.23 4.20 62.07
CA HIS I 39 -20.84 3.96 60.70
C HIS I 39 -20.97 5.25 59.93
N GLN I 40 -19.92 5.67 59.21
CA GLN I 40 -20.00 6.81 58.32
C GLN I 40 -20.98 6.60 57.19
N GLY I 41 -21.93 7.53 57.02
CA GLY I 41 -22.97 7.40 56.01
C GLY I 41 -22.52 7.91 54.68
N VAL I 42 -22.93 7.23 53.58
CA VAL I 42 -22.56 7.65 52.24
C VAL I 42 -23.81 7.69 51.39
N MET I 43 -24.43 8.87 51.32
CA MET I 43 -25.50 9.24 50.46
C MET I 43 -25.36 10.74 50.43
N VAL I 44 -26.34 11.48 49.88
CA VAL I 44 -26.43 12.93 50.01
C VAL I 44 -27.87 13.17 50.43
N GLY I 45 -28.15 14.17 51.29
CA GLY I 45 -29.50 14.42 51.77
C GLY I 45 -29.95 13.50 52.88
N MET I 46 -28.98 12.99 53.65
CA MET I 46 -29.26 12.36 54.91
C MET I 46 -29.10 13.39 55.97
N GLY I 47 -29.98 13.33 57.00
CA GLY I 47 -29.81 13.93 58.31
C GLY I 47 -29.22 15.34 58.39
N GLN I 48 -27.91 15.51 58.71
CA GLN I 48 -26.97 14.49 59.14
C GLN I 48 -27.37 13.94 60.49
N LYS I 49 -27.70 14.85 61.43
CA LYS I 49 -28.09 14.56 62.81
C LYS I 49 -26.98 13.83 63.57
N ASP I 50 -26.17 14.56 64.38
CA ASP I 50 -25.03 14.05 65.15
C ASP I 50 -25.40 12.84 66.04
N SER I 51 -26.63 12.83 66.55
CA SER I 51 -27.06 11.79 67.43
C SER I 51 -28.57 11.80 67.48
N TYR I 52 -29.16 10.67 67.88
CA TYR I 52 -30.58 10.42 68.03
C TYR I 52 -30.86 10.14 69.49
N VAL I 53 -32.00 10.60 69.98
CA VAL I 53 -32.36 10.54 71.39
C VAL I 53 -33.74 9.93 71.49
N GLY I 54 -33.99 9.15 72.57
CA GLY I 54 -35.32 8.61 72.83
C GLY I 54 -35.63 7.37 72.03
N ASP I 55 -36.91 7.05 71.80
CA ASP I 55 -37.34 5.91 71.01
C ASP I 55 -37.08 6.03 69.50
N GLU I 56 -36.67 7.22 69.00
CA GLU I 56 -36.02 7.40 67.70
C GLU I 56 -34.78 6.51 67.51
N ALA I 57 -33.93 6.42 68.57
CA ALA I 57 -32.77 5.56 68.66
C ALA I 57 -33.14 4.07 68.69
N GLN I 58 -34.26 3.69 69.34
CA GLN I 58 -34.82 2.34 69.30
C GLN I 58 -35.23 1.91 67.91
N SER I 59 -35.88 2.82 67.13
CA SER I 59 -36.27 2.59 65.74
C SER I 59 -35.07 2.41 64.82
N LYS I 60 -34.07 3.33 64.93
CA LYS I 60 -32.86 3.25 64.13
C LYS I 60 -31.73 2.67 64.95
N ARG I 61 -31.84 1.41 65.36
CA ARG I 61 -30.92 0.86 66.33
C ARG I 61 -29.60 0.35 65.78
N GLY I 62 -29.65 -0.28 64.58
CA GLY I 62 -28.53 -1.07 64.04
C GLY I 62 -27.32 -0.30 63.62
N ILE I 63 -27.55 0.95 63.15
CA ILE I 63 -26.52 1.91 62.78
C ILE I 63 -25.78 2.43 64.00
N LEU I 64 -26.56 2.73 65.05
CA LEU I 64 -26.17 3.48 66.21
C LEU I 64 -25.37 2.62 67.16
N THR I 65 -24.43 3.27 67.85
CA THR I 65 -23.98 2.76 69.13
C THR I 65 -24.81 3.54 70.13
N LEU I 66 -25.36 2.87 71.15
CA LEU I 66 -26.21 3.49 72.15
C LEU I 66 -25.43 3.65 73.42
N LYS I 67 -25.55 4.84 74.02
CA LYS I 67 -24.93 5.11 75.27
C LYS I 67 -26.02 5.51 76.23
N TYR I 68 -26.20 4.73 77.32
CA TYR I 68 -26.97 5.15 78.47
C TYR I 68 -26.17 6.25 79.17
N PRO I 69 -26.71 7.44 79.47
CA PRO I 69 -25.92 8.52 80.03
C PRO I 69 -25.95 8.42 81.54
N ILE I 70 -26.88 7.62 82.12
CA ILE I 70 -26.97 7.43 83.54
C ILE I 70 -26.59 6.00 83.83
N GLU I 71 -25.60 5.80 84.71
CA GLU I 71 -25.25 4.48 85.20
C GLU I 71 -25.23 4.51 86.70
N HIS I 72 -25.96 3.57 87.33
CA HIS I 72 -26.05 3.39 88.77
C HIS I 72 -26.63 4.58 89.52
N GLY I 73 -27.56 5.30 88.86
CA GLY I 73 -28.12 6.57 89.34
C GLY I 73 -27.21 7.75 89.12
N ILE I 74 -26.01 7.53 88.54
CA ILE I 74 -25.00 8.56 88.32
C ILE I 74 -25.05 8.98 86.88
N ILE I 75 -25.14 10.28 86.58
CA ILE I 75 -24.96 10.71 85.22
C ILE I 75 -23.50 10.66 84.85
N THR I 76 -23.15 9.80 83.88
CA THR I 76 -21.81 9.66 83.31
C THR I 76 -21.47 10.81 82.41
N ASN I 77 -22.43 11.19 81.56
CA ASN I 77 -22.26 12.23 80.57
C ASN I 77 -23.38 13.27 80.62
N TRP I 78 -23.02 14.53 80.91
CA TRP I 78 -23.94 15.62 81.15
C TRP I 78 -24.63 16.20 79.94
N ASP I 79 -23.89 16.34 78.81
CA ASP I 79 -24.41 16.83 77.55
C ASP I 79 -25.47 15.88 77.03
N ASP I 80 -25.23 14.57 77.08
CA ASP I 80 -26.18 13.52 76.77
C ASP I 80 -27.46 13.59 77.64
N MET I 81 -27.38 13.85 78.96
CA MET I 81 -28.54 14.12 79.81
C MET I 81 -29.31 15.39 79.44
N GLU I 82 -28.60 16.49 79.15
CA GLU I 82 -29.19 17.72 78.67
C GLU I 82 -29.95 17.50 77.37
N LYS I 83 -29.38 16.76 76.40
CA LYS I 83 -30.05 16.34 75.18
C LYS I 83 -31.31 15.54 75.40
N ILE I 84 -31.30 14.60 76.37
CA ILE I 84 -32.49 13.87 76.77
C ILE I 84 -33.59 14.76 77.32
N TRP I 85 -33.26 15.67 78.24
CA TRP I 85 -34.22 16.65 78.71
C TRP I 85 -34.66 17.62 77.64
N HIS I 86 -33.78 18.04 76.72
CA HIS I 86 -34.17 18.85 75.58
C HIS I 86 -35.23 18.18 74.70
N HIS I 87 -35.03 16.87 74.44
CA HIS I 87 -35.99 15.98 73.79
C HIS I 87 -37.31 15.90 74.57
N THR I 88 -37.34 15.71 75.93
CA THR I 88 -38.60 15.66 76.70
C THR I 88 -39.48 16.87 76.54
N PHE I 89 -38.86 18.05 76.70
CA PHE I 89 -39.57 19.31 76.75
C PHE I 89 -40.02 19.76 75.37
N TYR I 90 -39.13 19.73 74.37
CA TYR I 90 -39.47 20.23 73.06
C TYR I 90 -40.09 19.19 72.16
N ASN I 91 -39.55 17.95 72.11
CA ASN I 91 -40.07 16.93 71.21
C ASN I 91 -41.42 16.35 71.66
N GLU I 92 -41.58 16.01 72.95
CA GLU I 92 -42.82 15.43 73.44
C GLU I 92 -43.77 16.44 74.02
N LEU I 93 -43.39 17.11 75.13
CA LEU I 93 -44.37 17.85 75.91
C LEU I 93 -44.75 19.18 75.32
N ARG I 94 -43.84 19.77 74.54
CA ARG I 94 -43.98 21.02 73.82
C ARG I 94 -44.23 22.19 74.73
N VAL I 95 -43.40 22.30 75.77
CA VAL I 95 -43.55 23.26 76.82
C VAL I 95 -42.35 24.17 76.76
N ALA I 96 -42.49 25.42 77.22
CA ALA I 96 -41.35 26.24 77.56
C ALA I 96 -41.11 26.01 79.06
N PRO I 97 -39.98 25.48 79.54
CA PRO I 97 -39.72 25.31 80.97
C PRO I 97 -39.81 26.61 81.77
N GLU I 98 -39.64 27.81 81.17
CA GLU I 98 -39.87 29.10 81.80
C GLU I 98 -41.29 29.27 82.35
N GLU I 99 -42.25 28.52 81.78
CA GLU I 99 -43.64 28.62 82.14
C GLU I 99 -44.03 27.55 83.16
N HIS I 100 -43.10 26.69 83.64
CA HIS I 100 -43.50 25.61 84.54
C HIS I 100 -42.48 25.36 85.63
N PRO I 101 -42.79 25.22 86.92
CA PRO I 101 -41.85 24.58 87.86
C PRO I 101 -41.60 23.10 87.57
N THR I 102 -40.36 22.60 87.69
CA THR I 102 -39.99 21.23 87.29
C THR I 102 -39.50 20.40 88.45
N LEU I 103 -40.15 19.26 88.74
CA LEU I 103 -39.72 18.29 89.69
C LEU I 103 -38.83 17.25 89.03
N LEU I 104 -37.67 16.96 89.61
CA LEU I 104 -36.84 15.86 89.23
C LEU I 104 -36.82 14.86 90.35
N THR I 105 -36.87 13.58 89.99
CA THR I 105 -36.53 12.53 90.93
C THR I 105 -35.04 12.29 90.94
N GLU I 106 -34.53 11.66 92.00
CA GLU I 106 -33.15 11.28 92.11
C GLU I 106 -33.02 10.18 93.15
N ALA I 107 -31.97 9.36 93.05
CA ALA I 107 -31.83 8.16 93.85
C ALA I 107 -31.19 8.37 95.23
N PRO I 108 -31.50 7.67 96.32
CA PRO I 108 -30.75 7.75 97.57
C PRO I 108 -29.27 7.47 97.56
N LEU I 109 -28.55 8.10 98.53
CA LEU I 109 -27.14 7.90 98.82
C LEU I 109 -26.32 8.23 97.60
N ASN I 110 -26.81 9.16 96.80
CA ASN I 110 -26.28 9.48 95.52
C ASN I 110 -25.29 10.60 95.72
N PRO I 111 -24.10 10.60 95.10
CA PRO I 111 -23.20 11.74 95.02
C PRO I 111 -23.85 13.11 94.97
N LYS I 112 -23.33 14.05 95.76
CA LYS I 112 -23.81 15.40 95.88
C LYS I 112 -23.77 16.16 94.56
N ALA I 113 -22.71 15.87 93.77
CA ALA I 113 -22.43 16.44 92.48
C ALA I 113 -23.55 16.21 91.47
N ASN I 114 -24.23 15.04 91.50
CA ASN I 114 -25.40 14.85 90.66
C ASN I 114 -26.53 15.80 91.00
N ARG I 115 -26.93 15.93 92.28
CA ARG I 115 -27.97 16.88 92.67
C ARG I 115 -27.63 18.33 92.36
N GLU I 116 -26.41 18.77 92.73
CA GLU I 116 -25.89 20.11 92.50
C GLU I 116 -25.66 20.47 91.03
N LYS I 117 -25.13 19.55 90.21
CA LYS I 117 -25.03 19.76 88.79
C LYS I 117 -26.37 19.68 88.07
N MET I 118 -27.31 18.82 88.52
CA MET I 118 -28.65 18.70 88.01
C MET I 118 -29.46 20.00 88.14
N THR I 119 -29.34 20.66 89.33
CA THR I 119 -29.90 22.01 89.57
C THR I 119 -29.23 23.08 88.76
N GLN I 120 -27.90 23.05 88.64
CA GLN I 120 -27.15 23.98 87.82
C GLN I 120 -27.59 23.98 86.36
N ILE I 121 -27.79 22.78 85.77
CA ILE I 121 -28.39 22.64 84.44
C ILE I 121 -29.82 23.11 84.40
N MET I 122 -30.68 22.76 85.37
CA MET I 122 -32.05 23.21 85.31
C MET I 122 -32.19 24.71 85.36
N PHE I 123 -31.42 25.44 86.15
CA PHE I 123 -31.47 26.88 86.08
C PHE I 123 -30.74 27.53 84.89
N GLU I 124 -29.55 27.04 84.50
CA GLU I 124 -28.68 27.72 83.55
C GLU I 124 -28.64 27.07 82.17
N THR I 125 -29.58 26.16 81.89
CA THR I 125 -29.76 25.59 80.56
C THR I 125 -31.18 25.85 80.13
N PHE I 126 -32.19 25.23 80.77
CA PHE I 126 -33.58 25.51 80.45
C PHE I 126 -34.06 26.52 81.45
N ASN I 127 -34.13 27.83 81.13
CA ASN I 127 -34.47 28.82 82.16
C ASN I 127 -35.83 28.46 82.81
N VAL I 128 -35.93 28.37 84.15
CA VAL I 128 -37.09 27.75 84.78
C VAL I 128 -37.39 28.55 86.03
N PRO I 129 -38.64 28.82 86.47
CA PRO I 129 -38.91 29.63 87.65
C PRO I 129 -38.51 28.94 88.92
N ALA I 130 -38.63 27.60 88.96
CA ALA I 130 -38.38 26.87 90.17
C ALA I 130 -38.22 25.40 89.89
N MET I 131 -37.64 24.67 90.83
CA MET I 131 -37.45 23.25 90.68
C MET I 131 -37.34 22.57 92.01
N TYR I 132 -37.34 21.25 92.00
CA TYR I 132 -37.09 20.49 93.20
C TYR I 132 -36.43 19.20 92.74
N VAL I 133 -35.60 18.61 93.59
CA VAL I 133 -35.02 17.28 93.41
C VAL I 133 -35.53 16.52 94.59
N ALA I 134 -36.07 15.31 94.35
CA ALA I 134 -36.71 14.53 95.37
C ALA I 134 -36.26 13.10 95.33
N ILE I 135 -36.36 12.42 96.48
CA ILE I 135 -35.91 11.06 96.57
C ILE I 135 -36.91 10.07 95.93
N GLN I 136 -36.47 9.10 95.11
CA GLN I 136 -37.36 8.19 94.39
C GLN I 136 -38.35 7.39 95.24
N ALA I 137 -37.87 6.82 96.36
CA ALA I 137 -38.64 5.94 97.22
C ALA I 137 -39.82 6.58 97.94
N VAL I 138 -39.65 7.81 98.45
CA VAL I 138 -40.71 8.58 99.07
C VAL I 138 -41.83 8.90 98.10
N LEU I 139 -41.51 9.24 96.83
CA LEU I 139 -42.51 9.47 95.79
C LEU I 139 -43.36 8.23 95.52
N SER I 140 -42.76 7.02 95.42
CA SER I 140 -43.54 5.79 95.26
C SER I 140 -44.46 5.50 96.43
N LEU I 141 -44.01 5.78 97.66
CA LEU I 141 -44.81 5.68 98.87
C LEU I 141 -46.06 6.58 98.83
N TYR I 142 -45.90 7.86 98.41
CA TYR I 142 -47.01 8.78 98.16
C TYR I 142 -47.99 8.26 97.13
N ALA I 143 -47.48 7.70 96.01
CA ALA I 143 -48.28 7.10 94.96
C ALA I 143 -49.11 5.92 95.42
N SER I 144 -48.54 5.10 96.32
CA SER I 144 -49.25 3.99 96.94
C SER I 144 -50.26 4.44 97.99
N GLY I 145 -50.24 5.72 98.43
CA GLY I 145 -51.25 6.30 99.32
C GLY I 145 -51.10 5.92 100.75
N ARG I 146 -49.88 5.51 101.16
CA ARG I 146 -49.62 4.99 102.48
C ARG I 146 -48.68 5.93 103.17
N THR I 147 -48.75 6.05 104.50
CA THR I 147 -47.92 6.99 105.24
C THR I 147 -46.65 6.33 105.76
N THR I 148 -46.61 4.99 105.70
CA THR I 148 -45.64 4.12 106.34
C THR I 148 -45.39 2.97 105.44
N GLY I 149 -44.12 2.55 105.38
CA GLY I 149 -43.71 1.39 104.65
C GLY I 149 -42.24 1.40 104.47
N ILE I 150 -41.71 0.28 104.00
CA ILE I 150 -40.34 0.20 103.58
C ILE I 150 -40.39 0.08 102.11
N VAL I 151 -39.83 1.05 101.41
CA VAL I 151 -39.93 1.09 99.98
C VAL I 151 -38.69 0.46 99.38
N LEU I 152 -38.91 -0.66 98.67
CA LEU I 152 -37.91 -1.32 97.89
C LEU I 152 -38.01 -0.74 96.49
N ASP I 153 -37.04 0.09 96.11
CA ASP I 153 -36.99 0.80 94.86
C ASP I 153 -35.91 0.07 94.11
N SER I 154 -36.27 -0.51 92.95
CA SER I 154 -35.26 -0.99 92.05
C SER I 154 -35.61 -0.61 90.62
N GLY I 155 -34.80 0.29 90.04
CA GLY I 155 -34.93 0.66 88.65
C GLY I 155 -33.96 -0.08 87.75
N ASP I 156 -33.66 0.50 86.58
CA ASP I 156 -32.58 0.06 85.73
C ASP I 156 -31.24 0.66 86.18
N GLY I 157 -31.30 1.72 87.03
CA GLY I 157 -30.13 2.39 87.57
C GLY I 157 -29.51 1.63 88.70
N VAL I 158 -30.05 1.71 89.92
CA VAL I 158 -29.55 0.94 91.04
C VAL I 158 -30.80 0.61 91.85
N THR I 159 -30.69 -0.35 92.80
CA THR I 159 -31.62 -0.73 93.85
C THR I 159 -31.35 0.07 95.13
N HIS I 160 -32.43 0.58 95.74
CA HIS I 160 -32.45 1.39 96.92
C HIS I 160 -33.54 0.91 97.85
N ASN I 161 -33.43 1.23 99.13
CA ASN I 161 -34.37 0.77 100.12
C ASN I 161 -34.45 1.90 101.13
N VAL I 162 -35.64 2.46 101.36
CA VAL I 162 -35.83 3.55 102.30
C VAL I 162 -36.98 3.15 103.24
N PRO I 163 -36.77 2.88 104.52
CA PRO I 163 -37.84 2.75 105.50
C PRO I 163 -38.37 4.09 105.89
N ILE I 164 -39.68 4.20 106.03
CA ILE I 164 -40.36 5.39 106.41
C ILE I 164 -41.33 4.98 107.49
N TYR I 165 -41.60 5.84 108.49
CA TYR I 165 -42.60 5.62 109.50
C TYR I 165 -43.34 6.92 109.77
N GLU I 166 -44.64 6.98 109.42
CA GLU I 166 -45.55 8.07 109.70
C GLU I 166 -45.10 9.38 109.08
N GLY I 167 -44.78 9.34 107.77
CA GLY I 167 -43.80 10.26 107.24
C GLY I 167 -42.44 9.94 107.81
N TYR I 168 -41.73 10.92 108.40
CA TYR I 168 -40.34 10.82 108.85
C TYR I 168 -39.44 10.15 107.82
N ALA I 169 -38.42 9.38 108.24
CA ALA I 169 -37.42 8.77 107.38
C ALA I 169 -36.26 8.43 108.27
N LEU I 170 -35.50 7.37 107.96
CA LEU I 170 -34.39 6.97 108.79
C LEU I 170 -33.09 6.94 107.99
N PRO I 171 -32.20 7.94 108.07
CA PRO I 171 -31.03 8.05 107.21
C PRO I 171 -30.04 6.90 107.34
N HIS I 172 -29.80 6.39 108.56
CA HIS I 172 -28.93 5.27 108.86
C HIS I 172 -29.45 3.94 108.34
N ALA I 173 -30.79 3.80 108.32
CA ALA I 173 -31.47 2.62 107.86
C ALA I 173 -31.69 2.57 106.35
N ILE I 174 -31.50 3.68 105.61
CA ILE I 174 -31.48 3.68 104.15
C ILE I 174 -30.35 2.81 103.62
N MET I 175 -30.68 1.89 102.72
CA MET I 175 -29.73 1.00 102.10
C MET I 175 -29.78 1.16 100.61
N ARG I 176 -28.61 1.09 99.97
CA ARG I 176 -28.45 1.14 98.54
C ARG I 176 -27.64 -0.07 98.17
N LEU I 177 -28.14 -0.82 97.18
CA LEU I 177 -27.58 -2.08 96.76
C LEU I 177 -27.29 -2.01 95.27
N ASP I 178 -26.04 -2.22 94.84
CA ASP I 178 -25.67 -2.15 93.46
C ASP I 178 -26.07 -3.44 92.74
N LEU I 179 -27.35 -3.50 92.37
CA LEU I 179 -27.96 -4.43 91.46
C LEU I 179 -28.96 -3.63 90.71
N ALA I 180 -29.30 -4.06 89.49
CA ALA I 180 -30.27 -3.35 88.73
C ALA I 180 -30.86 -4.23 87.65
N GLY I 181 -31.86 -3.70 86.94
CA GLY I 181 -32.24 -4.20 85.62
C GLY I 181 -31.08 -4.34 84.65
N ARG I 182 -30.20 -3.34 84.53
CA ARG I 182 -29.07 -3.39 83.64
C ARG I 182 -28.06 -4.50 83.92
N ASP I 183 -27.72 -4.74 85.21
CA ASP I 183 -26.87 -5.84 85.63
C ASP I 183 -27.49 -7.22 85.38
N LEU I 184 -28.82 -7.35 85.54
CA LEU I 184 -29.57 -8.53 85.09
C LEU I 184 -29.53 -8.75 83.60
N THR I 185 -29.60 -7.68 82.79
CA THR I 185 -29.38 -7.75 81.34
C THR I 185 -27.98 -8.24 80.96
N ASP I 186 -26.90 -7.72 81.58
CA ASP I 186 -25.53 -8.17 81.38
C ASP I 186 -25.33 -9.63 81.82
N TYR I 187 -25.92 -10.05 82.95
CA TYR I 187 -25.99 -11.46 83.34
C TYR I 187 -26.74 -12.32 82.32
N LEU I 188 -27.88 -11.82 81.81
CA LEU I 188 -28.71 -12.55 80.88
C LEU I 188 -28.05 -12.82 79.55
N MET I 189 -27.43 -11.82 78.92
CA MET I 189 -26.71 -12.05 77.69
C MET I 189 -25.50 -12.96 77.87
N LYS I 190 -24.85 -12.94 79.07
CA LYS I 190 -23.88 -13.96 79.48
C LYS I 190 -24.43 -15.37 79.64
N ILE I 191 -25.65 -15.56 80.18
CA ILE I 191 -26.22 -16.88 80.34
C ILE I 191 -26.89 -17.39 79.06
N LEU I 192 -27.17 -16.54 78.04
CA LEU I 192 -27.60 -17.03 76.73
C LEU I 192 -26.48 -17.71 75.93
N THR I 193 -25.21 -17.33 76.18
CA THR I 193 -24.05 -17.80 75.41
C THR I 193 -23.80 -19.30 75.51
N GLU I 194 -24.15 -19.92 76.67
CA GLU I 194 -24.03 -21.36 76.88
C GLU I 194 -25.03 -22.12 76.01
N ARG I 195 -26.09 -21.43 75.52
CA ARG I 195 -27.07 -22.03 74.63
C ARG I 195 -26.69 -21.85 73.15
N GLY I 196 -25.65 -21.03 72.86
CA GLY I 196 -25.13 -20.75 71.53
C GLY I 196 -25.54 -19.42 70.96
N TYR I 197 -26.46 -18.70 71.62
CA TYR I 197 -26.89 -17.40 71.15
C TYR I 197 -25.99 -16.31 71.71
N SER I 198 -25.33 -15.54 70.83
CA SER I 198 -24.29 -14.63 71.25
C SER I 198 -24.69 -13.25 70.84
N PHE I 199 -24.91 -12.38 71.83
CA PHE I 199 -25.37 -11.03 71.62
C PHE I 199 -24.27 -10.16 72.15
N VAL I 200 -23.54 -9.46 71.27
CA VAL I 200 -22.23 -8.93 71.57
C VAL I 200 -22.25 -7.42 71.60
N THR I 201 -23.33 -6.77 71.12
CA THR I 201 -23.32 -5.35 70.79
C THR I 201 -24.51 -4.69 71.46
N THR I 202 -24.48 -3.35 71.62
CA THR I 202 -25.50 -2.55 72.31
C THR I 202 -26.91 -2.66 71.77
N ALA I 203 -27.05 -2.72 70.43
CA ALA I 203 -28.31 -2.89 69.74
C ALA I 203 -29.10 -4.15 70.13
N GLU I 204 -28.47 -5.34 70.17
CA GLU I 204 -29.15 -6.55 70.60
C GLU I 204 -29.08 -6.77 72.11
N ARG I 205 -28.27 -5.98 72.84
CA ARG I 205 -28.35 -5.86 74.29
C ARG I 205 -29.70 -5.31 74.75
N GLU I 206 -30.28 -4.38 73.96
CA GLU I 206 -31.66 -3.98 74.15
C GLU I 206 -32.70 -4.97 73.65
N ILE I 207 -32.35 -5.86 72.71
CA ILE I 207 -33.18 -7.05 72.41
C ILE I 207 -33.27 -8.04 73.58
N VAL I 208 -32.17 -8.35 74.31
CA VAL I 208 -32.29 -9.15 75.54
C VAL I 208 -32.94 -8.41 76.69
N ARG I 209 -32.86 -7.07 76.71
CA ARG I 209 -33.67 -6.28 77.62
C ARG I 209 -35.17 -6.50 77.39
N ASP I 210 -35.65 -6.45 76.12
CA ASP I 210 -37.03 -6.75 75.71
C ASP I 210 -37.45 -8.20 76.05
N ILE I 211 -36.55 -9.19 75.85
CA ILE I 211 -36.80 -10.58 76.25
C ILE I 211 -37.08 -10.70 77.72
N LYS I 212 -36.21 -10.09 78.52
CA LYS I 212 -36.25 -10.11 79.96
C LYS I 212 -37.46 -9.37 80.55
N GLU I 213 -37.92 -8.29 79.89
CA GLU I 213 -39.13 -7.53 80.17
C GLU I 213 -40.43 -8.35 80.02
N LYS I 214 -40.43 -9.47 79.26
CA LYS I 214 -41.60 -10.35 79.26
C LYS I 214 -41.31 -11.81 79.60
N LEU I 215 -40.29 -12.47 79.02
CA LEU I 215 -40.13 -13.90 79.21
C LEU I 215 -39.74 -14.26 80.62
N CYS I 216 -38.77 -13.53 81.21
CA CYS I 216 -38.24 -13.81 82.53
C CYS I 216 -39.27 -13.82 83.66
N TYR I 217 -39.14 -14.73 84.62
CA TYR I 217 -39.99 -14.70 85.79
C TYR I 217 -39.15 -15.16 86.97
N VAL I 218 -39.64 -14.98 88.21
CA VAL I 218 -38.95 -15.43 89.40
C VAL I 218 -39.56 -16.70 89.95
N ALA I 219 -38.73 -17.73 90.19
CA ALA I 219 -39.12 -18.96 90.82
C ALA I 219 -39.63 -18.84 92.25
N LEU I 220 -40.74 -19.53 92.58
CA LEU I 220 -41.27 -19.59 93.93
C LEU I 220 -40.50 -20.60 94.75
N ASP I 221 -39.74 -21.48 94.08
CA ASP I 221 -38.54 -22.01 94.66
C ASP I 221 -37.59 -22.26 93.50
N PHE I 222 -36.34 -21.79 93.58
CA PHE I 222 -35.35 -21.83 92.51
C PHE I 222 -34.95 -23.26 92.19
N GLU I 223 -34.56 -24.06 93.21
CA GLU I 223 -34.11 -25.42 93.05
C GLU I 223 -35.17 -26.34 92.49
N ASN I 224 -36.41 -26.19 92.98
CA ASN I 224 -37.55 -26.94 92.46
C ASN I 224 -37.82 -26.68 91.00
N GLU I 225 -37.82 -25.39 90.57
CA GLU I 225 -37.96 -25.06 89.16
C GLU I 225 -36.78 -25.45 88.29
N MET I 226 -35.55 -25.35 88.79
CA MET I 226 -34.38 -25.91 88.15
C MET I 226 -34.33 -27.42 88.03
N ALA I 227 -34.86 -28.17 89.03
CA ALA I 227 -35.09 -29.60 88.92
C ALA I 227 -36.11 -30.00 87.85
N THR I 228 -37.26 -29.28 87.75
CA THR I 228 -38.29 -29.58 86.74
C THR I 228 -37.87 -29.09 85.34
N ALA I 229 -36.81 -28.27 85.22
CA ALA I 229 -36.14 -28.02 83.94
C ALA I 229 -35.50 -29.25 83.27
N ALA I 230 -35.36 -30.40 83.97
CA ALA I 230 -35.00 -31.66 83.33
C ALA I 230 -36.02 -32.13 82.30
N SER I 231 -37.34 -32.04 82.62
CA SER I 231 -38.41 -32.35 81.69
C SER I 231 -38.93 -31.06 81.07
N SER I 232 -38.24 -30.57 80.03
CA SER I 232 -38.59 -29.28 79.44
C SER I 232 -39.89 -29.32 78.66
N SER I 233 -40.87 -28.53 79.12
CA SER I 233 -42.17 -28.41 78.47
C SER I 233 -42.60 -26.95 78.52
N SER I 234 -43.06 -26.45 79.69
CA SER I 234 -43.56 -25.08 79.81
C SER I 234 -42.49 -24.03 80.06
N LEU I 235 -41.29 -24.47 80.46
CA LEU I 235 -40.20 -23.60 80.85
C LEU I 235 -39.46 -23.06 79.67
N GLU I 236 -39.53 -23.76 78.52
CA GLU I 236 -39.05 -23.25 77.26
C GLU I 236 -40.08 -22.31 76.69
N LYS I 237 -39.61 -21.20 76.10
CA LYS I 237 -40.45 -20.35 75.31
C LYS I 237 -39.65 -19.97 74.11
N SER I 238 -40.31 -20.10 72.94
CA SER I 238 -39.92 -19.52 71.67
C SER I 238 -40.03 -18.00 71.75
N TYR I 239 -38.99 -17.29 71.31
CA TYR I 239 -38.93 -15.86 71.16
C TYR I 239 -38.49 -15.56 69.74
N GLU I 240 -39.12 -14.56 69.11
CA GLU I 240 -38.84 -14.11 67.77
C GLU I 240 -37.91 -12.89 67.85
N LEU I 241 -36.75 -12.91 67.19
CA LEU I 241 -35.89 -11.75 67.05
C LEU I 241 -36.37 -10.86 65.92
N PRO I 242 -36.07 -9.56 65.87
CA PRO I 242 -36.35 -8.72 64.69
C PRO I 242 -35.64 -9.17 63.42
N ASP I 243 -34.53 -9.94 63.52
CA ASP I 243 -33.85 -10.60 62.41
C ASP I 243 -34.77 -11.65 61.74
N GLY I 244 -35.65 -12.32 62.52
CA GLY I 244 -36.45 -13.47 62.07
C GLY I 244 -35.87 -14.76 62.56
N GLN I 245 -34.76 -14.68 63.29
CA GLN I 245 -34.23 -15.76 64.08
C GLN I 245 -35.05 -16.07 65.31
N VAL I 246 -35.16 -17.37 65.67
CA VAL I 246 -35.97 -17.82 66.76
C VAL I 246 -35.03 -18.28 67.84
N ILE I 247 -35.34 -17.92 69.09
CA ILE I 247 -34.59 -18.22 70.29
C ILE I 247 -35.49 -19.04 71.17
N THR I 248 -34.94 -20.08 71.82
CA THR I 248 -35.71 -21.00 72.65
C THR I 248 -35.03 -21.07 73.98
N ILE I 249 -35.62 -20.51 75.05
CA ILE I 249 -34.97 -20.33 76.35
C ILE I 249 -35.67 -21.09 77.46
N GLY I 250 -34.95 -22.01 78.14
CA GLY I 250 -35.52 -22.90 79.15
C GLY I 250 -35.31 -22.42 80.56
N ASN I 251 -34.44 -23.09 81.33
CA ASN I 251 -34.16 -22.76 82.72
C ASN I 251 -33.42 -21.45 82.95
N GLU I 252 -32.67 -21.06 81.92
CA GLU I 252 -31.97 -19.83 81.69
C GLU I 252 -32.85 -18.62 81.90
N ARG I 253 -34.13 -18.73 81.50
CA ARG I 253 -35.14 -17.72 81.73
C ARG I 253 -35.33 -17.30 83.20
N PHE I 254 -35.58 -18.23 84.16
CA PHE I 254 -35.95 -17.82 85.51
C PHE I 254 -34.76 -17.64 86.42
N ARG I 255 -33.57 -18.19 86.05
CA ARG I 255 -32.39 -17.94 86.84
C ARG I 255 -31.74 -16.59 86.59
N CYS I 256 -32.16 -15.84 85.54
CA CYS I 256 -31.77 -14.44 85.45
C CYS I 256 -32.38 -13.58 86.57
N PRO I 257 -33.67 -13.53 86.90
CA PRO I 257 -34.11 -12.73 88.05
C PRO I 257 -33.67 -13.29 89.39
N GLU I 258 -33.29 -14.59 89.47
CA GLU I 258 -32.80 -15.26 90.67
C GLU I 258 -31.56 -14.56 91.24
N THR I 259 -30.75 -13.93 90.37
CA THR I 259 -29.60 -13.09 90.72
C THR I 259 -29.89 -12.03 91.78
N LEU I 260 -31.12 -11.45 91.82
CA LEU I 260 -31.52 -10.51 92.87
C LEU I 260 -31.49 -11.10 94.27
N PHE I 261 -31.73 -12.42 94.38
CA PHE I 261 -31.81 -13.17 95.61
C PHE I 261 -30.54 -13.98 95.84
N GLN I 262 -29.64 -14.05 94.83
CA GLN I 262 -28.37 -14.75 94.87
C GLN I 262 -27.30 -13.97 94.11
N PRO I 263 -26.75 -12.85 94.62
CA PRO I 263 -25.71 -12.07 93.93
C PRO I 263 -24.39 -12.79 93.90
N SER I 264 -24.22 -13.98 94.46
CA SER I 264 -23.11 -14.87 94.18
C SER I 264 -23.02 -15.31 92.72
N PHE I 265 -24.16 -15.34 91.97
CA PHE I 265 -24.23 -15.60 90.53
C PHE I 265 -23.59 -14.50 89.70
N ILE I 266 -23.78 -13.22 90.10
CA ILE I 266 -23.10 -12.10 89.47
C ILE I 266 -21.64 -11.99 89.96
N GLY I 267 -21.32 -12.55 91.15
CA GLY I 267 -19.98 -12.57 91.74
C GLY I 267 -19.77 -11.51 92.78
N MET I 268 -20.84 -10.81 93.17
CA MET I 268 -20.80 -9.82 94.22
C MET I 268 -21.19 -10.43 95.55
N GLU I 269 -20.50 -10.05 96.64
CA GLU I 269 -20.82 -10.50 97.98
C GLU I 269 -22.08 -9.93 98.54
N SER I 270 -22.37 -8.67 98.14
CA SER I 270 -23.51 -7.87 98.57
C SER I 270 -24.78 -8.65 98.62
N ALA I 271 -25.46 -8.67 99.78
CA ALA I 271 -26.55 -9.58 100.03
C ALA I 271 -27.74 -9.46 99.08
N GLY I 272 -28.50 -10.55 98.88
CA GLY I 272 -29.74 -10.52 98.10
C GLY I 272 -30.72 -9.49 98.62
N ILE I 273 -31.69 -9.11 97.77
CA ILE I 273 -32.60 -8.02 98.05
C ILE I 273 -33.51 -8.20 99.29
N HIS I 274 -33.84 -9.45 99.67
CA HIS I 274 -34.58 -9.75 100.87
C HIS I 274 -33.75 -9.58 102.13
N GLU I 275 -32.47 -10.02 102.15
CA GLU I 275 -31.54 -9.72 103.24
C GLU I 275 -31.21 -8.24 103.35
N THR I 276 -31.11 -7.48 102.23
CA THR I 276 -30.96 -6.01 102.29
C THR I 276 -32.15 -5.35 102.95
N THR I 277 -33.39 -5.80 102.68
CA THR I 277 -34.59 -5.35 103.38
C THR I 277 -34.55 -5.66 104.87
N TYR I 278 -34.08 -6.86 105.27
CA TYR I 278 -33.81 -7.19 106.67
C TYR I 278 -32.75 -6.27 107.29
N ASN I 279 -31.65 -5.98 106.56
CA ASN I 279 -30.59 -5.08 106.96
C ASN I 279 -31.11 -3.66 107.23
N SER I 280 -31.99 -3.13 106.36
CA SER I 280 -32.70 -1.87 106.60
C SER I 280 -33.64 -1.89 107.80
N ILE I 281 -34.53 -2.91 107.93
CA ILE I 281 -35.48 -3.06 109.03
C ILE I 281 -34.80 -3.28 110.39
N MET I 282 -33.71 -4.06 110.44
CA MET I 282 -32.88 -4.24 111.62
C MET I 282 -32.18 -3.01 112.10
N LYS I 283 -31.83 -2.08 111.19
CA LYS I 283 -31.26 -0.81 111.60
C LYS I 283 -32.28 0.15 112.17
N CYS I 284 -33.59 -0.12 111.96
CA CYS I 284 -34.66 0.69 112.50
C CYS I 284 -34.92 0.37 113.96
N ASP I 285 -35.57 1.32 114.67
CA ASP I 285 -36.00 1.14 116.04
C ASP I 285 -36.95 -0.04 116.20
N ILE I 286 -36.88 -0.73 117.37
CA ILE I 286 -37.63 -1.96 117.65
C ILE I 286 -39.13 -1.79 117.48
N ASP I 287 -39.70 -0.66 117.97
CA ASP I 287 -41.11 -0.35 118.03
C ASP I 287 -41.80 -0.37 116.65
N ILE I 288 -41.19 0.29 115.65
CA ILE I 288 -41.85 0.47 114.37
C ILE I 288 -41.81 -0.75 113.50
N ARG I 289 -40.87 -1.71 113.74
CA ARG I 289 -40.63 -2.79 112.81
C ARG I 289 -41.84 -3.61 112.40
N LYS I 290 -42.84 -3.74 113.30
CA LYS I 290 -44.08 -4.46 113.08
C LYS I 290 -44.84 -4.05 111.82
N ASP I 291 -44.92 -2.74 111.51
CA ASP I 291 -45.66 -2.27 110.35
C ASP I 291 -44.74 -2.27 109.13
N LEU I 292 -43.42 -2.07 109.27
CA LEU I 292 -42.47 -2.16 108.17
C LEU I 292 -42.38 -3.53 107.53
N TYR I 293 -42.44 -4.58 108.36
CA TYR I 293 -42.67 -5.93 107.91
C TYR I 293 -43.98 -6.09 107.12
N ALA I 294 -45.08 -5.47 107.60
CA ALA I 294 -46.38 -5.61 106.98
C ALA I 294 -46.70 -4.58 105.87
N ASN I 295 -45.81 -3.63 105.55
CA ASN I 295 -46.09 -2.53 104.64
C ASN I 295 -44.91 -2.34 103.70
N ASN I 296 -44.21 -3.41 103.31
CA ASN I 296 -43.21 -3.38 102.25
C ASN I 296 -43.83 -3.00 100.90
N VAL I 297 -43.31 -1.92 100.27
CA VAL I 297 -43.77 -1.40 98.99
C VAL I 297 -42.68 -1.68 97.99
N MET I 298 -43.01 -2.38 96.89
CA MET I 298 -42.13 -2.50 95.76
C MET I 298 -42.38 -1.40 94.74
N SER I 299 -41.32 -0.82 94.20
CA SER I 299 -41.40 0.18 93.16
C SER I 299 -40.36 -0.09 92.11
N GLY I 300 -40.49 0.61 90.98
CA GLY I 300 -39.48 0.63 89.93
C GLY I 300 -39.73 -0.35 88.84
N GLY I 301 -38.89 -0.33 87.79
CA GLY I 301 -39.09 -1.20 86.64
C GLY I 301 -38.65 -2.62 86.81
N THR I 302 -37.66 -2.93 87.68
CA THR I 302 -37.13 -4.30 87.80
C THR I 302 -37.76 -5.04 88.98
N THR I 303 -38.87 -4.48 89.55
CA THR I 303 -39.81 -5.24 90.39
C THR I 303 -41.01 -5.70 89.57
N MET I 304 -41.00 -5.50 88.23
CA MET I 304 -42.13 -5.94 87.42
C MET I 304 -42.22 -7.43 87.16
N TYR I 305 -41.13 -8.23 87.30
CA TYR I 305 -41.13 -9.66 86.96
C TYR I 305 -42.23 -10.43 87.69
N PRO I 306 -43.01 -11.30 87.04
CA PRO I 306 -43.97 -12.16 87.71
C PRO I 306 -43.37 -13.02 88.82
N GLY I 307 -44.01 -13.04 90.01
CA GLY I 307 -43.62 -13.88 91.13
C GLY I 307 -42.56 -13.29 92.06
N ILE I 308 -42.07 -12.05 91.84
CA ILE I 308 -41.13 -11.39 92.77
C ILE I 308 -41.73 -11.22 94.17
N ALA I 309 -43.00 -10.73 94.23
CA ALA I 309 -43.70 -10.46 95.48
C ALA I 309 -43.87 -11.68 96.35
N ASP I 310 -44.26 -12.82 95.76
CA ASP I 310 -44.37 -14.11 96.40
C ASP I 310 -43.04 -14.64 96.92
N ARG I 311 -41.96 -14.53 96.12
CA ARG I 311 -40.64 -14.94 96.56
C ARG I 311 -40.10 -14.11 97.72
N MET I 312 -40.24 -12.77 97.68
CA MET I 312 -39.89 -11.88 98.77
C MET I 312 -40.69 -12.17 100.03
N GLN I 313 -42.01 -12.46 99.87
CA GLN I 313 -42.85 -12.85 100.98
C GLN I 313 -42.42 -14.12 101.64
N LYS I 314 -42.12 -15.19 100.87
CA LYS I 314 -41.66 -16.43 101.44
C LYS I 314 -40.30 -16.32 102.16
N GLU I 315 -39.33 -15.55 101.59
CA GLU I 315 -38.02 -15.37 102.18
C GLU I 315 -38.02 -14.49 103.40
N ILE I 316 -38.70 -13.33 103.36
CA ILE I 316 -38.80 -12.46 104.52
C ILE I 316 -39.57 -13.11 105.65
N THR I 317 -40.70 -13.81 105.36
CA THR I 317 -41.43 -14.62 106.35
C THR I 317 -40.58 -15.74 106.94
N ALA I 318 -39.76 -16.43 106.13
CA ALA I 318 -38.83 -17.45 106.60
C ALA I 318 -37.73 -16.94 107.54
N LEU I 319 -37.13 -15.76 107.23
CA LEU I 319 -36.13 -15.13 108.07
C LEU I 319 -36.67 -14.45 109.32
N ALA I 320 -37.82 -13.77 109.21
CA ALA I 320 -38.36 -12.94 110.27
C ALA I 320 -39.03 -13.77 111.37
N PRO I 321 -39.35 -13.19 112.52
CA PRO I 321 -40.35 -13.76 113.42
C PRO I 321 -41.70 -14.04 112.75
N SER I 322 -42.21 -15.29 112.80
CA SER I 322 -43.53 -15.67 112.28
C SER I 322 -44.63 -15.29 113.27
N THR I 323 -44.24 -14.57 114.35
CA THR I 323 -45.06 -13.91 115.35
C THR I 323 -45.93 -12.84 114.74
N MET I 324 -45.43 -12.16 113.69
CA MET I 324 -46.14 -11.13 112.99
C MET I 324 -46.27 -11.43 111.52
N LYS I 325 -47.36 -10.97 110.90
CA LYS I 325 -47.64 -11.27 109.52
C LYS I 325 -47.01 -10.28 108.55
N ILE I 326 -46.33 -10.83 107.54
CA ILE I 326 -45.54 -10.07 106.60
C ILE I 326 -46.38 -9.88 105.35
N LYS I 327 -47.10 -8.76 105.26
CA LYS I 327 -47.76 -8.37 104.04
C LYS I 327 -46.81 -7.57 103.18
N ILE I 328 -46.74 -7.88 101.88
CA ILE I 328 -46.02 -7.11 100.91
C ILE I 328 -47.08 -6.52 100.03
N ILE I 329 -47.03 -5.20 99.81
CA ILE I 329 -47.93 -4.52 98.94
C ILE I 329 -47.15 -4.09 97.72
N ALA I 330 -47.35 -4.80 96.62
CA ALA I 330 -46.70 -4.52 95.37
C ALA I 330 -47.76 -4.26 94.34
N PRO I 331 -48.12 -3.04 93.99
CA PRO I 331 -49.23 -2.79 93.09
C PRO I 331 -48.81 -3.18 91.66
N PRO I 332 -49.63 -3.71 90.74
CA PRO I 332 -49.43 -3.39 89.32
C PRO I 332 -49.48 -1.87 89.11
N GLU I 333 -48.83 -1.34 88.06
CA GLU I 333 -48.59 0.08 87.86
C GLU I 333 -47.35 0.56 88.63
N ARG I 334 -46.70 -0.36 89.40
CA ARG I 334 -45.55 -0.07 90.25
C ARG I 334 -44.34 0.50 89.52
N LYS I 335 -44.26 0.27 88.18
CA LYS I 335 -43.27 0.84 87.30
C LYS I 335 -43.29 2.36 87.30
N TYR I 336 -44.51 2.96 87.31
CA TYR I 336 -44.65 4.38 87.14
C TYR I 336 -44.84 5.05 88.48
N SER I 337 -44.72 4.32 89.61
CA SER I 337 -45.02 4.82 90.95
C SER I 337 -44.25 6.04 91.40
N VAL I 338 -42.95 6.13 91.03
CA VAL I 338 -42.14 7.33 91.26
C VAL I 338 -42.67 8.57 90.55
N TRP I 339 -43.05 8.46 89.25
CA TRP I 339 -43.63 9.57 88.51
C TRP I 339 -44.96 10.01 89.08
N ILE I 340 -45.86 9.05 89.44
CA ILE I 340 -47.14 9.34 90.07
C ILE I 340 -46.93 10.01 91.42
N GLY I 341 -45.92 9.59 92.19
CA GLY I 341 -45.55 10.25 93.41
C GLY I 341 -45.04 11.66 93.26
N GLY I 342 -44.41 11.94 92.12
CA GLY I 342 -44.02 13.27 91.73
C GLY I 342 -45.17 14.13 91.26
N SER I 343 -46.18 13.53 90.57
CA SER I 343 -47.40 14.18 90.15
C SER I 343 -48.20 14.67 91.34
N ILE I 344 -48.42 13.77 92.34
CA ILE I 344 -49.15 14.11 93.55
C ILE I 344 -48.42 15.17 94.37
N LEU I 345 -47.07 15.09 94.51
CA LEU I 345 -46.31 16.09 95.24
C LEU I 345 -46.38 17.51 94.73
N ALA I 346 -46.22 17.70 93.41
CA ALA I 346 -46.30 19.01 92.82
C ALA I 346 -47.72 19.55 92.75
N SER I 347 -48.76 18.67 92.79
CA SER I 347 -50.16 19.04 92.97
C SER I 347 -50.51 19.46 94.39
N LEU I 348 -49.73 19.06 95.41
CA LEU I 348 -49.92 19.51 96.79
C LEU I 348 -49.71 21.01 97.00
N SER I 349 -50.70 21.69 97.59
CA SER I 349 -50.70 23.13 97.78
C SER I 349 -49.58 23.67 98.65
N THR I 350 -49.31 23.00 99.79
CA THR I 350 -48.20 23.34 100.70
C THR I 350 -46.83 23.22 100.06
N PHE I 351 -46.63 22.19 99.21
CA PHE I 351 -45.40 21.93 98.48
C PHE I 351 -45.00 23.10 97.58
N GLN I 352 -46.00 23.88 97.08
CA GLN I 352 -45.77 25.08 96.31
C GLN I 352 -45.00 26.22 97.01
N GLN I 353 -44.70 26.11 98.31
CA GLN I 353 -43.78 27.01 98.98
C GLN I 353 -42.39 26.40 99.22
N MET I 354 -42.22 25.08 99.02
CA MET I 354 -40.99 24.38 99.33
C MET I 354 -40.14 24.20 98.08
N TRP I 355 -40.60 24.72 96.93
CA TRP I 355 -39.80 24.74 95.72
C TRP I 355 -38.51 25.49 95.90
N ILE I 356 -37.44 25.02 95.24
CA ILE I 356 -36.24 25.83 95.15
C ILE I 356 -36.54 26.88 94.11
N THR I 357 -36.61 28.18 94.49
CA THR I 357 -36.91 29.21 93.51
C THR I 357 -35.68 29.50 92.68
N LYS I 358 -35.87 30.01 91.46
CA LYS I 358 -34.79 30.54 90.65
C LYS I 358 -34.04 31.67 91.34
N GLN I 359 -34.79 32.58 92.01
CA GLN I 359 -34.23 33.68 92.76
C GLN I 359 -33.28 33.23 93.88
N GLU I 360 -33.72 32.25 94.71
CA GLU I 360 -32.95 31.71 95.82
C GLU I 360 -31.66 31.02 95.37
N TYR I 361 -31.71 30.30 94.22
CA TYR I 361 -30.53 29.81 93.52
C TYR I 361 -29.60 30.94 93.05
N ASP I 362 -30.11 32.01 92.41
CA ASP I 362 -29.31 33.09 91.87
C ASP I 362 -28.52 33.81 92.99
N GLU I 363 -29.14 34.08 94.17
CA GLU I 363 -28.45 34.57 95.36
C GLU I 363 -27.48 33.59 96.01
N ALA I 364 -27.90 32.34 96.26
CA ALA I 364 -27.18 31.49 97.20
C ALA I 364 -26.44 30.34 96.53
N GLY I 365 -26.52 30.20 95.19
CA GLY I 365 -25.76 29.25 94.39
C GLY I 365 -26.28 27.82 94.34
N PRO I 366 -25.59 26.94 93.59
CA PRO I 366 -26.03 25.56 93.36
C PRO I 366 -25.93 24.70 94.59
N SER I 367 -25.17 25.10 95.62
CA SER I 367 -24.91 24.25 96.78
C SER I 367 -26.11 24.09 97.72
N ILE I 368 -27.12 24.98 97.57
CA ILE I 368 -28.31 25.06 98.39
C ILE I 368 -29.27 23.91 98.26
N VAL I 369 -29.04 22.97 97.30
CA VAL I 369 -29.87 21.80 97.15
C VAL I 369 -30.02 21.03 98.45
N HIS I 370 -28.86 20.64 99.02
CA HIS I 370 -28.78 19.83 100.22
C HIS I 370 -29.25 20.56 101.47
N ARG I 371 -29.05 21.89 101.51
CA ARG I 371 -29.50 22.77 102.56
C ARG I 371 -31.02 22.87 102.73
N LYS I 372 -31.77 22.93 101.62
CA LYS I 372 -33.21 23.06 101.66
C LYS I 372 -33.92 21.71 101.63
N CYS I 373 -33.52 20.83 100.69
CA CYS I 373 -34.19 19.57 100.43
C CYS I 373 -33.39 18.39 100.96
N PHE I 374 -34.08 17.25 101.16
CA PHE I 374 -33.48 15.98 101.47
C PHE I 374 -32.87 15.29 100.20
N GLU J 1 -74.68 25.25 138.48
CA GLU J 1 -74.69 23.97 139.25
C GLU J 1 -74.23 24.20 140.67
N ASP J 2 -74.53 23.25 141.59
CA ASP J 2 -74.13 23.34 142.98
C ASP J 2 -72.77 22.70 143.11
N GLU J 3 -71.94 23.25 144.01
CA GLU J 3 -70.59 22.78 144.35
C GLU J 3 -69.53 22.87 143.27
N THR J 4 -69.92 23.05 141.99
CA THR J 4 -69.10 23.32 140.80
C THR J 4 -68.30 22.12 140.30
N THR J 5 -68.51 20.92 140.90
CA THR J 5 -67.56 19.79 140.94
C THR J 5 -66.19 20.21 141.45
N ALA J 6 -65.12 19.45 141.18
CA ALA J 6 -63.78 19.95 141.38
C ALA J 6 -62.93 19.04 140.51
N LEU J 7 -61.68 19.41 140.25
CA LEU J 7 -60.77 18.63 139.46
C LEU J 7 -59.61 18.15 140.31
N VAL J 8 -59.12 16.95 140.02
CA VAL J 8 -58.07 16.33 140.78
C VAL J 8 -57.07 15.79 139.80
N CYS J 9 -55.78 16.08 140.02
CA CYS J 9 -54.68 15.54 139.25
C CYS J 9 -53.59 15.02 140.18
N ASP J 10 -53.20 13.75 140.02
CA ASP J 10 -51.99 13.17 140.56
C ASP J 10 -50.94 13.21 139.47
N ASN J 11 -49.83 13.95 139.76
CA ASN J 11 -48.57 13.90 139.07
C ASN J 11 -47.44 13.62 140.04
N GLY J 12 -47.35 12.39 140.57
CA GLY J 12 -46.03 11.76 140.63
C GLY J 12 -45.44 11.54 139.22
N SER J 13 -44.12 11.25 139.06
CA SER J 13 -43.56 10.88 137.75
C SER J 13 -44.24 9.70 137.08
N GLY J 14 -44.25 9.66 135.73
CA GLY J 14 -44.65 8.48 135.01
C GLY J 14 -46.08 8.51 134.52
N LEU J 15 -47.07 8.86 135.35
CA LEU J 15 -48.48 8.85 134.98
C LEU J 15 -49.18 10.08 135.51
N VAL J 16 -49.99 10.72 134.65
CA VAL J 16 -50.99 11.68 135.07
C VAL J 16 -52.19 10.85 135.38
N LYS J 17 -52.74 10.98 136.60
CA LYS J 17 -54.05 10.46 136.89
C LYS J 17 -54.96 11.62 137.15
N ALA J 18 -56.01 11.81 136.34
CA ALA J 18 -56.86 12.97 136.41
C ALA J 18 -58.31 12.68 136.16
N GLY J 19 -59.19 13.49 136.75
CA GLY J 19 -60.61 13.30 136.59
C GLY J 19 -61.31 14.28 137.46
N PHE J 20 -62.64 14.09 137.59
CA PHE J 20 -63.47 14.88 138.46
C PHE J 20 -63.36 14.36 139.88
N ALA J 21 -63.26 15.28 140.84
CA ALA J 21 -63.56 15.03 142.23
C ALA J 21 -65.02 14.65 142.40
N GLY J 22 -65.32 13.68 143.30
CA GLY J 22 -66.68 13.18 143.46
C GLY J 22 -66.99 11.93 142.72
N ASP J 23 -65.99 11.32 142.06
CA ASP J 23 -66.09 10.05 141.37
C ASP J 23 -65.08 9.08 142.00
N ASP J 24 -65.34 7.77 141.93
CA ASP J 24 -64.53 6.70 142.49
C ASP J 24 -63.30 6.39 141.63
N ALA J 25 -63.33 6.69 140.31
CA ALA J 25 -62.18 6.48 139.47
C ALA J 25 -61.88 7.66 138.55
N PRO J 26 -60.61 7.92 138.19
CA PRO J 26 -60.24 9.00 137.29
C PRO J 26 -60.71 8.66 135.88
N ARG J 27 -61.14 9.67 135.10
CA ARG J 27 -61.48 9.49 133.71
C ARG J 27 -60.25 9.22 132.85
N ALA J 28 -59.15 9.96 133.09
CA ALA J 28 -57.99 9.93 132.25
C ALA J 28 -56.78 9.52 133.05
N VAL J 29 -56.09 8.49 132.58
CA VAL J 29 -54.83 8.08 133.11
C VAL J 29 -53.94 7.85 131.92
N PHE J 30 -52.78 8.53 131.86
CA PHE J 30 -51.92 8.37 130.71
C PHE J 30 -50.47 8.62 131.13
N PRO J 31 -49.47 8.17 130.39
CA PRO J 31 -48.07 8.42 130.73
C PRO J 31 -47.64 9.86 130.57
N SER J 32 -46.95 10.39 131.59
CA SER J 32 -46.43 11.74 131.62
C SER J 32 -45.17 11.90 130.79
N ILE J 33 -45.30 11.91 129.47
CA ILE J 33 -44.17 11.90 128.58
C ILE J 33 -44.39 12.91 127.51
N VAL J 34 -43.30 13.59 127.14
CA VAL J 34 -43.26 14.54 126.07
C VAL J 34 -42.27 13.93 125.12
N GLY J 35 -42.74 13.49 123.96
CA GLY J 35 -41.91 12.85 122.97
C GLY J 35 -41.73 13.68 121.74
N ARG J 36 -40.47 13.95 121.38
CA ARG J 36 -40.14 14.90 120.35
C ARG J 36 -39.66 14.16 119.11
N PRO J 37 -40.10 14.44 117.88
CA PRO J 37 -39.46 13.97 116.66
C PRO J 37 -37.97 14.30 116.58
N ARG J 38 -37.12 13.32 116.92
CA ARG J 38 -35.68 13.39 116.81
C ARG J 38 -35.22 13.32 115.35
N HIS J 39 -35.87 12.46 114.54
CA HIS J 39 -35.53 12.29 113.13
C HIS J 39 -36.28 13.32 112.33
N GLN J 40 -35.57 14.08 111.47
CA GLN J 40 -36.21 15.00 110.55
C GLN J 40 -37.08 14.27 109.55
N GLY J 41 -38.36 14.69 109.44
CA GLY J 41 -39.32 14.04 108.56
C GLY J 41 -39.23 14.56 107.16
N VAL J 42 -39.39 13.68 106.15
CA VAL J 42 -39.36 14.09 104.76
C VAL J 42 -40.57 13.51 104.06
N MET J 43 -41.63 14.31 104.01
CA MET J 43 -42.84 14.09 103.25
C MET J 43 -43.36 15.51 103.13
N VAL J 44 -44.61 15.69 102.66
CA VAL J 44 -45.31 16.97 102.73
C VAL J 44 -46.66 16.60 103.30
N GLY J 45 -47.28 17.47 104.14
CA GLY J 45 -48.57 17.15 104.76
C GLY J 45 -48.48 16.23 105.94
N MET J 46 -47.34 16.25 106.63
CA MET J 46 -47.20 15.68 107.95
C MET J 46 -47.43 16.78 108.93
N GLY J 47 -48.09 16.44 110.04
CA GLY J 47 -48.10 17.18 111.30
C GLY J 47 -48.18 18.70 111.25
N GLN J 48 -47.05 19.45 111.41
CA GLN J 48 -45.74 18.98 111.78
C GLN J 48 -45.74 18.43 113.19
N LYS J 49 -46.37 19.20 114.12
CA LYS J 49 -46.46 18.90 115.54
C LYS J 49 -45.09 18.78 116.21
N ASP J 50 -44.63 19.86 116.89
CA ASP J 50 -43.32 19.95 117.55
C ASP J 50 -43.05 18.80 118.52
N SER J 51 -44.11 18.30 119.17
CA SER J 51 -43.97 17.27 120.15
C SER J 51 -45.32 16.63 120.37
N TYR J 52 -45.32 15.40 120.89
CA TYR J 52 -46.48 14.58 121.21
C TYR J 52 -46.49 14.35 122.69
N VAL J 53 -47.68 14.30 123.29
CA VAL J 53 -47.86 14.23 124.73
C VAL J 53 -48.81 13.10 125.02
N GLY J 54 -48.62 12.39 126.15
CA GLY J 54 -49.55 11.36 126.58
C GLY J 54 -49.36 10.04 125.88
N ASP J 55 -50.38 9.18 125.80
CA ASP J 55 -50.33 7.90 125.14
C ASP J 55 -50.27 7.99 123.60
N GLU J 56 -50.47 9.18 122.99
CA GLU J 56 -50.06 9.51 121.63
C GLU J 56 -48.58 9.21 121.35
N ALA J 57 -47.69 9.60 122.30
CA ALA J 57 -46.27 9.33 122.31
C ALA J 57 -45.94 7.83 122.44
N GLN J 58 -46.74 7.08 123.24
CA GLN J 58 -46.66 5.62 123.32
C GLN J 58 -46.94 4.92 122.00
N SER J 59 -47.99 5.39 121.27
CA SER J 59 -48.35 4.89 119.94
C SER J 59 -47.28 5.17 118.90
N LYS J 60 -46.76 6.42 118.86
CA LYS J 60 -45.71 6.80 117.93
C LYS J 60 -44.38 6.84 118.64
N ARG J 61 -43.90 5.70 119.12
CA ARG J 61 -42.76 5.68 120.00
C ARG J 61 -41.39 5.75 119.33
N GLY J 62 -41.25 5.05 118.18
CA GLY J 62 -39.96 4.77 117.56
C GLY J 62 -39.25 5.95 116.96
N ILE J 63 -40.02 6.93 116.47
CA ILE J 63 -39.55 8.20 115.94
C ILE J 63 -39.02 9.09 117.04
N LEU J 64 -39.76 9.12 118.16
CA LEU J 64 -39.65 10.07 119.23
C LEU J 64 -38.47 9.73 120.12
N THR J 65 -37.86 10.77 120.67
CA THR J 65 -37.15 10.63 121.92
C THR J 65 -38.13 11.07 122.96
N LEU J 66 -38.26 10.33 124.07
CA LEU J 66 -39.21 10.60 125.12
C LEU J 66 -38.48 11.20 126.29
N LYS J 67 -39.06 12.26 126.84
CA LYS J 67 -38.52 12.91 128.00
C LYS J 67 -39.59 12.87 129.06
N TYR J 68 -39.32 12.20 130.20
CA TYR J 68 -40.09 12.35 131.41
C TYR J 68 -39.81 13.75 131.97
N PRO J 69 -40.79 14.60 132.26
CA PRO J 69 -40.52 15.97 132.69
C PRO J 69 -40.38 16.01 134.19
N ILE J 70 -40.80 14.94 134.90
CA ILE J 70 -40.70 14.85 136.33
C ILE J 70 -39.70 13.77 136.65
N GLU J 71 -38.65 14.08 137.41
CA GLU J 71 -37.72 13.09 137.92
C GLU J 71 -37.61 13.27 139.42
N HIS J 72 -37.79 12.17 140.16
CA HIS J 72 -37.67 12.10 141.61
C HIS J 72 -38.66 12.98 142.37
N GLY J 73 -39.86 13.18 141.79
CA GLY J 73 -40.88 14.11 142.27
C GLY J 73 -40.59 15.55 141.88
N ILE J 74 -39.47 15.82 141.18
CA ILE J 74 -39.03 17.16 140.81
C ILE J 74 -39.37 17.37 139.36
N ILE J 75 -40.05 18.48 139.01
CA ILE J 75 -40.19 18.83 137.62
C ILE J 75 -38.88 19.38 137.09
N THR J 76 -38.27 18.65 136.12
CA THR J 76 -37.06 19.06 135.43
C THR J 76 -37.32 20.16 134.44
N ASN J 77 -38.43 20.01 133.67
CA ASN J 77 -38.79 20.92 132.63
C ASN J 77 -40.25 21.38 132.75
N TRP J 78 -40.46 22.70 132.94
CA TRP J 78 -41.74 23.30 133.24
C TRP J 78 -42.71 23.42 132.08
N ASP J 79 -42.19 23.75 130.87
CA ASP J 79 -42.97 23.86 129.65
C ASP J 79 -43.56 22.50 129.30
N ASP J 80 -42.77 21.43 129.39
CA ASP J 80 -43.18 20.05 129.24
C ASP J 80 -44.29 19.64 130.24
N MET J 81 -44.22 20.03 131.53
CA MET J 81 -45.31 19.86 132.49
C MET J 81 -46.58 20.63 132.15
N GLU J 82 -46.45 21.90 131.73
CA GLU J 82 -47.55 22.70 131.26
C GLU J 82 -48.26 22.07 130.07
N LYS J 83 -47.49 21.56 129.08
CA LYS J 83 -48.00 20.79 127.96
C LYS J 83 -48.77 19.54 128.35
N ILE J 84 -48.28 18.80 129.37
CA ILE J 84 -49.00 17.65 129.92
C ILE J 84 -50.31 18.03 130.55
N TRP J 85 -50.35 19.08 131.39
CA TRP J 85 -51.59 19.60 131.92
C TRP J 85 -52.50 20.18 130.86
N HIS J 86 -51.96 20.85 129.82
CA HIS J 86 -52.76 21.30 128.71
C HIS J 86 -53.48 20.17 127.98
N HIS J 87 -52.76 19.05 127.76
CA HIS J 87 -53.28 17.78 127.27
C HIS J 87 -54.38 17.22 128.19
N THR J 88 -54.21 17.15 129.55
CA THR J 88 -55.25 16.63 130.46
C THR J 88 -56.58 17.34 130.35
N PHE J 89 -56.53 18.69 130.38
CA PHE J 89 -57.71 19.52 130.44
C PHE J 89 -58.43 19.59 129.11
N TYR J 90 -57.69 19.85 128.02
CA TYR J 90 -58.33 20.05 126.73
C TYR J 90 -58.49 18.76 125.96
N ASN J 91 -57.48 17.87 125.90
CA ASN J 91 -57.57 16.65 125.11
C ASN J 91 -58.49 15.59 125.75
N GLU J 92 -58.38 15.33 127.07
CA GLU J 92 -59.20 14.33 127.72
C GLU J 92 -60.45 14.87 128.35
N LEU J 93 -60.30 15.75 129.36
CA LEU J 93 -61.44 16.07 130.22
C LEU J 93 -62.41 17.04 129.61
N ARG J 94 -61.91 17.89 128.71
CA ARG J 94 -62.64 18.89 127.95
C ARG J 94 -63.31 19.92 128.83
N VAL J 95 -62.52 20.46 129.76
CA VAL J 95 -63.00 21.37 130.78
C VAL J 95 -62.32 22.69 130.54
N ALA J 96 -62.95 23.80 130.95
CA ALA J 96 -62.27 25.05 131.12
C ALA J 96 -61.82 25.08 132.60
N PRO J 97 -60.54 25.14 132.97
CA PRO J 97 -60.12 25.22 134.37
C PRO J 97 -60.71 26.43 135.11
N GLU J 98 -61.12 27.52 134.45
CA GLU J 98 -61.85 28.65 135.02
C GLU J 98 -63.14 28.23 135.72
N GLU J 99 -63.73 27.11 135.31
CA GLU J 99 -64.98 26.62 135.82
C GLU J 99 -64.78 25.59 136.93
N HIS J 100 -63.53 25.25 137.33
CA HIS J 100 -63.35 24.20 138.32
C HIS J 100 -62.25 24.51 139.31
N PRO J 101 -62.35 24.37 140.63
CA PRO J 101 -61.16 24.29 141.49
C PRO J 101 -60.31 23.04 141.23
N THR J 102 -58.97 23.12 141.24
CA THR J 102 -58.08 22.01 140.86
C THR J 102 -57.18 21.59 142.00
N LEU J 103 -57.25 20.32 142.41
CA LEU J 103 -56.36 19.72 143.36
C LEU J 103 -55.16 19.11 142.65
N LEU J 104 -53.95 19.40 143.11
CA LEU J 104 -52.76 18.71 142.69
C LEU J 104 -52.21 17.94 143.85
N THR J 105 -51.71 16.74 143.56
CA THR J 105 -50.89 16.02 144.50
C THR J 105 -49.45 16.44 144.36
N GLU J 106 -48.62 16.19 145.38
CA GLU J 106 -47.21 16.45 145.35
C GLU J 106 -46.54 15.61 146.42
N ALA J 107 -45.24 15.32 146.24
CA ALA J 107 -44.54 14.38 147.08
C ALA J 107 -43.94 14.97 148.37
N PRO J 108 -43.83 14.30 149.51
CA PRO J 108 -43.08 14.80 150.67
C PRO J 108 -41.64 15.19 150.50
N LEU J 109 -41.19 16.14 151.35
CA LEU J 109 -39.81 16.60 151.49
C LEU J 109 -39.32 17.14 150.18
N ASN J 110 -40.24 17.70 149.40
CA ASN J 110 -40.00 18.09 148.05
C ASN J 110 -39.58 19.55 148.08
N PRO J 111 -38.56 20.00 147.33
CA PRO J 111 -38.27 21.40 147.10
C PRO J 111 -39.45 22.35 147.06
N LYS J 112 -39.33 23.49 147.75
CA LYS J 112 -40.33 24.51 147.84
C LYS J 112 -40.73 25.09 146.50
N ALA J 113 -39.73 25.21 145.60
CA ALA J 113 -39.82 25.71 144.27
C ALA J 113 -40.80 24.95 143.41
N ASN J 114 -40.91 23.60 143.55
CA ASN J 114 -41.95 22.85 142.86
C ASN J 114 -43.34 23.25 143.29
N ARG J 115 -43.65 23.32 144.60
CA ARG J 115 -44.96 23.76 145.07
C ARG J 115 -45.32 25.18 144.65
N GLU J 116 -44.40 26.13 144.85
CA GLU J 116 -44.52 27.53 144.50
C GLU J 116 -44.60 27.83 143.01
N LYS J 117 -43.79 27.15 142.18
CA LYS J 117 -43.91 27.25 140.74
C LYS J 117 -45.13 26.55 140.18
N MET J 118 -45.55 25.41 140.77
CA MET J 118 -46.75 24.68 140.43
C MET J 118 -48.02 25.52 140.59
N THR J 119 -48.12 26.26 141.72
CA THR J 119 -49.18 27.25 141.95
C THR J 119 -49.13 28.43 141.03
N GLN J 120 -47.92 28.96 140.75
CA GLN J 120 -47.72 30.05 139.82
C GLN J 120 -48.24 29.73 138.42
N ILE J 121 -47.93 28.50 137.91
CA ILE J 121 -48.53 28.01 136.67
C ILE J 121 -50.02 27.81 136.76
N MET J 122 -50.54 27.21 137.85
CA MET J 122 -51.99 27.03 137.92
C MET J 122 -52.75 28.31 137.90
N PHE J 123 -52.32 29.38 138.57
CA PHE J 123 -53.00 30.64 138.43
C PHE J 123 -52.73 31.42 137.15
N GLU J 124 -51.47 31.46 136.65
CA GLU J 124 -51.07 32.36 135.57
C GLU J 124 -50.86 31.67 134.23
N THR J 125 -51.33 30.42 134.10
CA THR J 125 -51.35 29.70 132.83
C THR J 125 -52.77 29.30 132.55
N PHE J 126 -53.35 28.36 133.34
CA PHE J 126 -54.75 27.99 133.15
C PHE J 126 -55.55 28.78 134.15
N ASN J 127 -56.20 29.91 133.79
CA ASN J 127 -56.85 30.74 134.79
C ASN J 127 -57.86 29.89 135.60
N VAL J 128 -57.81 29.89 136.96
CA VAL J 128 -58.52 28.89 137.74
C VAL J 128 -59.04 29.60 138.98
N PRO J 129 -60.24 29.35 139.54
CA PRO J 129 -60.74 30.06 140.71
C PRO J 129 -59.96 29.73 141.97
N ALA J 130 -59.49 28.47 142.07
CA ALA J 130 -58.86 28.04 143.27
C ALA J 130 -58.10 26.75 143.04
N MET J 131 -57.18 26.43 143.95
CA MET J 131 -56.40 25.23 143.84
C MET J 131 -55.91 24.79 145.19
N TYR J 132 -55.33 23.60 145.24
CA TYR J 132 -54.68 23.13 146.44
C TYR J 132 -53.56 22.22 145.97
N VAL J 133 -52.47 22.12 146.75
CA VAL J 133 -51.41 21.16 146.57
C VAL J 133 -51.43 20.37 147.84
N ALA J 134 -51.41 19.03 147.71
CA ALA J 134 -51.56 18.15 148.84
C ALA J 134 -50.54 17.05 148.81
N ILE J 135 -50.24 16.50 149.99
CA ILE J 135 -49.23 15.47 150.10
C ILE J 135 -49.74 14.11 149.63
N GLN J 136 -48.99 13.35 148.80
CA GLN J 136 -49.46 12.08 148.23
C GLN J 136 -49.93 11.01 149.23
N ALA J 137 -49.16 10.80 150.31
CA ALA J 137 -49.40 9.76 151.29
C ALA J 137 -50.68 9.89 152.11
N VAL J 138 -51.01 11.13 152.54
CA VAL J 138 -52.26 11.43 153.24
C VAL J 138 -53.47 11.14 152.37
N LEU J 139 -53.44 11.46 151.06
CA LEU J 139 -54.51 11.14 150.15
C LEU J 139 -54.77 9.63 150.02
N SER J 140 -53.70 8.81 149.92
CA SER J 140 -53.88 7.35 149.91
C SER J 140 -54.49 6.80 151.18
N LEU J 141 -54.11 7.37 152.35
CA LEU J 141 -54.69 7.05 153.63
C LEU J 141 -56.20 7.30 153.70
N TYR J 142 -56.65 8.48 153.20
CA TYR J 142 -58.07 8.81 153.03
C TYR J 142 -58.80 7.83 152.15
N ALA J 143 -58.18 7.44 151.00
CA ALA J 143 -58.72 6.47 150.07
C ALA J 143 -58.91 5.10 150.68
N SER J 144 -57.98 4.68 151.55
CA SER J 144 -58.09 3.43 152.30
C SER J 144 -59.10 3.50 153.44
N GLY J 145 -59.60 4.70 153.81
CA GLY J 145 -60.69 4.87 154.77
C GLY J 145 -60.27 4.72 156.21
N ARG J 146 -58.98 4.91 156.48
CA ARG J 146 -58.40 4.68 157.79
C ARG J 146 -57.91 6.00 158.33
N THR J 147 -57.92 6.19 159.65
CA THR J 147 -57.52 7.46 160.25
C THR J 147 -56.06 7.46 160.64
N THR J 148 -55.44 6.27 160.65
CA THR J 148 -54.15 5.96 161.22
C THR J 148 -53.49 4.95 160.35
N GLY J 149 -52.17 5.12 160.16
CA GLY J 149 -51.35 4.19 159.46
C GLY J 149 -50.06 4.80 159.10
N ILE J 150 -49.13 3.97 158.64
CA ILE J 150 -47.91 4.46 158.07
C ILE J 150 -48.02 4.19 156.61
N VAL J 151 -48.00 5.25 155.81
CA VAL J 151 -48.21 5.11 154.40
C VAL J 151 -46.88 5.01 153.71
N LEU J 152 -46.64 3.85 153.07
CA LEU J 152 -45.52 3.61 152.21
C LEU J 152 -45.98 3.96 150.81
N ASP J 153 -45.49 5.09 150.29
CA ASP J 153 -45.86 5.63 149.01
C ASP J 153 -44.64 5.37 148.17
N SER J 154 -44.81 4.58 147.10
CA SER J 154 -43.76 4.52 146.11
C SER J 154 -44.35 4.58 144.72
N GLY J 155 -44.07 5.69 144.01
CA GLY J 155 -44.46 5.84 142.61
C GLY J 155 -43.34 5.50 141.66
N ASP J 156 -43.42 6.05 140.43
CA ASP J 156 -42.32 6.03 139.48
C ASP J 156 -41.36 7.18 139.75
N GLY J 157 -41.80 8.18 140.55
CA GLY J 157 -40.99 9.34 140.93
C GLY J 157 -40.02 9.03 142.01
N VAL J 158 -40.45 8.98 143.28
CA VAL J 158 -39.57 8.61 144.37
C VAL J 158 -40.47 7.85 145.34
N THR J 159 -39.87 7.12 146.30
CA THR J 159 -40.46 6.48 147.48
C THR J 159 -40.48 7.43 148.67
N HIS J 160 -41.61 7.48 149.38
CA HIS J 160 -41.88 8.31 150.52
C HIS J 160 -42.58 7.49 151.58
N ASN J 161 -42.53 7.94 152.83
CA ASN J 161 -43.07 7.22 153.93
C ASN J 161 -43.56 8.29 154.89
N VAL J 162 -44.86 8.30 155.23
CA VAL J 162 -45.43 9.29 156.14
C VAL J 162 -46.20 8.52 157.21
N PRO J 163 -45.80 8.48 158.48
CA PRO J 163 -46.62 7.99 159.57
C PRO J 163 -47.65 9.02 159.96
N ILE J 164 -48.86 8.56 160.23
CA ILE J 164 -49.96 9.38 160.63
C ILE J 164 -50.56 8.68 161.83
N TYR J 165 -51.09 9.44 162.81
CA TYR J 165 -51.82 8.90 163.94
C TYR J 165 -53.03 9.77 164.24
N GLU J 166 -54.24 9.24 164.03
CA GLU J 166 -55.51 9.85 164.36
C GLU J 166 -55.73 11.17 163.63
N GLY J 167 -55.54 11.15 162.29
CA GLY J 167 -55.10 12.36 161.61
C GLY J 167 -53.69 12.69 162.05
N TYR J 168 -53.43 13.93 162.51
CA TYR J 168 -52.11 14.49 162.80
C TYR J 168 -51.09 14.17 161.71
N ALA J 169 -49.81 13.95 162.04
CA ALA J 169 -48.71 13.77 161.10
C ALA J 169 -47.46 14.04 161.89
N LEU J 170 -46.34 13.38 161.53
CA LEU J 170 -45.10 13.56 162.25
C LEU J 170 -43.99 14.03 161.31
N PRO J 171 -43.63 15.32 161.24
CA PRO J 171 -42.69 15.84 160.25
C PRO J 171 -41.29 15.24 160.33
N HIS J 172 -40.76 15.00 161.54
CA HIS J 172 -39.46 14.40 161.79
C HIS J 172 -39.39 12.93 161.40
N ALA J 173 -40.54 12.22 161.53
CA ALA J 173 -40.65 10.82 161.21
C ALA J 173 -40.96 10.55 159.75
N ILE J 174 -41.34 11.57 158.93
CA ILE J 174 -41.43 11.43 157.48
C ILE J 174 -40.09 11.10 156.86
N MET J 175 -40.04 10.04 156.05
CA MET J 175 -38.86 9.59 155.37
C MET J 175 -39.10 9.58 153.88
N ARG J 176 -38.07 9.96 153.12
CA ARG J 176 -38.07 9.94 151.69
C ARG J 176 -36.84 9.17 151.28
N LEU J 177 -37.04 8.19 150.39
CA LEU J 177 -36.02 7.26 149.97
C LEU J 177 -35.92 7.31 148.47
N ASP J 178 -34.74 7.61 147.91
CA ASP J 178 -34.54 7.71 146.49
C ASP J 178 -34.40 6.31 145.87
N LEU J 179 -35.55 5.67 145.66
CA LEU J 179 -35.76 4.49 144.87
C LEU J 179 -37.07 4.73 144.20
N ALA J 180 -37.29 4.07 143.05
CA ALA J 180 -38.53 4.23 142.36
C ALA J 180 -38.76 3.09 141.40
N GLY J 181 -39.95 3.07 140.77
CA GLY J 181 -40.18 2.34 139.53
C GLY J 181 -39.15 2.62 138.46
N ARG J 182 -38.81 3.88 138.19
CA ARG J 182 -37.86 4.25 137.17
C ARG J 182 -36.43 3.71 137.39
N ASP J 183 -35.92 3.75 138.65
CA ASP J 183 -34.64 3.17 139.02
C ASP J 183 -34.61 1.64 138.91
N LEU J 184 -35.75 0.96 139.23
CA LEU J 184 -35.94 -0.46 138.92
C LEU J 184 -35.93 -0.77 137.44
N THR J 185 -36.51 0.09 136.59
CA THR J 185 -36.41 -0.02 135.14
C THR J 185 -34.98 0.10 134.63
N ASP J 186 -34.18 1.08 135.11
CA ASP J 186 -32.77 1.26 134.76
C ASP J 186 -31.92 0.08 135.24
N TYR J 187 -32.17 -0.45 136.46
CA TYR J 187 -31.59 -1.72 136.92
C TYR J 187 -31.97 -2.91 136.04
N LEU J 188 -33.25 -3.00 135.64
CA LEU J 188 -33.75 -4.09 134.84
C LEU J 188 -33.16 -4.16 133.45
N MET J 189 -33.07 -3.06 132.71
CA MET J 189 -32.43 -3.07 131.41
C MET J 189 -30.93 -3.35 131.51
N LYS J 190 -30.27 -2.95 132.63
CA LYS J 190 -28.92 -3.40 132.97
C LYS J 190 -28.79 -4.89 133.26
N ILE J 191 -29.76 -5.53 133.94
CA ILE J 191 -29.68 -6.96 134.22
C ILE J 191 -30.16 -7.82 133.05
N LEU J 192 -30.86 -7.27 132.04
CA LEU J 192 -31.14 -8.01 130.80
C LEU J 192 -29.91 -8.21 129.92
N THR J 193 -28.91 -7.31 130.00
CA THR J 193 -27.72 -7.31 129.13
C THR J 193 -26.85 -8.53 129.27
N GLU J 194 -26.79 -9.14 130.49
CA GLU J 194 -26.05 -10.36 130.76
C GLU J 194 -26.67 -11.55 130.04
N ARG J 195 -27.96 -11.45 129.64
CA ARG J 195 -28.65 -12.46 128.89
C ARG J 195 -28.51 -12.29 127.37
N GLY J 196 -27.97 -11.13 126.93
CA GLY J 196 -27.72 -10.78 125.54
C GLY J 196 -28.72 -9.80 124.96
N TYR J 197 -29.81 -9.49 125.68
CA TYR J 197 -30.80 -8.55 125.21
C TYR J 197 -30.41 -7.14 125.60
N SER J 198 -30.23 -6.25 124.62
CA SER J 198 -29.67 -4.94 124.88
C SER J 198 -30.65 -3.91 124.46
N PHE J 199 -31.16 -3.13 125.42
CA PHE J 199 -32.16 -2.13 125.19
C PHE J 199 -31.51 -0.83 125.56
N VAL J 200 -31.24 0.03 124.56
CA VAL J 200 -30.28 1.10 124.69
C VAL J 200 -30.95 2.45 124.65
N THR J 201 -32.24 2.51 124.27
CA THR J 201 -32.87 3.77 123.87
C THR J 201 -34.18 3.93 124.63
N THR J 202 -34.72 5.16 124.73
CA THR J 202 -35.92 5.50 125.49
C THR J 202 -37.19 4.75 125.12
N ALA J 203 -37.40 4.50 123.81
CA ALA J 203 -38.51 3.76 123.27
C ALA J 203 -38.63 2.32 123.81
N GLU J 204 -37.54 1.51 123.83
CA GLU J 204 -37.59 0.18 124.39
C GLU J 204 -37.30 0.15 125.89
N ARG J 205 -36.87 1.27 126.50
CA ARG J 205 -36.89 1.48 127.93
C ARG J 205 -38.29 1.43 128.51
N GLU J 206 -39.28 1.94 127.76
CA GLU J 206 -40.68 1.75 128.08
C GLU J 206 -41.22 0.36 127.76
N ILE J 207 -40.60 -0.38 126.82
CA ILE J 207 -40.84 -1.82 126.66
C ILE J 207 -40.39 -2.65 127.88
N VAL J 208 -39.21 -2.40 128.50
CA VAL J 208 -38.87 -3.06 129.78
C VAL J 208 -39.68 -2.57 130.95
N ARG J 209 -40.20 -1.32 130.90
CA ARG J 209 -41.18 -0.88 131.86
C ARG J 209 -42.46 -1.73 131.81
N ASP J 210 -43.02 -2.01 130.60
CA ASP J 210 -44.16 -2.91 130.37
C ASP J 210 -43.88 -4.36 130.82
N ILE J 211 -42.65 -4.88 130.57
CA ILE J 211 -42.23 -6.20 131.05
C ILE J 211 -42.33 -6.30 132.55
N LYS J 212 -41.74 -5.31 133.22
CA LYS J 212 -41.66 -5.22 134.65
C LYS J 212 -43.01 -5.01 135.34
N GLU J 213 -43.95 -4.29 134.69
CA GLU J 213 -45.34 -4.12 135.06
C GLU J 213 -46.15 -5.41 135.09
N LYS J 214 -45.73 -6.50 134.40
CA LYS J 214 -46.39 -7.78 134.56
C LYS J 214 -45.47 -8.94 134.94
N LEU J 215 -44.31 -9.15 134.28
CA LEU J 215 -43.54 -10.35 134.52
C LEU J 215 -42.91 -10.38 135.89
N CYS J 216 -42.31 -9.26 136.33
CA CYS J 216 -41.61 -9.16 137.60
C CYS J 216 -42.45 -9.51 138.83
N TYR J 217 -41.85 -10.17 139.83
CA TYR J 217 -42.52 -10.40 141.08
C TYR J 217 -41.48 -10.35 142.17
N VAL J 218 -41.90 -10.29 143.44
CA VAL J 218 -40.99 -10.29 144.57
C VAL J 218 -40.94 -11.64 145.24
N ALA J 219 -39.73 -12.19 145.44
CA ALA J 219 -39.49 -13.40 146.17
C ALA J 219 -39.87 -13.38 147.65
N LEU J 220 -40.55 -14.44 148.13
CA LEU J 220 -40.88 -14.61 149.53
C LEU J 220 -39.69 -15.11 150.30
N ASP J 221 -38.68 -15.63 149.60
CA ASP J 221 -37.33 -15.55 150.07
C ASP J 221 -36.47 -15.47 148.82
N PHE J 222 -35.53 -14.50 148.73
CA PHE J 222 -34.72 -14.21 147.56
C PHE J 222 -33.76 -15.36 147.27
N GLU J 223 -32.98 -15.81 148.27
CA GLU J 223 -31.99 -16.86 148.12
C GLU J 223 -32.60 -18.18 147.74
N ASN J 224 -33.73 -18.55 148.35
CA ASN J 224 -34.48 -19.76 148.01
C ASN J 224 -34.94 -19.77 146.57
N GLU J 225 -35.53 -18.65 146.08
CA GLU J 225 -35.93 -18.53 144.69
C GLU J 225 -34.77 -18.47 143.70
N MET J 226 -33.66 -17.81 144.07
CA MET J 226 -32.42 -17.86 143.32
C MET J 226 -31.72 -19.21 143.26
N ALA J 227 -31.79 -20.01 144.35
CA ALA J 227 -31.38 -21.40 144.34
C ALA J 227 -32.22 -22.30 143.41
N THR J 228 -33.56 -22.16 143.41
CA THR J 228 -34.45 -22.97 142.53
C THR J 228 -34.40 -22.47 141.08
N ALA J 229 -33.81 -21.28 140.79
CA ALA J 229 -33.42 -20.90 139.44
C ALA J 229 -32.37 -21.77 138.75
N ALA J 230 -31.68 -22.70 139.49
CA ALA J 230 -30.87 -23.73 138.87
C ALA J 230 -31.66 -24.70 137.99
N SER J 231 -32.85 -25.15 138.45
CA SER J 231 -33.75 -25.96 137.67
C SER J 231 -34.83 -25.08 137.05
N SER J 232 -34.51 -24.44 135.91
CA SER J 232 -35.44 -23.50 135.30
C SER J 232 -36.64 -24.16 134.68
N SER J 233 -37.83 -23.82 135.20
CA SER J 233 -39.10 -24.32 134.71
C SER J 233 -40.12 -23.19 134.73
N SER J 234 -40.64 -22.84 135.92
CA SER J 234 -41.69 -21.81 136.02
C SER J 234 -41.16 -20.39 136.10
N LEU J 235 -39.87 -20.23 136.40
CA LEU J 235 -39.24 -18.95 136.62
C LEU J 235 -38.91 -18.25 135.33
N GLU J 236 -38.75 -19.02 134.23
CA GLU J 236 -38.65 -18.47 132.91
C GLU J 236 -40.03 -18.11 132.41
N LYS J 237 -40.15 -16.97 131.73
CA LYS J 237 -41.32 -16.63 130.99
C LYS J 237 -40.87 -16.07 129.69
N SER J 238 -41.50 -16.57 128.62
CA SER J 238 -41.51 -16.00 127.29
C SER J 238 -42.26 -14.67 127.30
N TYR J 239 -41.67 -13.63 126.72
CA TYR J 239 -42.25 -12.34 126.49
C TYR J 239 -42.11 -12.01 125.02
N GLU J 240 -43.16 -11.44 124.41
CA GLU J 240 -43.21 -11.02 123.04
C GLU J 240 -42.90 -9.53 122.95
N LEU J 241 -41.90 -9.11 122.17
CA LEU J 241 -41.66 -7.70 121.88
C LEU J 241 -42.57 -7.22 120.76
N PRO J 242 -42.86 -5.93 120.62
CA PRO J 242 -43.57 -5.40 119.45
C PRO J 242 -42.84 -5.62 118.12
N ASP J 243 -41.51 -5.82 118.13
CA ASP J 243 -40.70 -6.23 116.99
C ASP J 243 -41.12 -7.63 116.47
N GLY J 244 -41.55 -8.54 117.37
CA GLY J 244 -41.81 -9.95 117.07
C GLY J 244 -40.68 -10.82 117.56
N GLN J 245 -39.66 -10.19 118.15
CA GLN J 245 -38.65 -10.87 118.93
C GLN J 245 -39.16 -11.40 120.27
N VAL J 246 -38.67 -12.57 120.69
CA VAL J 246 -39.10 -13.24 121.89
C VAL J 246 -37.97 -13.14 122.87
N ILE J 247 -38.31 -12.83 124.13
CA ILE J 247 -37.41 -12.67 125.25
C ILE J 247 -37.79 -13.71 126.27
N THR J 248 -36.79 -14.36 126.89
CA THR J 248 -37.01 -15.44 127.85
C THR J 248 -36.25 -15.08 129.10
N ILE J 249 -36.94 -14.74 130.21
CA ILE J 249 -36.33 -14.17 131.41
C ILE J 249 -36.55 -15.06 132.62
N GLY J 250 -35.44 -15.52 133.26
CA GLY J 250 -35.47 -16.48 134.37
C GLY J 250 -35.39 -15.81 135.71
N ASN J 251 -34.26 -15.98 136.43
CA ASN J 251 -34.03 -15.43 137.76
C ASN J 251 -33.93 -13.92 137.84
N GLU J 252 -33.51 -13.35 136.71
CA GLU J 252 -33.43 -11.94 136.35
C GLU J 252 -34.73 -11.22 136.60
N ARG J 253 -35.87 -11.91 136.35
CA ARG J 253 -37.20 -11.42 136.65
C ARG J 253 -37.43 -10.98 138.11
N PHE J 254 -37.17 -11.84 139.13
CA PHE J 254 -37.57 -11.51 140.49
C PHE J 254 -36.50 -10.75 141.25
N ARG J 255 -35.23 -10.77 140.78
CA ARG J 255 -34.22 -9.97 141.42
C ARG J 255 -34.25 -8.50 141.04
N CYS J 256 -35.04 -8.10 140.00
CA CYS J 256 -35.31 -6.68 139.80
C CYS J 256 -36.14 -6.07 140.94
N PRO J 257 -37.29 -6.54 141.41
CA PRO J 257 -37.93 -5.91 142.57
C PRO J 257 -37.19 -6.11 143.88
N GLU J 258 -36.28 -7.10 143.97
CA GLU J 258 -35.44 -7.38 145.14
C GLU J 258 -34.60 -6.17 145.52
N THR J 259 -34.22 -5.33 144.54
CA THR J 259 -33.52 -4.05 144.73
C THR J 259 -34.16 -3.12 145.76
N LEU J 260 -35.51 -3.14 145.91
CA LEU J 260 -36.20 -2.37 146.95
C LEU J 260 -35.80 -2.75 148.36
N PHE J 261 -35.43 -4.03 148.57
CA PHE J 261 -35.07 -4.62 149.83
C PHE J 261 -33.56 -4.79 149.95
N GLN J 262 -32.81 -4.56 148.85
CA GLN J 262 -31.36 -4.65 148.79
C GLN J 262 -30.80 -3.54 147.87
N PRO J 263 -30.76 -2.26 148.26
CA PRO J 263 -30.23 -1.18 147.42
C PRO J 263 -28.73 -1.25 147.27
N SER J 264 -28.02 -2.21 147.86
CA SER J 264 -26.66 -2.55 147.52
C SER J 264 -26.50 -3.04 146.07
N PHE J 265 -27.56 -3.63 145.46
CA PHE J 265 -27.63 -4.01 144.06
C PHE J 265 -27.60 -2.84 143.10
N ILE J 266 -28.30 -1.74 143.47
CA ILE J 266 -28.23 -0.49 142.72
C ILE J 266 -26.93 0.28 143.02
N GLY J 267 -26.30 0.02 144.19
CA GLY J 267 -25.03 0.64 144.63
C GLY J 267 -25.23 1.77 145.59
N MET J 268 -26.47 1.98 146.07
CA MET J 268 -26.78 2.98 147.06
C MET J 268 -26.75 2.38 148.45
N GLU J 269 -26.22 3.13 149.44
CA GLU J 269 -26.18 2.70 150.81
C GLU J 269 -27.53 2.72 151.50
N SER J 270 -28.37 3.71 151.07
CA SER J 270 -29.71 3.97 151.58
C SER J 270 -30.51 2.73 151.82
N ALA J 271 -31.01 2.53 153.05
CA ALA J 271 -31.56 1.26 153.46
C ALA J 271 -32.75 0.77 152.64
N GLY J 272 -32.98 -0.56 152.58
CA GLY J 272 -34.17 -1.12 151.95
C GLY J 272 -35.46 -0.58 152.53
N ILE J 273 -36.56 -0.74 151.77
CA ILE J 273 -37.83 -0.12 152.10
C ILE J 273 -38.46 -0.56 153.43
N HIS J 274 -38.19 -1.78 153.91
CA HIS J 274 -38.62 -2.27 155.20
C HIS J 274 -37.86 -1.64 156.36
N GLU J 275 -36.51 -1.48 156.25
CA GLU J 275 -35.72 -0.71 157.21
C GLU J 275 -36.06 0.77 157.21
N THR J 276 -36.39 1.40 156.05
CA THR J 276 -36.90 2.78 156.03
C THR J 276 -38.19 2.94 156.79
N THR J 277 -39.12 1.96 156.68
CA THR J 277 -40.35 1.91 157.48
C THR J 277 -40.06 1.79 158.97
N TYR J 278 -39.07 0.96 159.38
CA TYR J 278 -38.57 0.90 160.75
C TYR J 278 -37.98 2.24 161.19
N ASN J 279 -37.18 2.90 160.34
CA ASN J 279 -36.59 4.21 160.58
C ASN J 279 -37.65 5.29 160.84
N SER J 280 -38.76 5.29 160.05
CA SER J 280 -39.91 6.15 160.30
C SER J 280 -40.64 5.84 161.60
N ILE J 281 -40.99 4.55 161.87
CA ILE J 281 -41.68 4.10 163.09
C ILE J 281 -40.88 4.32 164.37
N MET J 282 -39.55 4.09 164.34
CA MET J 282 -38.62 4.39 165.42
C MET J 282 -38.50 5.86 165.76
N LYS J 283 -38.66 6.75 164.77
CA LYS J 283 -38.67 8.17 165.05
C LYS J 283 -39.97 8.65 165.69
N CYS J 284 -41.04 7.83 165.64
CA CYS J 284 -42.30 8.16 166.26
C CYS J 284 -42.28 7.89 167.75
N ASP J 285 -43.22 8.51 168.48
CA ASP J 285 -43.42 8.30 169.90
C ASP J 285 -43.75 6.84 170.23
N ILE J 286 -43.29 6.37 171.41
CA ILE J 286 -43.39 4.97 171.84
C ILE J 286 -44.84 4.46 171.81
N ASP J 287 -45.80 5.27 172.31
CA ASP J 287 -47.19 4.95 172.52
C ASP J 287 -47.91 4.51 171.23
N ILE J 288 -47.72 5.27 170.13
CA ILE J 288 -48.50 5.04 168.94
C ILE J 288 -48.00 3.87 168.12
N ARG J 289 -46.74 3.44 168.31
CA ARG J 289 -46.11 2.49 167.41
C ARG J 289 -46.88 1.19 167.18
N LYS J 290 -47.64 0.72 168.19
CA LYS J 290 -48.46 -0.47 168.14
C LYS J 290 -49.42 -0.54 166.95
N ASP J 291 -50.09 0.58 166.59
CA ASP J 291 -51.05 0.57 165.51
C ASP J 291 -50.34 0.86 164.19
N LEU J 292 -49.23 1.61 164.17
CA LEU J 292 -48.41 1.84 162.98
C LEU J 292 -47.79 0.59 162.40
N TYR J 293 -47.32 -0.31 163.27
CA TYR J 293 -46.97 -1.66 162.91
C TYR J 293 -48.14 -2.43 162.30
N ALA J 294 -49.36 -2.31 162.85
CA ALA J 294 -50.51 -3.05 162.39
C ALA J 294 -51.34 -2.37 161.28
N ASN J 295 -50.98 -1.15 160.82
CA ASN J 295 -51.79 -0.36 159.89
C ASN J 295 -50.89 0.23 158.82
N ASN J 296 -49.82 -0.47 158.41
CA ASN J 296 -49.03 -0.11 157.24
C ASN J 296 -49.85 -0.15 155.95
N VAL J 297 -49.91 0.97 155.21
CA VAL J 297 -50.66 1.12 153.97
C VAL J 297 -49.64 1.24 152.86
N MET J 298 -49.71 0.39 151.85
CA MET J 298 -48.96 0.55 150.63
C MET J 298 -49.75 1.33 149.60
N SER J 299 -49.09 2.27 148.92
CA SER J 299 -49.69 3.04 147.85
C SER J 299 -48.72 3.14 146.71
N GLY J 300 -49.23 3.62 145.55
CA GLY J 300 -48.43 3.97 144.40
C GLY J 300 -48.31 2.87 143.39
N GLY J 301 -47.65 3.17 142.26
CA GLY J 301 -47.54 2.19 141.18
C GLY J 301 -46.51 1.11 141.38
N THR J 302 -45.42 1.34 142.13
CA THR J 302 -44.33 0.35 142.25
C THR J 302 -44.50 -0.47 143.53
N THR J 303 -45.68 -0.41 144.20
CA THR J 303 -46.12 -1.42 145.17
C THR J 303 -47.06 -2.41 144.51
N MET J 304 -47.25 -2.36 143.18
CA MET J 304 -48.13 -3.30 142.52
C MET J 304 -47.58 -4.71 142.34
N TYR J 305 -46.25 -4.94 142.39
CA TYR J 305 -45.66 -6.26 142.14
C TYR J 305 -46.25 -7.36 143.01
N PRO J 306 -46.61 -8.53 142.50
CA PRO J 306 -47.05 -9.66 143.30
C PRO J 306 -46.05 -10.07 144.38
N GLY J 307 -46.52 -10.25 145.64
CA GLY J 307 -45.70 -10.74 146.75
C GLY J 307 -44.95 -9.68 147.52
N ILE J 308 -45.06 -8.36 147.18
CA ILE J 308 -44.43 -7.29 147.99
C ILE J 308 -44.93 -7.26 149.42
N ALA J 309 -46.28 -7.36 149.61
CA ALA J 309 -46.93 -7.31 150.90
C ALA J 309 -46.47 -8.39 151.85
N ASP J 310 -46.36 -9.64 151.36
CA ASP J 310 -45.86 -10.79 152.07
C ASP J 310 -44.39 -10.65 152.47
N ARG J 311 -43.54 -10.16 151.54
CA ARG J 311 -42.13 -9.91 151.84
C ARG J 311 -41.92 -8.83 152.90
N MET J 312 -42.64 -7.69 152.81
CA MET J 312 -42.62 -6.65 153.82
C MET J 312 -43.10 -7.14 155.17
N GLN J 313 -44.17 -7.97 155.18
CA GLN J 313 -44.68 -8.59 156.39
C GLN J 313 -43.68 -9.48 157.06
N LYS J 314 -43.01 -10.37 156.30
CA LYS J 314 -42.01 -11.25 156.87
C LYS J 314 -40.79 -10.50 157.44
N GLU J 315 -40.30 -9.45 156.72
CA GLU J 315 -39.15 -8.67 157.16
C GLU J 315 -39.44 -7.76 158.32
N ILE J 316 -40.55 -7.01 158.30
CA ILE J 316 -40.93 -6.17 159.42
C ILE J 316 -41.25 -6.98 160.67
N THR J 317 -41.98 -8.12 160.54
CA THR J 317 -42.19 -9.07 161.64
C THR J 317 -40.90 -9.66 162.19
N ALA J 318 -39.92 -10.01 161.31
CA ALA J 318 -38.61 -10.48 161.74
C ALA J 318 -37.78 -9.47 162.53
N LEU J 319 -37.77 -8.18 162.09
CA LEU J 319 -37.08 -7.10 162.78
C LEU J 319 -37.76 -6.61 164.04
N ALA J 320 -39.10 -6.50 164.03
CA ALA J 320 -39.85 -5.89 165.11
C ALA J 320 -40.01 -6.82 166.31
N PRO J 321 -40.45 -6.34 167.47
CA PRO J 321 -41.03 -7.20 168.49
C PRO J 321 -42.17 -8.09 167.99
N SER J 322 -42.08 -9.43 168.16
CA SER J 322 -43.14 -10.38 167.82
C SER J 322 -44.22 -10.42 168.90
N THR J 323 -44.09 -9.51 169.90
CA THR J 323 -45.03 -9.17 170.96
C THR J 323 -46.33 -8.63 170.39
N MET J 324 -46.26 -7.91 169.27
CA MET J 324 -47.41 -7.35 168.60
C MET J 324 -47.50 -7.81 167.16
N LYS J 325 -48.74 -7.92 166.65
CA LYS J 325 -48.96 -8.44 165.33
C LYS J 325 -48.91 -7.37 164.25
N ILE J 326 -48.14 -7.66 163.19
CA ILE J 326 -47.84 -6.72 162.14
C ILE J 326 -48.78 -7.02 160.98
N LYS J 327 -49.92 -6.34 160.92
CA LYS J 327 -50.77 -6.38 159.77
C LYS J 327 -50.36 -5.34 158.75
N ILE J 328 -50.26 -5.71 157.48
CA ILE J 328 -50.03 -4.78 156.39
C ILE J 328 -51.30 -4.80 155.63
N ILE J 329 -51.84 -3.61 155.33
CA ILE J 329 -53.03 -3.46 154.54
C ILE J 329 -52.62 -2.85 153.22
N ALA J 330 -52.57 -3.69 152.18
CA ALA J 330 -52.20 -3.26 150.86
C ALA J 330 -53.36 -3.58 149.94
N PRO J 331 -54.24 -2.66 149.57
CA PRO J 331 -55.42 -2.99 148.78
C PRO J 331 -54.98 -3.31 147.35
N PRO J 332 -55.57 -4.21 146.55
CA PRO J 332 -55.64 -3.97 145.11
C PRO J 332 -56.37 -2.65 144.84
N GLU J 333 -56.08 -1.99 143.69
CA GLU J 333 -56.51 -0.63 143.39
C GLU J 333 -55.55 0.40 144.00
N ARG J 334 -54.51 -0.07 144.74
CA ARG J 334 -53.53 0.76 145.43
C ARG J 334 -52.75 1.72 144.55
N LYS J 335 -52.68 1.44 143.22
CA LYS J 335 -52.12 2.28 142.21
C LYS J 335 -52.80 3.65 142.14
N TYR J 336 -54.16 3.66 142.26
CA TYR J 336 -54.92 4.87 142.04
C TYR J 336 -55.27 5.51 143.36
N SER J 337 -54.75 5.00 144.50
CA SER J 337 -55.13 5.44 145.85
C SER J 337 -54.93 6.91 146.13
N VAL J 338 -53.85 7.52 145.62
CA VAL J 338 -53.62 8.96 145.70
C VAL J 338 -54.70 9.78 145.00
N TRP J 339 -55.10 9.40 143.76
CA TRP J 339 -56.16 10.09 143.03
C TRP J 339 -57.50 9.97 143.74
N ILE J 340 -57.85 8.76 144.23
CA ILE J 340 -59.08 8.52 145.00
C ILE J 340 -59.08 9.34 146.27
N GLY J 341 -57.92 9.45 146.94
CA GLY J 341 -57.78 10.34 148.09
C GLY J 341 -57.94 11.79 147.81
N GLY J 342 -57.59 12.21 146.59
CA GLY J 342 -57.86 13.55 146.10
C GLY J 342 -59.30 13.78 145.72
N SER J 343 -59.99 12.75 145.17
CA SER J 343 -61.42 12.77 144.87
C SER J 343 -62.25 12.97 146.11
N ILE J 344 -61.98 12.16 147.18
CA ILE J 344 -62.67 12.26 148.45
C ILE J 344 -62.42 13.61 149.12
N LEU J 345 -61.16 14.13 149.12
CA LEU J 345 -60.85 15.42 149.71
C LEU J 345 -61.58 16.62 149.14
N ALA J 346 -61.63 16.73 147.80
CA ALA J 346 -62.31 17.83 147.16
C ALA J 346 -63.84 17.69 147.23
N SER J 347 -64.37 16.46 147.43
CA SER J 347 -65.77 16.21 147.75
C SER J 347 -66.17 16.56 149.18
N LEU J 348 -65.21 16.63 150.12
CA LEU J 348 -65.46 17.09 151.48
C LEU J 348 -65.90 18.54 151.60
N SER J 349 -67.05 18.79 152.28
CA SER J 349 -67.66 20.09 152.39
C SER J 349 -66.82 21.14 153.10
N THR J 350 -66.18 20.76 154.24
CA THR J 350 -65.26 21.62 155.00
C THR J 350 -64.04 22.04 154.22
N PHE J 351 -63.48 21.12 153.39
CA PHE J 351 -62.33 21.35 152.55
C PHE J 351 -62.56 22.49 151.56
N GLN J 352 -63.83 22.71 151.13
CA GLN J 352 -64.20 23.82 150.29
C GLN J 352 -63.95 25.24 150.83
N GLN J 353 -63.54 25.40 152.11
CA GLN J 353 -63.05 26.65 152.62
C GLN J 353 -61.53 26.72 152.73
N MET J 354 -60.81 25.59 152.58
CA MET J 354 -59.37 25.52 152.78
C MET J 354 -58.63 25.61 151.46
N TRP J 355 -59.37 25.78 150.34
CA TRP J 355 -58.76 26.03 149.05
C TRP J 355 -57.91 27.28 149.05
N ILE J 356 -56.79 27.25 148.30
CA ILE J 356 -56.08 28.48 148.03
C ILE J 356 -56.89 29.20 146.98
N THR J 357 -57.49 30.37 147.30
CA THR J 357 -58.29 31.07 146.32
C THR J 357 -57.39 31.79 145.34
N LYS J 358 -57.87 32.06 144.12
CA LYS J 358 -57.20 32.92 143.18
C LYS J 358 -56.97 34.33 143.72
N GLN J 359 -57.98 34.89 144.42
CA GLN J 359 -57.90 36.18 145.06
C GLN J 359 -56.77 36.28 146.08
N GLU J 360 -56.66 35.30 147.01
CA GLU J 360 -55.65 35.24 148.04
C GLU J 360 -54.22 35.13 147.48
N TYR J 361 -54.05 34.36 146.39
CA TYR J 361 -52.83 34.36 145.58
C TYR J 361 -52.53 35.73 144.96
N ASP J 362 -53.51 36.41 144.33
CA ASP J 362 -53.30 37.68 143.65
C ASP J 362 -52.82 38.77 144.64
N GLU J 363 -53.40 38.85 145.87
CA GLU J 363 -52.90 39.69 146.94
C GLU J 363 -51.55 39.29 147.54
N ALA J 364 -51.36 38.00 147.89
CA ALA J 364 -50.27 37.64 148.78
C ALA J 364 -49.15 36.86 148.08
N GLY J 365 -49.28 36.58 146.77
CA GLY J 365 -48.25 35.98 145.94
C GLY J 365 -48.09 34.46 146.01
N PRO J 366 -47.14 33.90 145.24
CA PRO J 366 -46.96 32.46 145.12
C PRO J 366 -46.40 31.84 146.37
N SER J 367 -45.81 32.61 147.29
CA SER J 367 -45.11 32.07 148.45
C SER J 367 -46.04 31.50 149.52
N ILE J 368 -47.35 31.86 149.44
CA ILE J 368 -48.38 31.49 150.38
C ILE J 368 -48.74 30.03 150.42
N VAL J 369 -48.20 29.20 149.50
CA VAL J 369 -48.47 27.77 149.49
C VAL J 369 -48.15 27.15 150.83
N HIS J 370 -46.89 27.34 151.28
CA HIS J 370 -46.37 26.75 152.50
C HIS J 370 -47.01 27.32 153.77
N ARG J 371 -47.41 28.60 153.71
CA ARG J 371 -48.11 29.29 154.78
C ARG J 371 -49.50 28.75 155.11
N LYS J 372 -50.29 28.39 154.07
CA LYS J 372 -51.63 27.88 154.28
C LYS J 372 -51.68 26.37 154.39
N CYS J 373 -51.01 25.65 153.45
CA CYS J 373 -51.08 24.22 153.33
C CYS J 373 -49.82 23.55 153.84
N PHE J 374 -49.92 22.25 154.15
CA PHE J 374 -48.80 21.39 154.45
C PHE J 374 -48.05 20.92 153.15
N GLU K 1 11.13 -24.69 134.66
CA GLU K 1 11.31 -23.22 134.87
C GLU K 1 10.47 -22.72 136.02
N ASP K 2 10.79 -21.54 136.58
CA ASP K 2 10.06 -20.95 137.67
C ASP K 2 8.95 -20.11 137.10
N GLU K 3 7.80 -20.07 137.79
CA GLU K 3 6.61 -19.30 137.46
C GLU K 3 5.85 -19.68 136.19
N THR K 4 6.50 -20.46 135.28
CA THR K 4 5.94 -21.07 134.06
C THR K 4 5.68 -20.10 132.92
N THR K 5 6.07 -18.81 133.08
CA THR K 5 5.49 -17.64 132.38
C THR K 5 3.97 -17.57 132.51
N ALA K 6 3.27 -16.85 131.63
CA ALA K 6 1.85 -16.99 131.52
C ALA K 6 1.53 -16.43 130.16
N LEU K 7 0.33 -16.67 129.64
CA LEU K 7 -0.11 -16.17 128.35
C LEU K 7 -1.24 -15.21 128.53
N VAL K 8 -1.27 -14.17 127.67
CA VAL K 8 -2.28 -13.14 127.75
C VAL K 8 -2.80 -12.92 126.35
N CYS K 9 -4.14 -12.89 126.21
CA CYS K 9 -4.82 -12.56 124.98
C CYS K 9 -5.90 -11.52 125.22
N ASP K 10 -5.85 -10.40 124.48
CA ASP K 10 -6.94 -9.46 124.33
C ASP K 10 -7.66 -9.80 123.04
N ASN K 11 -8.97 -10.16 123.18
CA ASN K 11 -9.96 -10.21 122.13
C ASN K 11 -11.16 -9.37 122.50
N GLY K 12 -11.02 -8.03 122.47
CA GLY K 12 -12.08 -7.24 121.83
C GLY K 12 -12.22 -7.56 120.34
N SER K 13 -13.31 -7.16 119.65
CA SER K 13 -13.41 -7.31 118.18
C SER K 13 -12.27 -6.66 117.40
N GLY K 14 -11.94 -7.22 116.23
CA GLY K 14 -11.04 -6.54 115.31
C GLY K 14 -9.61 -7.00 115.38
N LEU K 15 -9.00 -7.11 116.57
CA LEU K 15 -7.60 -7.49 116.73
C LEU K 15 -7.43 -8.47 117.87
N VAL K 16 -6.65 -9.53 117.64
CA VAL K 16 -6.10 -10.35 118.69
C VAL K 16 -4.82 -9.69 119.07
N LYS K 17 -4.64 -9.36 120.35
CA LYS K 17 -3.35 -8.97 120.87
C LYS K 17 -2.92 -10.04 121.82
N ALA K 18 -1.80 -10.72 121.55
CA ALA K 18 -1.36 -11.85 122.33
C ALA K 18 0.14 -11.93 122.50
N GLY K 19 0.57 -12.53 123.60
CA GLY K 19 1.97 -12.66 123.87
C GLY K 19 2.14 -13.27 125.22
N PHE K 20 3.38 -13.26 125.72
CA PHE K 20 3.71 -13.70 127.05
C PHE K 20 3.40 -12.61 128.05
N ALA K 21 2.82 -12.99 129.20
CA ALA K 21 2.83 -12.23 130.41
C ALA K 21 4.25 -12.04 130.92
N GLY K 22 4.57 -10.84 131.45
CA GLY K 22 5.94 -10.54 131.88
C GLY K 22 6.77 -9.80 130.88
N ASP K 23 6.17 -9.39 129.75
CA ASP K 23 6.80 -8.58 128.73
C ASP K 23 5.99 -7.29 128.57
N ASP K 24 6.62 -6.20 128.12
CA ASP K 24 6.04 -4.87 127.94
C ASP K 24 5.20 -4.77 126.67
N ALA K 25 5.47 -5.62 125.66
CA ALA K 25 4.68 -5.61 124.44
C ALA K 25 4.29 -7.03 123.97
N PRO K 26 3.12 -7.19 123.32
CA PRO K 26 2.69 -8.48 122.80
C PRO K 26 3.57 -8.87 121.62
N ARG K 27 3.88 -10.17 121.47
CA ARG K 27 4.58 -10.67 120.30
C ARG K 27 3.74 -10.60 119.03
N ALA K 28 2.45 -10.98 119.14
CA ALA K 28 1.59 -11.13 117.99
C ALA K 28 0.38 -10.25 118.13
N VAL K 29 0.16 -9.41 117.11
CA VAL K 29 -1.03 -8.62 117.00
C VAL K 29 -1.50 -8.80 115.58
N PHE K 30 -2.75 -9.23 115.37
CA PHE K 30 -3.22 -9.46 114.02
C PHE K 30 -4.74 -9.27 113.99
N PRO K 31 -5.35 -9.03 112.84
CA PRO K 31 -6.80 -8.89 112.74
C PRO K 31 -7.58 -10.15 112.99
N SER K 32 -8.62 -10.08 113.82
CA SER K 32 -9.50 -11.19 114.16
C SER K 32 -10.49 -11.48 113.07
N ILE K 33 -10.05 -12.09 111.96
CA ILE K 33 -10.89 -12.28 110.80
C ILE K 33 -10.70 -13.68 110.32
N VAL K 34 -11.81 -14.28 109.87
CA VAL K 34 -11.86 -15.57 109.27
C VAL K 34 -12.37 -15.28 107.89
N GLY K 35 -11.51 -15.46 106.89
CA GLY K 35 -11.87 -15.19 105.52
C GLY K 35 -11.96 -16.43 104.69
N ARG K 36 -13.13 -16.63 104.05
CA ARG K 36 -13.44 -17.87 103.37
C ARG K 36 -13.39 -17.67 101.87
N PRO K 37 -12.75 -18.53 101.06
CA PRO K 37 -12.90 -18.53 99.61
C PRO K 37 -14.35 -18.62 99.15
N ARG K 38 -14.95 -17.47 98.81
CA ARG K 38 -16.28 -17.36 98.24
C ARG K 38 -16.31 -17.85 96.79
N HIS K 39 -15.27 -17.54 95.99
CA HIS K 39 -15.19 -17.94 94.60
C HIS K 39 -14.60 -19.32 94.53
N GLN K 40 -15.27 -20.26 93.82
CA GLN K 40 -14.70 -21.57 93.58
C GLN K 40 -13.44 -21.51 92.74
N GLY K 41 -12.35 -22.13 93.23
CA GLY K 41 -11.06 -22.08 92.56
C GLY K 41 -10.94 -23.13 91.51
N VAL K 42 -10.30 -22.82 90.37
CA VAL K 42 -10.10 -23.77 89.30
C VAL K 42 -8.64 -23.76 88.89
N MET K 43 -7.87 -24.65 89.50
CA MET K 43 -6.52 -24.98 89.18
C MET K 43 -6.40 -26.38 89.76
N VAL K 44 -5.18 -26.93 89.85
CA VAL K 44 -4.91 -28.15 90.61
C VAL K 44 -3.69 -27.79 91.44
N GLY K 45 -3.57 -28.30 92.69
CA GLY K 45 -2.44 -27.96 93.56
C GLY K 45 -2.56 -26.61 94.22
N MET K 46 -3.79 -26.16 94.43
CA MET K 46 -4.08 -25.06 95.32
C MET K 46 -4.43 -25.65 96.65
N GLY K 47 -3.98 -24.96 97.72
CA GLY K 47 -4.49 -25.07 99.08
C GLY K 47 -4.85 -26.46 99.61
N GLN K 48 -6.14 -26.88 99.64
CA GLN K 48 -7.32 -26.09 99.34
C GLN K 48 -7.50 -24.99 100.36
N LYS K 49 -7.38 -25.36 101.66
CA LYS K 49 -7.54 -24.50 102.82
C LYS K 49 -8.95 -23.89 102.88
N ASP K 50 -9.85 -24.48 103.71
CA ASP K 50 -11.25 -24.07 103.87
C ASP K 50 -11.41 -22.59 104.20
N SER K 51 -10.46 -22.03 104.95
CA SER K 51 -10.52 -20.66 105.37
C SER K 51 -9.15 -20.23 105.79
N TYR K 52 -8.92 -18.90 105.80
CA TYR K 52 -7.69 -18.23 106.17
C TYR K 52 -7.97 -17.37 107.38
N VAL K 53 -7.01 -17.26 108.29
CA VAL K 53 -7.18 -16.60 109.57
C VAL K 53 -6.04 -15.62 109.75
N GLY K 54 -6.29 -14.48 110.40
CA GLY K 54 -5.26 -13.52 110.71
C GLY K 54 -4.88 -12.62 109.57
N ASP K 55 -3.67 -12.06 109.54
CA ASP K 55 -3.18 -11.20 108.48
C ASP K 55 -2.88 -11.94 107.16
N GLU K 56 -2.91 -13.28 107.13
CA GLU K 56 -3.02 -14.10 105.93
C GLU K 56 -4.25 -13.73 105.07
N ALA K 57 -5.42 -13.52 105.74
CA ALA K 57 -6.67 -13.05 105.15
C ALA K 57 -6.56 -11.61 104.62
N GLN K 58 -5.81 -10.73 105.30
CA GLN K 58 -5.49 -9.39 104.83
C GLN K 58 -4.70 -9.38 103.53
N SER K 59 -3.69 -10.28 103.41
CA SER K 59 -2.88 -10.47 102.21
C SER K 59 -3.71 -11.00 101.04
N LYS K 60 -4.52 -12.04 101.28
CA LYS K 60 -5.38 -12.62 100.25
C LYS K 60 -6.79 -12.13 100.43
N ARG K 61 -7.04 -10.83 100.27
CA ARG K 61 -8.31 -10.25 100.64
C ARG K 61 -9.42 -10.39 99.61
N GLY K 62 -9.07 -10.24 98.31
CA GLY K 62 -10.04 -10.06 97.23
C GLY K 62 -10.88 -11.25 96.89
N ILE K 63 -10.32 -12.45 97.08
CA ILE K 63 -11.00 -13.73 96.93
C ILE K 63 -12.00 -13.97 98.02
N LEU K 64 -11.60 -13.63 99.25
CA LEU K 64 -12.24 -13.99 100.49
C LEU K 64 -13.46 -13.12 100.74
N THR K 65 -14.46 -13.71 101.38
CA THR K 65 -15.38 -12.93 102.16
C THR K 65 -14.85 -13.02 103.57
N LEU K 66 -14.80 -11.90 104.30
CA LEU K 66 -14.26 -11.84 105.64
C LEU K 66 -15.38 -11.75 106.63
N LYS K 67 -15.29 -12.55 107.69
CA LYS K 67 -16.25 -12.53 108.73
C LYS K 67 -15.52 -12.22 110.01
N TYR K 68 -15.86 -11.08 110.66
CA TYR K 68 -15.48 -10.81 112.03
C TYR K 68 -16.28 -11.77 112.92
N PRO K 69 -15.69 -12.56 113.82
CA PRO K 69 -16.44 -13.54 114.59
C PRO K 69 -16.95 -12.90 115.85
N ILE K 70 -16.42 -11.71 116.23
CA ILE K 70 -16.85 -11.00 117.42
C ILE K 70 -17.54 -9.74 116.96
N GLU K 71 -18.79 -9.52 117.37
CA GLU K 71 -19.49 -8.28 117.15
C GLU K 71 -20.02 -7.76 118.45
N HIS K 72 -19.72 -6.50 118.77
CA HIS K 72 -20.15 -5.79 119.96
C HIS K 72 -19.69 -6.40 121.27
N GLY K 73 -18.48 -7.02 121.25
CA GLY K 73 -17.93 -7.81 122.35
C GLY K 73 -18.51 -9.19 122.45
N ILE K 74 -19.46 -9.56 121.55
CA ILE K 74 -20.15 -10.84 121.56
C ILE K 74 -19.54 -11.72 120.50
N ILE K 75 -19.14 -12.96 120.83
CA ILE K 75 -18.77 -13.88 119.78
C ILE K 75 -20.01 -14.39 119.09
N THR K 76 -20.13 -14.08 117.78
CA THR K 76 -21.20 -14.54 116.90
C THR K 76 -21.02 -15.98 116.53
N ASN K 77 -19.77 -16.36 116.20
CA ASN K 77 -19.43 -17.68 115.75
C ASN K 77 -18.24 -18.26 116.52
N TRP K 78 -18.47 -19.38 117.23
CA TRP K 78 -17.53 -20.00 118.15
C TRP K 78 -16.39 -20.76 117.51
N ASP K 79 -16.66 -21.49 116.41
CA ASP K 79 -15.67 -22.25 115.65
C ASP K 79 -14.65 -21.28 115.06
N ASP K 80 -15.10 -20.17 114.48
CA ASP K 80 -14.29 -19.08 113.99
C ASP K 80 -13.38 -18.46 115.09
N MET K 81 -13.89 -18.23 116.33
CA MET K 81 -13.05 -17.83 117.48
C MET K 81 -12.02 -18.86 117.89
N GLU K 82 -12.40 -20.16 117.94
CA GLU K 82 -11.49 -21.25 118.20
C GLU K 82 -10.37 -21.31 117.18
N LYS K 83 -10.69 -21.16 115.87
CA LYS K 83 -9.71 -21.04 114.80
C LYS K 83 -8.74 -19.88 114.95
N ILE K 84 -9.24 -18.71 115.39
CA ILE K 84 -8.39 -17.58 115.71
C ILE K 84 -7.43 -17.85 116.85
N TRP K 85 -7.90 -18.41 117.96
CA TRP K 85 -7.02 -18.84 119.03
C TRP K 85 -6.09 -19.97 118.63
N HIS K 86 -6.52 -20.92 117.79
CA HIS K 86 -5.63 -21.94 117.26
C HIS K 86 -4.46 -21.36 116.46
N HIS K 87 -4.76 -20.34 115.62
CA HIS K 87 -3.80 -19.52 114.91
C HIS K 87 -2.85 -18.80 115.88
N THR K 88 -3.32 -18.12 116.99
CA THR K 88 -2.43 -17.43 117.95
C THR K 88 -1.37 -18.31 118.55
N PHE K 89 -1.81 -19.49 119.05
CA PHE K 89 -0.97 -20.37 119.80
C PHE K 89 -0.01 -21.14 118.93
N TYR K 90 -0.49 -21.73 117.82
CA TYR K 90 0.36 -22.56 116.99
C TYR K 90 1.07 -21.78 115.91
N ASN K 91 0.41 -20.86 115.19
CA ASN K 91 1.03 -20.12 114.09
C ASN K 91 2.03 -19.06 114.58
N GLU K 92 1.67 -18.24 115.60
CA GLU K 92 2.57 -17.19 116.08
C GLU K 92 3.40 -17.60 117.25
N LEU K 93 2.77 -17.91 118.40
CA LEU K 93 3.53 -18.00 119.64
C LEU K 93 4.29 -19.28 119.80
N ARG K 94 3.81 -20.36 119.16
CA ARG K 94 4.39 -21.68 119.11
C ARG K 94 4.50 -22.33 120.47
N VAL K 95 3.39 -22.29 121.21
CA VAL K 95 3.32 -22.72 122.58
C VAL K 95 2.37 -23.88 122.62
N ALA K 96 2.53 -24.79 123.59
CA ALA K 96 1.50 -25.72 123.97
C ALA K 96 0.72 -25.04 125.09
N PRO K 97 -0.58 -24.72 125.00
CA PRO K 97 -1.33 -24.12 126.11
C PRO K 97 -1.32 -24.97 127.38
N GLU K 98 -1.08 -26.30 127.34
CA GLU K 98 -0.87 -27.16 128.50
C GLU K 98 0.27 -26.69 129.41
N GLU K 99 1.24 -25.96 128.84
CA GLU K 99 2.42 -25.51 129.53
C GLU K 99 2.25 -24.09 130.05
N HIS K 100 1.09 -23.41 129.85
CA HIS K 100 0.98 -22.02 130.27
C HIS K 100 -0.38 -21.69 130.85
N PRO K 101 -0.57 -21.01 131.98
CA PRO K 101 -1.85 -20.37 132.30
C PRO K 101 -2.22 -19.24 131.34
N THR K 102 -3.49 -19.11 130.91
CA THR K 102 -3.90 -18.15 129.87
C THR K 102 -4.89 -17.14 130.39
N LEU K 103 -4.58 -15.84 130.31
CA LEU K 103 -5.46 -14.75 130.62
C LEU K 103 -6.22 -14.33 129.38
N LEU K 104 -7.53 -14.19 129.46
CA LEU K 104 -8.34 -13.59 128.44
C LEU K 104 -8.91 -12.31 128.98
N THR K 105 -8.96 -11.29 128.13
CA THR K 105 -9.75 -10.10 128.40
C THR K 105 -11.16 -10.32 127.94
N GLU K 106 -12.11 -9.52 128.46
CA GLU K 106 -13.48 -9.55 128.03
C GLU K 106 -14.13 -8.23 128.43
N ALA K 107 -15.20 -7.84 127.73
CA ALA K 107 -15.79 -6.52 127.87
C ALA K 107 -16.84 -6.40 128.99
N PRO K 108 -17.04 -5.30 129.71
CA PRO K 108 -18.14 -5.13 130.64
C PRO K 108 -19.56 -5.31 130.15
N LEU K 109 -20.45 -5.72 131.08
CA LEU K 109 -21.90 -5.84 130.89
C LEU K 109 -22.18 -6.81 129.77
N ASN K 110 -21.30 -7.79 129.61
CA ASN K 110 -21.31 -8.69 128.50
C ASN K 110 -22.11 -9.90 128.93
N PRO K 111 -23.00 -10.46 128.08
CA PRO K 111 -23.61 -11.76 128.29
C PRO K 111 -22.78 -12.81 128.99
N LYS K 112 -23.39 -13.50 129.96
CA LYS K 112 -22.77 -14.53 130.76
C LYS K 112 -22.24 -15.68 129.94
N ALA K 113 -22.98 -16.01 128.87
CA ALA K 113 -22.71 -17.06 127.92
C ALA K 113 -21.36 -16.90 127.24
N ASN K 114 -20.93 -15.67 126.91
CA ASN K 114 -19.58 -15.46 126.40
C ASN K 114 -18.51 -15.85 127.39
N ARG K 115 -18.57 -15.40 128.67
CA ARG K 115 -17.58 -15.79 129.67
C ARG K 115 -17.55 -17.29 129.95
N GLU K 116 -18.74 -17.90 130.15
CA GLU K 116 -18.93 -19.33 130.40
C GLU K 116 -18.58 -20.24 129.24
N LYS K 117 -18.94 -19.87 127.99
CA LYS K 117 -18.50 -20.60 126.82
C LYS K 117 -17.02 -20.40 126.49
N MET K 118 -16.45 -19.21 126.75
CA MET K 118 -15.05 -18.90 126.59
C MET K 118 -14.15 -19.78 127.46
N THR K 119 -14.55 -19.97 128.76
CA THR K 119 -13.92 -20.91 129.68
C THR K 119 -14.08 -22.35 129.29
N GLN K 120 -15.26 -22.75 128.82
CA GLN K 120 -15.55 -24.08 128.34
C GLN K 120 -14.62 -24.49 127.19
N ILE K 121 -14.43 -23.57 126.19
CA ILE K 121 -13.43 -23.77 125.14
C ILE K 121 -12.02 -23.79 125.66
N MET K 122 -11.63 -22.87 126.57
CA MET K 122 -10.26 -22.90 127.05
C MET K 122 -9.91 -24.18 127.77
N PHE K 123 -10.78 -24.76 128.59
CA PHE K 123 -10.48 -26.05 129.16
C PHE K 123 -10.63 -27.26 128.23
N GLU K 124 -11.69 -27.31 127.38
CA GLU K 124 -12.05 -28.50 126.63
C GLU K 124 -11.72 -28.44 125.15
N THR K 125 -10.89 -27.46 124.74
CA THR K 125 -10.35 -27.38 123.39
C THR K 125 -8.85 -27.37 123.49
N PHE K 126 -8.25 -26.29 124.02
CA PHE K 126 -6.80 -26.26 124.22
C PHE K 126 -6.53 -26.66 125.64
N ASN K 127 -6.16 -27.92 125.95
CA ASN K 127 -6.04 -28.31 127.35
C ASN K 127 -5.06 -27.37 128.09
N VAL K 128 -5.44 -26.78 129.25
CA VAL K 128 -4.69 -25.67 129.80
C VAL K 128 -4.72 -25.85 131.32
N PRO K 129 -3.67 -25.57 132.12
CA PRO K 129 -3.70 -25.77 133.57
C PRO K 129 -4.62 -24.81 134.27
N ALA K 130 -4.74 -23.58 133.75
CA ALA K 130 -5.50 -22.57 134.41
C ALA K 130 -5.78 -21.41 133.49
N MET K 131 -6.76 -20.59 133.86
CA MET K 131 -7.11 -19.45 133.05
C MET K 131 -7.76 -18.39 133.89
N TYR K 132 -7.99 -17.21 133.31
CA TYR K 132 -8.74 -16.19 133.95
C TYR K 132 -9.40 -15.40 132.84
N VAL K 133 -10.57 -14.80 133.11
CA VAL K 133 -11.24 -13.86 132.23
C VAL K 133 -11.30 -12.60 133.05
N ALA K 134 -10.92 -11.47 132.46
CA ALA K 134 -10.81 -10.23 133.17
C ALA K 134 -11.42 -9.10 132.40
N ILE K 135 -11.84 -8.05 133.11
CA ILE K 135 -12.50 -6.94 132.50
C ILE K 135 -11.53 -6.01 131.77
N GLN K 136 -11.80 -5.58 130.52
CA GLN K 136 -10.87 -4.77 129.72
C GLN K 136 -10.37 -3.47 130.36
N ALA K 137 -11.29 -2.70 130.96
CA ALA K 137 -11.01 -1.38 131.51
C ALA K 137 -10.08 -1.35 132.71
N VAL K 138 -10.22 -2.30 133.64
CA VAL K 138 -9.32 -2.46 134.77
C VAL K 138 -7.90 -2.78 134.35
N LEU K 139 -7.70 -3.63 133.32
CA LEU K 139 -6.39 -3.91 132.77
C LEU K 139 -5.70 -2.67 132.21
N SER K 140 -6.42 -1.80 131.45
CA SER K 140 -5.85 -0.55 130.97
C SER K 140 -5.43 0.39 132.10
N LEU K 141 -6.23 0.45 133.18
CA LEU K 141 -5.92 1.21 134.37
C LEU K 141 -4.60 0.77 135.04
N TYR K 142 -4.39 -0.57 135.19
CA TYR K 142 -3.14 -1.16 135.64
C TYR K 142 -1.97 -0.78 134.77
N ALA K 143 -2.15 -0.84 133.43
CA ALA K 143 -1.14 -0.47 132.46
C ALA K 143 -0.71 0.99 132.54
N SER K 144 -1.68 1.88 132.84
CA SER K 144 -1.41 3.29 133.08
C SER K 144 -0.77 3.57 134.42
N GLY K 145 -0.74 2.58 135.36
CA GLY K 145 -0.02 2.67 136.63
C GLY K 145 -0.71 3.50 137.67
N ARG K 146 -2.04 3.65 137.54
CA ARG K 146 -2.83 4.52 138.38
C ARG K 146 -3.79 3.66 139.17
N THR K 147 -4.16 4.06 140.39
CA THR K 147 -5.04 3.25 141.23
C THR K 147 -6.49 3.65 141.07
N THR K 148 -6.72 4.81 140.43
CA THR K 148 -7.97 5.54 140.38
C THR K 148 -8.08 6.16 139.02
N GLY K 149 -9.29 6.14 138.47
CA GLY K 149 -9.62 6.79 137.24
C GLY K 149 -10.90 6.30 136.72
N ILE K 150 -11.41 6.98 135.71
CA ILE K 150 -12.55 6.50 134.97
C ILE K 150 -12.01 6.09 133.65
N VAL K 151 -12.13 4.80 133.33
CA VAL K 151 -11.55 4.29 132.12
C VAL K 151 -12.59 4.28 131.03
N LEU K 152 -12.32 5.07 129.98
CA LEU K 152 -13.08 5.09 128.76
C LEU K 152 -12.41 4.10 127.83
N ASP K 153 -13.04 2.94 127.62
CA ASP K 153 -12.55 1.85 126.83
C ASP K 153 -13.41 1.93 125.59
N SER K 154 -12.76 2.13 124.43
CA SER K 154 -13.46 1.92 123.19
C SER K 154 -12.58 1.17 122.21
N GLY K 155 -12.99 -0.07 121.89
CA GLY K 155 -12.33 -0.87 120.88
C GLY K 155 -13.03 -0.81 119.54
N ASP K 156 -12.82 -1.84 118.71
CA ASP K 156 -13.60 -2.06 117.51
C ASP K 156 -14.89 -2.81 117.84
N GLY K 157 -14.96 -3.43 119.04
CA GLY K 157 -16.12 -4.16 119.50
C GLY K 157 -17.21 -3.26 119.99
N VAL K 158 -17.11 -2.73 121.23
CA VAL K 158 -18.09 -1.79 121.75
C VAL K 158 -17.28 -0.85 122.61
N THR K 159 -17.85 0.32 122.98
CA THR K 159 -17.41 1.29 123.97
C THR K 159 -17.96 0.96 125.35
N HIS K 160 -17.11 1.05 126.36
CA HIS K 160 -17.37 0.77 127.75
C HIS K 160 -16.76 1.84 128.61
N ASN K 161 -17.24 1.99 129.85
CA ASN K 161 -16.80 3.02 130.72
C ASN K 161 -16.88 2.41 132.11
N VAL K 162 -15.77 2.34 132.85
CA VAL K 162 -15.74 1.77 134.18
C VAL K 162 -15.07 2.79 135.10
N PRO K 163 -15.76 3.44 136.05
CA PRO K 163 -15.11 4.21 137.10
C PRO K 163 -14.56 3.31 138.16
N ILE K 164 -13.37 3.65 138.65
CA ILE K 164 -12.68 2.92 139.68
C ILE K 164 -12.22 3.96 140.67
N TYR K 165 -12.19 3.63 141.96
CA TYR K 165 -11.64 4.47 143.00
C TYR K 165 -10.85 3.63 143.98
N GLU K 166 -9.51 3.83 144.03
CA GLU K 166 -8.59 3.23 144.97
C GLU K 166 -8.59 1.71 144.89
N GLY K 167 -8.43 1.18 143.65
CA GLY K 167 -9.01 -0.12 143.35
C GLY K 167 -10.52 0.00 143.37
N TYR K 168 -11.23 -0.87 144.13
CA TYR K 168 -12.69 -1.02 144.13
C TYR K 168 -13.27 -1.05 142.72
N ALA K 169 -14.47 -0.51 142.49
CA ALA K 169 -15.21 -0.58 141.24
C ALA K 169 -16.64 -0.28 141.58
N LEU K 170 -17.40 0.33 140.66
CA LEU K 170 -18.78 0.67 140.93
C LEU K 170 -19.70 0.02 139.90
N PRO K 171 -20.39 -1.09 140.18
CA PRO K 171 -21.17 -1.83 139.20
C PRO K 171 -22.31 -1.05 138.56
N HIS K 172 -23.03 -0.22 139.34
CA HIS K 172 -24.13 0.62 138.90
C HIS K 172 -23.68 1.77 138.01
N ALA K 173 -22.44 2.27 138.25
CA ALA K 173 -21.85 3.36 137.52
C ALA K 173 -21.13 2.91 136.25
N ILE K 174 -20.88 1.60 136.04
CA ILE K 174 -20.39 1.07 134.76
C ILE K 174 -21.39 1.32 133.65
N MET K 175 -20.92 1.92 132.54
CA MET K 175 -21.73 2.21 131.39
C MET K 175 -21.14 1.54 130.18
N ARG K 176 -22.02 1.03 129.30
CA ARG K 176 -21.65 0.43 128.05
C ARG K 176 -22.47 1.14 127.00
N LEU K 177 -21.80 1.58 125.94
CA LEU K 177 -22.37 2.38 124.90
C LEU K 177 -22.10 1.72 123.57
N ASP K 178 -23.14 1.38 122.80
CA ASP K 178 -23.01 0.71 121.53
C ASP K 178 -22.59 1.71 120.44
N LEU K 179 -21.28 2.00 120.42
CA LEU K 179 -20.56 2.68 119.38
C LEU K 179 -19.25 1.97 119.32
N ALA K 180 -18.57 2.02 118.17
CA ALA K 180 -17.31 1.38 118.05
C ALA K 180 -16.53 1.94 116.88
N GLY K 181 -15.27 1.50 116.74
CA GLY K 181 -14.55 1.58 115.48
C GLY K 181 -15.31 1.02 114.30
N ARG K 182 -15.92 -0.16 114.40
CA ARG K 182 -16.66 -0.77 113.33
C ARG K 182 -17.88 0.03 112.84
N ASP K 183 -18.67 0.61 113.77
CA ASP K 183 -19.79 1.49 113.45
C ASP K 183 -19.34 2.81 112.78
N LEU K 184 -18.18 3.37 113.20
CA LEU K 184 -17.52 4.47 112.49
C LEU K 184 -17.08 4.10 111.08
N THR K 185 -16.57 2.88 110.86
CA THR K 185 -16.28 2.36 109.53
C THR K 185 -17.51 2.26 108.63
N ASP K 186 -18.65 1.72 109.13
CA ASP K 186 -19.92 1.64 108.42
C ASP K 186 -20.49 3.04 108.12
N TYR K 187 -20.41 4.00 109.07
CA TYR K 187 -20.70 5.41 108.81
C TYR K 187 -19.79 6.02 107.74
N LEU K 188 -18.48 5.72 107.80
CA LEU K 188 -17.51 6.26 106.88
C LEU K 188 -17.70 5.83 105.45
N MET K 189 -17.90 4.54 105.18
CA MET K 189 -18.18 4.09 103.83
C MET K 189 -19.50 4.62 103.30
N LYS K 190 -20.52 4.85 104.19
CA LYS K 190 -21.71 5.61 103.86
C LYS K 190 -21.49 7.08 103.52
N ILE K 191 -20.57 7.79 104.21
CA ILE K 191 -20.31 9.19 103.91
C ILE K 191 -19.32 9.37 102.75
N LEU K 192 -18.58 8.33 102.30
CA LEU K 192 -17.81 8.41 101.06
C LEU K 192 -18.68 8.40 99.81
N THR K 193 -19.88 7.80 99.86
CA THR K 193 -20.76 7.61 98.71
C THR K 193 -21.27 8.89 98.09
N GLU K 194 -21.45 9.97 98.90
CA GLU K 194 -21.85 11.29 98.44
C GLU K 194 -20.75 11.93 97.60
N ARG K 195 -19.49 11.45 97.73
CA ARG K 195 -18.38 11.93 96.95
C ARG K 195 -18.19 11.14 95.65
N GLY K 196 -18.91 10.00 95.50
CA GLY K 196 -18.89 9.13 94.33
C GLY K 196 -18.11 7.87 94.52
N TYR K 197 -17.36 7.72 95.64
CA TYR K 197 -16.60 6.52 95.90
C TYR K 197 -17.45 5.51 96.63
N SER K 198 -17.63 4.31 96.04
CA SER K 198 -18.59 3.35 96.54
C SER K 198 -17.87 2.10 96.88
N PHE K 199 -17.87 1.74 98.17
CA PHE K 199 -17.16 0.60 98.68
C PHE K 199 -18.22 -0.29 99.25
N VAL K 200 -18.49 -1.44 98.60
CA VAL K 200 -19.72 -2.18 98.78
C VAL K 200 -19.46 -3.50 99.45
N THR K 201 -18.19 -3.94 99.59
CA THR K 201 -17.86 -5.32 99.92
C THR K 201 -16.89 -5.33 101.08
N THR K 202 -16.76 -6.46 101.80
CA THR K 202 -15.93 -6.64 102.99
C THR K 202 -14.45 -6.33 102.83
N ALA K 203 -13.87 -6.71 101.68
CA ALA K 203 -12.50 -6.45 101.32
C ALA K 203 -12.11 -4.97 101.31
N GLU K 204 -12.89 -4.07 100.66
CA GLU K 204 -12.61 -2.65 100.68
C GLU K 204 -13.22 -1.93 101.87
N ARG K 205 -14.09 -2.60 102.65
CA ARG K 205 -14.49 -2.16 103.97
C ARG K 205 -13.32 -2.09 104.95
N GLU K 206 -12.37 -3.03 104.82
CA GLU K 206 -11.09 -2.94 105.50
C GLU K 206 -10.11 -1.93 104.91
N ILE K 207 -10.25 -1.58 103.60
CA ILE K 207 -9.57 -0.40 103.04
C ILE K 207 -10.05 0.92 103.64
N VAL K 208 -11.36 1.16 103.87
CA VAL K 208 -11.81 2.35 104.62
C VAL K 208 -11.49 2.29 106.09
N ARG K 209 -11.35 1.08 106.68
CA ARG K 209 -10.80 0.95 108.02
C ARG K 209 -9.37 1.49 108.09
N ASP K 210 -8.47 1.13 107.13
CA ASP K 210 -7.10 1.64 106.99
C ASP K 210 -7.06 3.16 106.76
N ILE K 211 -7.99 3.71 105.93
CA ILE K 211 -8.11 5.16 105.73
C ILE K 211 -8.38 5.88 107.02
N LYS K 212 -9.37 5.38 107.77
CA LYS K 212 -9.81 5.94 109.02
C LYS K 212 -8.79 5.83 110.15
N GLU K 213 -7.97 4.76 110.16
CA GLU K 213 -6.82 4.55 111.03
C GLU K 213 -5.70 5.58 110.87
N LYS K 214 -5.61 6.32 109.72
CA LYS K 214 -4.68 7.43 109.62
C LYS K 214 -5.29 8.75 109.23
N LEU K 215 -6.14 8.84 108.19
CA LEU K 215 -6.57 10.13 107.69
C LEU K 215 -7.48 10.85 108.65
N CYS K 216 -8.47 10.14 109.23
CA CYS K 216 -9.46 10.72 110.13
C CYS K 216 -8.88 11.42 111.36
N TYR K 217 -9.50 12.54 111.77
CA TYR K 217 -9.10 13.18 113.01
C TYR K 217 -10.36 13.77 113.61
N VAL K 218 -10.30 14.20 114.89
CA VAL K 218 -11.44 14.84 115.56
C VAL K 218 -11.25 16.34 115.63
N ALA K 219 -12.27 17.10 115.19
CA ALA K 219 -12.32 18.53 115.30
C ALA K 219 -12.33 19.09 116.72
N LEU K 220 -11.51 20.13 116.98
CA LEU K 220 -11.51 20.83 118.26
C LEU K 220 -12.66 21.81 118.34
N ASP K 221 -13.27 22.12 117.19
CA ASP K 221 -14.66 22.45 117.16
C ASP K 221 -15.18 21.99 115.81
N PHE K 222 -16.29 21.23 115.78
CA PHE K 222 -16.85 20.61 114.58
C PHE K 222 -17.34 21.65 113.58
N GLU K 223 -18.18 22.61 114.02
CA GLU K 223 -18.76 23.63 113.18
C GLU K 223 -17.72 24.54 112.57
N ASN K 224 -16.72 24.95 113.36
CA ASN K 224 -15.61 25.76 112.87
C ASN K 224 -14.81 25.07 111.78
N GLU K 225 -14.46 23.78 111.97
CA GLU K 225 -13.79 23.01 110.94
C GLU K 225 -14.64 22.71 109.71
N MET K 226 -15.94 22.45 109.89
CA MET K 226 -16.89 22.36 108.80
C MET K 226 -17.14 23.66 108.02
N ALA K 227 -17.11 24.83 108.70
CA ALA K 227 -17.09 26.12 108.04
C ALA K 227 -15.83 26.39 107.20
N THR K 228 -14.62 26.04 107.71
CA THR K 228 -13.37 26.24 106.96
C THR K 228 -13.20 25.18 105.86
N ALA K 229 -14.01 24.10 105.84
CA ALA K 229 -14.15 23.22 104.68
C ALA K 229 -14.70 23.88 103.40
N ALA K 230 -15.25 25.12 103.47
CA ALA K 230 -15.57 25.90 102.28
C ALA K 230 -14.34 26.25 101.43
N SER K 231 -13.23 26.66 102.08
CA SER K 231 -11.96 26.90 101.42
C SER K 231 -11.06 25.69 101.57
N SER K 232 -11.26 24.67 100.70
CA SER K 232 -10.53 23.43 100.83
C SER K 232 -9.07 23.55 100.47
N SER K 233 -8.18 23.28 101.46
CA SER K 233 -6.75 23.32 101.27
C SER K 233 -6.13 22.16 102.05
N SER K 234 -6.03 22.28 103.39
CA SER K 234 -5.39 21.25 104.21
C SER K 234 -6.29 20.10 104.61
N LEU K 235 -7.62 20.30 104.47
CA LEU K 235 -8.62 19.35 104.93
C LEU K 235 -8.81 18.23 103.94
N GLU K 236 -8.46 18.46 102.66
CA GLU K 236 -8.39 17.42 101.67
C GLU K 236 -7.09 16.65 101.85
N LYS K 237 -7.15 15.34 101.71
CA LYS K 237 -5.96 14.53 101.58
C LYS K 237 -6.22 13.54 100.52
N SER K 238 -5.24 13.42 99.61
CA SER K 238 -5.07 12.33 98.68
C SER K 238 -4.74 11.04 99.42
N TYR K 239 -5.45 9.96 99.10
CA TYR K 239 -5.22 8.62 99.57
C TYR K 239 -5.09 7.71 98.36
N GLU K 240 -4.13 6.78 98.40
CA GLU K 240 -3.86 5.81 97.37
C GLU K 240 -4.56 4.50 97.73
N LEU K 241 -5.41 3.95 96.86
CA LEU K 241 -5.96 2.61 97.04
C LEU K 241 -4.99 1.55 96.55
N PRO K 242 -5.04 0.29 97.00
CA PRO K 242 -4.25 -0.78 96.42
C PRO K 242 -4.54 -1.06 94.94
N ASP K 243 -5.72 -0.66 94.42
CA ASP K 243 -6.07 -0.67 93.01
C ASP K 243 -5.16 0.29 92.19
N GLY K 244 -4.71 1.42 92.80
CA GLY K 244 -4.00 2.50 92.11
C GLY K 244 -4.91 3.67 91.83
N GLN K 245 -6.19 3.52 92.22
CA GLN K 245 -7.11 4.62 92.31
C GLN K 245 -6.82 5.58 93.45
N VAL K 246 -7.06 6.88 93.23
CA VAL K 246 -6.76 7.92 94.17
C VAL K 246 -8.07 8.45 94.68
N ILE K 247 -8.16 8.67 95.99
CA ILE K 247 -9.32 9.15 96.72
C ILE K 247 -8.92 10.46 97.34
N THR K 248 -9.80 11.46 97.31
CA THR K 248 -9.53 12.79 97.83
C THR K 248 -10.64 13.14 98.78
N ILE K 249 -10.37 13.20 100.10
CA ILE K 249 -11.39 13.32 101.14
C ILE K 249 -11.25 14.60 101.94
N GLY K 250 -12.29 15.46 101.95
CA GLY K 250 -12.26 16.78 102.58
C GLY K 250 -12.86 16.79 103.96
N ASN K 251 -14.03 17.42 104.13
CA ASN K 251 -14.72 17.55 105.41
C ASN K 251 -15.28 16.26 105.99
N GLU K 252 -15.54 15.33 105.07
CA GLU K 252 -15.94 13.95 105.24
C GLU K 252 -14.98 13.19 106.16
N ARG K 253 -13.68 13.52 106.09
CA ARG K 253 -12.67 13.01 106.97
C ARG K 253 -12.93 13.21 108.48
N PHE K 254 -13.19 14.46 108.97
CA PHE K 254 -13.25 14.69 110.41
C PHE K 254 -14.64 14.51 110.97
N ARG K 255 -15.69 14.53 110.12
CA ARG K 255 -17.01 14.25 110.62
C ARG K 255 -17.31 12.78 110.83
N CYS K 256 -16.45 11.85 110.35
CA CYS K 256 -16.55 10.47 110.79
C CYS K 256 -16.23 10.28 112.27
N PRO K 257 -15.15 10.73 112.91
CA PRO K 257 -15.02 10.56 114.36
C PRO K 257 -15.96 11.42 115.17
N GLU K 258 -16.55 12.48 114.58
CA GLU K 258 -17.53 13.38 115.20
C GLU K 258 -18.75 12.60 115.69
N THR K 259 -19.11 11.49 115.01
CA THR K 259 -20.16 10.54 115.39
C THR K 259 -20.09 10.07 116.84
N LEU K 260 -18.88 9.93 117.43
CA LEU K 260 -18.70 9.59 118.85
C LEU K 260 -19.33 10.61 119.80
N PHE K 261 -19.35 11.89 119.39
CA PHE K 261 -19.82 13.02 120.15
C PHE K 261 -21.20 13.46 119.67
N GLN K 262 -21.69 12.90 118.54
CA GLN K 262 -22.99 13.18 117.96
C GLN K 262 -23.60 11.89 117.39
N PRO K 263 -24.11 10.92 118.16
CA PRO K 263 -24.71 9.69 117.65
C PRO K 263 -26.03 9.93 116.97
N SER K 264 -26.56 11.14 116.90
CA SER K 264 -27.64 11.52 116.01
C SER K 264 -27.28 11.35 114.53
N PHE K 265 -25.98 11.44 114.15
CA PHE K 265 -25.46 11.16 112.81
C PHE K 265 -25.59 9.71 112.40
N ILE K 266 -25.35 8.78 113.35
CA ILE K 266 -25.58 7.36 113.12
C ILE K 266 -27.08 7.01 113.23
N GLY K 267 -27.88 7.85 113.95
CA GLY K 267 -29.33 7.69 114.11
C GLY K 267 -29.72 7.07 115.42
N MET K 268 -28.75 6.91 116.33
CA MET K 268 -28.99 6.39 117.66
C MET K 268 -29.19 7.53 118.64
N GLU K 269 -30.14 7.38 119.58
CA GLU K 269 -30.38 8.36 120.61
C GLU K 269 -29.31 8.42 121.67
N SER K 270 -28.71 7.23 121.95
CA SER K 270 -27.67 7.00 122.94
C SER K 270 -26.64 8.08 122.96
N ALA K 271 -26.41 8.71 124.13
CA ALA K 271 -25.64 9.93 124.21
C ALA K 271 -24.20 9.82 123.74
N GLY K 272 -23.59 10.93 123.28
CA GLY K 272 -22.18 10.98 122.94
C GLY K 272 -21.28 10.53 124.08
N ILE K 273 -20.03 10.18 123.75
CA ILE K 273 -19.10 9.57 124.68
C ILE K 273 -18.72 10.43 125.90
N HIS K 274 -18.75 11.77 125.78
CA HIS K 274 -18.52 12.69 126.87
C HIS K 274 -19.70 12.76 127.83
N GLU K 275 -20.97 12.78 127.34
CA GLU K 275 -22.16 12.64 128.19
C GLU K 275 -22.27 11.27 128.83
N THR K 276 -21.85 10.16 128.17
CA THR K 276 -21.77 8.84 128.82
C THR K 276 -20.80 8.84 129.99
N THR K 277 -19.63 9.49 129.85
CA THR K 277 -18.67 9.70 130.95
C THR K 277 -19.28 10.50 132.10
N TYR K 278 -20.05 11.58 131.81
CA TYR K 278 -20.84 12.29 132.81
C TYR K 278 -21.87 11.39 133.48
N ASN K 279 -22.61 10.57 132.71
CA ASN K 279 -23.58 9.61 133.18
C ASN K 279 -22.96 8.58 134.16
N SER K 280 -21.75 8.06 133.86
CA SER K 280 -20.98 7.23 134.78
C SER K 280 -20.54 7.95 136.05
N ILE K 281 -19.93 9.16 135.94
CA ILE K 281 -19.45 9.97 137.06
C ILE K 281 -20.57 10.45 137.98
N MET K 282 -21.73 10.86 137.41
CA MET K 282 -22.93 11.20 138.14
C MET K 282 -23.55 10.07 138.93
N LYS K 283 -23.42 8.83 138.45
CA LYS K 283 -23.88 7.69 139.20
C LYS K 283 -22.98 7.33 140.38
N CYS K 284 -21.74 7.86 140.41
CA CYS K 284 -20.80 7.65 141.49
C CYS K 284 -21.12 8.54 142.68
N ASP K 285 -20.61 8.15 143.87
CA ASP K 285 -20.72 8.92 145.08
C ASP K 285 -20.08 10.31 144.95
N ILE K 286 -20.65 11.31 145.65
CA ILE K 286 -20.26 12.72 145.54
C ILE K 286 -18.77 12.94 145.84
N ASP K 287 -18.24 12.27 146.89
CA ASP K 287 -16.91 12.43 147.43
C ASP K 287 -15.79 12.15 146.39
N ILE K 288 -15.91 11.02 145.65
CA ILE K 288 -14.83 10.59 144.80
C ILE K 288 -14.77 11.35 143.50
N ARG K 289 -15.86 12.02 143.07
CA ARG K 289 -15.94 12.57 141.73
C ARG K 289 -14.81 13.49 141.33
N LYS K 290 -14.22 14.23 142.29
CA LYS K 290 -13.10 15.14 142.10
C LYS K 290 -11.91 14.54 141.38
N ASP K 291 -11.51 13.28 141.70
CA ASP K 291 -10.36 12.66 141.08
C ASP K 291 -10.77 11.95 139.80
N LEU K 292 -12.02 11.45 139.68
CA LEU K 292 -12.54 10.87 138.44
C LEU K 292 -12.62 11.82 137.27
N TYR K 293 -13.01 13.06 137.55
CA TYR K 293 -12.87 14.17 136.62
C TYR K 293 -11.41 14.40 136.21
N ALA K 294 -10.46 14.34 137.16
CA ALA K 294 -9.07 14.62 136.89
C ALA K 294 -8.21 13.40 136.45
N ASN K 295 -8.78 12.18 136.36
CA ASN K 295 -8.03 10.95 136.13
C ASN K 295 -8.76 10.10 135.09
N ASN K 296 -9.45 10.71 134.12
CA ASN K 296 -10.00 10.01 132.97
C ASN K 296 -8.91 9.36 132.11
N VAL K 297 -9.00 8.04 131.92
CA VAL K 297 -8.04 7.25 131.14
C VAL K 297 -8.75 6.82 129.88
N MET K 298 -8.18 7.14 128.71
CA MET K 298 -8.63 6.58 127.46
C MET K 298 -7.87 5.31 127.12
N SER K 299 -8.58 4.28 126.64
CA SER K 299 -7.97 3.05 126.19
C SER K 299 -8.63 2.61 124.91
N GLY K 300 -8.01 1.61 124.26
CA GLY K 300 -8.57 0.93 123.12
C GLY K 300 -8.11 1.49 121.80
N GLY K 301 -8.53 0.84 120.70
CA GLY K 301 -8.09 1.25 119.37
C GLY K 301 -8.78 2.45 118.80
N THR K 302 -10.04 2.76 119.17
CA THR K 302 -10.80 3.85 118.55
C THR K 302 -10.73 5.12 119.41
N THR K 303 -9.81 5.17 120.41
CA THR K 303 -9.34 6.41 121.04
C THR K 303 -8.04 6.86 120.43
N MET K 304 -7.55 6.19 119.36
CA MET K 304 -6.31 6.62 118.75
C MET K 304 -6.36 7.87 117.89
N TYR K 305 -7.55 8.31 117.40
CA TYR K 305 -7.65 9.46 116.50
C TYR K 305 -7.00 10.73 117.07
N PRO K 306 -6.20 11.48 116.31
CA PRO K 306 -5.68 12.76 116.75
C PRO K 306 -6.75 13.76 117.19
N GLY K 307 -6.58 14.38 118.38
CA GLY K 307 -7.46 15.43 118.89
C GLY K 307 -8.66 14.94 119.69
N ILE K 308 -8.84 13.61 119.91
CA ILE K 308 -9.93 13.10 120.77
C ILE K 308 -9.83 13.62 122.20
N ALA K 309 -8.61 13.57 122.79
CA ALA K 309 -8.34 13.99 124.16
C ALA K 309 -8.68 15.44 124.42
N ASP K 310 -8.30 16.34 123.51
CA ASP K 310 -8.62 17.75 123.54
C ASP K 310 -10.11 18.03 123.44
N ARG K 311 -10.82 17.34 122.52
CA ARG K 311 -12.26 17.47 122.38
C ARG K 311 -13.03 17.00 123.62
N MET K 312 -12.67 15.84 124.19
CA MET K 312 -13.23 15.34 125.45
C MET K 312 -12.97 16.29 126.62
N GLN K 313 -11.74 16.87 126.67
CA GLN K 313 -11.41 17.85 127.68
C GLN K 313 -12.24 19.10 127.59
N LYS K 314 -12.41 19.68 126.38
CA LYS K 314 -13.23 20.85 126.23
C LYS K 314 -14.72 20.63 126.56
N GLU K 315 -15.29 19.46 126.16
CA GLU K 315 -16.68 19.14 126.42
C GLU K 315 -16.97 18.79 127.85
N ILE K 316 -16.14 17.95 128.49
CA ILE K 316 -16.32 17.63 129.90
C ILE K 316 -16.09 18.82 130.79
N THR K 317 -15.06 19.67 130.52
CA THR K 317 -14.86 20.95 131.21
C THR K 317 -16.02 21.91 131.02
N ALA K 318 -16.61 22.01 129.81
CA ALA K 318 -17.79 22.82 129.55
C ALA K 318 -19.05 22.39 130.32
N LEU K 319 -19.32 21.06 130.41
CA LEU K 319 -20.43 20.51 131.17
C LEU K 319 -20.26 20.51 132.68
N ALA K 320 -19.06 20.20 133.16
CA ALA K 320 -18.78 20.00 134.56
C ALA K 320 -18.68 21.33 135.33
N PRO K 321 -18.68 21.33 136.66
CA PRO K 321 -18.16 22.44 137.43
C PRO K 321 -16.72 22.83 137.06
N SER K 322 -16.46 24.11 136.70
CA SER K 322 -15.13 24.63 136.41
C SER K 322 -14.38 24.97 137.71
N THR K 323 -15.00 24.61 138.86
CA THR K 323 -14.49 24.63 140.22
C THR K 323 -13.30 23.70 140.36
N MET K 324 -13.30 22.57 139.63
CA MET K 324 -12.23 21.61 139.65
C MET K 324 -11.65 21.38 138.27
N LYS K 325 -10.36 21.06 138.21
CA LYS K 325 -9.67 20.92 136.94
C LYS K 325 -9.76 19.51 136.38
N ILE K 326 -10.13 19.43 135.10
CA ILE K 326 -10.41 18.19 134.42
C ILE K 326 -9.18 17.81 133.63
N LYS K 327 -8.30 16.99 134.21
CA LYS K 327 -7.21 16.40 133.49
C LYS K 327 -7.66 15.09 132.85
N ILE K 328 -7.32 14.88 131.58
CA ILE K 328 -7.53 13.64 130.89
C ILE K 328 -6.16 13.11 130.65
N ILE K 329 -5.93 11.86 131.01
CA ILE K 329 -4.68 11.19 130.78
C ILE K 329 -4.90 10.14 129.73
N ALA K 330 -4.46 10.43 128.51
CA ALA K 330 -4.60 9.54 127.39
C ALA K 330 -3.20 9.25 126.87
N PRO K 331 -2.56 8.13 127.18
CA PRO K 331 -1.18 7.90 126.79
C PRO K 331 -1.14 7.63 125.28
N PRO K 332 -0.15 7.98 124.46
CA PRO K 332 0.21 7.14 123.31
C PRO K 332 0.57 5.74 123.80
N GLU K 333 0.41 4.69 122.96
CA GLU K 333 0.49 3.29 123.34
C GLU K 333 -0.85 2.79 123.92
N ARG K 334 -1.86 3.69 124.01
CA ARG K 334 -3.18 3.41 124.58
C ARG K 334 -3.95 2.29 123.90
N LYS K 335 -3.60 2.00 122.63
CA LYS K 335 -4.13 0.89 121.86
C LYS K 335 -3.86 -0.45 122.53
N TYR K 336 -2.65 -0.63 123.10
CA TYR K 336 -2.23 -1.92 123.61
C TYR K 336 -2.41 -1.97 125.11
N SER K 337 -3.02 -0.94 125.73
CA SER K 337 -3.14 -0.82 127.18
C SER K 337 -3.81 -1.97 127.91
N VAL K 338 -4.86 -2.55 127.31
CA VAL K 338 -5.50 -3.76 127.82
C VAL K 338 -4.57 -4.96 127.87
N TRP K 339 -3.78 -5.24 126.80
CA TRP K 339 -2.82 -6.33 126.78
C TRP K 339 -1.71 -6.12 127.80
N ILE K 340 -1.16 -4.88 127.92
CA ILE K 340 -0.15 -4.54 128.91
C ILE K 340 -0.70 -4.71 130.31
N GLY K 341 -1.96 -4.33 130.55
CA GLY K 341 -2.62 -4.61 131.81
C GLY K 341 -2.81 -6.04 132.16
N GLY K 342 -2.96 -6.89 131.13
CA GLY K 342 -2.98 -8.33 131.28
C GLY K 342 -1.62 -8.93 131.52
N SER K 343 -0.55 -8.35 130.91
CA SER K 343 0.84 -8.74 131.15
C SER K 343 1.25 -8.51 132.58
N ILE K 344 0.96 -7.29 133.11
CA ILE K 344 1.26 -6.93 134.49
C ILE K 344 0.48 -7.80 135.47
N LEU K 345 -0.83 -8.06 135.23
CA LEU K 345 -1.63 -8.90 136.12
C LEU K 345 -1.17 -10.33 136.30
N ALA K 346 -0.82 -11.01 135.19
CA ALA K 346 -0.34 -12.37 135.26
C ALA K 346 1.09 -12.46 135.80
N SER K 347 1.89 -11.37 135.71
CA SER K 347 3.19 -11.23 136.38
C SER K 347 3.09 -10.99 137.87
N LEU K 348 1.95 -10.49 138.39
CA LEU K 348 1.73 -10.35 139.83
C LEU K 348 1.70 -11.66 140.60
N SER K 349 2.52 -11.76 141.66
CA SER K 349 2.69 -12.97 142.45
C SER K 349 1.43 -13.46 143.15
N THR K 350 0.68 -12.53 143.79
CA THR K 350 -0.61 -12.81 144.45
C THR K 350 -1.68 -13.33 143.50
N PHE K 351 -1.73 -12.79 142.27
CA PHE K 351 -2.66 -13.17 141.22
C PHE K 351 -2.53 -14.65 140.85
N GLN K 352 -1.30 -15.23 141.01
CA GLN K 352 -1.07 -16.64 140.80
C GLN K 352 -1.84 -17.62 141.70
N GLN K 353 -2.59 -17.13 142.72
CA GLN K 353 -3.51 -17.96 143.46
C GLN K 353 -4.97 -17.73 143.05
N MET K 354 -5.29 -16.68 142.26
CA MET K 354 -6.65 -16.30 141.92
C MET K 354 -7.02 -16.84 140.55
N TRP K 355 -6.12 -17.59 139.90
CA TRP K 355 -6.43 -18.27 138.66
C TRP K 355 -7.58 -19.24 138.82
N ILE K 356 -8.42 -19.38 137.78
CA ILE K 356 -9.36 -20.47 137.75
C ILE K 356 -8.56 -21.69 137.38
N THR K 357 -8.42 -22.68 138.28
CA THR K 357 -7.64 -23.86 137.95
C THR K 357 -8.44 -24.78 137.07
N LYS K 358 -7.77 -25.62 136.27
CA LYS K 358 -8.40 -26.69 135.54
C LYS K 358 -9.15 -27.66 136.43
N GLN K 359 -8.55 -28.00 137.60
CA GLN K 359 -9.15 -28.87 138.58
C GLN K 359 -10.48 -28.34 139.12
N GLU K 360 -10.52 -27.04 139.53
CA GLU K 360 -11.70 -26.38 140.06
C GLU K 360 -12.85 -26.31 139.05
N TYR K 361 -12.52 -26.06 137.76
CA TYR K 361 -13.45 -26.22 136.65
C TYR K 361 -13.97 -27.66 136.50
N ASP K 362 -13.10 -28.70 136.53
CA ASP K 362 -13.48 -30.08 136.33
C ASP K 362 -14.49 -30.54 137.41
N GLU K 363 -14.28 -30.17 138.71
CA GLU K 363 -15.25 -30.38 139.79
C GLU K 363 -16.53 -29.55 139.69
N ALA K 364 -16.43 -28.22 139.47
CA ALA K 364 -17.54 -27.35 139.73
C ALA K 364 -18.19 -26.77 138.46
N GLY K 365 -17.66 -27.11 137.26
CA GLY K 365 -18.24 -26.78 135.97
C GLY K 365 -17.99 -25.38 135.43
N PRO K 366 -18.50 -25.07 134.24
CA PRO K 366 -18.23 -23.80 133.55
C PRO K 366 -18.88 -22.62 134.21
N SER K 367 -19.88 -22.82 135.09
CA SER K 367 -20.66 -21.72 135.65
C SER K 367 -19.90 -20.90 136.70
N ILE K 368 -18.77 -21.46 137.21
CA ILE K 368 -17.93 -20.89 138.24
C ILE K 368 -17.19 -19.63 137.87
N VAL K 369 -17.23 -19.22 136.59
CA VAL K 369 -16.58 -17.99 136.15
C VAL K 369 -17.02 -16.81 136.97
N HIS K 370 -18.34 -16.58 137.02
CA HIS K 370 -18.97 -15.45 137.68
C HIS K 370 -18.84 -15.51 139.20
N ARG K 371 -18.84 -16.74 139.76
CA ARG K 371 -18.64 -17.00 141.16
C ARG K 371 -17.29 -16.60 141.74
N LYS K 372 -16.19 -16.84 140.98
CA LYS K 372 -14.86 -16.52 141.43
C LYS K 372 -14.40 -15.13 141.00
N CYS K 373 -14.58 -14.80 139.70
CA CYS K 373 -14.08 -13.59 139.10
C CYS K 373 -15.19 -12.58 138.85
N PHE K 374 -14.80 -11.30 138.69
CA PHE K 374 -15.66 -10.24 138.27
C PHE K 374 -15.90 -10.26 136.71
N LYS L 19 23.11 -91.36 -135.56
CA LYS L 19 23.53 -92.40 -134.64
C LYS L 19 24.82 -92.02 -133.98
N LYS L 20 25.80 -91.47 -134.72
CA LYS L 20 26.97 -90.88 -134.12
C LYS L 20 26.62 -89.73 -133.19
N ALA L 21 25.77 -88.77 -133.61
CA ALA L 21 25.31 -87.69 -132.76
C ALA L 21 24.47 -88.13 -131.55
N ALA L 22 23.54 -89.10 -131.72
CA ALA L 22 22.74 -89.72 -130.70
C ALA L 22 23.57 -90.53 -129.72
N GLU L 23 24.56 -91.29 -130.24
CA GLU L 23 25.59 -91.98 -129.48
C GLU L 23 26.53 -91.03 -128.78
N ASP L 24 26.95 -89.91 -129.43
CA ASP L 24 27.70 -88.85 -128.81
C ASP L 24 26.89 -88.27 -127.66
N ARG L 25 25.59 -87.94 -127.85
CA ARG L 25 24.72 -87.54 -126.75
C ARG L 25 24.55 -88.61 -125.67
N SER L 26 24.25 -89.88 -126.02
CA SER L 26 24.02 -90.95 -125.05
C SER L 26 25.27 -91.34 -124.29
N LYS L 27 26.45 -91.46 -124.95
CA LYS L 27 27.74 -91.72 -124.31
C LYS L 27 28.19 -90.57 -123.44
N GLN L 28 28.02 -89.30 -123.90
CA GLN L 28 28.30 -88.12 -123.11
C GLN L 28 27.34 -88.04 -121.94
N LEU L 29 26.05 -88.34 -122.15
CA LEU L 29 25.11 -88.47 -121.05
C LEU L 29 25.41 -89.59 -120.10
N GLU L 30 25.88 -90.78 -120.55
CA GLU L 30 26.42 -91.81 -119.66
C GLU L 30 27.67 -91.38 -118.90
N ASP L 31 28.65 -90.73 -119.57
CA ASP L 31 29.81 -90.08 -118.96
C ASP L 31 29.39 -89.02 -117.93
N GLU L 32 28.32 -88.26 -118.24
CA GLU L 32 27.73 -87.30 -117.33
C GLU L 32 26.74 -87.92 -116.36
N LEU L 33 26.24 -89.17 -116.49
CA LEU L 33 25.59 -89.91 -115.43
C LEU L 33 26.63 -90.30 -114.44
N VAL L 34 27.81 -90.72 -114.93
CA VAL L 34 28.97 -90.91 -114.09
C VAL L 34 29.41 -89.61 -113.49
N SER L 35 29.49 -88.48 -114.24
CA SER L 35 29.81 -87.15 -113.67
C SER L 35 28.80 -86.72 -112.62
N LEU L 36 27.48 -86.84 -112.94
CA LEU L 36 26.39 -86.49 -112.05
C LEU L 36 26.33 -87.38 -110.85
N GLN L 37 26.45 -88.71 -111.01
CA GLN L 37 26.52 -89.67 -109.91
C GLN L 37 27.77 -89.49 -109.07
N LYS L 38 28.92 -89.24 -109.69
CA LYS L 38 30.17 -88.92 -109.04
C LYS L 38 30.16 -87.59 -108.31
N LYS L 39 29.53 -86.54 -108.86
CA LYS L 39 29.30 -85.27 -108.20
C LYS L 39 28.18 -85.33 -107.19
N LEU L 40 27.16 -86.19 -107.37
CA LEU L 40 26.15 -86.57 -106.40
C LEU L 40 26.78 -87.28 -105.23
N LYS L 41 27.72 -88.21 -105.50
CA LYS L 41 28.46 -88.84 -104.44
C LYS L 41 29.58 -87.98 -103.90
N GLY L 42 30.06 -86.99 -104.68
CA GLY L 42 30.90 -85.90 -104.24
C GLY L 42 30.20 -85.08 -103.22
N THR L 43 28.98 -84.61 -103.57
CA THR L 43 28.07 -83.96 -102.63
C THR L 43 27.64 -84.84 -101.49
N GLU L 44 27.34 -86.15 -101.67
CA GLU L 44 27.01 -87.11 -100.61
C GLU L 44 28.14 -87.37 -99.62
N ASP L 45 29.39 -87.58 -100.11
CA ASP L 45 30.60 -87.68 -99.30
C ASP L 45 30.84 -86.39 -98.53
N GLU L 46 30.67 -85.23 -99.20
CA GLU L 46 30.65 -83.93 -98.57
C GLU L 46 29.51 -83.70 -97.60
N LEU L 47 28.30 -84.25 -97.83
CA LEU L 47 27.16 -84.23 -96.90
C LEU L 47 27.57 -84.84 -95.61
N ASP L 48 28.20 -86.03 -95.66
CA ASP L 48 28.73 -86.71 -94.50
C ASP L 48 29.80 -85.86 -93.85
N LYS L 49 30.76 -85.29 -94.60
CA LYS L 49 31.78 -84.40 -94.03
C LYS L 49 31.22 -83.17 -93.32
N TYR L 50 30.23 -82.50 -93.94
CA TYR L 50 29.48 -81.44 -93.29
C TYR L 50 28.57 -81.89 -92.18
N SER L 51 27.83 -83.03 -92.31
CA SER L 51 26.94 -83.65 -91.32
C SER L 51 27.69 -84.15 -90.11
N GLU L 52 28.86 -84.79 -90.31
CA GLU L 52 29.79 -85.18 -89.27
C GLU L 52 30.44 -83.97 -88.62
N ALA L 53 30.97 -83.00 -89.40
CA ALA L 53 31.51 -81.77 -88.87
C ALA L 53 30.47 -80.96 -88.12
N LEU L 54 29.22 -80.98 -88.60
CA LEU L 54 28.03 -80.45 -87.95
C LEU L 54 27.65 -81.18 -86.68
N LYS L 55 27.51 -82.52 -86.65
CA LYS L 55 27.17 -83.27 -85.44
C LYS L 55 28.24 -83.08 -84.39
N ASP L 56 29.52 -83.02 -84.83
CA ASP L 56 30.65 -82.74 -83.99
C ASP L 56 30.63 -81.29 -83.53
N ALA L 57 30.35 -80.29 -84.41
CA ALA L 57 30.14 -78.90 -84.03
C ALA L 57 28.98 -78.72 -83.06
N GLN L 58 27.85 -79.42 -83.28
CA GLN L 58 26.70 -79.52 -82.39
C GLN L 58 26.97 -80.24 -81.08
N GLU L 59 27.71 -81.35 -81.07
CA GLU L 59 28.14 -82.03 -79.85
C GLU L 59 29.13 -81.19 -79.07
N LYS L 60 30.11 -80.59 -79.76
CA LYS L 60 31.02 -79.61 -79.18
C LYS L 60 30.31 -78.38 -78.69
N LEU L 61 29.27 -77.91 -79.40
CA LEU L 61 28.37 -76.86 -79.00
C LEU L 61 27.54 -77.23 -77.80
N GLU L 62 26.90 -78.41 -77.74
CA GLU L 62 26.18 -78.88 -76.57
C GLU L 62 27.11 -79.08 -75.39
N LEU L 63 28.30 -79.66 -75.63
CA LEU L 63 29.35 -79.75 -74.65
C LEU L 63 29.91 -78.41 -74.21
N ALA L 64 30.21 -77.45 -75.11
CA ALA L 64 30.66 -76.11 -74.81
C ALA L 64 29.59 -75.27 -74.13
N GLU L 65 28.33 -75.45 -74.54
CA GLU L 65 27.15 -74.95 -73.88
C GLU L 65 27.07 -75.53 -72.49
N LYS L 66 27.29 -76.84 -72.30
CA LYS L 66 27.44 -77.42 -70.97
C LYS L 66 28.68 -77.01 -70.20
N LYS L 67 29.84 -76.77 -70.83
CA LYS L 67 31.01 -76.16 -70.18
C LYS L 67 30.67 -74.80 -69.65
N ALA L 68 29.96 -74.00 -70.48
CA ALA L 68 29.36 -72.75 -70.12
C ALA L 68 28.23 -72.87 -69.11
N THR L 69 27.31 -73.87 -69.19
CA THR L 69 26.21 -74.11 -68.25
C THR L 69 26.69 -74.61 -66.92
N ASP L 70 27.69 -75.51 -66.88
CA ASP L 70 28.35 -75.98 -65.69
C ASP L 70 29.21 -74.87 -65.10
N ALA L 71 30.01 -74.14 -65.92
CA ALA L 71 30.73 -72.95 -65.51
C ALA L 71 29.81 -71.83 -65.06
N GLU L 72 28.63 -71.67 -65.69
CA GLU L 72 27.52 -70.83 -65.29
C GLU L 72 26.90 -71.31 -63.99
N ALA L 73 26.66 -72.62 -63.79
CA ALA L 73 26.17 -73.19 -62.56
C ALA L 73 27.15 -72.97 -61.41
N ASP L 74 28.46 -73.15 -61.67
CA ASP L 74 29.57 -72.83 -60.79
C ASP L 74 29.69 -71.35 -60.51
N VAL L 75 29.69 -70.46 -61.54
CA VAL L 75 29.67 -69.01 -61.36
C VAL L 75 28.40 -68.55 -60.68
N ALA L 76 27.23 -69.12 -61.00
CA ALA L 76 25.97 -68.85 -60.34
C ALA L 76 25.97 -69.30 -58.88
N SER L 77 26.58 -70.46 -58.57
CA SER L 77 26.86 -70.94 -57.21
C SER L 77 27.78 -69.98 -56.48
N LEU L 78 28.87 -69.54 -57.15
CA LEU L 78 29.77 -68.49 -56.69
C LEU L 78 29.16 -67.11 -56.57
N ASN L 79 28.26 -66.69 -57.46
CA ASN L 79 27.48 -65.47 -57.42
C ASN L 79 26.54 -65.49 -56.25
N ARG L 80 25.86 -66.62 -56.00
CA ARG L 80 25.10 -66.79 -54.78
C ARG L 80 25.99 -66.75 -53.55
N ARG L 81 27.15 -67.43 -53.57
CA ARG L 81 28.16 -67.28 -52.52
C ARG L 81 28.70 -65.88 -52.38
N ILE L 82 29.01 -65.14 -53.46
CA ILE L 82 29.45 -63.75 -53.35
C ILE L 82 28.36 -62.92 -52.75
N GLN L 83 27.10 -63.05 -53.21
CA GLN L 83 25.99 -62.30 -52.67
C GLN L 83 25.75 -62.61 -51.22
N LEU L 84 25.76 -63.89 -50.81
CA LEU L 84 25.62 -64.28 -49.42
C LEU L 84 26.81 -63.94 -48.53
N VAL L 85 28.06 -64.22 -48.98
CA VAL L 85 29.28 -63.97 -48.25
C VAL L 85 29.61 -62.51 -48.20
N GLU L 86 29.48 -61.75 -49.32
CA GLU L 86 29.64 -60.31 -49.37
C GLU L 86 28.55 -59.59 -48.61
N GLU L 87 27.29 -60.09 -48.67
CA GLU L 87 26.26 -59.63 -47.75
C GLU L 87 26.65 -59.88 -46.30
N GLU L 88 27.19 -61.06 -45.93
CA GLU L 88 27.77 -61.25 -44.61
C GLU L 88 29.06 -60.51 -44.34
N LEU L 89 29.86 -60.14 -45.35
CA LEU L 89 30.98 -59.23 -45.26
C LEU L 89 30.51 -57.87 -44.84
N ASP L 90 29.50 -57.33 -45.53
CA ASP L 90 28.85 -56.07 -45.24
C ASP L 90 28.08 -56.11 -43.95
N ARG L 91 27.35 -57.19 -43.65
CA ARG L 91 26.72 -57.37 -42.36
C ARG L 91 27.73 -57.52 -41.24
N ALA L 92 28.82 -58.30 -41.40
CA ALA L 92 29.91 -58.40 -40.45
C ALA L 92 30.64 -57.10 -40.29
N GLN L 93 30.85 -56.34 -41.39
CA GLN L 93 31.37 -54.99 -41.44
C GLN L 93 30.46 -53.97 -40.80
N GLU L 94 29.13 -54.07 -40.98
CA GLU L 94 28.12 -53.30 -40.30
C GLU L 94 28.00 -53.66 -38.83
N ARG L 95 28.01 -54.96 -38.48
CA ARG L 95 28.08 -55.45 -37.11
C ARG L 95 29.35 -55.03 -36.42
N LEU L 96 30.48 -55.03 -37.16
CA LEU L 96 31.74 -54.46 -36.80
C LEU L 96 31.68 -52.97 -36.64
N ALA L 97 31.09 -52.19 -37.60
CA ALA L 97 30.88 -50.76 -37.49
C ALA L 97 30.04 -50.45 -36.27
N THR L 98 28.94 -51.20 -36.05
CA THR L 98 28.12 -51.16 -34.85
C THR L 98 28.91 -51.49 -33.60
N ALA L 99 29.74 -52.55 -33.58
CA ALA L 99 30.62 -52.91 -32.47
C ALA L 99 31.68 -51.84 -32.18
N LEU L 100 32.29 -51.24 -33.22
CA LEU L 100 33.21 -50.13 -33.17
C LEU L 100 32.58 -48.81 -32.72
N GLN L 101 31.39 -48.46 -33.22
CA GLN L 101 30.64 -47.30 -32.76
C GLN L 101 30.19 -47.46 -31.31
N LYS L 102 29.70 -48.67 -30.96
CA LYS L 102 29.45 -49.05 -29.59
C LYS L 102 30.71 -49.06 -28.74
N LEU L 103 31.86 -49.48 -29.30
CA LEU L 103 33.16 -49.40 -28.68
C LEU L 103 33.61 -47.97 -28.43
N GLU L 104 33.42 -47.03 -29.38
CA GLU L 104 33.66 -45.61 -29.16
C GLU L 104 32.79 -45.06 -28.05
N GLU L 105 31.48 -45.36 -28.05
CA GLU L 105 30.58 -45.02 -26.97
C GLU L 105 30.87 -45.73 -25.65
N ALA L 106 31.28 -47.01 -25.67
CA ALA L 106 31.74 -47.79 -24.54
C ALA L 106 33.05 -47.28 -23.95
N GLU L 107 34.00 -46.80 -24.77
CA GLU L 107 35.19 -46.06 -24.37
C GLU L 107 34.87 -44.69 -23.84
N LYS L 108 33.93 -43.93 -24.45
CA LYS L 108 33.41 -42.71 -23.86
C LYS L 108 32.71 -42.94 -22.53
N ALA L 109 31.93 -44.03 -22.43
CA ALA L 109 31.37 -44.54 -21.19
C ALA L 109 32.42 -45.04 -20.21
N ALA L 110 33.52 -45.67 -20.66
CA ALA L 110 34.68 -46.03 -19.86
C ALA L 110 35.29 -44.78 -19.30
N ASP L 111 35.56 -43.75 -20.14
CA ASP L 111 35.97 -42.42 -19.73
C ASP L 111 34.97 -41.76 -18.81
N GLU L 112 33.65 -41.74 -19.08
CA GLU L 112 32.66 -41.10 -18.20
C GLU L 112 32.41 -41.81 -16.89
N SER L 113 32.36 -43.15 -16.89
CA SER L 113 32.27 -43.96 -15.69
C SER L 113 33.55 -43.94 -14.90
N GLU L 114 34.74 -43.96 -15.54
CA GLU L 114 36.04 -43.81 -14.91
C GLU L 114 36.34 -42.39 -14.46
N ARG L 115 36.05 -41.36 -15.28
CA ARG L 115 36.11 -39.96 -14.90
C ARG L 115 35.12 -39.66 -13.83
N GLY L 116 33.86 -40.16 -13.96
CA GLY L 116 32.87 -40.23 -12.91
C GLY L 116 33.39 -40.85 -11.66
N MET L 117 33.97 -42.06 -11.70
CA MET L 117 34.64 -42.69 -10.58
C MET L 117 35.76 -41.85 -9.97
N LYS L 118 36.62 -41.19 -10.77
CA LYS L 118 37.62 -40.25 -10.30
C LYS L 118 37.10 -38.93 -9.74
N VAL L 119 36.05 -38.33 -10.35
CA VAL L 119 35.34 -37.16 -9.87
C VAL L 119 34.60 -37.47 -8.59
N ILE L 120 33.94 -38.64 -8.53
CA ILE L 120 33.35 -39.21 -7.35
C ILE L 120 34.38 -39.59 -6.34
N GLU L 121 35.55 -40.18 -6.69
CA GLU L 121 36.63 -40.44 -5.75
C GLU L 121 37.18 -39.16 -5.17
N SER L 122 37.38 -38.12 -6.01
CA SER L 122 37.70 -36.76 -5.59
C SER L 122 36.62 -36.16 -4.70
N ARG L 123 35.33 -36.26 -5.07
CA ARG L 123 34.22 -35.83 -4.24
C ARG L 123 34.07 -36.61 -2.96
N ALA L 124 34.16 -37.94 -3.00
CA ALA L 124 34.11 -38.89 -1.90
C ALA L 124 35.25 -38.63 -0.97
N GLN L 125 36.47 -38.38 -1.49
CA GLN L 125 37.61 -37.89 -0.72
C GLN L 125 37.35 -36.52 -0.10
N LYS L 126 36.81 -35.53 -0.83
CA LYS L 126 36.45 -34.23 -0.26
C LYS L 126 35.39 -34.34 0.82
N ASP L 127 34.33 -35.14 0.59
CA ASP L 127 33.28 -35.45 1.52
C ASP L 127 33.78 -36.33 2.67
N GLU L 128 34.72 -37.28 2.46
CA GLU L 128 35.40 -38.10 3.46
C GLU L 128 36.32 -37.28 4.32
N GLU L 129 37.13 -36.39 3.73
CA GLU L 129 37.89 -35.41 4.47
C GLU L 129 36.99 -34.46 5.20
N LYS L 130 35.95 -33.89 4.56
CA LYS L 130 34.98 -33.09 5.30
C LYS L 130 34.25 -33.86 6.39
N MET L 131 33.90 -35.14 6.18
CA MET L 131 33.40 -36.02 7.22
C MET L 131 34.41 -36.18 8.34
N GLU L 132 35.68 -36.52 8.03
CA GLU L 132 36.77 -36.66 8.99
C GLU L 132 37.15 -35.38 9.70
N ILE L 133 37.21 -34.24 8.99
CA ILE L 133 37.41 -32.88 9.47
C ILE L 133 36.25 -32.43 10.35
N GLN L 134 35.00 -32.64 9.91
CA GLN L 134 33.85 -32.29 10.72
C GLN L 134 33.63 -33.24 11.88
N GLU L 135 34.00 -34.54 11.85
CA GLU L 135 33.94 -35.39 13.04
C GLU L 135 35.04 -35.09 14.05
N ILE L 136 36.31 -34.80 13.60
CA ILE L 136 37.40 -34.43 14.49
C ILE L 136 37.11 -33.10 15.16
N GLN L 137 36.62 -32.13 14.35
CA GLN L 137 36.22 -30.82 14.80
C GLN L 137 34.88 -30.86 15.48
N LEU L 138 34.02 -31.87 15.25
CA LEU L 138 32.83 -32.11 16.03
C LEU L 138 33.20 -32.58 17.40
N LYS L 139 34.15 -33.53 17.49
CA LYS L 139 34.65 -33.98 18.77
C LYS L 139 35.29 -32.84 19.53
N GLU L 140 36.10 -32.00 18.84
CA GLU L 140 36.56 -30.73 19.39
C GLU L 140 35.44 -29.75 19.71
N ALA L 141 34.45 -29.49 18.83
CA ALA L 141 33.32 -28.61 19.08
C ALA L 141 32.44 -29.04 20.24
N LYS L 142 32.24 -30.37 20.41
CA LYS L 142 31.69 -31.00 21.59
C LYS L 142 32.54 -30.83 22.82
N HIS L 143 33.89 -30.95 22.72
CA HIS L 143 34.79 -30.63 23.81
C HIS L 143 34.86 -29.16 24.14
N ILE L 144 34.73 -28.26 23.14
CA ILE L 144 34.48 -26.85 23.34
C ILE L 144 33.14 -26.64 23.97
N ALA L 145 32.05 -27.33 23.55
CA ALA L 145 30.78 -27.27 24.25
C ALA L 145 30.92 -27.75 25.67
N GLU L 146 31.60 -28.89 25.89
CA GLU L 146 31.93 -29.37 27.20
C GLU L 146 32.77 -28.39 28.01
N ASP L 147 33.80 -27.75 27.42
CA ASP L 147 34.58 -26.67 28.00
C ASP L 147 33.83 -25.36 28.21
N ALA L 148 32.96 -24.96 27.28
CA ALA L 148 32.07 -23.83 27.29
C ALA L 148 31.01 -23.94 28.35
N ASP L 149 30.37 -25.13 28.47
CA ASP L 149 29.54 -25.55 29.57
C ASP L 149 30.36 -25.66 30.84
N ARG L 150 31.58 -26.22 30.85
CA ARG L 150 32.44 -26.31 32.02
C ARG L 150 32.88 -24.97 32.57
N LYS L 151 33.37 -24.04 31.71
CA LYS L 151 33.71 -22.68 32.10
C LYS L 151 32.48 -21.91 32.54
N TYR L 152 31.33 -22.16 31.88
CA TYR L 152 30.01 -21.69 32.25
C TYR L 152 29.67 -22.22 33.63
N GLU L 153 29.81 -23.52 33.91
CA GLU L 153 29.61 -24.11 35.21
C GLU L 153 30.56 -23.56 36.24
N GLU L 154 31.86 -23.38 35.96
CA GLU L 154 32.78 -22.76 36.91
C GLU L 154 32.37 -21.34 37.29
N VAL L 155 32.05 -20.49 36.31
CA VAL L 155 31.58 -19.13 36.54
C VAL L 155 30.16 -19.03 37.10
N ALA L 156 29.21 -19.85 36.62
CA ALA L 156 27.83 -19.97 37.06
C ALA L 156 27.76 -20.56 38.44
N ARG L 157 28.61 -21.55 38.75
CA ARG L 157 28.78 -22.05 40.09
C ARG L 157 29.41 -21.05 41.02
N LYS L 158 30.40 -20.25 40.56
CA LYS L 158 30.82 -19.08 41.31
C LYS L 158 29.70 -18.11 41.49
N LEU L 159 28.88 -17.83 40.44
CA LEU L 159 27.69 -17.04 40.57
C LEU L 159 26.77 -17.59 41.65
N VAL L 160 26.45 -18.90 41.64
CA VAL L 160 25.70 -19.58 42.71
C VAL L 160 26.40 -19.51 44.06
N ILE L 161 27.73 -19.72 44.18
CA ILE L 161 28.43 -19.63 45.46
C ILE L 161 28.41 -18.21 46.02
N ILE L 162 28.75 -17.23 45.15
CA ILE L 162 28.76 -15.82 45.45
C ILE L 162 27.35 -15.36 45.76
N GLU L 163 26.34 -15.83 44.99
CA GLU L 163 24.91 -15.67 45.23
C GLU L 163 24.45 -16.33 46.51
N SER L 164 24.88 -17.55 46.85
CA SER L 164 24.59 -18.19 48.12
C SER L 164 25.19 -17.43 49.30
N ASP L 165 26.44 -16.93 49.16
CA ASP L 165 27.06 -15.97 50.07
C ASP L 165 26.35 -14.65 50.10
N LEU L 166 25.86 -14.17 48.95
CA LEU L 166 25.04 -12.99 48.74
C LEU L 166 23.72 -13.13 49.46
N GLU L 167 22.98 -14.25 49.30
CA GLU L 167 21.74 -14.54 49.98
C GLU L 167 21.96 -14.57 51.46
N ARG L 168 23.04 -15.20 51.93
CA ARG L 168 23.43 -15.13 53.32
C ARG L 168 23.95 -13.77 53.81
N ALA L 169 24.67 -13.00 52.99
CA ALA L 169 25.12 -11.65 53.27
C ALA L 169 23.97 -10.66 53.27
N GLU L 170 23.00 -10.82 52.36
CA GLU L 170 21.72 -10.17 52.26
C GLU L 170 20.84 -10.56 53.42
N GLU L 171 20.79 -11.86 53.78
CA GLU L 171 20.16 -12.37 54.98
C GLU L 171 20.79 -11.74 56.21
N ARG L 172 22.13 -11.66 56.28
CA ARG L 172 22.81 -10.88 57.30
C ARG L 172 22.48 -9.41 57.27
N ALA L 173 22.36 -8.77 56.08
CA ALA L 173 21.85 -7.43 55.91
C ALA L 173 20.43 -7.31 56.45
N GLU L 174 19.49 -8.24 56.14
CA GLU L 174 18.15 -8.34 56.69
C GLU L 174 18.07 -8.64 58.18
N LEU L 175 18.88 -9.56 58.73
CA LEU L 175 19.00 -9.86 60.15
C LEU L 175 19.61 -8.71 60.93
N SER L 176 20.69 -8.11 60.39
CA SER L 176 21.35 -6.93 60.90
C SER L 176 20.53 -5.68 60.77
N GLU L 177 19.76 -5.51 59.68
CA GLU L 177 18.75 -4.49 59.48
C GLU L 177 17.55 -4.71 60.36
N GLY L 178 17.14 -5.97 60.57
CA GLY L 178 16.19 -6.40 61.60
C GLY L 178 16.60 -5.91 62.94
N LYS L 179 17.82 -6.28 63.39
CA LYS L 179 18.43 -5.72 64.59
C LYS L 179 18.59 -4.21 64.55
N CYS L 180 18.99 -3.60 63.42
CA CYS L 180 19.13 -2.15 63.28
C CYS L 180 17.81 -1.46 63.52
N ALA L 181 16.71 -1.93 62.89
CA ALA L 181 15.35 -1.50 63.09
C ALA L 181 14.87 -1.75 64.52
N GLU L 182 15.09 -2.95 65.10
CA GLU L 182 14.74 -3.28 66.48
C GLU L 182 15.44 -2.35 67.47
N LEU L 183 16.77 -2.18 67.29
CA LEU L 183 17.58 -1.24 68.06
C LEU L 183 17.19 0.19 67.81
N GLU L 184 16.78 0.57 66.59
CA GLU L 184 16.23 1.86 66.28
C GLU L 184 14.88 2.10 66.96
N GLU L 185 13.98 1.11 66.99
CA GLU L 185 12.74 1.13 67.74
C GLU L 185 12.99 1.21 69.23
N GLU L 186 13.91 0.38 69.77
CA GLU L 186 14.37 0.46 71.15
C GLU L 186 15.06 1.76 71.44
N LEU L 187 15.93 2.27 70.54
CA LEU L 187 16.59 3.55 70.61
C LEU L 187 15.58 4.65 70.71
N LYS L 188 14.60 4.68 69.79
CA LYS L 188 13.51 5.63 69.87
C LYS L 188 12.64 5.45 71.08
N THR L 189 12.27 4.23 71.50
CA THR L 189 11.53 3.99 72.74
C THR L 189 12.29 4.49 73.95
N VAL L 190 13.59 4.12 74.08
CA VAL L 190 14.49 4.57 75.14
C VAL L 190 14.77 6.05 75.05
N THR L 191 15.03 6.63 73.87
CA THR L 191 15.20 8.08 73.62
C THR L 191 13.94 8.86 73.88
N ASN L 192 12.74 8.35 73.53
CA ASN L 192 11.47 8.94 73.89
C ASN L 192 11.22 8.88 75.38
N ASN L 193 11.57 7.75 76.03
CA ASN L 193 11.65 7.63 77.48
C ASN L 193 12.69 8.57 78.07
N LEU L 194 13.87 8.73 77.45
CA LEU L 194 14.91 9.67 77.83
C LEU L 194 14.41 11.10 77.80
N LYS L 195 13.70 11.48 76.72
CA LYS L 195 13.07 12.79 76.61
C LYS L 195 11.92 13.01 77.57
N SER L 196 11.08 11.97 77.78
CA SER L 196 10.05 11.97 78.82
C SER L 196 10.67 12.07 80.20
N LEU L 197 11.79 11.37 80.45
CA LEU L 197 12.60 11.40 81.66
C LEU L 197 13.50 12.60 81.82
N GLU L 198 13.86 13.32 80.76
CA GLU L 198 14.51 14.62 80.81
C GLU L 198 13.50 15.65 81.28
N ALA L 199 12.29 15.58 80.66
CA ALA L 199 11.15 16.35 81.08
C ALA L 199 10.73 16.00 82.50
N GLN L 200 10.67 14.70 82.87
CA GLN L 200 10.45 14.30 84.25
C GLN L 200 11.58 14.68 85.16
N ALA L 201 12.87 14.44 84.87
CA ALA L 201 13.98 14.78 85.74
C ALA L 201 14.04 16.27 86.04
N GLU L 202 13.80 17.12 85.02
CA GLU L 202 13.56 18.53 85.21
C GLU L 202 12.24 18.87 85.92
N LYS L 203 11.08 18.29 85.56
CA LYS L 203 9.86 18.52 86.33
C LYS L 203 9.94 18.03 87.76
N TYR L 204 10.74 16.99 88.02
CA TYR L 204 11.02 16.40 89.30
C TYR L 204 12.05 17.18 90.07
N SER L 205 13.02 17.87 89.40
CA SER L 205 13.90 18.90 89.97
C SER L 205 13.07 20.10 90.40
N GLN L 206 12.13 20.53 89.52
CA GLN L 206 11.18 21.56 89.87
C GLN L 206 10.23 21.17 90.97
N LYS L 207 9.75 19.91 90.99
CA LYS L 207 9.03 19.35 92.11
C LYS L 207 9.90 19.19 93.34
N GLU L 208 11.18 18.87 93.22
CA GLU L 208 12.16 18.88 94.30
C GLU L 208 12.15 20.25 94.98
N ASP L 209 12.22 21.33 94.16
CA ASP L 209 12.02 22.72 94.56
C ASP L 209 10.61 23.05 95.05
N LYS L 210 9.51 22.63 94.38
CA LYS L 210 8.12 22.89 94.78
C LYS L 210 7.77 22.27 96.11
N TYR L 211 8.24 21.03 96.32
CA TYR L 211 8.11 20.26 97.55
C TYR L 211 9.03 20.82 98.61
N GLU L 212 10.28 21.20 98.27
CA GLU L 212 11.18 21.92 99.15
C GLU L 212 10.63 23.26 99.59
N GLU L 213 10.01 24.01 98.65
CA GLU L 213 9.25 25.21 98.91
C GLU L 213 8.05 24.96 99.79
N GLU L 214 7.26 23.88 99.56
CA GLU L 214 6.18 23.47 100.46
C GLU L 214 6.71 23.19 101.87
N ILE L 215 7.86 22.49 102.01
CA ILE L 215 8.58 22.37 103.28
C ILE L 215 9.00 23.71 103.85
N LYS L 216 9.58 24.61 103.05
CA LYS L 216 10.00 25.92 103.51
C LYS L 216 8.85 26.79 103.97
N VAL L 217 7.75 26.84 103.17
CA VAL L 217 6.52 27.53 103.49
C VAL L 217 5.88 26.92 104.71
N LEU L 218 5.73 25.58 104.78
CA LEU L 218 5.23 24.90 105.97
C LEU L 218 6.09 25.11 107.17
N SER L 219 7.43 25.11 107.04
CA SER L 219 8.37 25.46 108.11
C SER L 219 8.15 26.87 108.61
N ASP L 220 8.02 27.88 107.72
CA ASP L 220 7.64 29.23 108.09
C ASP L 220 6.24 29.34 108.71
N LYS L 221 5.21 28.68 108.11
CA LYS L 221 3.86 28.62 108.65
C LYS L 221 3.75 27.90 109.96
N LEU L 222 4.50 26.80 110.13
CA LEU L 222 4.67 26.07 111.37
C LEU L 222 5.37 26.91 112.39
N LYS L 223 6.47 27.61 112.06
CA LYS L 223 7.14 28.52 112.98
C LYS L 223 6.20 29.61 113.43
N GLU L 224 5.41 30.21 112.51
CA GLU L 224 4.34 31.10 112.92
C GLU L 224 3.26 30.43 113.74
N ALA L 225 2.70 29.26 113.35
CA ALA L 225 1.66 28.59 114.10
C ALA L 225 2.11 28.15 115.48
N GLU L 226 3.31 27.57 115.62
CA GLU L 226 3.96 27.21 116.86
C GLU L 226 4.35 28.41 117.69
N THR L 227 4.97 29.46 117.10
CA THR L 227 5.31 30.70 117.82
C THR L 227 4.07 31.41 118.28
N ARG L 228 3.02 31.53 117.42
CA ARG L 228 1.73 32.05 117.79
C ARG L 228 1.03 31.20 118.81
N ALA L 229 1.06 29.85 118.71
CA ALA L 229 0.52 28.92 119.68
C ALA L 229 1.21 29.03 121.02
N GLU L 230 2.56 29.02 121.07
CA GLU L 230 3.32 29.17 122.29
C GLU L 230 3.20 30.56 122.93
N PHE L 231 3.21 31.64 122.11
CA PHE L 231 2.90 32.99 122.55
C PHE L 231 1.47 33.09 123.07
N ALA L 232 0.48 32.57 122.31
CA ALA L 232 -0.91 32.57 122.69
C ALA L 232 -1.13 31.72 123.91
N GLU L 233 -0.40 30.60 124.08
CA GLU L 233 -0.28 29.82 125.30
C GLU L 233 0.31 30.59 126.47
N ARG L 234 1.28 31.50 126.23
CA ARG L 234 1.63 32.50 127.24
C ARG L 234 0.52 33.48 127.53
N SER L 235 -0.24 33.95 126.53
CA SER L 235 -1.49 34.67 126.78
C SER L 235 -2.53 33.85 127.54
N VAL L 236 -2.67 32.53 127.26
CA VAL L 236 -3.46 31.57 128.03
C VAL L 236 -3.02 31.58 129.48
N THR L 237 -1.72 31.32 129.74
CA THR L 237 -1.15 31.26 131.08
C THR L 237 -1.18 32.58 131.81
N LYS L 238 -0.97 33.71 131.11
CA LYS L 238 -1.13 35.04 131.67
C LYS L 238 -2.56 35.41 132.00
N LEU L 239 -3.52 35.13 131.08
CA LEU L 239 -4.92 35.31 131.38
C LEU L 239 -5.37 34.41 132.50
N GLU L 240 -5.01 33.11 132.47
CA GLU L 240 -5.28 32.11 133.49
C GLU L 240 -4.71 32.47 134.84
N LYS L 241 -3.42 32.88 134.90
CA LYS L 241 -2.79 33.35 136.10
C LYS L 241 -3.45 34.60 136.66
N SER L 242 -3.77 35.57 135.78
CA SER L 242 -4.52 36.75 136.15
C SER L 242 -5.90 36.38 136.66
N ILE L 243 -6.61 35.42 136.05
CA ILE L 243 -7.88 34.88 136.53
C ILE L 243 -7.77 34.25 137.91
N ASP L 244 -6.74 33.41 138.17
CA ASP L 244 -6.45 32.89 139.50
C ASP L 244 -6.14 33.99 140.51
N ASP L 245 -5.28 34.98 140.16
CA ASP L 245 -4.96 36.11 141.02
C ASP L 245 -6.18 36.98 141.31
N LEU L 246 -7.02 37.26 140.29
CA LEU L 246 -8.29 37.93 140.43
C LEU L 246 -9.29 37.15 141.25
N GLU L 247 -9.33 35.80 141.13
CA GLU L 247 -10.09 34.92 142.00
C GLU L 247 -9.57 34.92 143.44
N ASP L 248 -8.24 34.91 143.70
CA ASP L 248 -7.67 35.07 145.03
C ASP L 248 -8.04 36.42 145.65
N GLU L 249 -7.98 37.51 144.86
CA GLU L 249 -8.49 38.83 145.20
C GLU L 249 -9.99 38.85 145.42
N LEU L 250 -10.77 38.19 144.55
CA LEU L 250 -12.21 38.05 144.65
C LEU L 250 -12.61 37.27 145.88
N TYR L 251 -11.91 36.17 146.17
CA TYR L 251 -12.02 35.41 147.39
C TYR L 251 -11.64 36.26 148.60
N LYS M 19 20.31 -95.12 -134.18
CA LYS M 19 20.31 -93.73 -133.75
C LYS M 19 19.23 -93.50 -132.74
N LYS M 20 18.04 -94.11 -132.94
CA LYS M 20 16.95 -94.13 -132.00
C LYS M 20 17.29 -94.89 -130.74
N ALA M 21 17.94 -96.07 -130.78
CA ALA M 21 18.39 -96.74 -129.58
C ALA M 21 19.41 -95.91 -128.79
N ALA M 22 20.36 -95.25 -129.49
CA ALA M 22 21.25 -94.25 -128.92
C ALA M 22 20.55 -92.98 -128.41
N GLU M 23 19.53 -92.45 -129.11
CA GLU M 23 18.67 -91.33 -128.76
C GLU M 23 17.67 -91.63 -127.64
N ASP M 24 17.06 -92.83 -127.59
CA ASP M 24 16.26 -93.40 -126.53
C ASP M 24 17.14 -93.54 -125.30
N ARG M 25 18.38 -94.05 -125.46
CA ARG M 25 19.39 -93.97 -124.40
C ARG M 25 19.69 -92.54 -124.03
N SER M 26 19.92 -91.61 -124.98
CA SER M 26 20.13 -90.19 -124.70
C SER M 26 18.99 -89.60 -123.88
N LYS M 27 17.71 -89.88 -124.23
CA LYS M 27 16.56 -89.52 -123.41
C LYS M 27 16.50 -90.18 -122.03
N GLN M 28 16.74 -91.51 -121.92
CA GLN M 28 16.77 -92.22 -120.65
C GLN M 28 17.90 -91.76 -119.74
N LEU M 29 19.09 -91.57 -120.32
CA LEU M 29 20.26 -91.02 -119.68
C LEU M 29 20.08 -89.57 -119.34
N GLU M 30 19.33 -88.78 -120.15
CA GLU M 30 18.90 -87.43 -119.83
C GLU M 30 17.98 -87.40 -118.63
N ASP M 31 16.96 -88.30 -118.59
CA ASP M 31 16.08 -88.47 -117.45
C ASP M 31 16.87 -88.88 -116.20
N GLU M 32 17.83 -89.83 -116.32
CA GLU M 32 18.77 -90.21 -115.26
C GLU M 32 19.71 -89.11 -114.86
N LEU M 33 20.32 -88.36 -115.81
CA LEU M 33 21.18 -87.24 -115.53
C LEU M 33 20.46 -86.16 -114.78
N VAL M 34 19.23 -85.81 -115.21
CA VAL M 34 18.35 -84.90 -114.52
C VAL M 34 17.92 -85.44 -113.16
N SER M 35 17.59 -86.74 -113.01
CA SER M 35 17.31 -87.39 -111.73
C SER M 35 18.51 -87.35 -110.79
N LEU M 36 19.72 -87.66 -111.31
CA LEU M 36 20.99 -87.49 -110.63
C LEU M 36 21.28 -86.07 -110.29
N GLN M 37 21.01 -85.09 -111.18
CA GLN M 37 21.13 -83.67 -110.93
C GLN M 37 20.17 -83.20 -109.86
N LYS M 38 18.90 -83.62 -109.86
CA LYS M 38 17.95 -83.34 -108.79
C LYS M 38 18.34 -83.95 -107.47
N LYS M 39 18.85 -85.20 -107.47
CA LYS M 39 19.47 -85.81 -106.32
C LYS M 39 20.77 -85.17 -105.89
N LEU M 40 21.62 -84.75 -106.84
CA LEU M 40 22.85 -83.99 -106.65
C LEU M 40 22.57 -82.67 -106.04
N LYS M 41 21.55 -81.96 -106.53
CA LYS M 41 21.10 -80.72 -105.94
C LYS M 41 20.39 -80.94 -104.63
N GLY M 42 19.66 -82.07 -104.48
CA GLY M 42 19.19 -82.58 -103.20
C GLY M 42 20.29 -82.67 -102.18
N THR M 43 21.37 -83.41 -102.53
CA THR M 43 22.60 -83.50 -101.76
C THR M 43 23.39 -82.22 -101.66
N GLU M 44 23.49 -81.34 -102.70
CA GLU M 44 24.19 -80.05 -102.74
C GLU M 44 23.51 -78.97 -101.92
N ASP M 45 22.18 -78.84 -102.03
CA ASP M 45 21.39 -77.99 -101.17
C ASP M 45 21.44 -78.51 -99.74
N GLU M 46 21.41 -79.84 -99.55
CA GLU M 46 21.66 -80.47 -98.26
C GLU M 46 23.09 -80.33 -97.72
N LEU M 47 24.11 -80.29 -98.61
CA LEU M 47 25.49 -79.93 -98.31
C LEU M 47 25.54 -78.54 -97.75
N ASP M 48 24.82 -77.58 -98.36
CA ASP M 48 24.60 -76.27 -97.79
C ASP M 48 23.81 -76.31 -96.50
N LYS M 49 22.70 -77.08 -96.36
CA LYS M 49 21.96 -77.20 -95.10
C LYS M 49 22.83 -77.66 -93.94
N TYR M 50 23.70 -78.67 -94.17
CA TYR M 50 24.75 -79.04 -93.24
C TYR M 50 25.87 -78.05 -93.10
N SER M 51 26.38 -77.43 -94.18
CA SER M 51 27.46 -76.44 -94.17
C SER M 51 27.05 -75.17 -93.46
N GLU M 52 25.83 -74.66 -93.69
CA GLU M 52 25.20 -73.57 -92.99
C GLU M 52 24.87 -73.92 -91.55
N ALA M 53 24.28 -75.10 -91.29
CA ALA M 53 24.06 -75.61 -89.95
C ALA M 53 25.36 -75.79 -89.19
N LEU M 54 26.43 -76.24 -89.89
CA LEU M 54 27.80 -76.30 -89.41
C LEU M 54 28.44 -74.96 -89.18
N LYS M 55 28.40 -73.96 -90.09
CA LYS M 55 29.01 -72.65 -89.86
C LYS M 55 28.37 -71.99 -88.66
N ASP M 56 27.03 -72.17 -88.52
CA ASP M 56 26.26 -71.71 -87.40
C ASP M 56 26.55 -72.56 -86.16
N ALA M 57 26.56 -73.91 -86.20
CA ALA M 57 26.92 -74.78 -85.09
C ALA M 57 28.34 -74.60 -84.60
N GLN M 58 29.30 -74.43 -85.53
CA GLN M 58 30.69 -74.09 -85.31
C GLN M 58 30.85 -72.69 -84.75
N GLU M 59 30.19 -71.66 -85.31
CA GLU M 59 30.23 -70.32 -84.74
C GLU M 59 29.57 -70.26 -83.38
N LYS M 60 28.40 -70.92 -83.22
CA LYS M 60 27.77 -71.13 -81.94
C LYS M 60 28.62 -71.92 -80.98
N LEU M 61 29.43 -72.90 -81.45
CA LEU M 61 30.49 -73.52 -80.69
C LEU M 61 31.56 -72.53 -80.29
N GLU M 62 32.13 -71.70 -81.20
CA GLU M 62 33.14 -70.70 -80.87
C GLU M 62 32.62 -69.70 -79.85
N LEU M 63 31.35 -69.29 -79.98
CA LEU M 63 30.61 -68.49 -79.01
C LEU M 63 30.18 -69.19 -77.73
N ALA M 64 29.90 -70.50 -77.74
CA ALA M 64 29.56 -71.31 -76.59
C ALA M 64 30.80 -71.70 -75.82
N GLU M 65 31.91 -71.97 -76.53
CA GLU M 65 33.26 -72.09 -76.02
C GLU M 65 33.73 -70.75 -75.49
N LYS M 66 33.50 -69.62 -76.20
CA LYS M 66 33.73 -68.30 -75.66
C LYS M 66 32.88 -67.98 -74.46
N LYS M 67 31.59 -68.33 -74.46
CA LYS M 67 30.73 -68.25 -73.30
C LYS M 67 31.17 -69.15 -72.18
N ALA M 68 31.65 -70.38 -72.45
CA ALA M 68 32.29 -71.25 -71.49
C ALA M 68 33.59 -70.63 -70.97
N THR M 69 34.44 -70.06 -71.83
CA THR M 69 35.67 -69.33 -71.49
C THR M 69 35.39 -68.14 -70.62
N ASP M 70 34.39 -67.31 -70.97
CA ASP M 70 33.92 -66.17 -70.19
C ASP M 70 33.22 -66.61 -68.92
N ALA M 71 32.32 -67.62 -68.98
CA ALA M 71 31.65 -68.18 -67.82
C ALA M 71 32.63 -68.79 -66.84
N GLU M 72 33.64 -69.56 -67.31
CA GLU M 72 34.76 -70.08 -66.56
C GLU M 72 35.72 -69.00 -66.08
N ALA M 73 36.01 -67.97 -66.90
CA ALA M 73 36.73 -66.79 -66.50
C ALA M 73 36.02 -66.07 -65.38
N ASP M 74 34.68 -65.93 -65.48
CA ASP M 74 33.79 -65.50 -64.42
C ASP M 74 33.77 -66.48 -63.26
N VAL M 75 33.77 -67.83 -63.43
CA VAL M 75 33.91 -68.81 -62.34
C VAL M 75 35.19 -68.54 -61.60
N ALA M 76 36.34 -68.44 -62.29
CA ALA M 76 37.62 -68.15 -61.70
C ALA M 76 37.73 -66.75 -61.08
N SER M 77 37.27 -65.69 -61.79
CA SER M 77 37.25 -64.29 -61.35
C SER M 77 36.31 -64.08 -60.19
N LEU M 78 35.13 -64.74 -60.21
CA LEU M 78 34.20 -64.85 -59.10
C LEU M 78 34.77 -65.70 -58.01
N ASN M 79 35.35 -66.89 -58.26
CA ASN M 79 35.93 -67.73 -57.22
C ASN M 79 37.01 -66.97 -56.45
N ARG M 80 37.88 -66.23 -57.16
CA ARG M 80 38.73 -65.22 -56.57
C ARG M 80 37.97 -64.15 -55.77
N ARG M 81 36.90 -63.50 -56.32
CA ARG M 81 36.07 -62.55 -55.58
C ARG M 81 35.30 -63.11 -54.38
N ILE M 82 34.72 -64.33 -54.46
CA ILE M 82 34.04 -65.08 -53.41
C ILE M 82 35.03 -65.33 -52.32
N GLN M 83 36.22 -65.86 -52.67
CA GLN M 83 37.28 -66.08 -51.70
C GLN M 83 37.74 -64.77 -51.08
N LEU M 84 37.91 -63.70 -51.87
CA LEU M 84 38.20 -62.37 -51.33
C LEU M 84 37.14 -61.83 -50.39
N VAL M 85 35.83 -61.98 -50.69
CA VAL M 85 34.76 -61.65 -49.77
C VAL M 85 34.65 -62.62 -48.60
N GLU M 86 34.95 -63.93 -48.73
CA GLU M 86 35.08 -64.87 -47.63
C GLU M 86 36.24 -64.52 -46.71
N GLU M 87 37.44 -64.25 -47.27
CA GLU M 87 38.58 -63.79 -46.51
C GLU M 87 38.37 -62.45 -45.86
N GLU M 88 37.78 -61.48 -46.58
CA GLU M 88 37.38 -60.21 -46.00
C GLU M 88 36.25 -60.33 -45.00
N LEU M 89 35.31 -61.27 -45.20
CA LEU M 89 34.32 -61.65 -44.22
C LEU M 89 34.93 -62.25 -42.97
N ASP M 90 35.89 -63.21 -43.08
CA ASP M 90 36.63 -63.77 -41.96
C ASP M 90 37.33 -62.63 -41.23
N ARG M 91 38.01 -61.74 -41.97
CA ARG M 91 38.59 -60.53 -41.40
C ARG M 91 37.58 -59.59 -40.75
N ALA M 92 36.41 -59.33 -41.35
CA ALA M 92 35.34 -58.57 -40.75
C ALA M 92 34.79 -59.21 -39.49
N GLN M 93 34.61 -60.55 -39.47
CA GLN M 93 34.28 -61.36 -38.31
C GLN M 93 35.34 -61.38 -37.23
N GLU M 94 36.63 -61.51 -37.57
CA GLU M 94 37.75 -61.39 -36.67
C GLU M 94 37.87 -60.00 -36.08
N ARG M 95 37.76 -58.94 -36.94
CA ARG M 95 37.67 -57.56 -36.51
C ARG M 95 36.46 -57.29 -35.66
N LEU M 96 35.31 -57.91 -35.99
CA LEU M 96 34.10 -57.90 -35.19
C LEU M 96 34.29 -58.59 -33.85
N ALA M 97 34.87 -59.80 -33.77
CA ALA M 97 35.22 -60.48 -32.53
C ALA M 97 36.18 -59.66 -31.69
N THR M 98 37.19 -59.03 -32.33
CA THR M 98 38.08 -58.05 -31.72
C THR M 98 37.37 -56.80 -31.24
N ALA M 99 36.48 -56.18 -32.06
CA ALA M 99 35.69 -55.03 -31.71
C ALA M 99 34.70 -55.31 -30.61
N LEU M 100 34.05 -56.49 -30.60
CA LEU M 100 33.21 -57.00 -29.55
C LEU M 100 33.96 -57.32 -28.27
N GLN M 101 35.16 -57.92 -28.34
CA GLN M 101 36.02 -58.10 -27.18
C GLN M 101 36.47 -56.78 -26.59
N LYS M 102 36.93 -55.83 -27.44
CA LYS M 102 37.25 -54.46 -27.03
C LYS M 102 36.06 -53.69 -26.52
N LEU M 103 34.87 -53.90 -27.11
CA LEU M 103 33.60 -53.39 -26.64
C LEU M 103 33.27 -53.94 -25.27
N GLU M 104 33.43 -55.26 -25.05
CA GLU M 104 33.34 -55.87 -23.74
C GLU M 104 34.38 -55.30 -22.78
N GLU M 105 35.66 -55.12 -23.17
CA GLU M 105 36.67 -54.46 -22.35
C GLU M 105 36.38 -53.00 -22.01
N ALA M 106 35.96 -52.18 -23.00
CA ALA M 106 35.58 -50.80 -22.84
C ALA M 106 34.32 -50.62 -22.01
N GLU M 107 33.28 -51.41 -22.30
CA GLU M 107 32.03 -51.48 -21.57
C GLU M 107 32.23 -52.05 -20.19
N LYS M 108 33.06 -53.10 -20.03
CA LYS M 108 33.49 -53.62 -18.74
C LYS M 108 34.31 -52.64 -17.93
N ALA M 109 35.21 -51.87 -18.57
CA ALA M 109 35.90 -50.74 -17.96
C ALA M 109 34.91 -49.70 -17.50
N ALA M 110 33.88 -49.35 -18.32
CA ALA M 110 32.76 -48.53 -17.91
C ALA M 110 31.95 -49.15 -16.78
N ASP M 111 31.51 -50.42 -16.86
CA ASP M 111 30.72 -51.18 -15.91
C ASP M 111 31.41 -51.36 -14.56
N GLU M 112 32.71 -51.75 -14.58
CA GLU M 112 33.56 -51.89 -13.42
C GLU M 112 33.94 -50.56 -12.80
N SER M 113 34.33 -49.56 -13.61
CA SER M 113 34.55 -48.19 -13.12
C SER M 113 33.28 -47.56 -12.61
N GLU M 114 32.11 -47.83 -13.23
CA GLU M 114 30.77 -47.50 -12.76
C GLU M 114 30.45 -48.21 -11.46
N ARG M 115 30.75 -49.51 -11.28
CA ARG M 115 30.65 -50.14 -9.98
C ARG M 115 31.58 -49.60 -8.93
N GLY M 116 32.86 -49.34 -9.32
CA GLY M 116 33.83 -48.59 -8.54
C GLY M 116 33.26 -47.30 -8.04
N MET M 117 32.72 -46.51 -9.01
CA MET M 117 31.95 -45.30 -8.86
C MET M 117 30.73 -45.48 -7.98
N LYS M 118 29.89 -46.53 -8.14
CA LYS M 118 28.77 -46.79 -7.25
C LYS M 118 29.18 -47.00 -5.81
N VAL M 119 30.26 -47.78 -5.57
CA VAL M 119 30.79 -47.96 -4.23
C VAL M 119 31.33 -46.67 -3.64
N ILE M 120 32.10 -45.88 -4.41
CA ILE M 120 32.68 -44.64 -3.90
C ILE M 120 31.76 -43.45 -3.98
N GLU M 121 30.66 -43.48 -4.76
CA GLU M 121 29.54 -42.56 -4.81
C GLU M 121 28.62 -42.85 -3.67
N SER M 122 28.32 -44.14 -3.40
CA SER M 122 27.67 -44.56 -2.17
C SER M 122 28.51 -44.22 -0.96
N ARG M 123 29.84 -44.37 -1.03
CA ARG M 123 30.75 -43.83 -0.03
C ARG M 123 30.72 -42.32 0.04
N ALA M 124 30.77 -41.58 -1.09
CA ALA M 124 30.63 -40.15 -1.15
C ALA M 124 29.32 -39.70 -0.53
N GLN M 125 28.20 -40.39 -0.83
CA GLN M 125 26.90 -40.20 -0.19
C GLN M 125 26.93 -40.45 1.31
N LYS M 126 27.54 -41.56 1.79
CA LYS M 126 27.69 -41.84 3.21
C LYS M 126 28.59 -40.85 3.95
N ASP M 127 29.72 -40.48 3.32
CA ASP M 127 30.67 -39.48 3.76
C ASP M 127 30.04 -38.09 3.72
N GLU M 128 29.23 -37.74 2.69
CA GLU M 128 28.45 -36.53 2.50
C GLU M 128 27.35 -36.41 3.54
N GLU M 129 26.53 -37.46 3.72
CA GLU M 129 25.54 -37.49 4.79
C GLU M 129 26.21 -37.42 6.14
N LYS M 130 27.27 -38.22 6.39
CA LYS M 130 28.00 -38.12 7.62
C LYS M 130 28.67 -36.77 7.83
N MET M 131 29.32 -36.16 6.82
CA MET M 131 29.88 -34.82 6.92
C MET M 131 28.81 -33.78 7.17
N GLU M 132 27.63 -33.83 6.51
CA GLU M 132 26.53 -32.94 6.80
C GLU M 132 26.00 -33.14 8.19
N ILE M 133 25.82 -34.38 8.63
CA ILE M 133 25.44 -34.70 10.01
C ILE M 133 26.47 -34.18 10.98
N GLN M 134 27.76 -34.48 10.79
CA GLN M 134 28.86 -33.99 11.61
C GLN M 134 29.04 -32.49 11.53
N GLU M 135 28.81 -31.86 10.38
CA GLU M 135 28.78 -30.41 10.21
C GLU M 135 27.61 -29.77 10.92
N ILE M 136 26.39 -30.30 10.80
CA ILE M 136 25.22 -29.82 11.55
C ILE M 136 25.42 -30.02 13.03
N GLN M 137 25.90 -31.20 13.45
CA GLN M 137 26.29 -31.48 14.82
C GLN M 137 27.45 -30.65 15.30
N LEU M 138 28.45 -30.33 14.44
CA LEU M 138 29.51 -29.40 14.73
C LEU M 138 28.99 -28.01 14.90
N LYS M 139 28.09 -27.55 14.01
CA LYS M 139 27.43 -26.27 14.11
C LYS M 139 26.65 -26.19 15.37
N GLU M 140 25.85 -27.22 15.71
CA GLU M 140 25.19 -27.32 16.99
C GLU M 140 26.11 -27.48 18.19
N ALA M 141 27.14 -28.34 18.18
CA ALA M 141 28.10 -28.46 19.27
C ALA M 141 28.89 -27.18 19.49
N LYS M 142 29.26 -26.49 18.39
CA LYS M 142 29.77 -25.16 18.39
C LYS M 142 28.74 -24.13 18.82
N HIS M 143 27.47 -24.16 18.37
CA HIS M 143 26.39 -23.31 18.81
C HIS M 143 26.04 -23.49 20.25
N ILE M 144 26.07 -24.73 20.77
CA ILE M 144 26.02 -25.07 22.19
C ILE M 144 27.23 -24.53 22.90
N ALA M 145 28.46 -24.67 22.35
CA ALA M 145 29.66 -24.05 22.89
C ALA M 145 29.56 -22.53 22.90
N GLU M 146 29.09 -21.89 21.82
CA GLU M 146 28.81 -20.48 21.72
C GLU M 146 27.69 -20.04 22.62
N ASP M 147 26.60 -20.81 22.74
CA ASP M 147 25.51 -20.62 23.65
C ASP M 147 25.96 -20.75 25.10
N ALA M 148 26.79 -21.75 25.41
CA ALA M 148 27.48 -21.96 26.67
C ALA M 148 28.52 -20.88 26.98
N ASP M 149 29.29 -20.38 25.99
CA ASP M 149 30.14 -19.19 26.02
C ASP M 149 29.33 -17.91 26.20
N ARG M 150 28.17 -17.77 25.52
CA ARG M 150 27.22 -16.68 25.73
C ARG M 150 26.65 -16.74 27.11
N LYS M 151 26.21 -17.93 27.56
CA LYS M 151 25.77 -18.17 28.92
C LYS M 151 26.89 -17.91 29.87
N TYR M 152 28.13 -18.32 29.61
CA TYR M 152 29.35 -18.00 30.32
C TYR M 152 29.48 -16.51 30.47
N GLU M 153 29.34 -15.71 29.39
CA GLU M 153 29.36 -14.27 29.48
C GLU M 153 28.17 -13.66 30.22
N GLU M 154 26.96 -14.22 30.03
CA GLU M 154 25.77 -13.86 30.79
C GLU M 154 25.95 -14.13 32.28
N VAL M 155 26.49 -15.30 32.67
CA VAL M 155 26.82 -15.63 34.05
C VAL M 155 28.11 -15.05 34.53
N ALA M 156 29.05 -14.59 33.67
CA ALA M 156 30.29 -13.93 34.05
C ALA M 156 30.06 -12.47 34.32
N ARG M 157 29.28 -11.78 33.47
CA ARG M 157 28.82 -10.45 33.76
C ARG M 157 27.82 -10.42 34.91
N LYS M 158 26.91 -11.43 35.01
CA LYS M 158 26.05 -11.56 36.15
C LYS M 158 26.80 -12.07 37.34
N LEU M 159 27.92 -12.79 37.20
CA LEU M 159 28.83 -13.09 38.28
C LEU M 159 29.42 -11.82 38.81
N VAL M 160 29.88 -10.90 37.94
CA VAL M 160 30.27 -9.57 38.38
C VAL M 160 29.10 -8.81 39.02
N ILE M 161 27.87 -8.86 38.46
CA ILE M 161 26.71 -8.26 39.13
C ILE M 161 26.46 -8.88 40.49
N ILE M 162 26.51 -10.22 40.60
CA ILE M 162 26.34 -11.03 41.80
C ILE M 162 27.49 -10.94 42.79
N GLU M 163 28.75 -10.78 42.37
CA GLU M 163 29.90 -10.40 43.18
C GLU M 163 29.74 -8.99 43.67
N SER M 164 29.36 -8.04 42.80
CA SER M 164 29.02 -6.68 43.17
C SER M 164 27.81 -6.62 44.10
N ASP M 165 26.78 -7.47 43.90
CA ASP M 165 25.65 -7.67 44.79
C ASP M 165 25.98 -8.48 46.01
N LEU M 166 27.04 -9.32 46.01
CA LEU M 166 27.62 -9.90 47.20
C LEU M 166 28.37 -8.84 47.96
N GLU M 167 29.20 -8.01 47.30
CA GLU M 167 29.88 -6.88 47.89
C GLU M 167 28.87 -5.91 48.46
N ARG M 168 27.78 -5.61 47.72
CA ARG M 168 26.64 -4.88 48.26
C ARG M 168 25.83 -5.61 49.32
N ALA M 169 25.55 -6.92 49.24
CA ALA M 169 24.86 -7.71 50.25
C ALA M 169 25.65 -7.80 51.54
N GLU M 170 26.97 -8.01 51.41
CA GLU M 170 27.97 -7.92 52.44
C GLU M 170 28.15 -6.52 52.96
N GLU M 171 28.21 -5.48 52.08
CA GLU M 171 28.23 -4.08 52.45
C GLU M 171 27.00 -3.71 53.22
N ARG M 172 25.81 -4.19 52.81
CA ARG M 172 24.58 -4.09 53.57
C ARG M 172 24.59 -4.90 54.84
N ALA M 173 25.20 -6.09 54.88
CA ALA M 173 25.48 -6.81 56.11
C ALA M 173 26.35 -5.97 57.04
N GLU M 174 27.48 -5.41 56.56
CA GLU M 174 28.37 -4.49 57.26
C GLU M 174 27.76 -3.14 57.62
N LEU M 175 26.93 -2.55 56.76
CA LEU M 175 26.25 -1.27 56.92
C LEU M 175 25.09 -1.37 57.86
N SER M 176 24.26 -2.41 57.72
CA SER M 176 23.18 -2.72 58.65
C SER M 176 23.69 -3.23 59.97
N GLU M 177 24.75 -4.08 60.00
CA GLU M 177 25.48 -4.47 61.21
C GLU M 177 26.21 -3.30 61.84
N GLY M 178 26.88 -2.47 61.02
CA GLY M 178 27.60 -1.29 61.45
C GLY M 178 26.68 -0.27 62.03
N LYS M 179 25.58 0.04 61.33
CA LYS M 179 24.50 0.87 61.84
C LYS M 179 23.78 0.26 63.03
N CYS M 180 23.51 -1.07 63.07
CA CYS M 180 22.93 -1.73 64.24
C CYS M 180 23.83 -1.59 65.45
N ALA M 181 25.15 -1.78 65.29
CA ALA M 181 26.18 -1.56 66.28
C ALA M 181 26.30 -0.09 66.72
N GLU M 182 26.21 0.88 65.77
CA GLU M 182 26.08 2.30 66.09
C GLU M 182 24.82 2.56 66.90
N LEU M 183 23.68 1.96 66.50
CA LEU M 183 22.45 1.98 67.27
C LEU M 183 22.55 1.29 68.59
N GLU M 184 23.31 0.18 68.77
CA GLU M 184 23.62 -0.40 70.06
C GLU M 184 24.36 0.56 70.96
N GLU M 185 25.37 1.27 70.42
CA GLU M 185 26.02 2.36 71.11
C GLU M 185 25.11 3.55 71.40
N GLU M 186 24.30 4.04 70.42
CA GLU M 186 23.31 5.10 70.62
C GLU M 186 22.27 4.68 71.63
N LEU M 187 21.76 3.44 71.55
CA LEU M 187 20.83 2.81 72.45
C LEU M 187 21.40 2.67 73.84
N LYS M 188 22.62 2.13 74.01
CA LYS M 188 23.28 2.10 75.30
C LYS M 188 23.52 3.49 75.85
N THR M 189 23.93 4.46 75.01
CA THR M 189 24.03 5.87 75.40
C THR M 189 22.71 6.46 75.87
N VAL M 190 21.59 6.31 75.13
CA VAL M 190 20.30 6.80 75.57
C VAL M 190 19.69 5.98 76.67
N THR M 191 19.97 4.67 76.76
CA THR M 191 19.59 3.81 77.88
C THR M 191 20.33 4.20 79.13
N ASN M 192 21.66 4.48 79.06
CA ASN M 192 22.44 4.99 80.17
C ASN M 192 22.06 6.41 80.57
N ASN M 193 21.78 7.30 79.59
CA ASN M 193 21.19 8.60 79.84
C ASN M 193 19.80 8.50 80.43
N LEU M 194 18.94 7.59 79.94
CA LEU M 194 17.65 7.27 80.51
C LEU M 194 17.78 6.76 81.92
N LYS M 195 18.68 5.81 82.20
CA LYS M 195 18.98 5.34 83.54
C LYS M 195 19.52 6.43 84.44
N SER M 196 20.38 7.34 83.92
CA SER M 196 20.82 8.54 84.63
C SER M 196 19.68 9.49 84.93
N LEU M 197 18.82 9.82 83.93
CA LEU M 197 17.63 10.65 84.09
C LEU M 197 16.55 10.03 84.94
N GLU M 198 16.33 8.71 84.81
CA GLU M 198 15.45 7.91 85.62
C GLU M 198 15.96 7.83 87.04
N ALA M 199 17.27 7.57 87.24
CA ALA M 199 17.89 7.64 88.55
C ALA M 199 17.84 9.05 89.12
N GLN M 200 18.04 10.09 88.31
CA GLN M 200 17.89 11.47 88.70
C GLN M 200 16.44 11.86 89.04
N ALA M 201 15.47 11.50 88.19
CA ALA M 201 14.03 11.65 88.38
C ALA M 201 13.53 10.85 89.55
N GLU M 202 14.05 9.63 89.77
CA GLU M 202 13.86 8.81 90.95
C GLU M 202 14.52 9.39 92.19
N LYS M 203 15.75 9.92 92.12
CA LYS M 203 16.34 10.65 93.24
C LYS M 203 15.55 11.89 93.60
N TYR M 204 15.02 12.61 92.59
CA TYR M 204 14.00 13.63 92.80
C TYR M 204 12.73 13.09 93.36
N SER M 205 12.14 11.99 92.84
CA SER M 205 10.91 11.36 93.33
C SER M 205 11.06 10.96 94.78
N GLN M 206 12.23 10.39 95.15
CA GLN M 206 12.64 10.13 96.51
C GLN M 206 12.82 11.38 97.35
N LYS M 207 13.38 12.48 96.82
CA LYS M 207 13.35 13.78 97.47
C LYS M 207 11.94 14.34 97.60
N GLU M 208 11.08 14.21 96.58
CA GLU M 208 9.67 14.55 96.56
C GLU M 208 8.91 13.75 97.59
N ASP M 209 9.17 12.43 97.74
CA ASP M 209 8.70 11.58 98.82
C ASP M 209 9.24 12.01 100.17
N LYS M 210 10.56 12.30 100.34
CA LYS M 210 11.13 12.80 101.59
C LYS M 210 10.50 14.10 102.00
N TYR M 211 10.37 15.04 101.03
CA TYR M 211 9.58 16.23 101.21
C TYR M 211 8.15 15.91 101.48
N GLU M 212 7.47 15.00 100.75
CA GLU M 212 6.08 14.65 101.01
C GLU M 212 5.85 14.07 102.39
N GLU M 213 6.76 13.22 102.89
CA GLU M 213 6.83 12.79 104.26
C GLU M 213 7.03 13.96 105.23
N GLU M 214 7.97 14.88 104.96
CA GLU M 214 8.17 16.12 105.72
C GLU M 214 7.06 17.14 105.56
N ILE M 215 6.37 17.24 104.43
CA ILE M 215 5.20 18.02 104.07
C ILE M 215 4.06 17.49 104.86
N LYS M 216 3.86 16.16 104.90
CA LYS M 216 2.90 15.58 105.82
C LYS M 216 3.28 15.83 107.27
N VAL M 217 4.55 15.64 107.68
CA VAL M 217 5.00 15.99 109.03
C VAL M 217 4.80 17.46 109.34
N LEU M 218 5.19 18.41 108.47
CA LEU M 218 5.02 19.82 108.72
C LEU M 218 3.64 20.34 108.46
N SER M 219 2.84 19.76 107.55
CA SER M 219 1.43 20.05 107.34
C SER M 219 0.63 19.56 108.50
N ASP M 220 0.88 18.32 109.00
CA ASP M 220 0.32 17.84 110.24
C ASP M 220 0.84 18.64 111.42
N LYS M 221 2.15 18.89 111.54
CA LYS M 221 2.74 19.71 112.60
C LYS M 221 2.23 21.13 112.60
N LEU M 222 2.00 21.72 111.41
CA LEU M 222 1.30 22.95 111.17
C LEU M 222 -0.16 22.85 111.51
N LYS M 223 -0.92 21.81 111.09
CA LYS M 223 -2.30 21.64 111.53
C LYS M 223 -2.42 21.42 113.01
N GLU M 224 -1.52 20.65 113.64
CA GLU M 224 -1.41 20.53 115.07
C GLU M 224 -0.96 21.79 115.77
N ALA M 225 0.04 22.52 115.23
CA ALA M 225 0.50 23.81 115.72
C ALA M 225 -0.52 24.91 115.52
N GLU M 226 -1.30 24.87 114.43
CA GLU M 226 -2.49 25.63 114.13
C GLU M 226 -3.61 25.21 115.03
N THR M 227 -3.82 23.91 115.29
CA THR M 227 -4.76 23.43 116.31
C THR M 227 -4.35 23.93 117.68
N ARG M 228 -3.04 23.97 118.00
CA ARG M 228 -2.46 24.61 119.17
C ARG M 228 -2.55 26.13 119.19
N ALA M 229 -2.31 26.83 118.06
CA ALA M 229 -2.44 28.25 117.87
C ALA M 229 -3.88 28.66 117.97
N GLU M 230 -4.80 27.97 117.25
CA GLU M 230 -6.23 28.07 117.34
C GLU M 230 -6.73 27.65 118.70
N PHE M 231 -6.21 26.58 119.33
CA PHE M 231 -6.48 26.19 120.72
C PHE M 231 -6.10 27.31 121.63
N ALA M 232 -4.88 27.87 121.47
CA ALA M 232 -4.43 29.00 122.22
C ALA M 232 -5.27 30.20 121.93
N GLU M 233 -5.65 30.56 120.69
CA GLU M 233 -6.61 31.60 120.37
C GLU M 233 -7.95 31.36 121.03
N ARG M 234 -8.53 30.13 120.98
CA ARG M 234 -9.76 29.78 121.62
C ARG M 234 -9.70 29.71 123.14
N SER M 235 -8.62 29.17 123.72
CA SER M 235 -8.28 29.12 125.14
C SER M 235 -8.04 30.50 125.67
N VAL M 236 -7.27 31.31 124.92
CA VAL M 236 -7.15 32.74 125.09
C VAL M 236 -8.53 33.38 125.00
N THR M 237 -9.37 33.13 123.96
CA THR M 237 -10.76 33.66 123.88
C THR M 237 -11.64 33.27 125.06
N LYS M 238 -11.58 32.00 125.53
CA LYS M 238 -12.24 31.54 126.74
C LYS M 238 -11.73 32.25 127.98
N LEU M 239 -10.41 32.51 128.06
CA LEU M 239 -9.81 33.25 129.13
C LEU M 239 -9.79 34.76 128.91
N GLU M 240 -10.12 35.31 127.74
CA GLU M 240 -10.46 36.68 127.45
C GLU M 240 -11.84 36.92 128.01
N LYS M 241 -12.75 35.96 127.75
CA LYS M 241 -14.02 35.95 128.42
C LYS M 241 -13.91 35.72 129.92
N SER M 242 -13.13 34.73 130.40
CA SER M 242 -13.01 34.46 131.83
C SER M 242 -12.12 35.44 132.55
N ILE M 243 -11.15 36.12 131.89
CA ILE M 243 -10.46 37.27 132.45
C ILE M 243 -11.48 38.37 132.62
N ASP M 244 -12.24 38.76 131.56
CA ASP M 244 -13.23 39.82 131.64
C ASP M 244 -14.33 39.51 132.64
N ASP M 245 -14.81 38.24 132.72
CA ASP M 245 -15.69 37.78 133.78
C ASP M 245 -15.03 37.95 135.15
N LEU M 246 -13.76 37.54 135.38
CA LEU M 246 -13.05 37.85 136.63
C LEU M 246 -12.80 39.31 136.86
N GLU M 247 -12.50 40.11 135.83
CA GLU M 247 -12.35 41.55 135.90
C GLU M 247 -13.65 42.20 136.32
N ASP M 248 -14.80 41.79 135.73
CA ASP M 248 -16.14 42.25 136.03
C ASP M 248 -16.67 41.70 137.34
N GLU M 249 -16.43 40.42 137.67
CA GLU M 249 -16.79 39.79 138.92
C GLU M 249 -15.95 40.31 140.06
N LEU M 250 -14.61 40.43 139.95
CA LEU M 250 -13.80 41.05 140.96
C LEU M 250 -14.14 42.52 141.14
N TYR M 251 -14.37 43.23 140.03
CA TYR M 251 -14.95 44.56 140.03
C TYR M 251 -16.28 44.63 140.75
N LEU N 1 17.40 -17.92 -147.88
CA LEU N 1 16.66 -19.18 -148.22
C LEU N 1 15.26 -19.30 -147.65
N LYS N 2 14.53 -20.38 -148.02
CA LYS N 2 13.32 -20.79 -147.34
C LYS N 2 13.57 -21.21 -145.89
N LEU N 3 14.80 -21.67 -145.55
CA LEU N 3 15.18 -22.08 -144.22
C LEU N 3 15.48 -20.90 -143.33
N ASP N 4 15.94 -19.77 -143.90
CA ASP N 4 16.20 -18.55 -143.15
C ASP N 4 14.91 -17.90 -142.78
N LYS N 5 13.97 -17.81 -143.76
CA LYS N 5 12.62 -17.36 -143.53
C LYS N 5 11.89 -18.32 -142.63
N GLU N 6 12.02 -19.65 -142.77
CA GLU N 6 11.36 -20.62 -141.92
C GLU N 6 11.84 -20.56 -140.50
N ASN N 7 13.16 -20.43 -140.25
CA ASN N 7 13.68 -20.22 -138.92
C ASN N 7 13.32 -18.86 -138.32
N ALA N 8 13.37 -17.76 -139.11
CA ALA N 8 12.90 -16.46 -138.68
C ALA N 8 11.41 -16.40 -138.45
N LEU N 9 10.62 -17.07 -139.31
CA LEU N 9 9.22 -17.32 -139.16
C LEU N 9 8.90 -18.23 -137.98
N ASP N 10 9.64 -19.33 -137.72
CA ASP N 10 9.49 -20.15 -136.52
C ASP N 10 9.70 -19.29 -135.28
N ARG N 11 10.72 -18.40 -135.27
CA ARG N 11 10.85 -17.40 -134.23
C ARG N 11 9.69 -16.41 -134.14
N ALA N 12 9.19 -15.85 -135.26
CA ALA N 12 8.02 -14.98 -135.28
C ALA N 12 6.71 -15.67 -134.92
N GLU N 13 6.40 -16.83 -135.52
CA GLU N 13 5.23 -17.67 -135.34
C GLU N 13 5.19 -18.28 -133.96
N GLN N 14 6.34 -18.81 -133.47
CA GLN N 14 6.49 -19.20 -132.09
C GLN N 14 6.38 -18.00 -131.18
N ALA N 15 6.96 -16.83 -131.50
CA ALA N 15 6.74 -15.59 -130.76
C ALA N 15 5.28 -15.11 -130.74
N GLU N 16 4.49 -15.28 -131.82
CA GLU N 16 3.04 -15.14 -131.86
C GLU N 16 2.29 -16.18 -131.03
N ALA N 17 2.72 -17.46 -131.07
CA ALA N 17 2.26 -18.53 -130.20
C ALA N 17 2.59 -18.29 -128.72
N ASP N 18 3.80 -17.76 -128.43
CA ASP N 18 4.28 -17.31 -127.15
C ASP N 18 3.58 -16.04 -126.73
N LYS N 19 3.18 -15.17 -127.68
CA LYS N 19 2.31 -14.04 -127.45
C LYS N 19 0.94 -14.51 -127.08
N LYS N 20 0.39 -15.54 -127.76
CA LYS N 20 -0.82 -16.21 -127.31
C LYS N 20 -0.67 -16.80 -125.92
N ALA N 21 0.41 -17.54 -125.62
CA ALA N 21 0.67 -18.08 -124.30
C ALA N 21 0.93 -17.02 -123.23
N ALA N 22 1.70 -15.96 -123.53
CA ALA N 22 1.97 -14.81 -122.70
C ALA N 22 0.74 -13.99 -122.43
N GLU N 23 -0.10 -13.78 -123.48
CA GLU N 23 -1.43 -13.19 -123.40
C GLU N 23 -2.40 -14.06 -122.66
N ASP N 24 -2.39 -15.40 -122.86
CA ASP N 24 -3.15 -16.35 -122.08
C ASP N 24 -2.75 -16.22 -120.61
N ARG N 25 -1.44 -16.21 -120.27
CA ARG N 25 -0.99 -15.93 -118.92
C ARG N 25 -1.37 -14.55 -118.40
N SER N 26 -1.16 -13.45 -119.16
CA SER N 26 -1.48 -12.10 -118.73
C SER N 26 -2.97 -11.84 -118.59
N LYS N 27 -3.82 -12.30 -119.53
CA LYS N 27 -5.26 -12.21 -119.46
C LYS N 27 -5.84 -13.06 -118.34
N GLN N 28 -5.33 -14.31 -118.14
CA GLN N 28 -5.69 -15.16 -117.02
C GLN N 28 -5.24 -14.55 -115.73
N LEU N 29 -4.02 -13.98 -115.67
CA LEU N 29 -3.59 -13.21 -114.53
C LEU N 29 -4.39 -11.95 -114.27
N GLU N 30 -4.83 -11.19 -115.30
CA GLU N 30 -5.80 -10.11 -115.13
C GLU N 30 -7.16 -10.59 -114.64
N ASP N 31 -7.71 -11.69 -115.21
CA ASP N 31 -8.92 -12.38 -114.73
C ASP N 31 -8.75 -12.84 -113.27
N GLU N 32 -7.55 -13.31 -112.90
CA GLU N 32 -7.19 -13.69 -111.55
C GLU N 32 -6.74 -12.50 -110.71
N LEU N 33 -6.42 -11.31 -111.22
CA LEU N 33 -6.32 -10.08 -110.44
C LEU N 33 -7.69 -9.68 -110.05
N VAL N 34 -8.66 -9.81 -110.99
CA VAL N 34 -10.07 -9.68 -110.66
C VAL N 34 -10.50 -10.76 -109.71
N SER N 35 -10.14 -12.06 -109.88
CA SER N 35 -10.44 -13.12 -108.92
C SER N 35 -9.83 -12.86 -107.55
N LEU N 36 -8.53 -12.48 -107.50
CA LEU N 36 -7.80 -12.16 -106.29
C LEU N 36 -8.32 -10.92 -105.63
N GLN N 37 -8.57 -9.83 -106.36
CA GLN N 37 -9.18 -8.62 -105.86
C GLN N 37 -10.60 -8.83 -105.40
N LYS N 38 -11.40 -9.61 -106.15
CA LYS N 38 -12.74 -10.02 -105.79
C LYS N 38 -12.80 -10.94 -104.59
N LYS N 39 -11.86 -11.90 -104.45
CA LYS N 39 -11.71 -12.72 -103.27
C LYS N 39 -11.07 -12.00 -102.11
N LEU N 40 -10.19 -11.00 -102.36
CA LEU N 40 -9.68 -10.02 -101.41
C LEU N 40 -10.80 -9.16 -100.88
N LYS N 41 -11.70 -8.70 -101.77
CA LYS N 41 -12.86 -7.98 -101.34
C LYS N 41 -13.95 -8.87 -100.80
N GLY N 42 -13.96 -10.17 -101.19
CA GLY N 42 -14.74 -11.23 -100.57
C GLY N 42 -14.35 -11.40 -99.15
N THR N 43 -13.04 -11.59 -98.91
CA THR N 43 -12.45 -11.58 -97.58
C THR N 43 -12.61 -10.26 -96.86
N GLU N 44 -12.46 -9.08 -97.49
CA GLU N 44 -12.69 -7.75 -96.90
C GLU N 44 -14.13 -7.50 -96.47
N ASP N 45 -15.13 -7.84 -97.32
CA ASP N 45 -16.54 -7.81 -97.03
C ASP N 45 -16.87 -8.76 -95.86
N GLU N 46 -16.29 -9.98 -95.89
CA GLU N 46 -16.33 -10.91 -94.78
C GLU N 46 -15.59 -10.45 -93.54
N LEU N 47 -14.47 -9.68 -93.63
CA LEU N 47 -13.78 -9.05 -92.51
C LEU N 47 -14.71 -8.16 -91.79
N ASP N 48 -15.46 -7.31 -92.51
CA ASP N 48 -16.48 -6.45 -91.95
C ASP N 48 -17.57 -7.29 -91.32
N LYS N 49 -18.09 -8.34 -91.99
CA LYS N 49 -19.10 -9.21 -91.40
C LYS N 49 -18.66 -9.90 -90.11
N TYR N 50 -17.42 -10.43 -90.07
CA TYR N 50 -16.83 -10.94 -88.86
C TYR N 50 -16.46 -9.87 -87.84
N SER N 51 -15.91 -8.70 -88.24
CA SER N 51 -15.55 -7.55 -87.41
C SER N 51 -16.77 -6.88 -86.79
N GLU N 52 -17.86 -6.71 -87.56
CA GLU N 52 -19.14 -6.28 -87.09
C GLU N 52 -19.81 -7.30 -86.19
N ALA N 53 -19.86 -8.60 -86.60
CA ALA N 53 -20.38 -9.66 -85.76
C ALA N 53 -19.58 -9.83 -84.47
N LEU N 54 -18.24 -9.62 -84.55
CA LEU N 54 -17.32 -9.52 -83.44
C LEU N 54 -17.55 -8.31 -82.55
N LYS N 55 -17.64 -7.06 -83.07
CA LYS N 55 -17.87 -5.87 -82.26
C LYS N 55 -19.22 -5.97 -81.56
N ASP N 56 -20.22 -6.56 -82.27
CA ASP N 56 -21.53 -6.83 -81.75
C ASP N 56 -21.47 -7.96 -80.73
N ALA N 57 -20.73 -9.06 -80.97
CA ALA N 57 -20.48 -10.11 -79.99
C ALA N 57 -19.74 -9.60 -78.76
N GLN N 58 -18.73 -8.73 -78.93
CA GLN N 58 -18.02 -8.00 -77.89
C GLN N 58 -18.86 -6.98 -77.15
N GLU N 59 -19.71 -6.19 -77.83
CA GLU N 59 -20.66 -5.28 -77.20
C GLU N 59 -21.73 -6.03 -76.44
N LYS N 60 -22.28 -7.11 -77.03
CA LYS N 60 -23.19 -8.03 -76.37
C LYS N 60 -22.53 -8.75 -75.23
N LEU N 61 -21.25 -9.11 -75.35
CA LEU N 61 -20.41 -9.65 -74.30
C LEU N 61 -20.15 -8.66 -73.19
N GLU N 62 -19.76 -7.40 -73.48
CA GLU N 62 -19.60 -6.36 -72.47
C GLU N 62 -20.92 -6.06 -71.81
N LEU N 63 -22.02 -5.95 -72.59
CA LEU N 63 -23.36 -5.83 -72.07
C LEU N 63 -23.83 -7.04 -71.27
N ALA N 64 -23.63 -8.29 -71.72
CA ALA N 64 -23.96 -9.51 -71.00
C ALA N 64 -23.10 -9.71 -69.78
N GLU N 65 -21.80 -9.33 -69.85
CA GLU N 65 -20.91 -9.20 -68.73
C GLU N 65 -21.43 -8.17 -67.77
N LYS N 66 -21.89 -7.00 -68.23
CA LYS N 66 -22.61 -6.05 -67.39
C LYS N 66 -23.97 -6.51 -66.89
N LYS N 67 -24.77 -7.28 -67.65
CA LYS N 67 -25.98 -7.92 -67.15
C LYS N 67 -25.67 -8.85 -66.01
N ALA N 68 -24.60 -9.65 -66.18
CA ALA N 68 -23.99 -10.47 -65.17
C ALA N 68 -23.35 -9.68 -64.04
N THR N 69 -22.63 -8.56 -64.29
CA THR N 69 -22.00 -7.69 -63.28
C THR N 69 -23.01 -6.92 -62.48
N ASP N 70 -24.07 -6.38 -63.11
CA ASP N 70 -25.20 -5.74 -62.47
C ASP N 70 -26.03 -6.77 -61.73
N ALA N 71 -26.35 -7.94 -62.35
CA ALA N 71 -26.99 -9.07 -61.68
C ALA N 71 -26.15 -9.63 -60.56
N GLU N 72 -24.81 -9.66 -60.71
CA GLU N 72 -23.82 -9.95 -59.69
C GLU N 72 -23.80 -8.89 -58.62
N ALA N 73 -23.83 -7.58 -58.93
CA ALA N 73 -23.94 -6.49 -57.99
C ALA N 73 -25.22 -6.57 -57.17
N ASP N 74 -26.35 -6.88 -57.84
CA ASP N 74 -27.65 -7.17 -57.24
C ASP N 74 -27.65 -8.42 -56.41
N VAL N 75 -27.13 -9.57 -56.91
CA VAL N 75 -26.97 -10.80 -56.13
C VAL N 75 -25.99 -10.61 -54.99
N ALA N 76 -24.88 -9.86 -55.19
CA ALA N 76 -23.92 -9.52 -54.16
C ALA N 76 -24.54 -8.61 -53.10
N SER N 77 -25.38 -7.64 -53.50
CA SER N 77 -26.21 -6.82 -52.62
C SER N 77 -27.19 -7.68 -51.83
N LEU N 78 -27.87 -8.61 -52.52
CA LEU N 78 -28.70 -9.64 -51.92
C LEU N 78 -27.99 -10.65 -51.06
N ASN N 79 -26.77 -11.09 -51.39
CA ASN N 79 -25.88 -11.94 -50.62
C ASN N 79 -25.46 -11.24 -49.36
N ARG N 80 -25.09 -9.94 -49.44
CA ARG N 80 -24.88 -9.14 -48.26
C ARG N 80 -26.14 -9.00 -47.42
N ARG N 81 -27.30 -8.74 -48.06
CA ARG N 81 -28.59 -8.79 -47.37
C ARG N 81 -28.92 -10.14 -46.80
N ILE N 82 -28.71 -11.28 -47.49
CA ILE N 82 -28.94 -12.60 -46.92
C ILE N 82 -28.05 -12.81 -45.74
N GLN N 83 -26.74 -12.50 -45.85
CA GLN N 83 -25.81 -12.65 -44.76
C GLN N 83 -26.16 -11.80 -43.57
N LEU N 84 -26.52 -10.52 -43.78
CA LEU N 84 -26.97 -9.64 -42.71
C LEU N 84 -28.34 -9.97 -42.12
N VAL N 85 -29.34 -10.24 -42.99
CA VAL N 85 -30.71 -10.55 -42.59
C VAL N 85 -30.81 -11.94 -42.02
N GLU N 86 -30.16 -12.97 -42.60
CA GLU N 86 -30.08 -14.32 -42.07
C GLU N 86 -29.25 -14.37 -40.81
N GLU N 87 -28.14 -13.59 -40.72
CA GLU N 87 -27.47 -13.38 -39.45
C GLU N 87 -28.41 -12.77 -38.42
N GLU N 88 -29.22 -11.74 -38.77
CA GLU N 88 -30.27 -11.27 -37.87
C GLU N 88 -31.45 -12.20 -37.68
N LEU N 89 -31.74 -13.12 -38.61
CA LEU N 89 -32.68 -14.21 -38.45
C LEU N 89 -32.20 -15.13 -37.38
N ASP N 90 -30.92 -15.58 -37.46
CA ASP N 90 -30.25 -16.41 -36.49
C ASP N 90 -30.02 -15.70 -35.19
N ARG N 91 -29.63 -14.42 -35.19
CA ARG N 91 -29.57 -13.62 -33.98
C ARG N 91 -30.92 -13.39 -33.36
N ALA N 92 -31.97 -13.05 -34.13
CA ALA N 92 -33.34 -12.94 -33.67
C ALA N 92 -33.87 -14.27 -33.17
N GLN N 93 -33.55 -15.38 -33.85
CA GLN N 93 -33.81 -16.76 -33.46
C GLN N 93 -33.06 -17.18 -32.21
N GLU N 94 -31.79 -16.76 -32.05
CA GLU N 94 -30.99 -16.92 -30.84
C GLU N 94 -31.49 -16.05 -29.71
N ARG N 95 -31.82 -14.77 -29.97
CA ARG N 95 -32.47 -13.87 -29.03
C ARG N 95 -33.83 -14.36 -28.60
N LEU N 96 -34.58 -14.95 -29.55
CA LEU N 96 -35.79 -15.69 -29.34
C LEU N 96 -35.56 -16.96 -28.54
N ALA N 97 -34.57 -17.80 -28.87
CA ALA N 97 -34.19 -18.99 -28.12
C ALA N 97 -33.82 -18.59 -26.69
N THR N 98 -33.01 -17.54 -26.53
CA THR N 98 -32.70 -16.91 -25.25
C THR N 98 -33.94 -16.40 -24.53
N ALA N 99 -34.86 -15.68 -25.19
CA ALA N 99 -36.13 -15.23 -24.64
C ALA N 99 -37.04 -16.38 -24.23
N LEU N 100 -37.13 -17.46 -25.04
CA LEU N 100 -37.84 -18.70 -24.77
C LEU N 100 -37.24 -19.53 -23.65
N GLN N 101 -35.90 -19.68 -23.59
CA GLN N 101 -35.20 -20.33 -22.49
C GLN N 101 -35.36 -19.55 -21.20
N LYS N 102 -35.21 -18.21 -21.27
CA LYS N 102 -35.56 -17.32 -20.18
C LYS N 102 -37.01 -17.37 -19.81
N LEU N 103 -37.93 -17.52 -20.78
CA LEU N 103 -39.34 -17.75 -20.58
C LEU N 103 -39.63 -19.07 -19.88
N GLU N 104 -38.97 -20.19 -20.24
CA GLU N 104 -39.06 -21.44 -19.52
C GLU N 104 -38.59 -21.29 -18.07
N GLU N 105 -37.43 -20.64 -17.85
CA GLU N 105 -36.95 -20.31 -16.51
C GLU N 105 -37.82 -19.29 -15.76
N ALA N 106 -38.37 -18.28 -16.45
CA ALA N 106 -39.34 -17.32 -15.94
C ALA N 106 -40.67 -17.94 -15.58
N GLU N 107 -41.17 -18.94 -16.35
CA GLU N 107 -42.30 -19.78 -16.01
C GLU N 107 -42.00 -20.72 -14.87
N LYS N 108 -40.80 -21.34 -14.82
CA LYS N 108 -40.36 -22.08 -13.64
C LYS N 108 -40.24 -21.20 -12.41
N ALA N 109 -39.73 -19.96 -12.56
CA ALA N 109 -39.75 -18.93 -11.56
C ALA N 109 -41.14 -18.43 -11.22
N ALA N 110 -42.09 -18.34 -12.19
CA ALA N 110 -43.50 -18.07 -11.98
C ALA N 110 -44.08 -19.17 -11.12
N ASP N 111 -43.86 -20.46 -11.49
CA ASP N 111 -44.20 -21.61 -10.68
C ASP N 111 -43.51 -21.59 -9.33
N GLU N 112 -42.21 -21.33 -9.18
CA GLU N 112 -41.53 -21.30 -7.88
C GLU N 112 -41.89 -20.13 -6.99
N SER N 113 -42.04 -18.93 -7.55
CA SER N 113 -42.53 -17.76 -6.83
C SER N 113 -44.00 -17.87 -6.50
N GLU N 114 -44.84 -18.42 -7.40
CA GLU N 114 -46.25 -18.70 -7.15
C GLU N 114 -46.47 -19.89 -6.23
N ARG N 115 -45.76 -21.01 -6.41
CA ARG N 115 -45.74 -22.15 -5.51
C ARG N 115 -45.18 -21.74 -4.18
N GLY N 116 -44.06 -21.00 -4.17
CA GLY N 116 -43.54 -20.27 -3.01
C GLY N 116 -44.59 -19.42 -2.35
N MET N 117 -45.28 -18.53 -3.06
CA MET N 117 -46.40 -17.76 -2.56
C MET N 117 -47.52 -18.62 -1.98
N LYS N 118 -47.92 -19.73 -2.62
CA LYS N 118 -48.88 -20.70 -2.09
C LYS N 118 -48.40 -21.53 -0.90
N VAL N 119 -47.13 -21.98 -0.88
CA VAL N 119 -46.48 -22.65 0.23
C VAL N 119 -46.32 -21.70 1.40
N ILE N 120 -45.92 -20.45 1.13
CA ILE N 120 -45.89 -19.35 2.07
C ILE N 120 -47.28 -18.95 2.49
N GLU N 121 -48.30 -18.88 1.62
CA GLU N 121 -49.68 -18.64 2.00
C GLU N 121 -50.21 -19.73 2.90
N SER N 122 -49.92 -21.01 2.57
CA SER N 122 -50.17 -22.16 3.44
C SER N 122 -49.42 -22.08 4.76
N ARG N 123 -48.11 -21.74 4.75
CA ARG N 123 -47.34 -21.52 5.95
C ARG N 123 -47.80 -20.33 6.76
N ALA N 124 -48.06 -19.18 6.14
CA ALA N 124 -48.55 -17.93 6.67
C ALA N 124 -49.91 -18.17 7.28
N GLN N 125 -50.80 -18.92 6.61
CA GLN N 125 -52.05 -19.41 7.16
C GLN N 125 -51.85 -20.33 8.35
N LYS N 126 -50.94 -21.33 8.29
CA LYS N 126 -50.62 -22.18 9.44
C LYS N 126 -50.06 -21.39 10.61
N ASP N 127 -49.13 -20.46 10.36
CA ASP N 127 -48.55 -19.56 11.32
C ASP N 127 -49.57 -18.51 11.80
N GLU N 128 -50.48 -18.00 10.95
CA GLU N 128 -51.61 -17.13 11.27
C GLU N 128 -52.65 -17.82 12.11
N GLU N 129 -53.05 -19.05 11.77
CA GLU N 129 -53.87 -19.87 12.60
C GLU N 129 -53.17 -20.21 13.89
N LYS N 130 -51.90 -20.64 13.87
CA LYS N 130 -51.16 -20.81 15.12
C LYS N 130 -51.01 -19.54 15.93
N MET N 131 -50.80 -18.37 15.30
CA MET N 131 -50.85 -17.08 15.95
C MET N 131 -52.22 -16.83 16.57
N GLU N 132 -53.32 -16.99 15.80
CA GLU N 132 -54.70 -16.85 16.26
C GLU N 132 -55.12 -17.85 17.32
N ILE N 133 -54.74 -19.13 17.18
CA ILE N 133 -54.91 -20.23 18.13
C ILE N 133 -54.10 -19.98 19.38
N GLN N 134 -52.81 -19.60 19.27
CA GLN N 134 -52.02 -19.30 20.44
C GLN N 134 -52.38 -17.98 21.08
N GLU N 135 -52.90 -16.93 20.41
CA GLU N 135 -53.41 -15.74 21.07
C GLU N 135 -54.75 -15.97 21.77
N ILE N 136 -55.71 -16.74 21.16
CA ILE N 136 -56.98 -17.07 21.78
C ILE N 136 -56.77 -17.95 23.00
N GLN N 137 -55.87 -18.94 22.86
CA GLN N 137 -55.48 -19.84 23.92
C GLN N 137 -54.51 -19.18 24.85
N LEU N 138 -53.78 -18.12 24.46
CA LEU N 138 -53.01 -17.29 25.36
C LEU N 138 -53.93 -16.50 26.23
N LYS N 139 -54.97 -15.89 25.64
CA LYS N 139 -55.97 -15.19 26.40
C LYS N 139 -56.67 -16.11 27.37
N GLU N 140 -57.03 -17.34 26.92
CA GLU N 140 -57.47 -18.40 27.80
C GLU N 140 -56.42 -18.85 28.81
N ALA N 141 -55.15 -19.11 28.44
CA ALA N 141 -54.07 -19.47 29.34
C ALA N 141 -53.75 -18.43 30.40
N LYS N 142 -53.84 -17.13 30.03
CA LYS N 142 -53.86 -16.00 30.93
C LYS N 142 -55.07 -15.95 31.83
N HIS N 143 -56.28 -16.28 31.31
CA HIS N 143 -57.48 -16.43 32.13
C HIS N 143 -57.43 -17.65 33.03
N ILE N 144 -56.81 -18.76 32.60
CA ILE N 144 -56.45 -19.87 33.45
C ILE N 144 -55.42 -19.45 34.45
N ALA N 145 -54.37 -18.68 34.08
CA ALA N 145 -53.45 -18.12 35.07
C ALA N 145 -54.18 -17.23 36.04
N GLU N 146 -55.05 -16.33 35.56
CA GLU N 146 -55.92 -15.53 36.39
C GLU N 146 -56.85 -16.36 37.27
N ASP N 147 -57.48 -17.43 36.75
CA ASP N 147 -58.25 -18.41 37.49
C ASP N 147 -57.43 -19.29 38.45
N ALA N 148 -56.23 -19.72 38.07
CA ALA N 148 -55.25 -20.48 38.80
C ALA N 148 -54.68 -19.70 39.96
N ASP N 149 -54.32 -18.42 39.72
CA ASP N 149 -54.04 -17.41 40.73
C ASP N 149 -55.27 -17.10 41.55
N ARG N 150 -56.48 -16.94 40.96
CA ARG N 150 -57.71 -16.71 41.69
C ARG N 150 -58.12 -17.83 42.62
N LYS N 151 -58.12 -19.11 42.16
CA LYS N 151 -58.37 -20.28 42.98
C LYS N 151 -57.30 -20.45 44.03
N TYR N 152 -56.01 -20.14 43.67
CA TYR N 152 -54.89 -20.05 44.56
C TYR N 152 -55.16 -18.99 45.61
N GLU N 153 -55.58 -17.78 45.26
CA GLU N 153 -55.96 -16.73 46.18
C GLU N 153 -57.14 -17.12 47.03
N GLU N 154 -58.20 -17.76 46.51
CA GLU N 154 -59.29 -18.24 47.33
C GLU N 154 -58.86 -19.25 48.39
N VAL N 155 -58.07 -20.28 48.00
CA VAL N 155 -57.52 -21.26 48.91
C VAL N 155 -56.41 -20.75 49.82
N ALA N 156 -55.48 -19.91 49.32
CA ALA N 156 -54.41 -19.26 50.04
C ALA N 156 -54.94 -18.22 50.99
N ARG N 157 -55.98 -17.48 50.60
CA ARG N 157 -56.71 -16.60 51.48
C ARG N 157 -57.47 -17.35 52.53
N LYS N 158 -58.10 -18.51 52.21
CA LYS N 158 -58.59 -19.40 53.25
C LYS N 158 -57.48 -19.88 54.13
N LEU N 159 -56.31 -20.26 53.57
CA LEU N 159 -55.14 -20.58 54.36
C LEU N 159 -54.78 -19.46 55.29
N VAL N 160 -54.67 -18.19 54.82
CA VAL N 160 -54.50 -17.00 55.64
C VAL N 160 -55.62 -16.78 56.65
N ILE N 161 -56.91 -16.94 56.29
CA ILE N 161 -58.02 -16.78 57.23
C ILE N 161 -58.00 -17.83 58.32
N ILE N 162 -57.85 -19.10 57.91
CA ILE N 162 -57.74 -20.27 58.76
C ILE N 162 -56.50 -20.15 59.62
N GLU N 163 -55.35 -19.72 59.04
CA GLU N 163 -54.11 -19.37 59.72
C GLU N 163 -54.26 -18.19 60.66
N SER N 164 -54.97 -17.12 60.31
CA SER N 164 -55.26 -16.01 61.21
C SER N 164 -56.14 -16.44 62.38
N ASP N 165 -57.15 -17.31 62.13
CA ASP N 165 -57.92 -18.01 63.16
C ASP N 165 -57.08 -18.97 63.94
N LEU N 166 -56.13 -19.67 63.29
CA LEU N 166 -55.12 -20.56 63.85
C LEU N 166 -54.21 -19.80 64.76
N GLU N 167 -53.64 -18.65 64.35
CA GLU N 167 -52.80 -17.80 65.16
C GLU N 167 -53.54 -17.31 66.37
N ARG N 168 -54.80 -16.89 66.20
CA ARG N 168 -55.68 -16.57 67.31
C ARG N 168 -56.12 -17.75 68.16
N ALA N 169 -56.37 -18.94 67.59
CA ALA N 169 -56.67 -20.18 68.29
C ALA N 169 -55.48 -20.73 69.04
N GLU N 170 -54.28 -20.63 68.46
CA GLU N 170 -52.96 -20.88 69.00
C GLU N 170 -52.65 -19.87 70.07
N GLU N 171 -52.93 -18.56 69.84
CA GLU N 171 -52.87 -17.51 70.84
C GLU N 171 -53.82 -17.82 71.98
N ARG N 172 -55.06 -18.25 71.70
CA ARG N 172 -55.94 -18.78 72.73
C ARG N 172 -55.40 -20.00 73.43
N ALA N 173 -54.76 -20.96 72.71
CA ALA N 173 -54.03 -22.07 73.29
C ALA N 173 -52.91 -21.57 74.19
N GLU N 174 -52.08 -20.59 73.78
CA GLU N 174 -51.07 -19.93 74.58
C GLU N 174 -51.59 -19.11 75.76
N LEU N 175 -52.67 -18.32 75.61
CA LEU N 175 -53.35 -17.59 76.67
C LEU N 175 -54.02 -18.52 77.67
N SER N 176 -54.72 -19.54 77.15
CA SER N 176 -55.35 -20.61 77.92
C SER N 176 -54.36 -21.53 78.57
N GLU N 177 -53.22 -21.85 77.92
CA GLU N 177 -52.06 -22.55 78.46
C GLU N 177 -51.33 -21.70 79.47
N GLY N 178 -51.21 -20.37 79.22
CA GLY N 178 -50.79 -19.35 80.18
C GLY N 178 -51.60 -19.43 81.43
N LYS N 179 -52.93 -19.29 81.32
CA LYS N 179 -53.85 -19.55 82.42
C LYS N 179 -53.75 -20.95 82.98
N CYS N 180 -53.63 -22.02 82.17
CA CYS N 180 -53.48 -23.39 82.63
C CYS N 180 -52.26 -23.55 83.51
N ALA N 181 -51.09 -23.03 83.06
CA ALA N 181 -49.85 -22.96 83.80
C ALA N 181 -49.97 -22.09 85.05
N GLU N 182 -50.57 -20.88 84.97
CA GLU N 182 -50.81 -20.00 86.12
C GLU N 182 -51.68 -20.68 87.16
N LEU N 183 -52.80 -21.28 86.73
CA LEU N 183 -53.69 -22.07 87.56
C LEU N 183 -53.03 -23.31 88.08
N GLU N 184 -52.15 -23.97 87.29
CA GLU N 184 -51.32 -25.08 87.74
C GLU N 184 -50.32 -24.67 88.80
N GLU N 185 -49.65 -23.52 88.65
CA GLU N 185 -48.78 -22.91 89.64
C GLU N 185 -49.56 -22.53 90.89
N GLU N 186 -50.71 -21.86 90.75
CA GLU N 186 -51.64 -21.58 91.84
C GLU N 186 -52.18 -22.83 92.46
N LEU N 187 -52.58 -23.84 91.66
CA LEU N 187 -53.02 -25.15 92.09
C LEU N 187 -51.97 -25.81 92.92
N LYS N 188 -50.72 -25.88 92.42
CA LYS N 188 -49.61 -26.39 93.20
C LYS N 188 -49.28 -25.55 94.41
N THR N 189 -49.28 -24.21 94.34
CA THR N 189 -49.10 -23.36 95.51
C THR N 189 -50.17 -23.58 96.56
N VAL N 190 -51.47 -23.58 96.15
CA VAL N 190 -52.60 -23.86 97.00
C VAL N 190 -52.62 -25.30 97.48
N THR N 191 -52.33 -26.31 96.64
CA THR N 191 -52.18 -27.72 97.01
C THR N 191 -50.99 -27.97 97.91
N ASN N 192 -49.86 -27.30 97.72
CA ASN N 192 -48.73 -27.33 98.64
C ASN N 192 -49.06 -26.69 99.97
N ASN N 193 -49.80 -25.54 99.94
CA ASN N 193 -50.42 -24.95 101.12
C ASN N 193 -51.45 -25.87 101.73
N LEU N 194 -52.28 -26.58 100.95
CA LEU N 194 -53.24 -27.58 101.39
C LEU N 194 -52.55 -28.71 102.11
N LYS N 195 -51.44 -29.24 101.55
CA LYS N 195 -50.63 -30.26 102.19
C LYS N 195 -49.90 -29.79 103.42
N SER N 196 -49.36 -28.55 103.40
CA SER N 196 -48.80 -27.89 104.57
C SER N 196 -49.87 -27.67 105.63
N LEU N 197 -51.10 -27.27 105.22
CA LEU N 197 -52.27 -27.11 106.06
C LEU N 197 -52.98 -28.38 106.47
N GLU N 198 -52.81 -29.50 105.77
CA GLU N 198 -53.23 -30.82 106.19
C GLU N 198 -52.32 -31.29 107.31
N ALA N 199 -51.01 -31.10 107.08
CA ALA N 199 -50.00 -31.30 108.09
C ALA N 199 -50.19 -30.37 109.28
N GLN N 200 -50.47 -29.07 109.06
CA GLN N 200 -50.83 -28.16 110.13
C GLN N 200 -52.15 -28.50 110.77
N ALA N 201 -53.26 -28.77 110.06
CA ALA N 201 -54.56 -29.08 110.64
C ALA N 201 -54.50 -30.32 111.51
N GLU N 202 -53.77 -31.36 111.06
CA GLU N 202 -53.40 -32.49 111.91
C GLU N 202 -52.42 -32.16 113.03
N LYS N 203 -51.31 -31.43 112.79
CA LYS N 203 -50.44 -31.02 113.90
C LYS N 203 -51.12 -30.11 114.89
N TYR N 204 -52.09 -29.31 114.45
CA TYR N 204 -52.91 -28.40 115.21
C TYR N 204 -54.02 -29.14 115.92
N SER N 205 -54.56 -30.26 115.38
CA SER N 205 -55.42 -31.23 116.07
C SER N 205 -54.65 -31.91 117.18
N GLN N 206 -53.40 -32.33 116.88
CA GLN N 206 -52.49 -32.86 117.88
C GLN N 206 -52.10 -31.84 118.92
N LYS N 207 -51.85 -30.58 118.53
CA LYS N 207 -51.70 -29.47 119.45
C LYS N 207 -52.96 -29.16 120.20
N GLU N 208 -54.15 -29.28 119.60
CA GLU N 208 -55.44 -29.18 120.25
C GLU N 208 -55.48 -30.17 121.43
N ASP N 209 -55.08 -31.44 121.17
CA ASP N 209 -54.83 -32.47 122.18
C ASP N 209 -53.67 -32.19 123.13
N LYS N 210 -52.48 -31.74 122.67
CA LYS N 210 -51.31 -31.44 123.51
C LYS N 210 -51.58 -30.31 124.49
N TYR N 211 -52.27 -29.26 124.01
CA TYR N 211 -52.72 -28.12 124.77
C TYR N 211 -53.88 -28.50 125.67
N GLU N 212 -54.84 -29.31 125.19
CA GLU N 212 -55.89 -29.90 126.00
C GLU N 212 -55.34 -30.80 127.10
N GLU N 213 -54.32 -31.61 126.79
CA GLU N 213 -53.54 -32.37 127.74
C GLU N 213 -52.79 -31.49 128.73
N GLU N 214 -52.15 -30.38 128.28
CA GLU N 214 -51.56 -29.39 129.18
C GLU N 214 -52.60 -28.80 130.13
N ILE N 215 -53.81 -28.45 129.62
CA ILE N 215 -54.95 -28.11 130.48
C ILE N 215 -55.36 -29.21 131.41
N LYS N 216 -55.46 -30.47 130.96
CA LYS N 216 -55.82 -31.59 131.79
C LYS N 216 -54.80 -31.88 132.89
N VAL N 217 -53.50 -31.89 132.53
CA VAL N 217 -52.39 -32.04 133.44
C VAL N 217 -52.34 -30.88 134.40
N LEU N 218 -52.43 -29.62 133.94
CA LEU N 218 -52.51 -28.45 134.79
C LEU N 218 -53.72 -28.46 135.68
N SER N 219 -54.90 -28.90 135.20
CA SER N 219 -56.09 -29.09 136.01
C SER N 219 -55.88 -30.11 137.11
N ASP N 220 -55.27 -31.29 136.81
CA ASP N 220 -54.87 -32.25 137.82
C ASP N 220 -53.79 -31.73 138.78
N LYS N 221 -52.73 -31.07 138.27
CA LYS N 221 -51.68 -30.44 139.07
C LYS N 221 -52.17 -29.29 139.92
N LEU N 222 -53.09 -28.46 139.39
CA LEU N 222 -53.81 -27.43 140.09
C LEU N 222 -54.72 -28.02 141.15
N LYS N 223 -55.50 -29.07 140.84
CA LYS N 223 -56.31 -29.75 141.85
C LYS N 223 -55.45 -30.29 142.96
N GLU N 224 -54.31 -30.93 142.65
CA GLU N 224 -53.35 -31.27 143.68
C GLU N 224 -52.75 -30.07 144.39
N ALA N 225 -52.26 -29.02 143.70
CA ALA N 225 -51.69 -27.85 144.35
C ALA N 225 -52.68 -27.10 145.24
N GLU N 226 -53.92 -26.89 144.76
CA GLU N 226 -55.03 -26.31 145.50
C GLU N 226 -55.52 -27.20 146.62
N THR N 227 -55.72 -28.52 146.39
CA THR N 227 -56.10 -29.46 147.44
C THR N 227 -55.03 -29.58 148.50
N ARG N 228 -53.74 -29.69 148.10
CA ARG N 228 -52.61 -29.65 149.00
C ARG N 228 -52.46 -28.33 149.71
N ALA N 229 -52.66 -27.18 149.03
CA ALA N 229 -52.67 -25.84 149.61
C ALA N 229 -53.78 -25.67 150.62
N GLU N 230 -55.03 -26.04 150.29
CA GLU N 230 -56.17 -25.95 151.20
C GLU N 230 -56.09 -26.93 152.37
N PHE N 231 -55.63 -28.17 152.13
CA PHE N 231 -55.30 -29.14 153.17
C PHE N 231 -54.17 -28.64 154.05
N ALA N 232 -53.06 -28.15 153.45
CA ALA N 232 -51.93 -27.63 154.16
C ALA N 232 -52.30 -26.38 154.91
N GLU N 233 -53.20 -25.53 154.37
CA GLU N 233 -53.87 -24.44 155.05
C GLU N 233 -54.73 -24.89 156.23
N ARG N 234 -55.41 -26.05 156.15
CA ARG N 234 -55.94 -26.69 157.33
C ARG N 234 -54.90 -27.15 158.31
N SER N 235 -53.75 -27.69 157.87
CA SER N 235 -52.60 -27.89 158.75
C SER N 235 -52.05 -26.60 159.32
N VAL N 236 -52.01 -25.48 158.56
CA VAL N 236 -51.71 -24.12 159.03
C VAL N 236 -52.65 -23.76 160.15
N THR N 237 -53.98 -23.79 159.91
CA THR N 237 -55.01 -23.44 160.88
C THR N 237 -55.05 -24.34 162.08
N LYS N 238 -54.81 -25.66 161.91
CA LYS N 238 -54.68 -26.60 163.00
C LYS N 238 -53.43 -26.40 163.83
N LEU N 239 -52.26 -26.20 163.20
CA LEU N 239 -51.05 -25.86 163.91
C LEU N 239 -51.19 -24.53 164.62
N GLU N 240 -51.70 -23.49 163.93
CA GLU N 240 -51.97 -22.17 164.45
C GLU N 240 -52.95 -22.17 165.62
N LYS N 241 -54.08 -22.88 165.48
CA LYS N 241 -55.05 -23.05 166.55
C LYS N 241 -54.47 -23.78 167.74
N SER N 242 -53.70 -24.87 167.49
CA SER N 242 -52.97 -25.58 168.53
C SER N 242 -51.95 -24.67 169.20
N ILE N 243 -51.22 -23.83 168.45
CA ILE N 243 -50.31 -22.82 168.97
C ILE N 243 -51.01 -21.79 169.86
N LEU O 1 10.42 -15.45 -149.77
CA LEU O 1 11.49 -16.21 -149.03
C LEU O 1 12.75 -15.44 -148.65
N LYS O 2 13.48 -14.86 -149.63
CA LYS O 2 14.78 -14.23 -149.45
C LYS O 2 14.83 -13.12 -148.39
N LEU O 3 13.79 -12.25 -148.40
CA LEU O 3 13.63 -11.16 -147.47
C LEU O 3 12.71 -11.58 -146.35
N ASP O 4 12.16 -12.81 -146.37
CA ASP O 4 11.23 -13.22 -145.35
C ASP O 4 11.92 -13.72 -144.13
N LYS O 5 13.24 -14.02 -144.19
CA LYS O 5 14.06 -14.12 -143.00
C LYS O 5 14.13 -12.79 -142.24
N GLU O 6 14.22 -11.63 -142.96
CA GLU O 6 14.24 -10.28 -142.43
C GLU O 6 12.86 -9.86 -141.99
N ASN O 7 11.82 -10.06 -142.86
CA ASN O 7 10.44 -9.76 -142.53
C ASN O 7 9.95 -10.56 -141.34
N ALA O 8 10.33 -11.86 -141.26
CA ALA O 8 10.02 -12.72 -140.14
C ALA O 8 10.93 -12.51 -138.95
N LEU O 9 12.16 -11.99 -139.12
CA LEU O 9 12.99 -11.51 -138.01
C LEU O 9 12.45 -10.24 -137.38
N ASP O 10 12.05 -9.24 -138.19
CA ASP O 10 11.35 -8.05 -137.73
C ASP O 10 9.97 -8.38 -137.16
N ARG O 11 9.27 -9.34 -137.79
CA ARG O 11 8.04 -9.91 -137.26
C ARG O 11 8.25 -10.63 -135.95
N ALA O 12 9.34 -11.41 -135.81
CA ALA O 12 9.77 -12.01 -134.57
C ALA O 12 10.10 -10.93 -133.56
N GLU O 13 10.86 -9.87 -133.89
CA GLU O 13 11.13 -8.75 -132.99
C GLU O 13 9.84 -8.09 -132.48
N GLN O 14 8.88 -7.82 -133.39
CA GLN O 14 7.55 -7.35 -133.00
C GLN O 14 6.73 -8.36 -132.22
N ALA O 15 6.65 -9.63 -132.65
CA ALA O 15 5.93 -10.71 -132.00
C ALA O 15 6.51 -11.07 -130.64
N GLU O 16 7.85 -11.03 -130.50
CA GLU O 16 8.59 -11.05 -129.27
C GLU O 16 8.37 -9.81 -128.44
N ALA O 17 8.32 -8.60 -129.01
CA ALA O 17 7.92 -7.38 -128.33
C ALA O 17 6.51 -7.44 -127.75
N ASP O 18 5.53 -7.98 -128.50
CA ASP O 18 4.15 -8.22 -128.08
C ASP O 18 3.97 -9.39 -127.12
N LYS O 19 4.68 -10.54 -127.34
CA LYS O 19 4.73 -11.62 -126.36
C LYS O 19 5.38 -11.16 -125.10
N LYS O 20 6.45 -10.35 -125.20
CA LYS O 20 7.10 -9.68 -124.11
C LYS O 20 6.21 -8.67 -123.43
N ALA O 21 5.46 -7.81 -124.16
CA ALA O 21 4.50 -6.92 -123.54
C ALA O 21 3.40 -7.68 -122.79
N ALA O 22 2.89 -8.78 -123.37
CA ALA O 22 2.01 -9.72 -122.70
C ALA O 22 2.65 -10.48 -121.51
N GLU O 23 3.92 -10.90 -121.61
CA GLU O 23 4.75 -11.53 -120.59
C GLU O 23 5.19 -10.58 -119.47
N ASP O 24 5.57 -9.32 -119.79
CA ASP O 24 5.83 -8.21 -118.89
C ASP O 24 4.55 -7.91 -118.13
N ARG O 25 3.37 -7.86 -118.84
CA ARG O 25 2.09 -7.85 -118.18
C ARG O 25 1.88 -9.08 -117.33
N SER O 26 2.17 -10.30 -117.82
CA SER O 26 2.07 -11.53 -117.02
C SER O 26 2.91 -11.43 -115.74
N LYS O 27 4.16 -10.95 -115.80
CA LYS O 27 4.97 -10.65 -114.63
C LYS O 27 4.42 -9.55 -113.72
N GLN O 28 3.96 -8.41 -114.26
CA GLN O 28 3.36 -7.33 -113.48
C GLN O 28 2.06 -7.74 -112.81
N LEU O 29 1.20 -8.46 -113.56
CA LEU O 29 -0.02 -9.06 -113.10
C LEU O 29 0.23 -10.18 -112.13
N GLU O 30 1.33 -10.95 -112.28
CA GLU O 30 1.81 -11.92 -111.31
C GLU O 30 2.22 -11.26 -110.01
N ASP O 31 3.00 -10.15 -110.07
CA ASP O 31 3.36 -9.34 -108.92
C ASP O 31 2.10 -8.77 -108.24
N GLU O 32 1.13 -8.24 -109.03
CA GLU O 32 -0.18 -7.80 -108.54
C GLU O 32 -1.03 -8.91 -107.98
N LEU O 33 -1.12 -10.07 -108.64
CA LEU O 33 -1.85 -11.23 -108.16
C LEU O 33 -1.30 -11.72 -106.85
N VAL O 34 0.03 -11.82 -106.74
CA VAL O 34 0.72 -12.14 -105.50
C VAL O 34 0.53 -11.07 -104.44
N SER O 35 0.59 -9.76 -104.79
CA SER O 35 0.27 -8.64 -103.89
C SER O 35 -1.16 -8.71 -103.40
N LEU O 36 -2.13 -8.95 -104.31
CA LEU O 36 -3.52 -9.22 -104.00
C LEU O 36 -3.70 -10.45 -103.19
N GLN O 37 -2.98 -11.55 -103.45
CA GLN O 37 -2.97 -12.77 -102.66
C GLN O 37 -2.42 -12.54 -101.27
N LYS O 38 -1.31 -11.80 -101.10
CA LYS O 38 -0.80 -11.40 -99.80
C LYS O 38 -1.74 -10.50 -99.03
N LYS O 39 -2.38 -9.54 -99.72
CA LYS O 39 -3.47 -8.76 -99.15
C LYS O 39 -4.73 -9.55 -98.88
N LEU O 40 -5.10 -10.52 -99.75
CA LEU O 40 -6.18 -11.47 -99.60
C LEU O 40 -5.96 -12.36 -98.43
N LYS O 41 -4.73 -12.86 -98.26
CA LYS O 41 -4.36 -13.62 -97.10
C LYS O 41 -4.22 -12.76 -95.88
N GLY O 42 -3.78 -11.50 -96.03
CA GLY O 42 -3.89 -10.46 -95.01
C GLY O 42 -5.29 -10.33 -94.48
N THR O 43 -6.26 -10.12 -95.39
CA THR O 43 -7.69 -10.11 -95.12
C THR O 43 -8.25 -11.45 -94.69
N GLU O 44 -7.84 -12.61 -95.24
CA GLU O 44 -8.27 -13.98 -94.91
C GLU O 44 -7.79 -14.46 -93.56
N ASP O 45 -6.51 -14.24 -93.23
CA ASP O 45 -5.97 -14.46 -91.90
C ASP O 45 -6.63 -13.51 -90.91
N GLU O 46 -6.88 -12.26 -91.31
CA GLU O 46 -7.67 -11.31 -90.55
C GLU O 46 -9.15 -11.66 -90.42
N LEU O 47 -9.76 -12.30 -91.44
CA LEU O 47 -11.08 -12.90 -91.42
C LEU O 47 -11.13 -13.95 -90.36
N ASP O 48 -10.10 -14.82 -90.27
CA ASP O 48 -9.92 -15.73 -89.15
C ASP O 48 -9.67 -15.01 -87.84
N LYS O 49 -8.83 -13.95 -87.74
CA LYS O 49 -8.63 -13.19 -86.51
C LYS O 49 -9.93 -12.62 -85.94
N TYR O 50 -10.79 -12.05 -86.82
CA TYR O 50 -12.15 -11.69 -86.47
C TYR O 50 -13.07 -12.85 -86.23
N SER O 51 -13.06 -13.93 -87.05
CA SER O 51 -13.90 -15.12 -86.90
C SER O 51 -13.60 -15.88 -85.63
N GLU O 52 -12.31 -16.06 -85.28
CA GLU O 52 -11.84 -16.60 -84.03
C GLU O 52 -12.13 -15.70 -82.85
N ALA O 53 -11.84 -14.38 -82.98
CA ALA O 53 -12.21 -13.39 -81.98
C ALA O 53 -13.72 -13.33 -81.77
N LEU O 54 -14.52 -13.49 -82.85
CA LEU O 54 -15.95 -13.65 -82.85
C LEU O 54 -16.43 -14.96 -82.26
N LYS O 55 -15.91 -16.16 -82.60
CA LYS O 55 -16.35 -17.41 -82.00
C LYS O 55 -16.11 -17.39 -80.51
N ASP O 56 -14.96 -16.80 -80.09
CA ASP O 56 -14.60 -16.60 -78.73
C ASP O 56 -15.45 -15.49 -78.10
N ALA O 57 -15.65 -14.30 -78.72
CA ALA O 57 -16.52 -13.23 -78.24
C ALA O 57 -17.98 -13.64 -78.14
N GLN O 58 -18.49 -14.39 -79.13
CA GLN O 58 -19.79 -15.01 -79.17
C GLN O 58 -19.94 -16.11 -78.14
N GLU O 59 -18.97 -17.03 -77.99
CA GLU O 59 -19.02 -18.04 -76.94
C GLU O 59 -18.90 -17.42 -75.56
N LYS O 60 -18.00 -16.45 -75.38
CA LYS O 60 -17.92 -15.61 -74.19
C LYS O 60 -19.18 -14.82 -73.95
N LEU O 61 -19.88 -14.36 -75.00
CA LEU O 61 -21.23 -13.82 -74.91
C LEU O 61 -22.22 -14.89 -74.44
N GLU O 62 -22.28 -16.10 -75.02
CA GLU O 62 -23.19 -17.16 -74.58
C GLU O 62 -22.93 -17.55 -73.13
N LEU O 63 -21.66 -17.59 -72.71
CA LEU O 63 -21.22 -17.76 -71.34
C LEU O 63 -21.41 -16.56 -70.42
N ALA O 64 -21.33 -15.31 -70.91
CA ALA O 64 -21.57 -14.09 -70.17
C ALA O 64 -23.05 -13.83 -70.02
N GLU O 65 -23.85 -14.16 -71.05
CA GLU O 65 -25.29 -14.26 -71.05
C GLU O 65 -25.71 -15.39 -70.15
N LYS O 66 -25.08 -16.58 -70.21
CA LYS O 66 -25.29 -17.64 -69.24
C LYS O 66 -24.92 -17.26 -67.83
N LYS O 67 -23.77 -16.58 -67.63
CA LYS O 67 -23.41 -15.99 -66.36
C LYS O 67 -24.36 -14.92 -65.90
N ALA O 68 -24.87 -14.05 -66.80
CA ALA O 68 -25.95 -13.13 -66.52
C ALA O 68 -27.24 -13.86 -66.17
N THR O 69 -27.62 -14.93 -66.90
CA THR O 69 -28.76 -15.80 -66.63
C THR O 69 -28.66 -16.48 -65.30
N ASP O 70 -27.48 -17.06 -64.96
CA ASP O 70 -27.17 -17.66 -63.68
C ASP O 70 -27.06 -16.62 -62.59
N ALA O 71 -26.38 -15.48 -62.81
CA ALA O 71 -26.27 -14.38 -61.88
C ALA O 71 -27.61 -13.78 -61.56
N GLU O 72 -28.48 -13.55 -62.58
CA GLU O 72 -29.87 -13.14 -62.46
C GLU O 72 -30.77 -14.20 -61.86
N ALA O 73 -30.57 -15.50 -62.20
CA ALA O 73 -31.21 -16.61 -61.55
C ALA O 73 -30.86 -16.66 -60.07
N ASP O 74 -29.58 -16.43 -59.73
CA ASP O 74 -29.09 -16.18 -58.39
C ASP O 74 -29.66 -14.90 -57.81
N VAL O 75 -29.78 -13.76 -58.53
CA VAL O 75 -30.46 -12.54 -58.06
C VAL O 75 -31.87 -12.87 -57.66
N ALA O 76 -32.65 -13.55 -58.52
CA ALA O 76 -34.00 -13.96 -58.25
C ALA O 76 -34.12 -15.03 -57.14
N SER O 77 -33.29 -16.09 -57.18
CA SER O 77 -33.22 -17.17 -56.20
C SER O 77 -32.75 -16.68 -54.84
N LEU O 78 -31.76 -15.76 -54.82
CA LEU O 78 -31.34 -15.01 -53.65
C LEU O 78 -32.39 -14.03 -53.24
N ASN O 79 -33.01 -13.23 -54.12
CA ASN O 79 -34.05 -12.28 -53.76
C ASN O 79 -35.20 -12.98 -53.06
N ARG O 80 -35.63 -14.15 -53.60
CA ARG O 80 -36.49 -15.08 -52.89
C ARG O 80 -35.91 -15.53 -51.53
N ARG O 81 -34.64 -16.01 -51.44
CA ARG O 81 -34.02 -16.35 -50.15
C ARG O 81 -33.83 -15.21 -49.16
N ILE O 82 -33.45 -13.98 -49.59
CA ILE O 82 -33.33 -12.75 -48.82
C ILE O 82 -34.68 -12.43 -48.26
N GLN O 83 -35.72 -12.42 -49.11
CA GLN O 83 -37.08 -12.19 -48.68
C GLN O 83 -37.55 -13.26 -47.71
N LEU O 84 -37.24 -14.55 -47.97
CA LEU O 84 -37.52 -15.62 -47.02
C LEU O 84 -36.81 -15.47 -45.68
N VAL O 85 -35.51 -15.06 -45.65
CA VAL O 85 -34.83 -14.73 -44.41
C VAL O 85 -35.30 -13.43 -43.79
N GLU O 86 -35.72 -12.39 -44.54
CA GLU O 86 -36.39 -11.20 -44.04
C GLU O 86 -37.74 -11.52 -43.43
N GLU O 87 -38.60 -12.31 -44.12
CA GLU O 87 -39.86 -12.76 -43.60
C GLU O 87 -39.71 -13.67 -42.39
N GLU O 88 -38.75 -14.62 -42.43
CA GLU O 88 -38.41 -15.44 -41.29
C GLU O 88 -37.75 -14.66 -40.16
N LEU O 89 -36.96 -13.61 -40.48
CA LEU O 89 -36.47 -12.64 -39.53
C LEU O 89 -37.59 -11.84 -38.88
N ASP O 90 -38.57 -11.30 -39.64
CA ASP O 90 -39.74 -10.62 -39.12
C ASP O 90 -40.48 -11.57 -38.20
N ARG O 91 -40.71 -12.84 -38.64
CA ARG O 91 -41.27 -13.87 -37.81
C ARG O 91 -40.45 -14.19 -36.56
N ALA O 92 -39.11 -14.30 -36.64
CA ALA O 92 -38.23 -14.46 -35.51
C ALA O 92 -38.29 -13.28 -34.54
N GLN O 93 -38.34 -12.04 -35.05
CA GLN O 93 -38.58 -10.81 -34.31
C GLN O 93 -39.95 -10.71 -33.68
N GLU O 94 -41.03 -11.09 -34.39
CA GLU O 94 -42.38 -11.19 -33.87
C GLU O 94 -42.50 -12.27 -32.81
N ARG O 95 -41.92 -13.47 -33.05
CA ARG O 95 -41.79 -14.53 -32.07
C ARG O 95 -40.95 -14.12 -30.89
N LEU O 96 -39.87 -13.36 -31.12
CA LEU O 96 -39.06 -12.74 -30.09
C LEU O 96 -39.82 -11.70 -29.29
N ALA O 97 -40.57 -10.76 -29.91
CA ALA O 97 -41.45 -9.82 -29.23
C ALA O 97 -42.53 -10.53 -28.41
N THR O 98 -43.12 -11.61 -28.98
CA THR O 98 -44.01 -12.52 -28.27
C THR O 98 -43.35 -13.26 -27.13
N ALA O 99 -42.14 -13.84 -27.33
CA ALA O 99 -41.38 -14.53 -26.31
C ALA O 99 -40.93 -13.60 -25.20
N LEU O 100 -40.50 -12.36 -25.53
CA LEU O 100 -40.20 -11.29 -24.61
C LEU O 100 -41.40 -10.78 -23.85
N GLN O 101 -42.57 -10.62 -24.51
CA GLN O 101 -43.81 -10.29 -23.83
C GLN O 101 -44.25 -11.40 -22.88
N LYS O 102 -44.21 -12.67 -23.32
CA LYS O 102 -44.45 -13.83 -22.47
C LYS O 102 -43.44 -14.00 -21.37
N LEU O 103 -42.16 -13.67 -21.64
CA LEU O 103 -41.10 -13.60 -20.67
C LEU O 103 -41.38 -12.53 -19.63
N GLU O 104 -41.80 -11.33 -20.06
CA GLU O 104 -42.30 -10.30 -19.15
C GLU O 104 -43.51 -10.77 -18.39
N GLU O 105 -44.53 -11.42 -19.01
CA GLU O 105 -45.65 -12.01 -18.29
C GLU O 105 -45.30 -13.11 -17.30
N ALA O 106 -44.43 -14.07 -17.67
CA ALA O 106 -43.93 -15.14 -16.84
C ALA O 106 -43.05 -14.64 -15.70
N GLU O 107 -42.10 -13.73 -16.01
CA GLU O 107 -41.24 -13.06 -15.06
C GLU O 107 -42.03 -12.13 -14.17
N LYS O 108 -43.01 -11.37 -14.72
CA LYS O 108 -43.95 -10.57 -13.94
C LYS O 108 -44.86 -11.40 -13.06
N ALA O 109 -45.33 -12.57 -13.52
CA ALA O 109 -46.01 -13.56 -12.72
C ALA O 109 -45.13 -14.04 -11.59
N ALA O 110 -43.83 -14.35 -11.87
CA ALA O 110 -42.84 -14.62 -10.84
C ALA O 110 -42.60 -13.43 -9.91
N ASP O 111 -42.35 -12.20 -10.41
CA ASP O 111 -42.09 -10.96 -9.70
C ASP O 111 -43.25 -10.52 -8.81
N GLU O 112 -44.49 -10.56 -9.35
CA GLU O 112 -45.72 -10.27 -8.64
C GLU O 112 -46.10 -11.34 -7.66
N SER O 113 -46.02 -12.63 -8.03
CA SER O 113 -46.19 -13.73 -7.09
C SER O 113 -45.13 -13.75 -6.02
N GLU O 114 -43.86 -13.39 -6.34
CA GLU O 114 -42.77 -13.13 -5.42
C GLU O 114 -43.05 -11.95 -4.52
N ARG O 115 -43.58 -10.83 -5.01
CA ARG O 115 -44.06 -9.77 -4.13
C ARG O 115 -45.23 -10.15 -3.26
N GLY O 116 -46.22 -10.89 -3.83
CA GLY O 116 -47.29 -11.56 -3.11
C GLY O 116 -46.75 -12.37 -1.98
N MET O 117 -45.79 -13.25 -2.31
CA MET O 117 -44.95 -14.06 -1.45
C MET O 117 -44.19 -13.23 -0.43
N LYS O 118 -43.51 -12.12 -0.79
CA LYS O 118 -42.85 -11.25 0.17
C LYS O 118 -43.81 -10.68 1.20
N VAL O 119 -45.00 -10.22 0.78
CA VAL O 119 -45.99 -9.73 1.71
C VAL O 119 -46.52 -10.83 2.62
N ILE O 120 -46.82 -12.03 2.09
CA ILE O 120 -47.36 -13.11 2.89
C ILE O 120 -46.30 -13.94 3.59
N GLU O 121 -45.02 -13.87 3.22
CA GLU O 121 -43.84 -14.39 3.87
C GLU O 121 -43.45 -13.46 4.98
N SER O 122 -43.48 -12.12 4.74
CA SER O 122 -43.40 -11.13 5.81
C SER O 122 -44.56 -11.25 6.76
N ARG O 123 -45.78 -11.53 6.27
CA ARG O 123 -46.90 -11.91 7.10
C ARG O 123 -46.68 -13.23 7.82
N ALA O 124 -46.19 -14.29 7.15
CA ALA O 124 -45.82 -15.56 7.76
C ALA O 124 -44.79 -15.36 8.84
N GLN O 125 -43.76 -14.53 8.60
CA GLN O 125 -42.78 -14.11 9.58
C GLN O 125 -43.40 -13.36 10.76
N LYS O 126 -44.29 -12.37 10.53
CA LYS O 126 -45.00 -11.66 11.59
C LYS O 126 -45.95 -12.55 12.40
N ASP O 127 -46.70 -13.42 11.70
CA ASP O 127 -47.59 -14.43 12.25
C ASP O 127 -46.79 -15.50 12.99
N GLU O 128 -45.62 -15.94 12.47
CA GLU O 128 -44.65 -16.86 13.05
C GLU O 128 -44.01 -16.29 14.28
N GLU O 129 -43.48 -15.05 14.23
CA GLU O 129 -42.98 -14.37 15.40
C GLU O 129 -44.07 -14.15 16.41
N LYS O 130 -45.25 -13.66 15.99
CA LYS O 130 -46.36 -13.52 16.90
C LYS O 130 -46.85 -14.84 17.46
N MET O 131 -46.99 -15.92 16.67
CA MET O 131 -47.35 -17.23 17.19
C MET O 131 -46.30 -17.78 18.14
N GLU O 132 -44.98 -17.62 17.88
CA GLU O 132 -43.94 -18.01 18.81
C GLU O 132 -44.00 -17.18 20.08
N ILE O 133 -44.19 -15.85 19.96
CA ILE O 133 -44.39 -14.99 21.12
C ILE O 133 -45.62 -15.40 21.89
N GLN O 134 -46.78 -15.57 21.24
CA GLN O 134 -48.02 -16.03 21.85
C GLN O 134 -47.93 -17.45 22.38
N GLU O 135 -47.19 -18.36 21.72
CA GLU O 135 -46.90 -19.70 22.21
C GLU O 135 -45.99 -19.69 23.42
N ILE O 136 -44.89 -18.90 23.43
CA ILE O 136 -44.04 -18.72 24.59
C ILE O 136 -44.80 -18.08 25.74
N GLN O 137 -45.58 -17.02 25.45
CA GLN O 137 -46.48 -16.40 26.41
C GLN O 137 -47.59 -17.30 26.84
N LEU O 138 -48.14 -18.17 25.97
CA LEU O 138 -49.08 -19.21 26.33
C LEU O 138 -48.46 -20.24 27.22
N LYS O 139 -47.23 -20.71 26.90
CA LYS O 139 -46.47 -21.63 27.72
C LYS O 139 -46.22 -21.02 29.05
N GLU O 140 -45.76 -19.76 29.13
CA GLU O 140 -45.64 -19.03 30.36
C GLU O 140 -46.96 -18.73 31.07
N ALA O 141 -48.03 -18.27 30.41
CA ALA O 141 -49.33 -18.04 31.02
C ALA O 141 -49.95 -19.33 31.55
N LYS O 142 -49.78 -20.43 30.79
CA LYS O 142 -50.05 -21.78 31.22
C LYS O 142 -49.11 -22.24 32.32
N HIS O 143 -47.79 -22.01 32.26
CA HIS O 143 -46.82 -22.31 33.31
C HIS O 143 -47.07 -21.53 34.56
N ILE O 144 -47.47 -20.25 34.49
CA ILE O 144 -48.01 -19.44 35.57
C ILE O 144 -49.29 -20.02 36.08
N ALA O 145 -50.23 -20.44 35.20
CA ALA O 145 -51.44 -21.14 35.60
C ALA O 145 -51.13 -22.46 36.29
N GLU O 146 -50.20 -23.28 35.76
CA GLU O 146 -49.71 -24.49 36.35
C GLU O 146 -48.94 -24.25 37.63
N ASP O 147 -48.11 -23.20 37.70
CA ASP O 147 -47.42 -22.74 38.88
C ASP O 147 -48.38 -22.24 39.94
N ALA O 148 -49.42 -21.47 39.55
CA ALA O 148 -50.53 -21.05 40.34
C ALA O 148 -51.44 -22.19 40.79
N ASP O 149 -51.72 -23.22 39.93
CA ASP O 149 -52.32 -24.50 40.24
C ASP O 149 -51.45 -25.35 41.17
N ARG O 150 -50.12 -25.39 40.96
CA ARG O 150 -49.17 -26.00 41.87
C ARG O 150 -49.17 -25.31 43.20
N LYS O 151 -49.11 -23.95 43.19
CA LYS O 151 -49.24 -23.14 44.38
C LYS O 151 -50.57 -23.36 45.00
N TYR O 152 -51.67 -23.43 44.25
CA TYR O 152 -53.01 -23.82 44.66
C TYR O 152 -52.96 -25.14 45.40
N GLU O 153 -52.32 -26.19 44.85
CA GLU O 153 -52.16 -27.45 45.54
C GLU O 153 -51.25 -27.39 46.76
N GLU O 154 -50.16 -26.61 46.71
CA GLU O 154 -49.30 -26.32 47.84
C GLU O 154 -50.04 -25.61 48.95
N VAL O 155 -50.85 -24.58 48.65
CA VAL O 155 -51.71 -23.89 49.59
C VAL O 155 -53.00 -24.62 49.89
N ALA O 156 -53.47 -25.59 49.09
CA ALA O 156 -54.65 -26.40 49.36
C ALA O 156 -54.32 -27.54 50.29
N ARG O 157 -53.19 -28.23 50.06
CA ARG O 157 -52.67 -29.18 51.03
C ARG O 157 -52.18 -28.51 52.29
N LYS O 158 -51.54 -27.32 52.18
CA LYS O 158 -51.18 -26.55 53.36
C LYS O 158 -52.39 -25.90 53.95
N LEU O 159 -53.46 -25.62 53.21
CA LEU O 159 -54.75 -25.24 53.76
C LEU O 159 -55.30 -26.35 54.60
N VAL O 160 -55.27 -27.61 54.11
CA VAL O 160 -55.58 -28.76 54.96
C VAL O 160 -54.64 -28.87 56.16
N ILE O 161 -53.31 -28.67 56.00
CA ILE O 161 -52.41 -28.63 57.15
C ILE O 161 -52.76 -27.53 58.13
N ILE O 162 -53.05 -26.32 57.64
CA ILE O 162 -53.46 -25.12 58.37
C ILE O 162 -54.87 -25.18 58.93
N GLU O 163 -55.85 -25.84 58.29
CA GLU O 163 -57.14 -26.20 58.82
C GLU O 163 -56.97 -27.25 59.90
N SER O 164 -56.17 -28.29 59.66
CA SER O 164 -55.78 -29.28 60.67
C SER O 164 -55.00 -28.66 61.82
N ASP O 165 -54.12 -27.68 61.57
CA ASP O 165 -53.44 -26.87 62.57
C ASP O 165 -54.31 -25.80 63.17
N LEU O 166 -55.40 -25.36 62.52
CA LEU O 166 -56.47 -24.60 63.13
C LEU O 166 -57.27 -25.48 64.03
N GLU O 167 -57.67 -26.69 63.59
CA GLU O 167 -58.34 -27.68 64.40
C GLU O 167 -57.49 -28.06 65.58
N ARG O 168 -56.17 -28.28 65.38
CA ARG O 168 -55.22 -28.40 66.47
C ARG O 168 -54.98 -27.15 67.29
N ALA O 169 -54.88 -25.93 66.73
CA ALA O 169 -54.73 -24.68 67.47
C ALA O 169 -55.95 -24.36 68.31
N GLU O 170 -57.14 -24.60 67.75
CA GLU O 170 -58.44 -24.60 68.39
C GLU O 170 -58.58 -25.73 69.39
N GLU O 171 -58.16 -26.98 69.07
CA GLU O 171 -58.10 -28.11 69.98
C GLU O 171 -57.20 -27.81 71.14
N ARG O 172 -56.04 -27.18 70.90
CA ARG O 172 -55.18 -26.65 71.93
C ARG O 172 -55.77 -25.49 72.69
N ALA O 173 -56.53 -24.58 72.05
CA ALA O 173 -57.35 -23.58 72.72
C ALA O 173 -58.36 -24.26 73.63
N GLU O 174 -59.14 -25.25 73.14
CA GLU O 174 -60.07 -26.08 73.89
C GLU O 174 -59.45 -26.98 74.95
N LEU O 175 -58.28 -27.58 74.70
CA LEU O 175 -57.54 -28.46 75.57
C LEU O 175 -56.84 -27.70 76.66
N SER O 176 -56.17 -26.58 76.32
CA SER O 176 -55.57 -25.67 77.28
C SER O 176 -56.60 -24.90 78.06
N GLU O 177 -57.71 -24.44 77.43
CA GLU O 177 -58.87 -23.88 78.11
C GLU O 177 -59.61 -24.90 78.94
N GLY O 178 -59.79 -26.12 78.40
CA GLY O 178 -60.45 -27.22 79.09
C GLY O 178 -59.67 -27.67 80.28
N LYS O 179 -58.35 -27.88 80.11
CA LYS O 179 -57.42 -28.14 81.19
C LYS O 179 -57.29 -26.96 82.16
N CYS O 180 -57.26 -25.69 81.70
CA CYS O 180 -57.26 -24.51 82.58
C CYS O 180 -58.51 -24.46 83.44
N ALA O 181 -59.69 -24.74 82.85
CA ALA O 181 -60.97 -24.88 83.52
C ALA O 181 -61.02 -26.06 84.49
N GLU O 182 -60.44 -27.24 84.12
CA GLU O 182 -60.23 -28.36 85.04
C GLU O 182 -59.34 -27.95 86.19
N LEU O 183 -58.23 -27.22 85.91
CA LEU O 183 -57.40 -26.62 86.91
C LEU O 183 -58.07 -25.56 87.73
N GLU O 184 -59.00 -24.74 87.20
CA GLU O 184 -59.85 -23.84 87.97
C GLU O 184 -60.71 -24.60 88.95
N GLU O 185 -61.33 -25.72 88.52
CA GLU O 185 -62.03 -26.63 89.40
C GLU O 185 -61.12 -27.31 90.41
N GLU O 186 -59.95 -27.87 89.99
CA GLU O 186 -58.95 -28.45 90.89
C GLU O 186 -58.43 -27.43 91.88
N LEU O 187 -58.12 -26.21 91.41
CA LEU O 187 -57.70 -25.06 92.17
C LEU O 187 -58.75 -24.61 93.15
N LYS O 188 -60.02 -24.42 92.72
CA LYS O 188 -61.10 -24.13 93.64
C LYS O 188 -61.33 -25.24 94.64
N THR O 189 -61.24 -26.52 94.23
CA THR O 189 -61.27 -27.66 95.14
C THR O 189 -60.15 -27.64 96.17
N VAL O 190 -58.86 -27.45 95.77
CA VAL O 190 -57.77 -27.37 96.72
C VAL O 190 -57.74 -26.08 97.47
N THR O 191 -58.22 -24.95 96.92
CA THR O 191 -58.42 -23.68 97.62
C THR O 191 -59.51 -23.81 98.66
N ASN O 192 -60.65 -24.46 98.35
CA ASN O 192 -61.70 -24.74 99.31
C ASN O 192 -61.29 -25.76 100.36
N ASN O 193 -60.54 -26.81 99.98
CA ASN O 193 -59.90 -27.73 100.92
C ASN O 193 -58.85 -27.02 101.77
N LEU O 194 -58.03 -26.13 101.18
CA LEU O 194 -57.09 -25.29 101.90
C LEU O 194 -57.81 -24.37 102.86
N LYS O 195 -58.89 -23.69 102.43
CA LYS O 195 -59.72 -22.88 103.31
C LYS O 195 -60.40 -23.69 104.39
N SER O 196 -60.85 -24.93 104.11
CA SER O 196 -61.34 -25.87 105.10
C SER O 196 -60.26 -26.29 106.09
N LEU O 197 -59.05 -26.68 105.62
CA LEU O 197 -57.91 -27.03 106.44
C LEU O 197 -57.33 -25.86 107.19
N GLU O 198 -57.27 -24.68 106.59
CA GLU O 198 -56.88 -23.42 107.18
C GLU O 198 -57.88 -23.00 108.22
N ALA O 199 -59.19 -23.07 107.93
CA ALA O 199 -60.24 -22.86 108.91
C ALA O 199 -60.19 -23.88 110.01
N GLN O 200 -59.93 -25.16 109.71
CA GLN O 200 -59.71 -26.21 110.68
C GLN O 200 -58.47 -26.01 111.54
N ALA O 201 -57.31 -25.72 110.92
CA ALA O 201 -56.04 -25.38 111.55
C ALA O 201 -56.14 -24.10 112.36
N GLU O 202 -56.87 -23.09 111.86
CA GLU O 202 -57.25 -21.89 112.59
C GLU O 202 -58.23 -22.16 113.72
N LYS O 203 -59.26 -23.01 113.55
CA LYS O 203 -60.10 -23.42 114.66
C LYS O 203 -59.33 -24.18 115.72
N TYR O 204 -58.36 -25.04 115.31
CA TYR O 204 -57.35 -25.57 116.20
C TYR O 204 -56.47 -24.52 116.80
N SER O 205 -55.90 -23.56 116.05
CA SER O 205 -55.04 -22.47 116.54
C SER O 205 -55.78 -21.65 117.58
N GLN O 206 -57.08 -21.35 117.32
CA GLN O 206 -58.00 -20.74 118.27
C GLN O 206 -58.29 -21.61 119.48
N LYS O 207 -58.45 -22.95 119.33
CA LYS O 207 -58.46 -23.87 120.47
C LYS O 207 -57.14 -23.92 121.21
N GLU O 208 -55.98 -23.93 120.51
CA GLU O 208 -54.64 -23.82 121.03
C GLU O 208 -54.44 -22.53 121.78
N ASP O 209 -54.92 -21.37 121.26
CA ASP O 209 -55.03 -20.10 121.97
C ASP O 209 -55.96 -20.17 123.17
N LYS O 210 -57.19 -20.74 123.07
CA LYS O 210 -58.10 -20.91 124.20
C LYS O 210 -57.47 -21.74 125.28
N TYR O 211 -56.86 -22.87 124.88
CA TYR O 211 -56.03 -23.66 125.77
C TYR O 211 -54.86 -22.87 126.27
N GLU O 212 -54.10 -22.11 125.43
CA GLU O 212 -52.97 -21.31 125.89
C GLU O 212 -53.36 -20.24 126.90
N GLU O 213 -54.50 -19.59 126.71
CA GLU O 213 -55.14 -18.73 127.68
C GLU O 213 -55.50 -19.48 128.95
N GLU O 214 -56.14 -20.67 128.86
CA GLU O 214 -56.42 -21.56 129.99
C GLU O 214 -55.19 -22.21 130.61
N ILE O 215 -54.13 -22.49 129.87
CA ILE O 215 -52.81 -22.99 130.22
C ILE O 215 -52.13 -21.91 130.97
N LYS O 216 -52.16 -20.65 130.50
CA LYS O 216 -51.71 -19.53 131.31
C LYS O 216 -52.54 -19.36 132.55
N VAL O 217 -53.90 -19.41 132.47
CA VAL O 217 -54.75 -19.36 133.65
C VAL O 217 -54.47 -20.51 134.62
N LEU O 218 -54.37 -21.77 134.17
CA LEU O 218 -54.09 -22.89 135.04
C LEU O 218 -52.65 -23.05 135.42
N SER O 219 -51.67 -22.62 134.61
CA SER O 219 -50.25 -22.56 134.94
C SER O 219 -50.02 -21.48 135.95
N ASP O 220 -50.62 -20.28 135.78
CA ASP O 220 -50.64 -19.25 136.80
C ASP O 220 -51.43 -19.69 138.00
N LYS O 221 -52.64 -20.26 137.86
CA LYS O 221 -53.45 -20.78 138.96
C LYS O 221 -52.76 -21.90 139.71
N LEU O 222 -52.03 -22.77 138.99
CA LEU O 222 -51.11 -23.75 139.51
C LEU O 222 -49.91 -23.12 140.17
N LYS O 223 -49.22 -22.13 139.58
CA LYS O 223 -48.15 -21.42 140.25
C LYS O 223 -48.61 -20.68 141.48
N GLU O 224 -49.79 -20.03 141.44
CA GLU O 224 -50.44 -19.44 142.57
C GLU O 224 -50.92 -20.45 143.60
N ALA O 225 -51.53 -21.58 143.18
CA ALA O 225 -51.93 -22.69 144.02
C ALA O 225 -50.77 -23.45 144.60
N GLU O 226 -49.66 -23.56 143.87
CA GLU O 226 -48.34 -24.01 144.27
C GLU O 226 -47.71 -22.99 145.17
N THR O 227 -47.80 -21.68 144.89
CA THR O 227 -47.39 -20.64 145.83
C THR O 227 -48.20 -20.72 147.09
N ARG O 228 -49.52 -21.02 147.03
CA ARG O 228 -50.39 -21.33 148.15
C ARG O 228 -50.08 -22.66 148.84
N ALA O 229 -49.77 -23.75 148.10
CA ALA O 229 -49.38 -25.05 148.59
C ALA O 229 -48.03 -24.96 149.25
N GLU O 230 -47.04 -24.34 148.59
CA GLU O 230 -45.73 -23.98 149.11
C GLU O 230 -45.84 -22.98 150.24
N PHE O 231 -46.72 -21.95 150.17
CA PHE O 231 -47.03 -21.04 151.27
C PHE O 231 -47.55 -21.83 152.43
N ALA O 232 -48.52 -22.73 152.20
CA ALA O 232 -49.05 -23.60 153.21
C ALA O 232 -47.99 -24.54 153.71
N GLU O 233 -47.14 -25.18 152.90
CA GLU O 233 -45.98 -25.95 153.33
C GLU O 233 -45.04 -25.11 154.17
N ARG O 234 -44.67 -23.88 153.75
CA ARG O 234 -43.83 -22.98 154.50
C ARG O 234 -44.45 -22.39 155.76
N SER O 235 -45.75 -22.03 155.73
CA SER O 235 -46.58 -21.57 156.83
C SER O 235 -46.79 -22.69 157.80
N VAL O 236 -47.10 -23.90 157.31
CA VAL O 236 -47.07 -25.15 158.03
C VAL O 236 -45.67 -25.35 158.61
N THR O 237 -44.55 -25.26 157.84
CA THR O 237 -43.18 -25.35 158.39
C THR O 237 -42.86 -24.34 159.47
N LYS O 238 -43.27 -23.07 159.32
CA LYS O 238 -43.18 -22.04 160.35
C LYS O 238 -44.00 -22.38 161.57
N LEU O 239 -45.20 -22.95 161.39
CA LEU O 239 -46.05 -23.42 162.46
C LEU O 239 -45.76 -24.84 162.92
N GLU O 240 -44.94 -25.65 162.24
CA GLU O 240 -44.32 -26.87 162.66
C GLU O 240 -43.23 -26.49 163.63
N LYS O 241 -42.44 -25.48 163.25
CA LYS O 241 -41.53 -24.86 164.17
C LYS O 241 -42.21 -24.17 165.34
N SER O 242 -43.25 -23.33 165.11
CA SER O 242 -43.94 -22.62 166.18
C SER O 242 -44.87 -23.49 166.98
N ILE O 243 -45.41 -24.60 166.42
CA ILE O 243 -46.08 -25.64 167.22
C ILE O 243 -45.04 -26.26 168.11
N PHE P 1 -1.18 72.76 14.81
CA PHE P 1 -2.29 71.93 15.37
C PHE P 1 -1.96 71.35 16.73
N ASP P 2 -2.96 70.88 17.51
CA ASP P 2 -2.70 70.33 18.82
C ASP P 2 -1.91 69.03 18.85
N ALA P 3 -0.94 68.90 19.78
CA ALA P 3 -0.23 67.65 20.02
C ALA P 3 -1.01 66.73 20.96
N LYS P 4 -2.29 66.45 20.65
CA LYS P 4 -3.16 65.58 21.44
C LYS P 4 -3.19 64.16 20.85
N SER P 5 -2.50 63.96 19.71
CA SER P 5 -2.49 62.73 18.93
C SER P 5 -3.82 62.38 18.29
N SER P 6 -4.17 63.06 17.18
CA SER P 6 -5.32 62.71 16.34
C SER P 6 -5.05 61.46 15.52
N VAL P 7 -5.89 60.42 15.67
CA VAL P 7 -5.65 59.08 15.14
C VAL P 7 -7.01 58.50 14.77
N PHE P 8 -7.13 57.62 13.77
CA PHE P 8 -8.43 57.09 13.37
C PHE P 8 -8.82 55.86 14.17
N VAL P 9 -10.08 55.80 14.64
CA VAL P 9 -10.59 54.70 15.45
C VAL P 9 -11.72 53.97 14.73
N VAL P 10 -11.83 52.64 14.93
CA VAL P 10 -12.96 51.83 14.51
C VAL P 10 -14.28 52.31 15.13
N ASP P 11 -15.32 52.46 14.30
CA ASP P 11 -16.68 52.69 14.73
C ASP P 11 -17.57 51.82 13.82
N ALA P 12 -18.84 51.67 14.19
CA ALA P 12 -19.82 50.89 13.46
C ALA P 12 -20.86 51.76 12.76
N LYS P 13 -20.80 53.11 12.84
CA LYS P 13 -21.55 53.97 11.94
C LYS P 13 -20.66 54.56 10.87
N GLU P 14 -19.57 55.25 11.24
CA GLU P 14 -18.52 55.59 10.29
C GLU P 14 -17.43 54.58 10.55
N SER P 15 -17.05 53.72 9.58
CA SER P 15 -16.17 52.58 9.86
C SER P 15 -14.84 52.95 10.48
N TYR P 16 -14.28 54.10 10.04
CA TYR P 16 -13.20 54.76 10.73
C TYR P 16 -13.51 56.23 10.87
N VAL P 17 -13.48 56.73 12.11
CA VAL P 17 -13.78 58.12 12.45
C VAL P 17 -12.56 58.71 13.17
N LYS P 18 -12.34 60.04 13.08
CA LYS P 18 -11.23 60.69 13.78
C LYS P 18 -11.40 60.68 15.30
N ALA P 19 -10.32 60.35 16.02
CA ALA P 19 -10.31 60.27 17.46
C ALA P 19 -9.04 60.90 17.99
N THR P 20 -9.04 61.23 19.28
CA THR P 20 -7.94 61.89 19.96
C THR P 20 -7.47 60.91 21.00
N VAL P 21 -6.24 60.37 20.85
CA VAL P 21 -5.71 59.30 21.70
C VAL P 21 -5.58 59.66 23.16
N GLN P 22 -5.00 60.84 23.48
CA GLN P 22 -4.75 61.38 24.81
C GLN P 22 -4.18 60.48 25.91
N SER P 23 -4.91 59.44 26.35
CA SER P 23 -4.58 58.59 27.48
C SER P 23 -4.51 57.14 27.04
N ARG P 24 -3.39 56.46 27.35
CA ARG P 24 -3.08 55.14 26.83
C ARG P 24 -2.38 54.31 27.89
N GLU P 25 -2.78 53.05 28.07
CA GLU P 25 -2.11 52.14 28.98
C GLU P 25 -2.13 50.73 28.39
N GLY P 26 -0.95 50.11 28.27
CA GLY P 26 -0.77 48.80 27.64
C GLY P 26 -1.38 48.67 26.27
N GLY P 27 -2.36 47.76 26.13
CA GLY P 27 -3.11 47.58 24.89
C GLY P 27 -4.34 48.44 24.75
N LYS P 28 -4.69 49.28 25.74
CA LYS P 28 -5.94 50.01 25.79
C LYS P 28 -5.74 51.52 25.73
N VAL P 29 -6.53 52.19 24.89
CA VAL P 29 -6.53 53.63 24.76
C VAL P 29 -7.90 54.15 25.12
N THR P 30 -7.95 55.23 25.93
CA THR P 30 -9.18 55.92 26.31
C THR P 30 -9.25 57.20 25.51
N ALA P 31 -10.04 57.21 24.42
CA ALA P 31 -9.92 58.21 23.37
C ALA P 31 -11.14 59.11 23.29
N LYS P 32 -10.91 60.41 23.01
CA LYS P 32 -11.95 61.40 22.72
C LYS P 32 -12.15 61.48 21.21
N THR P 33 -13.02 62.37 20.71
CA THR P 33 -13.07 62.68 19.28
C THR P 33 -14.37 63.40 18.98
N GLU P 34 -14.95 63.19 17.78
CA GLU P 34 -16.00 64.03 17.21
C GLU P 34 -17.30 64.12 18.01
N GLY P 35 -17.76 63.01 18.61
CA GLY P 35 -18.92 62.99 19.49
C GLY P 35 -18.67 63.45 20.91
N GLY P 36 -17.41 63.75 21.29
CA GLY P 36 -17.02 64.31 22.58
C GLY P 36 -16.98 63.36 23.75
N ALA P 37 -17.35 62.09 23.55
CA ALA P 37 -17.35 61.07 24.57
C ALA P 37 -16.02 60.32 24.63
N THR P 38 -15.77 59.60 25.74
CA THR P 38 -14.57 58.79 25.92
C THR P 38 -14.93 57.33 26.05
N VAL P 39 -14.29 56.47 25.23
CA VAL P 39 -14.52 55.04 25.23
C VAL P 39 -13.17 54.35 25.13
N THR P 40 -13.09 53.02 25.43
CA THR P 40 -11.81 52.32 25.49
C THR P 40 -11.68 51.19 24.48
N VAL P 41 -10.66 51.24 23.62
CA VAL P 41 -10.50 50.31 22.51
C VAL P 41 -9.06 49.82 22.48
N LYS P 42 -8.77 48.73 21.74
CA LYS P 42 -7.44 48.18 21.60
C LYS P 42 -6.60 49.03 20.64
N ASP P 43 -5.39 49.49 21.04
CA ASP P 43 -4.54 50.43 20.32
C ASP P 43 -4.17 49.97 18.90
N ASP P 44 -3.86 48.68 18.77
CA ASP P 44 -3.74 47.86 17.56
C ASP P 44 -4.84 48.02 16.49
N GLN P 45 -6.04 48.52 16.85
CA GLN P 45 -7.14 48.77 15.95
C GLN P 45 -7.28 50.26 15.61
N VAL P 46 -6.32 51.09 16.05
CA VAL P 46 -6.39 52.54 15.99
C VAL P 46 -5.20 53.03 15.18
N PHE P 47 -5.43 53.73 14.06
CA PHE P 47 -4.41 53.91 13.03
C PHE P 47 -4.16 55.36 12.69
N SER P 48 -2.87 55.79 12.72
CA SER P 48 -2.37 57.14 12.47
C SER P 48 -3.06 58.03 11.43
N MET P 49 -3.37 59.28 11.81
CA MET P 49 -3.89 60.26 10.88
C MET P 49 -2.75 61.02 10.22
N ASN P 50 -2.92 61.44 8.95
CA ASN P 50 -1.95 62.27 8.27
C ASN P 50 -2.18 63.76 8.61
N PRO P 51 -1.18 64.62 8.74
CA PRO P 51 -1.42 66.06 8.89
C PRO P 51 -2.21 66.72 7.75
N PRO P 52 -2.92 67.85 7.94
CA PRO P 52 -3.78 68.49 6.92
C PRO P 52 -3.19 68.80 5.56
N LYS P 53 -1.85 68.81 5.43
CA LYS P 53 -1.12 68.94 4.18
C LYS P 53 -1.30 67.74 3.24
N TYR P 54 -1.66 66.57 3.81
CA TYR P 54 -1.84 65.35 3.05
C TYR P 54 -3.32 65.00 2.93
N ASP P 55 -4.23 65.75 3.58
CA ASP P 55 -5.65 65.62 3.35
C ASP P 55 -5.99 66.11 1.94
N LYS P 56 -6.73 65.28 1.19
CA LYS P 56 -7.14 65.51 -0.19
C LYS P 56 -6.04 65.25 -1.22
N ILE P 57 -4.92 64.61 -0.81
CA ILE P 57 -3.75 64.39 -1.66
C ILE P 57 -4.02 63.63 -2.95
N GLU P 58 -3.32 64.02 -4.05
CA GLU P 58 -3.49 63.54 -5.41
C GLU P 58 -3.34 62.03 -5.57
N ASP P 59 -2.22 61.50 -5.04
CA ASP P 59 -1.88 60.10 -5.03
C ASP P 59 -1.75 59.67 -3.57
N MET P 60 -2.32 58.51 -3.22
CA MET P 60 -2.31 58.00 -1.86
C MET P 60 -0.97 57.44 -1.43
N ALA P 61 -0.04 57.17 -2.39
CA ALA P 61 1.32 56.77 -2.06
C ALA P 61 2.15 57.89 -1.43
N MET P 62 1.66 59.15 -1.53
CA MET P 62 2.29 60.31 -0.95
C MET P 62 1.74 60.64 0.43
N MET P 63 0.86 59.79 1.00
CA MET P 63 0.50 59.88 2.40
C MET P 63 1.58 59.24 3.26
N THR P 64 2.01 59.95 4.33
CA THR P 64 3.03 59.44 5.24
C THR P 64 2.55 58.23 6.06
N HIS P 65 1.28 58.22 6.50
CA HIS P 65 0.70 57.10 7.21
C HIS P 65 -0.27 56.38 6.30
N LEU P 66 0.04 55.10 5.97
CA LEU P 66 -0.70 54.32 5.01
C LEU P 66 -1.42 53.17 5.69
N HIS P 67 -2.75 53.26 5.82
CA HIS P 67 -3.55 52.24 6.44
C HIS P 67 -4.94 52.40 5.86
N GLU P 68 -5.85 51.42 6.01
CA GLU P 68 -7.22 51.53 5.52
C GLU P 68 -8.04 52.75 6.02
N PRO P 69 -7.96 53.32 7.23
CA PRO P 69 -8.64 54.57 7.56
C PRO P 69 -8.15 55.77 6.81
N ALA P 70 -6.82 55.92 6.60
CA ALA P 70 -6.23 57.01 5.87
C ALA P 70 -6.68 57.02 4.41
N VAL P 71 -6.73 55.82 3.79
CA VAL P 71 -7.32 55.60 2.49
C VAL P 71 -8.79 55.95 2.45
N LEU P 72 -9.60 55.43 3.40
CA LEU P 72 -11.03 55.72 3.44
C LEU P 72 -11.36 57.19 3.71
N TYR P 73 -10.65 57.85 4.65
CA TYR P 73 -10.81 59.25 4.94
C TYR P 73 -10.46 60.14 3.74
N ASN P 74 -9.33 59.89 3.04
CA ASN P 74 -9.00 60.64 1.85
C ASN P 74 -10.05 60.44 0.75
N LEU P 75 -10.52 59.20 0.48
CA LEU P 75 -11.60 58.98 -0.47
C LEU P 75 -12.91 59.68 -0.09
N LYS P 76 -13.30 59.66 1.21
CA LYS P 76 -14.44 60.41 1.73
C LYS P 76 -14.30 61.92 1.52
N GLU P 77 -13.13 62.49 1.88
CA GLU P 77 -12.80 63.88 1.74
C GLU P 77 -12.73 64.34 0.28
N ARG P 78 -12.19 63.52 -0.63
CA ARG P 78 -12.26 63.75 -2.06
C ARG P 78 -13.69 63.70 -2.62
N TYR P 79 -14.46 62.62 -2.33
CA TYR P 79 -15.80 62.38 -2.83
C TYR P 79 -16.84 63.41 -2.37
N ALA P 80 -16.82 63.78 -1.07
CA ALA P 80 -17.74 64.77 -0.50
C ALA P 80 -17.59 66.15 -1.14
N ALA P 81 -16.37 66.46 -1.59
CA ALA P 81 -16.02 67.67 -2.30
C ALA P 81 -16.01 67.48 -3.81
N TRP P 82 -16.83 66.54 -4.34
CA TRP P 82 -17.20 66.37 -5.75
C TRP P 82 -16.19 65.57 -6.56
N MET P 83 -15.03 65.20 -5.98
CA MET P 83 -13.96 64.60 -6.74
C MET P 83 -14.03 63.08 -6.74
N ILE P 84 -14.57 62.55 -7.85
CA ILE P 84 -14.77 61.15 -8.22
C ILE P 84 -13.49 60.31 -8.23
N TYR P 85 -12.37 60.87 -8.72
CA TYR P 85 -11.16 60.11 -9.00
C TYR P 85 -10.06 60.40 -7.99
N THR P 86 -9.25 59.39 -7.64
CA THR P 86 -8.08 59.52 -6.78
C THR P 86 -7.08 58.47 -7.22
N TYR P 87 -5.75 58.72 -7.21
CA TYR P 87 -4.82 57.64 -7.47
C TYR P 87 -4.42 56.92 -6.20
N SER P 88 -4.05 55.63 -6.27
CA SER P 88 -3.50 54.92 -5.12
C SER P 88 -2.33 54.07 -5.54
N GLY P 89 -1.09 54.64 -5.51
CA GLY P 89 0.11 53.92 -5.92
C GLY P 89 0.12 53.66 -7.40
N LEU P 90 -0.04 52.41 -7.85
CA LEU P 90 -0.27 52.17 -9.27
C LEU P 90 -1.71 52.47 -9.71
N PHE P 91 -2.70 52.12 -8.87
CA PHE P 91 -4.13 52.23 -9.15
C PHE P 91 -4.66 53.62 -9.45
N CYS P 92 -5.69 53.72 -10.31
CA CYS P 92 -6.63 54.82 -10.29
C CYS P 92 -7.91 54.32 -9.66
N VAL P 93 -8.44 55.07 -8.68
CA VAL P 93 -9.61 54.69 -7.88
C VAL P 93 -10.75 55.61 -8.26
N THR P 94 -11.90 55.02 -8.60
CA THR P 94 -13.05 55.71 -9.17
C THR P 94 -14.27 55.50 -8.31
N VAL P 95 -14.83 56.56 -7.69
CA VAL P 95 -16.06 56.44 -6.91
C VAL P 95 -17.21 57.05 -7.70
N ASN P 96 -18.13 56.22 -8.24
CA ASN P 96 -19.21 56.71 -9.08
C ASN P 96 -20.25 57.55 -8.29
N PRO P 97 -20.55 58.82 -8.59
CA PRO P 97 -21.53 59.58 -7.83
C PRO P 97 -22.93 59.40 -8.41
N TYR P 98 -23.10 58.64 -9.50
CA TYR P 98 -24.35 58.42 -10.23
C TYR P 98 -24.93 59.64 -10.95
N LYS P 99 -24.56 60.87 -10.55
CA LYS P 99 -24.75 62.07 -11.35
C LYS P 99 -24.01 62.05 -12.67
N TRP P 100 -24.68 62.55 -13.72
CA TRP P 100 -23.99 63.13 -14.87
C TRP P 100 -23.16 64.34 -14.44
N LEU P 101 -21.92 64.45 -14.92
CA LEU P 101 -21.01 65.50 -14.52
C LEU P 101 -20.62 66.30 -15.76
N PRO P 102 -20.26 67.59 -15.68
CA PRO P 102 -19.84 68.39 -16.84
C PRO P 102 -18.45 68.02 -17.34
N VAL P 103 -17.76 67.10 -16.64
CA VAL P 103 -16.53 66.43 -17.05
C VAL P 103 -16.69 65.73 -18.40
N TYR P 104 -15.57 65.50 -19.13
CA TYR P 104 -15.50 64.71 -20.36
C TYR P 104 -15.78 65.57 -21.60
N ASN P 105 -15.56 66.90 -21.51
CA ASN P 105 -15.72 67.82 -22.61
C ASN P 105 -14.46 67.86 -23.50
N PRO P 106 -14.44 68.51 -24.67
CA PRO P 106 -13.23 68.60 -25.50
C PRO P 106 -12.03 69.29 -24.84
N GLU P 107 -12.26 70.30 -23.99
CA GLU P 107 -11.22 71.06 -23.31
C GLU P 107 -10.42 70.20 -22.34
N VAL P 108 -11.10 69.39 -21.52
CA VAL P 108 -10.51 68.49 -20.55
C VAL P 108 -9.62 67.42 -21.19
N VAL P 109 -10.07 66.76 -22.29
CA VAL P 109 -9.22 65.83 -23.03
C VAL P 109 -8.03 66.50 -23.71
N ALA P 110 -8.22 67.69 -24.31
CA ALA P 110 -7.14 68.48 -24.87
C ALA P 110 -6.09 68.90 -23.83
N ALA P 111 -6.54 69.30 -22.62
CA ALA P 111 -5.72 69.68 -21.50
C ALA P 111 -4.81 68.58 -20.96
N TYR P 112 -5.27 67.31 -20.87
CA TYR P 112 -4.46 66.19 -20.39
C TYR P 112 -3.27 65.82 -21.27
N ARG P 113 -3.46 65.77 -22.61
CA ARG P 113 -2.52 65.28 -23.63
C ARG P 113 -1.01 65.27 -23.37
N GLY P 114 -0.39 64.08 -23.34
CA GLY P 114 1.07 63.90 -23.39
C GLY P 114 1.78 64.08 -22.08
N LYS P 115 1.04 64.26 -20.99
CA LYS P 115 1.56 64.59 -19.68
C LYS P 115 1.59 63.38 -18.77
N LYS P 116 2.38 63.45 -17.68
CA LYS P 116 2.40 62.41 -16.68
C LYS P 116 1.20 62.51 -15.76
N ARG P 117 0.86 61.38 -15.11
CA ARG P 117 -0.22 61.33 -14.14
C ARG P 117 -0.06 62.13 -12.85
N GLN P 118 1.01 62.94 -12.67
CA GLN P 118 1.12 63.85 -11.54
C GLN P 118 1.26 65.28 -12.06
N GLU P 119 0.97 65.50 -13.36
CA GLU P 119 1.09 66.78 -14.02
C GLU P 119 -0.31 67.28 -14.44
N ALA P 120 -1.37 66.53 -14.05
CA ALA P 120 -2.75 66.97 -14.19
C ALA P 120 -3.61 66.10 -13.27
N PRO P 121 -4.76 66.58 -12.74
CA PRO P 121 -5.56 65.87 -11.74
C PRO P 121 -5.96 64.42 -12.03
N PRO P 122 -6.26 63.57 -11.04
CA PRO P 122 -6.67 62.18 -11.24
C PRO P 122 -7.84 61.97 -12.16
N HIS P 123 -7.68 61.11 -13.17
CA HIS P 123 -8.74 60.84 -14.11
C HIS P 123 -8.43 59.56 -14.84
N ILE P 124 -9.42 58.92 -15.49
CA ILE P 124 -9.21 57.79 -16.39
C ILE P 124 -8.43 58.20 -17.62
N PHE P 125 -8.67 59.42 -18.15
CA PHE P 125 -8.05 59.94 -19.34
C PHE P 125 -6.55 60.03 -19.20
N SER P 126 -6.08 60.40 -17.99
CA SER P 126 -4.67 60.35 -17.60
C SER P 126 -4.08 58.94 -17.72
N ILE P 127 -4.77 57.91 -17.19
CA ILE P 127 -4.34 56.52 -17.31
C ILE P 127 -4.31 56.02 -18.75
N SER P 128 -5.34 56.36 -19.55
CA SER P 128 -5.32 56.08 -20.98
C SER P 128 -4.26 56.86 -21.76
N ASP P 129 -3.91 58.11 -21.36
CA ASP P 129 -2.76 58.85 -21.88
C ASP P 129 -1.43 58.14 -21.61
N ASN P 130 -1.24 57.61 -20.37
CA ASN P 130 -0.09 56.75 -20.08
C ASN P 130 -0.06 55.51 -20.96
N ALA P 131 -1.18 54.78 -21.12
CA ALA P 131 -1.25 53.64 -22.01
C ALA P 131 -1.03 53.96 -23.49
N TYR P 132 -1.66 55.03 -24.02
CA TYR P 132 -1.47 55.49 -25.38
C TYR P 132 -0.04 55.93 -25.64
N GLN P 133 0.54 56.75 -24.74
CA GLN P 133 1.91 57.20 -24.84
C GLN P 133 2.92 56.08 -24.70
N PHE P 134 2.73 55.12 -23.78
CA PHE P 134 3.57 53.93 -23.68
C PHE P 134 3.48 53.05 -24.93
N MET P 135 2.29 52.85 -25.51
CA MET P 135 2.15 52.13 -26.77
C MET P 135 2.89 52.79 -27.93
N LEU P 136 2.81 54.13 -28.07
CA LEU P 136 3.60 54.85 -29.06
C LEU P 136 5.10 54.87 -28.77
N THR P 137 5.53 55.13 -27.51
CA THR P 137 6.94 55.18 -27.12
C THR P 137 7.66 53.85 -27.18
N ASP P 138 7.09 52.80 -26.55
CA ASP P 138 7.80 51.54 -26.35
C ASP P 138 7.38 50.52 -27.38
N ARG P 139 6.43 50.88 -28.27
CA ARG P 139 5.90 50.08 -29.37
C ARG P 139 5.39 48.70 -28.98
N GLU P 140 4.70 48.62 -27.82
CA GLU P 140 4.14 47.39 -27.31
C GLU P 140 2.71 47.56 -26.84
N ASN P 141 1.95 46.45 -26.88
CA ASN P 141 0.55 46.34 -26.50
C ASN P 141 0.29 46.65 -25.04
N GLN P 142 -0.91 47.19 -24.70
CA GLN P 142 -1.23 47.58 -23.35
C GLN P 142 -2.57 46.97 -22.94
N SER P 143 -2.82 46.79 -21.62
CA SER P 143 -4.13 46.31 -21.14
C SER P 143 -4.65 47.11 -19.97
N ILE P 144 -5.85 47.70 -20.08
CA ILE P 144 -6.53 48.36 -18.99
C ILE P 144 -7.34 47.32 -18.22
N LEU P 145 -7.09 47.11 -16.91
CA LEU P 145 -7.84 46.15 -16.12
C LEU P 145 -8.79 46.84 -15.16
N ILE P 146 -10.12 46.66 -15.35
CA ILE P 146 -11.14 47.30 -14.53
C ILE P 146 -11.88 46.25 -13.71
N THR P 147 -11.70 46.24 -12.38
CA THR P 147 -12.39 45.30 -11.48
C THR P 147 -13.89 45.48 -11.43
N GLY P 148 -14.65 44.37 -11.45
CA GLY P 148 -16.12 44.37 -11.52
C GLY P 148 -16.85 44.63 -10.26
N GLU P 149 -16.95 45.92 -9.89
CA GLU P 149 -17.97 46.36 -8.97
C GLU P 149 -19.25 46.66 -9.72
N SER P 150 -20.38 46.20 -9.14
CA SER P 150 -21.73 46.09 -9.70
C SER P 150 -21.80 45.86 -11.23
N GLY P 151 -22.57 46.51 -12.13
CA GLY P 151 -23.54 47.61 -12.10
C GLY P 151 -22.99 49.01 -12.02
N ALA P 152 -21.66 49.20 -11.98
CA ALA P 152 -21.11 50.48 -11.55
C ALA P 152 -20.87 51.47 -12.66
N GLY P 153 -21.42 51.23 -13.87
CA GLY P 153 -21.19 52.10 -15.02
C GLY P 153 -19.82 51.95 -15.62
N LYS P 154 -19.17 50.78 -15.43
CA LYS P 154 -17.83 50.51 -15.92
C LYS P 154 -17.69 50.71 -17.42
N THR P 155 -18.60 50.09 -18.20
CA THR P 155 -18.65 50.25 -19.65
C THR P 155 -18.94 51.67 -20.07
N VAL P 156 -19.77 52.40 -19.29
CA VAL P 156 -20.09 53.80 -19.54
C VAL P 156 -18.86 54.70 -19.42
N ASN P 157 -18.00 54.44 -18.41
CA ASN P 157 -16.68 55.05 -18.30
C ASN P 157 -15.74 54.59 -19.43
N THR P 158 -15.75 53.30 -19.82
CA THR P 158 -15.04 52.80 -21.00
C THR P 158 -15.45 53.49 -22.30
N LYS P 159 -16.73 53.87 -22.47
CA LYS P 159 -17.16 54.74 -23.57
C LYS P 159 -16.45 56.10 -23.58
N ARG P 160 -16.22 56.69 -22.39
CA ARG P 160 -15.39 57.86 -22.23
C ARG P 160 -13.92 57.62 -22.58
N VAL P 161 -13.35 56.45 -22.24
CA VAL P 161 -12.01 56.02 -22.70
C VAL P 161 -11.94 55.91 -24.22
N ILE P 162 -12.96 55.33 -24.86
CA ILE P 162 -13.10 55.27 -26.31
C ILE P 162 -13.26 56.67 -26.94
N GLN P 163 -14.03 57.57 -26.29
CA GLN P 163 -14.14 58.98 -26.63
C GLN P 163 -12.80 59.73 -26.56
N TYR P 164 -12.00 59.46 -25.50
CA TYR P 164 -10.62 59.91 -25.37
C TYR P 164 -9.76 59.42 -26.54
N PHE P 165 -9.78 58.12 -26.86
CA PHE P 165 -8.97 57.58 -27.96
C PHE P 165 -9.33 58.20 -29.31
N ALA P 166 -10.62 58.47 -29.57
CA ALA P 166 -11.08 59.16 -30.76
C ALA P 166 -10.56 60.58 -30.94
N THR P 167 -10.50 61.41 -29.87
CA THR P 167 -10.01 62.78 -29.99
C THR P 167 -8.50 62.88 -29.99
N ILE P 168 -7.80 61.82 -29.52
CA ILE P 168 -6.36 61.73 -29.63
C ILE P 168 -5.88 61.23 -30.99
N ALA P 169 -6.47 60.11 -31.48
CA ALA P 169 -5.98 59.35 -32.62
C ALA P 169 -6.56 59.80 -33.96
N VAL P 170 -6.48 61.10 -34.24
CA VAL P 170 -7.10 61.77 -35.38
C VAL P 170 -6.04 62.24 -36.37
N THR P 171 -4.87 61.56 -36.37
CA THR P 171 -3.73 61.93 -37.21
C THR P 171 -3.23 60.73 -38.00
N GLY P 172 -2.47 61.02 -39.08
CA GLY P 172 -2.03 59.99 -40.03
C GLY P 172 -3.03 59.69 -41.13
N ASP P 173 -4.19 60.38 -41.13
CA ASP P 173 -5.13 60.44 -42.23
C ASP P 173 -5.82 61.81 -42.26
N LYS P 174 -5.24 62.82 -41.60
CA LYS P 174 -5.60 64.22 -41.74
C LYS P 174 -5.30 64.85 -43.11
N LYS P 175 -5.07 64.01 -44.14
CA LYS P 175 -4.98 64.39 -45.54
C LYS P 175 -6.04 63.64 -46.34
N LYS P 176 -6.97 62.94 -45.66
CA LYS P 176 -7.98 62.14 -46.32
C LYS P 176 -9.35 62.74 -46.10
N GLU P 177 -9.62 63.26 -44.86
CA GLU P 177 -10.84 63.93 -44.46
C GLU P 177 -12.14 63.27 -44.93
N GLU P 178 -12.79 63.80 -45.98
CA GLU P 178 -13.96 63.25 -46.65
C GLU P 178 -13.64 61.97 -47.45
N ALA P 179 -13.18 60.91 -46.76
CA ALA P 179 -12.70 59.69 -47.37
C ALA P 179 -12.46 58.61 -46.33
N THR P 180 -11.81 58.92 -45.18
CA THR P 180 -11.56 57.90 -44.15
C THR P 180 -12.77 57.78 -43.22
N SER P 181 -13.77 58.69 -43.38
CA SER P 181 -15.13 58.57 -42.82
C SER P 181 -15.69 57.15 -42.69
N GLY P 182 -16.24 56.80 -41.52
CA GLY P 182 -16.78 55.45 -41.30
C GLY P 182 -18.17 55.25 -41.85
N LYS P 183 -18.97 56.34 -41.85
CA LYS P 183 -20.34 56.36 -42.32
C LYS P 183 -20.50 57.77 -42.93
N MET P 184 -21.71 58.35 -43.00
CA MET P 184 -21.96 59.69 -43.56
C MET P 184 -21.30 60.86 -42.81
N GLN P 185 -20.66 60.58 -41.68
CA GLN P 185 -19.85 61.52 -40.93
C GLN P 185 -18.55 60.82 -40.57
N GLY P 186 -18.65 59.72 -39.79
CA GLY P 186 -17.47 59.08 -39.19
C GLY P 186 -17.41 59.33 -37.72
N THR P 187 -18.54 59.12 -37.04
CA THR P 187 -18.60 58.81 -35.61
C THR P 187 -17.74 57.62 -35.21
N LEU P 188 -17.58 57.42 -33.90
CA LEU P 188 -17.06 56.21 -33.31
C LEU P 188 -17.82 54.93 -33.67
N GLU P 189 -17.38 53.80 -33.11
CA GLU P 189 -18.20 52.60 -33.04
C GLU P 189 -19.35 52.78 -32.05
N ASP P 190 -20.40 53.53 -32.46
CA ASP P 190 -21.59 53.86 -31.70
C ASP P 190 -22.30 52.59 -31.23
N GLN P 191 -22.26 51.59 -32.11
CA GLN P 191 -22.66 50.21 -31.95
C GLN P 191 -21.98 49.41 -30.83
N ILE P 192 -20.91 49.94 -30.18
CA ILE P 192 -20.43 49.46 -28.88
C ILE P 192 -21.49 49.63 -27.79
N ILE P 193 -22.32 50.70 -27.84
CA ILE P 193 -23.46 50.86 -26.95
C ILE P 193 -24.46 49.73 -27.11
N SER P 194 -24.82 49.42 -28.38
CA SER P 194 -25.73 48.35 -28.79
C SER P 194 -25.24 46.95 -28.47
N ALA P 195 -23.92 46.73 -28.50
CA ALA P 195 -23.27 45.49 -28.11
C ALA P 195 -23.52 45.08 -26.66
N ASN P 196 -23.56 46.05 -25.71
CA ASN P 196 -23.80 45.72 -24.31
C ASN P 196 -25.13 45.03 -24.02
N PRO P 197 -26.37 45.42 -24.36
CA PRO P 197 -27.57 44.68 -23.93
C PRO P 197 -27.61 43.26 -24.45
N LEU P 198 -27.04 43.01 -25.64
CA LEU P 198 -26.87 41.67 -26.17
C LEU P 198 -25.94 40.80 -25.32
N LEU P 199 -24.72 41.27 -24.98
CA LEU P 199 -23.81 40.58 -24.09
C LEU P 199 -24.29 40.52 -22.64
N GLU P 200 -24.92 41.60 -22.16
CA GLU P 200 -25.49 41.75 -20.84
C GLU P 200 -26.63 40.80 -20.56
N ALA P 201 -27.59 40.64 -21.50
CA ALA P 201 -28.61 39.62 -21.38
C ALA P 201 -28.06 38.19 -21.33
N PHE P 202 -27.10 37.88 -22.22
CA PHE P 202 -26.45 36.58 -22.35
C PHE P 202 -25.54 36.21 -21.17
N GLY P 203 -24.84 37.18 -20.57
CA GLY P 203 -23.73 36.92 -19.66
C GLY P 203 -23.79 37.64 -18.34
N ASN P 204 -24.84 38.44 -18.07
CA ASN P 204 -25.07 39.03 -16.76
C ASN P 204 -26.32 38.44 -16.17
N ALA P 205 -26.38 38.39 -14.83
CA ALA P 205 -27.50 37.82 -14.11
C ALA P 205 -27.80 38.66 -12.90
N LYS P 206 -29.01 38.50 -12.33
CA LYS P 206 -29.35 39.02 -11.01
C LYS P 206 -28.76 38.15 -9.94
N THR P 207 -27.88 38.72 -9.12
CA THR P 207 -27.14 38.02 -8.08
C THR P 207 -27.45 38.66 -6.75
N VAL P 208 -26.98 38.06 -5.64
CA VAL P 208 -27.17 38.64 -4.31
C VAL P 208 -26.44 39.97 -4.14
N ARG P 209 -25.25 40.13 -4.77
CA ARG P 209 -24.54 41.40 -4.81
C ARG P 209 -25.21 42.50 -5.66
N ASN P 210 -25.77 42.18 -6.84
CA ASN P 210 -26.46 43.19 -7.63
C ASN P 210 -27.39 42.53 -8.66
N ASP P 211 -28.44 43.27 -9.10
CA ASP P 211 -29.38 42.85 -10.12
C ASP P 211 -28.77 42.69 -11.51
N ASN P 212 -27.60 43.31 -11.74
CA ASN P 212 -26.84 43.11 -12.95
C ASN P 212 -25.38 42.88 -12.57
N SER P 213 -24.89 41.63 -12.66
CA SER P 213 -23.50 41.30 -12.35
C SER P 213 -22.91 40.48 -13.49
N SER P 214 -21.75 40.90 -14.04
CA SER P 214 -21.10 40.27 -15.19
C SER P 214 -20.37 38.99 -14.86
N ARG P 215 -20.74 37.89 -15.54
CA ARG P 215 -20.22 36.57 -15.25
C ARG P 215 -19.37 36.04 -16.36
N PHE P 216 -18.81 36.96 -17.17
CA PHE P 216 -17.86 36.62 -18.19
C PHE P 216 -16.72 37.61 -18.18
N GLY P 217 -15.58 37.22 -18.76
CA GLY P 217 -14.44 38.11 -18.96
C GLY P 217 -14.53 38.75 -20.32
N LYS P 218 -15.01 40.01 -20.38
CA LYS P 218 -15.12 40.80 -21.59
C LYS P 218 -13.79 41.50 -21.85
N PHE P 219 -13.10 41.16 -22.95
CA PHE P 219 -11.86 41.79 -23.31
C PHE P 219 -12.10 42.56 -24.59
N ILE P 220 -12.09 43.90 -24.49
CA ILE P 220 -12.30 44.77 -25.64
C ILE P 220 -10.93 45.07 -26.20
N ARG P 221 -10.69 44.77 -27.49
CA ARG P 221 -9.43 45.10 -28.13
C ARG P 221 -9.66 46.28 -29.03
N ILE P 222 -9.08 47.44 -28.70
CA ILE P 222 -9.10 48.60 -29.58
C ILE P 222 -7.80 48.57 -30.36
N HIS P 223 -7.89 48.52 -31.70
CA HIS P 223 -6.75 48.18 -32.53
C HIS P 223 -6.19 49.38 -33.23
N PHE P 224 -4.86 49.52 -33.20
CA PHE P 224 -4.18 50.69 -33.71
C PHE P 224 -3.15 50.31 -34.77
N GLY P 225 -3.01 51.18 -35.80
CA GLY P 225 -1.89 51.11 -36.73
C GLY P 225 -0.66 51.78 -36.15
N ALA P 226 0.47 51.79 -36.89
CA ALA P 226 1.72 52.33 -36.38
C ALA P 226 1.84 53.83 -36.64
N THR P 227 0.73 54.45 -37.05
CA THR P 227 0.56 55.91 -37.13
C THR P 227 -0.35 56.38 -36.00
N GLY P 228 -0.75 55.46 -35.10
CA GLY P 228 -1.56 55.74 -33.91
C GLY P 228 -3.03 55.86 -34.16
N LYS P 229 -3.48 55.78 -35.42
CA LYS P 229 -4.88 55.77 -35.79
C LYS P 229 -5.61 54.49 -35.44
N LEU P 230 -6.95 54.60 -35.22
CA LEU P 230 -7.85 53.47 -35.10
C LEU P 230 -7.92 52.62 -36.37
N ALA P 231 -7.60 51.32 -36.27
CA ALA P 231 -7.79 50.37 -37.35
C ALA P 231 -9.21 49.78 -37.31
N SER P 232 -9.67 49.43 -36.10
CA SER P 232 -10.94 48.77 -35.81
C SER P 232 -10.96 48.39 -34.34
N ALA P 233 -11.93 47.57 -33.91
CA ALA P 233 -11.94 46.98 -32.61
C ALA P 233 -12.49 45.56 -32.76
N ASP P 234 -12.12 44.66 -31.82
CA ASP P 234 -12.70 43.33 -31.71
C ASP P 234 -13.12 43.18 -30.25
N ILE P 235 -14.07 42.28 -29.97
CA ILE P 235 -14.41 41.85 -28.62
C ILE P 235 -13.97 40.41 -28.50
N GLU P 236 -13.29 40.04 -27.41
CA GLU P 236 -13.06 38.66 -27.07
C GLU P 236 -13.75 38.39 -25.75
N THR P 237 -14.24 37.16 -25.57
CA THR P 237 -14.75 36.68 -24.29
C THR P 237 -13.92 35.49 -23.89
N TYR P 238 -13.52 35.44 -22.60
CA TYR P 238 -12.63 34.42 -22.08
C TYR P 238 -13.36 33.54 -21.08
N LEU P 239 -13.34 33.92 -19.79
CA LEU P 239 -14.06 33.25 -18.74
C LEU P 239 -15.57 33.41 -18.90
N LEU P 240 -16.34 32.37 -18.51
CA LEU P 240 -17.77 32.41 -18.44
C LEU P 240 -18.19 31.48 -17.31
N GLU P 241 -19.13 31.89 -16.42
CA GLU P 241 -19.78 30.96 -15.50
C GLU P 241 -20.80 30.12 -16.27
N LYS P 242 -20.34 29.10 -17.02
CA LYS P 242 -21.23 28.25 -17.80
C LYS P 242 -22.02 27.29 -16.92
N SER P 243 -21.58 27.09 -15.66
CA SER P 243 -22.32 26.39 -14.62
C SER P 243 -23.65 27.06 -14.26
N ARG P 244 -23.70 28.41 -14.26
CA ARG P 244 -24.83 29.23 -13.88
C ARG P 244 -26.11 28.99 -14.69
N VAL P 245 -25.98 28.48 -15.92
CA VAL P 245 -27.10 28.03 -16.75
C VAL P 245 -27.84 26.84 -16.13
N THR P 246 -27.10 25.84 -15.62
CA THR P 246 -27.66 24.61 -15.05
C THR P 246 -27.91 24.72 -13.56
N PHE P 247 -26.96 25.31 -12.81
CA PHE P 247 -27.00 25.36 -11.37
C PHE P 247 -26.91 26.79 -10.88
N GLN P 248 -27.74 27.20 -9.90
CA GLN P 248 -27.73 28.57 -9.40
C GLN P 248 -27.58 28.57 -7.89
N LEU P 249 -27.43 29.77 -7.29
CA LEU P 249 -27.48 29.97 -5.85
C LEU P 249 -28.94 30.03 -5.37
N LYS P 250 -29.13 30.05 -4.04
CA LYS P 250 -30.43 29.88 -3.39
C LYS P 250 -31.42 31.03 -3.57
N ALA P 251 -30.97 32.20 -4.05
CA ALA P 251 -31.80 33.39 -4.12
C ALA P 251 -31.39 34.29 -5.29
N GLU P 252 -30.88 33.70 -6.38
CA GLU P 252 -30.36 34.44 -7.52
C GLU P 252 -31.07 33.98 -8.78
N ARG P 253 -31.04 34.81 -9.86
CA ARG P 253 -31.47 34.36 -11.17
C ARG P 253 -30.29 33.72 -11.91
N SER P 254 -30.58 32.77 -12.82
CA SER P 254 -29.69 32.48 -13.96
C SER P 254 -29.54 33.69 -14.89
N TYR P 255 -28.92 33.56 -16.08
CA TYR P 255 -28.77 34.69 -16.99
C TYR P 255 -30.07 35.34 -17.41
N HIS P 256 -30.07 36.69 -17.55
CA HIS P 256 -31.29 37.46 -17.76
C HIS P 256 -32.06 37.04 -19.00
N ILE P 257 -31.32 36.67 -20.07
CA ILE P 257 -31.83 36.23 -21.36
C ILE P 257 -32.95 35.20 -21.27
N PHE P 258 -32.86 34.19 -20.38
CA PHE P 258 -33.89 33.18 -20.19
C PHE P 258 -35.22 33.74 -19.68
N TYR P 259 -35.18 34.63 -18.67
CA TYR P 259 -36.35 35.24 -18.04
C TYR P 259 -37.04 36.24 -18.94
N GLN P 260 -36.24 37.12 -19.59
CA GLN P 260 -36.73 38.08 -20.55
C GLN P 260 -37.28 37.39 -21.80
N ILE P 261 -36.70 36.25 -22.27
CA ILE P 261 -37.29 35.42 -23.33
C ILE P 261 -38.66 34.88 -22.96
N MET P 262 -38.80 34.33 -21.74
CA MET P 262 -40.03 33.74 -21.27
C MET P 262 -41.20 34.71 -21.17
N SER P 263 -40.94 35.93 -20.65
CA SER P 263 -41.94 36.99 -20.54
C SER P 263 -42.17 37.80 -21.81
N ASN P 264 -41.12 38.10 -22.61
CA ASN P 264 -41.25 38.87 -23.83
C ASN P 264 -41.95 38.17 -24.95
N LYS P 265 -41.57 36.90 -25.23
CA LYS P 265 -41.92 36.34 -26.51
C LYS P 265 -43.41 36.07 -26.65
N LYS P 266 -44.01 36.59 -27.73
CA LYS P 266 -45.40 36.38 -28.04
C LYS P 266 -45.56 35.04 -28.72
N PRO P 267 -46.77 34.48 -28.87
CA PRO P 267 -47.06 33.34 -29.76
C PRO P 267 -46.34 33.34 -31.10
N GLU P 268 -46.22 34.53 -31.76
CA GLU P 268 -45.45 34.83 -32.95
C GLU P 268 -44.06 34.20 -33.00
N LEU P 269 -43.35 34.15 -31.85
CA LEU P 269 -42.04 33.53 -31.76
C LEU P 269 -42.05 32.33 -30.81
N ILE P 270 -42.94 32.32 -29.80
CA ILE P 270 -43.09 31.21 -28.85
C ILE P 270 -43.49 29.89 -29.50
N GLU P 271 -44.41 29.90 -30.49
CA GLU P 271 -44.87 28.71 -31.18
C GLU P 271 -43.75 27.98 -31.91
N MET P 272 -42.82 28.75 -32.51
CA MET P 272 -41.64 28.24 -33.19
C MET P 272 -40.58 27.63 -32.26
N LEU P 273 -40.59 27.97 -30.96
CA LEU P 273 -39.61 27.49 -29.99
C LEU P 273 -40.20 26.48 -29.01
N LEU P 274 -41.55 26.45 -28.89
CA LEU P 274 -42.33 25.59 -28.02
C LEU P 274 -42.06 25.79 -26.52
N ILE P 275 -41.88 27.07 -26.10
CA ILE P 275 -41.46 27.45 -24.76
C ILE P 275 -42.59 28.07 -23.93
N THR P 276 -43.85 27.92 -24.38
CA THR P 276 -45.06 28.48 -23.75
C THR P 276 -45.40 27.97 -22.34
N THR P 277 -44.53 27.13 -21.77
CA THR P 277 -44.82 26.28 -20.62
C THR P 277 -44.33 26.86 -19.32
N ASN P 278 -43.80 28.10 -19.34
CA ASN P 278 -43.43 28.90 -18.18
C ASN P 278 -42.30 28.32 -17.32
N PRO P 279 -41.75 29.00 -16.29
CA PRO P 279 -40.54 28.49 -15.63
C PRO P 279 -40.72 27.23 -14.79
N TYR P 280 -41.94 26.72 -14.59
CA TYR P 280 -42.16 25.52 -13.80
C TYR P 280 -41.93 24.21 -14.56
N ASP P 281 -41.93 24.23 -15.91
CA ASP P 281 -41.62 23.08 -16.75
C ASP P 281 -40.14 22.69 -16.69
N PHE P 282 -39.27 23.71 -16.68
CA PHE P 282 -37.85 23.57 -16.93
C PHE P 282 -37.06 23.34 -15.65
N ALA P 283 -36.53 22.12 -15.43
CA ALA P 283 -35.87 21.77 -14.18
C ALA P 283 -34.51 22.44 -13.97
N TYR P 284 -33.92 23.02 -15.03
CA TYR P 284 -32.70 23.81 -14.94
C TYR P 284 -32.95 25.24 -14.47
N VAL P 285 -34.23 25.69 -14.41
CA VAL P 285 -34.57 26.97 -13.79
C VAL P 285 -34.83 26.72 -12.31
N SER P 286 -33.75 26.64 -11.50
CA SER P 286 -33.88 26.43 -10.07
C SER P 286 -34.52 27.59 -9.36
N GLN P 287 -35.28 27.30 -8.29
CA GLN P 287 -36.02 28.25 -7.48
C GLN P 287 -37.28 28.78 -8.16
N GLY P 288 -37.62 28.26 -9.36
CA GLY P 288 -38.77 28.70 -10.15
C GLY P 288 -38.57 30.03 -10.84
N GLU P 289 -39.65 30.81 -11.02
CA GLU P 289 -39.61 32.03 -11.81
C GLU P 289 -38.71 33.14 -11.30
N ILE P 290 -38.71 33.39 -9.98
CA ILE P 290 -37.97 34.47 -9.33
C ILE P 290 -38.35 35.85 -9.88
N THR P 291 -39.66 36.10 -9.88
CA THR P 291 -40.31 37.37 -10.18
C THR P 291 -39.84 38.46 -9.25
N VAL P 292 -39.03 39.41 -9.75
CA VAL P 292 -38.56 40.53 -8.96
C VAL P 292 -39.74 41.44 -8.59
N PRO P 293 -39.89 42.03 -7.40
CA PRO P 293 -41.00 42.94 -7.11
C PRO P 293 -41.12 44.10 -8.08
N SER P 294 -42.27 44.21 -8.76
CA SER P 294 -42.52 45.19 -9.83
C SER P 294 -41.55 45.15 -10.99
N ILE P 295 -41.31 43.95 -11.55
CA ILE P 295 -40.58 43.79 -12.80
C ILE P 295 -41.52 43.25 -13.85
N ASP P 296 -41.50 43.84 -15.06
CA ASP P 296 -42.29 43.35 -16.17
C ASP P 296 -41.45 42.40 -17.04
N ASP P 297 -40.10 42.42 -16.85
CA ASP P 297 -39.08 41.88 -17.75
C ASP P 297 -39.35 42.34 -19.19
N GLN P 298 -39.97 41.50 -20.06
CA GLN P 298 -40.64 41.79 -21.33
C GLN P 298 -40.12 42.87 -22.28
N GLU P 299 -40.22 44.18 -21.93
CA GLU P 299 -39.77 45.32 -22.73
C GLU P 299 -38.28 45.26 -22.99
N GLU P 300 -37.50 44.82 -21.98
CA GLU P 300 -36.06 44.68 -22.04
C GLU P 300 -35.57 43.84 -23.23
N LEU P 301 -36.30 42.77 -23.57
CA LEU P 301 -35.99 42.01 -24.76
C LEU P 301 -36.57 42.59 -26.06
N MET P 302 -37.57 43.49 -26.04
CA MET P 302 -37.95 44.26 -27.22
C MET P 302 -36.83 45.22 -27.64
N ALA P 303 -36.25 45.91 -26.64
CA ALA P 303 -35.07 46.73 -26.79
C ALA P 303 -33.85 45.93 -27.25
N THR P 304 -33.63 44.74 -26.66
CA THR P 304 -32.56 43.81 -27.06
C THR P 304 -32.72 43.24 -28.47
N ASP P 305 -33.92 42.78 -28.88
CA ASP P 305 -34.22 42.31 -30.23
C ASP P 305 -34.00 43.42 -31.27
N THR P 306 -34.44 44.66 -30.96
CA THR P 306 -34.13 45.85 -31.76
C THR P 306 -32.63 46.10 -31.85
N ALA P 307 -31.88 45.98 -30.74
CA ALA P 307 -30.42 46.09 -30.72
C ALA P 307 -29.71 45.06 -31.60
N VAL P 308 -30.15 43.77 -31.58
CA VAL P 308 -29.65 42.71 -32.45
C VAL P 308 -29.83 43.03 -33.92
N ASP P 309 -31.02 43.52 -34.32
CA ASP P 309 -31.32 43.92 -35.68
C ASP P 309 -30.55 45.17 -36.14
N ILE P 310 -30.33 46.17 -35.25
CA ILE P 310 -29.44 47.32 -35.49
C ILE P 310 -28.00 46.89 -35.74
N LEU P 311 -27.51 45.84 -35.06
CA LEU P 311 -26.20 45.24 -35.30
C LEU P 311 -26.12 44.45 -36.63
N GLY P 312 -27.22 44.40 -37.42
CA GLY P 312 -27.18 43.90 -38.79
C GLY P 312 -27.34 42.41 -38.94
N PHE P 313 -27.83 41.73 -37.89
CA PHE P 313 -28.10 40.31 -37.94
C PHE P 313 -29.51 40.07 -38.42
N SER P 314 -29.75 38.99 -39.19
CA SER P 314 -31.07 38.79 -39.78
C SER P 314 -32.10 38.27 -38.80
N ALA P 315 -33.39 38.37 -39.16
CA ALA P 315 -34.50 37.85 -38.38
C ALA P 315 -34.42 36.35 -38.19
N ASP P 316 -34.02 35.63 -39.24
CA ASP P 316 -33.72 34.22 -39.30
C ASP P 316 -32.63 33.80 -38.33
N GLU P 317 -31.53 34.59 -38.26
CA GLU P 317 -30.46 34.40 -37.30
C GLU P 317 -30.96 34.59 -35.88
N LYS P 318 -31.71 35.68 -35.62
CA LYS P 318 -32.28 35.99 -34.32
C LYS P 318 -33.23 34.91 -33.79
N VAL P 319 -34.14 34.40 -34.65
CA VAL P 319 -34.96 33.24 -34.31
C VAL P 319 -34.13 31.96 -34.09
N ALA P 320 -33.13 31.68 -34.93
CA ALA P 320 -32.23 30.54 -34.77
C ALA P 320 -31.40 30.56 -33.48
N ILE P 321 -30.89 31.75 -33.07
CA ILE P 321 -30.25 31.98 -31.79
C ILE P 321 -31.18 31.70 -30.63
N TYR P 322 -32.44 32.19 -30.69
CA TYR P 322 -33.40 31.98 -29.62
C TYR P 322 -33.96 30.56 -29.58
N LYS P 323 -33.93 29.81 -30.71
CA LYS P 323 -34.15 28.37 -30.69
C LYS P 323 -33.12 27.64 -29.86
N LEU P 324 -31.83 28.01 -29.97
CA LEU P 324 -30.80 27.39 -29.17
C LEU P 324 -30.75 27.84 -27.71
N THR P 325 -31.25 29.06 -27.37
CA THR P 325 -31.44 29.44 -25.96
C THR P 325 -32.64 28.76 -25.35
N GLY P 326 -33.61 28.29 -26.18
CA GLY P 326 -34.61 27.33 -25.73
C GLY P 326 -34.04 25.94 -25.57
N ALA P 327 -33.23 25.47 -26.54
CA ALA P 327 -32.63 24.15 -26.55
C ALA P 327 -31.77 23.83 -25.33
N VAL P 328 -30.99 24.81 -24.85
CA VAL P 328 -30.24 24.69 -23.59
C VAL P 328 -31.14 24.46 -22.37
N MET P 329 -32.31 25.13 -22.30
CA MET P 329 -33.32 24.89 -21.29
C MET P 329 -34.02 23.54 -21.44
N HIS P 330 -34.42 23.16 -22.68
CA HIS P 330 -35.12 21.90 -23.03
C HIS P 330 -34.41 20.64 -22.55
N TYR P 331 -33.07 20.64 -22.46
CA TYR P 331 -32.27 19.56 -21.89
C TYR P 331 -32.70 19.17 -20.48
N GLY P 332 -33.11 20.13 -19.64
CA GLY P 332 -33.49 19.89 -18.25
C GLY P 332 -34.87 19.30 -18.10
N ASN P 333 -35.60 19.13 -19.20
CA ASN P 333 -36.92 18.54 -19.19
C ASN P 333 -36.82 17.05 -19.54
N MET P 334 -35.62 16.56 -19.93
CA MET P 334 -35.37 15.17 -20.22
C MET P 334 -35.15 14.37 -18.94
N LYS P 335 -36.02 13.38 -18.66
CA LYS P 335 -36.06 12.75 -17.35
C LYS P 335 -35.82 11.26 -17.47
N PHE P 336 -34.53 10.85 -17.43
CA PHE P 336 -34.09 9.47 -17.40
C PHE P 336 -34.57 8.71 -16.17
N LYS P 337 -34.91 7.43 -16.34
CA LYS P 337 -35.40 6.59 -15.27
C LYS P 337 -34.48 5.42 -15.04
N GLN P 338 -34.03 5.25 -13.78
CA GLN P 338 -33.19 4.14 -13.41
C GLN P 338 -33.94 2.81 -13.45
N LYS P 339 -33.53 1.95 -14.39
CA LYS P 339 -34.13 0.66 -14.63
C LYS P 339 -34.01 -0.29 -13.45
N GLN P 340 -35.02 -1.16 -13.23
CA GLN P 340 -34.96 -2.16 -12.20
C GLN P 340 -33.84 -3.19 -12.44
N ARG P 341 -32.81 -3.16 -11.58
CA ARG P 341 -31.63 -4.01 -11.55
C ARG P 341 -30.49 -3.54 -12.45
N GLU P 342 -30.79 -3.18 -13.70
CA GLU P 342 -29.83 -2.67 -14.68
C GLU P 342 -29.19 -1.33 -14.28
N GLU P 343 -27.85 -1.20 -14.40
CA GLU P 343 -27.11 -0.02 -13.97
C GLU P 343 -27.22 1.13 -15.01
N GLN P 344 -27.50 0.81 -16.31
CA GLN P 344 -27.59 1.75 -17.41
C GLN P 344 -28.68 2.82 -17.38
N ALA P 345 -29.94 2.47 -16.99
CA ALA P 345 -31.12 3.32 -17.13
C ALA P 345 -31.57 3.59 -18.57
N GLU P 346 -32.74 4.28 -18.72
CA GLU P 346 -33.28 4.59 -20.04
C GLU P 346 -34.29 5.76 -19.98
N PRO P 347 -34.61 6.41 -21.11
CA PRO P 347 -35.61 7.48 -21.14
C PRO P 347 -36.94 7.05 -21.81
N ASP P 348 -37.98 6.70 -21.03
CA ASP P 348 -39.29 6.28 -21.50
C ASP P 348 -40.08 7.32 -22.32
N GLY P 349 -40.05 8.58 -21.86
CA GLY P 349 -40.82 9.69 -22.44
C GLY P 349 -40.12 10.34 -23.58
N THR P 350 -40.43 9.92 -24.83
CA THR P 350 -39.82 10.45 -26.05
C THR P 350 -40.05 11.93 -26.29
N GLU P 351 -41.26 12.46 -25.97
CA GLU P 351 -41.74 13.80 -26.28
C GLU P 351 -40.74 14.94 -26.14
N VAL P 352 -40.02 15.01 -24.99
CA VAL P 352 -39.00 16.02 -24.78
C VAL P 352 -37.82 15.89 -25.74
N ALA P 353 -37.36 14.65 -26.02
CA ALA P 353 -36.37 14.36 -27.03
C ALA P 353 -36.86 14.70 -28.43
N ASP P 354 -38.12 14.38 -28.78
CA ASP P 354 -38.76 14.75 -30.03
C ASP P 354 -38.90 16.28 -30.21
N LYS P 355 -39.29 16.99 -29.14
CA LYS P 355 -39.34 18.44 -29.03
C LYS P 355 -37.96 19.09 -29.17
N ALA P 356 -36.93 18.51 -28.53
CA ALA P 356 -35.54 18.87 -28.73
C ALA P 356 -35.02 18.59 -30.14
N ALA P 357 -35.36 17.44 -30.74
CA ALA P 357 -35.06 17.06 -32.11
C ALA P 357 -35.63 18.01 -33.16
N TYR P 358 -36.89 18.45 -33.00
CA TYR P 358 -37.51 19.51 -33.80
C TYR P 358 -36.79 20.85 -33.67
N LEU P 359 -36.39 21.23 -32.44
CA LEU P 359 -35.72 22.50 -32.20
C LEU P 359 -34.28 22.53 -32.67
N THR P 360 -33.66 21.34 -32.77
CA THR P 360 -32.31 21.13 -33.27
C THR P 360 -32.32 20.52 -34.66
N SER P 361 -31.97 19.24 -34.80
CA SER P 361 -31.60 18.69 -36.09
C SER P 361 -31.52 17.19 -36.10
N LEU P 362 -31.78 16.54 -34.95
CA LEU P 362 -31.40 15.16 -34.75
C LEU P 362 -32.53 14.20 -35.01
N ASN P 363 -32.23 12.95 -35.44
CA ASN P 363 -33.20 11.88 -35.33
C ASN P 363 -33.33 11.49 -33.85
N SER P 364 -34.57 11.37 -33.33
CA SER P 364 -34.81 10.95 -31.96
C SER P 364 -34.21 9.61 -31.63
N ALA P 365 -34.33 8.61 -32.52
CA ALA P 365 -33.82 7.27 -32.30
C ALA P 365 -32.32 7.23 -32.08
N ASP P 366 -31.55 7.93 -32.93
CA ASP P 366 -30.11 8.00 -32.84
C ASP P 366 -29.63 8.90 -31.70
N LEU P 367 -30.32 10.02 -31.37
CA LEU P 367 -30.06 10.77 -30.15
C LEU P 367 -30.27 9.94 -28.88
N LEU P 368 -31.37 9.18 -28.79
CA LEU P 368 -31.65 8.28 -27.67
C LEU P 368 -30.59 7.19 -27.51
N LYS P 369 -30.14 6.54 -28.61
CA LYS P 369 -29.00 5.64 -28.57
C LYS P 369 -27.69 6.30 -28.15
N ALA P 370 -27.33 7.44 -28.79
CA ALA P 370 -26.09 8.15 -28.60
C ALA P 370 -25.88 8.71 -27.21
N LEU P 371 -26.98 9.18 -26.59
CA LEU P 371 -26.96 9.67 -25.23
C LEU P 371 -26.98 8.57 -24.18
N CYS P 372 -27.85 7.53 -24.35
CA CYS P 372 -27.98 6.43 -23.40
C CYS P 372 -26.83 5.42 -23.43
N TYR P 373 -26.34 5.07 -24.63
CA TYR P 373 -25.38 4.00 -24.81
C TYR P 373 -24.36 4.41 -25.88
N PRO P 374 -23.58 5.48 -25.68
CA PRO P 374 -22.65 6.02 -26.67
C PRO P 374 -21.61 5.05 -27.16
N ARG P 375 -21.00 5.33 -28.32
CA ARG P 375 -19.92 4.51 -28.84
C ARG P 375 -18.59 5.24 -28.74
N VAL P 376 -17.52 4.51 -28.42
CA VAL P 376 -16.17 5.02 -28.26
C VAL P 376 -15.26 4.35 -29.27
N LYS P 377 -14.18 5.03 -29.71
CA LYS P 377 -13.27 4.50 -30.71
C LYS P 377 -12.12 3.75 -30.05
N VAL P 378 -12.16 2.42 -30.12
CA VAL P 378 -11.12 1.55 -29.61
C VAL P 378 -10.32 1.12 -30.83
N GLY P 379 -9.04 1.50 -30.94
CA GLY P 379 -8.30 1.53 -32.22
C GLY P 379 -8.41 0.30 -33.13
N ASN P 380 -9.14 0.33 -34.28
CA ASN P 380 -9.92 1.40 -34.91
C ASN P 380 -11.41 1.10 -35.02
N GLU P 381 -11.92 0.17 -34.20
CA GLU P 381 -13.31 -0.25 -34.13
C GLU P 381 -14.13 0.67 -33.21
N TYR P 382 -15.47 0.52 -33.19
CA TYR P 382 -16.34 1.36 -32.38
C TYR P 382 -17.22 0.53 -31.45
N VAL P 383 -16.97 0.57 -30.14
CA VAL P 383 -17.64 -0.25 -29.13
C VAL P 383 -18.59 0.62 -28.32
N THR P 384 -19.76 0.07 -27.93
CA THR P 384 -20.79 0.73 -27.15
C THR P 384 -20.49 0.69 -25.67
N LYS P 385 -20.53 1.85 -25.01
CA LYS P 385 -20.10 2.02 -23.65
C LYS P 385 -21.31 2.31 -22.76
N GLY P 386 -21.52 1.49 -21.70
CA GLY P 386 -22.50 1.77 -20.66
C GLY P 386 -22.28 3.07 -19.89
N GLN P 387 -23.37 3.78 -19.57
CA GLN P 387 -23.36 4.95 -18.71
C GLN P 387 -24.43 4.77 -17.66
N THR P 388 -24.16 5.15 -16.40
CA THR P 388 -25.17 5.08 -15.34
C THR P 388 -26.14 6.25 -15.44
N VAL P 389 -27.27 6.20 -14.72
CA VAL P 389 -28.25 7.29 -14.72
C VAL P 389 -27.67 8.65 -14.33
N GLN P 390 -26.75 8.67 -13.33
CA GLN P 390 -25.99 9.82 -12.91
C GLN P 390 -25.06 10.36 -14.00
N GLN P 391 -24.37 9.45 -14.73
CA GLN P 391 -23.54 9.82 -15.87
C GLN P 391 -24.34 10.39 -17.03
N VAL P 392 -25.49 9.79 -17.40
CA VAL P 392 -26.36 10.32 -18.45
C VAL P 392 -26.91 11.71 -18.13
N TYR P 393 -27.38 11.96 -16.88
CA TYR P 393 -27.76 13.30 -16.44
C TYR P 393 -26.59 14.31 -16.48
N ASN P 394 -25.38 13.90 -16.05
CA ASN P 394 -24.18 14.70 -16.19
C ASN P 394 -23.80 14.98 -17.65
N SER P 395 -23.92 14.00 -18.57
CA SER P 395 -23.74 14.18 -20.02
C SER P 395 -24.71 15.19 -20.61
N VAL P 396 -26.00 15.14 -20.22
CA VAL P 396 -27.01 16.14 -20.58
C VAL P 396 -26.69 17.53 -20.02
N GLY P 397 -26.18 17.60 -18.78
CA GLY P 397 -25.70 18.85 -18.19
C GLY P 397 -24.50 19.41 -18.88
N ALA P 398 -23.51 18.57 -19.24
CA ALA P 398 -22.35 18.93 -20.02
C ALA P 398 -22.69 19.43 -21.42
N LEU P 399 -23.64 18.75 -22.11
CA LEU P 399 -24.20 19.22 -23.37
C LEU P 399 -24.90 20.57 -23.27
N ALA P 400 -25.67 20.83 -22.21
CA ALA P 400 -26.24 22.14 -21.96
C ALA P 400 -25.21 23.24 -21.70
N LYS P 401 -24.25 23.00 -20.79
CA LYS P 401 -23.19 23.94 -20.45
C LYS P 401 -22.28 24.22 -21.63
N SER P 402 -21.88 23.16 -22.37
CA SER P 402 -21.08 23.28 -23.59
C SER P 402 -21.83 23.85 -24.79
N MET P 403 -23.15 23.64 -24.96
CA MET P 403 -23.92 24.35 -25.96
C MET P 403 -23.94 25.86 -25.74
N TYR P 404 -24.20 26.31 -24.49
CA TYR P 404 -24.22 27.72 -24.15
C TYR P 404 -22.87 28.42 -24.34
N GLU P 405 -21.78 27.73 -23.96
CA GLU P 405 -20.38 28.08 -24.23
C GLU P 405 -20.13 28.32 -25.72
N LYS P 406 -20.53 27.37 -26.59
CA LYS P 406 -20.40 27.49 -28.04
C LYS P 406 -21.26 28.58 -28.65
N MET P 407 -22.50 28.78 -28.14
CA MET P 407 -23.34 29.91 -28.53
C MET P 407 -22.72 31.25 -28.21
N PHE P 408 -22.14 31.40 -27.00
CA PHE P 408 -21.47 32.62 -26.56
C PHE P 408 -20.21 32.93 -27.37
N LEU P 409 -19.37 31.92 -27.64
CA LEU P 409 -18.20 32.02 -28.51
C LEU P 409 -18.55 32.33 -29.96
N TRP P 410 -19.62 31.73 -30.52
CA TRP P 410 -20.16 32.14 -31.80
C TRP P 410 -20.68 33.57 -31.78
N MET P 411 -21.44 33.96 -30.74
CA MET P 411 -22.01 35.29 -30.62
C MET P 411 -20.97 36.39 -30.62
N VAL P 412 -19.88 36.26 -29.83
CA VAL P 412 -18.79 37.22 -29.87
C VAL P 412 -18.09 37.29 -31.22
N THR P 413 -17.88 36.12 -31.88
CA THR P 413 -17.34 36.04 -33.25
C THR P 413 -18.25 36.72 -34.27
N ARG P 414 -19.57 36.48 -34.20
CA ARG P 414 -20.57 37.13 -35.03
C ARG P 414 -20.69 38.63 -34.79
N ILE P 415 -20.56 39.09 -33.51
CA ILE P 415 -20.42 40.50 -33.14
C ILE P 415 -19.20 41.16 -33.76
N ASN P 416 -18.02 40.51 -33.75
CA ASN P 416 -16.82 41.01 -34.42
C ASN P 416 -17.01 41.13 -35.93
N GLN P 417 -17.81 40.23 -36.55
CA GLN P 417 -18.12 40.30 -37.97
C GLN P 417 -19.01 41.49 -38.37
N GLN P 418 -19.66 42.21 -37.42
CA GLN P 418 -20.29 43.49 -37.72
C GLN P 418 -19.50 44.68 -37.21
N LEU P 419 -18.30 44.45 -36.60
CA LEU P 419 -17.37 45.52 -36.29
C LEU P 419 -16.43 45.66 -37.48
N ASP P 420 -16.80 46.51 -38.47
CA ASP P 420 -16.05 46.68 -39.68
C ASP P 420 -14.60 47.13 -39.50
N THR P 421 -13.71 46.61 -40.36
CA THR P 421 -12.28 46.87 -40.27
C THR P 421 -11.84 47.56 -41.53
N LYS P 422 -11.42 48.84 -41.43
CA LYS P 422 -11.19 49.65 -42.62
C LYS P 422 -9.71 49.75 -42.95
N GLN P 423 -8.82 49.40 -42.01
CA GLN P 423 -7.38 49.47 -42.23
C GLN P 423 -6.73 48.31 -41.49
N PRO P 424 -5.64 47.71 -41.96
CA PRO P 424 -4.77 46.83 -41.17
C PRO P 424 -4.32 47.38 -39.82
N ARG P 425 -3.98 46.48 -38.88
CA ARG P 425 -3.64 46.83 -37.52
C ARG P 425 -2.25 46.34 -37.19
N GLN P 426 -1.61 46.95 -36.17
CA GLN P 426 -0.27 46.59 -35.76
C GLN P 426 -0.21 46.24 -34.28
N TYR P 427 -0.86 47.04 -33.42
CA TYR P 427 -0.79 46.88 -31.97
C TYR P 427 -2.16 47.15 -31.40
N PHE P 428 -2.41 46.78 -30.14
CA PHE P 428 -3.72 46.96 -29.53
C PHE P 428 -3.66 47.49 -28.11
N ILE P 429 -4.78 48.12 -27.69
CA ILE P 429 -5.04 48.45 -26.30
C ILE P 429 -6.18 47.53 -25.89
N GLY P 430 -5.94 46.63 -24.93
CA GLY P 430 -6.99 45.82 -24.34
C GLY P 430 -7.69 46.55 -23.23
N VAL P 431 -9.00 46.32 -23.06
CA VAL P 431 -9.72 46.75 -21.88
C VAL P 431 -10.44 45.53 -21.33
N LEU P 432 -10.12 45.12 -20.08
CA LEU P 432 -10.72 43.98 -19.43
C LEU P 432 -11.83 44.41 -18.49
N ASP P 433 -13.05 43.97 -18.79
CA ASP P 433 -14.22 44.14 -17.99
C ASP P 433 -14.64 42.73 -17.53
N ILE P 434 -14.40 42.42 -16.25
CA ILE P 434 -14.69 41.14 -15.65
C ILE P 434 -15.21 41.43 -14.25
N ALA P 435 -15.85 40.46 -13.58
CA ALA P 435 -16.16 40.49 -12.17
C ALA P 435 -14.98 40.80 -11.25
N GLY P 436 -15.24 41.43 -10.09
CA GLY P 436 -14.26 41.50 -9.02
C GLY P 436 -14.34 40.27 -8.17
N PHE P 437 -13.43 40.15 -7.18
CA PHE P 437 -13.49 39.15 -6.14
C PHE P 437 -14.78 39.33 -5.35
N GLU P 438 -15.50 38.24 -5.03
CA GLU P 438 -16.79 38.35 -4.39
C GLU P 438 -16.76 37.61 -3.08
N ILE P 439 -17.63 38.03 -2.15
CA ILE P 439 -17.81 37.39 -0.87
C ILE P 439 -19.30 37.38 -0.66
N PHE P 440 -19.87 36.19 -0.37
CA PHE P 440 -21.25 36.03 0.04
C PHE P 440 -21.20 35.29 1.37
N ASP P 441 -22.35 35.10 2.04
CA ASP P 441 -22.48 34.24 3.20
C ASP P 441 -22.22 32.76 2.86
N PHE P 442 -22.73 32.33 1.69
CA PHE P 442 -22.82 30.92 1.35
C PHE P 442 -21.72 30.37 0.45
N ASN P 443 -20.77 31.20 -0.04
CA ASN P 443 -19.66 30.89 -0.97
C ASN P 443 -19.51 29.46 -1.52
N THR P 444 -19.87 29.22 -2.81
CA THR P 444 -19.84 27.87 -3.41
C THR P 444 -18.78 27.76 -4.50
N LEU P 445 -18.87 26.78 -5.43
CA LEU P 445 -17.81 26.44 -6.38
C LEU P 445 -17.43 27.56 -7.35
N GLU P 446 -18.43 28.21 -7.99
CA GLU P 446 -18.24 29.34 -8.88
C GLU P 446 -17.61 30.53 -8.17
N GLN P 447 -17.93 30.73 -6.88
CA GLN P 447 -17.25 31.71 -6.04
C GLN P 447 -15.75 31.44 -5.87
N LEU P 448 -15.35 30.16 -5.67
CA LEU P 448 -13.95 29.76 -5.65
C LEU P 448 -13.26 30.03 -6.99
N CYS P 449 -13.92 29.72 -8.12
CA CYS P 449 -13.45 30.02 -9.45
C CYS P 449 -13.25 31.52 -9.72
N ILE P 450 -14.22 32.38 -9.33
CA ILE P 450 -14.07 33.84 -9.41
C ILE P 450 -12.91 34.35 -8.58
N ASN P 451 -12.79 33.92 -7.31
CA ASN P 451 -11.71 34.33 -6.44
C ASN P 451 -10.33 33.91 -6.98
N PHE P 452 -10.22 32.70 -7.56
CA PHE P 452 -9.03 32.20 -8.23
C PHE P 452 -8.57 33.03 -9.43
N THR P 453 -9.49 33.48 -10.33
CA THR P 453 -9.13 34.39 -11.41
C THR P 453 -8.66 35.74 -10.90
N ASN P 454 -9.36 36.32 -9.91
CA ASN P 454 -8.94 37.56 -9.29
C ASN P 454 -7.59 37.47 -8.59
N GLU P 455 -7.26 36.35 -7.90
CA GLU P 455 -5.95 36.09 -7.32
C GLU P 455 -4.81 36.08 -8.36
N LYS P 456 -5.00 35.41 -9.54
CA LYS P 456 -4.05 35.50 -10.65
C LYS P 456 -3.95 36.90 -11.28
N LEU P 457 -5.09 37.60 -11.51
CA LEU P 457 -5.10 38.97 -12.02
C LEU P 457 -4.41 39.96 -11.08
N GLN P 458 -4.65 39.84 -9.76
CA GLN P 458 -3.99 40.59 -8.72
C GLN P 458 -2.49 40.27 -8.62
N GLN P 459 -2.07 39.00 -8.83
CA GLN P 459 -0.66 38.66 -8.95
C GLN P 459 0.05 39.38 -10.08
N PHE P 460 -0.62 39.54 -11.24
CA PHE P 460 -0.11 40.35 -12.33
C PHE P 460 0.04 41.84 -11.98
N PHE P 461 -0.91 42.41 -11.21
CA PHE P 461 -0.77 43.74 -10.61
C PHE P 461 0.46 43.82 -9.70
N ASN P 462 0.63 42.84 -8.80
CA ASN P 462 1.76 42.78 -7.88
C ASN P 462 3.12 42.69 -8.59
N HIS P 463 3.23 41.86 -9.64
CA HIS P 463 4.40 41.78 -10.51
C HIS P 463 4.67 43.08 -11.26
N HIS P 464 3.63 43.75 -11.80
CA HIS P 464 3.78 45.03 -12.45
C HIS P 464 4.26 46.14 -11.51
N MET P 465 3.72 46.16 -10.27
CA MET P 465 4.18 47.03 -9.20
C MET P 465 5.62 46.76 -8.78
N PHE P 466 6.05 45.48 -8.71
CA PHE P 466 7.43 45.10 -8.48
C PHE P 466 8.40 45.63 -9.54
N VAL P 467 8.09 45.44 -10.84
CA VAL P 467 8.93 45.96 -11.91
C VAL P 467 8.95 47.48 -11.99
N LEU P 468 7.80 48.17 -11.80
CA LEU P 468 7.71 49.62 -11.77
C LEU P 468 8.52 50.25 -10.64
N GLU P 469 8.46 49.67 -9.43
CA GLU P 469 9.33 50.05 -8.34
C GLU P 469 10.80 49.78 -8.66
N GLN P 470 11.15 48.59 -9.21
CA GLN P 470 12.53 48.27 -9.55
C GLN P 470 13.18 49.18 -10.60
N GLU P 471 12.44 49.55 -11.68
CA GLU P 471 12.92 50.56 -12.62
C GLU P 471 13.10 51.93 -11.98
N GLU P 472 12.17 52.39 -11.11
CA GLU P 472 12.29 53.63 -10.37
C GLU P 472 13.45 53.69 -9.39
N TYR P 473 13.76 52.56 -8.69
CA TYR P 473 14.97 52.44 -7.88
C TYR P 473 16.24 52.67 -8.71
N LYS P 474 16.34 52.04 -9.89
CA LYS P 474 17.44 52.25 -10.81
C LYS P 474 17.56 53.65 -11.42
N LYS P 475 16.43 54.30 -11.78
CA LYS P 475 16.41 55.68 -12.29
C LYS P 475 16.98 56.70 -11.31
N GLU P 476 16.76 56.49 -10.01
CA GLU P 476 17.31 57.34 -8.97
C GLU P 476 18.69 56.88 -8.50
N GLY P 477 19.26 55.83 -9.13
CA GLY P 477 20.62 55.39 -8.83
C GLY P 477 20.74 54.53 -7.61
N ILE P 478 19.62 54.01 -7.09
CA ILE P 478 19.61 53.23 -5.86
C ILE P 478 19.38 51.78 -6.22
N ASP P 479 20.43 50.95 -6.23
CA ASP P 479 20.25 49.51 -6.27
C ASP P 479 19.78 48.99 -4.92
N TRP P 480 18.61 48.31 -4.93
CA TRP P 480 18.04 47.72 -3.75
C TRP P 480 17.34 46.46 -4.21
N GLU P 481 17.49 45.36 -3.44
CA GLU P 481 16.94 44.07 -3.77
C GLU P 481 15.89 43.72 -2.75
N PHE P 482 14.77 43.17 -3.23
CA PHE P 482 13.59 42.94 -2.44
C PHE P 482 12.84 41.81 -3.10
N ILE P 483 12.00 41.07 -2.35
CA ILE P 483 11.19 39.99 -2.88
C ILE P 483 10.11 40.47 -3.84
N ASP P 484 9.71 39.63 -4.82
CA ASP P 484 8.51 39.85 -5.58
C ASP P 484 7.26 39.89 -4.69
N PHE P 485 6.33 40.78 -5.06
CA PHE P 485 5.07 40.99 -4.39
C PHE P 485 4.04 40.00 -4.90
N GLY P 486 4.30 39.35 -6.07
CA GLY P 486 3.46 38.27 -6.58
C GLY P 486 3.67 36.97 -5.86
N MET P 487 4.74 36.89 -5.05
CA MET P 487 5.02 35.79 -4.16
C MET P 487 4.24 35.83 -2.85
N ASP P 488 3.61 36.97 -2.49
CA ASP P 488 2.58 37.03 -1.44
C ASP P 488 1.40 36.11 -1.78
N LEU P 489 0.97 36.10 -3.07
CA LEU P 489 -0.21 35.39 -3.50
C LEU P 489 0.09 34.02 -4.06
N ALA P 490 1.37 33.71 -4.32
CA ALA P 490 1.78 32.47 -4.96
C ALA P 490 1.36 31.23 -4.20
N ALA P 491 1.50 31.24 -2.86
CA ALA P 491 1.02 30.18 -2.00
C ALA P 491 -0.49 29.94 -2.07
N CYS P 492 -1.32 31.00 -2.16
CA CYS P 492 -2.76 30.87 -2.38
C CYS P 492 -3.09 30.30 -3.75
N ILE P 493 -2.41 30.78 -4.81
CA ILE P 493 -2.58 30.27 -6.16
C ILE P 493 -2.19 28.80 -6.27
N GLU P 494 -1.04 28.37 -5.72
CA GLU P 494 -0.59 26.99 -5.77
C GLU P 494 -1.39 26.04 -4.89
N LEU P 495 -2.08 26.55 -3.86
CA LEU P 495 -3.06 25.83 -3.08
C LEU P 495 -4.31 25.45 -3.89
N ILE P 496 -4.82 26.39 -4.70
CA ILE P 496 -5.98 26.16 -5.57
C ILE P 496 -5.63 25.37 -6.83
N GLU P 497 -4.49 25.71 -7.47
CA GLU P 497 -3.92 25.15 -8.70
C GLU P 497 -3.12 23.87 -8.43
N LYS P 498 -2.58 23.20 -9.48
CA LYS P 498 -1.61 22.12 -9.39
C LYS P 498 -2.18 20.73 -9.05
N PRO P 499 -1.51 19.62 -9.39
CA PRO P 499 -1.97 18.25 -9.10
C PRO P 499 -2.37 17.91 -7.67
N MET P 500 -1.91 18.64 -6.64
CA MET P 500 -2.30 18.38 -5.25
C MET P 500 -3.25 19.44 -4.71
N GLY P 501 -3.61 20.46 -5.53
CA GLY P 501 -4.47 21.54 -5.08
C GLY P 501 -5.94 21.23 -5.09
N ILE P 502 -6.76 22.22 -4.69
CA ILE P 502 -8.20 22.07 -4.45
C ILE P 502 -8.97 21.57 -5.67
N PHE P 503 -8.72 22.17 -6.85
CA PHE P 503 -9.36 21.75 -8.08
C PHE P 503 -8.94 20.37 -8.54
N SER P 504 -7.65 20.01 -8.40
CA SER P 504 -7.19 18.65 -8.70
C SER P 504 -7.75 17.59 -7.77
N ILE P 505 -7.80 17.84 -6.45
CA ILE P 505 -8.44 16.93 -5.49
C ILE P 505 -9.93 16.76 -5.77
N LEU P 506 -10.64 17.85 -6.13
CA LEU P 506 -12.01 17.81 -6.62
C LEU P 506 -12.18 16.99 -7.92
N GLU P 507 -11.23 17.14 -8.86
CA GLU P 507 -11.11 16.37 -10.09
C GLU P 507 -10.82 14.87 -9.91
N GLU P 508 -9.89 14.47 -9.00
CA GLU P 508 -9.70 13.06 -8.62
C GLU P 508 -10.94 12.48 -7.96
N GLU P 509 -11.53 13.24 -7.01
CA GLU P 509 -12.72 12.83 -6.29
C GLU P 509 -13.96 12.66 -7.15
N CYS P 510 -14.23 13.55 -8.13
CA CYS P 510 -15.45 13.42 -8.92
C CYS P 510 -15.46 12.26 -9.91
N MET P 511 -14.28 11.65 -10.18
CA MET P 511 -14.16 10.46 -11.01
C MET P 511 -14.01 9.19 -10.18
N PHE P 512 -13.92 9.29 -8.84
CA PHE P 512 -13.84 8.16 -7.94
C PHE P 512 -15.16 7.36 -7.89
N PRO P 513 -15.21 6.00 -7.85
CA PRO P 513 -16.44 5.26 -8.15
C PRO P 513 -17.59 5.47 -7.17
N LYS P 514 -17.33 5.75 -5.89
CA LYS P 514 -18.33 6.29 -4.98
C LYS P 514 -17.70 7.44 -4.22
N ALA P 515 -18.10 8.67 -4.55
CA ALA P 515 -17.50 9.88 -4.07
C ALA P 515 -18.53 10.69 -3.32
N THR P 516 -18.13 11.39 -2.23
CA THR P 516 -19.05 12.21 -1.46
C THR P 516 -18.43 13.53 -1.11
N ASP P 517 -19.28 14.50 -0.77
CA ASP P 517 -18.96 15.85 -0.36
C ASP P 517 -18.09 15.85 0.91
N THR P 518 -18.46 15.00 1.89
CA THR P 518 -17.70 14.68 3.10
C THR P 518 -16.33 14.09 2.81
N SER P 519 -16.25 13.14 1.85
CA SER P 519 -15.01 12.51 1.40
C SER P 519 -14.04 13.50 0.77
N PHE P 520 -14.54 14.41 -0.10
CA PHE P 520 -13.76 15.50 -0.69
C PHE P 520 -13.10 16.38 0.37
N LYS P 521 -13.86 16.83 1.38
CA LYS P 521 -13.34 17.62 2.47
C LYS P 521 -12.32 16.91 3.35
N ASN P 522 -12.59 15.64 3.72
CA ASN P 522 -11.66 14.85 4.52
C ASN P 522 -10.37 14.54 3.77
N LYS P 523 -10.44 14.11 2.49
CA LYS P 523 -9.26 13.89 1.67
C LYS P 523 -8.41 15.14 1.51
N LEU P 524 -9.03 16.30 1.27
CA LEU P 524 -8.32 17.57 1.23
C LEU P 524 -7.67 17.97 2.56
N TYR P 525 -8.35 17.67 3.70
CA TYR P 525 -7.78 17.82 5.03
C TYR P 525 -6.52 16.97 5.26
N GLU P 526 -6.59 15.67 4.94
CA GLU P 526 -5.50 14.72 5.07
C GLU P 526 -4.34 15.00 4.12
N GLN P 527 -4.64 15.29 2.84
CA GLN P 527 -3.64 15.58 1.84
C GLN P 527 -2.92 16.89 2.01
N HIS P 528 -3.64 18.00 2.32
CA HIS P 528 -3.04 19.30 2.07
C HIS P 528 -3.31 20.34 3.14
N LEU P 529 -4.41 20.26 3.90
CA LEU P 529 -4.73 21.33 4.84
C LEU P 529 -3.74 21.57 5.97
N GLY P 530 -3.24 20.49 6.60
CA GLY P 530 -2.31 20.59 7.73
C GLY P 530 -0.90 20.96 7.32
N LYS P 531 -0.69 21.12 6.01
CA LYS P 531 0.59 21.46 5.43
C LYS P 531 0.51 22.83 4.76
N SER P 532 -0.67 23.49 4.78
CA SER P 532 -0.92 24.69 3.99
C SER P 532 -1.45 25.82 4.85
N ASN P 533 -0.62 26.85 5.11
CA ASN P 533 -0.95 27.99 5.98
C ASN P 533 -2.20 28.77 5.56
N ASN P 534 -2.47 28.85 4.25
CA ASN P 534 -3.56 29.65 3.72
C ASN P 534 -4.87 28.84 3.58
N PHE P 535 -4.91 27.56 4.01
CA PHE P 535 -6.10 26.72 3.98
C PHE P 535 -6.43 26.36 5.42
N GLN P 536 -7.64 26.68 5.89
CA GLN P 536 -7.98 26.52 7.28
C GLN P 536 -9.21 25.66 7.40
N LYS P 537 -9.24 24.78 8.42
CA LYS P 537 -10.42 24.01 8.77
C LYS P 537 -10.95 24.71 10.00
N PRO P 538 -12.16 25.26 10.07
CA PRO P 538 -12.52 26.14 11.19
C PRO P 538 -12.60 25.38 12.50
N LYS P 539 -13.43 24.32 12.60
CA LYS P 539 -13.54 23.38 13.71
C LYS P 539 -14.57 23.66 14.81
N PRO P 540 -15.18 24.83 15.11
CA PRO P 540 -16.35 24.88 15.97
C PRO P 540 -17.56 24.07 15.56
N ALA P 541 -18.43 23.78 16.55
CA ALA P 541 -19.78 23.31 16.32
C ALA P 541 -20.66 24.28 15.54
N LYS P 542 -21.68 23.73 14.85
CA LYS P 542 -22.76 24.43 14.17
C LYS P 542 -23.22 25.76 14.76
N GLY P 543 -23.45 26.79 13.90
CA GLY P 543 -23.81 28.14 14.34
C GLY P 543 -22.62 29.05 14.51
N LYS P 544 -21.40 28.49 14.65
CA LYS P 544 -20.17 29.27 14.61
C LYS P 544 -19.34 28.94 13.39
N ALA P 545 -19.76 27.92 12.60
CA ALA P 545 -19.02 27.44 11.47
C ALA P 545 -19.93 26.57 10.60
N GLU P 546 -20.93 27.21 9.95
CA GLU P 546 -21.79 26.58 8.95
C GLU P 546 -21.00 26.15 7.72
N ALA P 547 -20.08 27.03 7.28
CA ALA P 547 -19.12 26.79 6.24
C ALA P 547 -18.07 25.73 6.58
N HIS P 548 -17.56 25.04 5.54
CA HIS P 548 -16.91 23.77 5.70
C HIS P 548 -15.39 23.83 5.61
N PHE P 549 -14.84 24.86 4.96
CA PHE P 549 -13.42 25.14 4.99
C PHE P 549 -13.21 26.59 4.63
N SER P 550 -12.02 27.14 4.95
CA SER P 550 -11.73 28.54 4.79
C SER P 550 -10.44 28.76 4.04
N LEU P 551 -10.37 29.76 3.15
CA LEU P 551 -9.14 30.15 2.48
C LEU P 551 -8.76 31.55 2.89
N VAL P 552 -7.45 31.79 3.07
CA VAL P 552 -6.92 33.13 3.25
C VAL P 552 -6.39 33.64 1.91
N HIS P 553 -7.03 34.70 1.37
CA HIS P 553 -6.68 35.31 0.08
C HIS P 553 -6.22 36.73 0.35
N TYR P 554 -5.87 37.53 -0.69
CA TYR P 554 -5.45 38.92 -0.50
C TYR P 554 -6.46 39.82 0.23
N ALA P 555 -7.76 39.57 0.00
CA ALA P 555 -8.87 40.29 0.58
C ALA P 555 -9.16 39.93 2.03
N GLY P 556 -8.61 38.80 2.51
CA GLY P 556 -8.91 38.22 3.82
C GLY P 556 -9.40 36.81 3.71
N THR P 557 -9.87 36.26 4.83
CA THR P 557 -10.49 34.94 4.92
C THR P 557 -11.82 34.85 4.17
N VAL P 558 -12.02 33.78 3.37
CA VAL P 558 -13.28 33.47 2.73
C VAL P 558 -13.64 32.03 3.07
N ASP P 559 -14.80 31.82 3.70
CA ASP P 559 -15.29 30.53 4.16
C ASP P 559 -16.23 29.91 3.13
N TYR P 560 -16.04 28.63 2.76
CA TYR P 560 -16.73 27.99 1.66
C TYR P 560 -17.69 26.89 2.09
N ASN P 561 -18.84 26.79 1.41
CA ASN P 561 -19.76 25.67 1.54
C ASN P 561 -19.57 24.74 0.36
N ILE P 562 -19.20 23.49 0.65
CA ILE P 562 -18.82 22.46 -0.31
C ILE P 562 -19.98 21.82 -1.04
N ILE P 563 -21.22 22.01 -0.54
CA ILE P 563 -22.43 21.30 -0.96
C ILE P 563 -22.64 21.24 -2.46
N GLY P 564 -22.46 20.02 -3.02
CA GLY P 564 -22.74 19.72 -4.42
C GLY P 564 -21.62 20.04 -5.38
N TRP P 565 -20.41 20.37 -4.89
CA TRP P 565 -19.28 20.74 -5.73
C TRP P 565 -18.85 19.67 -6.71
N LEU P 566 -18.93 18.37 -6.35
CA LEU P 566 -18.57 17.27 -7.23
C LEU P 566 -19.35 17.23 -8.55
N ASP P 567 -20.69 17.40 -8.52
CA ASP P 567 -21.52 17.31 -9.69
C ASP P 567 -21.74 18.67 -10.36
N LYS P 568 -21.37 19.78 -9.69
CA LYS P 568 -21.07 21.03 -10.38
C LYS P 568 -19.79 20.92 -11.23
N ASN P 569 -18.74 20.29 -10.67
CA ASN P 569 -17.44 20.10 -11.28
C ASN P 569 -17.46 19.26 -12.55
N LYS P 570 -18.25 18.17 -12.59
CA LYS P 570 -18.39 17.31 -13.75
C LYS P 570 -18.88 18.04 -15.00
N ASP P 571 -18.20 17.83 -16.14
CA ASP P 571 -18.63 18.26 -17.46
C ASP P 571 -18.37 17.16 -18.50
N PRO P 572 -18.53 15.84 -18.22
CA PRO P 572 -18.19 14.78 -19.17
C PRO P 572 -18.96 14.86 -20.47
N LEU P 573 -18.27 14.90 -21.62
CA LEU P 573 -18.93 15.20 -22.87
C LEU P 573 -18.88 14.03 -23.84
N ASN P 574 -20.04 13.40 -24.12
CA ASN P 574 -20.15 12.27 -25.03
C ASN P 574 -19.83 12.62 -26.48
N GLU P 575 -18.73 12.05 -27.05
CA GLU P 575 -18.31 12.25 -28.43
C GLU P 575 -19.38 11.90 -29.46
N THR P 576 -20.15 10.80 -29.22
CA THR P 576 -21.22 10.40 -30.15
C THR P 576 -22.29 11.47 -30.33
N VAL P 577 -22.77 12.10 -29.23
CA VAL P 577 -23.75 13.18 -29.31
C VAL P 577 -23.20 14.45 -29.95
N VAL P 578 -21.93 14.82 -29.60
CA VAL P 578 -21.23 15.94 -30.24
C VAL P 578 -21.05 15.74 -31.74
N GLY P 579 -20.71 14.51 -32.17
CA GLY P 579 -20.59 14.15 -33.58
C GLY P 579 -21.90 13.90 -34.30
N LEU P 580 -23.04 13.90 -33.59
CA LEU P 580 -24.36 14.09 -34.19
C LEU P 580 -24.64 15.57 -34.41
N TYR P 581 -24.39 16.44 -33.41
CA TYR P 581 -24.57 17.88 -33.51
C TYR P 581 -23.70 18.55 -34.55
N GLN P 582 -22.47 18.06 -34.76
CA GLN P 582 -21.58 18.47 -35.84
C GLN P 582 -22.19 18.27 -37.23
N LYS P 583 -23.07 17.26 -37.39
CA LYS P 583 -23.71 16.89 -38.64
C LYS P 583 -25.10 17.51 -38.78
N SER P 584 -25.43 18.55 -37.99
CA SER P 584 -26.75 19.18 -37.99
C SER P 584 -27.22 19.76 -39.31
N GLY P 585 -28.47 19.43 -39.72
CA GLY P 585 -29.11 20.04 -40.88
C GLY P 585 -29.50 21.49 -40.70
N LEU P 586 -29.68 21.95 -39.44
CA LEU P 586 -29.74 23.37 -39.16
C LEU P 586 -28.35 23.97 -39.12
N LYS P 587 -28.11 24.96 -40.00
CA LYS P 587 -26.80 25.56 -40.26
C LYS P 587 -26.12 26.10 -39.02
N THR P 588 -26.88 26.82 -38.16
CA THR P 588 -26.38 27.46 -36.96
C THR P 588 -25.76 26.49 -35.99
N LEU P 589 -26.44 25.37 -35.67
CA LEU P 589 -25.93 24.41 -34.72
C LEU P 589 -24.70 23.66 -35.20
N ALA P 590 -24.64 23.26 -36.49
CA ALA P 590 -23.46 22.69 -37.11
C ALA P 590 -22.26 23.64 -37.10
N PHE P 591 -22.50 24.93 -37.42
CA PHE P 591 -21.49 25.96 -37.38
C PHE P 591 -20.93 26.23 -35.98
N LEU P 592 -21.80 26.23 -34.93
CA LEU P 592 -21.39 26.27 -33.53
C LEU P 592 -20.55 25.05 -33.13
N PHE P 593 -21.00 23.84 -33.51
CA PHE P 593 -20.41 22.57 -33.11
C PHE P 593 -19.33 22.10 -34.06
N SER P 594 -18.80 22.99 -34.92
CA SER P 594 -17.66 22.81 -35.83
C SER P 594 -16.31 22.43 -35.22
N GLY P 595 -16.30 21.89 -33.99
CA GLY P 595 -15.14 21.24 -33.39
C GLY P 595 -15.15 19.79 -33.77
N GLY P 596 -14.35 19.44 -34.80
CA GLY P 596 -14.24 18.12 -35.42
C GLY P 596 -13.99 16.90 -34.54
N GLN P 597 -13.87 15.73 -35.18
CA GLN P 597 -13.54 14.51 -34.49
C GLN P 597 -12.14 14.51 -33.87
N ALA P 598 -12.01 14.17 -32.57
CA ALA P 598 -10.77 14.31 -31.84
C ALA P 598 -9.78 13.20 -32.12
N ALA P 599 -10.24 12.13 -32.79
CA ALA P 599 -9.50 10.91 -32.99
C ALA P 599 -8.74 10.87 -34.31
N GLU P 600 -8.58 12.05 -34.96
CA GLU P 600 -7.71 12.25 -36.11
C GLU P 600 -7.25 13.70 -36.09
N ALA P 601 -5.92 13.98 -36.12
CA ALA P 601 -5.45 15.34 -35.95
C ALA P 601 -4.05 15.57 -36.49
N GLU P 602 -3.77 16.81 -36.93
CA GLU P 602 -2.48 17.23 -37.48
C GLU P 602 -1.51 17.70 -36.39
N GLY P 603 -1.25 16.86 -35.37
CA GLY P 603 -0.32 17.20 -34.29
C GLY P 603 -0.91 18.13 -33.26
N GLY P 604 -1.08 19.41 -33.61
CA GLY P 604 -1.77 20.39 -32.77
C GLY P 604 -3.26 20.35 -32.95
N GLY P 605 -3.70 20.04 -34.19
CA GLY P 605 -5.12 20.04 -34.58
C GLY P 605 -5.83 21.37 -34.55
N GLY P 606 -7.14 21.36 -34.86
CA GLY P 606 -7.96 22.56 -34.90
C GLY P 606 -8.78 22.78 -33.64
N LYS P 607 -10.01 23.29 -33.82
CA LYS P 607 -10.95 23.70 -32.76
C LYS P 607 -11.28 22.62 -31.73
N LYS P 608 -11.15 21.33 -32.10
CA LYS P 608 -11.23 20.22 -31.18
C LYS P 608 -10.17 19.20 -31.55
N GLY P 609 -8.89 19.58 -31.40
CA GLY P 609 -7.73 18.81 -31.88
C GLY P 609 -7.34 17.57 -31.10
N GLY P 610 -8.09 17.20 -30.05
CA GLY P 610 -7.90 15.94 -29.33
C GLY P 610 -6.83 15.95 -28.26
N LYS P 611 -6.25 17.11 -27.96
CA LYS P 611 -5.13 17.28 -27.06
C LYS P 611 -5.47 17.23 -25.56
N LYS P 612 -6.77 17.31 -25.22
CA LYS P 612 -7.23 17.44 -23.84
C LYS P 612 -7.89 16.16 -23.33
N LYS P 613 -8.14 16.07 -22.00
CA LYS P 613 -8.97 15.03 -21.39
C LYS P 613 -10.46 15.23 -21.73
N GLY P 614 -10.81 15.25 -23.04
CA GLY P 614 -12.13 15.59 -23.55
C GLY P 614 -12.80 14.41 -24.18
N SER P 615 -13.82 13.88 -23.49
CA SER P 615 -14.51 12.60 -23.68
C SER P 615 -14.33 11.89 -22.36
N SER P 616 -15.43 11.53 -21.66
CA SER P 616 -15.37 11.26 -20.22
C SER P 616 -14.80 12.46 -19.45
N PHE P 617 -14.18 12.22 -18.27
CA PHE P 617 -13.30 13.14 -17.55
C PHE P 617 -13.73 14.60 -17.42
N GLN P 618 -13.25 15.48 -18.33
CA GLN P 618 -13.50 16.89 -18.50
C GLN P 618 -14.24 17.64 -17.40
N THR P 619 -13.52 18.35 -16.51
CA THR P 619 -14.18 19.08 -15.44
C THR P 619 -14.32 20.56 -15.78
N VAL P 620 -15.30 21.25 -15.15
CA VAL P 620 -15.45 22.69 -15.28
C VAL P 620 -14.25 23.42 -14.72
N SER P 621 -13.65 22.89 -13.64
CA SER P 621 -12.43 23.43 -13.08
C SER P 621 -11.24 23.36 -14.03
N ALA P 622 -11.07 22.26 -14.78
CA ALA P 622 -10.04 22.15 -15.82
C ALA P 622 -10.24 23.13 -16.96
N LEU P 623 -11.48 23.25 -17.47
CA LEU P 623 -11.86 24.22 -18.49
C LEU P 623 -11.69 25.66 -18.02
N PHE P 624 -12.07 25.97 -16.77
CA PHE P 624 -11.84 27.26 -16.14
C PHE P 624 -10.35 27.59 -15.98
N ARG P 625 -9.52 26.63 -15.51
CA ARG P 625 -8.08 26.78 -15.41
C ARG P 625 -7.43 27.05 -16.77
N GLU P 626 -7.83 26.30 -17.81
CA GLU P 626 -7.38 26.50 -19.18
C GLU P 626 -7.75 27.85 -19.79
N ASN P 627 -9.03 28.28 -19.69
CA ASN P 627 -9.47 29.59 -20.15
C ASN P 627 -8.82 30.74 -19.40
N LEU P 628 -8.62 30.59 -18.07
CA LEU P 628 -7.84 31.51 -17.27
C LEU P 628 -6.39 31.60 -17.68
N ASN P 629 -5.72 30.45 -17.93
CA ASN P 629 -4.37 30.43 -18.45
C ASN P 629 -4.24 31.08 -19.84
N LYS P 630 -5.21 30.89 -20.75
CA LYS P 630 -5.27 31.62 -22.01
C LYS P 630 -5.41 33.14 -21.83
N LEU P 631 -6.30 33.59 -20.92
CA LEU P 631 -6.43 35.00 -20.56
C LEU P 631 -5.17 35.59 -19.96
N MET P 632 -4.56 34.89 -18.97
CA MET P 632 -3.34 35.32 -18.31
C MET P 632 -2.15 35.42 -19.25
N THR P 633 -1.96 34.46 -20.19
CA THR P 633 -0.94 34.54 -21.23
C THR P 633 -1.09 35.74 -22.14
N ASN P 634 -2.33 36.05 -22.58
CA ASN P 634 -2.61 37.24 -23.38
C ASN P 634 -2.40 38.54 -22.62
N LEU P 635 -2.82 38.62 -21.33
CA LEU P 635 -2.52 39.75 -20.47
C LEU P 635 -1.04 39.91 -20.14
N LYS P 636 -0.31 38.81 -19.92
CA LYS P 636 1.12 38.80 -19.63
C LYS P 636 1.97 39.21 -20.83
N SER P 637 1.36 39.22 -22.02
CA SER P 637 1.98 39.66 -23.27
C SER P 637 1.69 41.13 -23.54
N THR P 638 1.22 41.89 -22.53
CA THR P 638 0.97 43.33 -22.64
C THR P 638 1.48 44.06 -21.41
N HIS P 639 1.58 45.40 -21.47
CA HIS P 639 1.87 46.22 -20.30
C HIS P 639 0.56 46.66 -19.62
N PRO P 640 0.26 46.34 -18.36
CA PRO P 640 -1.07 46.60 -17.82
C PRO P 640 -1.17 47.93 -17.10
N HIS P 641 -2.40 48.49 -17.03
CA HIS P 641 -2.71 49.69 -16.27
C HIS P 641 -4.01 49.42 -15.54
N PHE P 642 -4.25 50.03 -14.37
CA PHE P 642 -5.25 49.52 -13.44
C PHE P 642 -6.26 50.56 -13.00
N VAL P 643 -7.56 50.24 -13.19
CA VAL P 643 -8.65 51.06 -12.72
C VAL P 643 -9.42 50.25 -11.69
N ARG P 644 -9.74 50.85 -10.54
CA ARG P 644 -10.50 50.22 -9.48
C ARG P 644 -11.75 51.03 -9.19
N CYS P 645 -12.92 50.47 -9.57
CA CYS P 645 -14.20 51.14 -9.38
C CYS P 645 -14.81 50.78 -8.03
N LEU P 646 -15.36 51.81 -7.36
CA LEU P 646 -16.05 51.72 -6.09
C LEU P 646 -17.45 52.28 -6.28
N ILE P 647 -18.43 51.75 -5.53
CA ILE P 647 -19.79 52.25 -5.52
C ILE P 647 -20.09 52.75 -4.12
N PRO P 648 -20.52 54.00 -3.91
CA PRO P 648 -20.57 54.57 -2.57
C PRO P 648 -21.87 54.20 -1.89
N ASN P 649 -22.90 53.73 -2.61
CA ASN P 649 -24.19 53.46 -2.01
C ASN P 649 -25.07 52.57 -2.88
N GLU P 650 -26.09 51.94 -2.25
CA GLU P 650 -27.17 51.26 -2.94
C GLU P 650 -28.20 52.21 -3.52
N THR P 651 -28.30 53.43 -2.92
CA THR P 651 -29.33 54.43 -3.14
C THR P 651 -29.40 54.99 -4.54
N LYS P 652 -28.24 55.17 -5.20
CA LYS P 652 -28.12 55.63 -6.59
C LYS P 652 -28.10 57.15 -6.69
N THR P 653 -27.63 57.84 -5.64
CA THR P 653 -27.64 59.30 -5.57
C THR P 653 -26.45 59.74 -4.74
N PRO P 654 -25.79 60.87 -4.93
CA PRO P 654 -24.53 61.16 -4.25
C PRO P 654 -24.76 61.86 -2.93
N GLY P 655 -23.65 62.27 -2.26
CA GLY P 655 -23.68 62.97 -0.97
C GLY P 655 -23.77 62.02 0.19
N ALA P 656 -23.94 60.73 -0.13
CA ALA P 656 -23.86 59.64 0.81
C ALA P 656 -22.80 58.69 0.32
N MET P 657 -21.87 58.31 1.21
CA MET P 657 -20.85 57.34 0.93
C MET P 657 -20.88 56.39 2.09
N GLU P 658 -21.15 55.10 1.81
CA GLU P 658 -21.27 54.07 2.82
C GLU P 658 -19.93 53.41 3.05
N HIS P 659 -19.36 53.69 4.23
CA HIS P 659 -18.05 53.29 4.68
C HIS P 659 -17.81 51.78 4.70
N GLU P 660 -18.78 50.97 5.16
CA GLU P 660 -18.60 49.52 5.18
C GLU P 660 -18.54 48.89 3.80
N LEU P 661 -19.40 49.36 2.87
CA LEU P 661 -19.38 48.96 1.46
C LEU P 661 -18.06 49.30 0.80
N VAL P 662 -17.55 50.53 1.04
CA VAL P 662 -16.23 50.95 0.58
C VAL P 662 -15.10 50.09 1.13
N LEU P 663 -15.12 49.72 2.44
CA LEU P 663 -14.16 48.76 2.97
C LEU P 663 -14.20 47.40 2.29
N HIS P 664 -15.39 46.81 2.07
CA HIS P 664 -15.53 45.54 1.39
C HIS P 664 -15.01 45.54 -0.04
N GLN P 665 -15.33 46.62 -0.80
CA GLN P 665 -14.81 46.85 -2.12
C GLN P 665 -13.29 47.02 -2.15
N LEU P 666 -12.70 47.82 -1.23
CA LEU P 666 -11.26 47.97 -1.08
C LEU P 666 -10.51 46.69 -0.74
N ARG P 667 -11.10 45.81 0.10
CA ARG P 667 -10.55 44.47 0.33
C ARG P 667 -10.59 43.61 -0.93
N CYS P 668 -11.73 43.57 -1.64
CA CYS P 668 -11.89 42.67 -2.77
C CYS P 668 -11.18 43.11 -4.04
N ASN P 669 -10.91 44.42 -4.21
CA ASN P 669 -10.33 44.92 -5.45
C ASN P 669 -8.81 45.07 -5.40
N GLY P 670 -8.19 44.76 -4.25
CA GLY P 670 -6.75 44.74 -4.09
C GLY P 670 -6.09 46.05 -3.73
N VAL P 671 -6.86 47.14 -3.50
CA VAL P 671 -6.30 48.41 -3.04
C VAL P 671 -5.65 48.30 -1.68
N LEU P 672 -6.26 47.55 -0.74
CA LEU P 672 -5.64 47.26 0.54
C LEU P 672 -4.38 46.40 0.46
N GLU P 673 -4.27 45.50 -0.53
CA GLU P 673 -3.01 44.85 -0.81
C GLU P 673 -1.93 45.81 -1.30
N GLY P 674 -2.25 46.73 -2.25
CA GLY P 674 -1.28 47.69 -2.76
C GLY P 674 -0.67 48.61 -1.74
N ILE P 675 -1.45 49.03 -0.72
CA ILE P 675 -0.91 49.79 0.42
C ILE P 675 -0.01 48.97 1.34
N ARG P 676 -0.32 47.67 1.62
CA ARG P 676 0.61 46.83 2.39
C ARG P 676 1.87 46.46 1.62
N ILE P 677 1.78 46.33 0.27
CA ILE P 677 2.94 46.17 -0.61
C ILE P 677 3.90 47.35 -0.57
N CYS P 678 3.41 48.61 -0.71
CA CYS P 678 4.33 49.73 -0.77
C CYS P 678 4.95 50.10 0.57
N ARG P 679 4.35 49.63 1.68
CA ARG P 679 4.93 49.71 3.01
C ARG P 679 6.08 48.73 3.23
N LYS P 680 6.22 47.65 2.42
CA LYS P 680 7.41 46.82 2.42
C LYS P 680 8.62 47.58 1.87
N GLY P 681 8.38 48.38 0.81
CA GLY P 681 9.37 49.25 0.19
C GLY P 681 9.53 50.59 0.86
N PHE P 682 9.77 51.63 0.03
CA PHE P 682 9.81 53.00 0.51
C PHE P 682 8.78 53.78 -0.30
N PRO P 683 7.60 54.16 0.21
CA PRO P 683 6.51 54.58 -0.67
C PRO P 683 6.63 56.05 -0.97
N SER P 684 7.13 56.86 -0.01
CA SER P 684 7.14 58.31 -0.12
C SER P 684 8.44 58.77 -0.75
N ARG P 685 8.33 59.54 -1.84
CA ARG P 685 9.47 59.88 -2.67
C ARG P 685 9.48 61.38 -2.91
N ILE P 686 10.44 62.10 -2.32
CA ILE P 686 10.43 63.56 -2.27
C ILE P 686 11.70 64.09 -2.91
N LEU P 687 11.62 65.10 -3.81
CA LEU P 687 12.78 65.74 -4.40
C LEU P 687 13.69 66.43 -3.39
N TYR P 688 15.01 66.49 -3.67
CA TYR P 688 15.98 67.19 -2.82
C TYR P 688 15.66 68.68 -2.64
N ALA P 689 15.20 69.36 -3.72
CA ALA P 689 14.74 70.73 -3.66
C ALA P 689 13.52 70.94 -2.77
N ASP P 690 12.46 70.12 -2.93
CA ASP P 690 11.23 70.15 -2.16
C ASP P 690 11.46 69.89 -0.69
N PHE P 691 12.30 68.88 -0.37
CA PHE P 691 12.67 68.50 0.97
C PHE P 691 13.39 69.64 1.70
N LYS P 692 14.36 70.30 1.03
CA LYS P 692 14.96 71.50 1.56
C LYS P 692 14.00 72.68 1.67
N GLN P 693 13.24 73.01 0.61
CA GLN P 693 12.41 74.20 0.59
C GLN P 693 11.22 74.17 1.53
N ARG P 694 10.49 73.04 1.66
CA ARG P 694 9.37 72.93 2.57
C ARG P 694 9.77 72.76 4.04
N TYR P 695 10.89 72.07 4.34
CA TYR P 695 11.20 71.58 5.68
C TYR P 695 12.44 72.21 6.34
N LYS P 696 13.02 73.32 5.83
CA LYS P 696 14.18 73.99 6.45
C LYS P 696 14.00 74.38 7.92
N VAL P 697 12.76 74.78 8.27
CA VAL P 697 12.28 75.20 9.59
C VAL P 697 12.61 74.22 10.73
N LEU P 698 12.75 72.92 10.42
CA LEU P 698 13.10 71.88 11.37
C LEU P 698 14.44 72.02 12.08
N ASN P 699 15.50 72.34 11.31
CA ASN P 699 16.86 72.01 11.72
C ASN P 699 17.84 73.10 11.30
N ALA P 700 17.64 74.34 11.81
CA ALA P 700 18.54 75.47 11.60
C ALA P 700 19.98 75.17 12.04
N SER P 701 20.15 74.41 13.13
CA SER P 701 21.45 73.92 13.61
C SER P 701 22.22 73.05 12.63
N ALA P 702 21.51 72.23 11.82
CA ALA P 702 22.12 71.34 10.87
C ALA P 702 22.39 71.97 9.52
N ILE P 703 21.40 72.75 9.02
CA ILE P 703 21.35 73.38 7.71
C ILE P 703 22.00 74.75 7.82
N PRO P 704 23.24 74.96 7.37
CA PRO P 704 23.92 76.22 7.59
C PRO P 704 23.69 77.15 6.40
N GLU P 705 24.49 78.22 6.34
CA GLU P 705 24.59 79.30 5.39
C GLU P 705 24.16 79.11 3.92
N GLY P 706 24.04 80.24 3.20
CA GLY P 706 23.59 80.26 1.81
C GLY P 706 24.59 79.75 0.80
N GLN P 707 25.80 79.37 1.26
CA GLN P 707 26.76 78.59 0.49
C GLN P 707 26.35 77.12 0.35
N PHE P 708 25.41 76.64 1.19
CA PHE P 708 24.93 75.26 1.16
C PHE P 708 23.92 75.02 0.04
N ILE P 709 24.38 75.17 -1.22
CA ILE P 709 23.64 74.89 -2.43
C ILE P 709 23.74 73.41 -2.77
N ASP P 710 23.55 72.99 -4.05
CA ASP P 710 23.56 71.58 -4.50
C ASP P 710 22.29 70.82 -4.06
N SER P 711 21.85 71.07 -2.80
CA SER P 711 20.64 70.59 -2.16
C SER P 711 20.66 69.12 -1.79
N LYS P 712 21.59 68.30 -2.33
CA LYS P 712 21.85 66.95 -1.84
C LYS P 712 22.38 66.96 -0.43
N LYS P 713 23.34 67.85 -0.18
CA LYS P 713 23.96 68.13 1.10
C LYS P 713 23.00 68.60 2.17
N ALA P 714 21.96 69.37 1.79
CA ALA P 714 20.92 69.81 2.69
C ALA P 714 20.14 68.65 3.32
N SER P 715 19.76 67.64 2.51
CA SER P 715 19.18 66.41 3.01
C SER P 715 20.13 65.59 3.87
N GLU P 716 21.43 65.50 3.51
CA GLU P 716 22.44 64.80 4.30
C GLU P 716 22.55 65.36 5.72
N LYS P 717 22.61 66.70 5.86
CA LYS P 717 22.55 67.36 7.14
C LYS P 717 21.24 67.21 7.89
N LEU P 718 20.09 67.40 7.21
CA LEU P 718 18.78 67.31 7.82
C LEU P 718 18.48 65.91 8.35
N LEU P 719 18.75 64.86 7.56
CA LEU P 719 18.64 63.48 7.98
C LEU P 719 19.63 63.10 9.06
N GLY P 720 20.86 63.65 9.01
CA GLY P 720 21.87 63.47 10.04
C GLY P 720 21.58 64.04 11.41
N SER P 721 20.73 65.10 11.54
CA SER P 721 20.45 65.68 12.85
C SER P 721 19.09 65.31 13.42
N ILE P 722 18.24 64.61 12.65
CA ILE P 722 16.87 64.31 13.05
C ILE P 722 16.75 62.87 13.55
N ASP P 723 17.89 62.14 13.57
CA ASP P 723 18.03 60.78 14.10
C ASP P 723 17.09 59.73 13.46
N ILE P 724 17.27 59.50 12.15
CA ILE P 724 16.50 58.53 11.39
C ILE P 724 17.45 57.45 10.92
N ASP P 725 17.05 56.17 11.06
CA ASP P 725 17.80 55.01 10.63
C ASP P 725 18.01 54.92 9.11
N HIS P 726 19.13 54.31 8.71
CA HIS P 726 19.58 54.11 7.34
C HIS P 726 18.77 53.02 6.64
N THR P 727 18.03 52.19 7.40
CA THR P 727 17.03 51.25 6.88
C THR P 727 15.77 51.98 6.44
N GLN P 728 15.54 53.20 6.96
CA GLN P 728 14.29 53.91 6.78
C GLN P 728 14.32 54.94 5.65
N TYR P 729 15.49 55.19 5.03
CA TYR P 729 15.58 56.05 3.86
C TYR P 729 16.66 55.59 2.89
N LYS P 730 16.65 56.16 1.67
CA LYS P 730 17.71 56.01 0.69
C LYS P 730 17.93 57.32 -0.05
N PHE P 731 19.21 57.69 -0.29
CA PHE P 731 19.61 58.84 -1.07
C PHE P 731 19.66 58.50 -2.55
N GLY P 732 19.01 59.31 -3.41
CA GLY P 732 19.00 59.10 -4.86
C GLY P 732 19.72 60.18 -5.63
N HIS P 733 19.27 60.44 -6.86
CA HIS P 733 19.86 61.43 -7.73
C HIS P 733 19.03 62.70 -7.74
N THR P 734 17.70 62.59 -7.76
CA THR P 734 16.79 63.73 -7.73
C THR P 734 15.88 63.64 -6.53
N LYS P 735 15.60 62.42 -6.05
CA LYS P 735 14.67 62.18 -4.96
C LYS P 735 15.32 61.43 -3.80
N VAL P 736 14.79 61.66 -2.59
CA VAL P 736 15.08 60.88 -1.41
C VAL P 736 13.88 59.96 -1.19
N PHE P 737 14.13 58.68 -0.90
CA PHE P 737 13.08 57.70 -0.66
C PHE P 737 12.93 57.47 0.82
N PHE P 738 11.67 57.54 1.33
CA PHE P 738 11.36 57.43 2.75
C PHE P 738 10.38 56.31 3.02
N LYS P 739 10.58 55.58 4.14
CA LYS P 739 9.52 54.80 4.77
C LYS P 739 8.32 55.63 5.23
N ALA P 740 7.16 54.95 5.34
CA ALA P 740 5.98 55.46 6.00
C ALA P 740 6.23 55.89 7.46
N GLY P 741 5.48 56.91 7.92
CA GLY P 741 5.59 57.48 9.25
C GLY P 741 6.45 58.71 9.30
N LEU P 742 7.63 58.69 8.64
CA LEU P 742 8.70 59.66 8.83
C LEU P 742 8.32 61.12 8.60
N LEU P 743 7.53 61.43 7.56
CA LEU P 743 7.16 62.80 7.26
C LEU P 743 6.11 63.35 8.22
N GLY P 744 5.46 62.48 9.04
CA GLY P 744 4.53 62.93 10.08
C GLY P 744 5.29 63.56 11.21
N THR P 745 6.38 62.90 11.65
CA THR P 745 7.33 63.41 12.65
C THR P 745 7.92 64.73 12.22
N LEU P 746 8.31 64.85 10.93
CA LEU P 746 8.76 66.11 10.38
C LEU P 746 7.70 67.19 10.37
N GLU P 747 6.46 66.92 9.97
CA GLU P 747 5.41 67.93 9.98
C GLU P 747 5.05 68.44 11.38
N GLU P 748 4.94 67.53 12.37
CA GLU P 748 4.72 67.85 13.77
C GLU P 748 5.85 68.66 14.39
N MET P 749 7.13 68.26 14.15
CA MET P 749 8.28 69.03 14.57
C MET P 749 8.39 70.39 13.88
N ARG P 750 7.98 70.51 12.61
CA ARG P 750 7.92 71.75 11.87
C ARG P 750 6.96 72.77 12.46
N ASP P 751 5.77 72.32 12.90
CA ASP P 751 4.77 73.11 13.62
C ASP P 751 5.31 73.62 14.97
N GLU P 752 5.90 72.70 15.77
CA GLU P 752 6.55 72.97 17.05
C GLU P 752 7.74 73.93 16.93
N LYS P 753 8.67 73.70 15.98
CA LYS P 753 9.80 74.59 15.78
C LYS P 753 9.40 75.96 15.31
N LEU P 754 8.41 76.10 14.41
CA LEU P 754 7.90 77.40 14.03
C LEU P 754 7.35 78.21 15.21
N ALA P 755 6.59 77.56 16.13
CA ALA P 755 6.15 78.17 17.36
C ALA P 755 7.30 78.63 18.28
N GLN P 756 8.35 77.79 18.45
CA GLN P 756 9.56 78.15 19.17
C GLN P 756 10.33 79.31 18.53
N LEU P 757 10.44 79.37 17.19
CA LEU P 757 11.05 80.49 16.49
C LEU P 757 10.28 81.80 16.64
N ILE P 758 8.93 81.77 16.59
CA ILE P 758 8.09 82.96 16.80
C ILE P 758 8.25 83.56 18.18
N THR P 759 8.33 82.75 19.26
CA THR P 759 8.60 83.25 20.62
C THR P 759 9.96 83.92 20.75
N ARG P 760 11.00 83.40 20.08
CA ARG P 760 12.29 84.07 19.96
C ARG P 760 12.19 85.44 19.30
N THR P 761 11.42 85.58 18.20
CA THR P 761 11.21 86.88 17.53
C THR P 761 10.56 87.90 18.44
N GLN P 762 9.50 87.48 19.16
CA GLN P 762 8.80 88.30 20.13
C GLN P 762 9.68 88.71 21.31
N ALA P 763 10.53 87.80 21.80
CA ALA P 763 11.54 88.08 22.80
C ALA P 763 12.61 89.09 22.37
N VAL P 764 13.15 89.02 21.14
CA VAL P 764 14.07 90.02 20.60
C VAL P 764 13.39 91.38 20.44
N CYS P 765 12.13 91.41 19.94
CA CYS P 765 11.34 92.63 19.91
C CYS P 765 11.16 93.28 21.28
N ARG P 766 10.87 92.48 22.32
CA ARG P 766 10.87 92.92 23.72
C ARG P 766 12.24 93.35 24.24
N GLY P 767 13.34 92.67 23.85
CA GLY P 767 14.71 93.15 24.04
C GLY P 767 14.95 94.57 23.59
N TYR P 768 14.55 94.89 22.34
CA TYR P 768 14.57 96.23 21.79
C TYR P 768 13.64 97.22 22.50
N LEU P 769 12.38 96.82 22.79
CA LEU P 769 11.37 97.70 23.37
C LEU P 769 11.50 97.95 24.87
N MET P 770 12.12 97.03 25.65
CA MET P 770 12.26 97.19 27.09
C MET P 770 13.47 98.03 27.44
N ARG P 771 13.54 99.19 26.77
CA ARG P 771 14.38 100.29 27.09
C ARG P 771 13.64 101.09 28.14
N VAL P 772 13.97 100.86 29.43
CA VAL P 772 13.48 101.66 30.52
C VAL P 772 13.84 103.12 30.33
N GLU P 773 12.87 104.02 30.10
CA GLU P 773 13.17 105.41 29.81
C GLU P 773 13.70 106.14 31.03
N PHE P 774 13.56 105.56 32.22
CA PHE P 774 14.29 106.03 33.38
C PHE P 774 15.80 105.77 33.31
N LYS P 775 16.27 104.84 32.44
CA LYS P 775 17.67 104.61 32.16
C LYS P 775 18.16 105.42 30.98
N LYS P 776 17.28 106.19 30.30
CA LYS P 776 17.75 107.16 29.31
C LYS P 776 17.31 108.60 29.55
N MET P 777 16.34 108.93 30.46
CA MET P 777 15.87 110.31 30.61
C MET P 777 15.50 110.76 32.03
N MET P 778 15.60 109.90 33.08
CA MET P 778 15.15 110.26 34.43
C MET P 778 16.25 110.92 35.27
N GLU P 779 15.93 111.37 36.50
CA GLU P 779 16.83 112.02 37.44
C GLU P 779 18.23 111.45 37.60
N ARG P 780 18.43 110.17 37.95
CA ARG P 780 19.73 109.68 38.40
C ARG P 780 20.35 108.84 37.31
N ARG P 781 19.86 109.07 36.08
CA ARG P 781 20.36 108.51 34.86
C ARG P 781 21.73 109.04 34.48
N GLU P 782 22.53 108.23 33.75
CA GLU P 782 23.83 108.47 33.14
C GLU P 782 24.12 109.93 32.75
N SER P 783 23.20 110.55 31.99
CA SER P 783 23.27 111.93 31.56
C SER P 783 23.31 112.95 32.68
N ILE P 784 22.47 112.82 33.71
CA ILE P 784 22.40 113.78 34.79
C ILE P 784 23.61 113.64 35.69
N PHE P 785 24.14 112.41 35.82
CA PHE P 785 25.45 112.17 36.42
C PHE P 785 26.56 112.89 35.63
N CYS P 786 26.57 112.80 34.28
CA CYS P 786 27.47 113.59 33.44
C CYS P 786 27.28 115.09 33.60
N ILE P 787 26.02 115.60 33.62
CA ILE P 787 25.76 117.02 33.87
C ILE P 787 26.26 117.46 35.23
N GLN P 788 25.92 116.73 36.32
CA GLN P 788 26.35 117.07 37.66
C GLN P 788 27.84 116.99 37.84
N TYR P 789 28.50 115.91 37.34
CA TYR P 789 29.94 115.77 37.46
C TYR P 789 30.73 116.76 36.60
N ASN P 790 30.35 117.01 35.33
CA ASN P 790 31.00 118.01 34.50
C ASN P 790 30.77 119.44 34.99
N VAL P 791 29.57 119.78 35.49
CA VAL P 791 29.31 121.05 36.14
C VAL P 791 30.14 121.23 37.43
N ARG P 792 30.28 120.17 38.25
CA ARG P 792 31.22 120.14 39.37
C ARG P 792 32.69 120.28 38.97
N ALA P 793 33.12 119.64 37.86
CA ALA P 793 34.43 119.89 37.29
C ALA P 793 34.60 121.33 36.84
N PHE P 794 33.59 121.90 36.15
CA PHE P 794 33.55 123.29 35.71
C PHE P 794 33.69 124.30 36.85
N MET P 795 33.00 124.12 38.00
CA MET P 795 33.12 125.06 39.11
C MET P 795 34.52 125.17 39.72
N ASN P 796 35.28 124.06 39.79
CA ASN P 796 36.69 124.12 40.18
C ASN P 796 37.56 124.80 39.11
N VAL P 797 37.44 124.37 37.84
CA VAL P 797 38.39 124.76 36.81
C VAL P 797 38.12 126.14 36.24
N LYS P 798 36.91 126.71 36.47
CA LYS P 798 36.59 128.08 36.10
C LYS P 798 37.33 129.10 36.96
N HIS P 799 37.99 128.66 38.05
CA HIS P 799 38.88 129.51 38.81
C HIS P 799 40.35 129.34 38.47
N TRP P 800 40.82 128.10 38.16
CA TRP P 800 42.24 127.78 37.96
C TRP P 800 42.96 128.51 36.81
N PRO P 801 44.18 129.08 36.94
CA PRO P 801 44.84 129.80 35.84
C PRO P 801 45.14 129.00 34.60
N TRP P 802 45.61 127.73 34.69
CA TRP P 802 46.01 126.98 33.52
C TRP P 802 44.85 126.39 32.74
N MET P 803 43.63 126.37 33.33
CA MET P 803 42.43 126.17 32.55
C MET P 803 42.15 127.36 31.65
N LYS P 804 42.17 128.56 32.26
CA LYS P 804 41.94 129.83 31.59
C LYS P 804 42.95 130.13 30.50
N LEU P 805 44.24 129.84 30.72
CA LEU P 805 45.28 130.03 29.72
C LEU P 805 45.08 129.20 28.46
N TYR P 806 44.78 127.89 28.56
CA TYR P 806 44.75 127.06 27.36
C TYR P 806 43.60 127.37 26.41
N PHE P 807 42.50 127.91 26.97
CA PHE P 807 41.33 128.38 26.26
C PHE P 807 41.58 129.64 25.43
N LYS P 808 42.58 130.49 25.78
CA LYS P 808 42.92 131.64 24.96
C LYS P 808 44.24 131.47 24.22
N ILE P 809 45.08 130.47 24.57
CA ILE P 809 46.21 130.08 23.72
C ILE P 809 45.75 129.49 22.38
N LYS P 810 44.75 128.58 22.40
CA LYS P 810 44.32 127.90 21.18
C LYS P 810 43.49 128.66 20.15
N PRO P 811 42.72 129.71 20.44
CA PRO P 811 42.22 130.64 19.42
C PRO P 811 43.30 131.45 18.73
N LEU P 812 44.57 131.33 19.18
CA LEU P 812 45.70 132.07 18.64
C LEU P 812 46.73 131.14 18.01
N LEU P 813 46.29 129.97 17.48
CA LEU P 813 47.13 129.13 16.64
C LEU P 813 47.02 129.56 15.15
N GLU Q 1 31.67 80.94 35.85
CA GLU Q 1 31.69 82.13 36.75
C GLU Q 1 31.79 83.38 35.91
N PHE Q 2 31.39 84.55 36.44
CA PHE Q 2 31.38 85.81 35.73
C PHE Q 2 32.70 86.55 35.90
N SER Q 3 33.06 87.47 34.97
CA SER Q 3 34.21 88.35 35.15
C SER Q 3 33.84 89.51 36.10
N LYS Q 4 34.86 90.20 36.66
CA LYS Q 4 34.65 91.39 37.49
C LYS Q 4 33.95 92.52 36.73
N GLU Q 5 34.34 92.66 35.46
CA GLU Q 5 33.75 93.50 34.44
C GLU Q 5 32.28 93.17 34.19
N GLN Q 6 31.92 91.88 33.96
CA GLN Q 6 30.54 91.43 33.86
C GLN Q 6 29.74 91.70 35.13
N GLN Q 7 30.32 91.45 36.32
CA GLN Q 7 29.67 91.72 37.60
C GLN Q 7 29.34 93.19 37.77
N GLU Q 8 30.28 94.10 37.44
CA GLU Q 8 30.06 95.52 37.47
C GLU Q 8 29.03 96.02 36.45
N ASP Q 9 29.03 95.51 35.19
CA ASP Q 9 28.00 95.78 34.20
C ASP Q 9 26.58 95.35 34.64
N PHE Q 10 26.48 94.14 35.23
CA PHE Q 10 25.23 93.61 35.78
C PHE Q 10 24.73 94.45 36.95
N LYS Q 11 25.67 94.92 37.80
CA LYS Q 11 25.45 95.86 38.89
C LYS Q 11 24.99 97.24 38.46
N GLU Q 12 25.60 97.82 37.40
CA GLU Q 12 25.23 99.11 36.82
C GLU Q 12 23.79 99.11 36.32
N ALA Q 13 23.38 98.02 35.65
CA ALA Q 13 21.98 97.79 35.33
C ALA Q 13 21.09 97.63 36.57
N PHE Q 14 21.53 96.86 37.59
CA PHE Q 14 20.80 96.63 38.82
C PHE Q 14 20.51 97.92 39.61
N LEU Q 15 21.49 98.82 39.74
CA LEU Q 15 21.43 100.05 40.54
C LEU Q 15 20.44 101.07 40.00
N LEU Q 16 20.03 100.93 38.73
CA LEU Q 16 18.89 101.67 38.20
C LEU Q 16 17.54 101.10 38.64
N PHE Q 17 17.40 99.76 38.61
CA PHE Q 17 16.11 99.10 38.77
C PHE Q 17 15.63 99.07 40.20
N ASP Q 18 16.52 99.19 41.22
CA ASP Q 18 16.14 99.23 42.62
C ASP Q 18 15.82 100.65 43.08
N ARG Q 19 15.42 101.53 42.13
CA ARG Q 19 15.10 102.95 42.19
C ARG Q 19 14.48 103.56 43.45
N THR Q 20 13.86 102.75 44.33
CA THR Q 20 13.38 103.12 45.65
C THR Q 20 14.52 103.29 46.65
N GLY Q 21 15.71 102.73 46.35
CA GLY Q 21 16.92 102.82 47.16
C GLY Q 21 17.07 101.69 48.14
N GLU Q 22 16.48 100.52 47.84
CA GLU Q 22 16.44 99.40 48.76
C GLU Q 22 17.60 98.42 48.64
N CYS Q 23 18.38 98.48 47.54
CA CYS Q 23 19.41 97.51 47.16
C CYS Q 23 18.78 96.23 46.62
N LYS Q 24 17.50 96.31 46.21
CA LYS Q 24 16.68 95.17 45.83
C LYS Q 24 15.80 95.47 44.64
N ILE Q 25 15.84 94.63 43.60
CA ILE Q 25 14.96 94.77 42.46
C ILE Q 25 13.68 93.98 42.70
N THR Q 26 12.50 94.57 42.40
CA THR Q 26 11.24 93.83 42.39
C THR Q 26 11.26 92.74 41.34
N LEU Q 27 10.78 91.53 41.70
CA LEU Q 27 10.91 90.32 40.90
C LEU Q 27 10.36 90.41 39.48
N SER Q 28 9.27 91.17 39.25
CA SER Q 28 8.68 91.38 37.94
C SER Q 28 9.66 91.92 36.91
N GLN Q 29 10.56 92.83 37.35
CA GLN Q 29 11.46 93.57 36.51
C GLN Q 29 12.63 92.73 35.99
N VAL Q 30 12.90 91.54 36.55
CA VAL Q 30 14.10 90.75 36.29
C VAL Q 30 14.26 90.35 34.82
N GLY Q 31 13.16 90.01 34.11
CA GLY Q 31 13.22 89.74 32.67
C GLY Q 31 13.64 90.94 31.85
N ASP Q 32 13.34 92.15 32.32
CA ASP Q 32 13.63 93.39 31.65
C ASP Q 32 14.97 93.96 32.11
N VAL Q 33 15.49 93.52 33.27
CA VAL Q 33 16.90 93.64 33.65
C VAL Q 33 17.77 92.80 32.71
N LEU Q 34 17.37 91.56 32.38
CA LEU Q 34 18.03 90.73 31.39
C LEU Q 34 18.03 91.32 29.97
N ARG Q 35 16.88 91.88 29.54
CA ARG Q 35 16.75 92.66 28.31
C ARG Q 35 17.60 93.92 28.32
N ALA Q 36 17.74 94.59 29.49
CA ALA Q 36 18.62 95.72 29.67
C ALA Q 36 20.11 95.39 29.56
N LEU Q 37 20.49 94.10 29.74
CA LEU Q 37 21.84 93.58 29.55
C LEU Q 37 22.03 92.96 28.17
N GLY Q 38 21.04 93.10 27.25
CA GLY Q 38 21.19 92.67 25.85
C GLY Q 38 20.92 91.22 25.57
N THR Q 39 20.42 90.46 26.56
CA THR Q 39 19.92 89.11 26.31
C THR Q 39 18.45 89.20 25.96
N ASN Q 40 17.88 88.20 25.26
CA ASN Q 40 16.53 88.31 24.74
C ASN Q 40 15.65 87.21 25.30
N PRO Q 41 15.30 87.18 26.59
CA PRO Q 41 14.65 86.02 27.16
C PRO Q 41 13.17 85.99 26.83
N THR Q 42 12.67 84.79 26.47
CA THR Q 42 11.25 84.48 26.36
C THR Q 42 10.56 84.53 27.70
N ASN Q 43 9.25 84.78 27.75
CA ASN Q 43 8.49 84.79 28.98
C ASN Q 43 8.43 83.40 29.62
N ALA Q 44 8.43 82.34 28.80
CA ALA Q 44 8.68 80.97 29.21
C ALA Q 44 10.05 80.72 29.87
N GLU Q 45 11.14 81.35 29.39
CA GLU Q 45 12.44 81.37 30.05
C GLU Q 45 12.42 82.12 31.38
N VAL Q 46 11.78 83.30 31.37
CA VAL Q 46 11.58 84.20 32.48
C VAL Q 46 10.80 83.60 33.65
N LYS Q 47 9.70 82.86 33.42
CA LYS Q 47 8.94 82.27 34.52
C LYS Q 47 9.50 80.98 35.09
N LYS Q 48 10.44 80.30 34.41
CA LYS Q 48 10.97 79.05 34.91
C LYS Q 48 12.17 79.26 35.82
N VAL Q 49 13.39 79.15 35.26
CA VAL Q 49 14.62 79.14 36.02
C VAL Q 49 15.04 80.52 36.51
N LEU Q 50 14.46 81.59 35.93
CA LEU Q 50 14.67 82.96 36.38
C LEU Q 50 13.71 83.35 37.52
N GLY Q 51 12.63 82.55 37.74
CA GLY Q 51 11.83 82.64 38.95
C GLY Q 51 10.89 83.82 39.10
N ASN Q 52 10.54 84.49 37.98
CA ASN Q 52 9.59 85.61 37.81
C ASN Q 52 8.14 85.26 38.21
N PRO Q 53 7.26 86.19 38.65
CA PRO Q 53 5.93 85.82 39.13
C PRO Q 53 4.96 85.80 37.96
N SER Q 54 3.75 86.37 38.07
CA SER Q 54 2.91 86.56 36.89
C SER Q 54 3.32 87.78 36.08
N ASN Q 55 2.77 87.91 34.85
CA ASN Q 55 3.13 89.01 33.96
C ASN Q 55 2.52 90.31 34.46
N GLU Q 56 3.36 91.35 34.62
CA GLU Q 56 2.97 92.68 35.05
C GLU Q 56 2.57 92.73 36.54
N GLU Q 57 2.93 91.68 37.33
CA GLU Q 57 2.58 91.53 38.74
C GLU Q 57 3.72 91.95 39.66
N MET Q 58 3.51 93.00 40.49
CA MET Q 58 4.52 93.49 41.42
C MET Q 58 4.34 92.93 42.83
N ASN Q 59 5.31 93.21 43.73
CA ASN Q 59 5.22 93.07 45.19
C ASN Q 59 5.55 91.69 45.73
N ALA Q 60 5.25 90.62 44.98
CA ALA Q 60 5.34 89.23 45.42
C ALA Q 60 6.70 88.75 45.92
N LYS Q 61 7.81 89.25 45.34
CA LYS Q 61 9.14 88.87 45.74
C LYS Q 61 10.08 89.99 45.31
N LYS Q 62 11.26 90.10 45.93
CA LYS Q 62 12.30 91.04 45.55
C LYS Q 62 13.60 90.25 45.52
N ILE Q 63 14.61 90.77 44.80
CA ILE Q 63 15.87 90.07 44.55
C ILE Q 63 17.04 90.99 44.89
N GLU Q 64 17.97 90.49 45.73
CA GLU Q 64 19.23 91.16 46.06
C GLU Q 64 20.23 91.03 44.89
N PHE Q 65 21.28 91.88 44.83
CA PHE Q 65 22.23 91.88 43.70
C PHE Q 65 22.97 90.55 43.49
N GLU Q 66 23.50 89.95 44.57
CA GLU Q 66 24.18 88.68 44.57
C GLU Q 66 23.28 87.51 44.15
N GLN Q 67 21.97 87.58 44.47
CA GLN Q 67 20.96 86.67 43.94
C GLN Q 67 20.75 86.82 42.43
N PHE Q 68 20.79 88.05 41.90
CA PHE Q 68 20.69 88.31 40.47
C PHE Q 68 21.85 87.72 39.64
N LEU Q 69 23.08 87.67 40.17
CA LEU Q 69 24.25 87.16 39.44
C LEU Q 69 24.17 85.71 38.89
N PRO Q 70 23.71 84.64 39.56
CA PRO Q 70 23.45 83.35 38.92
C PRO Q 70 22.24 83.40 37.99
N MET Q 71 21.30 84.35 38.22
CA MET Q 71 20.10 84.55 37.43
C MET Q 71 20.36 85.26 36.10
N MET Q 72 21.56 85.85 35.93
CA MET Q 72 22.08 86.12 34.60
C MET Q 72 22.83 84.92 34.02
N GLN Q 73 23.78 84.32 34.79
CA GLN Q 73 24.69 83.28 34.30
C GLN Q 73 24.05 81.98 33.86
N ALA Q 74 23.08 81.44 34.62
CA ALA Q 74 22.58 80.09 34.41
C ALA Q 74 21.32 80.06 33.55
N ILE Q 75 20.87 81.24 33.06
CA ILE Q 75 19.57 81.38 32.43
C ILE Q 75 19.72 81.59 30.93
N SER Q 76 19.73 82.85 30.44
CA SER Q 76 19.81 83.21 29.03
C SER Q 76 21.22 83.11 28.50
N ASN Q 77 22.21 83.06 29.41
CA ASN Q 77 23.62 82.91 29.12
C ASN Q 77 24.03 81.44 29.12
N ASN Q 78 23.06 80.53 29.35
CA ASN Q 78 23.26 79.09 29.34
C ASN Q 78 22.43 78.44 28.24
N LYS Q 79 21.92 79.22 27.27
CA LYS Q 79 21.05 78.67 26.23
C LYS Q 79 21.24 79.37 24.90
N ASP Q 80 20.74 78.72 23.84
CA ASP Q 80 20.41 79.33 22.57
C ASP Q 80 19.31 80.41 22.74
N GLN Q 81 19.45 81.52 22.00
CA GLN Q 81 18.53 82.64 21.99
C GLN Q 81 17.98 82.89 20.58
N GLY Q 82 18.42 82.13 19.57
CA GLY Q 82 18.11 82.37 18.16
C GLY Q 82 18.99 83.36 17.46
N GLY Q 83 19.22 83.14 16.15
CA GLY Q 83 19.99 84.02 15.29
C GLY Q 83 19.20 84.50 14.12
N TYR Q 84 19.89 85.12 13.14
CA TYR Q 84 19.29 85.57 11.89
C TYR Q 84 18.68 84.42 11.08
N GLU Q 85 19.37 83.26 11.05
CA GLU Q 85 19.02 82.08 10.31
C GLU Q 85 17.67 81.49 10.72
N ASP Q 86 17.38 81.44 12.04
CA ASP Q 86 16.07 81.15 12.60
C ASP Q 86 14.94 82.00 12.01
N PHE Q 87 15.07 83.33 12.13
CA PHE Q 87 14.03 84.29 11.78
C PHE Q 87 13.72 84.30 10.31
N VAL Q 88 14.76 84.23 9.46
CA VAL Q 88 14.60 84.20 8.01
C VAL Q 88 13.77 83.00 7.54
N GLU Q 89 14.05 81.78 8.03
CA GLU Q 89 13.28 80.61 7.62
C GLU Q 89 11.96 80.43 8.37
N GLY Q 90 11.79 81.07 9.55
CA GLY Q 90 10.48 81.16 10.20
C GLY Q 90 9.52 82.11 9.50
N LEU Q 91 10.04 83.26 9.02
CA LEU Q 91 9.32 84.19 8.18
C LEU Q 91 8.96 83.64 6.81
N ARG Q 92 9.83 82.81 6.20
CA ARG Q 92 9.59 82.16 4.92
C ARG Q 92 8.44 81.15 4.90
N VAL Q 93 7.91 80.75 6.06
CA VAL Q 93 6.63 80.06 6.16
C VAL Q 93 5.46 80.93 5.67
N PHE Q 94 5.55 82.26 5.91
CA PHE Q 94 4.54 83.24 5.57
C PHE Q 94 4.90 83.99 4.29
N ASP Q 95 6.03 83.65 3.64
CA ASP Q 95 6.37 84.21 2.33
C ASP Q 95 5.70 83.36 1.26
N LYS Q 96 4.47 83.77 0.90
CA LYS Q 96 3.63 83.13 -0.08
C LYS Q 96 4.22 83.13 -1.49
N GLU Q 97 4.86 84.24 -1.89
CA GLU Q 97 5.22 84.49 -3.28
C GLU Q 97 6.72 84.61 -3.49
N GLY Q 98 7.54 84.47 -2.43
CA GLY Q 98 8.98 84.23 -2.54
C GLY Q 98 9.84 85.46 -2.67
N ASN Q 99 9.29 86.65 -2.42
CA ASN Q 99 9.95 87.91 -2.75
C ASN Q 99 10.56 88.60 -1.54
N GLY Q 100 10.49 88.02 -0.32
CA GLY Q 100 10.97 88.71 0.87
C GLY Q 100 9.96 89.67 1.44
N THR Q 101 8.73 89.65 0.91
CA THR Q 101 7.65 90.57 1.24
C THR Q 101 6.51 89.82 1.91
N VAL Q 102 6.05 90.35 3.06
CA VAL Q 102 4.90 89.79 3.78
C VAL Q 102 3.94 90.94 4.02
N MET Q 103 2.61 90.70 3.99
CA MET Q 103 1.65 91.74 4.29
C MET Q 103 1.78 92.27 5.71
N GLY Q 104 1.62 93.60 5.94
CA GLY Q 104 1.75 94.16 7.29
C GLY Q 104 0.74 93.61 8.25
N ALA Q 105 -0.49 93.37 7.78
CA ALA Q 105 -1.54 92.70 8.53
C ALA Q 105 -1.19 91.28 8.96
N GLU Q 106 -0.62 90.47 8.05
CA GLU Q 106 -0.12 89.14 8.35
C GLU Q 106 1.02 89.14 9.36
N LEU Q 107 2.01 90.05 9.20
CA LEU Q 107 3.10 90.18 10.17
C LEU Q 107 2.64 90.63 11.56
N ARG Q 108 1.70 91.60 11.65
CA ARG Q 108 1.07 91.98 12.92
C ARG Q 108 0.29 90.82 13.54
N HIS Q 109 -0.45 90.06 12.71
CA HIS Q 109 -1.16 88.85 13.12
C HIS Q 109 -0.25 87.76 13.68
N VAL Q 110 0.93 87.50 13.08
CA VAL Q 110 1.91 86.56 13.63
C VAL Q 110 2.42 87.01 15.01
N LEU Q 111 2.74 88.31 15.17
CA LEU Q 111 3.15 88.85 16.46
C LEU Q 111 2.06 88.88 17.53
N ALA Q 112 0.82 89.25 17.19
CA ALA Q 112 -0.29 89.34 18.12
C ALA Q 112 -1.03 88.03 18.39
N THR Q 113 -1.18 87.13 17.39
CA THR Q 113 -2.05 85.96 17.53
C THR Q 113 -1.28 84.70 17.86
N LEU Q 114 0.02 84.63 17.52
CA LEU Q 114 0.84 83.45 17.74
C LEU Q 114 1.84 83.67 18.86
N GLY Q 115 2.48 82.58 19.33
CA GLY Q 115 3.50 82.59 20.39
C GLY Q 115 3.15 83.29 21.69
N GLU Q 116 4.14 83.99 22.27
CA GLU Q 116 4.03 84.78 23.48
C GLU Q 116 3.51 86.18 23.14
N LYS Q 117 2.31 86.21 22.55
CA LYS Q 117 1.50 87.31 22.05
C LYS Q 117 1.87 88.75 22.41
N MET Q 118 2.05 89.59 21.37
CA MET Q 118 2.40 90.98 21.53
C MET Q 118 1.18 91.88 21.59
N LYS Q 119 1.21 92.90 22.47
CA LYS Q 119 0.22 93.96 22.50
C LYS Q 119 0.31 94.80 21.22
N GLU Q 120 -0.80 95.34 20.70
CA GLU Q 120 -0.79 96.20 19.51
C GLU Q 120 0.09 97.45 19.70
N GLU Q 121 0.07 97.96 20.94
CA GLU Q 121 0.97 98.97 21.49
C GLU Q 121 2.45 98.65 21.31
N GLU Q 122 2.88 97.40 21.62
CA GLU Q 122 4.21 96.91 21.34
C GLU Q 122 4.49 96.84 19.83
N VAL Q 123 3.53 96.30 19.04
CA VAL Q 123 3.67 96.15 17.59
C VAL Q 123 3.84 97.47 16.85
N GLU Q 124 3.06 98.51 17.18
CA GLU Q 124 3.26 99.84 16.62
C GLU Q 124 4.57 100.49 17.04
N ALA Q 125 5.01 100.32 18.31
CA ALA Q 125 6.26 100.83 18.82
C ALA Q 125 7.51 100.27 18.14
N LEU Q 126 7.46 99.02 17.64
CA LEU Q 126 8.55 98.38 16.92
C LEU Q 126 8.46 98.54 15.40
N LEU Q 127 7.45 99.25 14.88
CA LEU Q 127 7.25 99.38 13.45
C LEU Q 127 7.95 100.60 12.86
N ALA Q 128 8.93 100.38 11.95
CA ALA Q 128 9.72 101.44 11.34
C ALA Q 128 9.11 102.02 10.06
N GLY Q 129 7.78 101.86 9.86
CA GLY Q 129 7.03 102.51 8.78
C GLY Q 129 7.20 101.92 7.40
N GLN Q 130 7.82 100.73 7.31
CA GLN Q 130 8.25 100.13 6.05
C GLN Q 130 7.14 99.39 5.31
N GLU Q 131 6.04 100.10 4.97
CA GLU Q 131 4.88 99.56 4.29
C GLU Q 131 4.63 100.34 3.01
N ASP Q 132 4.67 99.66 1.84
CA ASP Q 132 4.34 100.25 0.56
C ASP Q 132 2.94 99.82 0.08
N SER Q 133 2.40 100.63 -0.86
CA SER Q 133 1.18 100.52 -1.67
C SER Q 133 0.36 99.24 -1.51
N ASN Q 134 0.84 98.16 -2.14
CA ASN Q 134 0.60 96.80 -1.74
C ASN Q 134 1.90 96.06 -1.98
N GLY Q 135 3.05 96.79 -1.94
CA GLY Q 135 4.37 96.18 -1.89
C GLY Q 135 4.75 95.69 -0.51
N CYS Q 136 3.97 96.10 0.51
CA CYS Q 136 3.99 95.60 1.87
C CYS Q 136 5.32 95.68 2.61
N ILE Q 137 5.63 94.73 3.54
CA ILE Q 137 6.80 94.83 4.39
C ILE Q 137 7.88 93.87 3.95
N ASN Q 138 9.09 94.39 3.67
CA ASN Q 138 10.32 93.61 3.57
C ASN Q 138 10.67 93.01 4.94
N TYR Q 139 10.56 91.67 5.12
CA TYR Q 139 10.73 91.07 6.43
C TYR Q 139 12.18 90.93 6.85
N GLU Q 140 13.14 90.89 5.91
CA GLU Q 140 14.57 90.87 6.21
C GLU Q 140 15.04 92.19 6.80
N ALA Q 141 14.56 93.33 6.25
CA ALA Q 141 14.77 94.66 6.78
C ALA Q 141 14.22 94.83 8.19
N PHE Q 142 13.02 94.27 8.46
CA PHE Q 142 12.43 94.20 9.79
C PHE Q 142 13.33 93.44 10.78
N VAL Q 143 13.83 92.24 10.43
CA VAL Q 143 14.71 91.45 11.29
C VAL Q 143 16.02 92.16 11.59
N LYS Q 144 16.67 92.77 10.57
CA LYS Q 144 17.89 93.53 10.77
C LYS Q 144 17.71 94.76 11.66
N HIS Q 145 16.60 95.51 11.53
CA HIS Q 145 16.27 96.60 12.46
C HIS Q 145 16.06 96.14 13.90
N ILE Q 146 15.36 95.02 14.12
CA ILE Q 146 15.04 94.49 15.44
C ILE Q 146 16.25 93.83 16.12
N MET Q 147 17.27 93.42 15.35
CA MET Q 147 18.50 92.82 15.85
C MET Q 147 19.67 93.79 15.77
N SER Q 148 19.41 95.10 15.83
CA SER Q 148 20.43 96.15 15.90
C SER Q 148 20.16 97.09 17.08
N MET R 1 41.77 107.87 29.86
CA MET R 1 40.86 108.95 29.36
C MET R 1 41.52 110.20 28.81
N PHE R 2 42.82 110.52 29.12
CA PHE R 2 43.53 111.53 28.33
C PHE R 2 43.61 111.10 26.88
N ASP R 3 42.84 111.77 26.01
CA ASP R 3 42.70 111.39 24.63
C ASP R 3 43.84 111.97 23.79
N GLN R 4 44.07 111.39 22.59
CA GLN R 4 44.98 111.90 21.60
C GLN R 4 44.61 113.31 21.16
N THR R 5 43.30 113.61 21.02
CA THR R 5 42.77 114.95 20.74
C THR R 5 43.16 115.94 21.81
N GLN R 6 42.95 115.57 23.10
CA GLN R 6 43.29 116.39 24.23
C GLN R 6 44.78 116.61 24.41
N ILE R 7 45.62 115.56 24.34
CA ILE R 7 47.07 115.72 24.48
C ILE R 7 47.71 116.47 23.33
N GLN R 8 47.24 116.30 22.07
CA GLN R 8 47.69 117.12 20.95
C GLN R 8 47.26 118.59 21.09
N GLU R 9 46.03 118.84 21.57
CA GLU R 9 45.57 120.18 21.96
C GLU R 9 46.48 120.84 23.00
N PHE R 10 46.87 120.09 24.03
CA PHE R 10 47.81 120.50 25.06
C PHE R 10 49.23 120.67 24.54
N LYS R 11 49.68 119.82 23.59
CA LYS R 11 50.97 119.90 22.94
C LYS R 11 51.19 121.19 22.18
N GLU R 12 50.21 121.65 21.37
CA GLU R 12 50.32 122.95 20.71
C GLU R 12 50.30 124.13 21.67
N ALA R 13 49.50 124.06 22.76
CA ALA R 13 49.52 125.06 23.82
C ALA R 13 50.86 125.18 24.54
N PHE R 14 51.51 124.03 24.83
CA PHE R 14 52.88 123.97 25.30
C PHE R 14 53.87 124.58 24.28
N THR R 15 53.76 124.19 22.99
CA THR R 15 54.72 124.49 21.93
C THR R 15 54.71 125.96 21.51
N VAL R 16 53.54 126.62 21.55
CA VAL R 16 53.44 128.07 21.40
C VAL R 16 54.17 128.85 22.50
N ILE R 17 54.13 128.38 23.76
CA ILE R 17 54.84 129.04 24.86
C ILE R 17 56.35 128.82 24.78
N ASP R 18 56.79 127.53 24.70
CA ASP R 18 58.12 126.96 24.50
C ASP R 18 59.33 127.87 24.19
N GLN R 19 60.14 127.52 23.16
CA GLN R 19 61.29 128.23 22.61
C GLN R 19 62.51 128.39 23.53
N ASN R 20 62.30 128.41 24.85
CA ASN R 20 63.26 128.18 25.89
C ASN R 20 63.99 126.85 25.76
N ARG R 21 65.19 126.74 26.38
CA ARG R 21 66.12 125.63 26.30
C ARG R 21 65.51 124.22 26.28
N ASP R 22 65.48 123.64 25.06
CA ASP R 22 64.97 122.35 24.68
C ASP R 22 63.73 121.79 25.39
N GLY R 23 62.60 122.54 25.34
CA GLY R 23 61.29 121.97 25.65
C GLY R 23 60.83 122.10 27.08
N ILE R 24 61.10 123.23 27.76
CA ILE R 24 60.72 123.47 29.14
C ILE R 24 59.99 124.80 29.25
N ILE R 25 58.75 124.82 29.80
CA ILE R 25 58.06 126.07 30.12
C ILE R 25 58.61 126.66 31.41
N ASP R 26 59.12 127.89 31.33
CA ASP R 26 59.72 128.65 32.41
C ASP R 26 58.99 129.98 32.58
N LYS R 27 59.47 130.78 33.56
CA LYS R 27 58.90 132.03 34.02
C LYS R 27 58.83 133.12 32.95
N GLU R 28 59.92 133.31 32.19
CA GLU R 28 60.00 134.29 31.13
C GLU R 28 59.09 133.98 29.98
N ASP R 29 59.03 132.69 29.59
CA ASP R 29 58.19 132.13 28.55
C ASP R 29 56.72 132.42 28.80
N LEU R 30 56.25 132.20 30.05
CA LEU R 30 54.92 132.62 30.50
C LEU R 30 54.74 134.14 30.49
N ARG R 31 55.73 134.91 30.97
CA ARG R 31 55.69 136.37 31.02
C ARG R 31 55.55 137.02 29.64
N ASP R 32 56.32 136.60 28.64
CA ASP R 32 56.18 137.11 27.28
C ASP R 32 55.01 136.49 26.53
N THR R 33 54.51 135.30 26.94
CA THR R 33 53.24 134.75 26.46
C THR R 33 52.07 135.67 26.79
N PHE R 34 52.03 136.24 28.02
CA PHE R 34 51.04 137.22 28.42
C PHE R 34 51.02 138.50 27.61
N ALA R 35 52.17 138.93 27.04
CA ALA R 35 52.27 140.09 26.17
C ALA R 35 51.40 139.98 24.91
N ALA R 36 51.29 138.77 24.34
CA ALA R 36 50.45 138.51 23.18
C ALA R 36 49.05 138.05 23.58
N MET R 37 48.76 138.01 24.90
CA MET R 37 47.51 137.52 25.45
C MET R 37 46.60 138.65 25.91
N GLY R 38 47.07 139.92 25.79
CA GLY R 38 46.24 141.10 26.01
C GLY R 38 45.98 141.47 27.45
N ARG R 39 46.62 140.80 28.41
CA ARG R 39 46.31 141.01 29.82
C ARG R 39 47.54 140.88 30.70
N LEU R 40 47.78 141.90 31.56
CA LEU R 40 48.96 142.05 32.38
C LEU R 40 48.95 141.19 33.65
N ASN R 41 48.61 139.89 33.53
CA ASN R 41 48.49 138.99 34.67
C ASN R 41 49.83 138.33 35.01
N VAL R 42 50.91 139.12 34.99
CA VAL R 42 52.29 138.67 34.96
C VAL R 42 52.97 138.79 36.31
N LYS R 43 52.19 139.05 37.37
CA LYS R 43 52.69 139.31 38.71
C LYS R 43 53.55 138.16 39.25
N ASN R 44 54.77 138.50 39.73
CA ASN R 44 55.82 137.51 39.95
C ASN R 44 55.49 136.38 40.91
N GLU R 45 54.88 136.66 42.07
CA GLU R 45 54.50 135.60 42.98
C GLU R 45 53.49 134.61 42.41
N GLU R 46 52.45 135.12 41.72
CA GLU R 46 51.40 134.35 41.08
C GLU R 46 51.93 133.51 39.92
N LEU R 47 52.84 134.11 39.12
CA LEU R 47 53.54 133.46 38.03
C LEU R 47 54.41 132.29 38.51
N ASP R 48 55.16 132.49 39.61
CA ASP R 48 56.04 131.50 40.17
C ASP R 48 55.29 130.50 41.06
N ALA R 49 54.08 130.85 41.54
CA ALA R 49 53.15 129.98 42.22
C ALA R 49 52.62 128.86 41.34
N MET R 50 52.42 129.14 40.04
CA MET R 50 52.01 128.18 39.04
C MET R 50 53.07 127.10 38.76
N MET R 51 54.33 127.30 39.19
CA MET R 51 55.34 126.28 39.16
C MET R 51 55.22 125.27 40.29
N LYS R 52 54.47 125.59 41.37
CA LYS R 52 54.35 124.77 42.57
C LYS R 52 53.44 123.56 42.38
N GLU R 53 52.71 123.50 41.25
CA GLU R 53 51.77 122.46 40.94
C GLU R 53 52.45 121.32 40.18
N ALA R 54 53.78 121.45 39.99
CA ALA R 54 54.65 120.42 39.49
C ALA R 54 55.83 120.34 40.42
N SER R 55 56.60 119.23 40.36
CA SER R 55 57.76 119.04 41.21
C SER R 55 58.96 119.85 40.77
N GLY R 56 58.91 120.41 39.54
CA GLY R 56 60.01 121.16 38.98
C GLY R 56 59.83 121.27 37.49
N PRO R 57 60.74 121.94 36.74
CA PRO R 57 60.87 121.81 35.28
C PRO R 57 59.72 121.35 34.40
N ILE R 58 58.82 122.26 33.97
CA ILE R 58 57.63 121.92 33.22
C ILE R 58 57.94 121.58 31.75
N ASN R 59 58.36 120.34 31.46
CA ASN R 59 58.36 119.82 30.11
C ASN R 59 56.95 119.41 29.67
N PHE R 60 56.75 118.94 28.43
CA PHE R 60 55.45 118.47 27.95
C PHE R 60 54.86 117.31 28.76
N THR R 61 55.67 116.32 29.16
CA THR R 61 55.22 115.20 29.98
C THR R 61 54.73 115.65 31.34
N VAL R 62 55.45 116.57 32.00
CA VAL R 62 55.05 117.22 33.25
C VAL R 62 53.78 118.05 33.09
N PHE R 63 53.64 118.78 31.96
CA PHE R 63 52.47 119.59 31.63
C PHE R 63 51.18 118.77 31.56
N LEU R 64 51.21 117.56 30.98
CA LEU R 64 50.09 116.63 30.99
C LEU R 64 49.73 116.17 32.41
N THR R 65 50.74 115.84 33.24
CA THR R 65 50.58 115.46 34.66
C THR R 65 49.96 116.56 35.51
N MET R 66 50.36 117.84 35.28
CA MET R 66 49.75 119.02 35.91
C MET R 66 48.26 119.14 35.63
N PHE R 67 47.80 118.70 34.45
CA PHE R 67 46.40 118.79 34.06
C PHE R 67 45.63 117.55 34.52
N GLY R 68 46.14 116.79 35.51
CA GLY R 68 45.47 115.58 36.03
C GLY R 68 44.14 115.80 36.71
N GLU R 69 43.90 117.01 37.28
CA GLU R 69 42.63 117.42 37.84
C GLU R 69 41.51 117.55 36.80
N LYS R 70 41.85 118.09 35.63
CA LYS R 70 41.01 118.42 34.49
C LYS R 70 40.27 117.24 33.91
N LEU R 71 40.95 116.08 33.87
CA LEU R 71 40.46 114.85 33.31
C LEU R 71 39.46 114.14 34.22
N LYS R 72 39.35 114.53 35.49
CA LYS R 72 38.64 113.75 36.49
C LYS R 72 37.12 113.70 36.29
N GLY R 73 36.56 114.66 35.52
CA GLY R 73 35.24 114.52 34.90
C GLY R 73 35.41 114.37 33.41
N ALA R 74 35.18 115.46 32.66
CA ALA R 74 35.59 115.60 31.27
C ALA R 74 34.99 114.61 30.27
N ASP R 75 33.65 114.44 30.28
CA ASP R 75 32.94 113.75 29.21
C ASP R 75 33.15 114.45 27.84
N PRO R 76 33.35 113.75 26.73
CA PRO R 76 33.69 114.37 25.45
C PRO R 76 32.53 115.18 24.86
N GLU R 77 32.83 116.14 23.96
CA GLU R 77 31.95 117.12 23.33
C GLU R 77 30.45 116.81 23.25
N ASP R 78 30.02 115.92 22.34
CA ASP R 78 28.61 115.64 22.17
C ASP R 78 28.00 114.71 23.20
N VAL R 79 28.80 114.06 24.07
CA VAL R 79 28.24 113.33 25.21
C VAL R 79 27.59 114.27 26.22
N ILE R 80 28.22 115.42 26.56
CA ILE R 80 27.56 116.43 27.38
C ILE R 80 26.36 117.08 26.69
N THR R 81 26.45 117.36 25.37
CA THR R 81 25.34 117.85 24.55
C THR R 81 24.15 116.90 24.51
N GLY R 82 24.42 115.59 24.31
CA GLY R 82 23.39 114.54 24.31
C GLY R 82 22.90 114.18 25.68
N ALA R 83 23.67 114.51 26.74
CA ALA R 83 23.24 114.39 28.11
C ALA R 83 22.16 115.40 28.49
N PHE R 84 22.36 116.68 28.14
CA PHE R 84 21.37 117.72 28.37
C PHE R 84 20.12 117.58 27.50
N LYS R 85 20.28 117.02 26.29
CA LYS R 85 19.23 116.82 25.29
C LYS R 85 17.97 116.10 25.78
N VAL R 86 18.11 115.15 26.71
CA VAL R 86 16.99 114.33 27.19
C VAL R 86 16.00 115.11 28.04
N LEU R 87 16.38 116.33 28.47
CA LEU R 87 15.58 117.21 29.28
C LEU R 87 14.91 118.28 28.44
N ASP R 88 15.00 118.17 27.09
CA ASP R 88 14.40 119.11 26.18
C ASP R 88 13.34 118.38 25.32
N PRO R 89 12.05 118.55 25.59
CA PRO R 89 11.02 118.08 24.67
C PRO R 89 10.71 119.11 23.61
N GLU R 90 11.13 120.39 23.79
CA GLU R 90 10.56 121.51 23.06
C GLU R 90 11.49 122.05 21.98
N GLY R 91 12.79 121.66 21.99
CA GLY R 91 13.60 121.60 20.77
C GLY R 91 14.54 122.75 20.52
N LYS R 92 15.17 123.26 21.58
CA LYS R 92 16.00 124.46 21.61
C LYS R 92 15.22 125.71 22.00
N GLY R 93 15.76 126.46 22.99
CA GLY R 93 15.03 127.25 23.96
C GLY R 93 15.09 126.50 25.28
N THR R 94 15.27 125.18 25.12
CA THR R 94 15.78 124.19 26.06
C THR R 94 15.14 124.15 27.44
N ILE R 95 15.96 123.98 28.50
CA ILE R 95 15.43 123.41 29.73
C ILE R 95 14.81 124.48 30.59
N LYS R 96 13.52 124.32 30.93
CA LYS R 96 12.81 125.14 31.89
C LYS R 96 13.48 125.18 33.26
N LYS R 97 13.59 126.39 33.86
CA LYS R 97 14.39 126.66 35.05
C LYS R 97 14.02 125.84 36.25
N GLN R 98 12.69 125.73 36.54
CA GLN R 98 12.17 124.99 37.67
C GLN R 98 12.57 123.52 37.65
N PHE R 99 12.42 122.86 36.49
CA PHE R 99 12.77 121.47 36.31
C PHE R 99 14.26 121.24 36.51
N LEU R 100 15.12 122.10 35.92
CA LEU R 100 16.56 122.02 36.07
C LEU R 100 17.02 122.26 37.50
N GLU R 101 16.41 123.24 38.19
CA GLU R 101 16.65 123.53 39.58
C GLU R 101 16.30 122.39 40.51
N GLU R 102 15.15 121.72 40.31
CA GLU R 102 14.77 120.50 41.01
C GLU R 102 15.74 119.35 40.79
N LEU R 103 16.12 119.11 39.51
CA LEU R 103 16.99 118.02 39.06
C LEU R 103 18.35 118.04 39.70
N LEU R 104 18.98 119.24 39.77
CA LEU R 104 20.23 119.39 40.47
C LEU R 104 20.07 119.35 41.99
N THR R 105 19.04 120.02 42.55
CA THR R 105 18.94 120.29 43.99
C THR R 105 18.41 119.18 44.85
N THR R 106 17.28 118.57 44.49
CA THR R 106 16.50 117.70 45.39
C THR R 106 16.56 116.27 44.96
N GLN R 107 17.19 115.99 43.82
CA GLN R 107 17.25 114.66 43.23
C GLN R 107 18.70 114.29 43.00
N CYS R 108 18.96 113.03 42.59
CA CYS R 108 20.27 112.59 42.13
C CYS R 108 21.41 112.67 43.16
N ASP R 109 22.67 112.84 42.71
CA ASP R 109 23.83 113.16 43.54
C ASP R 109 23.78 114.64 43.93
N ARG R 110 22.71 115.02 44.65
CA ARG R 110 22.27 116.37 45.03
C ARG R 110 23.29 117.49 45.08
N PHE R 111 22.97 118.63 44.43
CA PHE R 111 23.70 119.87 44.57
C PHE R 111 23.39 120.54 45.90
N SER R 112 24.45 121.03 46.56
CA SER R 112 24.35 121.89 47.71
C SER R 112 23.95 123.30 47.30
N GLN R 113 23.43 124.10 48.26
CA GLN R 113 22.95 125.45 48.02
C GLN R 113 24.01 126.41 47.47
N GLU R 114 25.28 126.29 47.90
CA GLU R 114 26.40 127.03 47.35
C GLU R 114 26.67 126.68 45.89
N GLU R 115 26.57 125.39 45.51
CA GLU R 115 26.73 124.92 44.13
C GLU R 115 25.70 125.50 43.18
N ILE R 116 24.43 125.59 43.63
CA ILE R 116 23.34 126.26 42.91
C ILE R 116 23.60 127.74 42.68
N LYS R 117 24.05 128.48 43.73
CA LYS R 117 24.47 129.88 43.62
C LYS R 117 25.65 130.08 42.69
N ASN R 118 26.67 129.18 42.74
CA ASN R 118 27.83 129.15 41.86
C ASN R 118 27.47 129.02 40.39
N MET R 119 26.41 128.26 40.07
CA MET R 119 25.87 128.14 38.73
C MET R 119 24.92 129.22 38.28
N TRP R 120 23.94 129.67 39.10
CA TRP R 120 23.03 130.73 38.68
C TRP R 120 23.72 132.06 38.40
N ALA R 121 24.91 132.31 38.97
CA ALA R 121 25.74 133.47 38.67
C ALA R 121 26.45 133.40 37.30
N ALA R 122 26.43 132.25 36.60
CA ALA R 122 27.10 132.11 35.32
C ALA R 122 26.31 131.33 34.27
N PHE R 123 25.09 130.84 34.57
CA PHE R 123 24.20 130.24 33.58
C PHE R 123 23.60 131.24 32.59
N PRO R 124 23.46 130.93 31.29
CA PRO R 124 22.67 131.76 30.39
C PRO R 124 21.16 131.58 30.60
N PRO R 125 20.30 132.62 30.62
CA PRO R 125 18.88 132.36 30.77
C PRO R 125 18.04 133.39 30.02
N ASP R 126 16.71 133.19 29.96
CA ASP R 126 15.81 134.24 29.50
C ASP R 126 15.25 135.04 30.67
N VAL R 127 14.12 135.76 30.45
CA VAL R 127 13.46 136.54 31.47
C VAL R 127 12.22 135.85 32.02
N GLY R 128 11.88 134.63 31.54
CA GLY R 128 10.69 133.91 31.97
C GLY R 128 11.03 132.78 32.90
N GLY R 129 12.16 132.12 32.64
CA GLY R 129 12.68 131.02 33.43
C GLY R 129 12.97 129.82 32.58
N ASN R 130 13.82 130.01 31.56
CA ASN R 130 14.38 128.95 30.73
C ASN R 130 15.89 129.10 30.68
N VAL R 131 16.61 127.99 30.49
CA VAL R 131 18.07 127.91 30.56
C VAL R 131 18.65 127.27 29.31
N ASP R 132 19.53 127.98 28.55
CA ASP R 132 20.19 127.43 27.35
C ASP R 132 21.16 126.29 27.61
N TYR R 133 20.81 125.03 27.30
CA TYR R 133 21.76 123.94 27.50
C TYR R 133 22.97 123.98 26.60
N LYS R 134 22.80 124.30 25.29
CA LYS R 134 23.90 124.35 24.35
C LYS R 134 24.91 125.43 24.66
N ASN R 135 24.45 126.61 25.11
CA ASN R 135 25.32 127.67 25.58
C ASN R 135 26.09 127.25 26.84
N ILE R 136 25.48 126.48 27.79
CA ILE R 136 26.21 125.85 28.89
C ILE R 136 27.27 124.86 28.41
N CYS R 137 26.97 124.00 27.40
CA CYS R 137 27.95 123.10 26.80
C CYS R 137 29.13 123.83 26.18
N TYR R 138 28.88 124.96 25.49
CA TYR R 138 29.92 125.83 24.99
C TYR R 138 30.77 126.45 26.09
N VAL R 139 30.15 126.93 27.19
CA VAL R 139 30.84 127.48 28.36
C VAL R 139 31.77 126.48 29.07
N ILE R 140 31.42 125.18 29.13
CA ILE R 140 32.27 124.13 29.70
C ILE R 140 33.63 124.01 29.01
N THR R 141 33.68 124.05 27.66
CA THR R 141 34.94 123.94 26.92
C THR R 141 35.50 125.31 26.55
N HIS R 142 34.65 126.34 26.45
CA HIS R 142 34.99 127.74 26.20
C HIS R 142 35.54 128.08 24.82
N GLY R 143 34.94 129.09 24.17
CA GLY R 143 35.49 129.70 22.97
C GLY R 143 35.09 131.16 22.97
N ASP R 144 34.82 131.65 24.18
CA ASP R 144 33.63 132.42 24.52
C ASP R 144 32.36 131.55 24.22
N PHE S 1 44.82 48.24 -28.90
CA PHE S 1 43.41 47.84 -28.54
C PHE S 1 43.31 47.09 -27.22
N ASP S 2 42.12 47.01 -26.59
CA ASP S 2 41.99 46.33 -25.32
C ASP S 2 42.23 44.82 -25.38
N ALA S 3 42.96 44.26 -24.39
CA ALA S 3 43.10 42.82 -24.25
C ALA S 3 41.92 42.18 -23.52
N LYS S 4 40.68 42.41 -23.99
CA LYS S 4 39.47 41.86 -23.40
C LYS S 4 39.00 40.61 -24.16
N SER S 5 39.73 40.26 -25.23
CA SER S 5 39.43 39.17 -26.16
C SER S 5 38.16 39.40 -26.98
N SER S 6 38.25 40.24 -28.02
CA SER S 6 37.19 40.40 -29.01
C SER S 6 37.12 39.20 -29.95
N VAL S 7 35.94 38.54 -30.02
CA VAL S 7 35.76 37.25 -30.67
C VAL S 7 34.36 37.25 -31.25
N PHE S 8 34.08 36.55 -32.36
CA PHE S 8 32.75 36.58 -32.99
C PHE S 8 31.82 35.54 -32.38
N VAL S 9 30.57 35.94 -32.07
CA VAL S 9 29.58 35.06 -31.45
C VAL S 9 28.40 34.85 -32.39
N VAL S 10 27.79 33.64 -32.36
CA VAL S 10 26.52 33.34 -33.02
C VAL S 10 25.38 34.22 -32.49
N ASP S 11 24.60 34.82 -33.41
CA ASP S 11 23.36 35.51 -33.11
C ASP S 11 22.39 35.12 -34.23
N ALA S 12 21.09 35.45 -34.04
CA ALA S 12 20.02 35.14 -34.96
C ALA S 12 19.47 36.38 -35.64
N LYS S 13 20.02 37.59 -35.40
CA LYS S 13 19.77 38.74 -36.26
C LYS S 13 20.97 39.02 -37.15
N GLU S 14 22.16 39.22 -36.57
CA GLU S 14 23.39 39.22 -37.34
C GLU S 14 23.99 37.86 -37.09
N SER S 15 24.20 37.01 -38.12
CA SER S 15 24.56 35.61 -37.90
C SER S 15 25.82 35.42 -37.06
N TYR S 16 26.81 36.30 -37.28
CA TYR S 16 27.93 36.44 -36.40
C TYR S 16 28.18 37.91 -36.13
N VAL S 17 28.17 38.29 -34.83
CA VAL S 17 28.36 39.65 -34.37
C VAL S 17 29.58 39.68 -33.46
N LYS S 18 30.30 40.82 -33.35
CA LYS S 18 31.43 40.95 -32.46
C LYS S 18 31.05 40.90 -30.99
N ALA S 19 31.80 40.12 -30.19
CA ALA S 19 31.56 39.96 -28.78
C ALA S 19 32.87 40.00 -28.03
N THR S 20 32.81 40.23 -26.72
CA THR S 20 33.95 40.38 -25.84
C THR S 20 33.88 39.22 -24.88
N VAL S 21 34.83 38.27 -24.96
CA VAL S 21 34.81 37.02 -24.19
C VAL S 21 34.84 37.22 -22.69
N GLN S 22 35.77 38.06 -22.17
CA GLN S 22 36.00 38.37 -20.76
C GLN S 22 36.03 37.24 -19.71
N SER S 23 34.90 36.53 -19.50
CA SER S 23 34.71 35.56 -18.44
C SER S 23 34.33 34.22 -19.05
N ARG S 24 35.06 33.16 -18.70
CA ARG S 24 34.95 31.86 -19.35
C ARG S 24 35.12 30.75 -18.33
N GLU S 25 34.26 29.73 -18.35
CA GLU S 25 34.41 28.57 -17.50
C GLU S 25 33.97 27.33 -18.25
N GLY S 26 34.86 26.30 -18.32
CA GLY S 26 34.63 25.08 -19.08
C GLY S 26 34.20 25.30 -20.50
N GLY S 27 32.99 24.83 -20.86
CA GLY S 27 32.42 25.05 -22.18
C GLY S 27 31.63 26.32 -22.34
N LYS S 28 31.45 27.14 -21.28
CA LYS S 28 30.55 28.28 -21.27
C LYS S 28 31.31 29.59 -21.13
N VAL S 29 30.95 30.58 -21.99
CA VAL S 29 31.51 31.92 -21.94
C VAL S 29 30.40 32.90 -21.69
N THR S 30 30.62 33.85 -20.76
CA THR S 30 29.69 34.93 -20.45
C THR S 30 30.22 36.19 -21.09
N ALA S 31 29.66 36.56 -22.26
CA ALA S 31 30.29 37.52 -23.15
C ALA S 31 29.51 38.82 -23.27
N LYS S 32 30.24 39.96 -23.36
CA LYS S 32 29.70 41.28 -23.64
C LYS S 32 29.76 41.53 -25.14
N THR S 33 29.37 42.72 -25.62
CA THR S 33 29.61 43.12 -27.01
C THR S 33 28.73 44.29 -27.35
N GLU S 34 28.28 44.41 -28.62
CA GLU S 34 27.71 45.61 -29.21
C GLU S 34 26.43 46.12 -28.55
N GLY S 35 25.51 45.23 -28.13
CA GLY S 35 24.31 45.61 -27.38
C GLY S 35 24.50 45.83 -25.90
N GLY S 36 25.72 45.58 -25.37
CA GLY S 36 26.10 45.85 -23.98
C GLY S 36 25.63 44.87 -22.94
N ALA S 37 24.84 43.86 -23.35
CA ALA S 37 24.32 42.84 -22.47
C ALA S 37 25.25 41.65 -22.36
N THR S 38 25.07 40.81 -21.32
CA THR S 38 25.85 39.61 -21.09
C THR S 38 24.98 38.38 -21.17
N VAL S 39 25.38 37.41 -22.01
CA VAL S 39 24.64 36.16 -22.21
C VAL S 39 25.64 35.02 -22.26
N THR S 40 25.18 33.75 -22.12
CA THR S 40 26.09 32.61 -22.00
C THR S 40 25.93 31.60 -23.13
N VAL S 41 27.02 31.31 -23.86
CA VAL S 41 26.99 30.46 -25.04
C VAL S 41 28.13 29.48 -24.96
N LYS S 42 28.11 28.42 -25.80
CA LYS S 42 29.17 27.41 -25.86
C LYS S 42 30.39 27.94 -26.61
N ASP S 43 31.61 27.89 -26.01
CA ASP S 43 32.85 28.50 -26.51
C ASP S 43 33.24 28.04 -27.92
N ASP S 44 33.08 26.74 -28.18
CA ASP S 44 33.07 26.02 -29.45
C ASP S 44 32.27 26.66 -30.62
N GLN S 45 31.30 27.55 -30.33
CA GLN S 45 30.51 28.27 -31.32
C GLN S 45 30.99 29.71 -31.49
N VAL S 46 32.10 30.08 -30.84
CA VAL S 46 32.58 31.45 -30.73
C VAL S 46 33.98 31.51 -31.32
N PHE S 47 34.18 32.32 -32.38
CA PHE S 47 35.34 32.17 -33.25
C PHE S 47 36.16 33.44 -33.37
N SER S 48 37.48 33.35 -33.14
CA SER S 48 38.49 34.42 -33.17
C SER S 48 38.34 35.56 -34.17
N MET S 49 38.44 36.82 -33.68
CA MET S 49 38.47 37.98 -34.55
C MET S 49 39.89 38.30 -34.97
N ASN S 50 40.08 38.85 -36.19
CA ASN S 50 41.38 39.29 -36.66
C ASN S 50 41.64 40.72 -36.18
N PRO S 51 42.85 41.16 -35.83
CA PRO S 51 43.15 42.56 -35.53
C PRO S 51 42.83 43.55 -36.67
N PRO S 52 42.58 44.85 -36.44
CA PRO S 52 42.17 45.83 -37.45
C PRO S 52 43.03 45.98 -38.69
N LYS S 53 44.27 45.47 -38.67
CA LYS S 53 45.17 45.42 -39.81
C LYS S 53 44.72 44.44 -40.88
N TYR S 54 43.87 43.46 -40.51
CA TYR S 54 43.36 42.46 -41.42
C TYR S 54 41.90 42.72 -41.77
N ASP S 55 41.26 43.72 -41.12
CA ASP S 55 39.94 44.17 -41.52
C ASP S 55 40.00 44.84 -42.90
N LYS S 56 39.13 44.39 -43.83
CA LYS S 56 39.03 44.84 -45.20
C LYS S 56 40.11 44.25 -46.11
N ILE S 57 40.83 43.20 -45.66
CA ILE S 57 41.94 42.60 -46.38
C ILE S 57 41.60 42.10 -47.79
N GLU S 58 42.55 42.28 -48.75
CA GLU S 58 42.43 41.98 -50.16
C GLU S 58 42.05 40.54 -50.47
N ASP S 59 42.82 39.60 -49.89
CA ASP S 59 42.64 38.18 -50.01
C ASP S 59 42.39 37.62 -48.62
N MET S 60 41.39 36.75 -48.48
CA MET S 60 41.01 36.18 -47.21
C MET S 60 41.97 35.13 -46.70
N ALA S 61 42.86 34.60 -47.56
CA ALA S 61 43.92 33.69 -47.13
C ALA S 61 45.00 34.37 -46.28
N MET S 62 45.01 35.72 -46.28
CA MET S 62 45.94 36.52 -45.51
C MET S 62 45.35 36.92 -44.16
N MET S 63 44.14 36.43 -43.80
CA MET S 63 43.63 36.55 -42.45
C MET S 63 44.25 35.50 -41.56
N THR S 64 44.75 35.90 -40.38
CA THR S 64 45.36 34.98 -39.41
C THR S 64 44.36 34.00 -38.82
N HIS S 65 43.13 34.45 -38.52
CA HIS S 65 42.07 33.59 -38.02
C HIS S 65 41.05 33.35 -39.11
N LEU S 66 40.92 32.08 -39.56
CA LEU S 66 40.09 31.69 -40.68
C LEU S 66 38.91 30.87 -40.24
N HIS S 67 37.71 31.44 -40.25
CA HIS S 67 36.50 30.76 -39.85
C HIS S 67 35.38 31.50 -40.56
N GLU S 68 34.16 30.92 -40.62
CA GLU S 68 33.00 31.56 -41.25
C GLU S 68 32.64 32.96 -40.70
N PRO S 69 32.74 33.36 -39.43
CA PRO S 69 32.53 34.75 -39.03
C PRO S 69 33.52 35.73 -39.57
N ALA S 70 34.82 35.38 -39.61
CA ALA S 70 35.87 36.23 -40.12
C ALA S 70 35.69 36.50 -41.61
N VAL S 71 35.29 35.46 -42.37
CA VAL S 71 34.88 35.56 -43.75
C VAL S 71 33.66 36.45 -43.92
N LEU S 72 32.58 36.21 -43.14
CA LEU S 72 31.37 37.01 -43.23
C LEU S 72 31.56 38.47 -42.82
N TYR S 73 32.31 38.74 -41.74
CA TYR S 73 32.64 40.10 -41.30
C TYR S 73 33.46 40.86 -42.34
N ASN S 74 34.50 40.25 -42.93
CA ASN S 74 35.26 40.90 -43.99
C ASN S 74 34.39 41.18 -45.21
N LEU S 75 33.55 40.22 -45.67
CA LEU S 75 32.62 40.49 -46.77
C LEU S 75 31.62 41.61 -46.45
N LYS S 76 31.06 41.66 -45.22
CA LYS S 76 30.20 42.75 -44.76
C LYS S 76 30.91 44.09 -44.77
N GLU S 77 32.14 44.15 -44.21
CA GLU S 77 32.98 45.33 -44.15
C GLU S 77 33.42 45.83 -45.52
N ARG S 78 33.75 44.92 -46.46
CA ARG S 78 33.98 45.26 -47.86
C ARG S 78 32.72 45.80 -48.56
N TYR S 79 31.59 45.08 -48.49
CA TYR S 79 30.34 45.40 -49.16
C TYR S 79 29.69 46.70 -48.69
N ALA S 80 29.66 46.96 -47.37
CA ALA S 80 29.08 48.17 -46.80
C ALA S 80 29.83 49.43 -47.22
N ALA S 81 31.12 49.27 -47.53
CA ALA S 81 31.99 50.30 -48.02
C ALA S 81 32.15 50.24 -49.54
N TRP S 82 31.13 49.72 -50.26
CA TRP S 82 30.94 49.81 -51.72
C TRP S 82 31.70 48.74 -52.50
N MET S 83 32.55 47.93 -51.83
CA MET S 83 33.43 47.02 -52.53
C MET S 83 32.82 45.64 -52.73
N ILE S 84 32.29 45.42 -53.94
CA ILE S 84 31.65 44.22 -54.48
C ILE S 84 32.53 42.97 -54.46
N TYR S 85 33.85 43.11 -54.75
CA TYR S 85 34.73 41.98 -54.98
C TYR S 85 35.69 41.77 -53.84
N THR S 86 36.00 40.49 -53.52
CA THR S 86 37.01 40.11 -52.52
C THR S 86 37.60 38.79 -52.97
N TYR S 87 38.91 38.51 -52.78
CA TYR S 87 39.42 37.17 -53.07
C TYR S 87 39.33 36.27 -51.84
N SER S 88 39.18 34.95 -52.02
CA SER S 88 39.24 34.03 -50.91
C SER S 88 40.07 32.81 -51.27
N GLY S 89 41.40 32.87 -51.02
CA GLY S 89 42.30 31.77 -51.38
C GLY S 89 42.44 31.64 -52.87
N LEU S 90 41.93 30.57 -53.50
CA LEU S 90 41.86 30.55 -54.95
C LEU S 90 40.72 31.41 -55.51
N PHE S 91 39.55 31.39 -54.85
CA PHE S 91 38.32 32.04 -55.29
C PHE S 91 38.38 33.55 -55.48
N CYS S 92 37.60 34.07 -56.43
CA CYS S 92 37.14 35.45 -56.38
C CYS S 92 35.68 35.43 -55.97
N VAL S 93 35.32 36.26 -54.97
CA VAL S 93 34.00 36.30 -54.36
C VAL S 93 33.33 37.61 -54.75
N THR S 94 32.11 37.52 -55.29
CA THR S 94 31.40 38.64 -55.90
C THR S 94 30.07 38.83 -55.22
N VAL S 95 29.83 39.98 -54.55
CA VAL S 95 28.54 40.27 -53.94
C VAL S 95 27.82 41.32 -54.77
N ASN S 96 26.75 40.95 -55.51
CA ASN S 96 26.06 41.87 -56.40
C ASN S 96 25.30 42.97 -55.64
N PRO S 97 25.54 44.27 -55.80
CA PRO S 97 24.81 45.31 -55.10
C PRO S 97 23.55 45.71 -55.83
N TYR S 98 23.26 45.14 -57.03
CA TYR S 98 22.14 45.47 -57.90
C TYR S 98 22.17 46.87 -58.53
N LYS S 99 22.90 47.84 -57.94
CA LYS S 99 23.27 49.07 -58.60
C LYS S 99 24.14 48.87 -59.84
N TRP S 100 23.86 49.67 -60.89
CA TRP S 100 24.86 50.00 -61.87
C TRP S 100 26.01 50.79 -61.21
N LEU S 101 27.26 50.42 -61.50
CA LEU S 101 28.43 51.02 -60.88
C LEU S 101 29.26 51.69 -61.96
N PRO S 102 30.04 52.75 -61.69
CA PRO S 102 30.89 53.41 -62.68
C PRO S 102 32.11 52.59 -63.07
N VAL S 103 32.31 51.44 -62.43
CA VAL S 103 33.26 50.38 -62.78
C VAL S 103 33.07 49.89 -64.23
N TYR S 104 34.12 49.31 -64.84
CA TYR S 104 34.09 48.65 -66.14
C TYR S 104 34.33 49.62 -67.28
N ASN S 105 35.01 50.76 -67.00
CA ASN S 105 35.37 51.75 -67.99
C ASN S 105 36.68 51.37 -68.73
N PRO S 106 37.11 52.05 -69.80
CA PRO S 106 38.38 51.75 -70.47
C PRO S 106 39.62 51.87 -69.61
N GLU S 107 39.66 52.84 -68.68
CA GLU S 107 40.78 53.09 -67.80
C GLU S 107 41.07 51.93 -66.85
N VAL S 108 40.02 51.38 -66.22
CA VAL S 108 40.11 50.26 -65.30
C VAL S 108 40.62 48.98 -65.97
N VAL S 109 40.13 48.63 -67.17
CA VAL S 109 40.69 47.49 -67.92
C VAL S 109 42.13 47.71 -68.37
N ALA S 110 42.48 48.92 -68.85
CA ALA S 110 43.85 49.28 -69.17
C ALA S 110 44.81 49.20 -67.99
N ALA S 111 44.36 49.66 -66.81
CA ALA S 111 45.07 49.62 -65.55
C ALA S 111 45.42 48.22 -65.03
N TYR S 112 44.52 47.22 -65.16
CA TYR S 112 44.79 45.85 -64.75
C TYR S 112 45.88 45.13 -65.53
N ARG S 113 45.88 45.25 -66.88
CA ARG S 113 46.71 44.50 -67.84
C ARG S 113 48.04 43.90 -67.41
N GLY S 114 48.17 42.56 -67.44
CA GLY S 114 49.44 41.84 -67.35
C GLY S 114 49.98 41.68 -65.96
N LYS S 115 49.22 42.09 -64.95
CA LYS S 115 49.64 42.11 -63.57
C LYS S 115 49.09 40.91 -62.81
N LYS S 116 49.68 40.61 -61.64
CA LYS S 116 49.16 39.57 -60.78
C LYS S 116 47.96 40.03 -60.01
N ARG S 117 47.19 39.07 -59.47
CA ARG S 117 45.99 39.37 -58.73
C ARG S 117 46.17 40.11 -57.40
N GLN S 118 47.40 40.19 -56.86
CA GLN S 118 47.68 40.95 -55.64
C GLN S 118 48.38 42.27 -55.98
N GLU S 119 48.42 42.66 -57.27
CA GLU S 119 49.10 43.86 -57.73
C GLU S 119 48.07 44.88 -58.22
N ALA S 120 46.75 44.58 -58.08
CA ALA S 120 45.68 45.51 -58.31
C ALA S 120 44.42 44.98 -57.61
N PRO S 121 43.48 45.82 -57.15
CA PRO S 121 42.33 45.40 -56.34
C PRO S 121 41.48 44.23 -56.86
N PRO S 122 40.77 43.47 -56.01
CA PRO S 122 39.93 42.35 -56.44
C PRO S 122 38.92 42.66 -57.51
N HIS S 123 38.90 41.86 -58.59
CA HIS S 123 37.98 42.08 -59.66
C HIS S 123 37.90 40.83 -60.51
N ILE S 124 36.85 40.67 -61.32
CA ILE S 124 36.75 39.62 -62.33
C ILE S 124 37.81 39.78 -63.41
N PHE S 125 38.09 41.03 -63.82
CA PHE S 125 39.04 41.37 -64.87
C PHE S 125 40.44 40.88 -64.54
N SER S 126 40.83 40.95 -63.25
CA SER S 126 42.05 40.34 -62.73
C SER S 126 42.09 38.83 -62.92
N ILE S 127 41.00 38.10 -62.61
CA ILE S 127 40.91 36.66 -62.82
C ILE S 127 40.97 36.28 -64.30
N SER S 128 40.27 37.03 -65.17
CA SER S 128 40.40 36.88 -66.62
C SER S 128 41.77 37.26 -67.17
N ASP S 129 42.49 38.23 -66.58
CA ASP S 129 43.89 38.53 -66.87
C ASP S 129 44.81 37.36 -66.51
N ASN S 130 44.62 36.71 -65.33
CA ASN S 130 45.33 35.48 -65.01
C ASN S 130 45.05 34.37 -66.03
N ALA S 131 43.77 34.14 -66.40
CA ALA S 131 43.42 33.17 -67.42
C ALA S 131 43.98 33.49 -68.82
N TYR S 132 43.88 34.75 -69.29
CA TYR S 132 44.43 35.18 -70.56
C TYR S 132 45.95 35.09 -70.59
N GLN S 133 46.63 35.58 -69.53
CA GLN S 133 48.07 35.51 -69.42
C GLN S 133 48.58 34.08 -69.30
N PHE S 134 47.93 33.19 -68.50
CA PHE S 134 48.27 31.77 -68.45
C PHE S 134 48.05 31.09 -69.80
N MET S 135 46.94 31.39 -70.51
CA MET S 135 46.67 30.87 -71.83
C MET S 135 47.74 31.24 -72.85
N LEU S 136 48.20 32.51 -72.88
CA LEU S 136 49.33 32.91 -73.72
C LEU S 136 50.68 32.33 -73.26
N THR S 137 51.00 32.37 -71.95
CA THR S 137 52.27 31.87 -71.41
C THR S 137 52.46 30.37 -71.53
N ASP S 138 51.46 29.57 -71.11
CA ASP S 138 51.59 28.13 -70.98
C ASP S 138 50.98 27.42 -72.17
N ARG S 139 50.40 28.19 -73.13
CA ARG S 139 49.79 27.73 -74.37
C ARG S 139 48.74 26.63 -74.21
N GLU S 140 47.94 26.72 -73.13
CA GLU S 140 46.89 25.77 -72.82
C GLU S 140 45.57 26.44 -72.52
N ASN S 141 44.48 25.70 -72.80
CA ASN S 141 43.09 26.09 -72.59
C ASN S 141 42.75 26.37 -71.13
N GLN S 142 41.80 27.29 -70.87
CA GLN S 142 41.43 27.64 -69.50
C GLN S 142 39.92 27.58 -69.33
N SER S 143 39.42 27.40 -68.10
CA SER S 143 37.98 27.40 -67.82
C SER S 143 37.62 28.26 -66.64
N ILE S 144 36.73 29.25 -66.82
CA ILE S 144 36.18 30.05 -65.73
C ILE S 144 34.94 29.35 -65.19
N LEU S 145 34.90 28.98 -63.89
CA LEU S 145 33.75 28.31 -63.31
C LEU S 145 32.98 29.25 -62.41
N ILE S 146 31.72 29.59 -62.76
CA ILE S 146 30.90 30.51 -61.98
C ILE S 146 29.70 29.76 -61.39
N THR S 147 29.67 29.58 -60.05
CA THR S 147 28.57 28.91 -59.35
C THR S 147 27.23 29.64 -59.45
N GLY S 148 26.14 28.88 -59.67
CA GLY S 148 24.81 29.44 -59.93
C GLY S 148 24.03 29.91 -58.77
N GLU S 149 24.36 31.12 -58.30
CA GLU S 149 23.46 31.87 -57.44
C GLU S 149 22.50 32.69 -58.29
N SER S 150 21.21 32.65 -57.89
CA SER S 150 20.01 33.12 -58.60
C SER S 150 20.07 33.02 -60.14
N GLY S 151 19.74 33.98 -61.05
CA GLY S 151 19.25 35.35 -60.99
C GLY S 151 20.24 36.43 -60.68
N ALA S 152 21.53 36.11 -60.46
CA ALA S 152 22.43 37.05 -59.82
C ALA S 152 23.19 37.95 -60.78
N GLY S 153 22.77 38.00 -62.06
CA GLY S 153 23.47 38.78 -63.07
C GLY S 153 24.78 38.16 -63.49
N LYS S 154 24.92 36.81 -63.37
CA LYS S 154 26.14 36.10 -63.71
C LYS S 154 26.57 36.32 -65.15
N THR S 155 25.64 36.14 -66.10
CA THR S 155 25.85 36.41 -67.51
C THR S 155 26.15 37.86 -67.79
N VAL S 156 25.54 38.79 -67.05
CA VAL S 156 25.78 40.22 -67.15
C VAL S 156 27.22 40.58 -66.78
N ASN S 157 27.76 39.95 -65.72
CA ASN S 157 29.17 40.01 -65.39
C ASN S 157 30.05 39.31 -66.44
N THR S 158 29.63 38.16 -66.99
CA THR S 158 30.28 37.50 -68.13
C THR S 158 30.35 38.39 -69.37
N LYS S 159 29.33 39.24 -69.65
CA LYS S 159 29.43 40.27 -70.68
C LYS S 159 30.56 41.26 -70.43
N ARG S 160 30.80 41.63 -69.15
CA ARG S 160 31.98 42.40 -68.76
C ARG S 160 33.28 41.63 -68.96
N VAL S 161 33.34 40.31 -68.70
CA VAL S 161 34.47 39.45 -69.05
C VAL S 161 34.75 39.43 -70.55
N ILE S 162 33.70 39.32 -71.37
CA ILE S 162 33.76 39.41 -72.82
C ILE S 162 34.22 40.81 -73.28
N GLN S 163 33.74 41.89 -72.62
CA GLN S 163 34.22 43.26 -72.80
C GLN S 163 35.70 43.43 -72.49
N TYR S 164 36.19 42.82 -71.38
CA TYR S 164 37.60 42.71 -71.05
C TYR S 164 38.38 42.00 -72.16
N PHE S 165 37.94 40.81 -72.62
CA PHE S 165 38.63 40.08 -73.68
C PHE S 165 38.71 40.86 -74.99
N ALA S 166 37.65 41.60 -75.35
CA ALA S 166 37.64 42.47 -76.50
C ALA S 166 38.67 43.59 -76.48
N THR S 167 38.88 44.29 -75.34
CA THR S 167 39.84 45.40 -75.27
C THR S 167 41.28 44.92 -75.12
N ILE S 168 41.48 43.67 -74.66
CA ILE S 168 42.79 43.06 -74.65
C ILE S 168 43.24 42.54 -76.01
N ALA S 169 42.36 41.80 -76.71
CA ALA S 169 42.71 40.94 -77.82
C ALA S 169 42.68 41.60 -79.21
N VAL S 170 43.04 42.89 -79.28
CA VAL S 170 42.89 43.72 -80.47
C VAL S 170 44.00 43.59 -81.51
N THR S 171 45.14 42.97 -81.15
CA THR S 171 46.33 42.92 -82.01
C THR S 171 46.85 41.51 -82.04
N GLY S 172 47.04 40.91 -83.23
CA GLY S 172 47.83 39.68 -83.33
C GLY S 172 48.76 39.68 -84.49
N ASP S 173 48.66 38.64 -85.34
CA ASP S 173 49.41 38.36 -86.53
C ASP S 173 49.28 39.39 -87.65
N LYS S 174 48.08 39.95 -87.85
CA LYS S 174 47.80 40.70 -89.05
C LYS S 174 47.98 42.19 -88.82
N LYS S 175 49.08 42.73 -89.38
CA LYS S 175 49.42 44.14 -89.28
C LYS S 175 48.39 45.06 -89.93
N LYS S 176 47.58 45.75 -89.09
CA LYS S 176 46.45 46.62 -89.44
C LYS S 176 45.13 45.89 -89.66
N GLU S 177 44.78 44.90 -88.82
CA GLU S 177 43.55 44.12 -88.99
C GLU S 177 42.25 44.71 -88.44
N GLU S 178 42.12 46.06 -88.51
CA GLU S 178 40.99 46.83 -88.02
C GLU S 178 40.72 46.70 -86.52
N ALA S 179 41.81 46.85 -85.72
CA ALA S 179 41.87 46.76 -84.27
C ALA S 179 40.97 47.72 -83.46
N THR S 180 40.20 48.59 -84.12
CA THR S 180 39.30 49.56 -83.50
C THR S 180 37.84 49.17 -83.73
N SER S 181 37.32 49.30 -84.96
CA SER S 181 35.91 49.05 -85.26
C SER S 181 35.66 47.78 -86.04
N GLY S 182 36.69 46.97 -86.35
CA GLY S 182 36.56 45.59 -86.87
C GLY S 182 36.10 45.39 -88.30
N LYS S 183 35.17 46.23 -88.76
CA LYS S 183 34.56 46.34 -90.08
C LYS S 183 33.76 47.65 -89.99
N MET S 184 32.57 47.72 -90.64
CA MET S 184 31.60 48.81 -90.54
C MET S 184 31.09 49.01 -89.12
N GLN S 185 30.78 47.89 -88.46
CA GLN S 185 30.38 47.85 -87.07
C GLN S 185 30.75 46.47 -86.59
N GLY S 186 32.07 46.22 -86.42
CA GLY S 186 32.60 45.00 -85.86
C GLY S 186 32.78 45.17 -84.40
N THR S 187 31.66 45.37 -83.69
CA THR S 187 31.54 45.24 -82.25
C THR S 187 31.76 43.81 -81.81
N LEU S 188 31.68 43.55 -80.50
CA LEU S 188 31.53 42.21 -79.96
C LEU S 188 30.37 41.39 -80.54
N GLU S 189 30.30 40.11 -80.12
CA GLU S 189 29.11 39.31 -80.30
C GLU S 189 27.97 39.81 -79.42
N ASP S 190 27.36 40.96 -79.77
CA ASP S 190 26.26 41.58 -79.04
C ASP S 190 25.03 40.69 -79.00
N GLN S 191 24.92 39.79 -79.99
CA GLN S 191 23.97 38.69 -80.04
C GLN S 191 24.12 37.63 -78.93
N ILE S 192 25.21 37.65 -78.13
CA ILE S 192 25.29 36.96 -76.84
C ILE S 192 24.21 37.47 -75.88
N ILE S 193 23.86 38.77 -75.91
CA ILE S 193 22.73 39.31 -75.15
C ILE S 193 21.41 38.66 -75.58
N SER S 194 21.17 38.60 -76.91
CA SER S 194 20.01 37.98 -77.55
C SER S 194 19.89 36.48 -77.34
N ALA S 195 21.03 35.78 -77.24
CA ALA S 195 21.11 34.36 -76.94
C ALA S 195 20.52 33.98 -75.59
N ASN S 196 20.68 34.84 -74.55
CA ASN S 196 20.13 34.54 -73.22
C ASN S 196 18.62 34.39 -73.17
N PRO S 197 17.67 35.22 -73.62
CA PRO S 197 16.24 34.96 -73.43
C PRO S 197 15.78 33.70 -74.13
N LEU S 198 16.40 33.32 -75.25
CA LEU S 198 16.15 32.06 -75.92
C LEU S 198 16.55 30.84 -75.08
N LEU S 199 17.80 30.81 -74.53
CA LEU S 199 18.24 29.75 -73.65
C LEU S 199 17.56 29.78 -72.28
N GLU S 200 17.29 30.99 -71.75
CA GLU S 200 16.64 31.25 -70.49
C GLU S 200 15.20 30.77 -70.47
N ALA S 201 14.40 31.04 -71.52
CA ALA S 201 13.07 30.49 -71.65
C ALA S 201 13.06 28.96 -71.72
N PHE S 202 13.97 28.38 -72.52
CA PHE S 202 14.11 26.94 -72.74
C PHE S 202 14.61 26.16 -71.52
N GLY S 203 15.53 26.75 -70.73
CA GLY S 203 16.31 26.02 -69.73
C GLY S 203 16.31 26.62 -68.35
N ASN S 204 15.58 27.73 -68.11
CA ASN S 204 15.41 28.27 -66.77
C ASN S 204 13.94 28.16 -66.40
N ALA S 205 13.67 28.04 -65.09
CA ALA S 205 12.33 27.89 -64.58
C ALA S 205 12.18 28.70 -63.32
N LYS S 206 10.92 28.96 -62.91
CA LYS S 206 10.60 29.50 -61.60
C LYS S 206 10.65 28.39 -60.57
N THR S 207 11.55 28.53 -59.58
CA THR S 207 11.81 27.54 -58.56
C THR S 207 11.57 28.15 -57.21
N VAL S 208 11.60 27.35 -56.12
CA VAL S 208 11.45 27.87 -54.77
C VAL S 208 12.59 28.81 -54.36
N ARG S 209 13.83 28.54 -54.81
CA ARG S 209 14.95 29.43 -54.62
C ARG S 209 14.88 30.75 -55.40
N ASN S 210 14.42 30.75 -56.68
CA ASN S 210 14.29 31.99 -57.43
C ASN S 210 13.34 31.82 -58.61
N ASP S 211 12.72 32.92 -59.07
CA ASP S 211 11.85 32.96 -60.24
C ASP S 211 12.57 32.69 -61.56
N ASN S 212 13.90 32.83 -61.58
CA ASN S 212 14.70 32.46 -62.72
C ASN S 212 15.90 31.66 -62.23
N SER S 213 15.91 30.33 -62.40
CA SER S 213 17.03 29.48 -62.00
C SER S 213 17.44 28.58 -63.14
N SER S 214 18.74 28.57 -63.50
CA SER S 214 19.27 27.82 -64.63
C SER S 214 19.42 26.33 -64.37
N ARG S 215 18.78 25.50 -65.22
CA ARG S 215 18.74 24.07 -65.03
C ARG S 215 19.50 23.33 -66.10
N PHE S 216 20.46 24.04 -66.73
CA PHE S 216 21.37 23.45 -67.66
C PHE S 216 22.77 23.94 -67.39
N GLY S 217 23.78 23.19 -67.86
CA GLY S 217 25.17 23.61 -67.81
C GLY S 217 25.53 24.33 -69.08
N LYS S 218 25.55 25.66 -69.05
CA LYS S 218 25.94 26.51 -70.16
C LYS S 218 27.45 26.67 -70.18
N PHE S 219 28.11 26.17 -71.23
CA PHE S 219 29.54 26.30 -71.37
C PHE S 219 29.80 27.20 -72.57
N ILE S 220 30.26 28.43 -72.31
CA ILE S 220 30.55 29.39 -73.36
C ILE S 220 32.00 29.18 -73.75
N ARG S 221 32.29 28.90 -75.02
CA ARG S 221 33.66 28.78 -75.48
C ARG S 221 34.00 30.03 -76.24
N ILE S 222 34.90 30.86 -75.70
CA ILE S 222 35.43 32.00 -76.43
C ILE S 222 36.71 31.51 -77.07
N HIS S 223 36.81 31.60 -78.41
CA HIS S 223 37.83 30.90 -79.15
C HIS S 223 38.87 31.86 -79.66
N PHE S 224 40.15 31.51 -79.53
CA PHE S 224 41.23 32.40 -79.86
C PHE S 224 42.17 31.73 -80.84
N GLY S 225 42.83 32.54 -81.70
CA GLY S 225 43.98 32.06 -82.47
C GLY S 225 45.23 32.02 -81.63
N ALA S 226 46.35 31.53 -82.19
CA ALA S 226 47.63 31.39 -81.50
C ALA S 226 48.31 32.71 -81.13
N THR S 227 47.73 33.82 -81.58
CA THR S 227 48.22 35.17 -81.46
C THR S 227 47.36 35.97 -80.52
N GLY S 228 46.44 35.31 -79.78
CA GLY S 228 45.66 35.91 -78.71
C GLY S 228 44.45 36.68 -79.14
N LYS S 229 44.20 36.80 -80.45
CA LYS S 229 43.00 37.40 -81.01
C LYS S 229 41.77 36.53 -80.90
N LEU S 230 40.57 37.15 -80.88
CA LEU S 230 39.31 36.43 -81.07
C LEU S 230 39.21 35.76 -82.45
N ALA S 231 38.81 34.48 -82.48
CA ALA S 231 38.49 33.77 -83.70
C ALA S 231 36.99 33.68 -83.91
N SER S 232 36.24 33.48 -82.80
CA SER S 232 34.80 33.29 -82.76
C SER S 232 34.41 32.86 -81.36
N ALA S 233 33.15 32.40 -81.18
CA ALA S 233 32.72 31.77 -79.97
C ALA S 233 31.73 30.67 -80.34
N ASP S 234 31.60 29.63 -79.49
CA ASP S 234 30.56 28.62 -79.58
C ASP S 234 29.91 28.55 -78.21
N ILE S 235 28.66 28.07 -78.14
CA ILE S 235 28.00 27.71 -76.91
C ILE S 235 27.86 26.21 -76.91
N GLU S 236 28.20 25.54 -75.79
CA GLU S 236 27.86 24.14 -75.60
C GLU S 236 26.95 24.06 -74.40
N THR S 237 26.01 23.10 -74.43
CA THR S 237 25.18 22.77 -73.29
C THR S 237 25.43 21.33 -72.93
N TYR S 238 25.59 21.05 -71.63
CA TYR S 238 25.97 19.73 -71.13
C TYR S 238 24.83 19.11 -70.35
N LEU S 239 24.80 19.35 -69.03
CA LEU S 239 23.73 18.93 -68.15
C LEU S 239 22.43 19.64 -68.46
N LEU S 240 21.29 18.94 -68.29
CA LEU S 240 19.97 19.53 -68.39
C LEU S 240 19.06 18.75 -67.44
N GLU S 241 18.23 19.43 -66.61
CA GLU S 241 17.15 18.76 -65.89
C GLU S 241 16.02 18.42 -66.86
N LYS S 242 16.16 17.36 -67.68
CA LYS S 242 15.15 16.99 -68.65
C LYS S 242 13.93 16.35 -68.00
N SER S 243 14.08 15.89 -66.73
CA SER S 243 13.00 15.44 -65.87
C SER S 243 11.99 16.52 -65.56
N ARG S 244 12.43 17.79 -65.40
CA ARG S 244 11.63 18.95 -65.05
C ARG S 244 10.50 19.27 -66.04
N VAL S 245 10.62 18.83 -67.30
CA VAL S 245 9.55 18.89 -68.29
C VAL S 245 8.34 18.03 -67.91
N THR S 246 8.58 16.80 -67.45
CA THR S 246 7.54 15.83 -67.10
C THR S 246 7.13 15.92 -65.65
N PHE S 247 8.09 16.06 -64.72
CA PHE S 247 7.86 16.00 -63.30
C PHE S 247 8.40 17.26 -62.63
N GLN S 248 7.64 17.87 -61.71
CA GLN S 248 8.05 19.10 -61.06
C GLN S 248 7.97 18.95 -59.55
N LEU S 249 8.45 19.96 -58.79
CA LEU S 249 8.25 20.06 -57.36
C LEU S 249 6.86 20.63 -57.05
N LYS S 250 6.48 20.63 -55.75
CA LYS S 250 5.13 20.91 -55.29
C LYS S 250 4.67 22.37 -55.44
N ALA S 251 5.59 23.32 -55.70
CA ALA S 251 5.26 24.72 -55.73
C ALA S 251 6.14 25.49 -56.70
N GLU S 252 6.55 24.83 -57.81
CA GLU S 252 7.47 25.39 -58.78
C GLU S 252 6.84 25.34 -60.16
N ARG S 253 7.34 26.15 -61.11
CA ARG S 253 6.97 25.99 -62.52
C ARG S 253 7.93 25.01 -63.19
N SER S 254 7.46 24.31 -64.24
CA SER S 254 8.33 23.79 -65.30
C SER S 254 9.06 24.91 -66.06
N TYR S 255 9.76 24.63 -67.17
CA TYR S 255 10.46 25.67 -67.91
C TYR S 255 9.56 26.80 -68.41
N HIS S 256 10.08 28.06 -68.38
CA HIS S 256 9.29 29.25 -68.64
C HIS S 256 8.62 29.25 -70.00
N ILE S 257 9.32 28.69 -71.02
CA ILE S 257 8.88 28.57 -72.40
C ILE S 257 7.47 28.04 -72.56
N PHE S 258 7.06 27.01 -71.79
CA PHE S 258 5.72 26.45 -71.84
C PHE S 258 4.61 27.44 -71.41
N TYR S 259 4.83 28.17 -70.31
CA TYR S 259 3.87 29.13 -69.76
C TYR S 259 3.73 30.36 -70.61
N GLN S 260 4.89 30.93 -71.05
CA GLN S 260 4.92 32.06 -71.95
C GLN S 260 4.36 31.71 -73.33
N ILE S 261 4.54 30.47 -73.86
CA ILE S 261 3.85 30.00 -75.06
C ILE S 261 2.34 29.98 -74.90
N MET S 262 1.84 29.43 -73.79
CA MET S 262 0.42 29.31 -73.54
C MET S 262 -0.31 30.65 -73.46
N SER S 263 0.28 31.64 -72.76
CA SER S 263 -0.30 32.98 -72.63
C SER S 263 -0.03 33.91 -73.81
N ASN S 264 1.17 33.85 -74.43
CA ASN S 264 1.51 34.72 -75.55
C ASN S 264 0.78 34.41 -76.82
N LYS S 265 0.76 33.12 -77.23
CA LYS S 265 0.44 32.82 -78.60
C LYS S 265 -1.00 33.14 -78.96
N LYS S 266 -1.18 33.92 -80.03
CA LYS S 266 -2.49 34.28 -80.51
C LYS S 266 -3.05 33.16 -81.37
N PRO S 267 -4.34 33.12 -81.72
CA PRO S 267 -4.90 32.25 -82.76
C PRO S 267 -4.06 32.05 -84.01
N GLU S 268 -3.43 33.15 -84.52
CA GLU S 268 -2.42 33.21 -85.56
C GLU S 268 -1.37 32.09 -85.53
N LEU S 269 -0.90 31.70 -84.33
CA LEU S 269 0.06 30.62 -84.16
C LEU S 269 -0.53 29.47 -83.36
N ILE S 270 -1.51 29.72 -82.45
CA ILE S 270 -2.19 28.70 -81.67
C ILE S 270 -2.94 27.68 -82.51
N GLU S 271 -3.63 28.10 -83.58
CA GLU S 271 -4.39 27.22 -84.46
C GLU S 271 -3.51 26.18 -85.15
N MET S 272 -2.28 26.58 -85.54
CA MET S 272 -1.29 25.72 -86.14
C MET S 272 -0.67 24.69 -85.19
N LEU S 273 -0.74 24.92 -83.86
CA LEU S 273 -0.15 24.05 -82.85
C LEU S 273 -1.22 23.27 -82.07
N LEU S 274 -2.48 23.74 -82.11
CA LEU S 274 -3.65 23.18 -81.44
C LEU S 274 -3.54 23.17 -79.91
N ILE S 275 -2.96 24.24 -79.32
CA ILE S 275 -2.64 24.34 -77.90
C ILE S 275 -3.58 25.28 -77.14
N THR S 276 -4.73 25.65 -77.73
CA THR S 276 -5.73 26.59 -77.17
C THR S 276 -6.44 26.14 -75.89
N THR S 277 -6.03 24.99 -75.33
CA THR S 277 -6.78 24.24 -74.34
C THR S 277 -6.33 24.50 -72.92
N ASN S 278 -5.39 25.46 -72.74
CA ASN S 278 -4.95 25.97 -71.45
C ASN S 278 -4.23 24.95 -70.54
N PRO S 279 -3.63 25.29 -69.39
CA PRO S 279 -2.81 24.34 -68.66
C PRO S 279 -3.56 23.19 -68.01
N TYR S 280 -4.90 23.17 -68.00
CA TYR S 280 -5.66 22.09 -67.37
C TYR S 280 -5.81 20.84 -68.25
N ASP S 281 -5.60 20.96 -69.58
CA ASP S 281 -5.62 19.85 -70.53
C ASP S 281 -4.44 18.91 -70.35
N PHE S 282 -3.25 19.50 -70.12
CA PHE S 282 -1.97 18.84 -70.22
C PHE S 282 -1.53 18.23 -68.90
N ALA S 283 -1.50 16.89 -68.79
CA ALA S 283 -1.21 16.21 -67.52
C ALA S 283 0.25 16.30 -67.08
N TYR S 284 1.16 16.70 -68.00
CA TYR S 284 2.55 16.97 -67.69
C TYR S 284 2.77 18.35 -67.08
N VAL S 285 1.75 19.24 -67.10
CA VAL S 285 1.82 20.50 -66.37
C VAL S 285 1.27 20.27 -64.98
N SER S 286 2.12 19.74 -64.07
CA SER S 286 1.71 19.52 -62.68
C SER S 286 1.44 20.79 -61.93
N GLN S 287 0.46 20.73 -61.00
CA GLN S 287 0.01 21.83 -60.16
C GLN S 287 -0.87 22.84 -60.91
N GLY S 288 -1.18 22.57 -62.20
CA GLY S 288 -1.98 23.46 -63.04
C GLY S 288 -1.20 24.66 -63.53
N GLU S 289 -1.89 25.79 -63.75
CA GLU S 289 -1.29 26.97 -64.37
C GLU S 289 -0.12 27.61 -63.63
N ILE S 290 -0.23 27.75 -62.29
CA ILE S 290 0.75 28.42 -61.45
C ILE S 290 1.00 29.87 -61.86
N THR S 291 -0.12 30.60 -61.97
CA THR S 291 -0.19 32.03 -62.22
C THR S 291 0.49 32.80 -61.11
N VAL S 292 1.66 33.40 -61.39
CA VAL S 292 2.39 34.21 -60.41
C VAL S 292 1.59 35.48 -60.08
N PRO S 293 1.48 36.00 -58.86
CA PRO S 293 0.74 37.23 -58.60
C PRO S 293 1.18 38.42 -59.42
N SER S 294 0.27 39.00 -60.22
CA SER S 294 0.54 40.06 -61.18
C SER S 294 1.59 39.74 -62.22
N ILE S 295 1.48 38.57 -62.88
CA ILE S 295 2.28 38.24 -64.05
C ILE S 295 1.37 38.19 -65.26
N ASP S 296 1.78 38.83 -66.36
CA ASP S 296 1.06 38.76 -67.61
C ASP S 296 1.60 37.65 -68.50
N ASP S 297 2.82 37.13 -68.16
CA ASP S 297 3.70 36.31 -68.99
C ASP S 297 3.83 36.94 -70.39
N GLN S 298 3.09 36.43 -71.41
CA GLN S 298 2.76 37.04 -72.71
C GLN S 298 3.78 37.91 -73.47
N GLU S 299 4.11 39.14 -72.98
CA GLU S 299 5.06 40.08 -73.58
C GLU S 299 6.45 39.47 -73.67
N GLU S 300 6.86 38.70 -72.65
CA GLU S 300 8.14 38.02 -72.55
C GLU S 300 8.45 37.13 -73.76
N LEU S 301 7.43 36.45 -74.31
CA LEU S 301 7.62 35.70 -75.53
C LEU S 301 7.51 36.54 -76.80
N MET S 302 6.92 37.75 -76.80
CA MET S 302 7.04 38.68 -77.92
C MET S 302 8.47 39.17 -78.07
N ALA S 303 9.11 39.53 -76.94
CA ALA S 303 10.52 39.84 -76.87
C ALA S 303 11.41 38.67 -77.27
N THR S 304 11.09 37.45 -76.80
CA THR S 304 11.78 36.22 -77.18
C THR S 304 11.65 35.85 -78.66
N ASP S 305 10.44 35.93 -79.26
CA ASP S 305 10.21 35.70 -80.68
C ASP S 305 10.98 36.71 -81.54
N THR S 306 10.99 38.00 -81.16
CA THR S 306 11.83 39.02 -81.77
C THR S 306 13.31 38.69 -81.64
N ALA S 307 13.77 38.22 -80.47
CA ALA S 307 15.14 37.78 -80.26
C ALA S 307 15.54 36.61 -81.17
N VAL S 308 14.68 35.60 -81.37
CA VAL S 308 14.88 34.49 -82.29
C VAL S 308 15.05 34.95 -83.73
N ASP S 309 14.20 35.88 -84.20
CA ASP S 309 14.26 36.45 -85.54
C ASP S 309 15.50 37.34 -85.75
N ILE S 310 15.93 38.12 -84.74
CA ILE S 310 17.21 38.87 -84.77
C ILE S 310 18.41 37.93 -84.91
N LEU S 311 18.39 36.74 -84.29
CA LEU S 311 19.40 35.70 -84.47
C LEU S 311 19.35 35.01 -85.84
N GLY S 312 18.52 35.49 -86.79
CA GLY S 312 18.58 35.08 -88.19
C GLY S 312 17.86 33.80 -88.53
N PHE S 313 17.04 33.27 -87.61
CA PHE S 313 16.26 32.08 -87.85
C PHE S 313 14.95 32.44 -88.53
N SER S 314 14.46 31.57 -89.44
CA SER S 314 13.24 31.92 -90.19
C SER S 314 11.97 31.76 -89.38
N ALA S 315 10.86 32.37 -89.86
CA ALA S 315 9.55 32.26 -89.26
C ALA S 315 9.05 30.82 -89.25
N ASP S 316 9.33 30.09 -90.34
CA ASP S 316 9.08 28.67 -90.54
C ASP S 316 9.80 27.81 -89.51
N GLU S 317 11.09 28.11 -89.23
CA GLU S 317 11.86 27.46 -88.19
C GLU S 317 11.26 27.73 -86.82
N LYS S 318 10.92 29.00 -86.53
CA LYS S 318 10.33 29.41 -85.27
C LYS S 318 8.99 28.73 -84.98
N VAL S 319 8.09 28.65 -85.98
CA VAL S 319 6.85 27.88 -85.88
C VAL S 319 7.11 26.38 -85.74
N ALA S 320 8.07 25.80 -86.49
CA ALA S 320 8.45 24.40 -86.36
C ALA S 320 9.01 24.01 -85.00
N ILE S 321 9.86 24.89 -84.39
CA ILE S 321 10.35 24.76 -83.02
C ILE S 321 9.21 24.77 -82.02
N TYR S 322 8.24 25.70 -82.17
CA TYR S 322 7.12 25.79 -81.24
C TYR S 322 6.07 24.70 -81.44
N LYS S 323 6.00 24.08 -82.63
CA LYS S 323 5.27 22.83 -82.81
C LYS S 323 5.82 21.71 -81.96
N LEU S 324 7.16 21.57 -81.88
CA LEU S 324 7.76 20.54 -81.05
C LEU S 324 7.74 20.85 -79.55
N THR S 325 7.68 22.14 -79.13
CA THR S 325 7.43 22.47 -77.72
C THR S 325 5.98 22.25 -77.33
N GLY S 326 5.06 22.23 -78.31
CA GLY S 326 3.72 21.70 -78.10
C GLY S 326 3.71 20.18 -78.04
N ALA S 327 4.45 19.51 -78.95
CA ALA S 327 4.51 18.07 -79.05
C ALA S 327 5.00 17.37 -77.79
N VAL S 328 6.01 17.95 -77.11
CA VAL S 328 6.46 17.47 -75.80
C VAL S 328 5.37 17.50 -74.73
N MET S 329 4.52 18.55 -74.71
CA MET S 329 3.35 18.65 -73.86
C MET S 329 2.24 17.67 -74.25
N HIS S 330 1.93 17.55 -75.56
CA HIS S 330 0.88 16.69 -76.14
C HIS S 330 1.00 15.22 -75.75
N TYR S 331 2.22 14.72 -75.51
CA TYR S 331 2.49 13.37 -74.99
C TYR S 331 1.73 13.08 -73.69
N GLY S 332 1.58 14.07 -72.80
CA GLY S 332 0.92 13.89 -71.50
C GLY S 332 -0.58 13.85 -71.59
N ASN S 333 -1.14 14.06 -72.79
CA ASN S 333 -2.57 14.01 -73.00
C ASN S 333 -2.96 12.62 -73.49
N MET S 334 -1.97 11.75 -73.82
CA MET S 334 -2.21 10.38 -74.24
C MET S 334 -2.49 9.49 -73.05
N LYS S 335 -3.70 8.88 -72.99
CA LYS S 335 -4.15 8.18 -71.80
C LYS S 335 -4.41 6.72 -72.10
N PHE S 336 -3.41 5.85 -71.86
CA PHE S 336 -3.51 4.40 -71.96
C PHE S 336 -4.44 3.82 -70.91
N LYS S 337 -5.20 2.78 -71.28
CA LYS S 337 -6.15 2.15 -70.38
C LYS S 337 -5.77 0.71 -70.16
N GLN S 338 -5.57 0.34 -68.87
CA GLN S 338 -5.26 -1.02 -68.49
C GLN S 338 -6.45 -1.94 -68.72
N LYS S 339 -6.28 -2.86 -69.67
CA LYS S 339 -7.29 -3.76 -70.14
C LYS S 339 -7.70 -4.81 -69.11
N GLN S 340 -8.97 -5.26 -69.16
CA GLN S 340 -9.44 -6.34 -68.33
C GLN S 340 -8.75 -7.67 -68.63
N ARG S 341 -7.89 -8.13 -67.69
CA ARG S 341 -7.08 -9.35 -67.73
C ARG S 341 -5.76 -9.21 -68.48
N GLU S 342 -5.78 -8.68 -69.72
CA GLU S 342 -4.58 -8.49 -70.53
C GLU S 342 -3.60 -7.43 -69.97
N GLU S 343 -2.34 -7.84 -69.75
CA GLU S 343 -1.27 -7.02 -69.19
C GLU S 343 -0.90 -5.80 -70.01
N GLN S 344 -1.00 -5.92 -71.35
CA GLN S 344 -0.53 -4.97 -72.33
C GLN S 344 -1.12 -3.56 -72.28
N ALA S 345 -2.43 -3.44 -72.00
CA ALA S 345 -3.19 -2.21 -72.16
C ALA S 345 -3.33 -1.73 -73.60
N GLU S 346 -4.19 -0.72 -73.85
CA GLU S 346 -4.36 -0.18 -75.19
C GLU S 346 -4.86 1.27 -75.10
N PRO S 347 -4.72 2.09 -76.14
CA PRO S 347 -5.18 3.49 -76.13
C PRO S 347 -6.44 3.67 -76.98
N ASP S 348 -7.64 3.67 -76.36
CA ASP S 348 -8.94 3.80 -77.01
C ASP S 348 -9.14 5.11 -77.78
N GLY S 349 -8.73 6.23 -77.16
CA GLY S 349 -8.93 7.57 -77.70
C GLY S 349 -7.87 8.00 -78.67
N THR S 350 -8.10 7.79 -79.98
CA THR S 350 -7.16 8.11 -81.04
C THR S 350 -6.80 9.59 -81.13
N GLU S 351 -7.78 10.50 -80.91
CA GLU S 351 -7.68 11.95 -81.10
C GLU S 351 -6.37 12.61 -80.69
N VAL S 352 -5.86 12.32 -79.48
CA VAL S 352 -4.58 12.86 -79.04
C VAL S 352 -3.40 12.35 -79.86
N ALA S 353 -3.39 11.06 -80.22
CA ALA S 353 -2.43 10.48 -81.13
C ALA S 353 -2.53 11.07 -82.53
N ASP S 354 -3.76 11.28 -83.06
CA ASP S 354 -4.01 11.95 -84.32
C ASP S 354 -3.56 13.41 -84.32
N LYS S 355 -3.82 14.15 -83.23
CA LYS S 355 -3.34 15.50 -82.97
C LYS S 355 -1.81 15.58 -82.88
N ALA S 356 -1.17 14.61 -82.20
CA ALA S 356 0.27 14.42 -82.19
C ALA S 356 0.85 14.07 -83.56
N ALA S 357 0.18 13.19 -84.33
CA ALA S 357 0.53 12.81 -85.69
C ALA S 357 0.52 13.98 -86.66
N TYR S 358 -0.50 14.86 -86.58
CA TYR S 358 -0.57 16.12 -87.32
C TYR S 358 0.56 17.07 -86.96
N LEU S 359 0.89 17.17 -85.66
CA LEU S 359 1.92 18.08 -85.18
C LEU S 359 3.34 17.58 -85.47
N THR S 360 3.48 16.26 -85.66
CA THR S 360 4.72 15.59 -86.05
C THR S 360 4.66 15.14 -87.49
N SER S 361 4.57 13.83 -87.74
CA SER S 361 4.90 13.29 -89.04
C SER S 361 4.41 11.87 -89.22
N LEU S 362 3.81 11.29 -88.16
CA LEU S 362 3.62 9.87 -88.06
C LEU S 362 2.26 9.44 -88.56
N ASN S 363 2.14 8.22 -89.12
CA ASN S 363 0.85 7.59 -89.24
C ASN S 363 0.37 7.17 -87.86
N SER S 364 -0.89 7.47 -87.50
CA SER S 364 -1.47 7.07 -86.22
C SER S 364 -1.44 5.58 -86.02
N ALA S 365 -1.77 4.77 -87.04
CA ALA S 365 -1.80 3.33 -86.94
C ALA S 365 -0.45 2.71 -86.58
N ASP S 366 0.62 3.15 -87.24
CA ASP S 366 1.97 2.72 -86.96
C ASP S 366 2.51 3.24 -85.63
N LEU S 367 2.22 4.50 -85.23
CA LEU S 367 2.55 4.99 -83.90
C LEU S 367 1.86 4.20 -82.78
N LEU S 368 0.56 3.91 -82.92
CA LEU S 368 -0.20 3.12 -81.96
C LEU S 368 0.34 1.70 -81.81
N LYS S 369 0.70 1.01 -82.93
CA LYS S 369 1.39 -0.27 -82.86
C LYS S 369 2.78 -0.17 -82.23
N ALA S 370 3.61 0.78 -82.68
CA ALA S 370 5.00 0.95 -82.26
C ALA S 370 5.16 1.29 -80.79
N LEU S 371 4.26 2.10 -80.25
CA LEU S 371 4.27 2.46 -78.84
C LEU S 371 3.70 1.37 -77.93
N CYS S 372 2.56 0.77 -78.30
CA CYS S 372 1.89 -0.26 -77.52
C CYS S 372 2.57 -1.63 -77.54
N TYR S 373 3.03 -2.06 -78.73
CA TYR S 373 3.50 -3.42 -78.97
C TYR S 373 4.73 -3.36 -79.89
N PRO S 374 5.82 -2.67 -79.50
CA PRO S 374 7.00 -2.45 -80.35
C PRO S 374 7.66 -3.72 -80.86
N ARG S 375 8.43 -3.61 -81.95
CA ARG S 375 9.21 -4.73 -82.44
C ARG S 375 10.67 -4.53 -82.07
N VAL S 376 11.35 -5.61 -81.67
CA VAL S 376 12.72 -5.56 -81.22
C VAL S 376 13.50 -6.47 -82.15
N LYS S 377 14.71 -6.06 -82.59
CA LYS S 377 15.52 -6.87 -83.49
C LYS S 377 16.12 -8.11 -82.83
N VAL S 378 15.62 -9.29 -83.22
CA VAL S 378 16.03 -10.59 -82.74
C VAL S 378 16.88 -11.24 -83.84
N GLY S 379 18.09 -10.69 -84.03
CA GLY S 379 19.22 -11.20 -84.84
C GLY S 379 18.97 -12.30 -85.87
N ASN S 380 18.43 -12.02 -87.07
CA ASN S 380 18.20 -10.75 -87.72
C ASN S 380 16.73 -10.47 -87.95
N GLU S 381 15.83 -11.23 -87.31
CA GLU S 381 14.39 -11.09 -87.44
C GLU S 381 13.85 -10.00 -86.51
N TYR S 382 12.53 -9.71 -86.56
CA TYR S 382 11.94 -8.69 -85.71
C TYR S 382 10.68 -9.23 -85.03
N VAL S 383 10.70 -9.37 -83.70
CA VAL S 383 9.61 -9.95 -82.92
C VAL S 383 9.04 -8.87 -82.02
N THR S 384 7.71 -8.85 -81.86
CA THR S 384 6.95 -7.96 -81.00
C THR S 384 7.19 -8.20 -79.52
N LYS S 385 7.11 -7.14 -78.71
CA LYS S 385 7.24 -7.21 -77.27
C LYS S 385 6.01 -6.61 -76.59
N GLY S 386 5.35 -7.35 -75.70
CA GLY S 386 4.41 -6.81 -74.72
C GLY S 386 4.98 -5.78 -73.77
N GLN S 387 4.30 -4.64 -73.59
CA GLN S 387 4.65 -3.65 -72.59
C GLN S 387 3.50 -3.49 -71.65
N THR S 388 3.74 -3.42 -70.33
CA THR S 388 2.68 -3.12 -69.37
C THR S 388 2.26 -1.66 -69.46
N VAL S 389 1.09 -1.30 -68.91
CA VAL S 389 0.61 0.08 -68.92
C VAL S 389 1.61 1.08 -68.32
N GLN S 390 2.31 0.67 -67.24
CA GLN S 390 3.42 1.39 -66.65
C GLN S 390 4.62 1.56 -67.57
N GLN S 391 5.02 0.51 -68.33
CA GLN S 391 6.06 0.62 -69.33
C GLN S 391 5.69 1.55 -70.48
N VAL S 392 4.44 1.49 -70.99
CA VAL S 392 3.99 2.39 -72.05
C VAL S 392 3.98 3.86 -71.61
N TYR S 393 3.46 4.18 -70.40
CA TYR S 393 3.54 5.53 -69.84
C TYR S 393 4.98 6.01 -69.64
N ASN S 394 5.89 5.13 -69.13
CA ASN S 394 7.31 5.43 -69.05
C ASN S 394 7.97 5.64 -70.41
N SER S 395 7.63 4.85 -71.45
CA SER S 395 8.06 5.07 -72.83
C SER S 395 7.64 6.42 -73.38
N VAL S 396 6.37 6.84 -73.16
CA VAL S 396 5.86 8.16 -73.51
C VAL S 396 6.57 9.28 -72.74
N GLY S 397 6.89 9.07 -71.45
CA GLY S 397 7.69 10.00 -70.66
C GLY S 397 9.11 10.12 -71.15
N ALA S 398 9.76 8.99 -71.49
CA ALA S 398 11.08 8.94 -72.09
C ALA S 398 11.16 9.63 -73.44
N LEU S 399 10.16 9.43 -74.32
CA LEU S 399 10.01 10.14 -75.58
C LEU S 399 9.84 11.64 -75.40
N ALA S 400 9.06 12.10 -74.40
CA ALA S 400 8.98 13.51 -74.06
C ALA S 400 10.29 14.11 -73.57
N LYS S 401 10.95 13.45 -72.61
CA LYS S 401 12.22 13.88 -72.05
C LYS S 401 13.35 13.88 -73.08
N SER S 402 13.46 12.81 -73.89
CA SER S 402 14.39 12.73 -75.02
C SER S 402 14.09 13.67 -76.18
N MET S 403 12.81 13.94 -76.52
CA MET S 403 12.50 14.96 -77.52
C MET S 403 12.96 16.35 -77.09
N TYR S 404 12.70 16.76 -75.83
CA TYR S 404 13.16 18.04 -75.31
C TYR S 404 14.67 18.18 -75.26
N GLU S 405 15.37 17.10 -74.84
CA GLU S 405 16.82 16.96 -74.87
C GLU S 405 17.40 17.16 -76.27
N LYS S 406 16.82 16.49 -77.29
CA LYS S 406 17.18 16.65 -78.68
C LYS S 406 16.87 18.03 -79.26
N MET S 407 15.73 18.64 -78.90
CA MET S 407 15.43 20.02 -79.26
C MET S 407 16.44 21.01 -78.70
N PHE S 408 16.84 20.86 -77.44
CA PHE S 408 17.82 21.69 -76.79
C PHE S 408 19.22 21.56 -77.41
N LEU S 409 19.67 20.32 -77.70
CA LEU S 409 20.91 20.04 -78.40
C LEU S 409 20.94 20.55 -79.85
N TRP S 410 19.81 20.43 -80.59
CA TRP S 410 19.66 21.09 -81.87
C TRP S 410 19.71 22.60 -81.75
N MET S 411 19.00 23.19 -80.76
CA MET S 411 18.94 24.62 -80.56
C MET S 411 20.29 25.24 -80.28
N VAL S 412 21.13 24.65 -79.41
CA VAL S 412 22.49 25.13 -79.20
C VAL S 412 23.36 25.02 -80.44
N THR S 413 23.24 23.91 -81.21
CA THR S 413 23.92 23.72 -82.50
C THR S 413 23.49 24.76 -83.54
N ARG S 414 22.17 25.03 -83.65
CA ARG S 414 21.60 26.05 -84.51
C ARG S 414 22.00 27.47 -84.09
N ILE S 415 22.08 27.77 -82.78
CA ILE S 415 22.67 29.00 -82.22
C ILE S 415 24.13 29.17 -82.62
N ASN S 416 24.98 28.13 -82.54
CA ASN S 416 26.36 28.19 -83.01
C ASN S 416 26.46 28.47 -84.51
N GLN S 417 25.51 27.99 -85.31
CA GLN S 417 25.46 28.28 -86.74
C GLN S 417 25.13 29.75 -87.08
N GLN S 418 24.61 30.57 -86.15
CA GLN S 418 24.51 32.00 -86.35
C GLN S 418 25.60 32.79 -85.63
N LEU S 419 26.52 32.09 -84.92
CA LEU S 419 27.73 32.71 -84.40
C LEU S 419 28.80 32.59 -85.47
N ASP S 420 28.97 33.62 -86.32
CA ASP S 420 29.92 33.59 -87.41
C ASP S 420 31.37 33.34 -86.99
N THR S 421 32.13 32.61 -87.83
CA THR S 421 33.52 32.31 -87.54
C THR S 421 34.37 32.92 -88.63
N LYS S 422 35.13 33.99 -88.28
CA LYS S 422 35.91 34.71 -89.27
C LYS S 422 37.25 34.04 -89.50
N GLN S 423 37.74 33.25 -88.53
CA GLN S 423 39.08 32.71 -88.57
C GLN S 423 39.14 31.34 -87.90
N PRO S 424 40.03 30.43 -88.33
CA PRO S 424 40.49 29.30 -87.54
C PRO S 424 40.88 29.61 -86.10
N ARG S 425 40.76 28.61 -85.21
CA ARG S 425 40.98 28.76 -83.79
C ARG S 425 42.01 27.76 -83.31
N GLN S 426 42.85 28.16 -82.32
CA GLN S 426 43.93 27.33 -81.82
C GLN S 426 43.66 26.84 -80.41
N TYR S 427 42.97 27.65 -79.59
CA TYR S 427 42.71 27.34 -78.21
C TYR S 427 41.51 28.13 -77.72
N PHE S 428 41.00 27.84 -76.52
CA PHE S 428 39.78 28.46 -76.03
C PHE S 428 39.83 28.84 -74.54
N ILE S 429 38.96 29.80 -74.16
CA ILE S 429 38.59 30.08 -72.79
C ILE S 429 37.17 29.56 -72.65
N GLY S 430 36.95 28.58 -71.74
CA GLY S 430 35.62 28.17 -71.36
C GLY S 430 35.07 29.06 -70.26
N VAL S 431 33.76 29.34 -70.27
CA VAL S 431 33.09 29.96 -69.14
C VAL S 431 31.90 29.07 -68.81
N LEU S 432 31.86 28.49 -67.60
CA LEU S 432 30.78 27.63 -67.16
C LEU S 432 29.80 28.38 -66.30
N ASP S 433 28.55 28.47 -66.80
CA ASP S 433 27.41 29.00 -66.11
C ASP S 433 26.45 27.83 -65.88
N ILE S 434 26.37 27.36 -64.63
CA ILE S 434 25.55 26.24 -64.23
C ILE S 434 24.96 26.61 -62.88
N ALA S 435 23.91 25.91 -62.41
CA ALA S 435 23.42 25.97 -61.04
C ALA S 435 24.49 25.73 -59.97
N GLY S 436 24.31 26.32 -58.77
CA GLY S 436 25.09 25.94 -57.61
C GLY S 436 24.44 24.77 -56.92
N PHE S 437 25.09 24.26 -55.86
CA PHE S 437 24.52 23.28 -54.96
C PHE S 437 23.27 23.88 -54.30
N GLU S 438 22.17 23.13 -54.21
CA GLU S 438 20.91 23.68 -53.74
C GLU S 438 20.47 22.91 -52.52
N ILE S 439 19.69 23.56 -51.66
CA ILE S 439 19.11 22.95 -50.49
C ILE S 439 17.69 23.48 -50.45
N PHE S 440 16.70 22.58 -50.37
CA PHE S 440 15.31 22.91 -50.13
C PHE S 440 14.90 22.13 -48.91
N ASP S 441 13.68 22.34 -48.39
CA ASP S 441 13.08 21.50 -47.36
C ASP S 441 12.83 20.07 -47.84
N PHE S 442 12.37 19.93 -49.10
CA PHE S 442 11.83 18.68 -49.59
C PHE S 442 12.78 17.83 -50.44
N ASN S 443 14.02 18.29 -50.73
CA ASN S 443 15.06 17.64 -51.55
C ASN S 443 14.76 16.31 -52.25
N THR S 444 14.50 16.32 -53.58
CA THR S 444 14.12 15.12 -54.33
C THR S 444 15.22 14.68 -55.31
N LEU S 445 14.92 13.87 -56.34
CA LEU S 445 15.92 13.22 -57.19
C LEU S 445 16.81 14.17 -57.97
N GLU S 446 16.22 15.19 -58.63
CA GLU S 446 16.94 16.21 -59.37
C GLU S 446 17.88 17.02 -58.47
N GLN S 447 17.47 17.25 -57.19
CA GLN S 447 18.33 17.84 -56.18
C GLN S 447 19.57 17.01 -55.87
N LEU S 448 19.44 15.66 -55.77
CA LEU S 448 20.58 14.76 -55.66
C LEU S 448 21.51 14.84 -56.86
N CYS S 449 20.95 14.88 -58.09
CA CYS S 449 21.70 15.08 -59.32
C CYS S 449 22.48 16.39 -59.37
N ILE S 450 21.85 17.53 -58.99
CA ILE S 450 22.53 18.82 -58.90
C ILE S 450 23.66 18.80 -57.87
N ASN S 451 23.41 18.26 -56.66
CA ASN S 451 24.43 18.17 -55.63
C ASN S 451 25.62 17.30 -56.05
N PHE S 452 25.37 16.18 -56.76
CA PHE S 452 26.39 15.32 -57.34
C PHE S 452 27.30 16.00 -58.38
N THR S 453 26.75 16.81 -59.31
CA THR S 453 27.58 17.60 -60.23
C THR S 453 28.42 18.63 -59.52
N ASN S 454 27.84 19.36 -58.54
CA ASN S 454 28.58 20.31 -57.74
C ASN S 454 29.69 19.67 -56.90
N GLU S 455 29.47 18.47 -56.32
CA GLU S 455 30.50 17.70 -55.64
C GLU S 455 31.70 17.34 -56.54
N LYS S 456 31.46 16.88 -57.80
CA LYS S 456 32.53 16.68 -58.78
C LYS S 456 33.22 17.98 -59.22
N LEU S 457 32.46 19.09 -59.48
CA LEU S 457 33.03 20.39 -59.81
C LEU S 457 33.89 20.97 -58.69
N GLN S 458 33.42 20.85 -57.43
CA GLN S 458 34.15 21.21 -56.24
C GLN S 458 35.38 20.35 -56.01
N GLN S 459 35.35 19.04 -56.33
CA GLN S 459 36.53 18.19 -56.32
C GLN S 459 37.62 18.67 -57.27
N PHE S 460 37.24 19.16 -58.48
CA PHE S 460 38.17 19.79 -59.39
C PHE S 460 38.78 21.09 -58.86
N PHE S 461 37.99 21.92 -58.13
CA PHE S 461 38.52 23.05 -57.36
C PHE S 461 39.55 22.60 -56.31
N ASN S 462 39.23 21.56 -55.52
CA ASN S 462 40.10 21.02 -54.50
C ASN S 462 41.42 20.48 -55.06
N HIS S 463 41.37 19.74 -56.18
CA HIS S 463 42.55 19.29 -56.92
C HIS S 463 43.39 20.44 -57.47
N HIS S 464 42.76 21.48 -58.04
CA HIS S 464 43.46 22.66 -58.52
C HIS S 464 44.17 23.43 -57.40
N MET S 465 43.49 23.57 -56.24
CA MET S 465 44.07 24.12 -55.03
C MET S 465 45.24 23.31 -54.49
N PHE S 466 45.15 21.96 -54.52
CA PHE S 466 46.25 21.07 -54.17
C PHE S 466 47.49 21.28 -55.06
N VAL S 467 47.33 21.30 -56.40
CA VAL S 467 48.46 21.54 -57.29
C VAL S 467 49.05 22.94 -57.19
N LEU S 468 48.20 23.99 -57.05
CA LEU S 468 48.65 25.37 -56.85
C LEU S 468 49.46 25.54 -55.58
N GLU S 469 49.01 24.96 -54.45
CA GLU S 469 49.80 24.92 -53.24
C GLU S 469 51.09 24.12 -53.40
N GLN S 470 51.05 22.93 -54.05
CA GLN S 470 52.24 22.13 -54.27
C GLN S 470 53.32 22.78 -55.14
N GLU S 471 52.95 23.49 -56.24
CA GLU S 471 53.89 24.30 -56.98
C GLU S 471 54.47 25.47 -56.17
N GLU S 472 53.66 26.17 -55.36
CA GLU S 472 54.12 27.24 -54.48
C GLU S 472 55.06 26.77 -53.37
N TYR S 473 54.82 25.58 -52.77
CA TYR S 473 55.76 24.94 -51.85
C TYR S 473 57.14 24.74 -52.49
N LYS S 474 57.18 24.21 -53.73
CA LYS S 474 58.42 24.06 -54.48
C LYS S 474 59.11 25.35 -54.91
N LYS S 475 58.35 26.40 -55.31
CA LYS S 475 58.90 27.72 -55.65
C LYS S 475 59.64 28.37 -54.49
N GLU S 476 59.18 28.18 -53.26
CA GLU S 476 59.83 28.68 -52.08
C GLU S 476 60.84 27.70 -51.50
N GLY S 477 61.10 26.56 -52.19
CA GLY S 477 62.15 25.63 -51.79
C GLY S 477 61.78 24.71 -50.65
N ILE S 478 60.48 24.59 -50.34
CA ILE S 478 60.01 23.81 -49.22
C ILE S 478 59.33 22.57 -49.76
N ASP S 479 60.01 21.40 -49.72
CA ASP S 479 59.34 20.14 -49.95
C ASP S 479 58.48 19.76 -48.73
N TRP S 480 57.17 19.56 -48.99
CA TRP S 480 56.24 19.14 -47.98
C TRP S 480 55.21 18.28 -48.66
N GLU S 481 54.83 17.16 -48.02
CA GLU S 481 53.91 16.20 -48.58
C GLU S 481 52.65 16.19 -47.74
N PHE S 482 51.51 16.14 -48.41
CA PHE S 482 50.22 16.33 -47.78
C PHE S 482 49.21 15.61 -48.66
N ILE S 483 48.06 15.19 -48.10
CA ILE S 483 47.01 14.54 -48.85
C ILE S 483 46.33 15.46 -49.85
N ASP S 484 45.81 14.89 -50.96
CA ASP S 484 44.89 15.59 -51.84
C ASP S 484 43.64 16.04 -51.10
N PHE S 485 43.17 17.25 -51.45
CA PHE S 485 41.99 17.87 -50.91
C PHE S 485 40.76 17.37 -51.65
N GLY S 486 40.93 16.76 -52.85
CA GLY S 486 39.85 16.12 -53.58
C GLY S 486 39.45 14.80 -53.00
N MET S 487 40.28 14.26 -52.10
CA MET S 487 40.01 13.07 -51.33
C MET S 487 39.12 13.32 -50.11
N ASP S 488 38.89 14.58 -49.68
CA ASP S 488 37.83 14.94 -48.75
C ASP S 488 36.46 14.57 -49.32
N LEU S 489 36.25 14.81 -50.63
CA LEU S 489 34.96 14.63 -51.28
C LEU S 489 34.82 13.30 -51.96
N ALA S 490 35.92 12.54 -52.13
CA ALA S 490 35.93 11.30 -52.88
C ALA S 490 34.97 10.26 -52.33
N ALA S 491 34.91 10.10 -50.99
CA ALA S 491 33.96 9.24 -50.33
C ALA S 491 32.49 9.59 -50.59
N CYS S 492 32.13 10.90 -50.63
CA CYS S 492 30.79 11.33 -51.02
C CYS S 492 30.48 11.03 -52.49
N ILE S 493 31.44 11.29 -53.40
CA ILE S 493 31.30 10.98 -54.81
C ILE S 493 31.13 9.48 -55.05
N GLU S 494 31.95 8.62 -54.42
CA GLU S 494 31.87 7.17 -54.57
C GLU S 494 30.65 6.54 -53.91
N LEU S 495 30.05 7.22 -52.93
CA LEU S 495 28.77 6.86 -52.35
C LEU S 495 27.61 7.03 -53.33
N ILE S 496 27.59 8.14 -54.09
CA ILE S 496 26.58 8.42 -55.09
C ILE S 496 26.80 7.65 -56.39
N GLU S 497 28.07 7.59 -56.87
CA GLU S 497 28.57 6.96 -58.08
C GLU S 497 28.81 5.46 -57.87
N LYS S 498 29.21 4.72 -58.93
CA LYS S 498 29.69 3.33 -58.87
C LYS S 498 28.60 2.26 -58.77
N PRO S 499 28.87 0.99 -59.18
CA PRO S 499 27.92 -0.13 -59.09
C PRO S 499 27.23 -0.40 -57.75
N MET S 500 27.77 0.03 -56.60
CA MET S 500 27.12 -0.16 -55.31
C MET S 500 26.54 1.14 -54.76
N GLY S 501 26.68 2.26 -55.49
CA GLY S 501 26.22 3.56 -55.02
C GLY S 501 24.75 3.83 -55.21
N ILE S 502 24.30 5.03 -54.79
CA ILE S 502 22.90 5.42 -54.75
C ILE S 502 22.21 5.33 -56.09
N PHE S 503 22.83 5.86 -57.16
CA PHE S 503 22.27 5.81 -58.49
C PHE S 503 22.20 4.40 -59.05
N SER S 504 23.23 3.55 -58.81
CA SER S 504 23.17 2.14 -59.22
C SER S 504 22.11 1.33 -58.51
N ILE S 505 21.94 1.50 -57.18
CA ILE S 505 20.86 0.85 -56.42
C ILE S 505 19.48 1.32 -56.88
N LEU S 506 19.32 2.62 -57.19
CA LEU S 506 18.13 3.16 -57.82
C LEU S 506 17.86 2.59 -59.22
N GLU S 507 18.93 2.43 -60.03
CA GLU S 507 18.94 1.78 -61.34
C GLU S 507 18.58 0.31 -61.31
N GLU S 508 19.08 -0.47 -60.32
CA GLU S 508 18.60 -1.83 -60.07
C GLU S 508 17.12 -1.85 -59.73
N GLU S 509 16.72 -1.01 -58.76
CA GLU S 509 15.39 -1.06 -58.19
C GLU S 509 14.32 -0.66 -59.19
N CYS S 510 14.59 0.27 -60.12
CA CYS S 510 13.61 0.61 -61.14
C CYS S 510 13.40 -0.47 -62.20
N MET S 511 14.30 -1.47 -62.30
CA MET S 511 14.13 -2.62 -63.20
C MET S 511 13.66 -3.86 -62.45
N PHE S 512 13.56 -3.81 -61.11
CA PHE S 512 13.03 -4.89 -60.29
C PHE S 512 11.51 -5.13 -60.53
N PRO S 513 10.96 -6.34 -60.62
CA PRO S 513 9.62 -6.59 -61.18
C PRO S 513 8.48 -6.05 -60.35
N LYS S 514 8.62 -5.96 -59.02
CA LYS S 514 7.70 -5.23 -58.17
C LYS S 514 8.52 -4.43 -57.18
N ALA S 515 8.80 -3.18 -57.54
CA ALA S 515 9.71 -2.31 -56.85
C ALA S 515 8.94 -1.23 -56.12
N THR S 516 9.42 -0.83 -54.93
CA THR S 516 8.79 0.24 -54.18
C THR S 516 9.82 1.17 -53.62
N ASP S 517 9.36 2.38 -53.26
CA ASP S 517 10.12 3.45 -52.67
C ASP S 517 10.74 3.04 -51.33
N THR S 518 9.92 2.33 -50.50
CA THR S 518 10.32 1.66 -49.27
C THR S 518 11.38 0.61 -49.46
N SER S 519 11.25 -0.22 -50.52
CA SER S 519 12.24 -1.24 -50.91
C SER S 519 13.58 -0.65 -51.29
N PHE S 520 13.60 0.45 -52.09
CA PHE S 520 14.80 1.18 -52.46
C PHE S 520 15.58 1.67 -51.24
N LYS S 521 14.89 2.31 -50.27
CA LYS S 521 15.52 2.76 -49.05
C LYS S 521 16.04 1.65 -48.15
N ASN S 522 15.27 0.55 -47.96
CA ASN S 522 15.72 -0.58 -47.17
C ASN S 522 16.90 -1.31 -47.79
N LYS S 523 16.87 -1.57 -49.11
CA LYS S 523 17.99 -2.18 -49.81
C LYS S 523 19.26 -1.35 -49.72
N LEU S 524 19.17 -0.01 -49.90
CA LEU S 524 20.27 0.90 -49.71
C LEU S 524 20.81 0.92 -48.27
N TYR S 525 19.91 0.83 -47.26
CA TYR S 525 20.28 0.66 -45.86
C TYR S 525 21.11 -0.60 -45.61
N GLU S 526 20.61 -1.75 -46.07
CA GLU S 526 21.25 -3.04 -45.93
C GLU S 526 22.57 -3.16 -46.71
N GLN S 527 22.58 -2.69 -47.97
CA GLN S 527 23.75 -2.74 -48.81
C GLN S 527 24.87 -1.81 -48.39
N HIS S 528 24.58 -0.54 -48.06
CA HIS S 528 25.66 0.45 -48.09
C HIS S 528 25.62 1.48 -46.97
N LEU S 529 24.45 1.77 -46.37
CA LEU S 529 24.37 2.82 -45.36
C LEU S 529 25.21 2.61 -44.10
N GLY S 530 25.17 1.38 -43.53
CA GLY S 530 25.86 1.06 -42.28
C GLY S 530 27.34 0.86 -42.43
N LYS S 531 27.83 1.00 -43.68
CA LYS S 531 29.21 0.87 -44.04
C LYS S 531 29.75 2.20 -44.56
N SER S 532 28.91 3.26 -44.61
CA SER S 532 29.28 4.51 -45.27
C SER S 532 29.09 5.69 -44.36
N ASN S 533 30.21 6.31 -43.89
CA ASN S 533 30.20 7.41 -42.93
C ASN S 533 29.43 8.65 -43.37
N ASN S 534 29.39 8.91 -44.70
CA ASN S 534 28.76 10.09 -45.25
C ASN S 534 27.28 9.86 -45.60
N PHE S 535 26.70 8.67 -45.31
CA PHE S 535 25.31 8.36 -45.57
C PHE S 535 24.67 8.12 -44.21
N GLN S 536 23.59 8.82 -43.87
CA GLN S 536 22.98 8.69 -42.56
C GLN S 536 21.52 8.32 -42.73
N LYS S 537 21.02 7.41 -41.86
CA LYS S 537 19.60 7.13 -41.73
C LYS S 537 19.17 7.89 -40.49
N PRO S 538 18.22 8.81 -40.50
CA PRO S 538 18.03 9.70 -39.35
C PRO S 538 17.50 8.94 -38.15
N LYS S 539 16.34 8.26 -38.29
CA LYS S 539 15.73 7.35 -37.32
C LYS S 539 14.72 7.93 -36.31
N PRO S 540 14.54 9.20 -35.96
CA PRO S 540 13.37 9.65 -35.22
C PRO S 540 12.02 9.36 -35.86
N ALA S 541 10.97 9.37 -35.01
CA ALA S 541 9.59 9.46 -35.44
C ALA S 541 9.26 10.75 -36.19
N LYS S 542 8.22 10.68 -37.04
CA LYS S 542 7.59 11.78 -37.75
C LYS S 542 7.56 13.14 -37.05
N GLY S 543 7.84 14.25 -37.78
CA GLY S 543 7.93 15.59 -37.22
C GLY S 543 9.33 15.97 -36.80
N LYS S 544 10.24 14.99 -36.63
CA LYS S 544 11.66 15.28 -36.45
C LYS S 544 12.47 14.75 -37.62
N ALA S 545 11.85 13.99 -38.54
CA ALA S 545 12.53 13.38 -39.65
C ALA S 545 11.51 12.97 -40.69
N GLU S 546 10.90 13.96 -41.38
CA GLU S 546 10.04 13.75 -42.53
C GLU S 546 10.79 13.14 -43.70
N ALA S 547 12.01 13.66 -43.95
CA ALA S 547 12.96 13.15 -44.90
C ALA S 547 13.50 11.75 -44.57
N HIS S 548 13.85 10.99 -45.61
CA HIS S 548 13.97 9.55 -45.51
C HIS S 548 15.40 9.05 -45.43
N PHE S 549 16.38 9.84 -45.90
CA PHE S 549 17.78 9.56 -45.66
C PHE S 549 18.57 10.84 -45.82
N SER S 550 19.80 10.87 -45.29
CA SER S 550 20.61 12.08 -45.25
C SER S 550 21.99 11.83 -45.80
N LEU S 551 22.56 12.80 -46.54
CA LEU S 551 23.93 12.72 -47.02
C LEU S 551 24.73 13.85 -46.42
N VAL S 552 25.99 13.58 -46.05
CA VAL S 552 26.93 14.62 -45.65
C VAL S 552 27.80 14.98 -46.85
N HIS S 553 27.68 16.23 -47.34
CA HIS S 553 28.41 16.75 -48.48
C HIS S 553 29.31 17.88 -47.99
N TYR S 554 30.09 18.56 -48.86
CA TYR S 554 30.96 19.66 -48.45
C TYR S 554 30.23 20.83 -47.77
N ALA S 555 28.99 21.11 -48.19
CA ALA S 555 28.13 22.14 -47.68
C ALA S 555 27.52 21.82 -46.31
N GLY S 556 27.53 20.53 -45.91
CA GLY S 556 26.85 20.04 -44.73
C GLY S 556 25.91 18.91 -45.06
N THR S 557 25.11 18.50 -44.06
CA THR S 557 24.05 17.50 -44.21
C THR S 557 22.90 17.96 -45.10
N VAL S 558 22.47 17.11 -46.05
CA VAL S 558 21.29 17.34 -46.87
C VAL S 558 20.39 16.12 -46.75
N ASP S 559 19.15 16.33 -46.29
CA ASP S 559 18.17 15.29 -46.04
C ASP S 559 17.23 15.15 -47.23
N TYR S 560 16.99 13.92 -47.74
CA TYR S 560 16.29 13.66 -48.98
C TYR S 560 14.95 12.98 -48.80
N ASN S 561 13.95 13.37 -49.61
CA ASN S 561 12.68 12.67 -49.72
C ASN S 561 12.69 11.83 -50.97
N ILE S 562 12.54 10.51 -50.80
CA ILE S 562 12.64 9.49 -51.82
C ILE S 562 11.45 9.39 -52.74
N ILE S 563 10.29 9.98 -52.35
CA ILE S 563 9.00 9.83 -53.00
C ILE S 563 9.01 9.97 -54.51
N GLY S 564 8.77 8.83 -55.19
CA GLY S 564 8.64 8.76 -56.64
C GLY S 564 9.93 8.67 -57.41
N TRP S 565 11.08 8.49 -56.75
CA TRP S 565 12.39 8.46 -57.41
C TRP S 565 12.52 7.37 -58.47
N LEU S 566 11.92 6.18 -58.27
CA LEU S 566 11.97 5.10 -59.23
C LEU S 566 11.45 5.45 -60.62
N ASP S 567 10.27 6.11 -60.71
CA ASP S 567 9.64 6.41 -61.97
C ASP S 567 10.02 7.80 -62.50
N LYS S 568 10.66 8.64 -61.66
CA LYS S 568 11.49 9.73 -62.17
C LYS S 568 12.75 9.23 -62.86
N ASN S 569 13.40 8.21 -62.26
CA ASN S 569 14.63 7.60 -62.75
C ASN S 569 14.48 6.92 -64.10
N LYS S 570 13.37 6.20 -64.34
CA LYS S 570 13.09 5.56 -65.61
C LYS S 570 13.07 6.51 -66.82
N ASP S 571 13.78 6.13 -67.90
CA ASP S 571 13.75 6.80 -69.18
C ASP S 571 13.79 5.74 -70.32
N PRO S 572 13.15 4.54 -70.23
CA PRO S 572 13.25 3.49 -71.24
C PRO S 572 12.78 3.93 -72.61
N LEU S 573 13.60 3.75 -73.65
CA LEU S 573 13.32 4.35 -74.94
C LEU S 573 13.15 3.29 -76.03
N ASN S 574 11.91 3.14 -76.54
CA ASN S 574 11.58 2.21 -77.61
C ASN S 574 12.25 2.55 -78.94
N GLU S 575 13.21 1.71 -79.40
CA GLU S 575 13.91 1.86 -80.67
C GLU S 575 12.98 1.90 -81.88
N THR S 576 11.84 1.16 -81.88
CA THR S 576 10.83 1.27 -82.94
C THR S 576 10.25 2.67 -83.08
N VAL S 577 9.86 3.35 -81.98
CA VAL S 577 9.28 4.69 -82.02
C VAL S 577 10.31 5.74 -82.45
N VAL S 578 11.56 5.62 -81.94
CA VAL S 578 12.69 6.43 -82.39
C VAL S 578 12.96 6.26 -83.88
N GLY S 579 12.88 5.01 -84.39
CA GLY S 579 13.02 4.70 -85.80
C GLY S 579 11.86 5.10 -86.67
N LEU S 580 10.68 5.40 -86.09
CA LEU S 580 9.63 6.13 -86.79
C LEU S 580 9.94 7.62 -86.90
N TYR S 581 10.39 8.27 -85.80
CA TYR S 581 10.75 9.68 -85.77
C TYR S 581 11.92 10.04 -86.67
N GLN S 582 12.91 9.13 -86.84
CA GLN S 582 13.97 9.23 -87.83
C GLN S 582 13.48 9.36 -89.27
N LYS S 583 12.30 8.79 -89.58
CA LYS S 583 11.73 8.77 -90.91
C LYS S 583 10.71 9.88 -91.11
N SER S 584 10.73 10.92 -90.25
CA SER S 584 9.77 12.02 -90.31
C SER S 584 9.75 12.83 -91.59
N GLY S 585 8.55 13.04 -92.17
CA GLY S 585 8.36 13.94 -93.31
C GLY S 585 8.51 15.41 -92.99
N LEU S 586 8.33 15.81 -91.71
CA LEU S 586 8.74 17.13 -91.27
C LEU S 586 10.24 17.14 -91.02
N LYS S 587 10.96 18.04 -91.73
CA LYS S 587 12.41 18.14 -91.76
C LYS S 587 13.05 18.28 -90.39
N THR S 588 12.47 19.16 -89.55
CA THR S 588 12.98 19.49 -88.22
C THR S 588 13.06 18.28 -87.31
N LEU S 589 11.97 17.49 -87.21
CA LEU S 589 11.95 16.35 -86.32
C LEU S 589 12.86 15.20 -86.75
N ALA S 590 12.96 14.93 -88.07
CA ALA S 590 13.91 13.97 -88.62
C ALA S 590 15.37 14.34 -88.33
N PHE S 591 15.70 15.63 -88.51
CA PHE S 591 17.02 16.18 -88.24
C PHE S 591 17.40 16.12 -86.76
N LEU S 592 16.46 16.42 -85.84
CA LEU S 592 16.60 16.25 -84.39
C LEU S 592 16.83 14.80 -83.97
N PHE S 593 16.13 13.85 -84.62
CA PHE S 593 16.16 12.44 -84.24
C PHE S 593 17.19 11.65 -85.01
N SER S 594 18.18 12.32 -85.65
CA SER S 594 19.33 11.79 -86.39
C SER S 594 20.33 10.94 -85.58
N GLY S 595 19.83 10.11 -84.64
CA GLY S 595 20.62 9.29 -83.75
C GLY S 595 21.20 10.10 -82.63
N GLY S 596 22.39 10.68 -82.88
CA GLY S 596 23.18 11.39 -81.89
C GLY S 596 23.95 10.49 -80.96
N GLN S 597 23.99 9.18 -81.25
CA GLN S 597 24.64 8.20 -80.41
C GLN S 597 25.93 7.66 -81.01
N ALA S 598 26.19 7.94 -82.32
CA ALA S 598 27.40 7.60 -83.07
C ALA S 598 27.72 6.12 -83.29
N ALA S 599 27.19 5.24 -82.42
CA ALA S 599 27.52 3.85 -82.25
C ALA S 599 27.48 2.96 -83.48
N GLU S 600 26.51 3.16 -84.38
CA GLU S 600 26.31 2.34 -85.55
C GLU S 600 27.42 2.49 -86.60
N ALA S 601 28.27 3.52 -86.46
CA ALA S 601 29.51 3.65 -87.21
C ALA S 601 30.67 2.85 -86.61
N GLU S 602 30.59 2.41 -85.33
CA GLU S 602 31.68 1.75 -84.64
C GLU S 602 31.45 0.25 -84.56
N GLY S 603 32.17 -0.52 -85.41
CA GLY S 603 31.97 -1.97 -85.49
C GLY S 603 30.78 -2.37 -86.34
N GLY S 604 30.11 -1.39 -86.97
CA GLY S 604 28.89 -1.57 -87.75
C GLY S 604 27.68 -1.90 -86.91
N GLY S 605 26.69 -2.59 -87.53
CA GLY S 605 25.38 -2.79 -86.89
C GLY S 605 25.31 -3.92 -85.91
N GLY S 606 25.99 -3.77 -84.75
CA GLY S 606 25.95 -4.75 -83.67
C GLY S 606 26.15 -4.10 -82.32
N LYS S 607 26.22 -4.92 -81.24
CA LYS S 607 26.65 -4.43 -79.95
C LYS S 607 28.14 -4.77 -79.78
N LYS S 608 29.03 -3.78 -80.03
CA LYS S 608 30.47 -3.96 -79.94
C LYS S 608 31.11 -3.01 -78.94
N GLY S 609 30.32 -2.47 -78.00
CA GLY S 609 30.81 -1.59 -76.93
C GLY S 609 30.57 -0.14 -77.21
N GLY S 610 30.33 0.22 -78.50
CA GLY S 610 30.09 1.60 -78.90
C GLY S 610 28.70 2.12 -78.63
N LYS S 611 27.76 1.26 -78.17
CA LYS S 611 26.50 1.73 -77.62
C LYS S 611 26.35 1.29 -76.19
N LYS S 612 26.08 2.27 -75.31
CA LYS S 612 25.59 2.17 -73.96
C LYS S 612 24.34 1.30 -73.76
N LYS S 613 23.75 1.33 -72.55
CA LYS S 613 22.38 0.87 -72.37
C LYS S 613 21.41 1.77 -73.16
N GLY S 614 21.00 1.31 -74.36
CA GLY S 614 20.06 1.97 -75.24
C GLY S 614 19.14 0.91 -75.74
N SER S 615 17.83 1.23 -75.77
CA SER S 615 16.72 0.28 -75.76
C SER S 615 16.52 -0.30 -74.37
N SER S 616 15.25 -0.48 -73.93
CA SER S 616 14.90 -0.81 -72.54
C SER S 616 15.62 0.07 -71.50
N PHE S 617 15.97 -0.47 -70.32
CA PHE S 617 16.90 0.06 -69.33
C PHE S 617 16.84 1.56 -69.04
N GLN S 618 17.68 2.31 -69.79
CA GLN S 618 18.03 3.72 -69.75
C GLN S 618 17.46 4.55 -68.63
N THR S 619 18.28 4.88 -67.62
CA THR S 619 17.82 5.76 -66.55
C THR S 619 18.30 7.18 -66.74
N VAL S 620 17.59 8.16 -66.15
CA VAL S 620 18.02 9.55 -66.12
C VAL S 620 19.32 9.69 -65.35
N SER S 621 19.51 8.89 -64.28
CA SER S 621 20.74 8.86 -63.53
C SER S 621 21.96 8.42 -64.33
N ALA S 622 21.82 7.40 -65.20
CA ALA S 622 22.87 7.00 -66.12
C ALA S 622 23.21 8.07 -67.14
N LEU S 623 22.18 8.66 -67.78
CA LEU S 623 22.35 9.77 -68.73
C LEU S 623 22.97 11.00 -68.08
N PHE S 624 22.57 11.34 -66.84
CA PHE S 624 23.16 12.40 -66.06
C PHE S 624 24.63 12.13 -65.72
N ARG S 625 24.98 10.89 -65.28
CA ARG S 625 26.35 10.48 -65.05
C ARG S 625 27.21 10.54 -66.32
N GLU S 626 26.68 10.05 -67.45
CA GLU S 626 27.29 10.07 -68.76
C GLU S 626 27.60 11.46 -69.30
N ASN S 627 26.61 12.40 -69.23
CA ASN S 627 26.79 13.81 -69.55
C ASN S 627 27.74 14.53 -68.60
N LEU S 628 27.65 14.25 -67.28
CA LEU S 628 28.56 14.79 -66.28
C LEU S 628 30.00 14.36 -66.50
N ASN S 629 30.24 13.08 -66.81
CA ASN S 629 31.57 12.58 -67.17
C ASN S 629 32.12 13.24 -68.44
N LYS S 630 31.28 13.50 -69.47
CA LYS S 630 31.70 14.31 -70.61
C LYS S 630 32.09 15.74 -70.25
N LEU S 631 31.30 16.44 -69.40
CA LEU S 631 31.62 17.76 -68.90
C LEU S 631 32.91 17.80 -68.08
N MET S 632 33.06 16.85 -67.13
CA MET S 632 34.24 16.75 -66.29
C MET S 632 35.52 16.46 -67.06
N THR S 633 35.49 15.58 -68.08
CA THR S 633 36.63 15.35 -68.98
C THR S 633 37.05 16.59 -69.74
N ASN S 634 36.09 17.36 -70.29
CA ASN S 634 36.38 18.62 -70.95
C ASN S 634 36.92 19.69 -70.01
N LEU S 635 36.37 19.84 -68.80
CA LEU S 635 36.94 20.71 -67.77
C LEU S 635 38.32 20.27 -67.27
N LYS S 636 38.56 18.96 -67.10
CA LYS S 636 39.81 18.40 -66.64
C LYS S 636 40.94 18.53 -67.66
N SER S 637 40.57 18.85 -68.92
CA SER S 637 41.49 19.10 -70.01
C SER S 637 41.81 20.57 -70.16
N THR S 638 41.50 21.39 -69.13
CA THR S 638 41.82 22.82 -69.10
C THR S 638 42.35 23.23 -67.73
N HIS S 639 42.94 24.44 -67.61
CA HIS S 639 43.33 25.00 -66.32
C HIS S 639 42.18 25.85 -65.74
N PRO S 640 41.60 25.58 -64.59
CA PRO S 640 40.39 26.29 -64.18
C PRO S 640 40.67 27.51 -63.30
N HIS S 641 39.75 28.48 -63.32
CA HIS S 641 39.77 29.65 -62.46
C HIS S 641 38.36 29.85 -61.93
N PHE S 642 38.20 30.42 -60.71
CA PHE S 642 36.95 30.26 -59.97
C PHE S 642 36.33 31.57 -59.53
N VAL S 643 35.06 31.78 -59.89
CA VAL S 643 34.29 32.92 -59.46
C VAL S 643 33.12 32.39 -58.63
N ARG S 644 32.87 33.00 -57.46
CA ARG S 644 31.79 32.62 -56.58
C ARG S 644 30.88 33.82 -56.35
N CYS S 645 29.67 33.77 -56.90
CA CYS S 645 28.70 34.85 -56.78
C CYS S 645 27.80 34.67 -55.57
N LEU S 646 27.56 35.78 -54.85
CA LEU S 646 26.70 35.87 -53.70
C LEU S 646 25.64 36.92 -53.98
N ILE S 647 24.43 36.73 -53.43
CA ILE S 647 23.36 37.72 -53.50
C ILE S 647 23.07 38.19 -52.08
N PRO S 648 23.10 39.48 -51.77
CA PRO S 648 23.07 39.94 -50.40
C PRO S 648 21.63 40.03 -49.91
N ASN S 649 20.62 40.04 -50.79
CA ASN S 649 19.25 40.23 -50.35
C ASN S 649 18.23 39.80 -51.41
N GLU S 650 16.98 39.58 -50.99
CA GLU S 650 15.84 39.40 -51.87
C GLU S 650 15.34 40.72 -52.45
N THR S 651 15.62 41.84 -51.74
CA THR S 651 15.07 43.18 -51.95
C THR S 651 15.41 43.81 -53.27
N LYS S 652 16.63 43.57 -53.79
CA LYS S 652 17.12 44.05 -55.08
C LYS S 652 17.69 45.45 -54.99
N THR S 653 18.23 45.82 -53.82
CA THR S 653 18.74 47.17 -53.58
C THR S 653 19.87 47.07 -52.57
N PRO S 654 20.92 47.89 -52.57
CA PRO S 654 22.08 47.64 -51.71
C PRO S 654 21.94 48.27 -50.35
N GLY S 655 23.00 48.19 -49.52
CA GLY S 655 23.05 48.75 -48.17
C GLY S 655 22.44 47.84 -47.13
N ALA S 656 21.86 46.73 -47.61
CA ALA S 656 21.39 45.64 -46.81
C ALA S 656 22.10 44.39 -47.30
N MET S 657 22.70 43.64 -46.35
CA MET S 657 23.32 42.37 -46.63
C MET S 657 22.76 41.42 -45.61
N GLU S 658 22.08 40.37 -46.07
CA GLU S 658 21.43 39.41 -45.21
C GLU S 658 22.39 38.27 -44.91
N HIS S 659 22.85 38.24 -43.65
CA HIS S 659 23.84 37.34 -43.11
C HIS S 659 23.50 35.87 -43.23
N GLU S 660 22.24 35.46 -42.99
CA GLU S 660 21.87 34.06 -43.10
C GLU S 660 21.92 33.54 -44.54
N LEU S 661 21.44 34.35 -45.51
CA LEU S 661 21.53 34.05 -46.94
C LEU S 661 22.97 33.91 -47.39
N VAL S 662 23.85 34.83 -46.95
CA VAL S 662 25.28 34.77 -47.21
C VAL S 662 25.91 33.51 -46.63
N LEU S 663 25.56 33.08 -45.40
CA LEU S 663 26.03 31.80 -44.88
C LEU S 663 25.60 30.61 -45.73
N HIS S 664 24.31 30.53 -46.14
CA HIS S 664 23.83 29.44 -46.98
C HIS S 664 24.53 29.35 -48.33
N GLN S 665 24.74 30.51 -48.98
CA GLN S 665 25.50 30.61 -50.21
C GLN S 665 26.96 30.21 -50.05
N LEU S 666 27.64 30.65 -48.97
CA LEU S 666 29.00 30.24 -48.65
C LEU S 666 29.17 28.74 -48.39
N ARG S 667 28.17 28.10 -47.72
CA ARG S 667 28.15 26.64 -47.60
C ARG S 667 28.00 25.95 -48.95
N CYS S 668 27.05 26.40 -49.79
CA CYS S 668 26.74 25.71 -51.04
C CYS S 668 27.77 25.92 -52.14
N ASN S 669 28.51 27.04 -52.13
CA ASN S 669 29.40 27.38 -53.22
C ASN S 669 30.84 26.93 -52.99
N GLY S 670 31.14 26.34 -51.82
CA GLY S 670 32.43 25.76 -51.51
C GLY S 670 33.44 26.70 -50.91
N VAL S 671 33.11 27.97 -50.64
CA VAL S 671 34.01 28.91 -49.97
C VAL S 671 34.36 28.46 -48.55
N LEU S 672 33.38 27.94 -47.80
CA LEU S 672 33.65 27.34 -46.50
C LEU S 672 34.52 26.08 -46.54
N GLU S 673 34.43 25.28 -47.62
CA GLU S 673 35.40 24.23 -47.84
C GLU S 673 36.81 24.74 -48.08
N GLY S 674 36.98 25.77 -48.93
CA GLY S 674 38.30 26.33 -49.22
C GLY S 674 39.04 26.89 -48.03
N ILE S 675 38.32 27.51 -47.06
CA ILE S 675 38.92 27.92 -45.79
C ILE S 675 39.33 26.76 -44.89
N ARG S 676 38.53 25.66 -44.80
CA ARG S 676 38.95 24.48 -44.03
C ARG S 676 40.09 23.72 -44.69
N ILE S 677 40.17 23.72 -46.04
CA ILE S 677 41.31 23.20 -46.79
C ILE S 677 42.62 23.93 -46.51
N CYS S 678 42.65 25.29 -46.55
CA CYS S 678 43.91 25.99 -46.37
C CYS S 678 44.40 26.01 -44.93
N ARG S 679 43.51 25.73 -43.96
CA ARG S 679 43.88 25.48 -42.59
C ARG S 679 44.56 24.14 -42.34
N LYS S 680 44.40 23.15 -43.24
CA LYS S 680 45.18 21.92 -43.21
C LYS S 680 46.65 22.20 -43.55
N GLY S 681 46.87 23.10 -44.52
CA GLY S 681 48.20 23.57 -44.94
C GLY S 681 48.72 24.71 -44.11
N PHE S 682 49.46 25.63 -44.75
CA PHE S 682 49.93 26.84 -44.12
C PHE S 682 49.39 28.01 -44.93
N PRO S 683 48.38 28.77 -44.51
CA PRO S 683 47.67 29.64 -45.43
C PRO S 683 48.35 30.97 -45.55
N SER S 684 48.97 31.45 -44.45
CA SER S 684 49.54 32.78 -44.36
C SER S 684 50.98 32.75 -44.78
N ARG S 685 51.34 33.58 -45.77
CA ARG S 685 52.64 33.52 -46.42
C ARG S 685 53.22 34.93 -46.47
N ILE S 686 54.29 35.19 -45.69
CA ILE S 686 54.80 36.55 -45.48
C ILE S 686 56.25 36.59 -45.90
N LEU S 687 56.68 37.62 -46.67
CA LEU S 687 58.06 37.82 -47.06
C LEU S 687 59.01 38.03 -45.87
N TYR S 688 60.29 37.61 -45.98
CA TYR S 688 61.31 37.83 -44.95
C TYR S 688 61.52 39.31 -44.63
N ALA S 689 61.50 40.18 -45.67
CA ALA S 689 61.58 41.62 -45.49
C ALA S 689 60.40 42.22 -44.73
N ASP S 690 59.15 41.87 -45.12
CA ASP S 690 57.92 42.32 -44.50
C ASP S 690 57.81 41.89 -43.04
N PHE S 691 58.16 40.61 -42.77
CA PHE S 691 58.15 40.02 -41.45
C PHE S 691 59.12 40.75 -40.51
N LYS S 692 60.36 41.05 -40.99
CA LYS S 692 61.26 41.89 -40.23
C LYS S 692 60.77 43.35 -40.09
N GLN S 693 60.38 44.01 -41.19
CA GLN S 693 60.06 45.43 -41.16
C GLN S 693 58.81 45.80 -40.38
N ARG S 694 57.71 45.02 -40.50
CA ARG S 694 56.50 45.26 -39.73
C ARG S 694 56.58 44.88 -38.25
N TYR S 695 57.32 43.79 -37.91
CA TYR S 695 57.22 43.14 -36.61
C TYR S 695 58.48 43.21 -35.74
N LYS S 696 59.51 44.05 -36.04
CA LYS S 696 60.72 44.19 -35.23
C LYS S 696 60.48 44.50 -33.74
N VAL S 697 59.43 45.31 -33.47
CA VAL S 697 58.95 45.78 -32.18
C VAL S 697 58.73 44.66 -31.15
N LEU S 698 58.42 43.43 -31.61
CA LEU S 698 58.20 42.26 -30.75
C LEU S 698 59.38 41.85 -29.88
N ASN S 699 60.59 41.79 -30.47
CA ASN S 699 61.66 40.95 -29.94
C ASN S 699 63.01 41.62 -30.10
N ALA S 700 63.20 42.80 -29.47
CA ALA S 700 64.46 43.52 -29.43
C ALA S 700 65.61 42.68 -28.86
N SER S 701 65.32 41.82 -27.86
CA SER S 701 66.25 40.85 -27.30
C SER S 701 66.81 39.83 -28.31
N ALA S 702 66.00 39.41 -29.29
CA ALA S 702 66.37 38.40 -30.27
C ALA S 702 67.05 38.98 -31.50
N ILE S 703 66.50 40.12 -31.99
CA ILE S 703 66.89 40.81 -33.20
C ILE S 703 68.00 41.79 -32.85
N PRO S 704 69.27 41.52 -33.13
CA PRO S 704 70.36 42.40 -32.71
C PRO S 704 70.63 43.44 -33.77
N GLU S 705 71.77 44.13 -33.60
CA GLU S 705 72.38 45.16 -34.41
C GLU S 705 72.13 45.26 -35.92
N GLY S 706 72.53 46.40 -36.50
CA GLY S 706 72.33 46.71 -37.92
C GLY S 706 73.21 45.92 -38.87
N GLN S 707 74.11 45.08 -38.34
CA GLN S 707 74.82 44.06 -39.09
C GLN S 707 73.93 42.88 -39.46
N PHE S 708 72.76 42.73 -38.80
CA PHE S 708 71.82 41.65 -39.06
C PHE S 708 70.97 41.87 -40.30
N ILE S 709 71.65 41.91 -41.47
CA ILE S 709 71.06 42.02 -42.79
C ILE S 709 70.69 40.63 -43.31
N ASP S 710 70.56 40.41 -44.65
CA ASP S 710 70.11 39.17 -45.30
C ASP S 710 68.60 38.89 -45.06
N SER S 711 68.10 39.23 -43.87
CA SER S 711 66.71 39.18 -43.42
C SER S 711 66.16 37.79 -43.20
N LYS S 712 66.79 36.72 -43.73
CA LYS S 712 66.47 35.34 -43.37
C LYS S 712 66.74 35.06 -41.91
N LYS S 713 67.92 35.51 -41.45
CA LYS S 713 68.41 35.45 -40.08
C LYS S 713 67.52 36.16 -39.07
N ALA S 714 66.90 37.28 -39.48
CA ALA S 714 65.97 38.03 -38.65
C ALA S 714 64.74 37.21 -38.26
N SER S 715 64.15 36.47 -39.23
CA SER S 715 63.10 35.50 -38.95
C SER S 715 63.55 34.34 -38.10
N GLU S 716 64.76 33.80 -38.31
CA GLU S 716 65.32 32.72 -37.50
C GLU S 716 65.40 33.07 -36.02
N LYS S 717 65.92 34.28 -35.71
CA LYS S 717 65.91 34.82 -34.37
C LYS S 717 64.53 35.12 -33.80
N LEU S 718 63.65 35.78 -34.58
CA LEU S 718 62.32 36.15 -34.13
C LEU S 718 61.45 34.94 -33.83
N LEU S 719 61.45 33.93 -34.71
CA LEU S 719 60.77 32.66 -34.48
C LEU S 719 61.39 31.86 -33.33
N GLY S 720 62.73 31.92 -33.17
CA GLY S 720 63.44 31.30 -32.07
C GLY S 720 63.16 31.83 -30.68
N SER S 721 62.76 33.11 -30.52
CA SER S 721 62.52 33.67 -29.18
C SER S 721 61.05 33.80 -28.82
N ILE S 722 60.13 33.54 -29.76
CA ILE S 722 58.70 33.76 -29.56
C ILE S 722 57.99 32.44 -29.25
N ASP S 723 58.77 31.34 -29.20
CA ASP S 723 58.33 30.00 -28.82
C ASP S 723 57.19 29.42 -29.67
N ILE S 724 57.46 29.21 -30.97
CA ILE S 724 56.52 28.66 -31.93
C ILE S 724 57.06 27.33 -32.42
N ASP S 725 56.21 26.30 -32.48
CA ASP S 725 56.52 24.97 -32.96
C ASP S 725 56.91 24.91 -34.45
N HIS S 726 57.78 23.95 -34.79
CA HIS S 726 58.32 23.70 -36.12
C HIS S 726 57.29 23.04 -37.03
N THR S 727 56.20 22.51 -36.45
CA THR S 727 55.00 22.07 -37.17
C THR S 727 54.17 23.24 -37.67
N GLN S 728 54.34 24.43 -37.04
CA GLN S 728 53.49 25.57 -37.27
C GLN S 728 54.06 26.59 -38.26
N TYR S 729 55.32 26.42 -38.71
CA TYR S 729 55.89 27.25 -39.75
C TYR S 729 56.85 26.48 -40.64
N LYS S 730 57.24 27.10 -41.78
CA LYS S 730 58.30 26.62 -42.66
C LYS S 730 59.09 27.80 -43.20
N PHE S 731 60.43 27.65 -43.26
CA PHE S 731 61.35 28.62 -43.83
C PHE S 731 61.49 28.40 -45.33
N GLY S 732 61.31 29.46 -46.16
CA GLY S 732 61.44 29.37 -47.60
C GLY S 732 62.60 30.16 -48.15
N HIS S 733 62.47 30.61 -49.42
CA HIS S 733 63.49 31.38 -50.09
C HIS S 733 63.21 32.87 -50.00
N THR S 734 61.95 33.27 -50.22
CA THR S 734 61.53 34.67 -50.14
C THR S 734 60.48 34.85 -49.06
N LYS S 735 59.71 33.79 -48.75
CA LYS S 735 58.61 33.85 -47.80
C LYS S 735 58.76 32.83 -46.68
N VAL S 736 58.17 33.16 -45.52
CA VAL S 736 57.96 32.24 -44.41
C VAL S 736 56.50 31.84 -44.45
N PHE S 737 56.21 30.54 -44.29
CA PHE S 737 54.85 30.02 -44.31
C PHE S 737 54.40 29.76 -42.88
N PHE S 738 53.20 30.25 -42.53
CA PHE S 738 52.67 30.18 -41.18
C PHE S 738 51.31 29.50 -41.14
N LYS S 739 51.05 28.68 -40.10
CA LYS S 739 49.70 28.32 -39.70
C LYS S 739 48.83 29.51 -39.28
N ALA S 740 47.51 29.31 -39.38
CA ALA S 740 46.51 30.17 -38.79
C ALA S 740 46.69 30.39 -37.29
N GLY S 741 46.30 31.57 -36.79
CA GLY S 741 46.41 31.97 -35.39
C GLY S 741 47.65 32.78 -35.10
N LEU S 742 48.83 32.37 -35.63
CA LEU S 742 50.13 32.86 -35.22
C LEU S 742 50.34 34.36 -35.31
N LEU S 743 49.87 35.02 -36.39
CA LEU S 743 50.07 36.45 -36.56
C LEU S 743 49.17 37.28 -35.65
N GLY S 744 48.15 36.66 -35.01
CA GLY S 744 47.31 37.36 -34.03
C GLY S 744 48.07 37.58 -32.77
N THR S 745 48.76 36.53 -32.29
CA THR S 745 49.67 36.58 -31.15
C THR S 745 50.76 37.62 -31.35
N LEU S 746 51.34 37.66 -32.56
CA LEU S 746 52.31 38.69 -32.91
C LEU S 746 51.73 40.10 -32.90
N GLU S 747 50.55 40.34 -33.48
CA GLU S 747 49.96 41.67 -33.47
C GLU S 747 49.59 42.18 -32.07
N GLU S 748 49.02 41.32 -31.21
CA GLU S 748 48.73 41.60 -29.81
C GLU S 748 49.98 41.88 -28.97
N MET S 749 51.03 41.05 -29.11
CA MET S 749 52.32 41.29 -28.47
C MET S 749 53.02 42.56 -28.99
N ARG S 750 52.87 42.91 -30.27
CA ARG S 750 53.36 44.13 -30.87
C ARG S 750 52.76 45.39 -30.25
N ASP S 751 51.43 45.41 -30.00
CA ASP S 751 50.71 46.48 -29.32
C ASP S 751 51.19 46.63 -27.85
N GLU S 752 51.28 45.50 -27.12
CA GLU S 752 51.80 45.42 -25.76
C GLU S 752 53.25 45.87 -25.62
N LYS S 753 54.16 45.37 -26.48
CA LYS S 753 55.55 45.77 -26.46
C LYS S 753 55.76 47.23 -26.79
N LEU S 754 55.03 47.79 -27.76
CA LEU S 754 55.09 49.21 -28.05
C LEU S 754 54.70 50.09 -26.86
N ALA S 755 53.64 49.71 -26.12
CA ALA S 755 53.26 50.35 -24.88
C ALA S 755 54.34 50.29 -23.79
N GLN S 756 54.97 49.11 -23.60
CA GLN S 756 56.12 48.94 -22.70
C GLN S 756 57.33 49.77 -23.10
N LEU S 757 57.66 49.87 -24.41
CA LEU S 757 58.73 50.72 -24.89
C LEU S 757 58.47 52.22 -24.68
N ILE S 758 57.24 52.70 -24.90
CA ILE S 758 56.87 54.09 -24.65
C ILE S 758 57.01 54.49 -23.18
N THR S 759 56.62 53.63 -22.21
CA THR S 759 56.85 53.88 -20.79
C THR S 759 58.32 53.97 -20.41
N ARG S 760 59.20 53.14 -21.02
CA ARG S 760 60.64 53.28 -20.90
C ARG S 760 61.15 54.64 -21.39
N THR S 761 60.67 55.15 -22.55
CA THR S 761 61.05 56.48 -23.05
C THR S 761 60.66 57.59 -22.10
N GLN S 762 59.42 57.53 -21.57
CA GLN S 762 58.91 58.46 -20.58
C GLN S 762 59.67 58.43 -19.26
N ALA S 763 60.09 57.24 -18.81
CA ALA S 763 60.98 57.08 -17.67
C ALA S 763 62.37 57.68 -17.84
N VAL S 764 63.04 57.49 -19.01
CA VAL S 764 64.31 58.15 -19.31
C VAL S 764 64.16 59.67 -19.40
N CYS S 765 63.06 60.17 -20.01
CA CYS S 765 62.72 61.59 -20.03
C CYS S 765 62.59 62.19 -18.63
N ARG S 766 62.02 61.44 -17.67
CA ARG S 766 61.93 61.84 -16.28
C ARG S 766 63.24 61.67 -15.52
N GLY S 767 64.27 61.05 -16.12
CA GLY S 767 65.58 60.84 -15.53
C GLY S 767 66.46 62.07 -15.52
N TYR S 768 65.96 63.20 -16.07
CA TYR S 768 66.60 64.51 -16.12
C TYR S 768 67.39 64.95 -14.86
N LEU S 769 68.62 65.44 -15.07
CA LEU S 769 69.55 65.66 -13.98
C LEU S 769 69.35 66.99 -13.24
N MET S 770 68.74 66.92 -12.04
CA MET S 770 68.42 68.09 -11.24
C MET S 770 69.58 68.54 -10.35
N ARG S 771 70.79 68.03 -10.60
CA ARG S 771 72.02 68.33 -9.88
C ARG S 771 72.45 69.79 -9.94
N VAL S 772 72.19 70.50 -11.06
CA VAL S 772 72.42 71.93 -11.11
C VAL S 772 71.28 72.67 -10.45
N GLU S 773 70.06 72.54 -11.02
CA GLU S 773 68.85 73.29 -10.70
C GLU S 773 68.42 73.20 -9.25
N PHE S 774 68.41 72.00 -8.64
CA PHE S 774 67.91 71.80 -7.30
C PHE S 774 69.00 71.86 -6.22
N LYS S 775 70.13 71.16 -6.40
CA LYS S 775 71.10 70.92 -5.34
C LYS S 775 71.89 72.12 -4.83
N LYS S 776 72.36 72.99 -5.75
CA LYS S 776 73.26 74.09 -5.41
C LYS S 776 72.69 75.21 -4.55
N MET S 777 73.58 75.84 -3.75
CA MET S 777 73.28 77.08 -3.06
C MET S 777 73.52 78.32 -3.92
N MET S 778 73.03 78.31 -5.18
CA MET S 778 73.07 79.45 -6.10
C MET S 778 71.89 79.32 -7.05
N GLU S 779 70.96 78.38 -6.76
CA GLU S 779 69.89 78.00 -7.65
C GLU S 779 68.67 77.78 -6.74
N ARG S 780 67.73 76.84 -7.01
CA ARG S 780 66.48 76.72 -6.25
C ARG S 780 66.60 76.60 -4.73
N ARG S 781 67.58 75.82 -4.23
CA ARG S 781 67.78 75.66 -2.80
C ARG S 781 68.15 76.95 -2.05
N GLU S 782 69.04 77.78 -2.64
CA GLU S 782 69.35 79.11 -2.11
C GLU S 782 68.14 80.01 -2.17
N SER S 783 67.43 80.02 -3.33
CA SER S 783 66.25 80.84 -3.54
C SER S 783 65.17 80.63 -2.50
N ILE S 784 64.80 79.37 -2.23
CA ILE S 784 63.80 79.04 -1.24
C ILE S 784 64.26 79.39 0.18
N PHE S 785 65.54 79.12 0.53
CA PHE S 785 66.11 79.49 1.83
C PHE S 785 66.07 81.00 2.08
N CYS S 786 66.51 81.81 1.10
CA CYS S 786 66.49 83.26 1.17
C CYS S 786 65.08 83.81 1.28
N ILE S 787 64.10 83.26 0.53
CA ILE S 787 62.70 83.60 0.71
C ILE S 787 62.19 83.23 2.10
N GLN S 788 62.41 81.99 2.58
CA GLN S 788 61.94 81.53 3.87
C GLN S 788 62.53 82.31 5.04
N TYR S 789 63.85 82.57 5.05
CA TYR S 789 64.46 83.33 6.13
C TYR S 789 64.08 84.81 6.13
N ASN S 790 64.06 85.51 4.98
CA ASN S 790 63.65 86.91 4.93
C ASN S 790 62.18 87.13 5.24
N VAL S 791 61.29 86.22 4.79
CA VAL S 791 59.89 86.23 5.19
C VAL S 791 59.70 86.02 6.70
N ARG S 792 60.47 85.10 7.32
CA ARG S 792 60.55 84.97 8.77
C ARG S 792 61.11 86.19 9.49
N ALA S 793 62.12 86.87 8.94
CA ALA S 793 62.58 88.15 9.46
C ALA S 793 61.48 89.21 9.40
N PHE S 794 60.75 89.29 8.27
CA PHE S 794 59.63 90.19 8.06
C PHE S 794 58.50 90.00 9.08
N MET S 795 58.09 88.75 9.41
CA MET S 795 57.01 88.53 10.37
C MET S 795 57.26 89.07 11.77
N ASN S 796 58.52 89.01 12.27
CA ASN S 796 58.87 89.65 13.54
C ASN S 796 58.85 91.17 13.44
N VAL S 797 59.54 91.73 12.42
CA VAL S 797 59.82 93.16 12.37
C VAL S 797 58.63 93.98 11.88
N LYS S 798 57.63 93.35 11.24
CA LYS S 798 56.39 94.00 10.85
C LYS S 798 55.53 94.39 12.04
N HIS S 799 55.87 93.91 13.26
CA HIS S 799 55.25 94.37 14.49
C HIS S 799 56.04 95.42 15.25
N TRP S 800 57.39 95.35 15.27
CA TRP S 800 58.26 96.19 16.08
C TRP S 800 58.19 97.71 15.80
N PRO S 801 58.12 98.64 16.78
CA PRO S 801 57.98 100.07 16.51
C PRO S 801 59.13 100.70 15.75
N TRP S 802 60.39 100.35 16.04
CA TRP S 802 61.53 101.02 15.41
C TRP S 802 61.81 100.52 14.00
N MET S 803 61.23 99.38 13.58
CA MET S 803 61.17 99.04 12.17
C MET S 803 60.24 99.98 11.43
N LYS S 804 59.02 100.15 11.98
CA LYS S 804 57.98 101.00 11.43
C LYS S 804 58.38 102.46 11.36
N LEU S 805 59.07 102.99 12.39
CA LEU S 805 59.55 104.36 12.39
C LEU S 805 60.54 104.68 11.30
N TYR S 806 61.57 103.84 11.04
CA TYR S 806 62.61 104.23 10.10
C TYR S 806 62.14 104.26 8.65
N PHE S 807 61.10 103.47 8.34
CA PHE S 807 60.43 103.42 7.06
C PHE S 807 59.59 104.65 6.75
N LYS S 808 59.17 105.45 7.75
CA LYS S 808 58.48 106.71 7.50
C LYS S 808 59.33 107.91 7.86
N ILE S 809 60.45 107.75 8.61
CA ILE S 809 61.44 108.81 8.75
C ILE S 809 62.16 109.10 7.43
N LYS S 810 62.57 108.06 6.67
CA LYS S 810 63.35 108.28 5.44
C LYS S 810 62.61 108.74 4.18
N PRO S 811 61.31 108.56 3.96
CA PRO S 811 60.57 109.31 2.93
C PRO S 811 60.45 110.79 3.23
N LEU S 812 60.90 111.25 4.41
CA LEU S 812 60.81 112.62 4.87
C LEU S 812 62.19 113.25 5.05
N LEU S 813 63.20 112.79 4.28
CA LEU S 813 64.49 113.48 4.19
C LEU S 813 64.44 114.56 3.06
N GLU T 1 74.96 42.04 -3.42
CA GLU T 1 75.26 43.07 -2.39
C GLU T 1 75.93 44.25 -3.05
N PHE T 2 75.88 45.45 -2.45
CA PHE T 2 76.45 46.66 -3.00
C PHE T 2 77.90 46.83 -2.58
N SER T 3 78.71 47.61 -3.33
CA SER T 3 80.05 47.96 -2.89
C SER T 3 80.01 49.11 -1.90
N LYS T 4 81.12 49.34 -1.15
CA LYS T 4 81.25 50.48 -0.23
C LYS T 4 81.14 51.82 -0.94
N GLU T 5 81.71 51.89 -2.15
CA GLU T 5 81.64 52.96 -3.11
C GLU T 5 80.20 53.24 -3.56
N GLN T 6 79.44 52.19 -3.95
CA GLN T 6 78.01 52.31 -4.26
C GLN T 6 77.20 52.79 -3.07
N GLN T 7 77.46 52.26 -1.85
CA GLN T 7 76.80 52.69 -0.65
C GLN T 7 76.99 54.16 -0.35
N GLU T 8 78.24 54.67 -0.46
CA GLU T 8 78.53 56.07 -0.28
C GLU T 8 77.94 57.00 -1.37
N ASP T 9 77.94 56.59 -2.66
CA ASP T 9 77.23 57.29 -3.74
C ASP T 9 75.72 57.37 -3.50
N PHE T 10 75.09 56.26 -3.06
CA PHE T 10 73.68 56.21 -2.72
C PHE T 10 73.35 57.11 -1.54
N LYS T 11 74.26 57.18 -0.56
CA LYS T 11 74.24 58.09 0.58
C LYS T 11 74.37 59.57 0.22
N GLU T 12 75.28 59.94 -0.70
CA GLU T 12 75.45 61.29 -1.26
C GLU T 12 74.18 61.78 -1.96
N ALA T 13 73.50 60.90 -2.71
CA ALA T 13 72.15 61.19 -3.17
C ALA T 13 71.13 61.33 -2.06
N PHE T 14 71.11 60.42 -1.06
CA PHE T 14 70.19 60.43 0.06
C PHE T 14 70.25 61.71 0.89
N LEU T 15 71.47 62.20 1.23
CA LEU T 15 71.72 63.38 2.04
C LEU T 15 71.31 64.70 1.38
N LEU T 16 70.92 64.67 0.08
CA LEU T 16 70.26 65.78 -0.54
C LEU T 16 68.75 65.80 -0.29
N PHE T 17 68.12 64.62 -0.19
CA PHE T 17 66.68 64.50 -0.22
C PHE T 17 66.06 64.41 1.16
N ASP T 18 66.86 64.23 2.23
CA ASP T 18 66.39 64.24 3.60
C ASP T 18 66.52 65.63 4.22
N ARG T 19 66.50 66.65 3.32
CA ARG T 19 66.64 68.09 3.44
C ARG T 19 66.09 68.81 4.68
N THR T 20 65.23 68.18 5.49
CA THR T 20 64.68 68.71 6.73
C THR T 20 65.52 68.27 7.92
N GLY T 21 66.62 67.53 7.68
CA GLY T 21 67.60 67.15 8.69
C GLY T 21 67.25 65.91 9.47
N GLU T 22 66.22 65.18 9.02
CA GLU T 22 65.64 64.07 9.77
C GLU T 22 66.39 62.75 9.67
N CYS T 23 67.30 62.60 8.68
CA CYS T 23 67.97 61.36 8.30
C CYS T 23 67.04 60.41 7.56
N LYS T 24 65.94 60.96 7.00
CA LYS T 24 64.87 60.20 6.41
C LYS T 24 64.37 60.88 5.16
N ILE T 25 64.23 60.14 4.05
CA ILE T 25 63.63 60.68 2.84
C ILE T 25 62.14 60.42 2.84
N THR T 26 61.32 61.42 2.49
CA THR T 26 59.88 61.21 2.25
C THR T 26 59.65 60.27 1.09
N LEU T 27 58.73 59.30 1.24
CA LEU T 27 58.55 58.18 0.32
C LEU T 27 58.28 58.57 -1.13
N SER T 28 57.59 59.69 -1.39
CA SER T 28 57.33 60.21 -2.72
C SER T 28 58.56 60.42 -3.56
N GLN T 29 59.65 60.88 -2.93
CA GLN T 29 60.88 61.30 -3.56
C GLN T 29 61.75 60.14 -4.04
N VAL T 30 61.47 58.88 -3.62
CA VAL T 30 62.32 57.72 -3.88
C VAL T 30 62.53 57.44 -5.36
N GLY T 31 61.48 57.60 -6.21
CA GLY T 31 61.64 57.56 -7.67
C GLY T 31 62.67 58.53 -8.22
N ASP T 32 62.70 59.75 -7.70
CA ASP T 32 63.59 60.80 -8.13
C ASP T 32 64.96 60.71 -7.47
N VAL T 33 65.07 60.05 -6.30
CA VAL T 33 66.33 59.59 -5.73
C VAL T 33 66.99 58.55 -6.64
N LEU T 34 66.22 57.58 -7.17
CA LEU T 34 66.69 56.62 -8.17
C LEU T 34 67.12 57.25 -9.49
N ARG T 35 66.37 58.26 -9.97
CA ARG T 35 66.71 59.09 -11.13
C ARG T 35 68.01 59.88 -10.92
N ALA T 36 68.25 60.40 -9.70
CA ALA T 36 69.50 61.05 -9.33
C ALA T 36 70.70 60.10 -9.25
N LEU T 37 70.46 58.77 -9.17
CA LEU T 37 71.47 57.73 -9.24
C LEU T 37 71.60 57.17 -10.66
N GLY T 38 70.95 57.79 -11.67
CA GLY T 38 71.14 57.42 -13.07
C GLY T 38 70.36 56.23 -13.55
N THR T 39 69.46 55.69 -12.71
CA THR T 39 68.52 54.66 -13.17
C THR T 39 67.26 55.34 -13.65
N ASN T 40 66.48 54.71 -14.54
CA ASN T 40 65.35 55.37 -15.18
C ASN T 40 64.05 54.64 -14.85
N PRO T 41 63.50 54.71 -13.65
CA PRO T 41 62.42 53.83 -13.27
C PRO T 41 61.08 54.36 -13.76
N THR T 42 60.26 53.46 -14.33
CA THR T 42 58.86 53.68 -14.66
C THR T 42 58.03 53.86 -13.40
N ASN T 43 56.91 54.59 -13.46
CA ASN T 43 56.03 54.79 -12.33
C ASN T 43 55.38 53.47 -11.88
N ALA T 44 55.14 52.54 -12.83
CA ALA T 44 54.82 51.15 -12.57
C ALA T 44 55.90 50.37 -11.78
N GLU T 45 57.19 50.58 -12.07
CA GLU T 45 58.29 50.05 -11.25
C GLU T 45 58.34 50.68 -9.86
N VAL T 46 58.18 52.01 -9.80
CA VAL T 46 58.17 52.84 -8.62
C VAL T 46 57.07 52.51 -7.61
N LYS T 47 55.83 52.26 -8.05
CA LYS T 47 54.75 51.91 -7.13
C LYS T 47 54.73 50.47 -6.65
N LYS T 48 55.44 49.53 -7.31
CA LYS T 48 55.40 48.14 -6.91
C LYS T 48 56.45 47.82 -5.86
N VAL T 49 57.61 47.31 -6.28
CA VAL T 49 58.64 46.79 -5.40
C VAL T 49 59.45 47.87 -4.71
N LEU T 50 59.40 49.11 -5.23
CA LEU T 50 60.01 50.28 -4.61
C LEU T 50 59.11 50.93 -3.55
N GLY T 51 57.79 50.59 -3.54
CA GLY T 51 56.91 50.89 -2.41
C GLY T 51 56.44 52.32 -2.24
N ASN T 52 56.54 53.15 -3.31
CA ASN T 52 56.11 54.54 -3.46
C ASN T 52 54.59 54.74 -3.23
N PRO T 53 54.04 55.90 -2.81
CA PRO T 53 52.62 56.03 -2.50
C PRO T 53 51.88 56.45 -3.77
N SER T 54 50.93 57.40 -3.73
CA SER T 54 50.40 57.97 -4.95
C SER T 54 51.34 59.00 -5.56
N ASN T 55 51.11 59.38 -6.83
CA ASN T 55 51.96 60.33 -7.51
C ASN T 55 51.81 61.73 -6.92
N GLU T 56 52.93 62.37 -6.56
CA GLU T 56 52.98 63.73 -6.03
C GLU T 56 52.42 63.85 -4.59
N GLU T 57 52.17 62.69 -3.92
CA GLU T 57 51.61 62.60 -2.58
C GLU T 57 52.68 62.55 -1.50
N MET T 58 52.68 63.51 -0.55
CA MET T 58 53.64 63.55 0.54
C MET T 58 53.07 63.09 1.86
N ASN T 59 53.96 62.86 2.87
CA ASN T 59 53.64 62.65 4.29
C ASN T 59 53.41 61.20 4.69
N ALA T 60 52.84 60.38 3.77
CA ALA T 60 52.36 59.03 4.06
C ALA T 60 53.35 58.02 4.63
N LYS T 61 54.64 58.08 4.23
CA LYS T 61 55.65 57.18 4.72
C LYS T 61 57.00 57.87 4.53
N LYS T 62 58.03 57.46 5.29
CA LYS T 62 59.38 57.95 5.15
C LYS T 62 60.30 56.75 5.14
N ILE T 63 61.52 56.91 4.62
CA ILE T 63 62.48 55.83 4.43
C ILE T 63 63.82 56.22 5.01
N GLU T 64 64.37 55.36 5.90
CA GLU T 64 65.72 55.45 6.43
C GLU T 64 66.77 55.07 5.37
N PHE T 65 68.06 55.46 5.51
CA PHE T 65 69.09 55.19 4.52
C PHE T 65 69.31 53.69 4.24
N GLU T 66 69.44 52.87 5.29
CA GLU T 66 69.58 51.44 5.23
C GLU T 66 68.40 50.73 4.58
N GLN T 67 67.16 51.26 4.77
CA GLN T 67 65.99 50.83 4.04
C GLN T 67 66.07 51.13 2.53
N PHE T 68 66.63 52.30 2.14
CA PHE T 68 66.84 52.67 0.76
C PHE T 68 67.82 51.75 0.01
N LEU T 69 68.86 51.21 0.66
CA LEU T 69 69.84 50.35 0.00
C LEU T 69 69.32 49.08 -0.72
N PRO T 70 68.42 48.22 -0.23
CA PRO T 70 67.81 47.17 -1.05
C PRO T 70 66.84 47.73 -2.08
N MET T 71 66.28 48.94 -1.85
CA MET T 71 65.36 49.62 -2.75
C MET T 71 66.07 50.26 -3.94
N MET T 72 67.41 50.36 -3.92
CA MET T 72 68.19 50.50 -5.13
C MET T 72 68.53 49.14 -5.75
N GLN T 73 69.09 48.20 -4.96
CA GLN T 73 69.61 46.93 -5.46
C GLN T 73 68.61 46.00 -6.14
N ALA T 74 67.41 45.81 -5.55
CA ALA T 74 66.51 44.75 -5.99
C ALA T 74 65.45 45.26 -6.97
N ILE T 75 65.55 46.55 -7.35
CA ILE T 75 64.50 47.23 -8.11
C ILE T 75 64.95 47.47 -9.55
N SER T 76 65.51 48.66 -9.86
CA SER T 76 65.90 49.05 -11.20
C SER T 76 67.25 48.46 -11.58
N ASN T 77 68.00 47.98 -10.58
CA ASN T 77 69.30 47.34 -10.72
C ASN T 77 69.12 45.81 -10.85
N ASN T 78 67.87 45.33 -10.86
CA ASN T 78 67.53 43.93 -11.01
C ASN T 78 66.68 43.72 -12.26
N LYS T 79 66.62 44.71 -13.18
CA LYS T 79 65.79 44.62 -14.37
C LYS T 79 66.43 45.27 -15.57
N ASP T 80 65.88 44.93 -16.75
CA ASP T 80 65.97 45.71 -17.96
C ASP T 80 65.34 47.10 -17.80
N GLN T 81 65.97 48.12 -18.40
CA GLN T 81 65.56 49.51 -18.37
C GLN T 81 65.36 50.06 -19.79
N GLY T 82 65.64 49.25 -20.84
CA GLY T 82 65.63 49.68 -22.23
C GLY T 82 66.91 50.29 -22.74
N GLY T 83 67.24 50.06 -24.02
CA GLY T 83 68.40 50.63 -24.69
C GLY T 83 68.03 51.48 -25.87
N TYR T 84 69.03 51.87 -26.67
CA TYR T 84 68.83 52.62 -27.91
C TYR T 84 67.98 51.86 -28.92
N GLU T 85 68.21 50.54 -29.02
CA GLU T 85 67.57 49.62 -29.95
C GLU T 85 66.06 49.54 -29.77
N ASP T 86 65.57 49.49 -28.50
CA ASP T 86 64.17 49.66 -28.14
C ASP T 86 63.52 50.91 -28.74
N PHE T 87 64.10 52.08 -28.44
CA PHE T 87 63.55 53.37 -28.77
C PHE T 87 63.49 53.63 -30.25
N VAL T 88 64.55 53.25 -31.00
CA VAL T 88 64.59 53.38 -32.44
C VAL T 88 63.48 52.62 -33.14
N GLU T 89 63.21 51.34 -32.77
CA GLU T 89 62.14 50.59 -33.39
C GLU T 89 60.75 50.91 -32.84
N GLY T 90 60.64 51.47 -31.61
CA GLY T 90 59.38 52.00 -31.11
C GLY T 90 58.96 53.28 -31.80
N LEU T 91 59.93 54.17 -32.10
CA LEU T 91 59.73 55.36 -32.89
C LEU T 91 59.40 55.07 -34.35
N ARG T 92 59.99 54.02 -34.94
CA ARG T 92 59.72 53.60 -36.31
C ARG T 92 58.31 53.12 -36.59
N VAL T 93 57.50 52.85 -35.54
CA VAL T 93 56.05 52.70 -35.67
C VAL T 93 55.38 53.98 -36.17
N PHE T 94 55.90 55.15 -35.77
CA PHE T 94 55.37 56.46 -36.09
C PHE T 94 56.17 57.12 -37.22
N ASP T 95 57.17 56.42 -37.80
CA ASP T 95 57.89 56.90 -38.96
C ASP T 95 57.13 56.45 -40.20
N LYS T 96 56.23 57.34 -40.65
CA LYS T 96 55.38 57.13 -41.81
C LYS T 96 56.15 56.98 -43.12
N GLU T 97 57.21 57.79 -43.30
CA GLU T 97 57.82 57.97 -44.60
C GLU T 97 59.28 57.54 -44.62
N GLY T 98 59.81 57.02 -43.49
CA GLY T 98 61.06 56.25 -43.42
C GLY T 98 62.32 57.05 -43.31
N ASN T 99 62.22 58.35 -43.01
CA ASN T 99 63.33 59.28 -43.11
C ASN T 99 63.94 59.63 -41.76
N GLY T 100 63.47 59.03 -40.64
CA GLY T 100 63.96 59.41 -39.32
C GLY T 100 63.30 60.64 -38.78
N THR T 101 62.25 61.12 -39.47
CA THR T 101 61.54 62.36 -39.16
C THR T 101 60.13 62.05 -38.72
N VAL T 102 59.73 62.62 -37.57
CA VAL T 102 58.36 62.49 -37.05
C VAL T 102 57.85 63.90 -36.79
N MET T 103 56.55 64.18 -37.01
CA MET T 103 55.98 65.47 -36.69
C MET T 103 56.10 65.81 -35.20
N GLY T 104 56.40 67.09 -34.84
CA GLY T 104 56.53 67.47 -33.44
C GLY T 104 55.26 67.29 -32.64
N ALA T 105 54.11 67.55 -33.28
CA ALA T 105 52.79 67.28 -32.73
C ALA T 105 52.54 65.80 -32.44
N GLU T 106 52.91 64.89 -33.38
CA GLU T 106 52.83 63.46 -33.19
C GLU T 106 53.74 62.96 -32.07
N LEU T 107 55.00 63.42 -32.00
CA LEU T 107 55.89 63.07 -30.90
C LEU T 107 55.41 63.57 -29.53
N ARG T 108 54.91 64.82 -29.43
CA ARG T 108 54.28 65.32 -28.21
C ARG T 108 53.05 64.50 -27.84
N HIS T 109 52.21 64.13 -28.82
CA HIS T 109 51.06 63.25 -28.65
C HIS T 109 51.40 61.87 -28.12
N VAL T 110 52.48 61.22 -28.61
CA VAL T 110 52.94 59.95 -28.05
C VAL T 110 53.35 60.08 -26.59
N LEU T 111 54.10 61.14 -26.24
CA LEU T 111 54.49 61.41 -24.86
C LEU T 111 53.33 61.77 -23.92
N ALA T 112 52.37 62.60 -24.36
CA ALA T 112 51.26 63.04 -23.53
C ALA T 112 50.03 62.12 -23.53
N THR T 113 49.76 61.39 -24.63
CA THR T 113 48.50 60.62 -24.74
C THR T 113 48.71 59.14 -24.47
N LEU T 114 49.94 58.62 -24.66
CA LEU T 114 50.22 57.20 -24.50
C LEU T 114 51.05 56.94 -23.24
N GLY T 115 51.16 55.65 -22.84
CA GLY T 115 51.94 55.21 -21.67
C GLY T 115 51.69 55.89 -20.35
N GLU T 116 52.76 56.12 -19.58
CA GLU T 116 52.78 56.83 -18.31
C GLU T 116 52.86 58.33 -18.56
N LYS T 117 51.81 58.85 -19.20
CA LYS T 117 51.57 60.19 -19.71
C LYS T 117 52.36 61.36 -19.13
N MET T 118 52.93 62.18 -20.03
CA MET T 118 53.74 63.32 -19.67
C MET T 118 52.96 64.60 -19.66
N LYS T 119 53.24 65.47 -18.67
CA LYS T 119 52.75 66.83 -18.63
C LYS T 119 53.37 67.64 -19.77
N GLU T 120 52.64 68.64 -20.35
CA GLU T 120 53.17 69.49 -21.41
C GLU T 120 54.42 70.25 -20.98
N GLU T 121 54.42 70.67 -19.70
CA GLU T 121 55.54 71.23 -18.95
C GLU T 121 56.80 70.36 -18.97
N GLU T 122 56.66 69.02 -18.75
CA GLU T 122 57.74 68.06 -18.90
C GLU T 122 58.24 67.98 -20.33
N VAL T 123 57.32 67.91 -21.33
CA VAL T 123 57.66 67.80 -22.75
C VAL T 123 58.42 69.01 -23.28
N GLU T 124 57.96 70.24 -22.97
CA GLU T 124 58.65 71.47 -23.36
C GLU T 124 60.02 71.65 -22.73
N ALA T 125 60.19 71.28 -21.44
CA ALA T 125 61.46 71.33 -20.74
C ALA T 125 62.56 70.48 -21.39
N LEU T 126 62.17 69.36 -22.03
CA LEU T 126 63.07 68.43 -22.67
C LEU T 126 63.21 68.66 -24.17
N LEU T 127 62.55 69.68 -24.74
CA LEU T 127 62.58 69.92 -26.16
C LEU T 127 63.76 70.82 -26.55
N ALA T 128 64.72 70.28 -27.33
CA ALA T 128 65.92 71.00 -27.72
C ALA T 128 65.76 71.83 -28.99
N GLY T 129 64.52 72.21 -29.35
CA GLY T 129 64.24 73.16 -30.44
C GLY T 129 64.38 72.62 -31.83
N GLN T 130 64.51 71.29 -31.98
CA GLN T 130 64.87 70.63 -33.22
C GLN T 130 63.69 70.43 -34.18
N GLU T 131 63.01 71.53 -34.55
CA GLU T 131 61.86 71.51 -35.43
C GLU T 131 62.13 72.42 -36.64
N ASP T 132 62.03 71.87 -37.86
CA ASP T 132 62.15 72.62 -39.09
C ASP T 132 60.77 72.78 -39.77
N SER T 133 60.69 73.80 -40.67
CA SER T 133 59.65 74.21 -41.62
C SER T 133 58.43 73.31 -41.69
N ASN T 134 58.57 72.18 -42.38
CA ASN T 134 57.79 70.99 -42.14
C ASN T 134 58.75 69.82 -42.32
N GLY T 135 60.06 70.05 -42.05
CA GLY T 135 61.05 68.98 -41.95
C GLY T 135 61.01 68.29 -40.60
N CYS T 136 60.27 68.89 -39.65
CA CYS T 136 59.90 68.33 -38.35
C CYS T 136 61.06 67.85 -37.47
N ILE T 137 60.85 66.82 -36.62
CA ILE T 137 61.84 66.40 -35.63
C ILE T 137 62.55 65.13 -36.05
N ASN T 138 63.89 65.19 -36.12
CA ASN T 138 64.74 64.00 -36.16
C ASN T 138 64.63 63.23 -34.84
N TYR T 139 63.99 62.04 -34.83
CA TYR T 139 63.72 61.35 -33.58
C TYR T 139 64.94 60.68 -32.98
N GLU T 140 65.94 60.30 -33.79
CA GLU T 140 67.20 59.74 -33.33
C GLU T 140 68.03 60.75 -32.54
N ALA T 141 68.04 62.02 -32.99
CA ALA T 141 68.64 63.15 -32.30
C ALA T 141 67.99 63.40 -30.93
N PHE T 142 66.65 63.32 -30.85
CA PHE T 142 65.94 63.37 -29.58
C PHE T 142 66.34 62.24 -28.64
N VAL T 143 66.40 60.97 -29.11
CA VAL T 143 66.83 59.84 -28.30
C VAL T 143 68.26 59.96 -27.79
N LYS T 144 69.23 60.37 -28.64
CA LYS T 144 70.59 60.59 -28.20
C LYS T 144 70.74 61.72 -27.19
N HIS T 145 70.02 62.84 -27.36
CA HIS T 145 69.97 63.91 -26.36
C HIS T 145 69.38 63.48 -25.01
N ILE T 146 68.30 62.67 -25.02
CA ILE T 146 67.63 62.19 -23.82
C ILE T 146 68.41 61.07 -23.12
N MET T 147 69.33 60.38 -23.83
CA MET T 147 70.16 59.33 -23.29
C MET T 147 71.63 59.74 -23.15
N SER T 148 71.92 61.03 -22.94
CA SER T 148 73.25 61.54 -22.65
C SER T 148 73.26 62.33 -21.32
N MET U 1 77.88 92.11 8.39
CA MET U 1 76.73 92.38 7.48
C MET U 1 76.00 93.69 7.64
N PHE U 2 76.12 94.44 8.78
CA PHE U 2 75.68 95.84 8.78
C PHE U 2 76.46 96.63 7.76
N ASP U 3 75.82 97.01 6.64
CA ASP U 3 76.48 97.63 5.52
C ASP U 3 76.62 99.13 5.74
N GLN U 4 77.53 99.78 4.98
CA GLN U 4 77.68 101.21 4.94
C GLN U 4 76.40 101.89 4.47
N THR U 5 75.69 101.29 3.49
CA THR U 5 74.37 101.74 3.03
C THR U 5 73.35 101.75 4.14
N GLN U 6 73.27 100.64 4.89
CA GLN U 6 72.36 100.49 6.01
C GLN U 6 72.68 101.41 7.18
N ILE U 7 73.95 101.50 7.62
CA ILE U 7 74.30 102.38 8.74
C ILE U 7 74.19 103.85 8.41
N GLN U 8 74.52 104.29 7.17
CA GLN U 8 74.26 105.66 6.73
C GLN U 8 72.76 105.98 6.65
N GLU U 9 71.93 105.03 6.17
CA GLU U 9 70.48 105.10 6.23
C GLU U 9 69.95 105.29 7.66
N PHE U 10 70.49 104.53 8.61
CA PHE U 10 70.20 104.64 10.03
C PHE U 10 70.72 105.94 10.64
N LYS U 11 71.90 106.44 10.21
CA LYS U 11 72.49 107.70 10.63
C LYS U 11 71.61 108.91 10.34
N GLU U 12 71.05 109.04 9.13
CA GLU U 12 70.10 110.10 8.83
C GLU U 12 68.82 110.00 9.64
N ALA U 13 68.28 108.77 9.85
CA ALA U 13 67.12 108.55 10.71
C ALA U 13 67.33 108.96 12.16
N PHE U 14 68.52 108.67 12.73
CA PHE U 14 68.97 109.20 13.99
C PHE U 14 69.06 110.74 13.98
N THR U 15 69.72 111.32 12.95
CA THR U 15 70.07 112.74 12.86
C THR U 15 68.87 113.66 12.68
N VAL U 16 67.83 113.20 11.96
CA VAL U 16 66.54 113.89 11.88
C VAL U 16 65.83 114.00 13.23
N ILE U 17 65.89 112.94 14.08
CA ILE U 17 65.29 112.98 15.41
C ILE U 17 66.07 113.86 16.38
N ASP U 18 67.38 113.61 16.53
CA ASP U 18 68.45 114.29 17.28
C ASP U 18 68.18 115.66 17.96
N GLN U 19 69.06 116.65 17.74
CA GLN U 19 69.02 118.04 18.20
C GLN U 19 69.11 118.28 19.71
N ASN U 20 68.68 117.29 20.51
CA ASN U 20 68.94 117.13 21.92
C ASN U 20 70.44 117.04 22.22
N ARG U 21 70.82 117.41 23.46
CA ARG U 21 72.18 117.54 23.97
C ARG U 21 73.22 116.54 23.43
N ASP U 22 74.03 117.05 22.47
CA ASP U 22 75.08 116.39 21.73
C ASP U 22 74.92 114.92 21.35
N GLY U 23 73.85 114.57 20.61
CA GLY U 23 73.78 113.30 19.89
C GLY U 23 73.12 112.14 20.60
N ILE U 24 72.03 112.39 21.35
CA ILE U 24 71.31 111.37 22.10
C ILE U 24 69.83 111.44 21.79
N ILE U 25 69.20 110.33 21.33
CA ILE U 25 67.75 110.26 21.17
C ILE U 25 67.10 110.04 22.53
N ASP U 26 66.22 110.97 22.92
CA ASP U 26 65.49 111.00 24.17
C ASP U 26 63.98 111.04 23.90
N LYS U 27 63.20 111.05 24.99
CA LYS U 27 61.76 110.97 25.05
C LYS U 27 61.04 112.11 24.33
N GLU U 28 61.49 113.36 24.54
CA GLU U 28 60.94 114.54 23.90
C GLU U 28 61.15 114.56 22.39
N ASP U 29 62.37 114.18 21.96
CA ASP U 29 62.82 114.09 20.60
C ASP U 29 61.94 113.14 19.80
N LEU U 30 61.64 111.95 20.37
CA LEU U 30 60.66 111.03 19.82
C LEU U 30 59.24 111.60 19.80
N ARG U 31 58.80 112.25 20.89
CA ARG U 31 57.47 112.84 20.99
C ARG U 31 57.19 113.93 19.95
N ASP U 32 58.13 114.87 19.74
CA ASP U 32 57.98 115.90 18.72
C ASP U 32 58.30 115.37 17.31
N THR U 33 59.05 114.27 17.16
CA THR U 33 59.20 113.54 15.90
C THR U 33 57.87 113.01 15.40
N PHE U 34 57.02 112.46 16.30
CA PHE U 34 55.67 112.02 15.98
C PHE U 34 54.75 113.13 15.48
N ALA U 35 54.95 114.40 15.89
CA ALA U 35 54.18 115.53 15.43
C ALA U 35 54.28 115.76 13.91
N ALA U 36 55.47 115.51 13.33
CA ALA U 36 55.67 115.61 11.89
C ALA U 36 55.44 114.27 11.18
N MET U 37 55.03 113.24 11.93
CA MET U 37 54.86 111.88 11.44
C MET U 37 53.39 111.53 11.22
N GLY U 38 52.47 112.47 11.55
CA GLY U 38 51.05 112.35 11.24
C GLY U 38 50.25 111.43 12.13
N ARG U 39 50.83 110.91 13.23
CA ARG U 39 50.16 109.91 14.03
C ARG U 39 50.50 110.05 15.51
N LEU U 40 49.45 110.09 16.36
CA LEU U 40 49.54 110.35 17.79
C LEU U 40 49.97 109.14 18.62
N ASN U 41 51.02 108.42 18.18
CA ASN U 41 51.49 107.20 18.84
C ASN U 41 52.50 107.51 19.95
N VAL U 42 52.21 108.55 20.75
CA VAL U 42 53.16 109.21 21.63
C VAL U 42 52.97 108.84 23.09
N LYS U 43 52.15 107.80 23.35
CA LYS U 43 51.75 107.40 24.69
C LYS U 43 52.92 107.05 25.59
N ASN U 44 52.96 107.65 26.81
CA ASN U 44 54.16 107.73 27.63
C ASN U 44 54.81 106.41 27.99
N GLU U 45 54.04 105.40 28.44
CA GLU U 45 54.62 104.10 28.76
C GLU U 45 55.25 103.41 27.56
N GLU U 46 54.58 103.43 26.39
CA GLU U 46 55.03 102.84 25.14
C GLU U 46 56.28 103.53 24.62
N LEU U 47 56.31 104.88 24.71
CA LEU U 47 57.44 105.72 24.36
C LEU U 47 58.68 105.42 25.20
N ASP U 48 58.49 105.26 26.54
CA ASP U 48 59.57 104.99 27.47
C ASP U 48 59.95 103.51 27.52
N ALA U 49 59.04 102.62 27.06
CA ALA U 49 59.28 101.19 26.84
C ALA U 49 60.31 100.93 25.76
N MET U 50 60.32 101.76 24.69
CA MET U 50 61.28 101.72 23.60
C MET U 50 62.70 102.08 24.04
N MET U 51 62.89 102.68 25.24
CA MET U 51 64.20 102.87 25.82
C MET U 51 64.75 101.59 26.45
N LYS U 52 63.90 100.59 26.76
CA LYS U 52 64.31 99.39 27.50
C LYS U 52 65.08 98.39 26.65
N GLU U 53 65.11 98.61 25.33
CA GLU U 53 65.78 97.77 24.37
C GLU U 53 67.25 98.14 24.25
N ALA U 54 67.66 99.21 24.94
CA ALA U 54 69.04 99.58 25.14
C ALA U 54 69.32 99.67 26.62
N SER U 55 70.60 99.64 27.03
CA SER U 55 70.98 99.76 28.44
C SER U 55 70.77 101.15 29.00
N GLY U 56 70.67 102.17 28.13
CA GLY U 56 70.53 103.54 28.54
C GLY U 56 70.78 104.43 27.34
N PRO U 57 70.73 105.78 27.49
CA PRO U 57 71.26 106.74 26.52
C PRO U 57 71.48 106.40 25.05
N ILE U 58 70.44 106.55 24.20
CA ILE U 58 70.50 106.12 22.81
C ILE U 58 71.30 107.09 21.94
N ASN U 59 72.64 106.98 21.92
CA ASN U 59 73.45 107.64 20.90
C ASN U 59 73.42 106.85 19.59
N PHE U 60 74.07 107.33 18.52
CA PHE U 60 74.11 106.62 17.24
C PHE U 60 74.71 105.20 17.32
N THR U 61 75.80 105.00 18.09
CA THR U 61 76.41 103.68 18.29
C THR U 61 75.47 102.69 18.96
N VAL U 62 74.75 103.14 20.01
CA VAL U 62 73.70 102.38 20.68
C VAL U 62 72.53 102.08 19.75
N PHE U 63 72.12 103.04 18.90
CA PHE U 63 71.05 102.89 17.92
C PHE U 63 71.31 101.77 16.91
N LEU U 64 72.55 101.63 16.41
CA LEU U 64 72.95 100.49 15.58
C LEU U 64 72.84 99.15 16.32
N THR U 65 73.30 99.10 17.60
CA THR U 65 73.22 97.92 18.47
C THR U 65 71.77 97.50 18.75
N MET U 66 70.86 98.47 18.97
CA MET U 66 69.42 98.23 19.10
C MET U 66 68.81 97.54 17.89
N PHE U 67 69.33 97.81 16.68
CA PHE U 67 68.84 97.22 15.45
C PHE U 67 69.51 95.88 15.16
N GLY U 68 70.14 95.22 16.17
CA GLY U 68 70.80 93.93 16.02
C GLY U 68 69.94 92.77 15.57
N GLU U 69 68.62 92.78 15.90
CA GLU U 69 67.64 91.81 15.43
C GLU U 69 67.41 91.85 13.92
N LYS U 70 67.36 93.07 13.37
CA LYS U 70 67.03 93.44 12.00
C LYS U 70 67.97 92.84 10.97
N LEU U 71 69.26 92.77 11.34
CA LEU U 71 70.32 92.24 10.50
C LEU U 71 70.32 90.73 10.41
N LYS U 72 69.60 90.01 11.29
CA LYS U 72 69.76 88.58 11.43
C LYS U 72 69.31 87.74 10.23
N GLY U 73 68.46 88.32 9.37
CA GLY U 73 68.28 87.86 7.99
C GLY U 73 68.82 88.92 7.05
N ALA U 74 67.93 89.67 6.40
CA ALA U 74 68.25 90.91 5.72
C ALA U 74 69.19 90.80 4.52
N ASP U 75 68.97 89.78 3.65
CA ASP U 75 69.66 89.67 2.38
C ASP U 75 69.39 90.89 1.48
N PRO U 76 70.37 91.40 0.73
CA PRO U 76 70.26 92.72 0.12
C PRO U 76 69.27 92.77 -1.03
N GLU U 77 68.66 93.96 -1.27
CA GLU U 77 67.72 94.32 -2.31
C GLU U 77 67.46 93.36 -3.48
N ASP U 78 68.34 93.30 -4.50
CA ASP U 78 68.11 92.44 -5.64
C ASP U 78 68.34 90.95 -5.39
N VAL U 79 69.00 90.53 -4.28
CA VAL U 79 69.13 89.11 -3.96
C VAL U 79 67.79 88.48 -3.63
N ILE U 80 66.92 89.12 -2.83
CA ILE U 80 65.57 88.60 -2.58
C ILE U 80 64.71 88.58 -3.84
N THR U 81 64.82 89.61 -4.70
CA THR U 81 64.21 89.67 -6.03
C THR U 81 64.69 88.56 -6.94
N GLY U 82 66.01 88.26 -6.96
CA GLY U 82 66.60 87.17 -7.71
C GLY U 82 66.24 85.80 -7.20
N ALA U 83 66.11 85.63 -5.88
CA ALA U 83 65.65 84.41 -5.27
C ALA U 83 64.23 84.04 -5.68
N PHE U 84 63.29 85.00 -5.61
CA PHE U 84 61.92 84.81 -6.08
C PHE U 84 61.79 84.55 -7.58
N LYS U 85 62.65 85.20 -8.42
CA LYS U 85 62.70 85.05 -9.87
C LYS U 85 62.86 83.61 -10.35
N VAL U 86 63.65 82.78 -9.64
CA VAL U 86 63.87 81.38 -9.96
C VAL U 86 62.59 80.55 -9.98
N LEU U 87 61.56 81.01 -9.24
CA LEU U 87 60.31 80.31 -9.07
C LEU U 87 59.21 80.92 -9.94
N ASP U 88 59.56 81.81 -10.89
CA ASP U 88 58.66 82.39 -11.87
C ASP U 88 59.10 81.99 -13.28
N PRO U 89 58.37 81.11 -13.98
CA PRO U 89 58.64 80.85 -15.40
C PRO U 89 57.91 81.81 -16.31
N GLU U 90 56.89 82.55 -15.83
CA GLU U 90 55.92 83.20 -16.69
C GLU U 90 56.11 84.73 -16.74
N GLY U 91 57.01 85.29 -15.91
CA GLY U 91 57.71 86.53 -16.25
C GLY U 91 57.08 87.82 -15.78
N LYS U 92 56.50 87.81 -14.58
CA LYS U 92 55.72 88.88 -13.97
C LYS U 92 54.22 88.73 -14.17
N GLY U 93 53.48 88.78 -13.03
CA GLY U 93 52.22 88.06 -12.80
C GLY U 93 52.56 86.93 -11.87
N THR U 94 53.85 86.53 -11.95
CA THR U 94 54.64 85.79 -10.98
C THR U 94 54.07 84.51 -10.42
N ILE U 95 54.29 84.23 -9.12
CA ILE U 95 54.26 82.86 -8.65
C ILE U 95 52.85 82.41 -8.33
N LYS U 96 52.41 81.33 -9.02
CA LYS U 96 51.18 80.64 -8.77
C LYS U 96 51.02 80.17 -7.32
N LYS U 97 49.83 80.42 -6.73
CA LYS U 97 49.57 80.28 -5.30
C LYS U 97 49.86 78.91 -4.74
N GLN U 98 49.40 77.86 -5.44
CA GLN U 98 49.58 76.48 -5.04
C GLN U 98 51.04 76.08 -4.91
N PHE U 99 51.86 76.44 -5.93
CA PHE U 99 53.28 76.18 -5.93
C PHE U 99 53.99 76.89 -4.78
N LEU U 100 53.65 78.18 -4.54
CA LEU U 100 54.23 78.95 -3.46
C LEU U 100 53.87 78.41 -2.08
N GLU U 101 52.60 77.98 -1.89
CA GLU U 101 52.10 77.34 -0.69
C GLU U 101 52.82 76.03 -0.39
N GLU U 102 53.03 75.17 -1.41
CA GLU U 102 53.86 73.97 -1.33
C GLU U 102 55.32 74.25 -1.01
N LEU U 103 55.94 75.25 -1.67
CA LEU U 103 57.32 75.70 -1.50
C LEU U 103 57.63 76.07 -0.08
N LEU U 104 56.75 76.86 0.57
CA LEU U 104 56.92 77.22 1.96
C LEU U 104 56.55 76.09 2.91
N THR U 105 55.43 75.38 2.67
CA THR U 105 54.87 74.41 3.62
C THR U 105 55.57 73.07 3.70
N THR U 106 55.91 72.43 2.56
CA THR U 106 56.39 71.05 2.54
C THR U 106 57.77 70.90 1.92
N GLN U 107 58.39 72.02 1.52
CA GLN U 107 59.70 72.03 0.92
C GLN U 107 60.64 72.88 1.77
N CYS U 108 61.95 72.61 1.66
CA CYS U 108 63.02 73.20 2.48
C CYS U 108 62.71 73.32 3.98
N ASP U 109 63.09 74.44 4.62
CA ASP U 109 62.91 74.72 6.03
C ASP U 109 61.47 75.10 6.35
N ARG U 110 60.56 74.13 6.18
CA ARG U 110 59.12 74.16 6.33
C ARG U 110 58.47 75.24 7.18
N PHE U 111 57.47 75.93 6.62
CA PHE U 111 56.61 76.86 7.35
C PHE U 111 55.55 76.13 8.16
N SER U 112 55.35 76.59 9.41
CA SER U 112 54.23 76.21 10.25
C SER U 112 52.93 76.81 9.74
N GLN U 113 51.79 76.21 10.12
CA GLN U 113 50.47 76.67 9.71
C GLN U 113 50.16 78.11 10.16
N GLU U 114 50.64 78.52 11.36
CA GLU U 114 50.55 79.89 11.82
C GLU U 114 51.32 80.87 10.93
N GLU U 115 52.55 80.50 10.48
CA GLU U 115 53.37 81.30 9.58
C GLU U 115 52.71 81.53 8.23
N ILE U 116 52.05 80.48 7.68
CA ILE U 116 51.27 80.55 6.46
C ILE U 116 50.08 81.53 6.58
N LYS U 117 49.31 81.48 7.68
CA LYS U 117 48.26 82.46 8.00
C LYS U 117 48.79 83.88 8.17
N ASN U 118 49.94 84.05 8.86
CA ASN U 118 50.63 85.31 9.06
C ASN U 118 51.02 85.99 7.76
N MET U 119 51.39 85.21 6.72
CA MET U 119 51.66 85.71 5.40
C MET U 119 50.45 85.90 4.51
N TRP U 120 49.47 84.96 4.45
CA TRP U 120 48.30 85.13 3.60
C TRP U 120 47.44 86.34 3.93
N ALA U 121 47.49 86.81 5.19
CA ALA U 121 46.83 88.03 5.62
C ALA U 121 47.50 89.32 5.13
N ALA U 122 48.74 89.26 4.57
CA ALA U 122 49.43 90.44 4.09
C ALA U 122 50.08 90.27 2.71
N PHE U 123 49.90 89.12 2.04
CA PHE U 123 50.40 88.92 0.69
C PHE U 123 49.56 89.64 -0.37
N PRO U 124 50.14 90.22 -1.42
CA PRO U 124 49.36 90.70 -2.57
C PRO U 124 48.90 89.56 -3.47
N PRO U 125 47.66 89.50 -3.97
CA PRO U 125 47.32 88.40 -4.85
C PRO U 125 46.28 88.81 -5.90
N ASP U 126 45.98 87.94 -6.87
CA ASP U 126 44.85 88.13 -7.76
C ASP U 126 43.61 87.37 -7.24
N VAL U 127 42.60 87.18 -8.11
CA VAL U 127 41.38 86.45 -7.74
C VAL U 127 41.38 85.01 -8.24
N GLY U 128 42.46 84.57 -8.94
CA GLY U 128 42.57 83.23 -9.50
C GLY U 128 43.45 82.34 -8.68
N GLY U 129 44.52 82.93 -8.12
CA GLY U 129 45.48 82.27 -7.25
C GLY U 129 46.88 82.44 -7.76
N ASN U 130 47.31 83.70 -7.93
CA ASN U 130 48.68 84.08 -8.24
C ASN U 130 49.13 85.11 -7.24
N VAL U 131 50.45 85.17 -6.95
CA VAL U 131 51.03 85.99 -5.89
C VAL U 131 52.14 86.87 -6.46
N ASP U 132 52.04 88.22 -6.35
CA ASP U 132 53.07 89.16 -6.79
C ASP U 132 54.38 89.08 -6.01
N TYR U 133 55.45 88.49 -6.58
CA TYR U 133 56.73 88.45 -5.87
C TYR U 133 57.39 89.82 -5.68
N LYS U 134 57.38 90.68 -6.72
CA LYS U 134 58.01 92.00 -6.63
C LYS U 134 57.34 92.91 -5.63
N ASN U 135 55.99 92.85 -5.54
CA ASN U 135 55.25 93.56 -4.51
C ASN U 135 55.59 93.05 -3.10
N ILE U 136 55.80 91.72 -2.91
CA ILE U 136 56.35 91.18 -1.66
C ILE U 136 57.76 91.70 -1.36
N CYS U 137 58.66 91.76 -2.36
CA CYS U 137 60.00 92.35 -2.19
C CYS U 137 59.94 93.80 -1.74
N TYR U 138 59.02 94.60 -2.33
CA TYR U 138 58.78 95.97 -1.91
C TYR U 138 58.26 96.05 -0.47
N VAL U 139 57.31 95.19 -0.07
CA VAL U 139 56.78 95.10 1.30
C VAL U 139 57.84 94.80 2.36
N ILE U 140 58.85 93.95 2.05
CA ILE U 140 59.95 93.63 2.96
C ILE U 140 60.75 94.86 3.41
N THR U 141 61.08 95.80 2.48
CA THR U 141 61.83 97.00 2.82
C THR U 141 60.92 98.20 3.03
N HIS U 142 59.71 98.19 2.45
CA HIS U 142 58.65 99.19 2.60
C HIS U 142 58.93 100.57 2.01
N GLY U 143 57.97 101.09 1.22
CA GLY U 143 57.96 102.48 0.77
C GLY U 143 56.54 102.91 0.62
N ASP U 144 55.66 102.18 1.34
CA ASP U 144 54.44 101.59 0.82
C ASP U 144 54.79 100.61 -0.35
#